data_3H0R
#
_entry.id   3H0R
#
_cell.length_a   127.377
_cell.length_b   130.411
_cell.length_c   153.973
_cell.angle_alpha   89.89
_cell.angle_beta   90.21
_cell.angle_gamma   89.95
#
_symmetry.space_group_name_H-M   'P 1'
#
loop_
_entity.id
_entity.type
_entity.pdbx_description
1 polymer 'Glutamyl-tRNA(Gln) amidotransferase subunit A'
2 polymer 'Aspartyl/glutamyl-tRNA(Asn/Gln) amidotransferase subunit B'
3 polymer 'Glutamyl-tRNA(Gln) amidotransferase subunit C'
4 non-polymer ASPARAGINE
5 non-polymer 'ZINC ION'
6 non-polymer "ADENOSINE-5'-DIPHOSPHATE"
7 non-polymer 'MANGANESE (II) ION'
8 non-polymer "ADENOSINE-5'-TRIPHOSPHATE"
9 non-polymer 'ASPARTIC ACID'
10 water water
#
loop_
_entity_poly.entity_id
_entity_poly.type
_entity_poly.pdbx_seq_one_letter_code
_entity_poly.pdbx_strand_id
1 'polypeptide(L)'
;MLWKKSLSELRELLKRGEVSPKEVVESFYDRYNQTEEKVKAYITPLYGKALKQAESLKERELPLFGIPIAVKDNILVEGE
KTTCASKILENFVAPYDATVIERLKKAGALIVGKTNLDEFAMGSSTEYSAFFPTKNPWDLERVPGGSSGGSAASVAVLSA
PVSLGSDTGGSIRQPASFCGVIGIKPTYGRVSRYGLVAFASSLDQIGVFGRRTEDVALVLEVISGWDEKDSTSAKVPVPE
WSEEVKKEVKGLKIGLPKEFFEYELQPQVKEAFENFIKELEKEGFEIKEVSLPHVKYSIPTYYIIAPSEASSNLARYDGV
RYGYRAKEYKDIFEMYARTRDEGFGPEVKRRIMLGTFALSAGYYDAYYLKAQKVRRLITNDFLKAFEEVDVIASPTTPTL
PFKFGERLENPIEMYLSDILTVPANLAGLPAISIPIAWKDGLPVGGQLIGKHWDETTLLQISYLWEQKFKHYEKIPLT
;
A,D,G,J,M,P,S,V
2 'polypeptide(L)'
;MNEKYEAVIGLEIHVQMDTKTKMFCGCKVEFGAEPNTNVCPVCLGMPGALPIVNKRAVEYAIRASLALNCEVHEESVFAR
KHYFYPDLPKGYQISQYEKPLATNGWVELNLPNGEKKKVRIRRLHIEEDAGKNIHEGDKTLVDLNRAGTPLMEIVTEPDI
RTPEEARLFLEKLRNIMRYAGVSKADMEKGQLRCDINVSIRPKGSKEFGTRVEIKNVNSFRFVQKALEYEIERQINVVEE
GGEVVQETRTFDPQTGKTYPMRTKEEAEDYRYFPDPDLVPLKVKKEWIEEIKKNMPELPDQRFERLIKEYGLSEYEAGIL
VNHKEVGDFFEEAVRHFKEPKGIVNWLINDLLGLLRDKGISIEESPVKPEHLAELVKLIKEKVISTKIGKEVIKEMVETG
KTPSQIVEEKGLKQITDENQIKELVKKIFEKHPKEVERLKQGEEKLIGFFVGQVMRETRGKANPQVVNKVIRELVKEV
;
B,E,H,K,N,Q,T,W
3 'polypeptide(L)'
;MVDREWVLKIAKLARLELKEEEIEVFQKQLSDILDFIDQLKELDTENVEPYIQEFEETPMREDEPHPSLDREKALMNAPE
RKDGFFVVPRVVEV
;
C,F,I,L,O,R,U,X
#
loop_
_chem_comp.id
_chem_comp.type
_chem_comp.name
_chem_comp.formula
ADP non-polymer ADENOSINE-5'-DIPHOSPHATE 'C10 H15 N5 O10 P2'
ATP non-polymer ADENOSINE-5'-TRIPHOSPHATE 'C10 H16 N5 O13 P3'
MN non-polymer 'MANGANESE (II) ION' 'Mn 2'
ZN non-polymer 'ZINC ION' 'Zn 2'
#
# COMPACT_ATOMS: atom_id res chain seq x y z
N MET A 1 58.96 -6.71 22.84
CA MET A 1 58.40 -7.17 21.54
C MET A 1 56.93 -7.60 21.68
N LEU A 2 56.25 -7.02 22.69
CA LEU A 2 54.79 -7.15 22.92
C LEU A 2 54.38 -8.43 23.65
N TRP A 3 54.59 -9.59 23.03
CA TRP A 3 54.38 -10.85 23.71
C TRP A 3 55.40 -11.03 24.83
N LYS A 4 56.45 -10.20 24.78
CA LYS A 4 57.50 -10.20 25.79
C LYS A 4 57.17 -9.26 26.93
N LYS A 5 56.02 -8.59 26.84
CA LYS A 5 55.64 -7.64 27.88
C LYS A 5 54.68 -8.22 28.92
N SER A 6 54.73 -7.67 30.13
CA SER A 6 53.87 -8.13 31.21
C SER A 6 52.51 -7.48 31.11
N LEU A 7 51.58 -7.92 31.96
CA LEU A 7 50.20 -7.43 31.91
C LEU A 7 50.08 -5.96 32.32
N SER A 8 51.04 -5.50 33.13
CA SER A 8 51.10 -4.10 33.55
C SER A 8 51.52 -3.25 32.36
N GLU A 9 52.55 -3.74 31.66
CA GLU A 9 53.05 -3.10 30.46
C GLU A 9 51.97 -3.11 29.36
N LEU A 10 51.32 -4.26 29.17
CA LEU A 10 50.25 -4.37 28.18
C LEU A 10 49.03 -3.52 28.52
N ARG A 11 48.63 -3.51 29.79
CA ARG A 11 47.46 -2.74 30.21
C ARG A 11 47.62 -1.23 29.97
N GLU A 12 48.77 -0.67 30.38
CA GLU A 12 49.04 0.76 30.19
C GLU A 12 49.01 1.16 28.70
N LEU A 13 49.59 0.30 27.85
CA LEU A 13 49.53 0.44 26.40
C LEU A 13 48.11 0.37 25.82
N LEU A 14 47.28 -0.47 26.42
CA LEU A 14 45.91 -0.70 25.96
C LEU A 14 44.98 0.43 26.40
N LYS A 15 45.21 0.90 27.62
CA LYS A 15 44.39 1.93 28.24
C LYS A 15 44.56 3.29 27.53
N ARG A 16 45.78 3.57 27.08
CA ARG A 16 46.10 4.82 26.38
C ARG A 16 46.13 4.63 24.85
N GLY A 17 45.50 3.56 24.38
CA GLY A 17 45.28 3.36 22.95
C GLY A 17 46.51 3.10 22.11
N GLU A 18 47.70 3.12 22.73
CA GLU A 18 48.96 2.87 22.01
C GLU A 18 48.94 1.50 21.30
N VAL A 19 48.19 0.56 21.87
CA VAL A 19 47.98 -0.72 21.21
C VAL A 19 46.52 -1.13 21.32
N SER A 20 46.11 -2.03 20.43
CA SER A 20 44.75 -2.58 20.44
C SER A 20 44.75 -4.06 20.84
N PRO A 21 43.61 -4.55 21.36
CA PRO A 21 43.46 -5.95 21.74
C PRO A 21 43.90 -6.90 20.62
N LYS A 22 43.55 -6.56 19.39
CA LYS A 22 43.85 -7.37 18.22
C LYS A 22 45.36 -7.55 18.01
N GLU A 23 46.11 -6.47 18.22
CA GLU A 23 47.57 -6.49 18.05
C GLU A 23 48.20 -7.41 19.08
N VAL A 24 47.75 -7.25 20.33
CA VAL A 24 48.17 -8.09 21.46
C VAL A 24 48.02 -9.56 21.10
N VAL A 25 46.82 -9.95 20.69
CA VAL A 25 46.55 -11.34 20.28
C VAL A 25 47.46 -11.79 19.12
N GLU A 26 47.61 -10.91 18.11
CA GLU A 26 48.46 -11.18 16.95
C GLU A 26 49.90 -11.45 17.38
N SER A 27 50.39 -10.67 18.33
CA SER A 27 51.73 -10.84 18.90
C SER A 27 51.96 -12.26 19.44
N PHE A 28 51.06 -12.66 20.34
CA PHE A 28 51.16 -13.97 20.97
C PHE A 28 50.92 -15.08 19.94
N TYR A 29 50.06 -14.78 18.96
CA TYR A 29 49.78 -15.69 17.86
C TYR A 29 51.07 -16.04 17.10
N ASP A 30 51.85 -15.00 16.79
CA ASP A 30 53.07 -15.23 16.04
C ASP A 30 54.07 -16.06 16.86
N ARG A 31 54.18 -15.71 18.15
CA ARG A 31 55.00 -16.46 19.11
C ARG A 31 54.55 -17.93 19.21
N TYR A 32 53.23 -18.14 19.17
CA TYR A 32 52.68 -19.47 19.06
C TYR A 32 53.18 -20.19 17.80
N ASN A 33 53.12 -19.48 16.68
CA ASN A 33 53.59 -20.03 15.41
C ASN A 33 55.09 -20.32 15.42
N GLN A 34 55.83 -19.51 16.16
CA GLN A 34 57.25 -19.73 16.36
C GLN A 34 57.51 -21.06 17.06
N THR A 35 56.68 -21.38 18.08
CA THR A 35 57.09 -22.33 19.10
C THR A 35 56.26 -23.61 19.01
N GLU A 36 55.02 -23.53 18.62
CA GLU A 36 54.10 -24.64 18.79
C GLU A 36 54.52 -25.99 18.22
N GLU A 37 55.19 -25.99 17.07
CA GLU A 37 55.63 -27.25 16.44
C GLU A 37 56.60 -28.05 17.34
N LYS A 38 57.42 -27.32 18.09
CA LYS A 38 58.35 -27.93 19.03
C LYS A 38 57.62 -28.29 20.34
N VAL A 39 56.89 -27.31 20.90
CA VAL A 39 56.22 -27.36 22.21
C VAL A 39 55.00 -28.27 22.27
N LYS A 40 54.02 -28.00 21.39
CA LYS A 40 52.69 -28.68 21.38
C LYS A 40 51.91 -28.41 22.68
N ALA A 41 51.79 -27.15 23.07
CA ALA A 41 51.01 -26.75 24.23
C ALA A 41 49.50 -26.95 24.04
N TYR A 42 48.99 -26.69 22.84
CA TYR A 42 47.54 -26.64 22.66
C TYR A 42 46.90 -27.85 22.00
N ILE A 43 45.68 -28.17 22.44
CA ILE A 43 44.82 -29.11 21.74
C ILE A 43 44.01 -28.32 20.71
N THR A 44 43.45 -27.18 21.11
CA THR A 44 42.62 -26.41 20.21
C THR A 44 43.03 -24.96 20.35
N PRO A 45 43.87 -24.50 19.43
CA PRO A 45 44.27 -23.08 19.38
C PRO A 45 43.08 -22.24 18.98
N LEU A 46 42.89 -21.10 19.62
CA LEU A 46 41.71 -20.30 19.36
C LEU A 46 42.08 -18.86 19.06
N TYR A 47 43.35 -18.63 18.75
CA TYR A 47 43.84 -17.30 18.38
C TYR A 47 43.01 -16.69 17.27
N GLY A 48 42.66 -17.54 16.29
CA GLY A 48 41.80 -17.14 15.18
C GLY A 48 40.51 -16.51 15.69
N LYS A 49 39.83 -17.27 16.54
CA LYS A 49 38.56 -16.79 17.11
C LYS A 49 38.74 -15.54 18.02
N ALA A 50 39.88 -15.49 18.70
CA ALA A 50 40.22 -14.43 19.63
C ALA A 50 40.44 -13.12 18.86
N LEU A 51 41.10 -13.26 17.70
CA LEU A 51 41.30 -12.17 16.75
C LEU A 51 39.99 -11.44 16.48
N LYS A 52 38.98 -12.22 16.10
CA LYS A 52 37.65 -11.70 15.80
C LYS A 52 36.97 -11.07 17.03
N GLN A 53 37.14 -11.70 18.19
CA GLN A 53 36.49 -11.25 19.42
C GLN A 53 37.08 -9.93 19.89
N ALA A 54 38.35 -9.72 19.54
CA ALA A 54 39.08 -8.53 19.93
C ALA A 54 38.52 -7.26 19.26
N GLU A 55 38.01 -7.41 18.04
CA GLU A 55 37.46 -6.26 17.31
C GLU A 55 36.29 -5.61 18.06
N SER A 56 35.49 -6.44 18.72
CA SER A 56 34.31 -5.96 19.45
C SER A 56 34.63 -5.48 20.88
N LEU A 57 35.87 -5.68 21.30
CA LEU A 57 36.28 -5.36 22.65
C LEU A 57 36.58 -3.85 22.74
N LYS A 58 35.84 -3.13 23.57
CA LYS A 58 36.03 -1.68 23.60
C LYS A 58 36.32 -1.07 24.95
N GLU A 59 35.60 -1.47 26.01
CA GLU A 59 35.78 -0.85 27.33
C GLU A 59 37.15 -1.17 27.94
N ARG A 60 38.04 -0.19 27.93
CA ARG A 60 39.43 -0.41 28.30
C ARG A 60 39.67 -0.56 29.79
N GLU A 61 38.74 -0.07 30.62
CA GLU A 61 38.94 -0.09 32.06
C GLU A 61 38.60 -1.45 32.73
N LEU A 62 38.14 -2.40 31.91
CA LEU A 62 37.94 -3.80 32.33
C LEU A 62 39.27 -4.39 32.79
N PRO A 63 39.28 -4.98 34.01
CA PRO A 63 40.49 -5.47 34.69
C PRO A 63 41.46 -6.28 33.83
N LEU A 64 40.95 -7.08 32.91
CA LEU A 64 41.82 -7.83 32.00
C LEU A 64 41.63 -7.43 30.54
N PHE A 65 41.32 -6.14 30.33
CA PHE A 65 40.81 -5.61 29.05
C PHE A 65 41.23 -6.39 27.77
N GLY A 66 42.51 -6.53 27.50
CA GLY A 66 42.88 -7.13 26.21
C GLY A 66 43.79 -8.32 26.35
N ILE A 67 43.76 -8.94 27.51
CA ILE A 67 44.73 -9.99 27.83
C ILE A 67 44.33 -11.33 27.26
N PRO A 68 45.20 -11.93 26.46
CA PRO A 68 45.03 -13.33 26.07
C PRO A 68 45.25 -14.27 27.27
N ILE A 69 44.51 -15.36 27.30
CA ILE A 69 44.64 -16.35 28.37
C ILE A 69 44.40 -17.77 27.83
N ALA A 70 45.36 -18.66 28.09
CA ALA A 70 45.22 -20.06 27.70
C ALA A 70 44.42 -20.78 28.77
N VAL A 71 43.77 -21.87 28.40
CA VAL A 71 42.84 -22.56 29.30
C VAL A 71 42.99 -24.07 29.16
N LYS A 72 43.18 -24.75 30.28
CA LYS A 72 43.30 -26.20 30.28
C LYS A 72 42.05 -26.84 29.67
N ASP A 73 42.24 -27.90 28.88
CA ASP A 73 41.11 -28.47 28.16
C ASP A 73 40.31 -29.47 28.99
N ASN A 74 40.26 -29.23 30.30
CA ASN A 74 39.24 -29.83 31.15
C ASN A 74 38.36 -28.73 31.77
N ILE A 75 38.57 -27.48 31.36
CA ILE A 75 37.67 -26.41 31.77
C ILE A 75 36.83 -26.10 30.54
N LEU A 76 35.51 -26.08 30.69
CA LEU A 76 34.60 -25.86 29.55
C LEU A 76 34.55 -24.43 29.06
N VAL A 77 34.75 -24.27 27.76
CA VAL A 77 34.56 -23.01 27.05
C VAL A 77 33.49 -23.29 26.00
N GLU A 78 32.38 -22.57 26.06
CA GLU A 78 31.23 -22.96 25.23
C GLU A 78 31.38 -22.67 23.76
N GLY A 79 30.83 -23.57 22.96
CA GLY A 79 30.95 -23.48 21.53
C GLY A 79 32.20 -24.18 21.03
N GLU A 80 33.19 -24.39 21.90
CA GLU A 80 34.45 -25.07 21.51
C GLU A 80 34.62 -26.43 22.19
N LYS A 81 35.35 -27.31 21.53
CA LYS A 81 35.61 -28.65 22.04
C LYS A 81 36.26 -28.62 23.42
N THR A 82 35.77 -29.48 24.31
CA THR A 82 36.44 -29.72 25.57
C THR A 82 36.66 -31.22 25.64
N THR A 83 37.92 -31.62 25.43
CA THR A 83 38.30 -33.01 25.22
C THR A 83 38.83 -33.73 26.45
N CYS A 84 39.29 -32.95 27.45
CA CYS A 84 40.06 -33.49 28.58
C CYS A 84 41.18 -34.36 28.09
N ALA A 85 41.63 -34.08 26.87
CA ALA A 85 42.64 -34.85 26.22
C ALA A 85 42.26 -36.35 26.19
N SER A 86 40.96 -36.62 26.00
CA SER A 86 40.46 -37.99 25.89
C SER A 86 39.77 -38.33 24.57
N LYS A 87 39.97 -39.58 24.10
CA LYS A 87 39.21 -40.11 22.96
C LYS A 87 37.71 -40.09 23.23
N ILE A 88 37.34 -40.33 24.50
CA ILE A 88 35.92 -40.42 24.86
C ILE A 88 35.23 -39.05 24.81
N LEU A 89 36.02 -37.99 24.76
CA LEU A 89 35.48 -36.64 24.65
C LEU A 89 36.05 -35.79 23.49
N GLU A 90 36.73 -36.40 22.53
CA GLU A 90 37.08 -35.63 21.35
C GLU A 90 35.79 -35.44 20.60
N ASN A 91 35.61 -34.25 20.04
CA ASN A 91 34.34 -33.91 19.36
C ASN A 91 33.17 -33.57 20.31
N PHE A 92 33.42 -33.56 21.61
CA PHE A 92 32.42 -33.00 22.52
C PHE A 92 32.49 -31.49 22.50
N VAL A 93 31.42 -30.85 22.05
CA VAL A 93 31.34 -29.40 22.06
C VAL A 93 30.70 -28.93 23.34
N ALA A 94 31.36 -28.00 24.03
CA ALA A 94 30.91 -27.55 25.34
C ALA A 94 29.67 -26.69 25.21
N PRO A 95 28.58 -27.11 25.85
CA PRO A 95 27.28 -26.46 25.86
C PRO A 95 27.15 -25.29 26.84
N TYR A 96 28.18 -25.03 27.64
CA TYR A 96 28.12 -23.97 28.66
C TYR A 96 29.53 -23.53 29.06
N ASP A 97 29.66 -22.31 29.65
CA ASP A 97 30.91 -21.80 30.19
C ASP A 97 31.11 -22.26 31.63
N ALA A 98 32.29 -22.74 31.93
CA ALA A 98 32.71 -22.83 33.32
C ALA A 98 32.57 -21.43 33.93
N THR A 99 32.29 -21.36 35.23
CA THR A 99 32.12 -20.06 35.91
C THR A 99 33.35 -19.16 35.75
N VAL A 100 34.53 -19.78 35.83
CA VAL A 100 35.76 -19.01 35.70
C VAL A 100 35.88 -18.37 34.30
N ILE A 101 35.48 -19.10 33.26
CA ILE A 101 35.50 -18.59 31.90
C ILE A 101 34.51 -17.42 31.75
N GLU A 102 33.34 -17.56 32.38
CA GLU A 102 32.36 -16.48 32.43
C GLU A 102 32.98 -15.24 33.05
N ARG A 103 33.69 -15.43 34.16
CA ARG A 103 34.23 -14.30 34.89
C ARG A 103 35.43 -13.66 34.19
N LEU A 104 36.17 -14.45 33.42
CA LEU A 104 37.26 -13.94 32.63
C LEU A 104 36.75 -13.11 31.44
N LYS A 105 35.72 -13.66 30.79
CA LYS A 105 35.08 -13.02 29.65
C LYS A 105 34.53 -11.67 30.06
N LYS A 106 33.89 -11.64 31.23
CA LYS A 106 33.33 -10.39 31.73
C LYS A 106 34.43 -9.41 32.09
N ALA A 107 35.65 -9.90 32.34
CA ALA A 107 36.76 -9.04 32.72
C ALA A 107 37.55 -8.52 31.53
N GLY A 108 37.06 -8.86 30.33
CA GLY A 108 37.66 -8.45 29.07
C GLY A 108 38.73 -9.38 28.51
N ALA A 109 39.02 -10.48 29.21
CA ALA A 109 40.04 -11.44 28.78
C ALA A 109 39.70 -12.08 27.44
N LEU A 110 40.69 -12.67 26.79
CA LEU A 110 40.40 -13.34 25.53
C LEU A 110 40.99 -14.72 25.49
N ILE A 111 40.10 -15.71 25.50
CA ILE A 111 40.53 -17.11 25.49
C ILE A 111 41.22 -17.44 24.19
N VAL A 112 42.49 -17.80 24.28
CA VAL A 112 43.33 -17.93 23.11
C VAL A 112 43.56 -19.40 22.70
N GLY A 113 43.13 -20.31 23.57
CA GLY A 113 43.24 -21.73 23.23
C GLY A 113 43.00 -22.70 24.37
N LYS A 114 42.83 -23.97 23.97
CA LYS A 114 42.59 -25.05 24.90
C LYS A 114 43.83 -25.90 24.92
N THR A 115 44.32 -26.08 26.15
CA THR A 115 45.67 -26.47 26.46
C THR A 115 45.80 -27.98 26.65
N ASN A 116 46.89 -28.60 26.18
CA ASN A 116 47.05 -30.06 26.35
C ASN A 116 47.18 -30.48 27.84
N LEU A 117 46.83 -31.72 28.14
CA LEU A 117 46.88 -32.26 29.49
C LEU A 117 46.99 -33.77 29.46
N ASP A 118 47.34 -34.37 30.60
CA ASP A 118 47.16 -35.80 30.79
C ASP A 118 45.66 -36.03 30.69
N GLU A 119 45.28 -37.21 30.15
CA GLU A 119 43.88 -37.52 29.92
C GLU A 119 43.12 -37.53 31.26
N PHE A 120 42.10 -36.69 31.35
CA PHE A 120 41.35 -36.54 32.60
C PHE A 120 42.27 -36.16 33.75
N ALA A 121 43.19 -35.24 33.49
CA ALA A 121 43.94 -34.57 34.55
C ALA A 121 44.73 -35.58 35.37
N MET A 122 44.98 -36.76 34.80
CA MET A 122 45.46 -37.89 35.56
C MET A 122 46.88 -38.28 35.14
N GLY A 123 47.87 -37.74 35.84
CA GLY A 123 49.27 -37.94 35.48
C GLY A 123 50.14 -36.76 35.90
N SER A 124 51.46 -36.90 35.74
CA SER A 124 52.41 -35.90 36.17
C SER A 124 53.43 -35.53 35.09
N SER A 125 53.06 -35.60 33.82
CA SER A 125 54.01 -35.35 32.73
C SER A 125 53.35 -34.97 31.42
N THR A 126 52.03 -35.11 31.33
CA THR A 126 51.27 -34.83 30.07
C THR A 126 51.42 -35.94 28.99
N GLU A 127 52.33 -36.88 29.23
CA GLU A 127 52.46 -38.05 28.36
C GLU A 127 51.17 -38.84 28.14
N TYR A 128 50.24 -38.76 29.09
CA TYR A 128 48.98 -39.49 29.01
C TYR A 128 47.87 -38.69 28.30
N SER A 129 48.24 -37.59 27.64
CA SER A 129 47.33 -36.97 26.66
C SER A 129 47.06 -38.06 25.63
N ALA A 130 45.79 -38.29 25.33
CA ALA A 130 45.45 -39.33 24.34
C ALA A 130 45.78 -38.90 22.89
N PHE A 131 46.22 -37.66 22.72
CA PHE A 131 46.46 -37.08 21.41
C PHE A 131 47.97 -36.96 21.05
N PHE A 132 48.77 -36.46 21.98
CA PHE A 132 50.18 -36.19 21.78
C PHE A 132 50.82 -35.57 23.02
N PRO A 133 52.12 -35.85 23.27
CA PRO A 133 52.85 -35.18 24.37
C PRO A 133 53.09 -33.69 24.13
N THR A 134 53.01 -32.91 25.21
CA THR A 134 53.59 -31.58 25.21
C THR A 134 55.03 -31.73 25.67
N LYS A 135 55.92 -30.86 25.20
CA LYS A 135 57.35 -30.96 25.53
C LYS A 135 57.85 -29.69 26.28
N ASN A 136 58.81 -29.91 27.17
CA ASN A 136 59.42 -28.85 27.98
C ASN A 136 60.23 -27.91 27.09
N PRO A 137 59.79 -26.64 27.01
CA PRO A 137 60.51 -25.64 26.22
C PRO A 137 61.94 -25.32 26.69
N TRP A 138 62.37 -25.88 27.80
CA TRP A 138 63.76 -25.71 28.22
C TRP A 138 64.60 -26.90 27.82
N ASP A 139 63.96 -27.99 27.44
CA ASP A 139 64.67 -29.15 26.88
C ASP A 139 63.56 -30.06 26.34
N LEU A 140 63.42 -30.09 25.02
CA LEU A 140 62.33 -30.84 24.38
C LEU A 140 62.52 -32.35 24.44
N GLU A 141 63.62 -32.81 25.02
CA GLU A 141 63.75 -34.22 25.41
C GLU A 141 63.07 -34.46 26.76
N ARG A 142 62.61 -33.39 27.40
CA ARG A 142 62.09 -33.48 28.77
C ARG A 142 60.59 -33.10 28.89
N VAL A 143 59.93 -33.66 29.90
CA VAL A 143 58.50 -33.47 30.10
C VAL A 143 58.25 -32.13 30.74
N PRO A 144 57.09 -31.50 30.47
CA PRO A 144 56.81 -30.19 31.07
C PRO A 144 56.10 -30.36 32.41
N GLY A 145 55.89 -31.61 32.81
CA GLY A 145 55.10 -31.92 34.01
C GLY A 145 53.65 -32.19 33.68
N GLY A 146 52.85 -32.42 34.72
CA GLY A 146 51.44 -32.69 34.52
C GLY A 146 50.61 -32.60 35.78
N SER A 147 49.29 -32.50 35.66
CA SER A 147 48.57 -32.65 34.39
C SER A 147 48.43 -31.41 33.51
N SER A 148 48.53 -30.21 34.08
CA SER A 148 48.47 -28.97 33.29
C SER A 148 49.71 -28.68 32.42
N GLY A 149 50.24 -29.69 31.73
CA GLY A 149 51.47 -29.56 30.94
C GLY A 149 51.46 -28.42 29.95
N GLY A 150 50.45 -28.38 29.10
CA GLY A 150 50.34 -27.34 28.10
C GLY A 150 50.17 -25.96 28.63
N SER A 151 49.50 -25.83 29.77
CA SER A 151 49.20 -24.50 30.33
C SER A 151 50.46 -23.88 30.88
N ALA A 152 51.30 -24.72 31.45
CA ALA A 152 52.57 -24.28 31.98
C ALA A 152 53.46 -23.92 30.80
N ALA A 153 53.60 -24.85 29.86
CA ALA A 153 54.51 -24.69 28.71
C ALA A 153 54.25 -23.41 27.94
N SER A 154 53.00 -23.14 27.60
CA SER A 154 52.67 -21.99 26.78
C SER A 154 52.95 -20.70 27.52
N VAL A 155 52.92 -20.77 28.84
CA VAL A 155 53.27 -19.62 29.67
C VAL A 155 54.79 -19.46 29.77
N ALA A 156 55.51 -20.56 29.63
CA ALA A 156 56.97 -20.52 29.63
C ALA A 156 57.49 -19.87 28.35
N VAL A 157 57.05 -20.39 27.20
CA VAL A 157 57.47 -19.84 25.91
C VAL A 157 56.79 -18.51 25.63
N LEU A 158 55.76 -18.19 26.41
CA LEU A 158 55.04 -16.94 26.26
C LEU A 158 54.21 -16.87 24.95
N SER A 159 53.70 -18.02 24.52
CA SER A 159 52.61 -18.02 23.54
C SER A 159 51.31 -17.57 24.18
N ALA A 160 51.29 -17.50 25.51
CA ALA A 160 50.29 -16.72 26.26
C ALA A 160 50.95 -16.24 27.54
N PRO A 161 50.54 -15.07 28.03
CA PRO A 161 51.20 -14.47 29.20
C PRO A 161 50.79 -15.14 30.49
N VAL A 162 49.58 -15.68 30.50
CA VAL A 162 48.92 -16.08 31.73
C VAL A 162 48.01 -17.27 31.37
N SER A 163 47.72 -18.12 32.35
CA SER A 163 47.18 -19.42 32.01
C SER A 163 46.26 -19.94 33.13
N LEU A 164 45.32 -20.82 32.77
CA LEU A 164 44.50 -21.51 33.75
C LEU A 164 44.80 -23.00 33.70
N GLY A 165 45.06 -23.60 34.86
CA GLY A 165 45.18 -25.06 34.97
C GLY A 165 44.27 -25.56 36.08
N SER A 166 44.36 -26.85 36.39
CA SER A 166 43.73 -27.36 37.60
C SER A 166 44.73 -28.23 38.39
N ASP A 167 44.49 -28.36 39.69
CA ASP A 167 45.42 -28.97 40.62
C ASP A 167 44.63 -29.89 41.55
N THR A 168 44.81 -31.21 41.37
CA THR A 168 44.14 -32.18 42.21
C THR A 168 45.15 -32.72 43.24
N GLY A 169 46.41 -32.77 42.84
CA GLY A 169 47.46 -33.33 43.67
C GLY A 169 48.79 -32.76 43.24
N GLY A 170 48.72 -31.58 42.59
CA GLY A 170 49.93 -30.86 42.24
C GLY A 170 49.98 -30.48 40.79
N SER A 171 48.84 -30.60 40.12
CA SER A 171 48.79 -30.46 38.66
C SER A 171 48.97 -29.03 38.09
N ILE A 172 48.97 -28.01 38.98
CA ILE A 172 49.45 -26.68 38.63
C ILE A 172 50.90 -26.53 39.06
N ARG A 173 51.18 -26.83 40.32
CA ARG A 173 52.49 -26.55 40.89
C ARG A 173 53.64 -27.31 40.22
N GLN A 174 53.50 -28.60 40.00
CA GLN A 174 54.61 -29.37 39.46
C GLN A 174 54.95 -29.00 38.00
N PRO A 175 53.91 -28.78 37.15
CA PRO A 175 54.24 -28.21 35.84
C PRO A 175 54.89 -26.80 35.93
N ALA A 176 54.45 -25.98 36.89
CA ALA A 176 55.04 -24.66 37.11
C ALA A 176 56.51 -24.82 37.43
N SER A 177 56.82 -25.81 38.26
CA SER A 177 58.22 -26.06 38.66
C SER A 177 59.05 -26.44 37.44
N PHE A 178 58.56 -27.45 36.70
CA PHE A 178 59.29 -28.00 35.57
C PHE A 178 59.45 -27.00 34.42
N CYS A 179 58.49 -26.10 34.27
CA CYS A 179 58.54 -25.13 33.15
C CYS A 179 59.06 -23.76 33.55
N GLY A 180 59.45 -23.59 34.79
CA GLY A 180 60.13 -22.36 35.19
C GLY A 180 59.20 -21.15 35.23
N VAL A 181 58.02 -21.37 35.78
CA VAL A 181 56.92 -20.42 35.79
C VAL A 181 56.21 -20.44 37.17
N ILE A 182 55.52 -19.34 37.51
CA ILE A 182 54.71 -19.27 38.73
C ILE A 182 53.40 -19.99 38.53
N GLY A 183 53.02 -20.81 39.49
CA GLY A 183 51.76 -21.52 39.46
C GLY A 183 51.14 -21.69 40.83
N ILE A 184 49.92 -21.21 40.98
CA ILE A 184 49.27 -21.24 42.28
C ILE A 184 47.98 -22.06 42.22
N LYS A 185 47.80 -22.91 43.24
CA LYS A 185 46.53 -23.56 43.50
C LYS A 185 45.99 -22.95 44.78
N PRO A 186 44.88 -22.23 44.70
CA PRO A 186 44.31 -21.56 45.87
C PRO A 186 43.63 -22.51 46.87
N THR A 187 43.12 -21.96 47.98
CA THR A 187 42.41 -22.76 49.00
C THR A 187 41.30 -23.53 48.34
N TYR A 188 41.09 -24.77 48.79
CA TYR A 188 39.88 -25.47 48.34
C TYR A 188 38.61 -24.68 48.66
N GLY A 189 37.84 -24.35 47.64
CA GLY A 189 36.63 -23.56 47.80
C GLY A 189 36.78 -22.13 47.32
N ARG A 190 38.02 -21.68 47.10
CA ARG A 190 38.22 -20.33 46.63
C ARG A 190 37.82 -20.11 45.19
N VAL A 191 37.87 -21.14 44.35
CA VAL A 191 37.49 -20.95 42.97
C VAL A 191 36.46 -22.03 42.62
N SER A 192 35.39 -21.64 41.93
CA SER A 192 34.32 -22.58 41.57
C SER A 192 34.80 -23.75 40.76
N ARG A 193 34.12 -24.88 40.92
CA ARG A 193 34.44 -26.06 40.12
C ARG A 193 33.33 -26.31 39.14
N TYR A 194 32.45 -25.33 38.96
CA TYR A 194 31.41 -25.39 37.94
C TYR A 194 32.03 -25.26 36.57
N GLY A 195 31.99 -26.35 35.82
CA GLY A 195 32.49 -26.35 34.45
C GLY A 195 33.91 -26.86 34.41
N LEU A 196 34.38 -27.34 35.55
CA LEU A 196 35.66 -28.03 35.61
C LEU A 196 35.34 -29.51 35.56
N VAL A 197 35.81 -30.21 34.56
CA VAL A 197 35.52 -31.63 34.46
C VAL A 197 36.12 -32.29 35.67
N ALA A 198 35.26 -32.87 36.50
CA ALA A 198 35.65 -33.44 37.80
C ALA A 198 36.53 -34.69 37.69
N PHE A 199 37.62 -34.65 38.42
CA PHE A 199 38.55 -35.76 38.59
C PHE A 199 38.26 -36.28 40.02
N ALA A 200 38.77 -35.57 41.02
CA ALA A 200 38.42 -35.83 42.42
C ALA A 200 37.81 -34.56 42.99
N SER A 201 36.51 -34.61 43.22
CA SER A 201 35.73 -33.46 43.60
C SER A 201 36.25 -32.78 44.86
N SER A 202 36.73 -33.57 45.82
CA SER A 202 37.14 -32.99 47.11
C SER A 202 38.59 -32.47 47.11
N LEU A 203 39.30 -32.69 46.00
CA LEU A 203 40.70 -32.26 45.80
C LEU A 203 40.92 -31.21 44.69
N ASP A 204 40.12 -31.25 43.63
CA ASP A 204 40.25 -30.32 42.49
C ASP A 204 40.21 -28.82 42.91
N GLN A 205 41.07 -28.03 42.28
CA GLN A 205 40.88 -26.62 42.23
C GLN A 205 41.51 -26.05 40.96
N ILE A 206 40.76 -25.21 40.25
CA ILE A 206 41.33 -24.37 39.22
C ILE A 206 42.32 -23.40 39.86
N GLY A 207 43.39 -23.12 39.11
CA GLY A 207 44.42 -22.17 39.52
C GLY A 207 45.06 -21.49 38.34
N VAL A 208 46.14 -20.77 38.60
CA VAL A 208 46.69 -19.82 37.65
C VAL A 208 48.20 -20.00 37.42
N PHE A 209 48.64 -19.92 36.16
CA PHE A 209 50.06 -19.86 35.84
C PHE A 209 50.37 -18.48 35.31
N GLY A 210 51.57 -18.00 35.65
CA GLY A 210 52.07 -16.70 35.20
C GLY A 210 53.58 -16.59 35.38
N ARG A 211 54.13 -15.46 34.96
CA ARG A 211 55.56 -15.24 35.07
C ARG A 211 55.87 -14.11 36.03
N ARG A 212 54.90 -13.22 36.22
CA ARG A 212 55.02 -12.17 37.22
C ARG A 212 53.93 -12.39 38.28
N THR A 213 54.28 -12.18 39.54
CA THR A 213 53.34 -12.42 40.63
C THR A 213 52.08 -11.56 40.53
N GLU A 214 52.21 -10.35 39.99
CA GLU A 214 51.04 -9.48 39.83
C GLU A 214 50.06 -10.00 38.77
N ASP A 215 50.60 -10.59 37.70
CA ASP A 215 49.81 -11.27 36.67
C ASP A 215 48.93 -12.34 37.31
N VAL A 216 49.58 -13.20 38.08
CA VAL A 216 48.91 -14.32 38.73
C VAL A 216 47.88 -13.85 39.76
N ALA A 217 48.25 -12.86 40.56
CA ALA A 217 47.38 -12.27 41.60
C ALA A 217 46.11 -11.67 41.01
N LEU A 218 46.24 -11.08 39.83
CA LEU A 218 45.10 -10.43 39.19
C LEU A 218 44.14 -11.46 38.62
N VAL A 219 44.66 -12.40 37.82
CA VAL A 219 43.84 -13.44 37.21
C VAL A 219 43.10 -14.25 38.29
N LEU A 220 43.82 -14.59 39.36
CA LEU A 220 43.20 -15.26 40.50
C LEU A 220 42.09 -14.45 41.14
N GLU A 221 42.29 -13.14 41.29
CA GLU A 221 41.26 -12.27 41.90
C GLU A 221 39.97 -12.29 41.09
N VAL A 222 40.11 -12.20 39.77
CA VAL A 222 38.97 -12.14 38.87
C VAL A 222 38.11 -13.39 38.99
N ILE A 223 38.76 -14.56 38.93
CA ILE A 223 38.08 -15.79 38.58
C ILE A 223 37.45 -16.45 39.80
N SER A 224 37.10 -15.63 40.79
CA SER A 224 37.47 -15.90 42.18
C SER A 224 36.30 -16.49 42.96
N GLY A 225 35.24 -15.71 43.11
CA GLY A 225 34.55 -15.60 44.38
C GLY A 225 33.60 -16.76 44.60
N TRP A 226 32.62 -16.54 45.48
CA TRP A 226 31.53 -17.50 45.67
C TRP A 226 30.78 -17.78 44.38
N ASP A 227 30.35 -19.03 44.18
CA ASP A 227 29.51 -19.37 43.03
C ASP A 227 28.32 -20.19 43.49
N GLU A 228 27.12 -19.71 43.15
CA GLU A 228 25.87 -20.35 43.57
C GLU A 228 25.67 -21.69 42.87
N LYS A 229 26.37 -21.87 41.76
CA LYS A 229 26.30 -23.11 41.00
C LYS A 229 27.25 -24.18 41.56
N ASP A 230 27.99 -23.83 42.63
CA ASP A 230 28.94 -24.73 43.29
C ASP A 230 28.74 -24.78 44.80
N SER A 231 28.27 -25.93 45.29
CA SER A 231 27.97 -26.13 46.72
C SER A 231 29.23 -26.02 47.59
N THR A 232 30.37 -26.39 47.02
CA THR A 232 31.59 -26.44 47.80
C THR A 232 32.37 -25.12 47.75
N SER A 233 31.92 -24.17 46.95
CA SER A 233 32.57 -22.85 46.87
C SER A 233 32.22 -22.02 48.10
N ALA A 234 33.19 -21.29 48.64
CA ALA A 234 33.00 -20.65 49.92
C ALA A 234 32.38 -19.27 49.82
N LYS A 235 31.54 -18.93 50.79
CA LYS A 235 30.98 -17.60 50.91
C LYS A 235 31.97 -16.73 51.68
N VAL A 236 33.09 -16.43 51.04
CA VAL A 236 34.20 -15.68 51.63
C VAL A 236 34.56 -14.59 50.64
N PRO A 237 34.71 -13.34 51.11
CA PRO A 237 35.13 -12.25 50.22
C PRO A 237 36.50 -12.47 49.58
N VAL A 238 36.65 -12.14 48.31
CA VAL A 238 37.94 -12.24 47.65
C VAL A 238 38.78 -11.02 48.02
N PRO A 239 39.96 -11.25 48.61
CA PRO A 239 40.88 -10.17 48.95
C PRO A 239 41.43 -9.47 47.69
N GLU A 240 41.70 -8.18 47.81
CA GLU A 240 42.18 -7.40 46.69
C GLU A 240 43.66 -7.71 46.46
N TRP A 241 43.93 -8.86 45.83
CA TRP A 241 45.30 -9.39 45.73
C TRP A 241 46.25 -8.53 44.89
N SER A 242 45.72 -7.89 43.85
CA SER A 242 46.50 -6.99 42.99
C SER A 242 47.07 -5.81 43.79
N GLU A 243 46.32 -5.38 44.80
CA GLU A 243 46.76 -4.30 45.67
C GLU A 243 47.52 -4.79 46.88
N GLU A 244 47.61 -6.11 47.02
CA GLU A 244 48.14 -6.70 48.25
C GLU A 244 49.51 -7.35 48.08
N VAL A 245 49.82 -7.83 46.87
CA VAL A 245 51.09 -8.54 46.60
C VAL A 245 52.30 -7.67 46.85
N LYS A 246 52.15 -6.36 46.56
CA LYS A 246 53.24 -5.38 46.60
C LYS A 246 53.59 -4.98 48.03
N LYS A 247 52.64 -5.14 48.95
CA LYS A 247 52.86 -4.91 50.38
C LYS A 247 53.86 -5.88 51.01
N GLU A 248 54.41 -5.47 52.16
CA GLU A 248 55.43 -6.23 52.87
C GLU A 248 55.06 -6.40 54.33
N VAL A 249 54.98 -7.64 54.79
CA VAL A 249 54.63 -7.94 56.18
C VAL A 249 55.89 -8.38 56.97
N LYS A 250 56.12 -7.68 58.09
CA LYS A 250 57.30 -7.92 58.92
C LYS A 250 57.21 -9.17 59.80
N GLY A 251 58.36 -9.84 59.98
CA GLY A 251 58.50 -10.94 60.91
C GLY A 251 57.74 -12.20 60.56
N LEU A 252 57.59 -12.47 59.26
CA LEU A 252 56.99 -13.71 58.82
C LEU A 252 57.89 -14.94 59.12
N LYS A 253 57.28 -16.12 59.25
CA LYS A 253 58.04 -17.32 59.62
C LYS A 253 57.84 -18.50 58.65
N ILE A 254 58.91 -19.22 58.36
CA ILE A 254 58.86 -20.32 57.41
C ILE A 254 59.23 -21.62 58.08
N GLY A 255 58.36 -22.61 57.94
CA GLY A 255 58.56 -23.94 58.50
C GLY A 255 59.16 -24.91 57.50
N LEU A 256 60.15 -25.66 57.95
CA LEU A 256 60.72 -26.72 57.15
C LEU A 256 60.43 -28.04 57.82
N PRO A 257 59.53 -28.81 57.23
CA PRO A 257 59.10 -30.07 57.83
C PRO A 257 60.24 -31.09 58.00
N LYS A 258 60.48 -31.50 59.24
CA LYS A 258 61.52 -32.49 59.57
C LYS A 258 61.40 -33.79 58.78
N GLU A 259 60.15 -34.17 58.50
CA GLU A 259 59.86 -35.41 57.83
C GLU A 259 60.25 -35.33 56.36
N PHE A 260 60.33 -34.12 55.81
CA PHE A 260 60.77 -33.95 54.42
C PHE A 260 62.30 -34.15 54.25
N PHE A 261 63.06 -34.13 55.35
CA PHE A 261 64.51 -34.36 55.29
C PHE A 261 64.77 -35.79 54.84
N GLU A 262 63.85 -36.68 55.17
CA GLU A 262 63.99 -38.07 54.85
C GLU A 262 63.62 -38.40 53.42
N TYR A 263 63.14 -37.39 52.70
CA TYR A 263 62.65 -37.55 51.33
C TYR A 263 63.84 -37.53 50.39
N GLU A 264 63.95 -38.53 49.50
CA GLU A 264 65.05 -38.54 48.50
C GLU A 264 64.93 -37.36 47.50
N LEU A 265 65.88 -36.43 47.58
CA LEU A 265 65.96 -35.29 46.65
C LEU A 265 67.15 -35.43 45.71
N GLN A 266 67.02 -34.92 44.50
CA GLN A 266 68.18 -34.71 43.64
C GLN A 266 69.06 -33.61 44.24
N PRO A 267 70.40 -33.83 44.22
CA PRO A 267 71.34 -32.86 44.79
C PRO A 267 71.14 -31.45 44.26
N GLN A 268 70.89 -31.32 42.96
CA GLN A 268 70.65 -29.98 42.35
C GLN A 268 69.45 -29.29 42.99
N VAL A 269 68.38 -30.05 43.21
CA VAL A 269 67.14 -29.54 43.83
C VAL A 269 67.42 -29.10 45.27
N LYS A 270 68.10 -29.99 46.00
CA LYS A 270 68.51 -29.78 47.40
C LYS A 270 69.24 -28.45 47.51
N GLU A 271 70.31 -28.32 46.68
CA GLU A 271 71.17 -27.14 46.58
C GLU A 271 70.37 -25.88 46.26
N ALA A 272 69.51 -25.97 45.25
CA ALA A 272 68.61 -24.87 44.88
C ALA A 272 67.73 -24.40 46.03
N PHE A 273 67.19 -25.36 46.77
CA PHE A 273 66.24 -25.07 47.83
C PHE A 273 66.94 -24.44 49.03
N GLU A 274 68.08 -25.01 49.40
CA GLU A 274 68.91 -24.47 50.50
C GLU A 274 69.24 -23.00 50.26
N ASN A 275 69.63 -22.69 49.02
CA ASN A 275 69.96 -21.33 48.64
C ASN A 275 68.75 -20.40 48.72
N PHE A 276 67.60 -20.90 48.25
CA PHE A 276 66.32 -20.19 48.29
C PHE A 276 66.02 -19.72 49.73
N ILE A 277 66.24 -20.63 50.68
CA ILE A 277 65.95 -20.42 52.10
C ILE A 277 66.97 -19.50 52.77
N LYS A 278 68.26 -19.69 52.44
CA LYS A 278 69.32 -18.82 52.96
C LYS A 278 69.06 -17.39 52.55
N GLU A 279 68.69 -17.22 51.29
CA GLU A 279 68.45 -15.91 50.74
C GLU A 279 67.21 -15.25 51.36
N LEU A 280 66.20 -16.06 51.69
CA LEU A 280 65.01 -15.55 52.39
C LEU A 280 65.35 -15.22 53.82
N GLU A 281 66.20 -16.05 54.43
CA GLU A 281 66.71 -15.75 55.77
C GLU A 281 67.36 -14.35 55.83
N LYS A 282 68.23 -14.08 54.85
CA LYS A 282 68.91 -12.80 54.73
C LYS A 282 67.97 -11.61 54.66
N GLU A 283 66.79 -11.82 54.08
CA GLU A 283 65.79 -10.76 53.92
C GLU A 283 64.92 -10.59 55.16
N GLY A 284 65.14 -11.42 56.17
CA GLY A 284 64.48 -11.23 57.46
C GLY A 284 63.41 -12.22 57.85
N PHE A 285 63.26 -13.28 57.06
CA PHE A 285 62.34 -14.36 57.40
C PHE A 285 62.98 -15.21 58.47
N GLU A 286 62.21 -15.55 59.51
CA GLU A 286 62.66 -16.54 60.48
C GLU A 286 62.39 -17.95 59.96
N ILE A 287 63.41 -18.79 60.04
CA ILE A 287 63.35 -20.15 59.51
C ILE A 287 63.31 -21.14 60.66
N LYS A 288 62.24 -21.95 60.73
CA LYS A 288 62.02 -22.91 61.85
C LYS A 288 61.77 -24.31 61.32
N GLU A 289 62.28 -25.31 62.03
CA GLU A 289 61.98 -26.69 61.71
C GLU A 289 60.61 -27.02 62.29
N VAL A 290 59.70 -27.58 61.50
CA VAL A 290 58.40 -28.03 62.02
C VAL A 290 58.22 -29.54 61.84
N SER A 291 57.20 -30.08 62.50
CA SER A 291 56.87 -31.49 62.43
C SER A 291 55.50 -31.66 61.76
N LEU A 292 55.45 -32.64 60.86
CA LEU A 292 54.19 -33.07 60.28
C LEU A 292 54.27 -34.58 60.33
N PRO A 293 54.02 -35.17 61.52
CA PRO A 293 54.25 -36.61 61.74
C PRO A 293 53.57 -37.54 60.75
N HIS A 294 52.51 -37.09 60.06
CA HIS A 294 51.74 -37.95 59.16
C HIS A 294 51.99 -37.75 57.67
N VAL A 295 52.69 -36.68 57.27
CA VAL A 295 52.86 -36.38 55.83
C VAL A 295 53.32 -37.53 54.98
N LYS A 296 54.19 -38.38 55.50
CA LYS A 296 54.71 -39.47 54.67
C LYS A 296 53.57 -40.33 54.15
N TYR A 297 52.44 -40.29 54.84
CA TYR A 297 51.27 -41.04 54.41
C TYR A 297 50.45 -40.33 53.33
N SER A 298 50.87 -39.14 52.93
CA SER A 298 50.10 -38.33 51.99
C SER A 298 49.79 -39.11 50.72
N ILE A 299 50.79 -39.85 50.23
CA ILE A 299 50.76 -40.35 48.86
C ILE A 299 49.84 -41.56 48.72
N PRO A 300 49.98 -42.51 49.65
CA PRO A 300 49.03 -43.61 49.77
C PRO A 300 47.61 -43.12 49.99
N THR A 301 47.46 -42.11 50.86
CA THR A 301 46.16 -41.53 51.13
C THR A 301 45.56 -41.00 49.85
N TYR A 302 46.34 -40.20 49.11
CA TYR A 302 45.88 -39.57 47.86
C TYR A 302 45.55 -40.62 46.81
N TYR A 303 46.35 -41.67 46.77
CA TYR A 303 46.16 -42.64 45.72
C TYR A 303 45.14 -43.72 46.07
N ILE A 304 44.36 -43.41 47.11
CA ILE A 304 43.13 -44.13 47.44
C ILE A 304 41.98 -43.17 47.17
N ILE A 305 42.06 -41.99 47.76
CA ILE A 305 41.00 -40.98 47.59
C ILE A 305 40.75 -40.55 46.12
N ALA A 306 41.82 -40.10 45.44
CA ALA A 306 41.72 -39.60 44.07
C ALA A 306 41.08 -40.60 43.12
N PRO A 307 41.65 -41.85 43.02
CA PRO A 307 41.07 -42.87 42.13
C PRO A 307 39.66 -43.24 42.53
N SER A 308 39.31 -43.19 43.81
CA SER A 308 37.95 -43.51 44.21
C SER A 308 37.00 -42.49 43.63
N GLU A 309 37.22 -41.21 43.93
CA GLU A 309 36.36 -40.15 43.46
C GLU A 309 36.37 -40.11 41.95
N ALA A 310 37.52 -40.42 41.37
CA ALA A 310 37.61 -40.49 39.92
C ALA A 310 36.74 -41.59 39.30
N SER A 311 36.69 -42.79 39.89
CA SER A 311 35.86 -43.82 39.32
C SER A 311 34.39 -43.38 39.34
N SER A 312 34.00 -42.66 40.36
CA SER A 312 32.64 -42.17 40.49
C SER A 312 32.38 -41.05 39.49
N ASN A 313 33.29 -40.08 39.43
CA ASN A 313 33.12 -38.96 38.51
C ASN A 313 33.19 -39.31 37.04
N LEU A 314 33.70 -40.49 36.73
CA LEU A 314 33.84 -40.89 35.35
C LEU A 314 32.82 -41.90 34.91
N ALA A 315 31.93 -42.30 35.82
CA ALA A 315 30.87 -43.24 35.50
C ALA A 315 29.92 -42.71 34.40
N ARG A 316 29.89 -41.38 34.23
CA ARG A 316 28.98 -40.71 33.31
C ARG A 316 29.36 -40.74 31.84
N TYR A 317 30.60 -41.11 31.56
CA TYR A 317 31.10 -41.23 30.18
C TYR A 317 30.77 -42.66 29.72
N ASP A 318 29.70 -42.75 28.92
CA ASP A 318 28.97 -43.98 28.71
C ASP A 318 28.36 -44.13 27.32
N GLY A 319 28.56 -43.13 26.44
CA GLY A 319 28.04 -43.21 25.07
C GLY A 319 26.54 -42.94 24.90
N VAL A 320 25.88 -42.49 25.95
CA VAL A 320 24.45 -42.23 25.91
C VAL A 320 24.10 -40.79 25.56
N ARG A 321 24.61 -39.81 26.30
CA ARG A 321 24.16 -38.41 26.11
C ARG A 321 25.11 -37.52 25.28
N TYR A 322 26.37 -37.94 25.16
CA TYR A 322 27.43 -37.12 24.53
C TYR A 322 28.71 -37.96 24.30
N GLY A 323 29.65 -37.38 23.56
CA GLY A 323 30.96 -37.98 23.40
C GLY A 323 31.01 -39.26 22.59
N TYR A 324 32.13 -39.96 22.71
CA TYR A 324 32.40 -41.18 21.97
C TYR A 324 31.44 -42.32 22.28
N ARG A 325 31.13 -43.08 21.24
CA ARG A 325 30.44 -44.34 21.36
C ARG A 325 31.07 -45.36 20.43
N ALA A 326 31.37 -46.55 20.95
CA ALA A 326 31.94 -47.62 20.14
C ALA A 326 31.01 -47.97 18.99
N LYS A 327 31.61 -48.44 17.90
CA LYS A 327 30.84 -48.72 16.71
C LYS A 327 30.16 -50.09 16.74
N GLU A 328 30.80 -51.10 17.32
CA GLU A 328 30.26 -52.46 17.33
C GLU A 328 29.77 -52.83 18.73
N TYR A 329 28.50 -53.24 18.86
CA TYR A 329 27.96 -53.74 20.12
C TYR A 329 26.66 -54.52 19.94
N LYS A 330 26.51 -55.59 20.71
CA LYS A 330 25.38 -56.50 20.54
C LYS A 330 24.30 -56.25 21.58
N ASP A 331 24.65 -55.47 22.61
CA ASP A 331 23.73 -55.20 23.70
C ASP A 331 24.28 -54.12 24.63
N ILE A 332 23.38 -53.42 25.32
CA ILE A 332 23.72 -52.15 25.94
C ILE A 332 24.92 -52.29 26.86
N PHE A 333 25.11 -53.48 27.41
CA PHE A 333 26.27 -53.77 28.23
C PHE A 333 27.52 -53.60 27.40
N GLU A 334 27.51 -54.19 26.21
CA GLU A 334 28.67 -54.08 25.33
C GLU A 334 28.87 -52.66 24.87
N MET A 335 27.78 -51.95 24.61
CA MET A 335 27.89 -50.55 24.23
C MET A 335 28.67 -49.80 25.28
N TYR A 336 28.22 -49.94 26.52
CA TYR A 336 28.86 -49.33 27.66
C TYR A 336 30.33 -49.71 27.75
N ALA A 337 30.59 -51.02 27.90
CA ALA A 337 31.91 -51.50 28.27
C ALA A 337 32.94 -51.31 27.18
N ARG A 338 32.47 -51.29 25.93
CA ARG A 338 33.35 -51.11 24.76
C ARG A 338 33.64 -49.63 24.54
N THR A 339 32.61 -48.79 24.66
CA THR A 339 32.80 -47.35 24.59
C THR A 339 33.87 -46.90 25.58
N ARG A 340 33.82 -47.46 26.78
CA ARG A 340 34.70 -47.05 27.87
C ARG A 340 36.10 -47.61 27.67
N ASP A 341 36.22 -48.89 27.33
CA ASP A 341 37.55 -49.46 27.15
C ASP A 341 38.27 -48.78 26.01
N GLU A 342 37.53 -48.44 24.97
CA GLU A 342 38.11 -47.82 23.79
C GLU A 342 38.34 -46.34 23.96
N GLY A 343 37.50 -45.70 24.77
CA GLY A 343 37.55 -44.25 24.90
C GLY A 343 38.48 -43.75 25.97
N PHE A 344 38.72 -44.59 26.98
CA PHE A 344 39.56 -44.27 28.12
C PHE A 344 41.00 -44.70 27.87
N GLY A 345 41.95 -43.86 28.21
CA GLY A 345 43.36 -44.20 28.21
C GLY A 345 43.78 -45.08 29.37
N PRO A 346 45.06 -45.47 29.40
CA PRO A 346 45.46 -46.55 30.31
C PRO A 346 45.52 -46.08 31.76
N GLU A 347 45.95 -44.86 32.00
CA GLU A 347 46.07 -44.33 33.38
C GLU A 347 44.67 -44.17 33.97
N VAL A 348 43.77 -43.62 33.16
CA VAL A 348 42.39 -43.44 33.54
C VAL A 348 41.79 -44.79 33.90
N LYS A 349 41.99 -45.80 33.04
CA LYS A 349 41.44 -47.13 33.30
C LYS A 349 41.95 -47.74 34.60
N ARG A 350 43.24 -47.57 34.86
CA ARG A 350 43.91 -48.02 36.11
C ARG A 350 43.25 -47.43 37.37
N ARG A 351 42.96 -46.13 37.34
CA ARG A 351 42.38 -45.47 38.49
C ARG A 351 40.90 -45.79 38.63
N ILE A 352 40.24 -46.02 37.49
CA ILE A 352 38.85 -46.48 37.53
C ILE A 352 38.73 -47.86 38.18
N MET A 353 39.58 -48.81 37.80
CA MET A 353 39.59 -50.13 38.44
C MET A 353 39.88 -49.99 39.93
N LEU A 354 40.95 -49.28 40.25
CA LEU A 354 41.33 -49.04 41.64
C LEU A 354 40.18 -48.40 42.42
N GLY A 355 39.54 -47.40 41.81
CA GLY A 355 38.48 -46.67 42.48
C GLY A 355 37.31 -47.54 42.87
N THR A 356 36.86 -48.37 41.93
CA THR A 356 35.66 -49.17 42.13
C THR A 356 35.92 -50.30 43.13
N PHE A 357 37.19 -50.66 43.29
CA PHE A 357 37.60 -51.59 44.33
C PHE A 357 37.61 -50.92 45.71
N ALA A 358 38.26 -49.76 45.78
CA ALA A 358 38.31 -49.00 47.03
C ALA A 358 36.93 -48.62 47.60
N LEU A 359 35.93 -48.52 46.74
CA LEU A 359 34.59 -48.16 47.15
C LEU A 359 33.69 -49.36 47.35
N SER A 360 34.18 -50.51 46.93
CA SER A 360 33.39 -51.74 47.03
C SER A 360 33.16 -52.11 48.49
N ALA A 361 31.94 -52.53 48.80
CA ALA A 361 31.61 -52.94 50.15
C ALA A 361 32.52 -54.08 50.53
N GLY A 362 33.02 -54.05 51.75
CA GLY A 362 33.99 -55.06 52.17
C GLY A 362 35.40 -54.51 52.10
N TYR A 363 35.62 -53.52 51.25
CA TYR A 363 36.91 -52.87 51.19
C TYR A 363 36.83 -51.38 51.46
N TYR A 364 35.62 -50.83 51.48
CA TYR A 364 35.41 -49.40 51.64
C TYR A 364 36.02 -48.86 52.92
N ASP A 365 35.77 -49.56 54.05
CA ASP A 365 36.23 -49.11 55.39
C ASP A 365 37.73 -49.08 55.51
N ALA A 366 38.38 -50.08 54.94
CA ALA A 366 39.83 -50.21 54.97
C ALA A 366 40.55 -49.29 53.95
N TYR A 367 39.82 -48.84 52.92
CA TYR A 367 40.39 -48.04 51.85
C TYR A 367 39.92 -46.61 51.91
N TYR A 368 38.79 -46.30 51.27
CA TYR A 368 38.32 -44.89 51.15
C TYR A 368 38.08 -44.23 52.51
N LEU A 369 37.27 -44.88 53.34
CA LEU A 369 36.96 -44.33 54.64
C LEU A 369 38.24 -44.15 55.47
N LYS A 370 39.05 -45.20 55.58
CA LYS A 370 40.36 -45.11 56.21
C LYS A 370 41.15 -43.87 55.74
N ALA A 371 41.28 -43.75 54.42
CA ALA A 371 42.03 -42.67 53.81
C ALA A 371 41.49 -41.29 54.21
N GLN A 372 40.17 -41.18 54.26
CA GLN A 372 39.57 -39.90 54.60
C GLN A 372 39.87 -39.53 56.03
N LYS A 373 40.06 -40.55 56.87
CA LYS A 373 40.49 -40.31 58.26
C LYS A 373 41.97 -39.92 58.39
N VAL A 374 42.85 -40.66 57.71
CA VAL A 374 44.27 -40.31 57.67
C VAL A 374 44.44 -38.89 57.12
N ARG A 375 43.53 -38.51 56.22
CA ARG A 375 43.51 -37.17 55.62
C ARG A 375 43.29 -36.10 56.68
N ARG A 376 42.41 -36.37 57.64
CA ARG A 376 42.18 -35.44 58.73
C ARG A 376 43.39 -35.34 59.64
N LEU A 377 44.05 -36.47 59.91
CA LEU A 377 45.27 -36.44 60.69
C LEU A 377 46.30 -35.54 60.00
N ILE A 378 46.48 -35.73 58.69
CA ILE A 378 47.37 -34.96 57.86
C ILE A 378 47.06 -33.46 57.91
N THR A 379 45.78 -33.15 57.80
CA THR A 379 45.30 -31.77 57.83
C THR A 379 45.67 -31.15 59.16
N ASN A 380 45.45 -31.93 60.23
CA ASN A 380 45.71 -31.50 61.58
C ASN A 380 47.19 -31.21 61.85
N ASP A 381 48.09 -32.04 61.32
CA ASP A 381 49.52 -31.73 61.36
C ASP A 381 49.71 -30.31 60.92
N PHE A 382 49.17 -29.96 59.76
CA PHE A 382 49.33 -28.61 59.19
C PHE A 382 48.81 -27.51 60.09
N LEU A 383 47.57 -27.66 60.53
CA LEU A 383 46.92 -26.68 61.41
C LEU A 383 47.76 -26.40 62.64
N LYS A 384 48.39 -27.46 63.16
CA LYS A 384 49.19 -27.33 64.37
C LYS A 384 50.53 -26.62 64.07
N ALA A 385 51.19 -27.06 62.99
CA ALA A 385 52.38 -26.39 62.48
C ALA A 385 52.12 -24.91 62.16
N PHE A 386 50.90 -24.56 61.75
CA PHE A 386 50.61 -23.18 61.42
C PHE A 386 50.43 -22.33 62.66
N GLU A 387 50.46 -22.98 63.83
CA GLU A 387 50.42 -22.23 65.09
C GLU A 387 51.77 -21.57 65.35
N GLU A 388 52.84 -22.21 64.89
CA GLU A 388 54.19 -21.73 65.11
C GLU A 388 54.76 -20.95 63.92
N VAL A 389 54.24 -21.22 62.72
CA VAL A 389 54.85 -20.76 61.47
C VAL A 389 53.79 -20.16 60.53
N ASP A 390 54.17 -19.34 59.55
CA ASP A 390 53.19 -18.70 58.67
C ASP A 390 53.02 -19.35 57.31
N VAL A 391 54.12 -19.91 56.78
CA VAL A 391 54.07 -20.68 55.55
C VAL A 391 54.98 -21.89 55.71
N ILE A 392 54.77 -22.89 54.89
CA ILE A 392 55.59 -24.09 54.94
C ILE A 392 56.31 -24.18 53.61
N ALA A 393 57.63 -24.41 53.61
CA ALA A 393 58.36 -24.47 52.34
C ALA A 393 59.03 -25.80 52.09
N SER A 394 59.14 -26.13 50.81
CA SER A 394 59.85 -27.32 50.39
C SER A 394 60.16 -27.15 48.92
N PRO A 395 61.02 -28.04 48.37
CA PRO A 395 61.03 -28.06 46.91
C PRO A 395 59.64 -28.44 46.41
N THR A 396 59.28 -27.98 45.21
CA THR A 396 58.00 -28.39 44.60
C THR A 396 58.08 -29.83 44.16
N THR A 397 59.28 -30.27 43.79
CA THR A 397 59.47 -31.57 43.15
C THR A 397 60.76 -32.14 43.66
N PRO A 398 60.87 -33.49 43.76
CA PRO A 398 62.10 -34.09 44.26
C PRO A 398 63.22 -34.15 43.23
N THR A 399 62.85 -33.92 41.97
CA THR A 399 63.81 -34.05 40.85
C THR A 399 63.62 -32.91 39.86
N LEU A 400 64.64 -32.72 39.01
CA LEU A 400 64.53 -31.91 37.82
C LEU A 400 63.63 -32.60 36.80
N PRO A 401 63.02 -31.82 35.87
CA PRO A 401 62.22 -32.39 34.79
C PRO A 401 62.86 -33.61 34.21
N PHE A 402 62.12 -34.70 34.18
CA PHE A 402 62.63 -35.99 33.68
C PHE A 402 62.31 -36.24 32.18
N LYS A 403 62.83 -37.34 31.65
CA LYS A 403 62.69 -37.62 30.23
C LYS A 403 61.43 -38.42 29.89
N PHE A 404 60.97 -38.26 28.65
CA PHE A 404 59.86 -39.05 28.16
C PHE A 404 60.17 -40.53 28.28
N GLY A 405 59.13 -41.30 28.57
CA GLY A 405 59.26 -42.75 28.75
C GLY A 405 59.90 -43.19 30.06
N GLU A 406 60.41 -42.23 30.83
CA GLU A 406 61.17 -42.54 32.01
C GLU A 406 60.29 -43.06 33.15
N ARG A 407 59.04 -42.66 33.16
CA ARG A 407 58.14 -43.00 34.25
C ARG A 407 56.84 -43.60 33.71
N LEU A 408 56.96 -44.33 32.60
CA LEU A 408 55.81 -45.01 31.97
C LEU A 408 55.91 -46.51 32.16
N GLU A 409 57.10 -47.01 32.49
CA GLU A 409 57.31 -48.44 32.70
C GLU A 409 56.44 -48.96 33.86
N ASN A 410 56.75 -48.54 35.10
CA ASN A 410 55.86 -48.75 36.26
C ASN A 410 55.03 -47.49 36.54
N PRO A 411 53.68 -47.60 36.50
CA PRO A 411 52.83 -46.44 36.79
C PRO A 411 53.16 -45.78 38.12
N ILE A 412 53.61 -46.57 39.09
CA ILE A 412 54.03 -46.08 40.39
C ILE A 412 55.13 -45.04 40.30
N GLU A 413 56.07 -45.25 39.39
CA GLU A 413 57.15 -44.28 39.22
C GLU A 413 56.60 -42.89 38.89
N MET A 414 55.46 -42.84 38.21
CA MET A 414 54.82 -41.57 37.87
C MET A 414 54.20 -40.92 39.11
N TYR A 415 53.65 -41.77 39.98
CA TYR A 415 52.98 -41.31 41.20
C TYR A 415 53.94 -40.58 42.13
N LEU A 416 55.17 -41.11 42.20
CA LEU A 416 56.21 -40.60 43.07
C LEU A 416 56.66 -39.17 42.71
N SER A 417 56.22 -38.65 41.56
CA SER A 417 56.46 -37.22 41.24
C SER A 417 55.74 -36.28 42.17
N ASP A 418 54.68 -36.78 42.83
CA ASP A 418 53.72 -35.96 43.55
C ASP A 418 53.96 -35.85 45.05
N ILE A 419 55.03 -36.54 45.53
CA ILE A 419 55.29 -36.68 46.97
C ILE A 419 55.28 -35.39 47.73
N LEU A 420 55.67 -34.29 47.08
CA LEU A 420 55.77 -33.01 47.79
C LEU A 420 54.58 -32.10 47.52
N THR A 421 53.71 -32.54 46.62
CA THR A 421 52.61 -31.71 46.17
C THR A 421 51.24 -32.09 46.71
N VAL A 422 51.01 -33.35 46.89
CA VAL A 422 49.71 -33.86 47.31
C VAL A 422 49.35 -33.37 48.71
N PRO A 423 50.27 -33.23 49.67
CA PRO A 423 49.79 -32.87 51.00
C PRO A 423 48.92 -31.63 50.99
N ALA A 424 49.24 -30.61 50.18
CA ALA A 424 48.43 -29.38 50.10
C ALA A 424 46.96 -29.59 49.73
N ASN A 425 46.74 -30.48 48.76
CA ASN A 425 45.39 -30.82 48.32
C ASN A 425 44.61 -31.63 49.38
N LEU A 426 45.31 -32.54 50.06
CA LEU A 426 44.69 -33.32 51.10
C LEU A 426 44.18 -32.40 52.18
N ALA A 427 44.98 -31.42 52.56
CA ALA A 427 44.62 -30.51 53.64
C ALA A 427 43.73 -29.35 53.17
N GLY A 428 43.57 -29.21 51.85
CA GLY A 428 42.73 -28.19 51.29
C GLY A 428 43.36 -26.81 51.30
N LEU A 429 44.69 -26.79 51.43
CA LEU A 429 45.44 -25.55 51.62
C LEU A 429 45.90 -24.92 50.32
N PRO A 430 46.07 -23.59 50.30
CA PRO A 430 46.63 -23.02 49.09
C PRO A 430 48.11 -23.36 49.03
N ALA A 431 48.67 -23.42 47.83
CA ALA A 431 50.10 -23.68 47.64
C ALA A 431 50.58 -23.05 46.33
N ILE A 432 51.80 -22.57 46.33
CA ILE A 432 52.34 -21.91 45.15
C ILE A 432 53.70 -22.53 44.79
N SER A 433 53.96 -22.68 43.50
CA SER A 433 55.29 -23.08 43.05
C SER A 433 55.92 -21.88 42.36
N ILE A 434 57.17 -21.61 42.74
CA ILE A 434 57.86 -20.38 42.44
C ILE A 434 59.22 -20.80 41.90
N PRO A 435 59.66 -20.19 40.77
CA PRO A 435 60.98 -20.54 40.19
C PRO A 435 62.11 -20.05 41.10
N ILE A 436 63.00 -20.95 41.51
CA ILE A 436 64.04 -20.57 42.48
C ILE A 436 65.50 -20.68 41.98
N ALA A 437 65.70 -21.48 40.92
CA ALA A 437 67.01 -21.63 40.28
C ALA A 437 66.86 -22.26 38.91
N TRP A 438 67.97 -22.30 38.17
CA TRP A 438 68.13 -23.11 36.98
C TRP A 438 69.34 -23.96 37.19
N LYS A 439 69.16 -25.26 37.11
CA LYS A 439 70.23 -26.17 37.44
C LYS A 439 70.41 -27.09 36.27
N ASP A 440 71.60 -27.02 35.65
CA ASP A 440 71.94 -27.83 34.46
C ASP A 440 70.98 -27.53 33.30
N GLY A 441 70.56 -26.26 33.25
CA GLY A 441 69.71 -25.72 32.18
C GLY A 441 68.21 -25.84 32.46
N LEU A 442 67.86 -26.43 33.61
CA LEU A 442 66.50 -26.83 33.89
C LEU A 442 65.92 -26.13 35.11
N PRO A 443 64.65 -25.66 35.02
CA PRO A 443 63.95 -24.96 36.08
C PRO A 443 63.89 -25.77 37.37
N VAL A 444 63.96 -25.09 38.51
CA VAL A 444 63.66 -25.70 39.81
C VAL A 444 62.65 -24.80 40.53
N GLY A 445 61.60 -25.43 41.05
CA GLY A 445 60.54 -24.72 41.75
C GLY A 445 60.64 -24.88 43.25
N GLY A 446 60.46 -23.76 43.96
CA GLY A 446 60.27 -23.76 45.40
C GLY A 446 58.80 -23.64 45.74
N GLN A 447 58.34 -24.43 46.71
CA GLN A 447 56.92 -24.48 47.08
C GLN A 447 56.66 -23.85 48.44
N LEU A 448 55.64 -23.01 48.51
CA LEU A 448 55.18 -22.49 49.78
C LEU A 448 53.73 -22.87 49.99
N ILE A 449 53.44 -23.49 51.13
CA ILE A 449 52.09 -23.92 51.47
C ILE A 449 51.62 -22.97 52.54
N GLY A 450 50.45 -22.38 52.33
CA GLY A 450 49.91 -21.38 53.26
C GLY A 450 48.70 -21.86 54.03
N LYS A 451 48.23 -21.03 54.96
CA LYS A 451 47.03 -21.29 55.75
C LYS A 451 45.81 -21.15 54.87
N HIS A 452 44.70 -21.75 55.31
CA HIS A 452 43.45 -21.63 54.60
C HIS A 452 43.12 -20.15 54.41
N TRP A 453 42.85 -19.79 53.16
CA TRP A 453 42.46 -18.43 52.78
C TRP A 453 43.59 -17.38 52.75
N ASP A 454 44.83 -17.83 52.97
CA ASP A 454 45.97 -16.91 53.00
C ASP A 454 46.80 -16.96 51.72
N GLU A 455 46.13 -16.84 50.59
CA GLU A 455 46.81 -16.74 49.31
C GLU A 455 47.69 -15.49 49.25
N THR A 456 47.24 -14.42 49.92
CA THR A 456 47.96 -13.15 50.05
C THR A 456 49.43 -13.36 50.40
N THR A 457 49.67 -14.02 51.52
CA THR A 457 51.02 -14.21 52.00
C THR A 457 51.86 -14.96 50.95
N LEU A 458 51.32 -16.08 50.45
CA LEU A 458 51.93 -16.84 49.37
C LEU A 458 52.32 -15.96 48.19
N LEU A 459 51.45 -15.03 47.85
CA LEU A 459 51.69 -14.12 46.73
C LEU A 459 52.74 -13.08 47.09
N GLN A 460 52.70 -12.60 48.33
CA GLN A 460 53.61 -11.56 48.75
C GLN A 460 55.04 -12.05 48.68
N ILE A 461 55.28 -13.24 49.23
CA ILE A 461 56.60 -13.82 49.25
C ILE A 461 57.06 -14.08 47.83
N SER A 462 56.12 -14.46 46.95
CA SER A 462 56.46 -14.71 45.56
C SER A 462 56.91 -13.40 44.87
N TYR A 463 56.23 -12.29 45.21
CA TYR A 463 56.58 -10.96 44.73
C TYR A 463 57.94 -10.46 45.22
N LEU A 464 58.22 -10.68 46.50
CA LEU A 464 59.53 -10.34 47.03
C LEU A 464 60.62 -11.20 46.38
N TRP A 465 60.36 -12.48 46.16
CA TRP A 465 61.36 -13.37 45.58
C TRP A 465 61.71 -13.03 44.15
N GLU A 466 60.73 -12.56 43.37
CA GLU A 466 61.00 -12.24 41.97
C GLU A 466 61.84 -10.95 41.81
N GLN A 467 61.74 -10.06 42.81
CA GLN A 467 62.57 -8.86 42.83
C GLN A 467 64.03 -9.24 43.04
N LYS A 468 64.28 -10.22 43.90
CA LYS A 468 65.64 -10.68 44.12
C LYS A 468 66.07 -11.53 42.92
N PHE A 469 65.12 -12.29 42.40
CA PHE A 469 65.43 -13.26 41.36
C PHE A 469 64.44 -13.19 40.20
N LYS A 470 64.89 -12.56 39.13
CA LYS A 470 64.01 -12.17 38.03
C LYS A 470 63.85 -13.30 37.00
N HIS A 471 63.12 -14.35 37.39
CA HIS A 471 62.91 -15.54 36.54
C HIS A 471 62.08 -15.25 35.32
N TYR A 472 61.36 -14.13 35.34
CA TYR A 472 60.49 -13.76 34.24
C TYR A 472 61.28 -13.31 33.02
N GLU A 473 62.59 -13.13 33.20
CA GLU A 473 63.45 -12.65 32.12
C GLU A 473 64.08 -13.81 31.37
N LYS A 474 64.03 -15.01 31.97
CA LYS A 474 64.49 -16.22 31.31
C LYS A 474 63.43 -16.76 30.34
N ILE A 475 63.78 -16.75 29.05
CA ILE A 475 62.83 -17.17 28.02
C ILE A 475 63.52 -18.08 26.99
N PRO A 476 62.82 -19.13 26.59
CA PRO A 476 63.39 -20.48 26.56
C PRO A 476 63.89 -20.86 25.17
N LEU A 477 63.34 -20.23 24.15
CA LEU A 477 63.20 -20.87 22.84
C LEU A 477 63.16 -19.83 21.73
N THR A 478 64.34 -19.35 21.32
CA THR A 478 64.81 -18.03 21.71
C THR A 478 63.67 -17.20 22.30
N GLU B 3 -5.46 -70.96 59.07
CA GLU B 3 -4.26 -71.24 58.23
C GLU B 3 -3.06 -71.59 59.11
N LYS B 4 -2.13 -72.37 58.54
CA LYS B 4 -0.91 -72.80 59.24
C LYS B 4 0.20 -71.74 59.18
N TYR B 5 0.13 -70.86 58.17
CA TYR B 5 1.18 -69.88 57.90
C TYR B 5 0.80 -68.46 58.29
N GLU B 6 1.63 -67.52 57.85
CA GLU B 6 1.48 -66.10 58.12
C GLU B 6 2.24 -65.35 57.03
N ALA B 7 1.69 -64.24 56.57
CA ALA B 7 2.35 -63.48 55.54
C ALA B 7 3.04 -62.30 56.18
N VAL B 8 4.33 -62.14 55.89
CA VAL B 8 5.12 -61.02 56.39
C VAL B 8 5.42 -60.10 55.22
N ILE B 9 4.84 -58.91 55.23
CA ILE B 9 4.99 -57.97 54.15
C ILE B 9 5.75 -56.73 54.60
N GLY B 10 6.72 -56.33 53.80
CA GLY B 10 7.40 -55.04 53.92
C GLY B 10 7.35 -54.32 52.57
N LEU B 11 7.27 -52.98 52.59
CA LEU B 11 7.11 -52.21 51.35
C LEU B 11 8.17 -51.14 51.20
N GLU B 12 8.53 -50.82 49.94
CA GLU B 12 9.51 -49.78 49.62
C GLU B 12 8.89 -48.76 48.66
N ILE B 13 8.56 -47.61 49.22
CA ILE B 13 7.81 -46.60 48.51
C ILE B 13 8.76 -45.50 48.10
N HIS B 14 8.64 -45.03 46.87
CA HIS B 14 9.32 -43.81 46.45
C HIS B 14 8.23 -42.77 46.18
N VAL B 15 8.19 -41.71 46.97
CA VAL B 15 7.19 -40.65 46.83
C VAL B 15 7.81 -39.45 46.16
N GLN B 16 7.15 -38.95 45.13
CA GLN B 16 7.65 -37.78 44.43
C GLN B 16 7.18 -36.49 45.05
N MET B 17 8.12 -35.66 45.46
CA MET B 17 7.80 -34.43 46.13
C MET B 17 7.33 -33.33 45.19
N ASP B 18 6.29 -32.65 45.62
CA ASP B 18 5.58 -31.63 44.83
C ASP B 18 6.25 -30.25 44.93
N THR B 19 7.52 -30.19 44.54
CA THR B 19 8.20 -28.92 44.44
C THR B 19 8.04 -28.40 43.00
N LYS B 20 8.44 -27.15 42.78
CA LYS B 20 8.42 -26.57 41.44
C LYS B 20 9.66 -27.01 40.69
N THR B 21 10.75 -27.17 41.44
CA THR B 21 12.11 -27.25 40.92
C THR B 21 12.68 -28.67 41.19
N LYS B 22 13.65 -29.12 40.41
CA LYS B 22 14.22 -30.47 40.66
C LYS B 22 15.05 -30.46 41.96
N MET B 23 15.59 -31.64 42.32
CA MET B 23 16.34 -31.80 43.60
C MET B 23 17.70 -31.07 43.65
N PHE B 24 18.41 -31.06 42.52
CA PHE B 24 19.79 -30.53 42.49
C PHE B 24 20.07 -29.46 41.44
N CYS B 25 19.00 -28.88 40.88
CA CYS B 25 19.07 -27.81 39.85
C CYS B 25 17.71 -27.17 39.68
N GLY B 26 17.69 -26.03 39.01
CA GLY B 26 16.48 -25.23 38.86
C GLY B 26 15.50 -25.59 37.74
N CYS B 27 15.72 -26.72 37.08
CA CYS B 27 14.75 -27.22 36.10
C CYS B 27 13.41 -27.54 36.75
N LYS B 28 12.36 -27.41 35.95
CA LYS B 28 11.01 -27.56 36.44
C LYS B 28 10.64 -29.03 36.56
N VAL B 29 9.85 -29.34 37.58
CA VAL B 29 9.16 -30.62 37.64
C VAL B 29 7.69 -30.49 37.24
N GLU B 30 7.32 -31.14 36.14
CA GLU B 30 5.96 -31.07 35.64
C GLU B 30 5.66 -32.25 34.70
N PHE B 31 4.44 -32.78 34.80
CA PHE B 31 4.02 -33.90 33.97
C PHE B 31 3.51 -33.42 32.62
N GLY B 32 3.34 -34.36 31.69
CA GLY B 32 3.38 -34.04 30.28
C GLY B 32 4.73 -34.35 29.66
N ALA B 33 5.41 -33.30 29.19
CA ALA B 33 5.68 -33.14 27.77
C ALA B 33 7.11 -32.66 27.53
N GLU B 34 7.31 -31.91 26.46
CA GLU B 34 8.24 -32.30 25.41
C GLU B 34 9.49 -32.95 25.99
N PRO B 35 9.78 -34.17 25.55
CA PRO B 35 10.93 -34.91 26.06
C PRO B 35 12.21 -34.10 25.98
N ASN B 36 13.08 -34.26 26.97
CA ASN B 36 14.30 -33.45 27.08
C ASN B 36 14.00 -31.96 26.94
N THR B 37 13.07 -31.48 27.76
CA THR B 37 12.65 -30.08 27.68
C THR B 37 13.10 -29.31 28.92
N ASN B 38 12.73 -29.82 30.10
CA ASN B 38 13.18 -29.24 31.36
C ASN B 38 14.46 -29.87 31.87
N VAL B 39 15.59 -29.35 31.41
CA VAL B 39 16.83 -30.12 31.37
C VAL B 39 18.05 -29.22 31.56
N CYS B 40 19.20 -29.84 31.81
CA CYS B 40 20.34 -29.14 32.38
C CYS B 40 21.63 -29.94 32.20
N PRO B 41 22.75 -29.22 32.08
CA PRO B 41 24.07 -29.80 32.33
C PRO B 41 24.09 -30.60 33.63
N VAL B 42 23.34 -30.16 34.62
CA VAL B 42 23.40 -30.74 35.95
C VAL B 42 22.61 -32.04 36.02
N CYS B 43 21.32 -31.97 35.71
CA CYS B 43 20.48 -33.14 35.71
C CYS B 43 20.70 -34.00 34.48
N LEU B 44 21.37 -33.43 33.49
CA LEU B 44 21.79 -34.22 32.33
C LEU B 44 23.07 -34.97 32.63
N GLY B 45 23.61 -34.79 33.83
CA GLY B 45 24.89 -35.37 34.21
C GLY B 45 25.88 -35.13 33.09
N MET B 46 26.05 -33.86 32.76
CA MET B 46 27.10 -33.45 31.84
C MET B 46 28.42 -33.22 32.57
N PRO B 47 29.55 -33.28 31.84
CA PRO B 47 30.84 -33.09 32.44
C PRO B 47 30.95 -31.71 33.07
N GLY B 48 31.41 -31.65 34.32
CA GLY B 48 31.67 -30.39 34.99
C GLY B 48 30.50 -29.80 35.73
N ALA B 49 29.37 -30.51 35.73
CA ALA B 49 28.14 -30.01 36.34
C ALA B 49 27.95 -30.39 37.83
N LEU B 50 27.59 -29.41 38.65
CA LEU B 50 27.53 -29.60 40.09
C LEU B 50 26.08 -29.53 40.58
N PRO B 51 25.80 -30.26 41.66
CA PRO B 51 24.46 -30.29 42.24
C PRO B 51 24.27 -29.23 43.32
N ILE B 52 23.06 -28.71 43.46
CA ILE B 52 22.74 -27.77 44.52
C ILE B 52 21.40 -28.10 45.16
N VAL B 53 21.38 -28.18 46.49
CA VAL B 53 20.27 -28.77 47.22
C VAL B 53 19.05 -27.85 47.21
N ASN B 54 17.90 -28.40 46.80
CA ASN B 54 16.64 -27.66 46.87
C ASN B 54 16.14 -27.54 48.31
N LYS B 55 16.01 -26.31 48.80
CA LYS B 55 15.53 -26.05 50.16
C LYS B 55 14.12 -26.57 50.44
N ARG B 56 13.18 -26.36 49.51
CA ARG B 56 11.81 -26.82 49.73
C ARG B 56 11.76 -28.32 49.85
N ALA B 57 12.50 -29.01 49.00
CA ALA B 57 12.53 -30.48 49.00
C ALA B 57 12.89 -30.96 50.38
N VAL B 58 13.95 -30.38 50.93
CA VAL B 58 14.33 -30.66 52.29
C VAL B 58 13.19 -30.36 53.27
N GLU B 59 12.61 -29.17 53.19
CA GLU B 59 11.53 -28.77 54.08
C GLU B 59 10.33 -29.71 53.97
N TYR B 60 9.94 -30.06 52.76
CA TYR B 60 8.94 -31.12 52.56
C TYR B 60 9.35 -32.52 53.05
N ALA B 61 10.65 -32.82 53.03
CA ALA B 61 11.12 -34.12 53.46
C ALA B 61 11.11 -34.23 54.98
N ILE B 62 11.21 -33.08 55.64
CA ILE B 62 11.16 -33.01 57.08
C ILE B 62 9.70 -33.04 57.51
N ARG B 63 8.88 -32.18 56.92
CA ARG B 63 7.44 -32.24 57.14
C ARG B 63 6.93 -33.68 57.01
N ALA B 64 7.35 -34.40 55.97
CA ALA B 64 6.85 -35.77 55.79
C ALA B 64 7.31 -36.78 56.87
N SER B 65 8.60 -36.72 57.23
CA SER B 65 9.17 -37.54 58.29
C SER B 65 8.39 -37.39 59.60
N LEU B 66 8.16 -36.13 60.00
CA LEU B 66 7.45 -35.77 61.22
C LEU B 66 6.05 -36.32 61.14
N ALA B 67 5.34 -35.99 60.05
CA ALA B 67 4.02 -36.52 59.75
C ALA B 67 4.02 -38.04 59.86
N LEU B 68 5.18 -38.68 59.75
CA LEU B 68 5.24 -40.14 59.93
C LEU B 68 5.85 -40.58 61.27
N ASN B 69 5.93 -39.66 62.22
CA ASN B 69 6.41 -39.95 63.60
C ASN B 69 7.86 -40.43 63.69
N CYS B 70 8.64 -40.06 62.67
CA CYS B 70 10.02 -40.39 62.57
C CYS B 70 10.83 -39.43 63.38
N GLU B 71 11.89 -39.95 63.97
CA GLU B 71 12.98 -39.15 64.45
C GLU B 71 13.67 -38.51 63.24
N VAL B 72 13.73 -37.18 63.20
CA VAL B 72 14.46 -36.47 62.15
C VAL B 72 15.87 -36.14 62.63
N HIS B 73 16.87 -36.74 61.99
CA HIS B 73 18.27 -36.48 62.33
C HIS B 73 18.84 -35.14 61.87
N GLU B 74 19.49 -34.48 62.82
CA GLU B 74 20.02 -33.17 62.59
C GLU B 74 21.16 -33.20 61.53
N GLU B 75 21.94 -34.28 61.50
CA GLU B 75 22.89 -34.44 60.41
C GLU B 75 22.54 -35.64 59.51
N SER B 76 22.43 -35.40 58.21
CA SER B 76 22.31 -36.52 57.28
C SER B 76 23.18 -36.22 56.08
N VAL B 77 23.52 -37.26 55.33
CA VAL B 77 24.53 -37.14 54.28
C VAL B 77 24.05 -37.78 52.96
N PHE B 78 24.14 -37.02 51.87
CA PHE B 78 23.92 -37.59 50.52
C PHE B 78 25.07 -38.49 50.08
N ALA B 79 24.73 -39.70 49.65
CA ALA B 79 25.73 -40.67 49.18
C ALA B 79 25.56 -40.87 47.69
N ARG B 80 26.62 -41.23 46.99
CA ARG B 80 26.45 -41.61 45.60
C ARG B 80 26.09 -43.09 45.48
N LYS B 81 25.09 -43.40 44.67
CA LYS B 81 24.70 -44.79 44.45
C LYS B 81 24.88 -45.24 43.00
N HIS B 82 25.92 -46.04 42.76
CA HIS B 82 26.41 -46.28 41.42
C HIS B 82 25.73 -47.44 40.68
N TYR B 83 25.29 -47.20 39.44
CA TYR B 83 24.91 -48.28 38.53
C TYR B 83 24.71 -47.69 37.15
N PHE B 84 24.92 -48.49 36.12
CA PHE B 84 24.85 -47.99 34.75
C PHE B 84 23.51 -48.35 34.18
N TYR B 85 22.78 -47.33 33.71
CA TYR B 85 21.48 -47.50 33.07
C TYR B 85 21.10 -46.18 32.42
N PRO B 86 20.64 -46.22 31.15
CA PRO B 86 20.30 -45.13 30.23
C PRO B 86 19.50 -43.99 30.81
N ASP B 87 18.63 -44.28 31.77
CA ASP B 87 17.83 -43.22 32.40
C ASP B 87 18.52 -42.56 33.62
N LEU B 88 19.77 -42.97 33.88
CA LEU B 88 20.60 -42.44 34.96
C LEU B 88 21.84 -41.76 34.40
N PRO B 89 21.77 -40.43 34.27
CA PRO B 89 22.67 -39.56 33.54
C PRO B 89 24.09 -39.52 34.12
N LYS B 90 24.23 -39.63 35.44
CA LYS B 90 25.56 -39.51 36.09
C LYS B 90 26.34 -40.82 36.26
N GLY B 91 25.64 -41.95 36.24
CA GLY B 91 26.25 -43.23 36.51
C GLY B 91 25.98 -43.51 37.96
N TYR B 92 25.44 -42.50 38.64
CA TYR B 92 25.06 -42.69 40.01
C TYR B 92 23.82 -41.91 40.32
N GLN B 93 23.10 -42.36 41.34
CA GLN B 93 21.97 -41.67 41.89
C GLN B 93 22.39 -41.16 43.26
N ILE B 94 22.17 -39.86 43.48
CA ILE B 94 22.42 -39.22 44.77
C ILE B 94 21.27 -39.53 45.70
N SER B 95 21.48 -40.41 46.69
CA SER B 95 20.48 -40.59 47.75
C SER B 95 21.11 -40.49 49.12
N GLN B 96 20.66 -41.34 50.03
CA GLN B 96 21.22 -41.40 51.36
C GLN B 96 21.34 -42.86 51.79
N TYR B 97 22.37 -43.17 52.55
CA TYR B 97 22.67 -44.56 52.87
C TYR B 97 22.72 -44.81 54.39
N GLU B 98 23.89 -45.01 55.00
CA GLU B 98 23.95 -44.82 56.45
C GLU B 98 23.68 -43.33 56.56
N LYS B 99 23.30 -42.83 57.73
CA LYS B 99 22.95 -41.38 57.85
C LYS B 99 21.83 -40.81 56.91
N PRO B 100 20.62 -41.43 56.94
CA PRO B 100 19.42 -40.87 56.28
C PRO B 100 18.73 -39.79 57.13
N LEU B 101 17.80 -39.06 56.52
CA LEU B 101 17.17 -37.94 57.20
C LEU B 101 16.34 -38.36 58.42
N ALA B 102 15.56 -39.40 58.28
CA ALA B 102 14.59 -39.77 59.31
C ALA B 102 14.46 -41.26 59.50
N THR B 103 14.05 -41.63 60.69
CA THR B 103 14.21 -42.98 61.12
C THR B 103 13.23 -43.19 62.25
N ASN B 104 12.92 -44.46 62.54
CA ASN B 104 12.09 -44.85 63.68
C ASN B 104 10.74 -44.17 63.73
N GLY B 105 9.96 -44.31 62.66
CA GLY B 105 8.61 -43.75 62.64
C GLY B 105 7.54 -44.82 62.60
N TRP B 106 6.29 -44.37 62.44
CA TRP B 106 5.18 -45.28 62.33
C TRP B 106 3.94 -44.69 61.71
N VAL B 107 3.15 -45.56 61.07
CA VAL B 107 1.86 -45.23 60.55
C VAL B 107 0.83 -46.13 61.21
N GLU B 108 -0.34 -45.58 61.52
CA GLU B 108 -1.42 -46.34 62.13
C GLU B 108 -2.51 -46.70 61.13
N LEU B 109 -2.90 -47.96 61.14
CA LEU B 109 -3.92 -48.46 60.24
C LEU B 109 -5.27 -48.66 60.94
N ASN B 110 -6.35 -48.35 60.21
CA ASN B 110 -7.66 -48.71 60.68
C ASN B 110 -8.21 -49.82 59.79
N LEU B 111 -8.38 -50.98 60.42
CA LEU B 111 -8.75 -52.24 59.77
C LEU B 111 -10.28 -52.46 59.79
N PRO B 112 -10.81 -53.12 58.77
CA PRO B 112 -12.22 -53.50 58.76
C PRO B 112 -12.68 -54.03 60.12
N ASN B 113 -11.93 -54.96 60.68
CA ASN B 113 -11.83 -55.11 62.13
C ASN B 113 -10.85 -56.20 62.54
N GLY B 114 -9.59 -55.84 62.69
CA GLY B 114 -8.90 -55.99 63.96
C GLY B 114 -8.89 -54.71 64.78
N GLU B 115 -9.72 -53.75 64.37
CA GLU B 115 -9.46 -52.34 64.65
C GLU B 115 -8.06 -51.95 64.21
N LYS B 116 -7.20 -51.66 65.18
CA LYS B 116 -6.13 -50.68 65.00
C LYS B 116 -4.76 -51.33 65.06
N LYS B 117 -3.91 -51.01 64.09
CA LYS B 117 -2.62 -51.71 63.92
C LYS B 117 -1.49 -50.72 63.63
N LYS B 118 -0.24 -51.09 63.90
CA LYS B 118 0.88 -50.22 63.49
C LYS B 118 1.84 -50.85 62.51
N VAL B 119 2.14 -50.10 61.45
CA VAL B 119 3.27 -50.36 60.58
C VAL B 119 4.36 -49.31 60.81
N ARG B 120 5.58 -49.79 61.12
CA ARG B 120 6.74 -48.95 61.34
C ARG B 120 7.40 -48.48 60.06
N ILE B 121 7.84 -47.23 60.09
CA ILE B 121 8.70 -46.70 59.04
C ILE B 121 10.15 -46.87 59.46
N ARG B 122 10.85 -47.73 58.72
CA ARG B 122 12.28 -48.03 58.94
C ARG B 122 13.12 -46.77 58.71
N ARG B 123 12.88 -46.08 57.57
CA ARG B 123 13.58 -44.84 57.22
C ARG B 123 12.79 -44.01 56.23
N LEU B 124 13.02 -42.71 56.26
CA LEU B 124 12.66 -41.88 55.15
C LEU B 124 13.93 -41.17 54.70
N HIS B 125 14.44 -41.52 53.52
CA HIS B 125 15.57 -40.74 52.95
C HIS B 125 15.26 -39.85 51.72
N ILE B 126 16.05 -38.80 51.49
CA ILE B 126 15.90 -37.97 50.30
C ILE B 126 16.74 -38.50 49.14
N GLU B 127 16.15 -38.67 47.96
CA GLU B 127 16.95 -38.97 46.78
C GLU B 127 16.40 -38.31 45.53
N GLU B 128 17.18 -38.40 44.45
CA GLU B 128 16.77 -37.90 43.15
C GLU B 128 16.28 -39.05 42.24
N ASP B 129 15.39 -38.69 41.32
CA ASP B 129 14.77 -39.63 40.39
C ASP B 129 15.63 -39.87 39.15
N ALA B 130 15.38 -41.00 38.50
CA ALA B 130 15.97 -41.29 37.20
C ALA B 130 15.06 -40.73 36.11
N GLY B 131 15.50 -40.75 34.86
CA GLY B 131 14.59 -40.43 33.75
C GLY B 131 13.66 -41.60 33.40
N LYS B 132 12.92 -41.45 32.30
CA LYS B 132 12.12 -42.53 31.79
C LYS B 132 12.65 -43.05 30.45
N ASN B 133 12.44 -44.34 30.21
CA ASN B 133 12.70 -44.95 28.91
C ASN B 133 11.39 -45.34 28.22
N ILE B 134 11.42 -45.26 26.89
CA ILE B 134 10.36 -45.75 26.01
C ILE B 134 11.02 -46.71 25.03
N HIS B 135 10.51 -47.93 24.91
CA HIS B 135 11.05 -48.86 23.92
C HIS B 135 10.31 -48.73 22.62
N GLU B 136 11.05 -48.74 21.52
CA GLU B 136 10.49 -48.54 20.19
C GLU B 136 11.36 -49.19 19.13
N GLY B 137 11.05 -50.45 18.78
CA GLY B 137 11.85 -51.20 17.81
C GLY B 137 13.07 -51.79 18.50
N ASP B 138 14.21 -51.83 17.81
CA ASP B 138 15.44 -52.39 18.39
C ASP B 138 16.18 -51.39 19.32
N LYS B 139 15.48 -50.30 19.67
CA LYS B 139 16.09 -49.18 20.39
C LYS B 139 15.29 -48.78 21.64
N THR B 140 15.92 -48.07 22.59
CA THR B 140 15.19 -47.42 23.69
C THR B 140 15.35 -45.90 23.61
N LEU B 141 14.26 -45.15 23.75
CA LEU B 141 14.35 -43.67 23.75
C LEU B 141 14.28 -43.11 25.15
N VAL B 142 15.19 -42.18 25.47
CA VAL B 142 15.38 -41.71 26.83
C VAL B 142 14.94 -40.27 27.07
N ASP B 143 13.89 -40.08 27.86
CA ASP B 143 13.54 -38.74 28.34
C ASP B 143 14.07 -38.47 29.75
N LEU B 144 15.10 -37.63 29.85
CA LEU B 144 15.62 -37.21 31.13
C LEU B 144 14.93 -35.97 31.70
N ASN B 145 13.65 -35.81 31.42
CA ASN B 145 12.90 -34.72 32.03
C ASN B 145 12.74 -35.00 33.52
N ARG B 146 12.47 -36.26 33.85
CA ARG B 146 12.10 -36.64 35.20
C ARG B 146 13.33 -36.94 36.05
N ALA B 147 14.44 -37.24 35.37
CA ALA B 147 15.73 -37.30 36.04
C ALA B 147 15.94 -36.13 36.99
N GLY B 148 16.27 -36.44 38.24
CA GLY B 148 16.67 -35.42 39.20
C GLY B 148 15.51 -34.88 40.00
N THR B 149 14.34 -35.47 39.81
CA THR B 149 13.14 -35.03 40.50
C THR B 149 13.27 -35.41 41.98
N PRO B 150 12.79 -34.55 42.91
CA PRO B 150 12.96 -34.98 44.29
C PRO B 150 12.03 -36.11 44.66
N LEU B 151 12.57 -37.10 45.35
CA LEU B 151 11.83 -38.24 45.88
C LEU B 151 12.13 -38.45 47.36
N MET B 152 11.13 -38.87 48.14
CA MET B 152 11.39 -39.42 49.45
C MET B 152 11.36 -40.93 49.28
N GLU B 153 12.44 -41.62 49.58
CA GLU B 153 12.30 -43.05 49.65
C GLU B 153 11.84 -43.37 51.07
N ILE B 154 10.80 -44.19 51.19
CA ILE B 154 10.21 -44.60 52.47
C ILE B 154 10.22 -46.13 52.61
N VAL B 155 10.81 -46.63 53.69
CA VAL B 155 10.90 -48.05 53.81
C VAL B 155 10.22 -48.53 55.09
N THR B 156 9.41 -49.54 54.95
CA THR B 156 8.58 -50.05 56.00
C THR B 156 9.33 -51.17 56.71
N GLU B 157 9.01 -51.44 57.97
CA GLU B 157 9.44 -52.72 58.56
C GLU B 157 8.47 -53.80 58.10
N PRO B 158 8.91 -55.09 58.12
CA PRO B 158 8.06 -56.20 57.70
C PRO B 158 6.87 -56.40 58.65
N ASP B 159 6.05 -55.37 58.76
CA ASP B 159 5.03 -55.34 59.80
C ASP B 159 3.65 -55.72 59.27
N ILE B 160 3.49 -55.57 57.95
CA ILE B 160 2.24 -55.85 57.26
C ILE B 160 2.01 -57.37 57.17
N ARG B 161 0.74 -57.77 57.30
CA ARG B 161 0.38 -59.18 57.50
C ARG B 161 -0.60 -59.75 56.47
N THR B 162 -1.11 -58.90 55.58
CA THR B 162 -2.31 -59.19 54.81
C THR B 162 -2.32 -58.40 53.51
N PRO B 163 -2.82 -58.97 52.40
CA PRO B 163 -2.88 -58.17 51.20
C PRO B 163 -3.60 -56.85 51.43
N GLU B 164 -4.72 -56.91 52.13
CA GLU B 164 -5.55 -55.75 52.37
C GLU B 164 -4.82 -54.68 53.19
N GLU B 165 -4.12 -55.11 54.24
CA GLU B 165 -3.34 -54.21 55.07
C GLU B 165 -2.31 -53.52 54.22
N ALA B 166 -1.77 -54.25 53.26
CA ALA B 166 -0.78 -53.66 52.38
C ALA B 166 -1.41 -52.48 51.67
N ARG B 167 -2.68 -52.63 51.28
CA ARG B 167 -3.38 -51.60 50.51
C ARG B 167 -3.80 -50.48 51.43
N LEU B 168 -4.39 -50.86 52.56
CA LEU B 168 -4.74 -49.90 53.58
C LEU B 168 -3.54 -49.06 53.99
N PHE B 169 -2.35 -49.66 54.03
CA PHE B 169 -1.16 -48.90 54.33
C PHE B 169 -0.91 -47.80 53.29
N LEU B 170 -0.83 -48.22 52.04
CA LEU B 170 -0.49 -47.31 50.97
C LEU B 170 -1.48 -46.15 50.88
N GLU B 171 -2.76 -46.48 51.06
CA GLU B 171 -3.85 -45.50 51.07
C GLU B 171 -3.62 -44.47 52.16
N LYS B 172 -3.27 -44.92 53.37
CA LYS B 172 -3.07 -44.00 54.49
C LYS B 172 -1.82 -43.14 54.28
N LEU B 173 -0.76 -43.77 53.80
CA LEU B 173 0.45 -43.04 53.50
C LEU B 173 0.14 -41.93 52.52
N ARG B 174 -0.55 -42.29 51.45
CA ARG B 174 -0.97 -41.32 50.47
C ARG B 174 -1.71 -40.14 51.09
N ASN B 175 -2.64 -40.44 52.00
CA ASN B 175 -3.52 -39.44 52.57
C ASN B 175 -2.74 -38.49 53.46
N ILE B 176 -1.73 -39.01 54.17
CA ILE B 176 -0.90 -38.12 54.99
C ILE B 176 -0.11 -37.16 54.09
N MET B 177 0.52 -37.72 53.07
CA MET B 177 1.30 -36.95 52.13
C MET B 177 0.48 -35.81 51.57
N ARG B 178 -0.69 -36.17 51.06
CA ARG B 178 -1.65 -35.19 50.56
C ARG B 178 -2.02 -34.19 51.64
N TYR B 179 -2.31 -34.68 52.85
CA TYR B 179 -2.69 -33.80 53.95
C TYR B 179 -1.58 -32.84 54.37
N ALA B 180 -0.36 -33.36 54.50
CA ALA B 180 0.80 -32.51 54.79
C ALA B 180 1.08 -31.62 53.60
N GLY B 181 0.68 -32.08 52.43
CA GLY B 181 0.76 -31.29 51.21
C GLY B 181 2.15 -31.33 50.63
N VAL B 182 2.78 -32.51 50.64
CA VAL B 182 4.16 -32.62 50.19
C VAL B 182 4.27 -33.32 48.86
N SER B 183 3.24 -34.09 48.51
CA SER B 183 3.18 -34.77 47.22
C SER B 183 1.74 -35.03 46.85
N LYS B 184 1.44 -35.04 45.55
CA LYS B 184 0.10 -35.42 45.10
C LYS B 184 -0.12 -36.92 45.26
N ALA B 185 0.96 -37.69 45.13
CA ALA B 185 1.05 -39.10 45.52
C ALA B 185 0.04 -40.09 44.90
N ASP B 186 -0.41 -39.77 43.68
CA ASP B 186 -1.27 -40.68 42.93
C ASP B 186 -0.38 -41.58 42.04
N MET B 187 -0.48 -42.91 42.25
CA MET B 187 0.26 -43.92 41.44
C MET B 187 0.00 -43.76 39.95
N GLU B 188 -1.16 -43.21 39.60
CA GLU B 188 -1.51 -42.99 38.20
C GLU B 188 -0.51 -42.08 37.51
N LYS B 189 -0.10 -41.03 38.21
CA LYS B 189 0.66 -39.95 37.58
C LYS B 189 2.17 -40.18 37.71
N GLY B 190 2.53 -41.23 38.44
CA GLY B 190 3.92 -41.62 38.58
C GLY B 190 4.59 -40.99 39.79
N GLN B 191 3.77 -40.55 40.74
CA GLN B 191 4.28 -39.81 41.89
C GLN B 191 4.37 -40.70 43.13
N LEU B 192 3.89 -41.93 43.00
CA LEU B 192 4.11 -42.95 44.02
C LEU B 192 4.39 -44.31 43.38
N ARG B 193 5.60 -44.81 43.61
CA ARG B 193 5.97 -46.15 43.17
C ARG B 193 5.97 -47.02 44.42
N CYS B 194 5.72 -48.32 44.28
CA CYS B 194 5.86 -49.22 45.40
C CYS B 194 6.40 -50.62 45.04
N ASP B 195 7.41 -51.06 45.78
CA ASP B 195 8.03 -52.34 45.55
C ASP B 195 7.69 -53.24 46.71
N ILE B 196 7.33 -54.49 46.43
CA ILE B 196 6.78 -55.35 47.47
C ILE B 196 7.73 -56.48 47.86
N ASN B 197 7.85 -56.72 49.17
CA ASN B 197 8.64 -57.82 49.68
C ASN B 197 7.73 -58.71 50.49
N VAL B 198 7.79 -60.02 50.23
CA VAL B 198 6.88 -60.97 50.85
C VAL B 198 7.60 -62.26 51.21
N SER B 199 7.48 -62.67 52.47
CA SER B 199 7.78 -64.05 52.86
C SER B 199 6.61 -64.67 53.61
N ILE B 200 6.70 -65.98 53.86
CA ILE B 200 5.81 -66.64 54.80
C ILE B 200 6.58 -67.28 55.94
N ARG B 201 5.99 -67.25 57.14
CA ARG B 201 6.36 -68.18 58.20
C ARG B 201 5.24 -69.19 58.45
N PRO B 202 5.48 -70.10 59.39
CA PRO B 202 4.39 -70.74 60.14
C PRO B 202 4.00 -69.92 61.37
N LYS B 203 2.75 -70.02 61.78
CA LYS B 203 2.13 -69.01 62.63
C LYS B 203 2.84 -68.92 63.97
N GLY B 204 2.99 -67.69 64.47
CA GLY B 204 3.61 -67.46 65.79
C GLY B 204 5.11 -67.68 65.91
N SER B 205 5.78 -68.09 64.83
CA SER B 205 7.24 -68.26 64.85
C SER B 205 7.93 -66.91 64.65
N LYS B 206 9.11 -66.76 65.24
CA LYS B 206 9.70 -65.45 65.44
C LYS B 206 10.85 -65.20 64.46
N GLU B 207 11.18 -66.23 63.69
CA GLU B 207 12.18 -66.09 62.62
C GLU B 207 11.51 -65.90 61.27
N PHE B 208 12.26 -65.37 60.31
CA PHE B 208 11.69 -64.86 59.07
C PHE B 208 11.86 -65.88 57.94
N GLY B 209 10.94 -65.82 56.97
CA GLY B 209 11.02 -66.69 55.80
C GLY B 209 11.76 -66.05 54.64
N THR B 210 12.11 -66.88 53.65
CA THR B 210 12.76 -66.42 52.43
C THR B 210 11.93 -65.36 51.73
N ARG B 211 12.57 -64.28 51.30
CA ARG B 211 11.87 -63.11 50.77
C ARG B 211 11.84 -63.04 49.25
N VAL B 212 10.63 -62.84 48.70
CA VAL B 212 10.44 -62.55 47.27
C VAL B 212 10.09 -61.08 47.12
N GLU B 213 10.61 -60.48 46.06
CA GLU B 213 10.42 -59.07 45.78
C GLU B 213 9.53 -58.98 44.56
N ILE B 214 8.46 -58.18 44.62
CA ILE B 214 7.64 -57.96 43.44
C ILE B 214 7.71 -56.48 43.02
N LYS B 215 8.37 -56.23 41.89
CA LYS B 215 8.66 -54.87 41.47
C LYS B 215 7.59 -54.34 40.51
N ASN B 216 7.42 -53.02 40.49
CA ASN B 216 6.63 -52.37 39.46
C ASN B 216 5.22 -52.94 39.37
N VAL B 217 4.51 -52.96 40.49
CA VAL B 217 3.05 -52.94 40.48
C VAL B 217 2.52 -51.52 40.60
N ASN B 218 1.46 -51.23 39.84
CA ASN B 218 1.12 -49.83 39.48
C ASN B 218 -0.11 -49.17 40.10
N SER B 219 -0.89 -49.93 40.89
CA SER B 219 -2.07 -49.39 41.60
C SER B 219 -2.18 -50.10 42.93
N PHE B 220 -2.92 -49.47 43.85
CA PHE B 220 -3.10 -50.04 45.17
C PHE B 220 -3.81 -51.37 45.05
N ARG B 221 -4.82 -51.42 44.17
CA ARG B 221 -5.54 -52.67 43.87
C ARG B 221 -4.61 -53.79 43.40
N PHE B 222 -3.69 -53.43 42.51
CA PHE B 222 -2.76 -54.41 41.96
C PHE B 222 -1.82 -54.99 43.02
N VAL B 223 -1.38 -54.16 43.97
CA VAL B 223 -0.52 -54.67 45.04
C VAL B 223 -1.25 -55.71 45.88
N GLN B 224 -2.51 -55.44 46.18
CA GLN B 224 -3.33 -56.36 46.94
C GLN B 224 -3.45 -57.67 46.16
N LYS B 225 -3.71 -57.54 44.86
CA LYS B 225 -3.88 -58.71 44.01
C LYS B 225 -2.56 -59.49 43.96
N ALA B 226 -1.47 -58.80 43.65
CA ALA B 226 -0.17 -59.44 43.52
C ALA B 226 0.16 -60.23 44.76
N LEU B 227 -0.06 -59.62 45.91
CA LEU B 227 0.23 -60.22 47.20
C LEU B 227 -0.67 -61.39 47.43
N GLU B 228 -1.97 -61.19 47.16
CA GLU B 228 -3.01 -62.24 47.27
C GLU B 228 -2.60 -63.53 46.59
N TYR B 229 -2.15 -63.42 45.34
CA TYR B 229 -1.69 -64.57 44.60
C TYR B 229 -0.41 -65.12 45.21
N GLU B 230 0.57 -64.24 45.40
CA GLU B 230 1.91 -64.62 45.82
C GLU B 230 1.94 -65.43 47.12
N ILE B 231 1.12 -65.02 48.08
CA ILE B 231 0.98 -65.73 49.35
C ILE B 231 0.51 -67.17 49.12
N GLU B 232 -0.55 -67.35 48.36
CA GLU B 232 -0.96 -68.70 47.95
C GLU B 232 0.16 -69.41 47.21
N ARG B 233 0.90 -68.70 46.37
CA ARG B 233 1.96 -69.31 45.60
C ARG B 233 3.00 -69.98 46.51
N GLN B 234 3.47 -69.23 47.51
CA GLN B 234 4.53 -69.70 48.41
C GLN B 234 4.04 -70.81 49.31
N ILE B 235 2.82 -70.65 49.83
CA ILE B 235 2.14 -71.69 50.63
C ILE B 235 2.10 -73.04 49.88
N ASN B 236 1.73 -73.00 48.60
CA ASN B 236 1.73 -74.18 47.74
C ASN B 236 3.09 -74.86 47.76
N VAL B 237 4.12 -74.08 47.43
CA VAL B 237 5.52 -74.53 47.37
C VAL B 237 5.98 -75.21 48.66
N VAL B 238 5.62 -74.63 49.79
CA VAL B 238 6.09 -75.12 51.09
C VAL B 238 5.46 -76.45 51.56
N GLU B 239 4.16 -76.62 51.30
CA GLU B 239 3.44 -77.85 51.69
C GLU B 239 3.64 -79.00 50.69
N GLU B 240 4.03 -78.67 49.46
CA GLU B 240 4.46 -79.67 48.47
C GLU B 240 5.84 -80.25 48.79
N GLY B 241 6.51 -79.70 49.81
CA GLY B 241 7.86 -80.15 50.22
C GLY B 241 9.03 -79.40 49.60
N GLY B 242 8.73 -78.46 48.70
CA GLY B 242 9.74 -77.60 48.10
C GLY B 242 10.11 -76.42 48.97
N GLU B 243 11.21 -75.75 48.61
CA GLU B 243 11.67 -74.55 49.30
C GLU B 243 11.48 -73.34 48.42
N VAL B 244 10.86 -72.30 48.99
CA VAL B 244 10.60 -71.04 48.28
C VAL B 244 11.91 -70.29 47.99
N VAL B 245 12.17 -70.07 46.72
CA VAL B 245 13.42 -69.46 46.26
C VAL B 245 13.35 -67.93 46.30
N GLN B 246 14.45 -67.33 46.72
CA GLN B 246 14.54 -65.90 46.88
C GLN B 246 14.87 -65.20 45.57
N GLU B 247 13.91 -64.45 45.04
CA GLU B 247 14.11 -63.71 43.79
C GLU B 247 13.26 -62.46 43.64
N THR B 248 13.41 -61.78 42.51
CA THR B 248 12.45 -60.78 42.12
C THR B 248 11.46 -61.40 41.14
N ARG B 249 10.22 -60.90 41.15
CA ARG B 249 9.20 -61.36 40.25
C ARG B 249 8.45 -60.15 39.73
N THR B 250 7.53 -60.40 38.81
CA THR B 250 6.71 -59.36 38.17
C THR B 250 5.25 -59.76 38.24
N PHE B 251 4.37 -58.80 37.98
CA PHE B 251 2.95 -59.04 38.12
C PHE B 251 2.22 -58.56 36.86
N ASP B 252 1.51 -59.48 36.21
CA ASP B 252 0.69 -59.09 35.07
C ASP B 252 -0.75 -58.79 35.49
N PRO B 253 -1.18 -57.52 35.34
CA PRO B 253 -2.55 -57.10 35.67
C PRO B 253 -3.56 -58.05 35.05
N GLN B 254 -3.44 -58.29 33.74
CA GLN B 254 -4.34 -59.15 32.95
C GLN B 254 -4.48 -60.62 33.41
N THR B 255 -3.40 -61.23 33.91
CA THR B 255 -3.48 -62.61 34.42
C THR B 255 -3.64 -62.71 35.93
N GLY B 256 -3.34 -61.61 36.62
CA GLY B 256 -3.38 -61.55 38.07
C GLY B 256 -2.37 -62.48 38.74
N LYS B 257 -1.31 -62.84 38.00
CA LYS B 257 -0.29 -63.79 38.48
C LYS B 257 1.06 -63.10 38.62
N THR B 258 1.96 -63.70 39.40
CA THR B 258 3.35 -63.23 39.56
C THR B 258 4.33 -64.18 38.89
N TYR B 259 5.35 -63.62 38.24
CA TYR B 259 6.23 -64.40 37.37
C TYR B 259 7.71 -64.20 37.61
N PRO B 260 8.48 -65.30 37.67
CA PRO B 260 9.94 -65.25 37.72
C PRO B 260 10.46 -64.58 36.47
N MET B 261 11.75 -64.27 36.43
CA MET B 261 12.32 -63.56 35.28
C MET B 261 13.30 -64.42 34.47
N ARG B 262 13.25 -64.28 33.15
CA ARG B 262 14.12 -65.02 32.23
C ARG B 262 15.59 -64.63 32.44
N THR B 263 15.81 -63.33 32.57
CA THR B 263 17.12 -62.77 32.83
C THR B 263 17.57 -63.09 34.27
N LYS B 264 18.66 -63.85 34.35
CA LYS B 264 19.20 -64.33 35.63
C LYS B 264 20.23 -63.33 36.21
N GLU B 265 19.80 -62.08 36.34
CA GLU B 265 20.73 -60.98 36.66
C GLU B 265 20.73 -60.59 38.14
N GLU B 266 21.83 -60.96 38.80
CA GLU B 266 22.15 -60.53 40.17
C GLU B 266 22.58 -59.06 40.17
N ALA B 267 22.23 -58.35 41.24
CA ALA B 267 22.59 -56.94 41.41
C ALA B 267 24.09 -56.76 41.67
N GLU B 268 24.53 -55.52 41.66
CA GLU B 268 25.92 -55.22 41.84
C GLU B 268 26.09 -54.24 42.97
N ASP B 269 27.29 -54.25 43.55
CA ASP B 269 27.69 -53.35 44.61
C ASP B 269 27.37 -51.94 44.20
N TYR B 270 26.73 -51.19 45.07
CA TYR B 270 26.42 -49.80 44.74
C TYR B 270 27.56 -48.85 45.00
N ARG B 271 28.64 -49.32 45.62
CA ARG B 271 29.82 -48.51 45.82
C ARG B 271 29.41 -47.19 46.45
N TYR B 272 28.56 -47.28 47.46
CA TYR B 272 28.14 -46.11 48.23
C TYR B 272 29.32 -45.35 48.87
N PHE B 273 29.22 -44.02 48.87
CA PHE B 273 30.10 -43.14 49.61
C PHE B 273 29.56 -41.72 49.52
N PRO B 274 29.88 -40.84 50.51
CA PRO B 274 29.28 -39.47 50.50
C PRO B 274 29.66 -38.70 49.24
N ASP B 275 28.70 -37.97 48.69
CA ASP B 275 28.94 -37.21 47.48
C ASP B 275 29.79 -36.01 47.83
N PRO B 276 31.03 -35.97 47.31
CA PRO B 276 31.97 -34.93 47.68
C PRO B 276 31.62 -33.59 47.04
N ASP B 277 30.58 -33.56 46.20
CA ASP B 277 30.10 -32.31 45.67
C ASP B 277 29.16 -31.67 46.68
N LEU B 278 28.82 -32.40 47.73
CA LEU B 278 27.82 -31.92 48.69
C LEU B 278 28.29 -32.06 50.12
N VAL B 279 28.12 -30.99 50.90
CA VAL B 279 28.43 -31.00 52.31
C VAL B 279 27.27 -31.70 53.01
N PRO B 280 27.48 -32.21 54.24
CA PRO B 280 26.36 -32.87 54.91
C PRO B 280 25.20 -31.92 55.16
N LEU B 281 23.99 -32.47 55.05
CA LEU B 281 22.76 -31.73 55.31
C LEU B 281 22.63 -31.55 56.81
N LYS B 282 22.89 -30.36 57.29
CA LYS B 282 22.70 -30.06 58.69
C LYS B 282 21.33 -29.41 58.86
N VAL B 283 20.47 -30.05 59.64
CA VAL B 283 19.12 -29.54 59.87
C VAL B 283 19.07 -28.99 61.28
N LYS B 284 18.95 -27.66 61.41
CA LYS B 284 18.76 -26.96 62.71
C LYS B 284 17.50 -27.46 63.44
N LYS B 285 17.60 -27.64 64.76
CA LYS B 285 16.42 -28.04 65.54
C LYS B 285 15.33 -26.98 65.49
N GLU B 286 15.72 -25.72 65.37
CA GLU B 286 14.79 -24.59 65.34
C GLU B 286 13.87 -24.70 64.14
N TRP B 287 14.45 -25.11 63.01
CA TRP B 287 13.70 -25.37 61.77
C TRP B 287 12.69 -26.52 61.87
N ILE B 288 13.11 -27.65 62.44
CA ILE B 288 12.21 -28.78 62.73
C ILE B 288 11.01 -28.33 63.58
N GLU B 289 11.31 -27.68 64.71
CA GLU B 289 10.31 -27.09 65.61
C GLU B 289 9.35 -26.21 64.82
N GLU B 290 9.91 -25.35 63.96
CA GLU B 290 9.11 -24.48 63.13
C GLU B 290 8.18 -25.23 62.18
N ILE B 291 8.67 -26.32 61.58
CA ILE B 291 7.84 -27.16 60.70
C ILE B 291 6.80 -27.95 61.50
N LYS B 292 7.24 -28.50 62.63
CA LYS B 292 6.38 -29.18 63.60
C LYS B 292 5.20 -28.31 64.08
N LYS B 293 5.51 -27.08 64.51
CA LYS B 293 4.53 -26.10 65.00
C LYS B 293 3.50 -25.69 63.93
N ASN B 294 3.98 -25.49 62.69
CA ASN B 294 3.12 -25.07 61.57
C ASN B 294 2.66 -26.20 60.67
N MET B 295 2.73 -27.42 61.19
CA MET B 295 2.30 -28.60 60.46
C MET B 295 0.83 -28.39 60.07
N PRO B 296 0.45 -28.73 58.80
CA PRO B 296 -0.97 -28.86 58.45
C PRO B 296 -1.68 -29.92 59.30
N GLU B 297 -3.02 -29.90 59.30
CA GLU B 297 -3.77 -30.91 60.04
C GLU B 297 -3.72 -32.28 59.32
N LEU B 298 -3.37 -33.29 60.09
CA LEU B 298 -3.23 -34.64 59.58
C LEU B 298 -4.57 -35.38 59.73
N PRO B 299 -4.79 -36.46 58.95
CA PRO B 299 -6.09 -37.11 58.86
C PRO B 299 -6.61 -37.70 60.16
N ASP B 300 -5.72 -38.24 60.98
CA ASP B 300 -6.17 -38.90 62.19
C ASP B 300 -6.71 -37.90 63.16
N GLN B 301 -6.13 -36.71 63.14
CA GLN B 301 -6.58 -35.58 63.92
C GLN B 301 -7.86 -35.01 63.30
N ARG B 302 -7.90 -34.81 61.98
CA ARG B 302 -9.15 -34.32 61.36
C ARG B 302 -10.35 -35.21 61.74
N PHE B 303 -10.17 -36.52 61.63
CA PHE B 303 -11.20 -37.51 61.95
C PHE B 303 -11.82 -37.37 63.34
N GLU B 304 -11.01 -37.04 64.35
CA GLU B 304 -11.54 -36.80 65.70
C GLU B 304 -12.17 -35.43 65.86
N ARG B 305 -11.60 -34.42 65.20
CA ARG B 305 -12.12 -33.07 65.30
C ARG B 305 -13.54 -32.97 64.71
N LEU B 306 -13.80 -33.61 63.58
CA LEU B 306 -15.12 -33.51 62.94
C LEU B 306 -16.22 -34.14 63.80
N ILE B 307 -15.93 -35.31 64.36
CA ILE B 307 -16.84 -36.01 65.27
C ILE B 307 -17.26 -35.12 66.43
N LYS B 308 -16.32 -34.33 66.92
CA LYS B 308 -16.58 -33.35 67.98
C LYS B 308 -17.25 -32.05 67.49
N GLU B 309 -16.61 -31.37 66.53
CA GLU B 309 -17.04 -30.03 66.10
C GLU B 309 -18.37 -30.01 65.35
N TYR B 310 -18.77 -31.15 64.78
CA TYR B 310 -19.96 -31.26 63.94
C TYR B 310 -20.79 -32.50 64.24
N GLY B 311 -20.43 -33.23 65.29
CA GLY B 311 -21.16 -34.43 65.69
C GLY B 311 -21.39 -35.50 64.63
N LEU B 312 -20.45 -35.65 63.69
CA LEU B 312 -20.57 -36.67 62.66
C LEU B 312 -20.26 -38.06 63.20
N SER B 313 -20.74 -39.08 62.49
CA SER B 313 -20.53 -40.47 62.85
C SER B 313 -19.21 -40.93 62.26
N GLU B 314 -18.63 -41.97 62.86
CA GLU B 314 -17.34 -42.50 62.40
C GLU B 314 -17.38 -42.93 60.95
N TYR B 315 -18.58 -43.24 60.46
CA TYR B 315 -18.77 -43.56 59.05
C TYR B 315 -18.77 -42.29 58.20
N GLU B 316 -19.48 -41.28 58.69
CA GLU B 316 -19.54 -39.97 58.03
C GLU B 316 -18.19 -39.27 57.97
N ALA B 317 -17.50 -39.20 59.10
CA ALA B 317 -16.19 -38.54 59.12
C ALA B 317 -15.14 -39.28 58.28
N GLY B 318 -15.20 -40.61 58.24
CA GLY B 318 -14.28 -41.43 57.43
C GLY B 318 -14.32 -41.07 55.98
N ILE B 319 -15.53 -41.12 55.41
CA ILE B 319 -15.78 -40.66 54.06
C ILE B 319 -15.12 -39.30 53.80
N LEU B 320 -15.40 -38.33 54.68
CA LEU B 320 -14.95 -36.95 54.53
C LEU B 320 -13.47 -36.73 54.70
N VAL B 321 -12.83 -37.60 55.47
CA VAL B 321 -11.39 -37.51 55.76
C VAL B 321 -10.55 -38.27 54.73
N ASN B 322 -10.95 -39.51 54.43
CA ASN B 322 -10.27 -40.30 53.38
C ASN B 322 -10.20 -39.60 52.00
N HIS B 323 -11.30 -38.98 51.57
CA HIS B 323 -11.26 -38.06 50.43
C HIS B 323 -11.24 -36.58 50.93
N LYS B 324 -10.05 -36.05 51.18
CA LYS B 324 -9.89 -34.74 51.84
C LYS B 324 -10.79 -33.65 51.28
N GLU B 325 -10.83 -33.54 49.96
CA GLU B 325 -11.53 -32.46 49.28
C GLU B 325 -13.03 -32.42 49.57
N VAL B 326 -13.58 -33.56 49.98
CA VAL B 326 -14.97 -33.64 50.38
C VAL B 326 -15.13 -32.99 51.75
N GLY B 327 -14.22 -33.29 52.66
CA GLY B 327 -14.25 -32.67 53.99
C GLY B 327 -14.05 -31.17 53.87
N ASP B 328 -13.16 -30.76 52.97
CA ASP B 328 -12.91 -29.36 52.68
C ASP B 328 -14.16 -28.67 52.20
N PHE B 329 -14.87 -29.34 51.29
CA PHE B 329 -16.17 -28.92 50.75
C PHE B 329 -17.19 -28.80 51.89
N PHE B 330 -17.40 -29.91 52.58
CA PHE B 330 -18.29 -29.94 53.72
C PHE B 330 -18.06 -28.77 54.66
N GLU B 331 -16.80 -28.45 54.95
CA GLU B 331 -16.52 -27.42 55.95
C GLU B 331 -16.79 -26.01 55.47
N GLU B 332 -16.61 -25.77 54.17
CA GLU B 332 -16.91 -24.46 53.59
C GLU B 332 -18.43 -24.25 53.55
N ALA B 333 -19.18 -25.35 53.41
CA ALA B 333 -20.63 -25.31 53.31
C ALA B 333 -21.27 -25.05 54.67
N VAL B 334 -20.90 -25.87 55.65
CA VAL B 334 -21.34 -25.67 57.02
C VAL B 334 -21.03 -24.25 57.50
N ARG B 335 -20.02 -23.61 56.92
CA ARG B 335 -19.65 -22.26 57.33
C ARG B 335 -20.70 -21.27 56.82
N HIS B 336 -21.24 -21.52 55.63
CA HIS B 336 -22.32 -20.70 55.07
C HIS B 336 -23.65 -20.86 55.78
N PHE B 337 -23.92 -22.05 56.30
CA PHE B 337 -25.15 -22.37 57.05
C PHE B 337 -24.84 -23.48 58.05
N LYS B 338 -24.90 -23.15 59.34
CA LYS B 338 -24.42 -24.03 60.42
C LYS B 338 -25.38 -25.16 60.74
N GLU B 339 -25.79 -25.88 59.70
CA GLU B 339 -26.62 -27.06 59.88
C GLU B 339 -25.79 -28.26 59.39
N PRO B 340 -24.98 -28.84 60.30
CA PRO B 340 -24.00 -29.81 59.88
C PRO B 340 -24.62 -31.15 59.51
N LYS B 341 -25.49 -31.69 60.37
CA LYS B 341 -26.13 -32.97 60.12
C LYS B 341 -26.83 -32.99 58.76
N GLY B 342 -27.51 -31.88 58.44
CA GLY B 342 -28.22 -31.77 57.16
C GLY B 342 -27.30 -31.76 55.97
N ILE B 343 -26.24 -30.97 56.06
CA ILE B 343 -25.28 -30.84 54.96
C ILE B 343 -24.59 -32.17 54.66
N VAL B 344 -24.17 -32.92 55.66
CA VAL B 344 -23.55 -34.21 55.39
C VAL B 344 -24.50 -35.20 54.73
N ASN B 345 -25.79 -35.10 55.06
CA ASN B 345 -26.76 -35.99 54.48
C ASN B 345 -26.79 -35.75 52.98
N TRP B 346 -27.00 -34.50 52.58
CA TRP B 346 -27.19 -34.10 51.19
C TRP B 346 -25.92 -34.16 50.34
N LEU B 347 -24.77 -34.06 51.00
CA LEU B 347 -23.48 -34.27 50.39
C LEU B 347 -23.18 -35.75 50.11
N ILE B 348 -23.30 -36.61 51.12
CA ILE B 348 -23.03 -38.05 50.94
C ILE B 348 -24.11 -38.80 50.14
N ASN B 349 -25.37 -38.58 50.53
CA ASN B 349 -26.50 -39.34 50.00
C ASN B 349 -26.89 -38.82 48.63
N ASP B 350 -26.68 -37.53 48.42
CA ASP B 350 -27.14 -36.89 47.20
C ASP B 350 -26.08 -36.38 46.24
N LEU B 351 -25.30 -35.38 46.65
CA LEU B 351 -24.39 -34.68 45.71
C LEU B 351 -23.27 -35.55 45.14
N LEU B 352 -22.54 -36.20 46.03
CA LEU B 352 -21.48 -37.14 45.65
C LEU B 352 -21.90 -38.14 44.58
N GLY B 353 -23.02 -38.82 44.80
CA GLY B 353 -23.45 -39.86 43.89
C GLY B 353 -23.72 -39.30 42.51
N LEU B 354 -24.33 -38.11 42.50
CA LEU B 354 -24.69 -37.40 41.28
C LEU B 354 -23.45 -37.00 40.47
N LEU B 355 -22.42 -36.50 41.15
CA LEU B 355 -21.16 -36.11 40.50
C LEU B 355 -20.37 -37.29 39.95
N ARG B 356 -20.38 -38.39 40.70
CA ARG B 356 -19.76 -39.65 40.29
C ARG B 356 -20.31 -40.12 38.96
N ASP B 357 -21.64 -40.05 38.83
CA ASP B 357 -22.39 -40.47 37.63
C ASP B 357 -22.02 -39.72 36.34
N LYS B 358 -21.72 -38.43 36.46
CA LYS B 358 -21.20 -37.63 35.34
C LYS B 358 -19.72 -37.89 35.08
N GLY B 359 -18.97 -38.12 36.15
CA GLY B 359 -17.53 -38.32 36.05
C GLY B 359 -16.74 -37.13 36.58
N ILE B 360 -17.46 -36.20 37.21
CA ILE B 360 -16.89 -34.96 37.76
C ILE B 360 -16.52 -35.08 39.24
N SER B 361 -15.27 -34.75 39.54
CA SER B 361 -14.72 -34.75 40.88
C SER B 361 -15.24 -33.56 41.67
N ILE B 362 -15.26 -33.70 43.01
CA ILE B 362 -15.77 -32.68 43.94
C ILE B 362 -14.98 -31.36 43.96
N GLU B 363 -13.70 -31.41 43.59
CA GLU B 363 -12.89 -30.19 43.48
C GLU B 363 -13.55 -29.24 42.47
N GLU B 364 -14.15 -29.83 41.44
CA GLU B 364 -14.65 -29.06 40.27
C GLU B 364 -16.17 -28.96 40.08
N SER B 365 -16.93 -29.39 41.10
CA SER B 365 -18.37 -29.54 40.97
C SER B 365 -19.05 -28.20 40.71
N PRO B 366 -20.11 -28.22 39.89
CA PRO B 366 -20.91 -27.03 39.65
C PRO B 366 -21.57 -26.51 40.92
N VAL B 367 -22.00 -27.43 41.80
CA VAL B 367 -22.60 -27.03 43.06
C VAL B 367 -21.49 -26.62 44.00
N LYS B 368 -21.38 -25.33 44.27
CA LYS B 368 -20.37 -24.81 45.19
C LYS B 368 -20.87 -24.95 46.63
N PRO B 369 -19.94 -25.12 47.60
CA PRO B 369 -20.42 -25.28 48.96
C PRO B 369 -21.58 -24.33 49.32
N GLU B 370 -21.54 -23.09 48.83
CA GLU B 370 -22.61 -22.08 49.01
C GLU B 370 -24.00 -22.56 48.57
N HIS B 371 -24.03 -23.25 47.44
CA HIS B 371 -25.24 -23.74 46.81
C HIS B 371 -25.86 -24.92 47.56
N LEU B 372 -25.02 -25.78 48.14
CA LEU B 372 -25.54 -26.88 48.92
C LEU B 372 -26.08 -26.40 50.27
N ALA B 373 -25.34 -25.50 50.93
CA ALA B 373 -25.76 -24.89 52.19
C ALA B 373 -27.05 -24.11 52.01
N GLU B 374 -27.18 -23.47 50.85
CA GLU B 374 -28.40 -22.77 50.50
C GLU B 374 -29.53 -23.76 50.30
N LEU B 375 -29.31 -24.78 49.47
CA LEU B 375 -30.32 -25.81 49.26
C LEU B 375 -30.79 -26.41 50.59
N VAL B 376 -29.87 -26.80 51.45
CA VAL B 376 -30.24 -27.38 52.74
C VAL B 376 -31.07 -26.42 53.56
N LYS B 377 -30.76 -25.12 53.48
CA LYS B 377 -31.49 -24.05 54.19
C LYS B 377 -32.98 -23.99 53.86
N LEU B 378 -33.31 -24.00 52.56
CA LEU B 378 -34.69 -24.12 52.08
C LEU B 378 -35.38 -25.44 52.50
N ILE B 379 -34.61 -26.49 52.77
CA ILE B 379 -35.16 -27.75 53.28
C ILE B 379 -35.48 -27.62 54.78
N LYS B 380 -34.60 -26.98 55.53
CA LYS B 380 -34.80 -26.73 56.95
C LYS B 380 -35.97 -25.77 57.20
N GLU B 381 -35.95 -24.62 56.53
CA GLU B 381 -36.97 -23.56 56.66
C GLU B 381 -38.28 -23.85 55.91
N LYS B 382 -38.40 -25.09 55.44
CA LYS B 382 -39.61 -25.66 54.84
C LYS B 382 -40.14 -24.93 53.60
N VAL B 383 -39.26 -24.18 52.94
CA VAL B 383 -39.58 -23.50 51.67
C VAL B 383 -39.86 -24.48 50.51
N ILE B 384 -39.10 -25.57 50.44
CA ILE B 384 -39.40 -26.69 49.52
C ILE B 384 -39.45 -28.04 50.23
N SER B 385 -39.99 -29.04 49.55
CA SER B 385 -40.05 -30.38 50.11
C SER B 385 -38.79 -31.16 49.75
N THR B 386 -38.49 -32.17 50.56
CA THR B 386 -37.43 -33.14 50.30
C THR B 386 -37.52 -33.65 48.86
N LYS B 387 -38.73 -34.00 48.41
CA LYS B 387 -38.97 -34.45 47.01
C LYS B 387 -38.53 -33.46 45.92
N ILE B 388 -38.82 -32.18 46.13
CA ILE B 388 -38.48 -31.09 45.23
C ILE B 388 -37.00 -30.75 45.39
N GLY B 389 -36.52 -30.80 46.63
CA GLY B 389 -35.10 -30.69 46.93
C GLY B 389 -34.25 -31.70 46.17
N LYS B 390 -34.74 -32.93 46.04
CA LYS B 390 -34.06 -33.97 45.28
C LYS B 390 -34.13 -33.72 43.79
N GLU B 391 -35.18 -33.03 43.36
CA GLU B 391 -35.34 -32.63 41.95
C GLU B 391 -34.46 -31.43 41.57
N VAL B 392 -34.35 -30.43 42.46
CA VAL B 392 -33.54 -29.24 42.16
C VAL B 392 -32.02 -29.52 42.25
N ILE B 393 -31.64 -30.53 43.04
CA ILE B 393 -30.23 -30.93 43.13
C ILE B 393 -29.74 -31.59 41.82
N LYS B 394 -30.61 -32.37 41.19
CA LYS B 394 -30.28 -33.02 39.93
C LYS B 394 -30.00 -32.00 38.85
N GLU B 395 -30.68 -30.87 38.94
CA GLU B 395 -30.53 -29.84 37.95
C GLU B 395 -29.45 -28.84 38.33
N MET B 396 -29.27 -28.59 39.63
CA MET B 396 -28.13 -27.82 40.13
C MET B 396 -26.83 -28.34 39.53
N VAL B 397 -26.68 -29.66 39.51
CA VAL B 397 -25.54 -30.35 38.94
C VAL B 397 -25.60 -30.29 37.42
N GLU B 398 -26.80 -30.47 36.89
CA GLU B 398 -27.05 -30.45 35.45
C GLU B 398 -26.66 -29.12 34.81
N THR B 399 -26.91 -28.03 35.52
CA THR B 399 -26.73 -26.70 34.98
C THR B 399 -25.55 -26.02 35.60
N GLY B 400 -25.71 -25.65 36.86
CA GLY B 400 -24.71 -24.90 37.58
C GLY B 400 -25.36 -23.77 38.36
N LYS B 401 -26.68 -23.72 38.32
CA LYS B 401 -27.41 -22.61 38.89
C LYS B 401 -27.58 -22.79 40.40
N THR B 402 -27.81 -21.68 41.11
CA THR B 402 -28.11 -21.71 42.56
C THR B 402 -29.40 -22.49 42.76
N PRO B 403 -29.61 -23.08 43.97
CA PRO B 403 -30.94 -23.60 44.25
C PRO B 403 -32.06 -22.55 44.16
N SER B 404 -31.82 -21.33 44.65
CA SER B 404 -32.86 -20.29 44.64
C SER B 404 -33.08 -19.67 43.25
N GLN B 405 -32.11 -19.84 42.36
CA GLN B 405 -32.33 -19.57 40.94
C GLN B 405 -33.46 -20.46 40.39
N ILE B 406 -33.30 -21.79 40.53
CA ILE B 406 -34.25 -22.78 39.96
C ILE B 406 -35.59 -22.93 40.70
N VAL B 407 -35.64 -22.50 41.96
CA VAL B 407 -36.91 -22.47 42.69
C VAL B 407 -37.83 -21.43 42.06
N GLU B 408 -37.28 -20.24 41.83
CA GLU B 408 -37.99 -19.17 41.14
C GLU B 408 -38.35 -19.64 39.74
N GLU B 409 -37.32 -19.84 38.90
CA GLU B 409 -37.50 -20.25 37.49
C GLU B 409 -38.56 -21.34 37.27
N LYS B 410 -38.84 -22.15 38.30
CA LYS B 410 -39.81 -23.23 38.18
C LYS B 410 -40.99 -23.11 39.17
N GLY B 411 -40.98 -22.05 39.96
CA GLY B 411 -42.10 -21.71 40.82
C GLY B 411 -42.00 -22.34 42.19
N LEU B 412 -41.78 -21.51 43.20
CA LEU B 412 -42.25 -21.82 44.53
C LEU B 412 -41.86 -20.75 45.53
N VAL C 2 47.39 -60.66 41.93
CA VAL C 2 45.93 -60.89 42.10
C VAL C 2 45.27 -61.44 40.82
N ASP C 3 44.28 -62.31 41.01
CA ASP C 3 43.74 -63.20 39.97
C ASP C 3 43.18 -62.49 38.75
N ARG C 4 43.05 -63.27 37.68
CA ARG C 4 42.36 -62.83 36.47
C ARG C 4 40.91 -62.55 36.82
N GLU C 5 40.29 -63.50 37.53
CA GLU C 5 38.92 -63.38 38.02
C GLU C 5 38.66 -62.03 38.69
N TRP C 6 39.65 -61.54 39.43
CA TRP C 6 39.52 -60.25 40.11
C TRP C 6 39.45 -59.09 39.12
N VAL C 7 40.38 -59.07 38.16
CA VAL C 7 40.45 -58.03 37.13
C VAL C 7 39.15 -57.89 36.31
N LEU C 8 38.58 -59.04 35.95
CA LEU C 8 37.30 -59.12 35.23
C LEU C 8 36.10 -58.60 36.04
N LYS C 9 35.99 -59.07 37.29
CA LYS C 9 34.90 -58.72 38.20
C LYS C 9 34.83 -57.19 38.45
N ILE C 10 36.00 -56.56 38.54
CA ILE C 10 36.10 -55.14 38.81
C ILE C 10 35.84 -54.39 37.52
N ALA C 11 36.23 -54.98 36.39
CA ALA C 11 35.98 -54.38 35.09
C ALA C 11 34.49 -54.38 34.80
N LYS C 12 33.84 -55.50 35.10
CA LYS C 12 32.41 -55.65 34.88
C LYS C 12 31.70 -54.54 35.61
N LEU C 13 31.99 -54.37 36.90
CA LEU C 13 31.40 -53.29 37.71
C LEU C 13 31.56 -51.92 37.10
N ALA C 14 32.69 -51.72 36.42
CA ALA C 14 33.13 -50.42 35.94
C ALA C 14 32.78 -50.20 34.47
N ARG C 15 32.24 -51.25 33.85
CA ARG C 15 31.91 -51.26 32.43
C ARG C 15 33.12 -50.92 31.56
N LEU C 16 34.13 -51.77 31.66
CA LEU C 16 35.26 -51.74 30.74
C LEU C 16 35.41 -53.17 30.27
N GLU C 17 35.09 -53.39 29.00
CA GLU C 17 35.40 -54.64 28.33
C GLU C 17 36.90 -54.63 28.11
N LEU C 18 37.64 -55.27 29.02
CA LEU C 18 39.10 -55.31 28.91
C LEU C 18 39.55 -56.20 27.76
N LYS C 19 40.50 -55.68 26.99
CA LYS C 19 41.16 -56.45 25.95
C LYS C 19 42.20 -57.33 26.61
N GLU C 20 42.49 -58.48 26.01
CA GLU C 20 43.36 -59.50 26.60
C GLU C 20 44.75 -58.99 27.06
N GLU C 21 45.28 -58.03 26.30
CA GLU C 21 46.56 -57.36 26.58
C GLU C 21 46.48 -56.59 27.90
N GLU C 22 45.35 -55.92 28.11
CA GLU C 22 45.06 -55.17 29.34
C GLU C 22 44.85 -56.05 30.59
N ILE C 23 44.28 -57.24 30.42
CA ILE C 23 44.07 -58.16 31.55
C ILE C 23 45.40 -58.64 32.14
N GLU C 24 46.41 -58.83 31.29
CA GLU C 24 47.72 -59.23 31.79
C GLU C 24 48.45 -58.05 32.44
N VAL C 25 48.53 -56.94 31.72
CA VAL C 25 49.17 -55.71 32.24
C VAL C 25 48.53 -55.20 33.53
N PHE C 26 47.21 -55.22 33.61
CA PHE C 26 46.53 -54.72 34.80
C PHE C 26 46.61 -55.65 36.00
N GLN C 27 46.86 -56.93 35.75
CA GLN C 27 47.08 -57.90 36.83
C GLN C 27 48.31 -57.54 37.64
N LYS C 28 49.40 -57.14 36.96
CA LYS C 28 50.62 -56.72 37.63
C LYS C 28 50.51 -55.30 38.23
N GLN C 29 50.31 -54.30 37.37
CA GLN C 29 50.27 -52.90 37.80
C GLN C 29 49.40 -52.67 39.07
N LEU C 30 48.18 -53.21 39.03
CA LEU C 30 47.25 -53.07 40.13
C LEU C 30 47.74 -53.83 41.35
N SER C 31 48.22 -55.07 41.16
CA SER C 31 48.79 -55.86 42.26
C SER C 31 49.89 -55.10 42.96
N ASP C 32 50.73 -54.44 42.16
CA ASP C 32 51.76 -53.51 42.65
C ASP C 32 51.14 -52.31 43.34
N ILE C 33 50.32 -51.56 42.61
CA ILE C 33 49.68 -50.34 43.15
C ILE C 33 48.97 -50.60 44.50
N LEU C 34 48.35 -51.75 44.64
CA LEU C 34 47.70 -52.11 45.89
C LEU C 34 48.69 -52.37 47.01
N ASP C 35 49.91 -52.78 46.66
CA ASP C 35 50.96 -53.00 47.66
C ASP C 35 51.58 -51.67 47.98
N PHE C 36 51.64 -50.82 46.97
CA PHE C 36 52.19 -49.48 47.10
C PHE C 36 51.37 -48.58 48.06
N ILE C 37 50.07 -48.81 48.12
CA ILE C 37 49.20 -47.96 48.94
C ILE C 37 48.83 -48.52 50.30
N ASP C 38 49.08 -49.81 50.52
CA ASP C 38 48.91 -50.42 51.84
C ASP C 38 49.94 -49.85 52.81
N GLN C 39 49.67 -48.66 53.34
CA GLN C 39 50.62 -48.04 54.27
C GLN C 39 49.85 -47.49 55.45
N LEU C 40 48.54 -47.69 55.42
CA LEU C 40 47.69 -47.03 56.39
C LEU C 40 47.23 -47.88 57.59
N LYS C 41 47.29 -49.21 57.50
CA LYS C 41 46.96 -50.06 58.65
C LYS C 41 47.65 -49.58 59.92
N GLU C 42 48.95 -49.31 59.78
CA GLU C 42 49.83 -48.88 60.87
C GLU C 42 49.17 -47.81 61.72
N LEU C 43 48.49 -46.88 61.08
CA LEU C 43 47.91 -45.73 61.73
C LEU C 43 46.60 -46.08 62.41
N ASP C 44 46.38 -45.51 63.59
CA ASP C 44 45.15 -45.72 64.35
C ASP C 44 44.16 -44.63 63.99
N THR C 45 42.96 -45.03 63.54
CA THR C 45 41.90 -44.07 63.15
C THR C 45 40.53 -44.32 63.79
N GLU C 46 40.45 -45.28 64.71
CA GLU C 46 39.34 -45.27 65.66
C GLU C 46 39.46 -43.88 66.23
N ASN C 47 38.34 -43.26 66.55
CA ASN C 47 38.40 -41.91 67.15
C ASN C 47 39.00 -40.82 66.27
N VAL C 48 39.03 -41.02 64.97
CA VAL C 48 39.32 -39.93 64.00
C VAL C 48 38.15 -39.78 63.04
N GLU C 49 37.69 -38.54 62.86
CA GLU C 49 36.56 -38.28 61.97
C GLU C 49 37.00 -38.19 60.51
N PRO C 50 36.27 -38.86 59.59
CA PRO C 50 36.58 -38.61 58.19
C PRO C 50 36.63 -37.10 57.90
N TYR C 51 37.56 -36.70 57.04
CA TYR C 51 37.68 -35.35 56.52
C TYR C 51 36.43 -34.80 55.82
N ILE C 52 36.03 -33.60 56.18
CA ILE C 52 35.09 -32.80 55.40
C ILE C 52 35.58 -31.40 55.59
N GLN C 53 35.42 -30.59 54.55
CA GLN C 53 35.70 -29.15 54.66
C GLN C 53 34.80 -28.49 55.69
N GLU C 54 35.26 -27.37 56.24
CA GLU C 54 34.47 -26.60 57.19
C GLU C 54 33.35 -25.84 56.49
N PHE C 55 32.11 -26.20 56.82
CA PHE C 55 30.97 -25.30 56.62
C PHE C 55 30.24 -25.05 57.93
N GLU C 56 29.63 -23.88 58.05
CA GLU C 56 28.64 -23.61 59.09
C GLU C 56 27.30 -24.28 58.75
N GLU C 57 26.71 -23.86 57.65
CA GLU C 57 25.37 -24.32 57.28
C GLU C 57 25.39 -25.00 55.91
N THR C 58 24.65 -26.10 55.79
CA THR C 58 24.38 -26.70 54.49
C THR C 58 23.85 -25.67 53.50
N PRO C 59 24.66 -25.34 52.49
CA PRO C 59 24.24 -24.43 51.43
C PRO C 59 23.06 -24.99 50.64
N MET C 60 21.96 -24.24 50.59
CA MET C 60 20.79 -24.65 49.83
C MET C 60 20.35 -23.56 48.85
N ARG C 61 19.12 -23.66 48.37
CA ARG C 61 18.70 -22.96 47.16
C ARG C 61 17.19 -22.92 47.04
N GLU C 62 16.63 -21.73 46.87
CA GLU C 62 15.19 -21.55 46.80
C GLU C 62 14.56 -22.44 45.71
N ASP C 63 13.29 -22.79 45.89
CA ASP C 63 12.52 -23.51 44.88
C ASP C 63 11.98 -22.61 43.76
N GLU C 64 12.89 -22.05 42.95
CA GLU C 64 12.52 -21.14 41.85
C GLU C 64 13.09 -21.66 40.53
N PRO C 65 12.24 -21.87 39.53
CA PRO C 65 12.72 -22.35 38.24
C PRO C 65 13.85 -21.52 37.59
N HIS C 66 14.85 -22.21 37.03
CA HIS C 66 15.92 -21.58 36.27
C HIS C 66 15.79 -22.01 34.82
N PRO C 67 15.96 -21.06 33.86
CA PRO C 67 15.89 -21.39 32.44
C PRO C 67 16.68 -22.65 32.14
N SER C 68 16.00 -23.68 31.64
CA SER C 68 16.66 -24.91 31.23
C SER C 68 17.61 -24.68 30.06
N LEU C 69 18.26 -25.75 29.66
CA LEU C 69 19.13 -25.72 28.50
C LEU C 69 18.25 -25.87 27.28
N ASP C 70 18.50 -25.05 26.28
CA ASP C 70 17.87 -25.18 24.99
C ASP C 70 18.02 -26.65 24.49
N ARG C 71 16.88 -27.29 24.14
CA ARG C 71 16.86 -28.72 23.77
C ARG C 71 17.87 -29.05 22.69
N GLU C 72 18.02 -28.12 21.76
CA GLU C 72 19.01 -28.16 20.69
C GLU C 72 20.46 -28.42 21.20
N LYS C 73 20.92 -27.57 22.15
CA LYS C 73 22.27 -27.67 22.70
C LYS C 73 22.36 -28.93 23.51
N ALA C 74 21.27 -29.26 24.19
CA ALA C 74 21.20 -30.42 25.05
C ALA C 74 21.38 -31.77 24.34
N LEU C 75 21.05 -31.85 23.06
CA LEU C 75 21.15 -33.10 22.31
C LEU C 75 22.28 -33.06 21.30
N MET C 76 22.68 -31.86 20.87
CA MET C 76 23.74 -31.71 19.86
C MET C 76 24.92 -32.70 19.89
N ASN C 77 25.39 -33.05 21.10
CA ASN C 77 26.47 -34.05 21.29
C ASN C 77 26.02 -35.51 21.29
N ALA C 78 24.71 -35.72 21.31
CA ALA C 78 24.17 -37.09 21.34
C ALA C 78 24.67 -37.93 20.19
N PRO C 79 25.25 -39.10 20.48
CA PRO C 79 25.64 -40.10 19.47
C PRO C 79 24.49 -40.52 18.56
N GLU C 80 23.25 -40.48 19.06
CA GLU C 80 22.05 -40.78 18.27
C GLU C 80 20.79 -40.16 18.85
N ARG C 81 20.16 -39.24 18.13
CA ARG C 81 18.90 -38.68 18.64
C ARG C 81 17.60 -38.99 17.81
N LYS C 82 16.43 -38.89 18.47
CA LYS C 82 15.15 -39.13 17.78
C LYS C 82 13.95 -38.49 18.48
N ASP C 83 13.43 -37.44 17.86
CA ASP C 83 12.16 -36.86 18.26
C ASP C 83 12.18 -36.06 19.59
N GLY C 84 13.37 -35.64 19.99
CA GLY C 84 13.62 -35.06 21.31
C GLY C 84 14.22 -35.98 22.34
N PHE C 85 14.44 -37.24 21.96
CA PHE C 85 14.94 -38.33 22.83
C PHE C 85 16.36 -38.71 22.50
N PHE C 86 17.14 -39.08 23.52
CA PHE C 86 18.40 -39.78 23.29
C PHE C 86 18.06 -41.20 22.86
N VAL C 87 18.82 -41.74 21.93
CA VAL C 87 18.59 -43.11 21.53
C VAL C 87 19.75 -44.02 21.93
N VAL C 88 19.41 -45.22 22.37
CA VAL C 88 20.40 -46.24 22.71
C VAL C 88 19.85 -47.58 22.24
N PRO C 89 20.70 -48.61 22.10
CA PRO C 89 20.12 -49.94 21.85
C PRO C 89 19.08 -50.29 22.91
N ARG C 90 18.07 -51.07 22.52
CA ARG C 90 17.01 -51.46 23.45
C ARG C 90 17.59 -52.02 24.73
N VAL C 91 16.86 -51.82 25.84
CA VAL C 91 17.17 -52.50 27.09
C VAL C 91 15.98 -53.35 27.55
N VAL C 92 16.29 -54.53 28.08
CA VAL C 92 15.29 -55.59 28.18
C VAL C 92 14.61 -55.58 29.55
N MET D 1 78.10 -26.28 -74.11
CA MET D 1 79.20 -25.51 -73.44
C MET D 1 79.22 -25.75 -71.91
N LEU D 2 78.59 -26.85 -71.48
CA LEU D 2 78.61 -27.32 -70.09
C LEU D 2 77.55 -26.64 -69.20
N TRP D 3 77.70 -25.34 -68.97
CA TRP D 3 76.66 -24.61 -68.25
C TRP D 3 75.40 -24.51 -69.11
N LYS D 4 75.56 -24.82 -70.39
CA LYS D 4 74.44 -24.86 -71.34
C LYS D 4 73.77 -26.24 -71.33
N LYS D 5 74.27 -27.15 -70.50
CA LYS D 5 73.74 -28.50 -70.48
C LYS D 5 72.76 -28.75 -69.32
N SER D 6 71.82 -29.68 -69.53
CA SER D 6 70.79 -30.03 -68.54
C SER D 6 71.37 -30.94 -67.49
N LEU D 7 70.60 -31.19 -66.43
CA LEU D 7 71.04 -32.06 -65.35
C LEU D 7 71.18 -33.52 -65.78
N SER D 8 70.42 -33.91 -66.81
CA SER D 8 70.50 -35.26 -67.40
C SER D 8 71.82 -35.42 -68.15
N GLU D 9 72.13 -34.39 -68.96
CA GLU D 9 73.39 -34.34 -69.68
C GLU D 9 74.55 -34.24 -68.72
N LEU D 10 74.43 -33.38 -67.73
CA LEU D 10 75.46 -33.23 -66.70
C LEU D 10 75.71 -34.52 -65.91
N ARG D 11 74.64 -35.16 -65.46
CA ARG D 11 74.73 -36.38 -64.64
C ARG D 11 75.45 -37.51 -65.38
N GLU D 12 75.02 -37.74 -66.62
CA GLU D 12 75.60 -38.74 -67.49
C GLU D 12 77.12 -38.56 -67.58
N LEU D 13 77.53 -37.32 -67.81
CA LEU D 13 78.95 -36.95 -67.90
C LEU D 13 79.71 -37.18 -66.59
N LEU D 14 79.01 -36.94 -65.47
CA LEU D 14 79.63 -37.00 -64.15
C LEU D 14 79.77 -38.44 -63.70
N LYS D 15 78.75 -39.24 -64.02
CA LYS D 15 78.68 -40.65 -63.63
C LYS D 15 79.77 -41.50 -64.33
N ARG D 16 80.05 -41.16 -65.59
CA ARG D 16 81.06 -41.84 -66.41
C ARG D 16 82.42 -41.11 -66.41
N GLY D 17 82.57 -40.16 -65.47
CA GLY D 17 83.84 -39.51 -65.21
C GLY D 17 84.33 -38.56 -66.29
N GLU D 18 83.56 -38.43 -67.36
CA GLU D 18 83.91 -37.54 -68.48
C GLU D 18 84.17 -36.12 -67.98
N VAL D 19 83.45 -35.77 -66.91
CA VAL D 19 83.59 -34.47 -66.28
C VAL D 19 83.59 -34.62 -64.74
N SER D 20 84.21 -33.66 -64.07
CA SER D 20 84.30 -33.62 -62.61
C SER D 20 83.38 -32.52 -62.04
N PRO D 21 82.94 -32.69 -60.79
CA PRO D 21 82.13 -31.67 -60.13
C PRO D 21 82.77 -30.29 -60.16
N LYS D 22 84.09 -30.23 -60.00
CA LYS D 22 84.80 -28.96 -60.01
C LYS D 22 84.67 -28.25 -61.37
N GLU D 23 84.70 -29.03 -62.46
CA GLU D 23 84.61 -28.47 -63.81
C GLU D 23 83.23 -27.85 -64.02
N VAL D 24 82.20 -28.60 -63.63
CA VAL D 24 80.81 -28.13 -63.69
C VAL D 24 80.66 -26.78 -62.98
N VAL D 25 81.16 -26.71 -61.75
CA VAL D 25 81.13 -25.47 -60.97
C VAL D 25 81.86 -24.35 -61.69
N GLU D 26 83.06 -24.66 -62.22
CA GLU D 26 83.89 -23.70 -62.94
C GLU D 26 83.13 -23.13 -64.16
N SER D 27 82.42 -24.02 -64.87
CA SER D 27 81.59 -23.64 -66.00
C SER D 27 80.57 -22.53 -65.66
N PHE D 28 79.76 -22.80 -64.63
CA PHE D 28 78.72 -21.86 -64.18
C PHE D 28 79.34 -20.61 -63.58
N TYR D 29 80.51 -20.77 -62.95
CA TYR D 29 81.27 -19.66 -62.42
C TYR D 29 81.63 -18.67 -63.53
N ASP D 30 82.09 -19.20 -64.67
CA ASP D 30 82.47 -18.36 -65.82
C ASP D 30 81.25 -17.58 -66.27
N ARG D 31 80.16 -18.33 -66.47
CA ARG D 31 78.88 -17.78 -66.90
C ARG D 31 78.37 -16.71 -65.91
N TYR D 32 78.60 -16.95 -64.62
CA TYR D 32 78.34 -15.97 -63.57
C TYR D 32 79.18 -14.72 -63.84
N ASN D 33 80.48 -14.90 -64.08
CA ASN D 33 81.38 -13.79 -64.40
C ASN D 33 81.00 -13.01 -65.66
N GLN D 34 80.47 -13.73 -66.65
CA GLN D 34 79.99 -13.10 -67.87
C GLN D 34 78.87 -12.10 -67.57
N THR D 35 77.99 -12.47 -66.65
CA THR D 35 76.61 -11.99 -66.68
C THR D 35 76.32 -11.05 -65.51
N GLU D 36 77.03 -11.27 -64.41
CA GLU D 36 76.53 -10.86 -63.09
C GLU D 36 76.52 -9.35 -62.94
N GLU D 37 77.49 -8.69 -63.57
CA GLU D 37 77.57 -7.22 -63.56
C GLU D 37 76.30 -6.56 -64.11
N LYS D 38 75.69 -7.21 -65.10
CA LYS D 38 74.43 -6.75 -65.69
C LYS D 38 73.22 -7.19 -64.84
N VAL D 39 73.17 -8.50 -64.53
CA VAL D 39 72.03 -9.16 -63.85
C VAL D 39 71.91 -8.84 -62.34
N LYS D 40 72.98 -9.10 -61.57
CA LYS D 40 73.01 -8.92 -60.11
C LYS D 40 72.05 -9.88 -59.39
N ALA D 41 72.18 -11.16 -59.72
CA ALA D 41 71.35 -12.20 -59.14
C ALA D 41 71.72 -12.47 -57.68
N TYR D 42 73.01 -12.37 -57.36
CA TYR D 42 73.50 -12.80 -56.05
C TYR D 42 73.79 -11.73 -55.00
N ILE D 43 73.46 -12.04 -53.76
CA ILE D 43 73.96 -11.25 -52.64
C ILE D 43 75.32 -11.83 -52.24
N THR D 44 75.40 -13.14 -52.09
CA THR D 44 76.62 -13.79 -51.64
C THR D 44 76.93 -14.94 -52.59
N PRO D 45 77.87 -14.70 -53.54
CA PRO D 45 78.30 -15.75 -54.45
C PRO D 45 79.14 -16.74 -53.66
N LEU D 46 78.96 -18.04 -53.88
CA LEU D 46 79.75 -19.02 -53.12
C LEU D 46 80.46 -20.01 -54.04
N TYR D 47 80.61 -19.63 -55.31
CA TYR D 47 81.29 -20.45 -56.32
C TYR D 47 82.69 -20.86 -55.84
N GLY D 48 83.39 -19.88 -55.25
CA GLY D 48 84.69 -20.11 -54.63
C GLY D 48 84.65 -21.26 -53.64
N LYS D 49 83.71 -21.20 -52.70
CA LYS D 49 83.62 -22.22 -51.67
C LYS D 49 83.14 -23.55 -52.27
N ALA D 50 82.29 -23.47 -53.29
CA ALA D 50 81.76 -24.66 -53.94
C ALA D 50 82.86 -25.41 -54.70
N LEU D 51 83.77 -24.63 -55.32
CA LEU D 51 84.96 -25.17 -55.95
C LEU D 51 85.71 -26.11 -55.00
N LYS D 52 85.96 -25.62 -53.78
CA LYS D 52 86.68 -26.41 -52.77
C LYS D 52 85.90 -27.63 -52.30
N GLN D 53 84.59 -27.48 -52.18
CA GLN D 53 83.72 -28.57 -51.72
C GLN D 53 83.62 -29.67 -52.76
N ALA D 54 83.81 -29.28 -54.01
CA ALA D 54 83.70 -30.20 -55.13
C ALA D 54 84.83 -31.23 -55.11
N GLU D 55 86.00 -30.82 -54.63
CA GLU D 55 87.17 -31.71 -54.58
C GLU D 55 86.94 -32.94 -53.70
N SER D 56 86.19 -32.78 -52.61
CA SER D 56 85.92 -33.90 -51.72
C SER D 56 84.65 -34.68 -52.10
N LEU D 57 84.00 -34.26 -53.18
CA LEU D 57 82.79 -34.93 -53.64
C LEU D 57 83.15 -36.17 -54.48
N LYS D 58 82.73 -37.36 -54.04
CA LYS D 58 83.20 -38.58 -54.67
C LYS D 58 82.10 -39.50 -55.16
N GLU D 59 81.12 -39.78 -54.31
CA GLU D 59 80.09 -40.76 -54.68
C GLU D 59 79.17 -40.26 -55.81
N ARG D 60 79.34 -40.83 -56.99
CA ARG D 60 78.70 -40.35 -58.20
C ARG D 60 77.20 -40.68 -58.28
N GLU D 61 76.79 -41.72 -57.57
CA GLU D 61 75.42 -42.21 -57.67
C GLU D 61 74.41 -41.38 -56.85
N LEU D 62 74.93 -40.43 -56.09
CA LEU D 62 74.11 -39.44 -55.37
C LEU D 62 73.21 -38.67 -56.36
N PRO D 63 71.89 -38.55 -56.03
CA PRO D 63 70.87 -38.03 -56.95
C PRO D 63 71.22 -36.71 -57.61
N LEU D 64 71.94 -35.85 -56.88
CA LEU D 64 72.32 -34.53 -57.37
C LEU D 64 73.85 -34.38 -57.43
N PHE D 65 74.51 -35.51 -57.70
CA PHE D 65 75.94 -35.65 -57.52
C PHE D 65 76.79 -34.37 -57.64
N GLY D 66 76.79 -33.72 -58.79
CA GLY D 66 77.69 -32.58 -58.93
C GLY D 66 77.02 -31.28 -59.28
N ILE D 67 75.73 -31.21 -58.99
CA ILE D 67 74.90 -30.12 -59.47
C ILE D 67 75.00 -28.84 -58.63
N PRO D 68 75.41 -27.75 -59.25
CA PRO D 68 75.34 -26.44 -58.60
C PRO D 68 73.89 -26.05 -58.38
N ILE D 69 73.62 -25.34 -57.29
CA ILE D 69 72.28 -24.84 -57.01
C ILE D 69 72.35 -23.49 -56.29
N ALA D 70 71.63 -22.50 -56.78
CA ALA D 70 71.56 -21.22 -56.07
C ALA D 70 70.43 -21.30 -55.06
N VAL D 71 70.49 -20.44 -54.06
CA VAL D 71 69.52 -20.50 -52.97
C VAL D 71 69.13 -19.08 -52.55
N LYS D 72 67.83 -18.85 -52.36
CA LYS D 72 67.32 -17.56 -51.97
C LYS D 72 67.90 -17.21 -50.60
N ASP D 73 68.23 -15.93 -50.41
CA ASP D 73 68.89 -15.53 -49.17
C ASP D 73 67.93 -15.28 -47.97
N ASN D 74 66.81 -15.99 -47.97
CA ASN D 74 66.03 -16.16 -46.77
C ASN D 74 65.95 -17.64 -46.39
N ILE D 75 66.72 -18.48 -47.07
CA ILE D 75 66.89 -19.85 -46.62
C ILE D 75 68.29 -19.91 -46.03
N LEU D 76 68.39 -20.43 -44.80
CA LEU D 76 69.64 -20.50 -44.03
C LEU D 76 70.61 -21.59 -44.54
N VAL D 77 71.82 -21.12 -44.87
CA VAL D 77 72.93 -22.02 -45.17
C VAL D 77 74.01 -21.71 -44.16
N GLU D 78 74.36 -22.72 -43.37
CA GLU D 78 75.24 -22.51 -42.22
C GLU D 78 76.67 -22.08 -42.55
N GLY D 79 77.18 -21.16 -41.72
CA GLY D 79 78.51 -20.66 -41.90
C GLY D 79 78.55 -19.47 -42.83
N GLU D 80 77.48 -19.27 -43.62
CA GLU D 80 77.41 -18.12 -44.54
C GLU D 80 76.30 -17.16 -44.15
N LYS D 81 76.45 -15.91 -44.57
CA LYS D 81 75.48 -14.89 -44.29
C LYS D 81 74.11 -15.24 -44.86
N THR D 82 73.07 -14.99 -44.04
CA THR D 82 71.69 -15.07 -44.47
C THR D 82 71.07 -13.70 -44.14
N THR D 83 70.94 -12.85 -45.16
CA THR D 83 70.56 -11.45 -45.01
C THR D 83 69.05 -11.13 -45.16
N CYS D 84 68.33 -12.03 -45.85
CA CYS D 84 66.97 -11.74 -46.32
C CYS D 84 66.95 -10.39 -47.01
N ALA D 85 68.08 -10.04 -47.60
CA ALA D 85 68.21 -8.77 -48.27
C ALA D 85 67.82 -7.61 -47.36
N SER D 86 68.18 -7.73 -46.07
CA SER D 86 67.85 -6.71 -45.09
C SER D 86 69.05 -6.12 -44.37
N LYS D 87 69.00 -4.81 -44.09
CA LYS D 87 70.02 -4.15 -43.26
C LYS D 87 70.07 -4.76 -41.87
N ILE D 88 68.90 -5.20 -41.37
CA ILE D 88 68.78 -5.73 -40.02
C ILE D 88 69.44 -7.10 -39.90
N LEU D 89 69.73 -7.73 -41.04
CA LEU D 89 70.35 -9.04 -41.05
C LEU D 89 71.61 -9.14 -41.89
N GLU D 90 72.14 -8.03 -42.38
CA GLU D 90 73.47 -8.12 -43.02
C GLU D 90 74.46 -8.44 -41.93
N ASN D 91 75.42 -9.28 -42.25
CA ASN D 91 76.38 -9.73 -41.23
C ASN D 91 75.85 -10.78 -40.24
N PHE D 92 74.59 -11.20 -40.40
CA PHE D 92 74.08 -12.38 -39.68
C PHE D 92 74.62 -13.65 -40.31
N VAL D 93 75.44 -14.37 -39.58
CA VAL D 93 75.95 -15.65 -40.06
C VAL D 93 75.00 -16.76 -39.58
N ALA D 94 74.59 -17.63 -40.50
CA ALA D 94 73.63 -18.64 -40.16
C ALA D 94 74.28 -19.76 -39.34
N PRO D 95 73.71 -20.03 -38.15
CA PRO D 95 74.15 -21.05 -37.20
C PRO D 95 73.71 -22.48 -37.50
N TYR D 96 72.87 -22.67 -38.51
CA TYR D 96 72.37 -24.01 -38.85
C TYR D 96 71.88 -24.05 -40.31
N ASP D 97 71.71 -25.28 -40.84
CA ASP D 97 71.17 -25.51 -42.17
C ASP D 97 69.65 -25.56 -42.16
N ALA D 98 69.00 -24.83 -43.04
CA ALA D 98 67.60 -25.15 -43.34
C ALA D 98 67.52 -26.64 -43.70
N THR D 99 66.39 -27.28 -43.39
CA THR D 99 66.20 -28.70 -43.71
C THR D 99 66.48 -29.00 -45.18
N VAL D 100 66.01 -28.14 -46.07
CA VAL D 100 66.19 -28.33 -47.49
C VAL D 100 67.66 -28.33 -47.89
N ILE D 101 68.45 -27.44 -47.28
CA ILE D 101 69.89 -27.38 -47.55
C ILE D 101 70.59 -28.68 -47.08
N GLU D 102 70.18 -29.17 -45.92
CA GLU D 102 70.65 -30.45 -45.39
C GLU D 102 70.40 -31.57 -46.40
N ARG D 103 69.20 -31.57 -46.97
CA ARG D 103 68.77 -32.60 -47.88
C ARG D 103 69.44 -32.51 -49.25
N LEU D 104 69.75 -31.29 -49.67
CA LEU D 104 70.47 -31.07 -50.91
C LEU D 104 71.94 -31.49 -50.80
N LYS D 105 72.56 -31.09 -49.68
CA LYS D 105 73.95 -31.42 -49.39
C LYS D 105 74.08 -32.92 -49.33
N LYS D 106 73.11 -33.57 -48.71
CA LYS D 106 73.11 -35.03 -48.62
C LYS D 106 72.99 -35.68 -50.02
N ALA D 107 72.41 -34.94 -50.96
CA ALA D 107 72.16 -35.47 -52.30
C ALA D 107 73.30 -35.18 -53.26
N GLY D 108 74.36 -34.57 -52.72
CA GLY D 108 75.56 -34.25 -53.49
C GLY D 108 75.56 -32.88 -54.14
N ALA D 109 74.49 -32.13 -53.97
CA ALA D 109 74.39 -30.81 -54.58
C ALA D 109 75.45 -29.85 -54.05
N LEU D 110 75.71 -28.79 -54.79
CA LEU D 110 76.67 -27.80 -54.35
C LEU D 110 76.09 -26.38 -54.35
N ILE D 111 75.92 -25.83 -53.16
CA ILE D 111 75.35 -24.48 -53.04
C ILE D 111 76.31 -23.45 -53.61
N VAL D 112 75.91 -22.79 -54.69
CA VAL D 112 76.86 -21.90 -55.36
C VAL D 112 76.63 -20.42 -55.05
N GLY D 113 75.58 -20.12 -54.28
CA GLY D 113 75.38 -18.75 -53.84
C GLY D 113 74.05 -18.41 -53.19
N LYS D 114 73.98 -17.23 -52.58
CA LYS D 114 72.75 -16.74 -51.99
C LYS D 114 72.17 -15.58 -52.80
N THR D 115 70.93 -15.72 -53.23
CA THR D 115 70.43 -14.99 -54.39
C THR D 115 69.48 -13.87 -53.97
N ASN D 116 69.59 -12.73 -54.64
CA ASN D 116 68.93 -11.51 -54.18
C ASN D 116 67.42 -11.68 -54.05
N LEU D 117 66.80 -10.86 -53.21
CA LEU D 117 65.36 -10.88 -53.04
C LEU D 117 64.84 -9.55 -52.51
N ASP D 118 63.53 -9.35 -52.61
CA ASP D 118 62.88 -8.27 -51.91
C ASP D 118 63.14 -8.51 -50.42
N GLU D 119 63.32 -7.42 -49.68
CA GLU D 119 63.63 -7.52 -48.26
C GLU D 119 62.54 -8.27 -47.52
N PHE D 120 62.97 -9.38 -46.93
CA PHE D 120 62.16 -10.28 -46.13
C PHE D 120 61.10 -10.93 -46.98
N ALA D 121 61.39 -11.05 -48.27
CA ALA D 121 60.55 -11.75 -49.23
C ALA D 121 59.23 -11.02 -49.51
N MET D 122 59.20 -9.72 -49.24
CA MET D 122 58.00 -8.90 -49.37
C MET D 122 58.07 -7.92 -50.54
N GLY D 123 57.42 -8.28 -51.65
CA GLY D 123 57.41 -7.49 -52.88
C GLY D 123 57.30 -8.36 -54.12
N SER D 124 57.17 -7.73 -55.29
CA SER D 124 56.97 -8.49 -56.52
C SER D 124 57.89 -8.06 -57.69
N SER D 125 59.11 -7.64 -57.36
CA SER D 125 60.03 -7.08 -58.35
C SER D 125 61.50 -7.14 -57.93
N THR D 126 61.77 -7.46 -56.67
CA THR D 126 63.15 -7.48 -56.15
C THR D 126 63.73 -6.07 -55.91
N GLU D 127 63.03 -5.03 -56.35
CA GLU D 127 63.43 -3.65 -56.08
C GLU D 127 63.58 -3.31 -54.59
N TYR D 128 62.89 -4.05 -53.72
CA TYR D 128 62.96 -3.79 -52.27
C TYR D 128 64.09 -4.55 -51.57
N SER D 129 65.01 -5.11 -52.35
CA SER D 129 66.28 -5.57 -51.82
C SER D 129 66.91 -4.36 -51.18
N ALA D 130 67.37 -4.51 -49.94
CA ALA D 130 67.99 -3.39 -49.22
C ALA D 130 69.38 -3.06 -49.77
N PHE D 131 69.88 -3.90 -50.67
CA PHE D 131 71.23 -3.82 -51.17
C PHE D 131 71.34 -3.26 -52.59
N PHE D 132 70.56 -3.83 -53.50
CA PHE D 132 70.58 -3.48 -54.91
C PHE D 132 69.49 -4.25 -55.67
N PRO D 133 68.98 -3.68 -56.78
CA PRO D 133 68.02 -4.38 -57.61
C PRO D 133 68.66 -5.48 -58.46
N THR D 134 67.95 -6.58 -58.64
CA THR D 134 68.28 -7.57 -59.68
C THR D 134 67.59 -7.12 -60.98
N LYS D 135 68.20 -7.43 -62.13
CA LYS D 135 67.70 -7.00 -63.44
C LYS D 135 67.23 -8.19 -64.29
N ASN D 136 66.15 -8.00 -65.04
CA ASN D 136 65.66 -9.02 -65.98
C ASN D 136 66.66 -9.25 -67.10
N PRO D 137 67.22 -10.47 -67.21
CA PRO D 137 68.18 -10.80 -68.29
C PRO D 137 67.61 -10.74 -69.72
N TRP D 138 66.31 -10.58 -69.87
CA TRP D 138 65.73 -10.39 -71.19
C TRP D 138 65.55 -8.92 -71.53
N ASP D 139 65.69 -8.06 -70.55
CA ASP D 139 65.71 -6.64 -70.76
C ASP D 139 66.08 -6.02 -69.45
N LEU D 140 67.33 -5.56 -69.34
CA LEU D 140 67.83 -5.02 -68.07
C LEU D 140 67.20 -3.67 -67.67
N GLU D 141 66.31 -3.13 -68.50
CA GLU D 141 65.45 -2.01 -68.10
C GLU D 141 64.23 -2.51 -67.32
N ARG D 142 64.09 -3.82 -67.26
CA ARG D 142 62.92 -4.48 -66.67
C ARG D 142 63.22 -5.36 -65.44
N VAL D 143 62.20 -5.51 -64.60
CA VAL D 143 62.25 -6.15 -63.33
C VAL D 143 62.18 -7.65 -63.55
N PRO D 144 62.89 -8.47 -62.75
CA PRO D 144 62.84 -9.94 -62.89
C PRO D 144 61.66 -10.55 -62.16
N GLY D 145 60.88 -9.71 -61.49
CA GLY D 145 59.82 -10.20 -60.63
C GLY D 145 60.30 -10.33 -59.20
N GLY D 146 59.41 -10.78 -58.32
CA GLY D 146 59.77 -10.94 -56.92
C GLY D 146 58.80 -11.76 -56.12
N SER D 147 59.18 -12.20 -54.91
CA SER D 147 60.45 -11.78 -54.27
C SER D 147 61.70 -12.60 -54.63
N SER D 148 61.53 -13.83 -55.11
CA SER D 148 62.68 -14.64 -55.55
C SER D 148 63.36 -14.16 -56.87
N GLY D 149 63.56 -12.85 -57.03
CA GLY D 149 64.11 -12.31 -58.29
C GLY D 149 65.45 -12.86 -58.72
N GLY D 150 66.40 -12.94 -57.80
CA GLY D 150 67.72 -13.45 -58.13
C GLY D 150 67.72 -14.93 -58.46
N SER D 151 66.86 -15.68 -57.81
CA SER D 151 66.81 -17.11 -58.04
C SER D 151 66.34 -17.44 -59.43
N ALA D 152 65.38 -16.62 -59.89
CA ALA D 152 64.80 -16.75 -61.21
C ALA D 152 65.82 -16.36 -62.24
N ALA D 153 66.39 -15.16 -62.05
CA ALA D 153 67.32 -14.56 -62.99
C ALA D 153 68.55 -15.44 -63.25
N SER D 154 69.18 -15.91 -62.19
CA SER D 154 70.35 -16.78 -62.32
C SER D 154 70.04 -18.07 -63.06
N VAL D 155 68.82 -18.58 -62.93
CA VAL D 155 68.46 -19.76 -63.71
C VAL D 155 68.16 -19.38 -65.16
N ALA D 156 67.66 -18.17 -65.36
CA ALA D 156 67.40 -17.67 -66.69
C ALA D 156 68.70 -17.52 -67.51
N VAL D 157 69.69 -16.84 -66.93
CA VAL D 157 71.00 -16.64 -67.58
C VAL D 157 71.87 -17.90 -67.49
N LEU D 158 71.42 -18.83 -66.66
CA LEU D 158 72.11 -20.09 -66.44
C LEU D 158 73.48 -19.93 -65.76
N SER D 159 73.59 -18.94 -64.87
CA SER D 159 74.67 -18.92 -63.87
C SER D 159 74.48 -20.04 -62.85
N ALA D 160 73.27 -20.59 -62.82
CA ALA D 160 72.98 -21.83 -62.09
C ALA D 160 71.90 -22.53 -62.88
N PRO D 161 71.93 -23.88 -62.91
CA PRO D 161 70.97 -24.63 -63.73
C PRO D 161 69.61 -24.70 -63.06
N VAL D 162 69.65 -24.75 -61.73
CA VAL D 162 68.48 -25.00 -60.92
C VAL D 162 68.55 -24.08 -59.65
N SER D 163 67.43 -23.83 -59.00
CA SER D 163 67.38 -22.75 -58.02
C SER D 163 66.36 -23.06 -56.93
N LEU D 164 66.56 -22.50 -55.73
CA LEU D 164 65.53 -22.55 -54.68
C LEU D 164 65.01 -21.17 -54.44
N GLY D 165 63.68 -21.03 -54.39
CA GLY D 165 63.06 -19.76 -53.98
C GLY D 165 62.02 -20.06 -52.89
N SER D 166 61.28 -19.02 -52.49
CA SER D 166 60.11 -19.23 -51.64
C SER D 166 58.89 -18.54 -52.24
N ASP D 167 57.70 -19.00 -51.89
CA ASP D 167 56.47 -18.52 -52.49
C ASP D 167 55.44 -18.32 -51.37
N THR D 168 55.12 -17.06 -51.07
CA THR D 168 54.15 -16.73 -50.03
C THR D 168 52.82 -16.34 -50.70
N GLY D 169 52.95 -15.66 -51.84
CA GLY D 169 51.82 -15.11 -52.60
C GLY D 169 52.16 -15.04 -54.07
N GLY D 170 53.12 -15.87 -54.49
CA GLY D 170 53.51 -15.94 -55.89
C GLY D 170 54.99 -15.72 -56.14
N SER D 171 55.76 -15.74 -55.05
CA SER D 171 57.18 -15.31 -55.08
C SER D 171 58.14 -16.27 -55.83
N ILE D 172 57.67 -17.47 -56.21
CA ILE D 172 58.37 -18.31 -57.17
C ILE D 172 57.77 -18.11 -58.56
N ARG D 173 56.46 -18.25 -58.66
CA ARG D 173 55.77 -18.27 -59.96
C ARG D 173 55.91 -16.97 -60.78
N GLN D 174 55.73 -15.79 -60.19
CA GLN D 174 55.80 -14.59 -61.04
C GLN D 174 57.22 -14.24 -61.48
N PRO D 175 58.21 -14.42 -60.60
CA PRO D 175 59.59 -14.39 -61.09
C PRO D 175 59.86 -15.42 -62.22
N ALA D 176 59.33 -16.63 -62.10
CA ALA D 176 59.52 -17.62 -63.16
C ALA D 176 58.89 -17.12 -64.44
N SER D 177 57.72 -16.49 -64.31
CA SER D 177 57.01 -15.97 -65.47
C SER D 177 57.82 -14.86 -66.14
N PHE D 178 58.24 -13.89 -65.35
CA PHE D 178 59.01 -12.77 -65.85
C PHE D 178 60.38 -13.14 -66.46
N CYS D 179 60.98 -14.21 -65.95
CA CYS D 179 62.32 -14.54 -66.39
C CYS D 179 62.33 -15.67 -67.40
N GLY D 180 61.16 -16.17 -67.75
CA GLY D 180 61.04 -17.18 -68.80
C GLY D 180 61.61 -18.51 -68.37
N VAL D 181 61.23 -18.93 -67.18
CA VAL D 181 61.78 -20.09 -66.55
C VAL D 181 60.66 -20.86 -65.85
N ILE D 182 60.85 -22.17 -65.63
CA ILE D 182 59.90 -22.99 -64.87
C ILE D 182 60.06 -22.71 -63.38
N GLY D 183 58.95 -22.54 -62.67
CA GLY D 183 58.99 -22.35 -61.23
C GLY D 183 57.78 -22.96 -60.54
N ILE D 184 58.04 -23.86 -59.59
CA ILE D 184 56.95 -24.54 -58.89
C ILE D 184 56.92 -24.18 -57.40
N LYS D 185 55.71 -23.93 -56.88
CA LYS D 185 55.47 -23.88 -55.44
C LYS D 185 54.58 -25.05 -55.12
N PRO D 186 55.08 -25.95 -54.29
CA PRO D 186 54.38 -27.22 -54.04
C PRO D 186 53.25 -27.03 -53.02
N THR D 187 52.52 -28.09 -52.72
CA THR D 187 51.43 -28.00 -51.76
C THR D 187 51.96 -27.49 -50.46
N TYR D 188 51.17 -26.69 -49.75
CA TYR D 188 51.55 -26.28 -48.40
C TYR D 188 51.73 -27.52 -47.48
N GLY D 189 52.94 -27.71 -46.94
CA GLY D 189 53.21 -28.84 -46.09
C GLY D 189 54.13 -29.81 -46.79
N ARG D 190 54.29 -29.67 -48.11
CA ARG D 190 55.17 -30.62 -48.79
C ARG D 190 56.66 -30.36 -48.61
N VAL D 191 57.06 -29.13 -48.37
CA VAL D 191 58.46 -28.90 -48.12
C VAL D 191 58.61 -28.17 -46.76
N SER D 192 59.60 -28.58 -45.97
CA SER D 192 59.80 -28.05 -44.62
C SER D 192 60.07 -26.55 -44.65
N ARG D 193 59.59 -25.86 -43.62
CA ARG D 193 59.85 -24.43 -43.46
C ARG D 193 60.92 -24.21 -42.39
N TYR D 194 61.57 -25.29 -41.96
CA TYR D 194 62.64 -25.16 -40.99
C TYR D 194 63.89 -24.58 -41.62
N GLY D 195 64.22 -23.37 -41.21
CA GLY D 195 65.37 -22.67 -41.77
C GLY D 195 64.95 -21.75 -42.90
N LEU D 196 63.65 -21.62 -43.10
CA LEU D 196 63.14 -20.59 -43.99
C LEU D 196 62.77 -19.42 -43.10
N VAL D 197 63.39 -18.27 -43.33
CA VAL D 197 63.01 -17.10 -42.53
C VAL D 197 61.53 -16.81 -42.82
N ALA D 198 60.71 -16.91 -41.77
CA ALA D 198 59.24 -16.79 -41.87
C ALA D 198 58.77 -15.38 -42.19
N PHE D 199 57.94 -15.29 -43.22
CA PHE D 199 57.23 -14.08 -43.60
C PHE D 199 55.80 -14.31 -43.11
N ALA D 200 55.04 -15.13 -43.84
CA ALA D 200 53.71 -15.58 -43.42
C ALA D 200 53.72 -17.09 -43.28
N SER D 201 53.66 -17.55 -42.05
CA SER D 201 53.85 -18.96 -41.73
C SER D 201 52.82 -19.89 -42.39
N SER D 202 51.58 -19.42 -42.47
CA SER D 202 50.54 -20.24 -43.02
C SER D 202 50.47 -20.20 -44.58
N LEU D 203 51.30 -19.36 -45.21
CA LEU D 203 51.35 -19.19 -46.68
C LEU D 203 52.71 -19.59 -47.34
N ASP D 204 53.82 -19.40 -46.62
CA ASP D 204 55.20 -19.73 -47.07
C ASP D 204 55.40 -21.19 -47.55
N GLN D 205 56.09 -21.34 -48.68
CA GLN D 205 56.63 -22.63 -49.12
C GLN D 205 57.88 -22.45 -49.98
N ILE D 206 58.93 -23.14 -49.60
CA ILE D 206 60.07 -23.28 -50.47
C ILE D 206 59.61 -24.00 -51.75
N GLY D 207 60.22 -23.60 -52.87
CA GLY D 207 59.98 -24.20 -54.18
C GLY D 207 61.19 -24.10 -55.07
N VAL D 208 61.00 -24.44 -56.34
CA VAL D 208 62.12 -24.72 -57.23
C VAL D 208 62.00 -24.01 -58.58
N PHE D 209 63.10 -23.41 -59.05
CA PHE D 209 63.20 -22.91 -60.42
C PHE D 209 64.07 -23.82 -61.22
N GLY D 210 63.71 -23.98 -62.50
CA GLY D 210 64.47 -24.78 -63.47
C GLY D 210 64.11 -24.43 -64.91
N ARG D 211 64.79 -25.09 -65.86
CA ARG D 211 64.56 -24.82 -67.27
C ARG D 211 63.95 -26.03 -67.93
N ARG D 212 64.25 -27.20 -67.41
CA ARG D 212 63.61 -28.43 -67.87
C ARG D 212 62.78 -29.02 -66.73
N THR D 213 61.63 -29.57 -67.08
CA THR D 213 60.71 -30.09 -66.08
C THR D 213 61.35 -31.18 -65.24
N GLU D 214 62.25 -31.95 -65.83
CA GLU D 214 62.95 -33.02 -65.09
C GLU D 214 63.88 -32.50 -64.01
N ASP D 215 64.60 -31.42 -64.32
CA ASP D 215 65.43 -30.72 -63.33
C ASP D 215 64.59 -30.35 -62.12
N VAL D 216 63.47 -29.65 -62.37
CA VAL D 216 62.59 -29.18 -61.31
C VAL D 216 61.97 -30.33 -60.50
N ALA D 217 61.52 -31.38 -61.16
CA ALA D 217 60.91 -32.54 -60.51
C ALA D 217 61.89 -33.28 -59.58
N LEU D 218 63.16 -33.33 -59.99
CA LEU D 218 64.16 -34.03 -59.19
C LEU D 218 64.55 -33.18 -57.96
N VAL D 219 64.85 -31.90 -58.15
CA VAL D 219 65.23 -31.06 -57.01
C VAL D 219 64.11 -31.03 -55.98
N LEU D 220 62.88 -30.86 -56.44
CA LEU D 220 61.68 -30.96 -55.59
C LEU D 220 61.58 -32.30 -54.84
N GLU D 221 61.82 -33.42 -55.51
CA GLU D 221 61.73 -34.70 -54.84
C GLU D 221 62.72 -34.76 -53.69
N VAL D 222 63.94 -34.30 -53.94
CA VAL D 222 65.01 -34.38 -52.95
C VAL D 222 64.57 -33.80 -51.61
N ILE D 223 63.82 -32.70 -51.66
CA ILE D 223 63.88 -31.68 -50.63
C ILE D 223 62.60 -31.65 -49.82
N SER D 224 61.72 -32.60 -50.07
CA SER D 224 60.34 -32.52 -49.60
C SER D 224 59.94 -33.78 -48.84
N GLY D 225 58.68 -33.86 -48.45
CA GLY D 225 58.25 -34.80 -47.43
C GLY D 225 58.90 -34.53 -46.08
N TRP D 226 58.56 -35.34 -45.09
CA TRP D 226 58.20 -34.83 -43.77
C TRP D 226 59.44 -34.43 -42.98
N ASP D 227 59.29 -33.43 -42.13
CA ASP D 227 60.38 -32.97 -41.28
C ASP D 227 59.88 -32.85 -39.87
N GLU D 228 60.55 -33.53 -38.94
CA GLU D 228 60.18 -33.53 -37.53
C GLU D 228 60.38 -32.16 -36.88
N LYS D 229 61.20 -31.33 -37.48
CA LYS D 229 61.49 -30.01 -36.95
C LYS D 229 60.44 -28.99 -37.39
N ASP D 230 59.47 -29.46 -38.19
CA ASP D 230 58.37 -28.63 -38.71
C ASP D 230 56.98 -29.21 -38.46
N SER D 231 56.24 -28.60 -37.55
CA SER D 231 54.90 -29.08 -37.16
C SER D 231 53.94 -29.11 -38.34
N THR D 232 54.12 -28.18 -39.27
CA THR D 232 53.18 -28.01 -40.36
C THR D 232 53.53 -28.86 -41.56
N SER D 233 54.68 -29.55 -41.51
CA SER D 233 55.12 -30.44 -42.60
C SER D 233 54.29 -31.71 -42.56
N ALA D 234 53.91 -32.21 -43.74
CA ALA D 234 52.98 -33.33 -43.85
C ALA D 234 53.66 -34.68 -43.75
N LYS D 235 53.02 -35.61 -43.05
CA LYS D 235 53.46 -37.01 -43.02
C LYS D 235 52.87 -37.74 -44.22
N VAL D 236 53.33 -37.36 -45.41
CA VAL D 236 52.84 -37.85 -46.67
C VAL D 236 54.07 -38.27 -47.47
N PRO D 237 54.05 -39.48 -48.06
CA PRO D 237 55.19 -39.95 -48.88
C PRO D 237 55.45 -39.05 -50.11
N VAL D 238 56.73 -38.84 -50.42
CA VAL D 238 57.11 -38.06 -51.59
C VAL D 238 57.01 -38.96 -52.82
N PRO D 239 56.17 -38.59 -53.80
CA PRO D 239 56.07 -39.35 -55.04
C PRO D 239 57.37 -39.30 -55.84
N GLU D 240 57.66 -40.37 -56.57
CA GLU D 240 58.88 -40.45 -57.37
C GLU D 240 58.70 -39.59 -58.62
N TRP D 241 58.82 -38.28 -58.45
CA TRP D 241 58.51 -37.34 -59.51
C TRP D 241 59.38 -37.45 -60.76
N SER D 242 60.68 -37.74 -60.58
CA SER D 242 61.59 -37.87 -61.73
C SER D 242 61.21 -39.05 -62.65
N GLU D 243 60.56 -40.06 -62.08
CA GLU D 243 60.05 -41.19 -62.85
C GLU D 243 58.61 -40.98 -63.32
N GLU D 244 57.99 -39.90 -62.89
CA GLU D 244 56.58 -39.70 -63.11
C GLU D 244 56.24 -38.59 -64.11
N VAL D 245 57.14 -37.61 -64.27
CA VAL D 245 56.89 -36.47 -65.19
C VAL D 245 56.82 -36.88 -66.66
N LYS D 246 57.55 -37.94 -67.00
CA LYS D 246 57.65 -38.47 -68.37
C LYS D 246 56.39 -39.22 -68.80
N LYS D 247 55.65 -39.76 -67.82
CA LYS D 247 54.40 -40.46 -68.09
C LYS D 247 53.30 -39.52 -68.61
N GLU D 248 52.28 -40.11 -69.25
CA GLU D 248 51.20 -39.32 -69.84
C GLU D 248 49.85 -39.91 -69.40
N VAL D 249 49.00 -39.05 -68.83
CA VAL D 249 47.70 -39.48 -68.32
C VAL D 249 46.58 -38.99 -69.27
N LYS D 250 45.75 -39.93 -69.74
CA LYS D 250 44.72 -39.62 -70.72
C LYS D 250 43.46 -38.95 -70.12
N GLY D 251 42.86 -38.05 -70.90
CA GLY D 251 41.58 -37.43 -70.59
C GLY D 251 41.61 -36.45 -69.44
N LEU D 252 42.73 -35.75 -69.26
CA LEU D 252 42.81 -34.72 -68.23
C LEU D 252 41.95 -33.51 -68.59
N LYS D 253 41.55 -32.74 -67.58
CA LYS D 253 40.67 -31.60 -67.80
C LYS D 253 41.23 -30.30 -67.21
N ILE D 254 41.07 -29.20 -67.94
CA ILE D 254 41.56 -27.90 -67.48
C ILE D 254 40.43 -26.93 -67.30
N GLY D 255 40.39 -26.30 -66.13
CA GLY D 255 39.37 -25.31 -65.82
C GLY D 255 39.82 -23.88 -66.05
N LEU D 256 38.99 -23.09 -66.72
CA LEU D 256 39.25 -21.67 -66.91
C LEU D 256 38.23 -20.89 -66.08
N PRO D 257 38.66 -20.36 -64.93
CA PRO D 257 37.78 -19.59 -64.04
C PRO D 257 37.09 -18.42 -64.73
N LYS D 258 35.76 -18.41 -64.71
CA LYS D 258 34.95 -17.37 -65.35
C LYS D 258 35.24 -16.00 -64.75
N GLU D 259 35.58 -15.98 -63.46
CA GLU D 259 35.85 -14.76 -62.76
C GLU D 259 37.12 -14.09 -63.24
N PHE D 260 38.02 -14.89 -63.80
CA PHE D 260 39.30 -14.37 -64.31
C PHE D 260 39.12 -13.61 -65.64
N PHE D 261 38.00 -13.82 -66.30
CA PHE D 261 37.70 -13.09 -67.54
C PHE D 261 37.56 -11.61 -67.27
N GLU D 262 37.15 -11.25 -66.06
CA GLU D 262 36.94 -9.86 -65.77
C GLU D 262 38.21 -9.20 -65.31
N TYR D 263 39.28 -9.98 -65.21
CA TYR D 263 40.58 -9.44 -64.80
C TYR D 263 41.25 -8.68 -65.96
N GLU D 264 41.68 -7.45 -65.71
CA GLU D 264 42.45 -6.69 -66.69
C GLU D 264 43.76 -7.40 -67.08
N LEU D 265 43.84 -7.89 -68.32
CA LEU D 265 45.07 -8.47 -68.89
C LEU D 265 45.66 -7.62 -70.02
N GLN D 266 46.98 -7.62 -70.12
CA GLN D 266 47.68 -7.11 -71.28
C GLN D 266 47.33 -7.98 -72.49
N PRO D 267 47.02 -7.33 -73.63
CA PRO D 267 46.69 -8.03 -74.87
C PRO D 267 47.70 -9.10 -75.23
N GLN D 268 48.99 -8.82 -75.11
CA GLN D 268 50.03 -9.83 -75.38
C GLN D 268 49.85 -11.11 -74.55
N VAL D 269 49.57 -10.91 -73.25
CA VAL D 269 49.44 -12.00 -72.30
C VAL D 269 48.19 -12.81 -72.64
N LYS D 270 47.10 -12.10 -72.88
CA LYS D 270 45.83 -12.71 -73.24
C LYS D 270 46.04 -13.61 -74.45
N GLU D 271 46.68 -13.04 -75.48
CA GLU D 271 46.98 -13.74 -76.72
C GLU D 271 47.83 -14.99 -76.51
N ALA D 272 48.91 -14.84 -75.73
CA ALA D 272 49.80 -15.94 -75.35
C ALA D 272 49.06 -17.07 -74.66
N PHE D 273 48.17 -16.69 -73.76
CA PHE D 273 47.48 -17.67 -72.95
C PHE D 273 46.44 -18.44 -73.76
N GLU D 274 45.72 -17.72 -74.61
CA GLU D 274 44.77 -18.33 -75.54
C GLU D 274 45.43 -19.38 -76.42
N ASN D 275 46.59 -19.03 -76.97
CA ASN D 275 47.32 -19.98 -77.80
C ASN D 275 47.74 -21.20 -77.00
N PHE D 276 48.20 -20.97 -75.78
CA PHE D 276 48.66 -22.03 -74.88
C PHE D 276 47.56 -23.07 -74.67
N ILE D 277 46.35 -22.56 -74.45
CA ILE D 277 45.16 -23.40 -74.22
C ILE D 277 44.68 -24.10 -75.51
N LYS D 278 44.67 -23.37 -76.63
CA LYS D 278 44.31 -23.96 -77.94
C LYS D 278 45.23 -25.13 -78.26
N GLU D 279 46.52 -24.93 -78.02
CA GLU D 279 47.53 -25.93 -78.29
C GLU D 279 47.39 -27.15 -77.36
N LEU D 280 46.99 -26.91 -76.12
CA LEU D 280 46.72 -28.02 -75.20
C LEU D 280 45.47 -28.78 -75.63
N GLU D 281 44.45 -28.02 -76.03
CA GLU D 281 43.23 -28.58 -76.57
C GLU D 281 43.55 -29.56 -77.70
N LYS D 282 44.40 -29.13 -78.62
CA LYS D 282 44.82 -29.96 -79.76
C LYS D 282 45.48 -31.26 -79.33
N GLU D 283 46.14 -31.26 -78.18
CA GLU D 283 46.82 -32.44 -77.65
C GLU D 283 45.89 -33.38 -76.90
N GLY D 284 44.65 -32.98 -76.73
CA GLY D 284 43.64 -33.86 -76.16
C GLY D 284 43.07 -33.47 -74.80
N PHE D 285 43.53 -32.35 -74.26
CA PHE D 285 42.99 -31.85 -73.00
C PHE D 285 41.59 -31.33 -73.23
N GLU D 286 40.67 -31.68 -72.35
CA GLU D 286 39.35 -31.07 -72.37
C GLU D 286 39.34 -29.76 -71.59
N ILE D 287 38.81 -28.72 -72.20
CA ILE D 287 38.86 -27.37 -71.64
C ILE D 287 37.45 -26.94 -71.23
N LYS D 288 37.26 -26.65 -69.93
CA LYS D 288 35.96 -26.29 -69.33
C LYS D 288 36.01 -24.97 -68.60
N GLU D 289 34.95 -24.19 -68.68
CA GLU D 289 34.87 -23.00 -67.84
C GLU D 289 34.42 -23.39 -66.43
N VAL D 290 35.10 -22.88 -65.41
CA VAL D 290 34.70 -23.14 -64.03
C VAL D 290 34.36 -21.85 -63.30
N SER D 291 33.70 -21.99 -62.16
CA SER D 291 33.40 -20.88 -61.27
C SER D 291 34.24 -20.92 -60.00
N LEU D 292 34.72 -19.74 -59.60
CA LEU D 292 35.33 -19.55 -58.29
C LEU D 292 34.76 -18.23 -57.79
N PRO D 293 33.54 -18.27 -57.24
CA PRO D 293 32.79 -17.04 -56.92
C PRO D 293 33.52 -16.07 -55.98
N HIS D 294 34.51 -16.57 -55.24
CA HIS D 294 35.17 -15.76 -54.22
C HIS D 294 36.56 -15.24 -54.59
N VAL D 295 37.15 -15.73 -55.69
CA VAL D 295 38.57 -15.44 -55.98
C VAL D 295 38.88 -13.97 -56.03
N LYS D 296 37.94 -13.16 -56.49
CA LYS D 296 38.21 -11.72 -56.60
C LYS D 296 38.60 -11.18 -55.24
N TYR D 297 38.22 -11.88 -54.17
CA TYR D 297 38.57 -11.46 -52.81
C TYR D 297 39.95 -11.95 -52.37
N SER D 298 40.69 -12.62 -53.24
CA SER D 298 41.98 -13.18 -52.84
C SER D 298 42.98 -12.12 -52.41
N ILE D 299 43.07 -11.04 -53.18
CA ILE D 299 44.02 -9.95 -52.89
C ILE D 299 43.76 -9.28 -51.53
N PRO D 300 42.53 -8.84 -51.26
CA PRO D 300 42.36 -8.17 -49.98
C PRO D 300 42.54 -9.16 -48.82
N THR D 301 42.16 -10.40 -49.04
CA THR D 301 42.35 -11.45 -48.05
C THR D 301 43.84 -11.64 -47.73
N TYR D 302 44.64 -11.82 -48.77
CA TYR D 302 46.10 -12.00 -48.64
C TYR D 302 46.77 -10.80 -47.98
N TYR D 303 46.30 -9.59 -48.30
CA TYR D 303 46.97 -8.40 -47.82
C TYR D 303 46.46 -7.96 -46.45
N ILE D 304 45.80 -8.90 -45.79
CA ILE D 304 45.46 -8.77 -44.38
C ILE D 304 46.19 -9.90 -43.67
N ILE D 305 46.04 -11.12 -44.17
CA ILE D 305 46.71 -12.27 -43.58
C ILE D 305 48.24 -12.19 -43.59
N ALA D 306 48.83 -11.99 -44.77
CA ALA D 306 50.28 -11.94 -44.90
C ALA D 306 50.94 -10.90 -43.98
N PRO D 307 50.55 -9.60 -44.07
CA PRO D 307 51.10 -8.59 -43.17
C PRO D 307 50.87 -8.91 -41.72
N SER D 308 49.76 -9.55 -41.36
CA SER D 308 49.54 -9.87 -39.95
C SER D 308 50.57 -10.85 -39.48
N GLU D 309 50.69 -12.00 -40.14
CA GLU D 309 51.67 -13.01 -39.78
C GLU D 309 53.09 -12.44 -39.87
N ALA D 310 53.31 -11.56 -40.84
CA ALA D 310 54.59 -10.87 -40.98
C ALA D 310 54.93 -9.99 -39.77
N SER D 311 53.97 -9.27 -39.22
CA SER D 311 54.26 -8.40 -38.11
C SER D 311 54.64 -9.22 -36.89
N SER D 312 54.05 -10.41 -36.77
CA SER D 312 54.35 -11.30 -35.65
C SER D 312 55.70 -11.97 -35.89
N ASN D 313 55.87 -12.49 -37.10
CA ASN D 313 57.10 -13.20 -37.46
C ASN D 313 58.37 -12.34 -37.44
N LEU D 314 58.18 -11.02 -37.48
CA LEU D 314 59.31 -10.08 -37.50
C LEU D 314 59.54 -9.34 -36.18
N ALA D 315 58.75 -9.67 -35.17
CA ALA D 315 58.91 -9.11 -33.83
C ALA D 315 60.27 -9.45 -33.22
N ARG D 316 60.89 -10.52 -33.71
CA ARG D 316 62.13 -11.04 -33.14
C ARG D 316 63.40 -10.29 -33.56
N TYR D 317 63.30 -9.46 -34.59
CA TYR D 317 64.42 -8.65 -35.04
C TYR D 317 64.44 -7.36 -34.21
N ASP D 318 65.32 -7.38 -33.20
CA ASP D 318 65.24 -6.49 -32.05
C ASP D 318 66.59 -6.01 -31.50
N GLY D 319 67.71 -6.46 -32.09
CA GLY D 319 69.03 -6.02 -31.64
C GLY D 319 69.54 -6.69 -30.37
N VAL D 320 68.86 -7.72 -29.91
CA VAL D 320 69.29 -8.37 -28.69
C VAL D 320 70.17 -9.57 -28.91
N ARG D 321 69.76 -10.52 -29.75
CA ARG D 321 70.45 -11.81 -29.81
C ARG D 321 71.31 -11.99 -31.08
N TYR D 322 71.03 -11.15 -32.10
CA TYR D 322 71.73 -11.25 -33.41
C TYR D 322 71.43 -10.05 -34.27
N GLY D 323 72.17 -9.95 -35.38
CA GLY D 323 71.91 -8.94 -36.39
C GLY D 323 72.16 -7.51 -35.96
N TYR D 324 71.58 -6.59 -36.71
CA TYR D 324 71.79 -5.16 -36.53
C TYR D 324 71.29 -4.62 -35.21
N ARG D 325 72.06 -3.65 -34.69
CA ARG D 325 71.65 -2.86 -33.54
C ARG D 325 72.02 -1.40 -33.75
N ALA D 326 71.05 -0.51 -33.59
CA ALA D 326 71.29 0.95 -33.70
C ALA D 326 72.46 1.39 -32.81
N LYS D 327 73.19 2.42 -33.24
CA LYS D 327 74.38 2.85 -32.51
C LYS D 327 74.07 3.77 -31.35
N GLU D 328 73.07 4.65 -31.52
CA GLU D 328 72.66 5.62 -30.49
C GLU D 328 71.31 5.26 -29.84
N TYR D 329 71.30 5.10 -28.52
CA TYR D 329 70.06 4.88 -27.78
C TYR D 329 70.15 5.18 -26.28
N LYS D 330 69.11 5.80 -25.73
CA LYS D 330 69.12 6.23 -24.34
C LYS D 330 68.55 5.15 -23.43
N ASP D 331 67.78 4.24 -24.01
CA ASP D 331 67.04 3.25 -23.23
C ASP D 331 66.54 2.10 -24.12
N ILE D 332 66.20 0.99 -23.50
CA ILE D 332 65.93 -0.25 -24.23
C ILE D 332 64.82 -0.05 -25.26
N PHE D 333 63.91 0.88 -24.96
CA PHE D 333 62.84 1.22 -25.90
C PHE D 333 63.42 1.86 -27.15
N GLU D 334 64.29 2.85 -26.99
CA GLU D 334 64.97 3.46 -28.14
C GLU D 334 65.82 2.45 -28.89
N MET D 335 66.51 1.58 -28.15
CA MET D 335 67.30 0.57 -28.80
C MET D 335 66.45 -0.25 -29.74
N TYR D 336 65.32 -0.74 -29.22
CA TYR D 336 64.36 -1.51 -29.99
C TYR D 336 63.87 -0.71 -31.19
N ALA D 337 63.26 0.43 -30.93
CA ALA D 337 62.56 1.19 -31.97
C ALA D 337 63.46 1.77 -33.07
N ARG D 338 64.70 2.09 -32.70
CA ARG D 338 65.67 2.63 -33.66
C ARG D 338 66.35 1.50 -34.45
N THR D 339 66.72 0.41 -33.79
CA THR D 339 67.24 -0.76 -34.51
C THR D 339 66.30 -1.14 -35.66
N ARG D 340 65.01 -1.13 -35.37
CA ARG D 340 64.02 -1.62 -36.30
C ARG D 340 63.68 -0.58 -37.36
N ASP D 341 63.53 0.67 -36.96
CA ASP D 341 63.29 1.71 -37.97
C ASP D 341 64.45 1.81 -38.97
N GLU D 342 65.66 1.63 -38.45
CA GLU D 342 66.86 1.76 -39.27
C GLU D 342 67.15 0.48 -40.07
N GLY D 343 66.81 -0.66 -39.48
CA GLY D 343 67.14 -1.97 -40.05
C GLY D 343 66.14 -2.49 -41.07
N PHE D 344 64.88 -2.08 -40.95
CA PHE D 344 63.81 -2.53 -41.84
C PHE D 344 63.59 -1.57 -42.99
N GLY D 345 63.40 -2.11 -44.18
CA GLY D 345 63.06 -1.31 -45.35
C GLY D 345 61.63 -0.80 -45.36
N PRO D 346 61.29 0.03 -46.36
CA PRO D 346 59.98 0.68 -46.41
C PRO D 346 58.80 -0.27 -46.51
N GLU D 347 58.90 -1.31 -47.34
CA GLU D 347 57.75 -2.18 -47.58
C GLU D 347 57.54 -3.03 -46.35
N VAL D 348 58.65 -3.46 -45.74
CA VAL D 348 58.57 -4.26 -44.54
C VAL D 348 57.89 -3.45 -43.43
N LYS D 349 58.29 -2.19 -43.29
CA LYS D 349 57.72 -1.33 -42.28
C LYS D 349 56.23 -1.14 -42.48
N ARG D 350 55.82 -0.97 -43.73
CA ARG D 350 54.40 -0.85 -44.05
C ARG D 350 53.60 -2.03 -43.52
N ARG D 351 54.08 -3.24 -43.81
CA ARG D 351 53.33 -4.46 -43.53
C ARG D 351 53.40 -4.81 -42.05
N ILE D 352 54.46 -4.36 -41.38
CA ILE D 352 54.54 -4.43 -39.93
C ILE D 352 53.45 -3.57 -39.29
N MET D 353 53.30 -2.33 -39.76
CA MET D 353 52.29 -1.41 -39.27
C MET D 353 50.89 -1.95 -39.49
N LEU D 354 50.61 -2.32 -40.73
CA LEU D 354 49.32 -2.86 -41.10
C LEU D 354 49.00 -4.14 -40.29
N GLY D 355 49.98 -5.03 -40.16
CA GLY D 355 49.84 -6.24 -39.38
C GLY D 355 49.53 -6.02 -37.91
N THR D 356 50.18 -5.05 -37.27
CA THR D 356 49.91 -4.84 -35.83
C THR D 356 48.54 -4.24 -35.62
N PHE D 357 48.06 -3.51 -36.63
CA PHE D 357 46.68 -2.98 -36.60
C PHE D 357 45.68 -4.13 -36.77
N ALA D 358 45.86 -4.91 -37.83
CA ALA D 358 45.04 -6.10 -38.14
C ALA D 358 44.87 -7.10 -36.98
N LEU D 359 45.86 -7.17 -36.10
CA LEU D 359 45.83 -8.08 -34.97
C LEU D 359 45.38 -7.41 -33.69
N SER D 360 45.30 -6.07 -33.70
CA SER D 360 44.96 -5.34 -32.50
C SER D 360 43.53 -5.62 -32.11
N ALA D 361 43.29 -5.77 -30.79
CA ALA D 361 41.95 -6.05 -30.27
C ALA D 361 41.03 -4.95 -30.71
N GLY D 362 39.82 -5.31 -31.11
CA GLY D 362 38.93 -4.28 -31.61
C GLY D 362 38.94 -4.24 -33.13
N TYR D 363 40.02 -4.72 -33.72
CA TYR D 363 40.06 -4.81 -35.16
C TYR D 363 40.33 -6.22 -35.68
N TYR D 364 40.72 -7.11 -34.78
CA TYR D 364 41.07 -8.47 -35.10
C TYR D 364 39.94 -9.21 -35.84
N ASP D 365 38.73 -9.09 -35.32
CA ASP D 365 37.54 -9.79 -35.80
C ASP D 365 37.19 -9.40 -37.20
N ALA D 366 37.22 -8.10 -37.48
CA ALA D 366 36.92 -7.58 -38.82
C ALA D 366 38.07 -7.75 -39.85
N TYR D 367 39.29 -7.96 -39.35
CA TYR D 367 40.47 -8.08 -40.17
C TYR D 367 41.00 -9.51 -40.25
N TYR D 368 41.96 -9.88 -39.42
CA TYR D 368 42.60 -11.19 -39.54
C TYR D 368 41.58 -12.34 -39.49
N LEU D 369 40.75 -12.36 -38.45
CA LEU D 369 39.73 -13.41 -38.31
C LEU D 369 38.87 -13.49 -39.56
N LYS D 370 38.29 -12.35 -39.93
CA LYS D 370 37.46 -12.29 -41.10
C LYS D 370 38.17 -12.90 -42.33
N ALA D 371 39.43 -12.50 -42.51
CA ALA D 371 40.19 -12.90 -43.69
C ALA D 371 40.42 -14.41 -43.68
N GLN D 372 40.61 -14.95 -42.49
CA GLN D 372 40.88 -16.36 -42.37
C GLN D 372 39.63 -17.14 -42.72
N LYS D 373 38.47 -16.55 -42.51
CA LYS D 373 37.22 -17.16 -42.95
C LYS D 373 36.99 -17.06 -44.47
N VAL D 374 37.17 -15.86 -45.03
CA VAL D 374 37.06 -15.68 -46.47
C VAL D 374 38.04 -16.59 -47.19
N ARG D 375 39.15 -16.88 -46.52
CA ARG D 375 40.16 -17.81 -47.03
C ARG D 375 39.61 -19.23 -47.17
N ARG D 376 38.77 -19.66 -46.23
CA ARG D 376 38.10 -20.97 -46.34
C ARG D 376 37.10 -21.00 -47.47
N LEU D 377 36.35 -19.91 -47.62
CA LEU D 377 35.46 -19.75 -48.75
C LEU D 377 36.21 -19.96 -50.08
N ILE D 378 37.33 -19.23 -50.25
CA ILE D 378 38.17 -19.30 -51.44
C ILE D 378 38.69 -20.71 -51.65
N THR D 379 39.18 -21.34 -50.58
CA THR D 379 39.66 -22.72 -50.67
C THR D 379 38.55 -23.63 -51.16
N ASN D 380 37.35 -23.45 -50.61
CA ASN D 380 36.20 -24.26 -50.97
C ASN D 380 35.77 -24.11 -52.42
N ASP D 381 35.84 -22.90 -52.97
CA ASP D 381 35.68 -22.71 -54.42
C ASP D 381 36.54 -23.70 -55.17
N PHE D 382 37.82 -23.74 -54.83
CA PHE D 382 38.76 -24.61 -55.53
C PHE D 382 38.39 -26.08 -55.41
N LEU D 383 38.08 -26.50 -54.19
CA LEU D 383 37.77 -27.89 -53.90
C LEU D 383 36.59 -28.37 -54.75
N LYS D 384 35.62 -27.47 -54.90
CA LYS D 384 34.43 -27.76 -55.68
C LYS D 384 34.72 -27.74 -57.21
N ALA D 385 35.47 -26.75 -57.68
CA ALA D 385 35.92 -26.75 -59.06
C ALA D 385 36.78 -27.99 -59.39
N PHE D 386 37.47 -28.53 -58.41
CA PHE D 386 38.33 -29.66 -58.63
C PHE D 386 37.55 -30.95 -58.75
N GLU D 387 36.25 -30.86 -58.48
CA GLU D 387 35.37 -32.00 -58.71
C GLU D 387 35.10 -32.21 -60.20
N GLU D 388 35.07 -31.11 -60.96
CA GLU D 388 34.80 -31.16 -62.40
C GLU D 388 36.08 -31.21 -63.26
N VAL D 389 37.18 -30.72 -62.70
CA VAL D 389 38.38 -30.36 -63.44
C VAL D 389 39.66 -30.91 -62.76
N ASP D 390 40.75 -31.10 -63.48
CA ASP D 390 41.94 -31.62 -62.83
C ASP D 390 42.98 -30.57 -62.48
N VAL D 391 43.11 -29.55 -63.33
CA VAL D 391 43.94 -28.42 -63.00
C VAL D 391 43.18 -27.17 -63.39
N ILE D 392 43.62 -26.05 -62.85
CA ILE D 392 43.06 -24.76 -63.19
C ILE D 392 44.17 -23.93 -63.86
N ALA D 393 43.90 -23.36 -65.02
CA ALA D 393 44.92 -22.56 -65.70
C ALA D 393 44.57 -21.07 -65.82
N SER D 394 45.61 -20.24 -65.84
CA SER D 394 45.46 -18.83 -66.07
C SER D 394 46.81 -18.31 -66.51
N PRO D 395 46.88 -17.06 -67.01
CA PRO D 395 48.21 -16.44 -67.05
C PRO D 395 48.75 -16.36 -65.63
N THR D 396 50.08 -16.47 -65.47
CA THR D 396 50.70 -16.31 -64.16
C THR D 396 50.64 -14.85 -63.72
N THR D 397 50.67 -13.94 -64.67
CA THR D 397 50.71 -12.50 -64.39
C THR D 397 49.83 -11.78 -65.39
N PRO D 398 49.18 -10.68 -64.96
CA PRO D 398 48.35 -9.91 -65.89
C PRO D 398 49.11 -9.09 -66.95
N THR D 399 50.41 -8.89 -66.74
CA THR D 399 51.21 -8.07 -67.65
C THR D 399 52.54 -8.72 -67.94
N LEU D 400 53.22 -8.20 -68.96
CA LEU D 400 54.62 -8.49 -69.21
C LEU D 400 55.48 -7.82 -68.12
N PRO D 401 56.73 -8.29 -67.92
CA PRO D 401 57.67 -7.66 -67.00
C PRO D 401 57.65 -6.18 -67.14
N PHE D 402 57.46 -5.48 -66.05
CA PHE D 402 57.38 -4.00 -66.06
C PHE D 402 58.73 -3.32 -65.75
N LYS D 403 58.74 -1.99 -65.81
CA LYS D 403 59.99 -1.25 -65.65
C LYS D 403 60.28 -0.86 -64.19
N PHE D 404 61.57 -0.68 -63.87
CA PHE D 404 61.96 -0.19 -62.57
C PHE D 404 61.26 1.14 -62.30
N GLY D 405 60.90 1.35 -61.04
CA GLY D 405 60.25 2.58 -60.62
C GLY D 405 58.78 2.64 -60.97
N GLU D 406 58.31 1.70 -61.80
CA GLU D 406 56.93 1.73 -62.29
C GLU D 406 55.87 1.48 -61.22
N ARG D 407 56.23 0.69 -60.22
CA ARG D 407 55.27 0.29 -59.23
C ARG D 407 55.80 0.59 -57.84
N LEU D 408 56.52 1.69 -57.73
CA LEU D 408 57.08 2.10 -56.44
C LEU D 408 56.43 3.36 -55.94
N GLU D 409 55.72 4.06 -56.83
CA GLU D 409 55.03 5.28 -56.45
C GLU D 409 53.90 5.01 -55.44
N ASN D 410 52.86 4.26 -55.85
CA ASN D 410 51.84 3.73 -54.93
C ASN D 410 52.16 2.25 -54.61
N PRO D 411 52.35 1.91 -53.30
CA PRO D 411 52.67 0.54 -52.92
C PRO D 411 51.62 -0.42 -53.45
N ILE D 412 50.38 0.03 -53.50
CA ILE D 412 49.29 -0.78 -53.99
C ILE D 412 49.53 -1.30 -55.41
N GLU D 413 50.14 -0.49 -56.27
CA GLU D 413 50.39 -0.90 -57.65
C GLU D 413 51.28 -2.13 -57.67
N MET D 414 52.16 -2.25 -56.68
CA MET D 414 53.01 -3.44 -56.55
C MET D 414 52.21 -4.69 -56.14
N TYR D 415 51.23 -4.50 -55.25
CA TYR D 415 50.39 -5.61 -54.80
C TYR D 415 49.59 -6.22 -55.95
N LEU D 416 49.15 -5.35 -56.87
CA LEU D 416 48.33 -5.79 -58.00
C LEU D 416 49.03 -6.77 -58.96
N SER D 417 50.33 -6.96 -58.79
CA SER D 417 51.07 -7.93 -59.57
C SER D 417 50.72 -9.37 -59.18
N ASP D 418 50.16 -9.53 -57.98
CA ASP D 418 49.95 -10.87 -57.44
C ASP D 418 48.55 -11.41 -57.64
N ILE D 419 47.71 -10.70 -58.39
CA ILE D 419 46.27 -10.99 -58.47
C ILE D 419 45.96 -12.38 -58.94
N LEU D 420 46.85 -12.95 -59.75
CA LEU D 420 46.60 -14.29 -60.29
C LEU D 420 47.34 -15.35 -59.51
N THR D 421 48.23 -14.94 -58.62
CA THR D 421 49.11 -15.87 -57.90
C THR D 421 48.74 -16.18 -56.44
N VAL D 422 48.20 -15.22 -55.73
CA VAL D 422 47.90 -15.41 -54.31
C VAL D 422 46.85 -16.50 -54.11
N PRO D 423 45.84 -16.67 -54.98
CA PRO D 423 44.81 -17.64 -54.62
C PRO D 423 45.34 -19.03 -54.29
N ALA D 424 46.38 -19.48 -54.99
CA ALA D 424 46.98 -20.78 -54.73
C ALA D 424 47.57 -20.89 -53.33
N ASN D 425 48.18 -19.82 -52.81
CA ASN D 425 48.73 -19.84 -51.46
C ASN D 425 47.64 -19.80 -50.39
N LEU D 426 46.56 -19.07 -50.68
CA LEU D 426 45.42 -18.99 -49.81
C LEU D 426 44.82 -20.36 -49.60
N ALA D 427 44.68 -21.12 -50.68
CA ALA D 427 44.10 -22.45 -50.61
C ALA D 427 45.09 -23.56 -50.25
N GLY D 428 46.37 -23.21 -50.18
CA GLY D 428 47.40 -24.15 -49.84
C GLY D 428 47.73 -25.12 -50.96
N LEU D 429 47.39 -24.73 -52.19
CA LEU D 429 47.45 -25.60 -53.38
C LEU D 429 48.81 -25.51 -54.06
N PRO D 430 49.24 -26.60 -54.72
CA PRO D 430 50.45 -26.50 -55.54
C PRO D 430 50.17 -25.67 -56.78
N ALA D 431 51.18 -25.03 -57.34
CA ALA D 431 50.99 -24.19 -58.51
C ALA D 431 52.29 -24.03 -59.26
N ILE D 432 52.23 -24.01 -60.58
CA ILE D 432 53.42 -24.01 -61.40
C ILE D 432 53.32 -22.92 -62.45
N SER D 433 54.42 -22.21 -62.67
CA SER D 433 54.49 -21.22 -63.76
C SER D 433 55.42 -21.78 -64.82
N ILE D 434 54.95 -21.76 -66.06
CA ILE D 434 55.56 -22.46 -67.16
C ILE D 434 55.64 -21.42 -68.29
N PRO D 435 56.81 -21.31 -68.98
CA PRO D 435 56.98 -20.36 -70.10
C PRO D 435 56.10 -20.76 -71.29
N ILE D 436 55.26 -19.84 -71.77
CA ILE D 436 54.30 -20.21 -72.82
C ILE D 436 54.47 -19.42 -74.15
N ALA D 437 55.19 -18.30 -74.07
CA ALA D 437 55.42 -17.45 -75.24
C ALA D 437 56.49 -16.40 -74.91
N TRP D 438 56.97 -15.73 -75.96
CA TRP D 438 57.79 -14.54 -75.84
C TRP D 438 57.10 -13.48 -76.65
N LYS D 439 56.75 -12.38 -76.00
CA LYS D 439 55.94 -11.35 -76.62
C LYS D 439 56.69 -10.06 -76.50
N ASP D 440 57.05 -9.47 -77.64
CA ASP D 440 57.84 -8.23 -77.71
C ASP D 440 59.16 -8.39 -76.97
N GLY D 441 59.70 -9.61 -77.06
CA GLY D 441 61.01 -9.95 -76.50
C GLY D 441 61.01 -10.45 -75.06
N LEU D 442 59.84 -10.45 -74.43
CA LEU D 442 59.71 -10.73 -73.01
C LEU D 442 58.93 -12.02 -72.75
N PRO D 443 59.37 -12.82 -71.75
CA PRO D 443 58.68 -14.07 -71.44
C PRO D 443 57.29 -13.84 -70.90
N VAL D 444 56.41 -14.80 -71.19
CA VAL D 444 55.07 -14.85 -70.63
C VAL D 444 54.90 -16.24 -70.02
N GLY D 445 54.42 -16.26 -68.77
CA GLY D 445 54.21 -17.50 -68.01
C GLY D 445 52.74 -17.90 -68.00
N GLY D 446 52.50 -19.20 -68.16
CA GLY D 446 51.19 -19.79 -67.97
C GLY D 446 51.18 -20.51 -66.65
N GLN D 447 50.10 -20.35 -65.89
CA GLN D 447 49.99 -20.94 -64.56
C GLN D 447 49.02 -22.10 -64.54
N LEU D 448 49.42 -23.17 -63.88
CA LEU D 448 48.53 -24.28 -63.63
C LEU D 448 48.46 -24.50 -62.14
N ILE D 449 47.25 -24.49 -61.58
CA ILE D 449 47.03 -24.78 -60.16
C ILE D 449 46.46 -26.18 -60.03
N GLY D 450 47.08 -26.98 -59.17
CA GLY D 450 46.68 -28.36 -58.95
C GLY D 450 45.99 -28.62 -57.63
N LYS D 451 45.46 -29.83 -57.49
CA LYS D 451 44.84 -30.29 -56.24
C LYS D 451 45.94 -30.54 -55.22
N HIS D 452 45.55 -30.56 -53.95
CA HIS D 452 46.47 -30.82 -52.86
C HIS D 452 47.23 -32.11 -53.13
N TRP D 453 48.55 -32.02 -53.10
CA TRP D 453 49.44 -33.18 -53.25
C TRP D 453 49.59 -33.70 -54.67
N ASP D 454 48.99 -33.00 -55.64
CA ASP D 454 49.05 -33.38 -57.05
C ASP D 454 50.10 -32.59 -57.84
N GLU D 455 51.33 -32.54 -57.33
CA GLU D 455 52.42 -31.89 -58.01
C GLU D 455 52.74 -32.61 -59.30
N THR D 456 52.61 -33.95 -59.26
CA THR D 456 52.80 -34.84 -60.42
C THR D 456 52.13 -34.32 -61.69
N THR D 457 50.81 -34.16 -61.64
CA THR D 457 50.05 -33.69 -62.79
C THR D 457 50.60 -32.37 -63.33
N LEU D 458 50.78 -31.39 -62.44
CA LEU D 458 51.37 -30.11 -62.78
C LEU D 458 52.70 -30.27 -63.48
N LEU D 459 53.48 -31.24 -63.05
CA LEU D 459 54.79 -31.52 -63.64
C LEU D 459 54.67 -32.24 -64.99
N GLN D 460 53.69 -33.12 -65.10
CA GLN D 460 53.49 -33.85 -66.34
C GLN D 460 53.15 -32.89 -67.47
N ILE D 461 52.14 -32.06 -67.24
CA ILE D 461 51.73 -31.08 -68.22
C ILE D 461 52.90 -30.17 -68.59
N SER D 462 53.70 -29.81 -67.60
CA SER D 462 54.87 -28.97 -67.82
C SER D 462 55.82 -29.67 -68.79
N TYR D 463 55.99 -30.99 -68.59
CA TYR D 463 56.86 -31.81 -69.44
C TYR D 463 56.33 -31.99 -70.87
N LEU D 464 55.04 -32.18 -70.99
CA LEU D 464 54.43 -32.24 -72.29
C LEU D 464 54.55 -30.89 -73.00
N TRP D 465 54.38 -29.78 -72.28
CA TRP D 465 54.42 -28.47 -72.92
C TRP D 465 55.80 -28.12 -73.44
N GLU D 466 56.85 -28.54 -72.73
CA GLU D 466 58.22 -28.24 -73.15
C GLU D 466 58.64 -28.97 -74.44
N GLN D 467 58.05 -30.15 -74.66
CA GLN D 467 58.21 -30.92 -75.89
C GLN D 467 57.69 -30.12 -77.08
N LYS D 468 56.50 -29.55 -76.91
CA LYS D 468 55.89 -28.74 -77.95
C LYS D 468 56.66 -27.46 -78.10
N PHE D 469 57.03 -26.89 -76.96
CA PHE D 469 57.64 -25.58 -76.96
C PHE D 469 58.89 -25.54 -76.08
N LYS D 470 60.04 -25.54 -76.75
CA LYS D 470 61.32 -25.74 -76.08
C LYS D 470 61.89 -24.42 -75.57
N HIS D 471 61.32 -23.93 -74.47
CA HIS D 471 61.71 -22.65 -73.86
C HIS D 471 63.10 -22.67 -73.25
N TYR D 472 63.61 -23.87 -73.00
CA TYR D 472 64.90 -24.02 -72.38
C TYR D 472 66.04 -23.70 -73.34
N GLU D 473 65.71 -23.51 -74.62
CA GLU D 473 66.71 -23.17 -75.64
C GLU D 473 66.88 -21.67 -75.75
N LYS D 474 65.89 -20.92 -75.29
CA LYS D 474 65.96 -19.48 -75.28
C LYS D 474 66.88 -19.00 -74.14
N ILE D 475 68.09 -18.60 -74.50
CA ILE D 475 69.09 -18.16 -73.52
C ILE D 475 69.47 -16.69 -73.71
N PRO D 476 69.23 -15.88 -72.69
CA PRO D 476 69.43 -14.44 -72.79
C PRO D 476 70.90 -14.04 -72.68
N LEU D 477 71.18 -12.75 -72.82
CA LEU D 477 72.56 -12.27 -72.79
C LEU D 477 73.51 -13.29 -73.43
N THR D 478 73.33 -13.52 -74.72
CA THR D 478 74.30 -14.30 -75.49
C THR D 478 74.81 -15.49 -74.70
N GLU E 3 34.29 -5.74 11.87
CA GLU E 3 34.79 -5.23 10.55
C GLU E 3 33.65 -5.07 9.51
N LYS E 4 33.61 -3.91 8.85
CA LYS E 4 32.59 -3.58 7.85
C LYS E 4 32.85 -4.26 6.49
N TYR E 5 34.13 -4.32 6.10
CA TYR E 5 34.53 -4.74 4.75
C TYR E 5 34.71 -6.24 4.50
N GLU E 6 35.24 -6.54 3.32
CA GLU E 6 35.38 -7.90 2.81
C GLU E 6 36.44 -7.91 1.70
N ALA E 7 37.45 -8.75 1.84
CA ALA E 7 38.51 -8.76 0.86
C ALA E 7 38.22 -9.82 -0.19
N VAL E 8 38.45 -9.45 -1.45
CA VAL E 8 38.26 -10.35 -2.60
C VAL E 8 39.61 -10.56 -3.24
N ILE E 9 40.02 -11.82 -3.31
CA ILE E 9 41.36 -12.13 -3.70
C ILE E 9 41.33 -13.21 -4.76
N GLY E 10 41.94 -12.88 -5.90
CA GLY E 10 42.13 -13.82 -7.00
C GLY E 10 43.61 -13.96 -7.28
N LEU E 11 44.03 -15.15 -7.72
CA LEU E 11 45.44 -15.42 -7.96
C LEU E 11 45.74 -15.98 -9.35
N GLU E 12 46.86 -15.56 -9.95
CA GLU E 12 47.40 -16.07 -11.22
C GLU E 12 48.72 -16.78 -10.93
N ILE E 13 48.67 -18.09 -10.93
CA ILE E 13 49.79 -18.90 -10.53
C ILE E 13 50.42 -19.52 -11.79
N HIS E 14 51.75 -19.45 -11.93
CA HIS E 14 52.40 -20.17 -13.03
C HIS E 14 53.18 -21.40 -12.53
N VAL E 15 52.79 -22.59 -12.94
CA VAL E 15 53.47 -23.79 -12.47
C VAL E 15 54.41 -24.35 -13.52
N GLN E 16 55.64 -24.65 -13.13
CA GLN E 16 56.64 -25.09 -14.07
C GLN E 16 56.66 -26.60 -14.16
N MET E 17 56.57 -27.12 -15.37
CA MET E 17 56.36 -28.54 -15.58
C MET E 17 57.67 -29.31 -15.56
N ASP E 18 57.70 -30.29 -14.67
CA ASP E 18 58.87 -31.10 -14.42
C ASP E 18 59.09 -32.19 -15.53
N THR E 19 59.16 -31.70 -16.77
CA THR E 19 59.50 -32.48 -17.95
C THR E 19 61.02 -32.34 -18.16
N LYS E 20 61.64 -33.32 -18.85
CA LYS E 20 63.06 -33.27 -19.13
C LYS E 20 63.36 -32.13 -20.09
N THR E 21 62.40 -31.90 -21.00
CA THR E 21 62.58 -31.09 -22.23
C THR E 21 61.74 -29.79 -22.22
N LYS E 22 62.16 -28.78 -22.99
CA LYS E 22 61.38 -27.53 -23.02
C LYS E 22 60.04 -27.74 -23.75
N MET E 23 59.19 -26.69 -23.77
CA MET E 23 57.85 -26.81 -24.34
C MET E 23 57.90 -27.09 -25.85
N PHE E 24 58.71 -26.29 -26.56
CA PHE E 24 58.70 -26.33 -28.01
C PHE E 24 59.99 -26.79 -28.72
N CYS E 25 60.90 -27.46 -28.00
CA CYS E 25 62.21 -27.94 -28.52
C CYS E 25 62.88 -28.86 -27.51
N GLY E 26 63.78 -29.73 -27.99
CA GLY E 26 64.39 -30.80 -27.17
C GLY E 26 65.57 -30.42 -26.25
N CYS E 27 65.82 -29.11 -26.10
CA CYS E 27 66.68 -28.55 -25.06
C CYS E 27 66.23 -28.97 -23.66
N LYS E 28 67.19 -29.08 -22.76
CA LYS E 28 66.90 -29.58 -21.42
C LYS E 28 66.40 -28.50 -20.47
N VAL E 29 65.48 -28.93 -19.61
CA VAL E 29 65.06 -28.14 -18.47
C VAL E 29 65.90 -28.60 -17.29
N GLU E 30 66.60 -27.64 -16.67
CA GLU E 30 67.39 -27.89 -15.47
C GLU E 30 67.76 -26.60 -14.75
N PHE E 31 67.95 -26.69 -13.44
CA PHE E 31 68.29 -25.53 -12.63
C PHE E 31 69.79 -25.33 -12.52
N GLY E 32 70.25 -24.10 -12.73
CA GLY E 32 71.61 -23.73 -12.41
C GLY E 32 72.61 -24.29 -13.39
N ALA E 33 72.40 -24.01 -14.67
CA ALA E 33 73.38 -24.34 -15.70
C ALA E 33 74.12 -23.10 -16.17
N GLU E 34 75.35 -23.29 -16.65
CA GLU E 34 76.04 -22.28 -17.43
C GLU E 34 75.06 -21.49 -18.30
N PRO E 35 75.12 -20.16 -18.19
CA PRO E 35 74.20 -19.29 -18.95
C PRO E 35 74.22 -19.57 -20.45
N ASN E 36 73.05 -19.52 -21.08
CA ASN E 36 72.91 -19.97 -22.46
C ASN E 36 73.64 -21.29 -22.70
N THR E 37 73.08 -22.38 -22.18
CA THR E 37 73.80 -23.65 -22.10
C THR E 37 73.02 -24.78 -22.74
N ASN E 38 71.78 -24.97 -22.28
CA ASN E 38 70.78 -25.70 -23.05
C ASN E 38 69.90 -24.77 -23.88
N VAL E 39 70.44 -24.28 -24.98
CA VAL E 39 69.71 -23.36 -25.85
C VAL E 39 69.92 -23.69 -27.31
N CYS E 40 68.95 -23.34 -28.14
CA CYS E 40 68.94 -23.79 -29.56
C CYS E 40 68.16 -22.77 -30.43
N PRO E 41 68.18 -22.96 -31.77
CA PRO E 41 67.59 -21.99 -32.67
C PRO E 41 66.15 -21.69 -32.29
N VAL E 42 65.40 -22.72 -31.93
CA VAL E 42 63.99 -22.56 -31.60
C VAL E 42 63.79 -21.63 -30.43
N CYS E 43 64.40 -21.97 -29.29
CA CYS E 43 64.13 -21.28 -28.04
C CYS E 43 64.90 -19.97 -27.95
N LEU E 44 65.88 -19.80 -28.83
CA LEU E 44 66.66 -18.58 -28.88
C LEU E 44 65.97 -17.52 -29.74
N GLY E 45 64.85 -17.90 -30.34
CA GLY E 45 64.09 -16.99 -31.18
C GLY E 45 64.88 -16.63 -32.43
N MET E 46 65.47 -17.64 -33.06
CA MET E 46 66.30 -17.38 -34.23
C MET E 46 65.51 -17.42 -35.54
N PRO E 47 65.97 -16.68 -36.58
CA PRO E 47 65.14 -16.70 -37.77
C PRO E 47 65.09 -18.13 -38.34
N GLY E 48 63.89 -18.57 -38.70
CA GLY E 48 63.70 -19.79 -39.45
C GLY E 48 63.39 -20.97 -38.55
N ALA E 49 63.23 -20.69 -37.26
CA ALA E 49 63.13 -21.75 -36.27
C ALA E 49 61.68 -21.97 -35.89
N LEU E 50 61.25 -23.23 -35.90
CA LEU E 50 59.84 -23.57 -35.71
C LEU E 50 59.58 -24.37 -34.42
N PRO E 51 58.44 -24.10 -33.74
CA PRO E 51 58.12 -24.78 -32.49
C PRO E 51 57.51 -26.13 -32.75
N ILE E 52 57.83 -27.07 -31.86
CA ILE E 52 57.28 -28.43 -31.87
C ILE E 52 56.79 -28.82 -30.47
N VAL E 53 55.52 -29.19 -30.34
CA VAL E 53 54.90 -29.43 -29.02
C VAL E 53 55.48 -30.59 -28.22
N ASN E 54 55.77 -30.33 -26.94
CA ASN E 54 56.13 -31.39 -25.97
C ASN E 54 54.93 -32.28 -25.54
N LYS E 55 54.97 -33.55 -25.94
CA LYS E 55 53.92 -34.50 -25.62
C LYS E 55 53.74 -34.70 -24.13
N ARG E 56 54.85 -34.79 -23.40
CA ARG E 56 54.81 -35.02 -21.93
C ARG E 56 54.26 -33.80 -21.24
N ALA E 57 54.71 -32.64 -21.68
CA ALA E 57 54.11 -31.39 -21.21
C ALA E 57 52.59 -31.38 -21.38
N VAL E 58 52.11 -31.87 -22.54
CA VAL E 58 50.68 -31.96 -22.77
C VAL E 58 50.06 -33.00 -21.85
N GLU E 59 50.77 -34.10 -21.62
CA GLU E 59 50.33 -35.10 -20.65
C GLU E 59 50.17 -34.54 -19.23
N TYR E 60 51.25 -33.99 -18.68
CA TYR E 60 51.22 -33.34 -17.36
C TYR E 60 50.15 -32.26 -17.21
N ALA E 61 49.93 -31.45 -18.25
CA ALA E 61 48.96 -30.35 -18.15
C ALA E 61 47.52 -30.85 -18.09
N ILE E 62 47.28 -32.00 -18.71
CA ILE E 62 46.00 -32.66 -18.59
C ILE E 62 45.85 -33.38 -17.24
N ARG E 63 46.87 -34.12 -16.83
CA ARG E 63 46.90 -34.71 -15.49
C ARG E 63 46.58 -33.65 -14.46
N ALA E 64 47.23 -32.50 -14.58
CA ALA E 64 47.01 -31.39 -13.64
C ALA E 64 45.59 -30.85 -13.70
N SER E 65 45.07 -30.70 -14.90
CA SER E 65 43.74 -30.10 -15.08
C SER E 65 42.62 -30.90 -14.40
N LEU E 66 42.73 -32.23 -14.53
CA LEU E 66 41.80 -33.22 -13.94
C LEU E 66 41.91 -33.29 -12.42
N ALA E 67 43.16 -33.20 -11.95
CA ALA E 67 43.44 -33.10 -10.54
C ALA E 67 42.82 -31.85 -9.93
N LEU E 68 42.60 -30.81 -10.75
CA LEU E 68 41.94 -29.59 -10.25
C LEU E 68 40.47 -29.56 -10.69
N ASN E 69 39.99 -30.74 -11.14
CA ASN E 69 38.57 -30.95 -11.45
C ASN E 69 38.03 -30.08 -12.57
N CYS E 70 38.88 -29.81 -13.55
CA CYS E 70 38.52 -28.91 -14.63
C CYS E 70 37.94 -29.74 -15.74
N GLU E 71 37.11 -29.08 -16.54
CA GLU E 71 36.74 -29.65 -17.83
C GLU E 71 37.95 -29.48 -18.76
N VAL E 72 38.49 -30.59 -19.26
CA VAL E 72 39.57 -30.51 -20.24
C VAL E 72 38.96 -30.53 -21.64
N HIS E 73 39.14 -29.44 -22.40
CA HIS E 73 38.63 -29.32 -23.78
C HIS E 73 39.43 -30.08 -24.82
N GLU E 74 38.72 -30.88 -25.58
CA GLU E 74 39.34 -31.77 -26.54
C GLU E 74 40.13 -31.00 -27.61
N GLU E 75 39.71 -29.77 -27.91
CA GLU E 75 40.50 -28.93 -28.80
C GLU E 75 40.85 -27.58 -28.17
N SER E 76 42.14 -27.24 -28.18
CA SER E 76 42.62 -25.99 -27.66
C SER E 76 43.71 -25.45 -28.57
N VAL E 77 43.87 -24.13 -28.62
CA VAL E 77 44.78 -23.56 -29.61
C VAL E 77 45.85 -22.69 -28.98
N PHE E 78 47.11 -22.94 -29.35
CA PHE E 78 48.20 -22.10 -28.90
C PHE E 78 48.12 -20.78 -29.60
N ALA E 79 48.12 -19.68 -28.85
CA ALA E 79 48.09 -18.33 -29.44
C ALA E 79 49.40 -17.61 -29.23
N ARG E 80 49.64 -16.59 -30.03
CA ARG E 80 50.83 -15.79 -29.87
C ARG E 80 50.54 -14.54 -29.05
N LYS E 81 51.26 -14.38 -27.96
CA LYS E 81 51.10 -13.20 -27.10
C LYS E 81 52.27 -12.29 -27.29
N HIS E 82 52.02 -11.13 -27.87
CA HIS E 82 53.08 -10.20 -28.26
C HIS E 82 53.47 -9.19 -27.20
N TYR E 83 54.78 -9.07 -26.94
CA TYR E 83 55.35 -7.94 -26.20
C TYR E 83 56.85 -7.90 -26.37
N PHE E 84 57.43 -6.71 -26.20
CA PHE E 84 58.87 -6.49 -26.40
C PHE E 84 59.67 -6.43 -25.11
N TYR E 85 60.51 -7.45 -24.89
CA TYR E 85 61.33 -7.56 -23.67
C TYR E 85 62.50 -8.54 -23.93
N PRO E 86 63.71 -8.21 -23.40
CA PRO E 86 64.98 -8.91 -23.61
C PRO E 86 64.95 -10.37 -23.23
N ASP E 87 64.07 -10.76 -22.32
CA ASP E 87 64.03 -12.19 -21.97
C ASP E 87 63.01 -12.97 -22.77
N LEU E 88 62.41 -12.29 -23.75
CA LEU E 88 61.44 -12.90 -24.66
C LEU E 88 62.01 -12.96 -26.07
N PRO E 89 62.64 -14.10 -26.41
CA PRO E 89 63.43 -14.15 -27.63
C PRO E 89 62.60 -13.87 -28.89
N LYS E 90 61.38 -14.38 -28.95
CA LYS E 90 60.57 -14.30 -30.18
C LYS E 90 59.84 -12.99 -30.31
N GLY E 91 59.74 -12.25 -29.21
CA GLY E 91 58.98 -10.99 -29.19
C GLY E 91 57.50 -11.28 -29.04
N TYR E 92 57.20 -12.55 -28.81
CA TYR E 92 55.90 -12.98 -28.41
C TYR E 92 56.05 -14.23 -27.54
N GLN E 93 55.07 -14.47 -26.67
CA GLN E 93 55.03 -15.69 -25.90
C GLN E 93 53.98 -16.58 -26.56
N ILE E 94 54.29 -17.85 -26.74
CA ILE E 94 53.25 -18.79 -27.13
C ILE E 94 52.53 -19.29 -25.89
N SER E 95 51.26 -18.95 -25.76
CA SER E 95 50.39 -19.59 -24.77
C SER E 95 49.03 -19.93 -25.36
N GLN E 96 47.98 -19.70 -24.59
CA GLN E 96 46.61 -19.88 -25.08
C GLN E 96 45.69 -18.78 -24.57
N TYR E 97 44.61 -18.53 -25.29
CA TYR E 97 43.75 -17.38 -25.03
C TYR E 97 42.32 -17.82 -24.71
N GLU E 98 41.37 -17.32 -25.48
CA GLU E 98 40.24 -18.14 -25.93
C GLU E 98 40.70 -19.49 -26.44
N LYS E 99 39.97 -20.54 -26.09
CA LYS E 99 40.41 -21.91 -26.32
C LYS E 99 41.69 -22.21 -25.54
N PRO E 100 41.56 -22.30 -24.22
CA PRO E 100 42.61 -22.88 -23.38
C PRO E 100 42.35 -24.35 -23.06
N LEU E 101 43.30 -24.99 -22.39
CA LEU E 101 43.30 -26.44 -22.29
C LEU E 101 42.14 -26.95 -21.45
N ALA E 102 41.80 -26.21 -20.40
CA ALA E 102 40.91 -26.70 -19.36
C ALA E 102 40.28 -25.55 -18.59
N THR E 103 39.07 -25.79 -18.07
CA THR E 103 38.23 -24.72 -17.57
C THR E 103 37.28 -25.23 -16.50
N ASN E 104 36.73 -24.31 -15.70
CA ASN E 104 35.68 -24.64 -14.72
C ASN E 104 36.07 -25.71 -13.70
N GLY E 105 37.16 -25.47 -12.99
CA GLY E 105 37.66 -26.42 -11.99
C GLY E 105 37.55 -25.84 -10.59
N TRP E 106 38.09 -26.57 -9.62
CA TRP E 106 38.02 -26.17 -8.22
C TRP E 106 39.04 -26.86 -7.34
N VAL E 107 39.46 -26.14 -6.31
CA VAL E 107 40.30 -26.66 -5.26
C VAL E 107 39.56 -26.54 -3.93
N GLU E 108 39.63 -27.57 -3.08
CA GLU E 108 38.99 -27.50 -1.77
C GLU E 108 39.99 -27.15 -0.65
N LEU E 109 39.62 -26.16 0.16
CA LEU E 109 40.43 -25.68 1.29
C LEU E 109 39.96 -26.15 2.68
N ASN E 110 40.87 -26.75 3.44
CA ASN E 110 40.62 -27.04 4.85
C ASN E 110 41.13 -25.93 5.77
N LEU E 111 40.22 -25.31 6.50
CA LEU E 111 40.53 -24.10 7.26
C LEU E 111 40.70 -24.40 8.73
N PRO E 112 41.41 -23.52 9.43
CA PRO E 112 41.74 -23.73 10.84
C PRO E 112 40.50 -23.96 11.69
N ASN E 113 39.42 -23.25 11.37
CA ASN E 113 38.35 -23.01 12.32
C ASN E 113 37.06 -23.71 11.93
N GLY E 114 37.02 -25.03 12.11
CA GLY E 114 36.11 -25.87 11.36
C GLY E 114 36.74 -26.45 10.12
N GLU E 115 36.09 -26.25 8.98
CA GLU E 115 36.28 -27.11 7.82
C GLU E 115 36.60 -26.30 6.56
N LYS E 116 35.66 -26.27 5.63
CA LYS E 116 35.94 -26.59 4.24
C LYS E 116 35.31 -25.58 3.29
N LYS E 117 36.10 -25.09 2.34
CA LYS E 117 35.62 -24.14 1.36
C LYS E 117 36.24 -24.38 -0.01
N LYS E 118 35.61 -23.85 -1.06
CA LYS E 118 36.09 -24.04 -2.42
C LYS E 118 36.60 -22.74 -3.05
N VAL E 119 37.66 -22.86 -3.83
CA VAL E 119 38.04 -21.80 -4.75
C VAL E 119 38.10 -22.42 -6.13
N ARG E 120 37.49 -21.73 -7.09
CA ARG E 120 37.44 -22.22 -8.44
C ARG E 120 38.67 -21.85 -9.22
N ILE E 121 39.14 -22.83 -9.98
CA ILE E 121 40.06 -22.58 -11.08
C ILE E 121 39.27 -22.11 -12.30
N ARG E 122 39.54 -20.88 -12.77
CA ARG E 122 38.90 -20.31 -13.97
C ARG E 122 39.48 -20.90 -15.26
N ARG E 123 40.79 -21.16 -15.28
CA ARG E 123 41.46 -21.77 -16.44
C ARG E 123 42.81 -22.38 -16.08
N LEU E 124 43.20 -23.40 -16.83
CA LEU E 124 44.58 -23.83 -16.87
C LEU E 124 44.97 -23.83 -18.34
N HIS E 125 45.89 -22.98 -18.75
CA HIS E 125 46.36 -23.10 -20.12
C HIS E 125 47.86 -23.35 -20.16
N ILE E 126 48.32 -23.90 -21.28
CA ILE E 126 49.75 -24.19 -21.51
C ILE E 126 50.50 -23.00 -22.13
N GLU E 127 51.67 -22.70 -21.58
CA GLU E 127 52.56 -21.70 -22.15
C GLU E 127 54.03 -21.97 -21.88
N GLU E 128 54.89 -21.38 -22.69
CA GLU E 128 56.31 -21.47 -22.47
C GLU E 128 56.77 -20.26 -21.61
N ASP E 129 57.86 -20.46 -20.87
CA ASP E 129 58.40 -19.41 -20.03
C ASP E 129 59.28 -18.44 -20.81
N ALA E 130 59.79 -17.42 -20.14
CA ALA E 130 60.88 -16.61 -20.68
C ALA E 130 62.20 -16.94 -20.00
N GLY E 131 63.25 -16.23 -20.39
CA GLY E 131 64.54 -16.35 -19.73
C GLY E 131 64.71 -15.36 -18.60
N LYS E 132 65.96 -15.15 -18.19
CA LYS E 132 66.25 -14.44 -16.95
C LYS E 132 67.14 -13.23 -17.18
N ASN E 133 66.78 -12.11 -16.58
CA ASN E 133 67.68 -10.95 -16.51
C ASN E 133 68.40 -10.74 -15.17
N ILE E 134 69.74 -10.67 -15.26
CA ILE E 134 70.62 -10.22 -14.18
C ILE E 134 70.98 -8.80 -14.53
N HIS E 135 70.94 -7.91 -13.55
CA HIS E 135 71.35 -6.52 -13.79
C HIS E 135 72.69 -6.28 -13.14
N GLU E 136 73.55 -5.55 -13.84
CA GLU E 136 74.95 -5.46 -13.52
C GLU E 136 75.45 -4.14 -14.09
N GLY E 137 75.48 -3.12 -13.23
CA GLY E 137 75.85 -1.76 -13.63
C GLY E 137 74.81 -1.23 -14.57
N ASP E 138 75.24 -0.61 -15.66
CA ASP E 138 74.35 0.06 -16.63
C ASP E 138 73.85 -0.92 -17.68
N LYS E 139 74.11 -2.22 -17.44
CA LYS E 139 73.69 -3.29 -18.35
C LYS E 139 72.78 -4.36 -17.74
N THR E 140 71.97 -5.01 -18.58
CA THR E 140 71.22 -6.19 -18.19
C THR E 140 71.80 -7.41 -18.90
N LEU E 141 72.08 -8.49 -18.15
CA LEU E 141 72.58 -9.77 -18.75
C LEU E 141 71.48 -10.82 -18.92
N VAL E 142 71.33 -11.29 -20.16
CA VAL E 142 70.21 -12.16 -20.50
C VAL E 142 70.57 -13.64 -20.69
N ASP E 143 70.12 -14.48 -19.76
CA ASP E 143 70.26 -15.92 -19.94
C ASP E 143 68.96 -16.52 -20.47
N LEU E 144 69.01 -17.16 -21.63
CA LEU E 144 67.80 -17.73 -22.16
C LEU E 144 67.71 -19.24 -21.92
N ASN E 145 68.34 -19.73 -20.85
CA ASN E 145 68.22 -21.16 -20.49
C ASN E 145 66.79 -21.54 -20.14
N ARG E 146 66.08 -20.57 -19.59
CA ARG E 146 64.73 -20.80 -19.10
C ARG E 146 63.67 -20.42 -20.14
N ALA E 147 64.03 -19.68 -21.18
CA ALA E 147 63.12 -19.49 -22.32
C ALA E 147 62.64 -20.85 -22.84
N GLY E 148 61.32 -20.99 -22.94
CA GLY E 148 60.68 -22.15 -23.57
C GLY E 148 60.27 -23.24 -22.59
N THR E 149 60.51 -22.99 -21.30
CA THR E 149 60.26 -24.01 -20.29
C THR E 149 58.77 -24.13 -20.10
N PRO E 150 58.22 -25.35 -20.15
CA PRO E 150 56.76 -25.48 -20.11
C PRO E 150 56.16 -24.99 -18.80
N LEU E 151 55.17 -24.10 -18.88
CA LEU E 151 54.41 -23.67 -17.71
C LEU E 151 52.91 -23.95 -17.90
N MET E 152 52.23 -24.29 -16.81
CA MET E 152 50.78 -24.24 -16.79
C MET E 152 50.50 -22.83 -16.25
N GLU E 153 49.64 -22.06 -16.89
CA GLU E 153 49.18 -20.88 -16.21
C GLU E 153 47.87 -21.28 -15.57
N ILE E 154 47.71 -20.94 -14.29
CA ILE E 154 46.54 -21.33 -13.49
C ILE E 154 45.91 -20.07 -12.88
N VAL E 155 44.64 -19.85 -13.21
CA VAL E 155 43.95 -18.62 -12.88
C VAL E 155 42.77 -18.95 -11.98
N THR E 156 42.54 -18.13 -10.97
CA THR E 156 41.58 -18.40 -9.91
C THR E 156 40.45 -17.40 -10.03
N GLU E 157 39.22 -17.83 -9.75
CA GLU E 157 38.11 -16.86 -9.59
C GLU E 157 38.32 -16.03 -8.32
N PRO E 158 37.67 -14.87 -8.18
CA PRO E 158 37.96 -14.15 -6.94
C PRO E 158 37.22 -14.75 -5.72
N ASP E 159 37.51 -16.01 -5.42
CA ASP E 159 36.76 -16.73 -4.41
C ASP E 159 37.39 -16.67 -3.02
N ILE E 160 38.66 -16.26 -3.00
CA ILE E 160 39.52 -16.18 -1.81
C ILE E 160 39.26 -14.88 -1.01
N ARG E 161 39.24 -15.02 0.31
CA ARG E 161 38.68 -14.04 1.22
C ARG E 161 39.60 -13.53 2.35
N THR E 162 40.77 -14.14 2.54
CA THR E 162 41.60 -13.87 3.71
C THR E 162 43.03 -14.15 3.37
N PRO E 163 43.99 -13.40 3.96
CA PRO E 163 45.38 -13.70 3.63
C PRO E 163 45.70 -15.17 3.89
N GLU E 164 45.16 -15.72 4.96
CA GLU E 164 45.48 -17.08 5.33
C GLU E 164 45.06 -18.08 4.25
N GLU E 165 43.80 -17.97 3.80
CA GLU E 165 43.28 -18.77 2.69
C GLU E 165 44.16 -18.65 1.48
N ALA E 166 44.57 -17.42 1.16
CA ALA E 166 45.49 -17.22 0.06
C ALA E 166 46.66 -18.21 0.23
N ARG E 167 47.34 -18.16 1.38
CA ARG E 167 48.49 -19.05 1.61
C ARG E 167 48.02 -20.52 1.60
N LEU E 168 46.96 -20.81 2.32
CA LEU E 168 46.38 -22.16 2.29
C LEU E 168 46.10 -22.67 0.88
N PHE E 169 45.57 -21.81 0.02
CA PHE E 169 45.32 -22.20 -1.39
C PHE E 169 46.61 -22.65 -2.07
N LEU E 170 47.60 -21.77 -2.03
CA LEU E 170 48.90 -22.01 -2.60
C LEU E 170 49.50 -23.30 -2.08
N GLU E 171 49.26 -23.63 -0.81
CA GLU E 171 49.83 -24.81 -0.21
C GLU E 171 49.19 -26.07 -0.78
N LYS E 172 47.86 -26.03 -0.95
CA LYS E 172 47.11 -27.16 -1.47
C LYS E 172 47.38 -27.35 -2.97
N LEU E 173 47.40 -26.24 -3.71
CA LEU E 173 47.81 -26.29 -5.11
C LEU E 173 49.16 -26.98 -5.24
N ARG E 174 50.11 -26.51 -4.45
CA ARG E 174 51.43 -27.08 -4.41
C ARG E 174 51.37 -28.61 -4.22
N ASN E 175 50.63 -29.05 -3.20
CA ASN E 175 50.64 -30.45 -2.81
C ASN E 175 49.98 -31.35 -3.84
N ILE E 176 48.93 -30.86 -4.50
CA ILE E 176 48.30 -31.62 -5.59
C ILE E 176 49.24 -31.76 -6.80
N MET E 177 49.95 -30.67 -7.13
CA MET E 177 50.92 -30.72 -8.20
C MET E 177 51.94 -31.79 -7.88
N ARG E 178 52.50 -31.74 -6.67
CA ARG E 178 53.52 -32.72 -6.28
C ARG E 178 52.97 -34.11 -6.26
N TYR E 179 51.74 -34.25 -5.78
CA TYR E 179 51.11 -35.55 -5.64
C TYR E 179 50.83 -36.18 -6.99
N ALA E 180 50.48 -35.31 -7.93
CA ALA E 180 50.11 -35.71 -9.27
C ALA E 180 51.35 -36.04 -10.06
N GLY E 181 52.47 -35.47 -9.67
CA GLY E 181 53.75 -35.83 -10.24
C GLY E 181 54.10 -34.95 -11.41
N VAL E 182 53.46 -33.78 -11.47
CA VAL E 182 53.64 -32.88 -12.60
C VAL E 182 54.73 -31.85 -12.42
N SER E 183 54.82 -31.28 -11.23
CA SER E 183 55.80 -30.24 -10.94
C SER E 183 56.35 -30.41 -9.52
N LYS E 184 57.50 -29.81 -9.23
CA LYS E 184 58.02 -29.74 -7.84
C LYS E 184 57.35 -28.56 -7.12
N ALA E 185 57.17 -27.45 -7.86
CA ALA E 185 56.28 -26.36 -7.46
C ALA E 185 56.73 -25.70 -6.18
N ASP E 186 58.04 -25.75 -5.94
CA ASP E 186 58.64 -25.02 -4.83
C ASP E 186 58.88 -23.58 -5.31
N MET E 187 58.44 -22.59 -4.54
CA MET E 187 58.68 -21.18 -4.90
C MET E 187 60.17 -20.79 -4.90
N GLU E 188 60.94 -21.35 -3.96
CA GLU E 188 62.39 -21.09 -3.86
C GLU E 188 63.15 -21.32 -5.20
N LYS E 189 62.77 -22.36 -5.92
CA LYS E 189 63.47 -22.75 -7.15
C LYS E 189 62.79 -22.15 -8.38
N GLY E 190 61.77 -21.34 -8.14
CA GLY E 190 61.15 -20.56 -9.21
C GLY E 190 60.18 -21.38 -10.04
N GLN E 191 59.71 -22.49 -9.46
CA GLN E 191 58.85 -23.42 -10.18
C GLN E 191 57.37 -23.10 -9.95
N LEU E 192 57.11 -22.06 -9.16
CA LEU E 192 55.75 -21.63 -8.88
C LEU E 192 55.84 -20.19 -8.54
N ARG E 193 55.14 -19.40 -9.35
CA ARG E 193 55.08 -17.96 -9.21
C ARG E 193 53.65 -17.61 -8.87
N CYS E 194 53.40 -16.40 -8.37
CA CYS E 194 52.05 -16.02 -8.01
C CYS E 194 51.78 -14.53 -8.05
N ASP E 195 51.05 -14.09 -9.08
CA ASP E 195 50.56 -12.72 -9.18
C ASP E 195 49.31 -12.57 -8.30
N ILE E 196 49.19 -11.47 -7.56
CA ILE E 196 48.09 -11.31 -6.62
C ILE E 196 47.17 -10.14 -6.96
N ASN E 197 45.86 -10.41 -7.01
CA ASN E 197 44.85 -9.42 -7.37
C ASN E 197 43.90 -9.26 -6.20
N VAL E 198 43.77 -8.04 -5.69
CA VAL E 198 42.93 -7.85 -4.52
C VAL E 198 42.11 -6.57 -4.51
N SER E 199 40.84 -6.71 -4.15
CA SER E 199 39.90 -5.61 -4.02
C SER E 199 39.12 -5.73 -2.70
N ILE E 200 38.62 -4.59 -2.20
CA ILE E 200 37.74 -4.57 -1.02
C ILE E 200 36.27 -4.24 -1.37
N ARG E 201 35.38 -4.55 -0.43
CA ARG E 201 33.94 -4.59 -0.70
C ARG E 201 33.18 -4.42 0.62
N PRO E 202 32.10 -3.61 0.63
CA PRO E 202 31.15 -3.63 1.77
C PRO E 202 30.62 -5.05 1.99
N LYS E 203 30.60 -5.52 3.23
CA LYS E 203 30.17 -6.89 3.54
C LYS E 203 28.78 -7.18 2.96
N GLY E 204 28.57 -8.41 2.49
CA GLY E 204 27.30 -8.77 1.83
C GLY E 204 27.28 -8.40 0.36
N SER E 205 27.52 -7.11 0.05
CA SER E 205 27.35 -6.61 -1.33
C SER E 205 28.07 -7.50 -2.36
N LYS E 206 27.45 -7.63 -3.54
CA LYS E 206 27.91 -8.58 -4.55
C LYS E 206 28.69 -7.88 -5.65
N GLU E 207 28.74 -6.56 -5.59
CA GLU E 207 29.57 -5.79 -6.50
C GLU E 207 31.05 -6.07 -6.28
N PHE E 208 31.90 -5.47 -7.10
CA PHE E 208 33.34 -5.70 -7.03
C PHE E 208 34.11 -4.38 -6.96
N GLY E 209 34.86 -4.20 -5.88
CA GLY E 209 35.72 -3.03 -5.72
C GLY E 209 36.89 -3.03 -6.69
N THR E 210 37.56 -1.89 -6.82
CA THR E 210 38.61 -1.72 -7.82
C THR E 210 39.78 -2.63 -7.51
N ARG E 211 40.53 -3.00 -8.55
CA ARG E 211 41.47 -4.13 -8.47
C ARG E 211 42.97 -3.79 -8.57
N VAL E 212 43.72 -4.14 -7.52
CA VAL E 212 45.15 -3.89 -7.44
C VAL E 212 45.90 -5.19 -7.61
N GLU E 213 46.97 -5.16 -8.41
CA GLU E 213 47.83 -6.33 -8.57
C GLU E 213 49.17 -6.16 -7.85
N ILE E 214 49.50 -7.11 -6.99
CA ILE E 214 50.82 -7.14 -6.36
C ILE E 214 51.72 -8.17 -7.03
N LYS E 215 52.78 -7.70 -7.66
CA LYS E 215 53.63 -8.56 -8.50
C LYS E 215 54.82 -9.09 -7.71
N ASN E 216 55.34 -10.23 -8.14
CA ASN E 216 56.62 -10.72 -7.65
C ASN E 216 56.66 -10.84 -6.12
N VAL E 217 55.72 -11.60 -5.57
CA VAL E 217 55.90 -12.20 -4.26
C VAL E 217 56.34 -13.66 -4.38
N ASN E 218 57.18 -14.10 -3.44
CA ASN E 218 58.25 -15.03 -3.74
C ASN E 218 58.31 -16.19 -2.74
N SER E 219 57.47 -16.12 -1.72
CA SER E 219 57.23 -17.26 -0.85
C SER E 219 55.81 -17.26 -0.29
N PHE E 220 55.30 -18.44 0.02
CA PHE E 220 53.94 -18.58 0.52
C PHE E 220 53.68 -17.69 1.70
N ARG E 221 54.67 -17.56 2.59
CA ARG E 221 54.55 -16.69 3.75
C ARG E 221 54.50 -15.22 3.38
N PHE E 222 55.30 -14.86 2.39
CA PHE E 222 55.29 -13.48 1.89
C PHE E 222 53.95 -13.04 1.26
N VAL E 223 53.19 -13.98 0.68
CA VAL E 223 51.90 -13.62 0.05
C VAL E 223 50.86 -13.26 1.10
N GLN E 224 50.92 -13.97 2.22
CA GLN E 224 50.11 -13.66 3.39
C GLN E 224 50.39 -12.23 3.88
N LYS E 225 51.67 -11.92 4.08
CA LYS E 225 52.09 -10.62 4.59
C LYS E 225 51.65 -9.47 3.67
N ALA E 226 51.99 -9.62 2.38
CA ALA E 226 51.66 -8.65 1.35
C ALA E 226 50.19 -8.33 1.42
N LEU E 227 49.39 -9.39 1.33
CA LEU E 227 47.95 -9.28 1.40
C LEU E 227 47.45 -8.66 2.69
N GLU E 228 48.00 -9.08 3.84
CA GLU E 228 47.61 -8.54 5.16
C GLU E 228 47.64 -7.02 5.16
N TYR E 229 48.79 -6.49 4.72
CA TYR E 229 48.97 -5.06 4.60
C TYR E 229 48.08 -4.43 3.53
N GLU E 230 48.03 -5.04 2.34
CA GLU E 230 47.29 -4.43 1.22
C GLU E 230 45.81 -4.20 1.54
N ILE E 231 45.18 -5.20 2.17
CA ILE E 231 43.83 -5.02 2.73
C ILE E 231 43.82 -3.85 3.73
N GLU E 232 44.82 -3.81 4.62
CA GLU E 232 45.03 -2.71 5.58
C GLU E 232 45.15 -1.36 4.88
N ARG E 233 45.93 -1.31 3.80
CA ARG E 233 46.10 -0.08 3.07
C ARG E 233 44.78 0.38 2.44
N GLN E 234 44.09 -0.56 1.80
CA GLN E 234 42.86 -0.28 1.02
C GLN E 234 41.69 0.19 1.87
N ILE E 235 41.52 -0.41 3.06
CA ILE E 235 40.47 -0.02 3.99
C ILE E 235 40.72 1.38 4.55
N ASN E 236 41.97 1.67 4.87
CA ASN E 236 42.39 3.01 5.31
C ASN E 236 41.98 4.07 4.30
N VAL E 237 42.21 3.78 3.01
CA VAL E 237 41.94 4.72 1.92
C VAL E 237 40.45 5.07 1.86
N VAL E 238 39.60 4.05 1.92
CA VAL E 238 38.16 4.24 1.73
C VAL E 238 37.47 4.96 2.89
N GLU E 239 37.84 4.60 4.11
CA GLU E 239 37.22 5.22 5.29
C GLU E 239 37.86 6.55 5.68
N GLU E 240 38.86 6.97 4.90
CA GLU E 240 39.32 8.36 4.91
C GLU E 240 38.70 9.08 3.73
N GLY E 241 37.49 8.66 3.33
CA GLY E 241 36.70 9.24 2.23
C GLY E 241 37.37 9.31 0.86
N GLY E 242 38.23 8.34 0.56
CA GLY E 242 39.01 8.33 -0.70
C GLY E 242 38.83 7.12 -1.61
N GLU E 243 38.94 7.36 -2.91
CA GLU E 243 38.91 6.30 -3.91
C GLU E 243 40.19 5.46 -3.87
N VAL E 244 40.04 4.14 -3.88
CA VAL E 244 41.20 3.23 -4.03
C VAL E 244 41.51 3.09 -5.52
N VAL E 245 42.77 3.27 -5.90
CA VAL E 245 43.15 3.35 -7.33
C VAL E 245 43.64 2.01 -7.94
N GLN E 246 43.44 1.85 -9.24
CA GLN E 246 43.84 0.63 -9.93
C GLN E 246 45.27 0.68 -10.49
N GLU E 247 46.15 -0.13 -9.91
CA GLU E 247 47.58 -0.12 -10.25
C GLU E 247 48.18 -1.52 -10.10
N THR E 248 49.43 -1.66 -10.52
CA THR E 248 50.24 -2.78 -10.10
C THR E 248 51.10 -2.27 -8.93
N ARG E 249 51.44 -3.16 -8.01
CA ARG E 249 52.25 -2.82 -6.82
C ARG E 249 53.32 -3.86 -6.54
N THR E 250 54.27 -3.50 -5.69
CA THR E 250 55.36 -4.38 -5.35
C THR E 250 55.36 -4.59 -3.86
N PHE E 251 56.04 -5.62 -3.39
CA PHE E 251 56.10 -5.94 -1.97
C PHE E 251 57.54 -6.23 -1.52
N ASP E 252 58.04 -5.45 -0.55
CA ASP E 252 59.37 -5.70 0.02
C ASP E 252 59.35 -6.57 1.28
N PRO E 253 59.86 -7.82 1.16
CA PRO E 253 60.02 -8.73 2.28
C PRO E 253 60.43 -8.01 3.56
N GLN E 254 61.62 -7.40 3.55
CA GLN E 254 62.23 -6.68 4.71
C GLN E 254 61.25 -5.74 5.43
N THR E 255 60.63 -4.81 4.68
CA THR E 255 59.66 -3.90 5.25
C THR E 255 58.30 -4.53 5.56
N GLY E 256 57.87 -5.47 4.72
CA GLY E 256 56.53 -6.06 4.83
C GLY E 256 55.41 -5.19 4.26
N LYS E 257 55.77 -4.31 3.33
CA LYS E 257 54.84 -3.30 2.79
C LYS E 257 54.78 -3.30 1.26
N THR E 258 53.62 -2.88 0.73
CA THR E 258 53.43 -2.78 -0.72
C THR E 258 53.58 -1.33 -1.21
N TYR E 259 54.13 -1.18 -2.42
CA TYR E 259 54.48 0.11 -2.97
C TYR E 259 54.06 0.27 -4.42
N PRO E 260 53.40 1.41 -4.75
CA PRO E 260 53.13 1.74 -6.15
C PRO E 260 54.45 1.90 -6.87
N MET E 261 54.41 2.11 -8.19
CA MET E 261 55.64 2.22 -8.96
C MET E 261 55.89 3.65 -9.49
N ARG E 262 57.16 3.97 -9.76
CA ARG E 262 57.54 5.29 -10.26
C ARG E 262 57.29 5.44 -11.77
N THR E 263 56.85 4.35 -12.41
CA THR E 263 56.63 4.33 -13.85
C THR E 263 55.14 4.14 -14.18
N LYS E 264 54.55 5.16 -14.80
CA LYS E 264 53.17 5.14 -15.31
C LYS E 264 53.10 4.41 -16.68
N GLU E 265 53.93 3.37 -16.80
CA GLU E 265 53.99 2.48 -17.97
C GLU E 265 52.80 1.52 -17.99
N GLU E 266 51.84 1.83 -18.86
CA GLU E 266 50.63 1.05 -19.05
C GLU E 266 50.90 -0.35 -19.62
N ALA E 267 49.82 -1.09 -19.88
CA ALA E 267 49.92 -2.33 -20.62
C ALA E 267 49.80 -2.06 -22.13
N GLU E 268 50.13 -3.07 -22.93
CA GLU E 268 49.98 -2.98 -24.38
C GLU E 268 49.26 -4.18 -24.91
N ASP E 269 48.29 -3.89 -25.77
CA ASP E 269 47.56 -4.86 -26.55
C ASP E 269 48.44 -6.05 -26.94
N TYR E 270 48.06 -7.26 -26.56
CA TYR E 270 48.90 -8.42 -26.82
C TYR E 270 48.75 -8.99 -28.23
N ARG E 271 47.80 -8.47 -28.99
CA ARG E 271 47.61 -8.86 -30.38
C ARG E 271 47.64 -10.37 -30.54
N TYR E 272 46.83 -11.04 -29.71
CA TYR E 272 46.67 -12.49 -29.74
C TYR E 272 46.13 -12.99 -31.08
N PHE E 273 46.54 -14.18 -31.48
CA PHE E 273 45.96 -14.89 -32.61
C PHE E 273 46.62 -16.25 -32.70
N PRO E 274 45.93 -17.24 -33.28
CA PRO E 274 46.60 -18.54 -33.28
C PRO E 274 47.97 -18.47 -33.94
N ASP E 275 48.92 -19.18 -33.34
CA ASP E 275 50.23 -19.32 -33.91
C ASP E 275 50.07 -20.13 -35.17
N PRO E 276 50.45 -19.56 -36.32
CA PRO E 276 50.40 -20.29 -37.57
C PRO E 276 51.47 -21.38 -37.71
N ASP E 277 52.41 -21.47 -36.77
CA ASP E 277 53.39 -22.57 -36.82
C ASP E 277 52.85 -23.85 -36.20
N LEU E 278 51.71 -23.77 -35.52
CA LEU E 278 51.14 -24.93 -34.84
C LEU E 278 49.67 -25.17 -35.17
N VAL E 279 49.32 -26.43 -35.40
CA VAL E 279 47.94 -26.80 -35.54
C VAL E 279 47.33 -26.79 -34.15
N PRO E 280 45.98 -26.74 -34.04
CA PRO E 280 45.35 -26.81 -32.72
C PRO E 280 45.73 -28.07 -31.96
N LEU E 281 45.75 -27.94 -30.65
CA LEU E 281 46.03 -29.05 -29.78
C LEU E 281 44.79 -29.93 -29.69
N LYS E 282 44.80 -31.02 -30.43
CA LYS E 282 43.68 -31.94 -30.38
C LYS E 282 43.98 -33.09 -29.42
N VAL E 283 43.17 -33.14 -28.35
CA VAL E 283 43.30 -34.12 -27.29
C VAL E 283 42.17 -35.14 -27.29
N LYS E 284 42.51 -36.36 -27.71
CA LYS E 284 41.60 -37.51 -27.77
C LYS E 284 40.89 -37.73 -26.43
N LYS E 285 39.63 -38.15 -26.49
CA LYS E 285 38.84 -38.42 -25.27
C LYS E 285 39.48 -39.58 -24.55
N GLU E 286 39.95 -40.53 -25.36
CA GLU E 286 40.48 -41.78 -24.88
C GLU E 286 41.77 -41.56 -24.12
N TRP E 287 42.47 -40.48 -24.46
CA TRP E 287 43.72 -40.12 -23.77
C TRP E 287 43.42 -39.57 -22.37
N ILE E 288 42.55 -38.57 -22.29
CA ILE E 288 41.98 -38.09 -21.04
C ILE E 288 41.60 -39.21 -20.05
N GLU E 289 40.88 -40.24 -20.54
CA GLU E 289 40.37 -41.36 -19.74
C GLU E 289 41.51 -42.27 -19.32
N GLU E 290 42.58 -42.26 -20.10
CA GLU E 290 43.77 -43.01 -19.74
C GLU E 290 44.53 -42.29 -18.62
N ILE E 291 44.66 -40.97 -18.73
CA ILE E 291 45.28 -40.16 -17.67
C ILE E 291 44.43 -40.19 -16.40
N LYS E 292 43.11 -40.18 -16.58
CA LYS E 292 42.15 -40.24 -15.49
C LYS E 292 42.24 -41.54 -14.68
N LYS E 293 42.22 -42.67 -15.39
CA LYS E 293 42.27 -44.01 -14.78
C LYS E 293 43.59 -44.27 -14.07
N ASN E 294 44.68 -43.74 -14.62
CA ASN E 294 46.03 -43.99 -14.08
C ASN E 294 46.50 -42.90 -13.16
N MET E 295 45.59 -42.01 -12.77
CA MET E 295 45.94 -40.86 -11.99
C MET E 295 46.54 -41.33 -10.66
N PRO E 296 47.73 -40.82 -10.30
CA PRO E 296 48.31 -40.94 -8.96
C PRO E 296 47.31 -40.55 -7.87
N GLU E 297 47.50 -41.08 -6.67
CA GLU E 297 46.70 -40.66 -5.51
C GLU E 297 46.94 -39.19 -5.14
N LEU E 298 45.84 -38.53 -4.84
CA LEU E 298 45.82 -37.12 -4.51
C LEU E 298 45.58 -36.99 -3.01
N PRO E 299 45.99 -35.86 -2.44
CA PRO E 299 46.00 -35.58 -1.01
C PRO E 299 44.68 -35.82 -0.26
N ASP E 300 43.56 -35.51 -0.91
CA ASP E 300 42.28 -35.67 -0.24
C ASP E 300 41.83 -37.10 -0.24
N GLN E 301 42.16 -37.85 -1.30
CA GLN E 301 41.92 -39.28 -1.32
C GLN E 301 42.81 -39.92 -0.26
N ARG E 302 44.10 -39.60 -0.26
CA ARG E 302 45.03 -40.24 0.68
C ARG E 302 44.65 -39.93 2.13
N PHE E 303 44.22 -38.69 2.39
CA PHE E 303 43.84 -38.28 3.74
C PHE E 303 42.75 -39.15 4.38
N GLU E 304 41.69 -39.44 3.63
CA GLU E 304 40.66 -40.40 4.04
C GLU E 304 41.16 -41.87 4.07
N ARG E 305 42.09 -42.23 3.17
CA ARG E 305 42.61 -43.60 3.13
C ARG E 305 43.48 -43.96 4.34
N LEU E 306 44.21 -42.98 4.89
CA LEU E 306 45.04 -43.23 6.05
C LEU E 306 44.19 -43.43 7.30
N ILE E 307 43.14 -42.62 7.42
CA ILE E 307 42.12 -42.74 8.49
C ILE E 307 41.44 -44.13 8.53
N LYS E 308 41.15 -44.69 7.37
CA LYS E 308 40.49 -45.97 7.34
C LYS E 308 41.46 -47.14 7.44
N GLU E 309 42.43 -47.18 6.53
CA GLU E 309 43.34 -48.32 6.41
C GLU E 309 44.32 -48.50 7.59
N TYR E 310 44.52 -47.44 8.37
CA TYR E 310 45.50 -47.45 9.46
C TYR E 310 44.93 -46.91 10.76
N GLY E 311 43.77 -46.25 10.65
CA GLY E 311 43.02 -45.87 11.82
C GLY E 311 43.55 -44.61 12.47
N LEU E 312 44.53 -43.98 11.82
CA LEU E 312 45.05 -42.65 12.24
C LEU E 312 44.00 -41.60 12.53
N SER E 313 44.40 -40.61 13.30
CA SER E 313 43.58 -39.45 13.63
C SER E 313 43.68 -38.40 12.54
N GLU E 314 42.70 -37.49 12.50
CA GLU E 314 42.71 -36.32 11.59
C GLU E 314 43.92 -35.37 11.75
N TYR E 315 44.51 -35.36 12.95
CA TYR E 315 45.78 -34.68 13.22
C TYR E 315 46.98 -35.40 12.60
N GLU E 316 47.05 -36.71 12.79
CA GLU E 316 48.18 -37.50 12.31
C GLU E 316 48.27 -37.57 10.79
N ALA E 317 47.16 -37.98 10.16
CA ALA E 317 47.08 -38.09 8.69
C ALA E 317 47.23 -36.75 7.95
N GLY E 318 46.81 -35.64 8.56
CA GLY E 318 47.07 -34.29 8.04
C GLY E 318 48.57 -34.02 7.94
N ILE E 319 49.31 -34.32 9.00
CA ILE E 319 50.75 -34.18 8.99
C ILE E 319 51.35 -34.99 7.85
N LEU E 320 50.97 -36.28 7.79
CA LEU E 320 51.57 -37.23 6.86
C LEU E 320 51.24 -36.94 5.41
N VAL E 321 50.14 -36.23 5.18
CA VAL E 321 49.64 -35.98 3.83
C VAL E 321 50.19 -34.68 3.26
N ASN E 322 50.32 -33.68 4.13
CA ASN E 322 50.81 -32.38 3.71
C ASN E 322 52.27 -32.39 3.30
N HIS E 323 53.10 -33.05 4.10
CA HIS E 323 54.43 -33.41 3.65
C HIS E 323 54.39 -34.83 3.08
N LYS E 324 54.11 -34.98 1.78
CA LYS E 324 53.95 -36.33 1.16
C LYS E 324 55.00 -37.35 1.61
N GLU E 325 56.24 -36.90 1.67
CA GLU E 325 57.39 -37.79 1.88
C GLU E 325 57.39 -38.39 3.29
N VAL E 326 56.63 -37.80 4.18
CA VAL E 326 56.47 -38.32 5.51
C VAL E 326 55.54 -39.52 5.40
N GLY E 327 54.36 -39.29 4.85
CA GLY E 327 53.41 -40.38 4.60
C GLY E 327 54.01 -41.60 3.91
N ASP E 328 54.85 -41.37 2.89
CA ASP E 328 55.43 -42.47 2.11
C ASP E 328 56.39 -43.28 2.98
N PHE E 329 57.19 -42.55 3.76
CA PHE E 329 58.04 -43.12 4.79
C PHE E 329 57.17 -44.01 5.69
N PHE E 330 56.15 -43.40 6.31
CA PHE E 330 55.24 -44.10 7.21
C PHE E 330 54.62 -45.36 6.61
N GLU E 331 54.40 -45.38 5.30
CA GLU E 331 53.77 -46.53 4.68
C GLU E 331 54.76 -47.63 4.34
N GLU E 332 56.01 -47.28 4.05
CA GLU E 332 57.05 -48.28 3.92
C GLU E 332 57.39 -48.86 5.29
N ALA E 333 57.28 -48.01 6.30
CA ALA E 333 57.55 -48.43 7.66
C ALA E 333 56.52 -49.47 8.14
N VAL E 334 55.22 -49.14 8.04
CA VAL E 334 54.16 -50.04 8.52
C VAL E 334 54.20 -51.35 7.78
N ARG E 335 54.76 -51.31 6.57
CA ARG E 335 54.89 -52.51 5.77
C ARG E 335 55.80 -53.51 6.49
N HIS E 336 56.96 -53.04 6.97
CA HIS E 336 57.93 -53.86 7.73
C HIS E 336 57.51 -54.24 9.19
N PHE E 337 56.43 -53.66 9.70
CA PHE E 337 55.84 -54.09 11.00
C PHE E 337 54.46 -53.48 11.13
N LYS E 338 53.43 -54.33 11.15
CA LYS E 338 52.03 -53.85 11.04
C LYS E 338 51.45 -53.20 12.32
N GLU E 339 52.30 -52.42 12.99
CA GLU E 339 51.90 -51.64 14.15
C GLU E 339 51.85 -50.14 13.73
N PRO E 340 50.68 -49.68 13.26
CA PRO E 340 50.60 -48.35 12.64
C PRO E 340 50.53 -47.21 13.68
N LYS E 341 49.76 -47.42 14.74
CA LYS E 341 49.54 -46.42 15.77
C LYS E 341 50.83 -46.15 16.55
N GLY E 342 51.65 -47.19 16.71
CA GLY E 342 52.96 -47.02 17.31
C GLY E 342 53.88 -46.24 16.39
N ILE E 343 53.92 -46.64 15.13
CA ILE E 343 54.83 -46.04 14.17
C ILE E 343 54.54 -44.54 13.96
N VAL E 344 53.27 -44.14 13.83
CA VAL E 344 52.95 -42.68 13.76
C VAL E 344 53.49 -41.93 14.96
N ASN E 345 53.29 -42.50 16.14
CA ASN E 345 53.78 -41.89 17.35
C ASN E 345 55.27 -41.58 17.24
N TRP E 346 56.07 -42.63 17.02
CA TRP E 346 57.53 -42.55 17.06
C TRP E 346 58.11 -41.69 15.94
N LEU E 347 57.47 -41.76 14.78
CA LEU E 347 57.78 -40.91 13.64
C LEU E 347 57.54 -39.42 13.94
N ILE E 348 56.31 -39.08 14.31
CA ILE E 348 55.91 -37.69 14.56
C ILE E 348 56.64 -37.07 15.75
N ASN E 349 56.70 -37.83 16.84
CA ASN E 349 57.10 -37.30 18.13
C ASN E 349 58.60 -37.37 18.43
N ASP E 350 59.33 -38.07 17.58
CA ASP E 350 60.73 -38.26 17.87
C ASP E 350 61.61 -37.98 16.67
N LEU E 351 61.35 -38.73 15.59
CA LEU E 351 62.16 -38.71 14.37
C LEU E 351 62.20 -37.36 13.66
N LEU E 352 61.03 -36.85 13.32
CA LEU E 352 60.89 -35.55 12.66
C LEU E 352 61.54 -34.40 13.43
N GLY E 353 61.36 -34.37 14.75
CA GLY E 353 61.96 -33.34 15.60
C GLY E 353 63.48 -33.35 15.49
N LEU E 354 64.06 -34.56 15.62
CA LEU E 354 65.50 -34.77 15.50
C LEU E 354 66.08 -34.28 14.17
N LEU E 355 65.51 -34.77 13.07
CA LEU E 355 65.89 -34.39 11.70
C LEU E 355 65.72 -32.90 11.44
N ARG E 356 64.71 -32.29 12.05
CA ARG E 356 64.56 -30.83 11.96
C ARG E 356 65.77 -30.10 12.51
N ASP E 357 66.27 -30.55 13.67
CA ASP E 357 67.41 -29.91 14.38
C ASP E 357 68.73 -30.03 13.61
N LYS E 358 68.87 -31.11 12.86
CA LYS E 358 70.07 -31.35 12.06
C LYS E 358 70.03 -30.56 10.76
N GLY E 359 68.83 -30.43 10.20
CA GLY E 359 68.66 -29.82 8.89
C GLY E 359 68.40 -30.84 7.80
N ILE E 360 68.23 -32.10 8.20
CA ILE E 360 68.11 -33.19 7.25
C ILE E 360 66.65 -33.45 6.88
N SER E 361 66.41 -33.71 5.60
CA SER E 361 65.05 -33.93 5.12
C SER E 361 64.68 -35.41 5.16
N ILE E 362 63.41 -35.68 5.49
CA ILE E 362 62.94 -37.08 5.66
C ILE E 362 63.33 -38.03 4.50
N GLU E 363 63.63 -37.44 3.35
CA GLU E 363 64.13 -38.17 2.20
C GLU E 363 65.52 -38.72 2.52
N GLU E 364 66.38 -37.88 3.11
CA GLU E 364 67.78 -38.23 3.40
C GLU E 364 68.06 -38.95 4.74
N SER E 365 67.04 -39.12 5.58
CA SER E 365 67.25 -39.60 6.95
C SER E 365 67.96 -40.97 7.03
N PRO E 366 68.99 -41.05 7.88
CA PRO E 366 69.71 -42.28 8.15
C PRO E 366 68.76 -43.37 8.64
N VAL E 367 67.77 -42.98 9.44
CA VAL E 367 66.77 -43.94 9.89
C VAL E 367 65.88 -44.21 8.71
N LYS E 368 65.92 -45.45 8.23
CA LYS E 368 65.10 -45.85 7.08
C LYS E 368 63.81 -46.50 7.59
N PRO E 369 62.73 -46.47 6.78
CA PRO E 369 61.45 -47.04 7.24
C PRO E 369 61.51 -48.45 7.88
N GLU E 370 62.56 -49.23 7.60
CA GLU E 370 62.76 -50.56 8.21
C GLU E 370 63.22 -50.40 9.65
N HIS E 371 64.12 -49.43 9.87
CA HIS E 371 64.75 -49.21 11.17
C HIS E 371 63.72 -48.86 12.24
N LEU E 372 62.93 -47.81 11.99
CA LEU E 372 61.84 -47.40 12.88
C LEU E 372 60.80 -48.50 13.09
N ALA E 373 60.51 -49.26 12.02
CA ALA E 373 59.63 -50.43 12.12
C ALA E 373 60.22 -51.46 13.08
N GLU E 374 61.52 -51.71 12.95
CA GLU E 374 62.24 -52.59 13.86
C GLU E 374 62.23 -52.01 15.28
N LEU E 375 62.59 -50.72 15.42
CA LEU E 375 62.61 -50.03 16.72
C LEU E 375 61.26 -49.97 17.42
N VAL E 376 60.19 -49.68 16.67
CA VAL E 376 58.84 -49.75 17.26
C VAL E 376 58.51 -51.18 17.69
N LYS E 377 58.95 -52.16 16.89
CA LYS E 377 58.83 -53.59 17.20
C LYS E 377 59.50 -54.01 18.54
N LEU E 378 60.70 -53.48 18.79
CA LEU E 378 61.44 -53.69 20.05
C LEU E 378 60.74 -53.09 21.29
N ILE E 379 60.04 -51.98 21.10
CA ILE E 379 59.27 -51.34 22.17
C ILE E 379 58.02 -52.15 22.47
N LYS E 380 57.38 -52.65 21.42
CA LYS E 380 56.12 -53.39 21.54
C LYS E 380 56.32 -54.77 22.16
N GLU E 381 57.46 -55.40 21.87
CA GLU E 381 57.76 -56.74 22.36
C GLU E 381 58.47 -56.69 23.71
N LYS E 382 58.47 -55.50 24.29
CA LYS E 382 59.04 -55.18 25.61
C LYS E 382 60.57 -55.47 25.72
N VAL E 383 61.23 -55.54 24.57
CA VAL E 383 62.65 -55.92 24.51
C VAL E 383 63.58 -54.82 25.06
N ILE E 384 63.22 -53.58 24.79
CA ILE E 384 63.83 -52.39 25.43
C ILE E 384 62.76 -51.43 25.94
N SER E 385 63.18 -50.49 26.78
CA SER E 385 62.26 -49.52 27.35
C SER E 385 62.10 -48.28 26.49
N THR E 386 60.94 -47.65 26.64
CA THR E 386 60.61 -46.37 26.03
C THR E 386 61.74 -45.36 26.29
N LYS E 387 62.19 -45.24 27.53
CA LYS E 387 63.36 -44.43 27.85
C LYS E 387 64.61 -44.82 27.04
N ILE E 388 64.77 -46.12 26.80
CA ILE E 388 65.94 -46.66 26.11
C ILE E 388 65.78 -46.46 24.60
N GLY E 389 64.56 -46.69 24.12
CA GLY E 389 64.19 -46.37 22.75
C GLY E 389 64.56 -44.96 22.40
N LYS E 390 64.29 -44.02 23.30
CA LYS E 390 64.53 -42.59 23.05
C LYS E 390 66.00 -42.24 22.99
N GLU E 391 66.82 -43.07 23.64
CA GLU E 391 68.30 -43.01 23.58
C GLU E 391 68.85 -43.65 22.29
N VAL E 392 68.34 -44.82 21.92
CA VAL E 392 68.77 -45.48 20.67
C VAL E 392 68.35 -44.72 19.41
N ILE E 393 67.12 -44.20 19.40
CA ILE E 393 66.66 -43.41 18.27
C ILE E 393 67.52 -42.15 18.07
N LYS E 394 67.89 -41.49 19.17
CA LYS E 394 68.76 -40.31 19.13
C LYS E 394 70.08 -40.61 18.43
N GLU E 395 70.61 -41.80 18.72
CA GLU E 395 71.87 -42.23 18.17
C GLU E 395 71.69 -42.92 16.83
N MET E 396 70.49 -43.46 16.57
CA MET E 396 70.15 -43.93 15.24
C MET E 396 70.38 -42.82 14.23
N VAL E 397 69.86 -41.64 14.55
CA VAL E 397 70.11 -40.43 13.78
C VAL E 397 71.58 -40.09 13.79
N GLU E 398 72.16 -39.98 14.98
CA GLU E 398 73.56 -39.58 15.14
C GLU E 398 74.56 -40.36 14.27
N THR E 399 74.31 -41.66 14.09
CA THR E 399 75.22 -42.56 13.37
C THR E 399 74.63 -43.15 12.10
N GLY E 400 73.44 -43.74 12.21
CA GLY E 400 72.83 -44.43 11.09
C GLY E 400 72.83 -45.93 11.23
N LYS E 401 73.28 -46.44 12.38
CA LYS E 401 73.30 -47.87 12.61
C LYS E 401 71.90 -48.36 13.02
N THR E 402 71.58 -49.60 12.61
CA THR E 402 70.32 -50.29 12.97
C THR E 402 69.95 -50.17 14.46
N PRO E 403 68.62 -50.13 14.80
CA PRO E 403 68.23 -50.30 16.20
C PRO E 403 68.88 -51.51 16.90
N SER E 404 68.89 -52.69 16.25
CA SER E 404 69.47 -53.90 16.86
C SER E 404 71.01 -53.89 16.97
N GLN E 405 71.64 -53.06 16.15
CA GLN E 405 73.08 -52.85 16.23
C GLN E 405 73.51 -52.23 17.57
N ILE E 406 72.96 -51.07 17.89
CA ILE E 406 73.31 -50.36 19.14
C ILE E 406 72.80 -51.07 20.41
N VAL E 407 71.66 -51.75 20.26
CA VAL E 407 71.11 -52.65 21.29
C VAL E 407 72.15 -53.67 21.82
N GLU E 408 72.92 -54.28 20.92
CA GLU E 408 74.03 -55.14 21.37
C GLU E 408 75.29 -54.33 21.73
N GLU E 409 75.70 -53.45 20.83
CA GLU E 409 76.88 -52.58 21.03
C GLU E 409 76.95 -51.97 22.44
N LYS E 410 75.80 -51.71 23.05
CA LYS E 410 75.77 -51.18 24.42
C LYS E 410 75.05 -52.09 25.42
N GLY E 411 74.81 -53.34 25.00
CA GLY E 411 74.26 -54.39 25.84
C GLY E 411 72.76 -54.29 26.12
N LEU E 412 72.02 -55.27 25.63
CA LEU E 412 70.59 -55.20 25.61
C LEU E 412 70.10 -53.95 26.31
N VAL F 2 43.98 8.69 -42.26
CA VAL F 2 44.08 8.20 -40.86
C VAL F 2 45.15 9.02 -40.11
N ASP F 3 44.89 9.33 -38.84
CA ASP F 3 45.66 10.31 -38.03
C ASP F 3 47.18 10.11 -37.92
N ARG F 4 47.90 11.22 -37.75
CA ARG F 4 49.29 11.19 -37.32
C ARG F 4 49.39 10.35 -36.05
N GLU F 5 48.60 10.78 -35.07
CA GLU F 5 48.41 10.12 -33.77
C GLU F 5 48.26 8.59 -33.90
N TRP F 6 47.41 8.16 -34.85
CA TRP F 6 47.16 6.74 -35.11
C TRP F 6 48.46 6.03 -35.50
N VAL F 7 49.11 6.59 -36.51
CA VAL F 7 50.39 6.11 -37.00
C VAL F 7 51.43 5.92 -35.88
N LEU F 8 51.49 6.86 -34.95
CA LEU F 8 52.47 6.82 -33.83
C LEU F 8 52.17 5.70 -32.82
N LYS F 9 50.88 5.49 -32.57
CA LYS F 9 50.41 4.50 -31.62
C LYS F 9 50.81 3.10 -32.14
N ILE F 10 50.50 2.88 -33.41
CA ILE F 10 50.78 1.62 -34.08
C ILE F 10 52.27 1.43 -34.09
N ALA F 11 53.03 2.46 -34.46
CA ALA F 11 54.50 2.40 -34.49
C ALA F 11 55.08 2.06 -33.12
N LYS F 12 54.48 2.60 -32.08
CA LYS F 12 54.98 2.36 -30.73
C LYS F 12 54.73 0.92 -30.35
N LEU F 13 53.49 0.45 -30.58
CA LEU F 13 53.13 -0.97 -30.39
C LEU F 13 54.11 -1.90 -31.09
N ALA F 14 54.54 -1.47 -32.29
CA ALA F 14 55.41 -2.25 -33.16
C ALA F 14 56.92 -2.03 -32.92
N ARG F 15 57.25 -1.01 -32.13
CA ARG F 15 58.66 -0.66 -31.89
C ARG F 15 59.41 -0.20 -33.14
N LEU F 16 58.86 0.82 -33.78
CA LEU F 16 59.51 1.55 -34.85
C LEU F 16 59.51 3.02 -34.47
N GLU F 17 60.68 3.57 -34.18
CA GLU F 17 60.77 5.01 -33.97
C GLU F 17 60.84 5.67 -35.33
N LEU F 18 59.66 5.99 -35.85
CA LEU F 18 59.55 6.56 -37.19
C LEU F 18 60.24 7.90 -37.28
N LYS F 19 60.94 8.09 -38.40
CA LYS F 19 61.43 9.41 -38.77
C LYS F 19 60.29 10.22 -39.40
N GLU F 20 60.39 11.54 -39.31
CA GLU F 20 59.29 12.46 -39.60
C GLU F 20 58.79 12.39 -41.06
N GLU F 21 59.70 12.02 -41.98
CA GLU F 21 59.38 11.79 -43.40
C GLU F 21 58.35 10.66 -43.50
N GLU F 22 58.68 9.55 -42.82
CA GLU F 22 57.89 8.31 -42.81
C GLU F 22 56.49 8.54 -42.26
N ILE F 23 56.40 9.28 -41.17
CA ILE F 23 55.10 9.62 -40.56
C ILE F 23 54.12 10.24 -41.57
N GLU F 24 54.60 11.15 -42.43
CA GLU F 24 53.77 11.79 -43.44
C GLU F 24 53.46 10.84 -44.59
N VAL F 25 54.43 10.03 -45.00
CA VAL F 25 54.27 9.03 -46.10
C VAL F 25 53.37 7.85 -45.72
N PHE F 26 53.69 7.20 -44.58
CA PHE F 26 52.88 6.13 -44.03
C PHE F 26 51.49 6.58 -43.60
N GLN F 27 51.26 7.88 -43.45
CA GLN F 27 49.89 8.36 -43.28
C GLN F 27 49.07 8.13 -44.54
N LYS F 28 49.57 8.59 -45.67
CA LYS F 28 48.80 8.43 -46.90
C LYS F 28 48.78 6.96 -47.37
N GLN F 29 49.94 6.30 -47.32
CA GLN F 29 50.07 4.93 -47.84
C GLN F 29 49.23 3.91 -47.09
N LEU F 30 49.20 4.02 -45.77
CA LEU F 30 48.35 3.15 -44.97
C LEU F 30 46.86 3.47 -45.18
N SER F 31 46.48 4.75 -45.12
CA SER F 31 45.12 5.16 -45.47
C SER F 31 44.68 4.53 -46.79
N ASP F 32 45.55 4.59 -47.80
CA ASP F 32 45.31 4.01 -49.13
C ASP F 32 45.15 2.50 -49.06
N ILE F 33 46.12 1.82 -48.46
CA ILE F 33 46.08 0.37 -48.35
C ILE F 33 44.86 -0.09 -47.55
N LEU F 34 44.49 0.66 -46.52
CA LEU F 34 43.32 0.31 -45.72
C LEU F 34 42.07 0.27 -46.57
N ASP F 35 41.90 1.27 -47.42
CA ASP F 35 40.75 1.35 -48.33
C ASP F 35 40.91 0.29 -49.38
N PHE F 36 42.15 0.08 -49.79
CA PHE F 36 42.42 -0.96 -50.77
C PHE F 36 41.92 -2.31 -50.28
N ILE F 37 42.19 -2.66 -49.03
CA ILE F 37 41.89 -4.00 -48.54
C ILE F 37 40.49 -4.20 -47.99
N ASP F 38 39.72 -3.13 -47.79
CA ASP F 38 38.43 -3.25 -47.10
C ASP F 38 37.25 -3.63 -47.99
N GLN F 39 37.39 -4.73 -48.74
CA GLN F 39 36.30 -5.28 -49.56
C GLN F 39 35.52 -6.38 -48.86
N LEU F 40 36.07 -6.99 -47.80
CA LEU F 40 35.52 -8.24 -47.26
C LEU F 40 34.17 -8.14 -46.54
N LYS F 41 33.73 -6.94 -46.16
CA LYS F 41 32.42 -6.78 -45.51
C LYS F 41 31.26 -7.37 -46.33
N GLU F 42 31.30 -7.17 -47.64
CA GLU F 42 30.29 -7.67 -48.57
C GLU F 42 29.91 -9.12 -48.28
N LEU F 43 30.86 -9.87 -47.73
CA LEU F 43 30.72 -11.31 -47.60
C LEU F 43 30.21 -11.73 -46.24
N ASP F 44 29.36 -12.75 -46.26
CA ASP F 44 28.77 -13.30 -45.04
C ASP F 44 29.67 -14.43 -44.56
N THR F 45 30.20 -14.31 -43.34
CA THR F 45 31.12 -15.30 -42.81
C THR F 45 30.72 -15.85 -41.44
N GLU F 46 29.58 -15.39 -40.89
CA GLU F 46 28.91 -16.12 -39.83
C GLU F 46 28.72 -17.52 -40.39
N ASN F 47 28.84 -18.55 -39.57
CA ASN F 47 28.73 -19.91 -40.13
C ASN F 47 29.84 -20.30 -41.10
N VAL F 48 30.94 -19.55 -41.10
CA VAL F 48 32.16 -19.97 -41.80
C VAL F 48 33.31 -20.18 -40.81
N GLU F 49 34.00 -21.31 -40.88
CA GLU F 49 35.12 -21.55 -39.96
C GLU F 49 36.42 -20.96 -40.50
N PRO F 50 37.19 -20.25 -39.64
CA PRO F 50 38.52 -19.78 -40.04
C PRO F 50 39.34 -20.92 -40.63
N TYR F 51 40.16 -20.60 -41.63
CA TYR F 51 40.96 -21.60 -42.33
C TYR F 51 42.07 -22.21 -41.48
N ILE F 52 42.09 -23.54 -41.37
CA ILE F 52 43.29 -24.25 -40.89
C ILE F 52 43.62 -25.34 -41.86
N GLN F 53 44.91 -25.61 -42.02
CA GLN F 53 45.32 -26.77 -42.80
C GLN F 53 44.79 -28.04 -42.16
N GLU F 54 44.57 -29.06 -42.97
CA GLU F 54 44.09 -30.34 -42.47
C GLU F 54 45.18 -31.21 -41.84
N PHE F 55 44.82 -31.93 -40.78
CA PHE F 55 45.73 -32.79 -40.06
C PHE F 55 44.84 -33.78 -39.36
N GLU F 56 45.28 -35.01 -39.15
CA GLU F 56 44.45 -35.91 -38.35
C GLU F 56 44.73 -35.68 -36.88
N GLU F 57 45.99 -35.89 -36.51
CA GLU F 57 46.45 -35.75 -35.13
C GLU F 57 47.40 -34.58 -34.92
N THR F 58 47.22 -33.85 -33.80
CA THR F 58 48.20 -32.84 -33.38
C THR F 58 49.60 -33.49 -33.30
N PRO F 59 50.58 -32.93 -34.07
CA PRO F 59 51.99 -33.34 -34.06
C PRO F 59 52.70 -32.95 -32.78
N MET F 60 53.13 -33.97 -32.04
CA MET F 60 53.80 -33.79 -30.78
C MET F 60 55.02 -34.67 -30.82
N ARG F 61 56.06 -34.24 -30.12
CA ARG F 61 57.32 -34.94 -30.07
C ARG F 61 57.52 -35.50 -28.67
N GLU F 62 58.31 -36.57 -28.55
CA GLU F 62 58.62 -37.19 -27.26
C GLU F 62 59.48 -36.29 -26.37
N ASP F 63 59.38 -36.47 -25.05
CA ASP F 63 60.16 -35.64 -24.10
C ASP F 63 61.59 -36.14 -23.89
N GLU F 64 62.42 -36.08 -24.93
CA GLU F 64 63.81 -36.59 -24.91
C GLU F 64 64.75 -35.51 -25.39
N PRO F 65 65.81 -35.22 -24.61
CA PRO F 65 66.77 -34.17 -24.93
C PRO F 65 67.39 -34.24 -26.35
N HIS F 66 67.52 -33.09 -27.00
CA HIS F 66 68.30 -33.01 -28.22
C HIS F 66 69.52 -32.16 -27.94
N PRO F 67 70.70 -32.60 -28.44
CA PRO F 67 71.94 -31.83 -28.32
C PRO F 67 71.68 -30.37 -28.60
N SER F 68 71.86 -29.51 -27.59
CA SER F 68 71.67 -28.08 -27.75
C SER F 68 72.70 -27.47 -28.68
N LEU F 69 72.64 -26.15 -28.76
CA LEU F 69 73.52 -25.40 -29.61
C LEU F 69 74.76 -25.03 -28.82
N ASP F 70 75.91 -25.09 -29.49
CA ASP F 70 77.17 -24.76 -28.85
C ASP F 70 77.08 -23.28 -28.51
N ARG F 71 77.37 -22.93 -27.26
CA ARG F 71 77.19 -21.55 -26.78
C ARG F 71 77.90 -20.52 -27.67
N GLU F 72 79.03 -20.91 -28.26
CA GLU F 72 79.77 -20.05 -29.17
C GLU F 72 78.92 -19.64 -30.39
N LYS F 73 78.29 -20.62 -31.06
CA LYS F 73 77.44 -20.37 -32.26
C LYS F 73 76.20 -19.62 -31.87
N ALA F 74 75.67 -20.00 -30.71
CA ALA F 74 74.53 -19.34 -30.10
C ALA F 74 74.80 -17.88 -29.70
N LEU F 75 76.07 -17.49 -29.56
CA LEU F 75 76.39 -16.11 -29.24
C LEU F 75 77.01 -15.32 -30.40
N MET F 76 77.79 -16.01 -31.24
CA MET F 76 78.58 -15.37 -32.30
C MET F 76 77.95 -14.10 -32.91
N ASN F 77 76.64 -14.15 -33.14
CA ASN F 77 75.91 -13.06 -33.80
C ASN F 77 75.51 -11.88 -32.93
N ALA F 78 75.70 -12.02 -31.61
CA ALA F 78 75.26 -10.99 -30.65
C ALA F 78 76.03 -9.69 -30.73
N PRO F 79 75.30 -8.57 -30.89
CA PRO F 79 75.84 -7.20 -30.84
C PRO F 79 76.81 -6.96 -29.66
N GLU F 80 76.35 -7.31 -28.44
CA GLU F 80 77.15 -7.17 -27.21
C GLU F 80 76.95 -8.38 -26.31
N ARG F 81 78.04 -9.07 -25.95
CA ARG F 81 77.95 -10.28 -25.11
C ARG F 81 78.90 -10.24 -23.90
N LYS F 82 78.59 -10.98 -22.83
CA LYS F 82 79.44 -11.02 -21.62
C LYS F 82 79.28 -12.31 -20.80
N ASP F 83 80.39 -12.93 -20.48
CA ASP F 83 80.41 -14.10 -19.57
C ASP F 83 79.39 -15.22 -19.86
N GLY F 84 79.14 -15.54 -21.14
CA GLY F 84 78.11 -16.53 -21.50
C GLY F 84 76.70 -15.95 -21.69
N PHE F 85 76.55 -14.63 -21.45
CA PHE F 85 75.26 -13.89 -21.46
C PHE F 85 75.14 -12.98 -22.66
N PHE F 86 73.91 -12.78 -23.16
CA PHE F 86 73.61 -11.67 -24.09
C PHE F 86 73.60 -10.40 -23.26
N VAL F 87 73.95 -9.28 -23.85
CA VAL F 87 73.96 -8.05 -23.06
C VAL F 87 73.15 -6.97 -23.73
N VAL F 88 72.33 -6.27 -22.95
CA VAL F 88 71.57 -5.14 -23.46
C VAL F 88 71.65 -4.03 -22.44
N PRO F 89 71.19 -2.80 -22.79
CA PRO F 89 71.16 -1.83 -21.69
C PRO F 89 70.29 -2.36 -20.58
N ARG F 90 70.51 -1.82 -19.38
CA ARG F 90 69.74 -2.22 -18.21
C ARG F 90 68.23 -1.96 -18.41
N VAL F 91 67.42 -2.76 -17.73
CA VAL F 91 65.98 -2.52 -17.67
C VAL F 91 65.50 -2.48 -16.22
N VAL F 92 64.58 -1.56 -15.93
CA VAL F 92 63.96 -1.49 -14.61
C VAL F 92 62.44 -1.36 -14.73
N MET G 1 -8.56 -56.64 2.55
CA MET G 1 -9.90 -56.10 2.15
C MET G 1 -9.94 -55.71 0.68
N LEU G 2 -9.05 -56.30 -0.12
CA LEU G 2 -9.01 -56.14 -1.60
C LEU G 2 -8.29 -54.87 -2.08
N TRP G 3 -8.86 -53.70 -1.80
CA TRP G 3 -8.13 -52.45 -2.05
C TRP G 3 -6.90 -52.32 -1.18
N LYS G 4 -6.84 -53.15 -0.14
CA LYS G 4 -5.73 -53.22 0.79
C LYS G 4 -4.65 -54.17 0.29
N LYS G 5 -4.89 -54.81 -0.86
CA LYS G 5 -3.97 -55.80 -1.39
C LYS G 5 -3.02 -55.22 -2.43
N SER G 6 -1.84 -55.82 -2.54
CA SER G 6 -0.84 -55.43 -3.53
C SER G 6 -1.19 -56.02 -4.90
N LEU G 7 -0.45 -55.58 -5.93
CA LEU G 7 -0.65 -56.07 -7.29
C LEU G 7 -0.32 -57.55 -7.43
N SER G 8 0.61 -58.03 -6.59
CA SER G 8 1.00 -59.45 -6.54
C SER G 8 -0.15 -60.30 -5.98
N GLU G 9 -0.70 -59.84 -4.87
CA GLU G 9 -1.85 -60.47 -4.26
C GLU G 9 -3.05 -60.37 -5.19
N LEU G 10 -3.29 -59.19 -5.76
CA LEU G 10 -4.37 -58.99 -6.73
C LEU G 10 -4.23 -59.90 -7.97
N ARG G 11 -3.03 -59.98 -8.53
CA ARG G 11 -2.78 -60.72 -9.77
C ARG G 11 -3.05 -62.20 -9.60
N GLU G 12 -2.51 -62.78 -8.53
CA GLU G 12 -2.67 -64.19 -8.28
C GLU G 12 -4.16 -64.54 -8.11
N LEU G 13 -4.91 -63.66 -7.45
CA LEU G 13 -6.35 -63.85 -7.29
C LEU G 13 -7.12 -63.71 -8.62
N LEU G 14 -6.61 -62.88 -9.52
CA LEU G 14 -7.23 -62.65 -10.82
C LEU G 14 -6.93 -63.77 -11.79
N LYS G 15 -5.70 -64.27 -11.73
CA LYS G 15 -5.22 -65.34 -12.61
C LYS G 15 -5.95 -66.65 -12.36
N ARG G 16 -6.23 -66.94 -11.10
CA ARG G 16 -6.94 -68.15 -10.68
C ARG G 16 -8.45 -67.95 -10.48
N GLY G 17 -8.97 -66.83 -11.00
CA GLY G 17 -10.40 -66.55 -11.06
C GLY G 17 -11.09 -66.25 -9.75
N GLU G 18 -10.32 -66.32 -8.65
CA GLU G 18 -10.87 -66.11 -7.30
C GLU G 18 -11.54 -64.73 -7.20
N VAL G 19 -11.05 -63.81 -8.02
CA VAL G 19 -11.64 -62.48 -8.15
C VAL G 19 -11.75 -62.06 -9.64
N SER G 20 -12.68 -61.16 -9.92
CA SER G 20 -12.86 -60.59 -11.25
C SER G 20 -12.39 -59.12 -11.28
N PRO G 21 -12.00 -58.62 -12.47
CA PRO G 21 -11.59 -57.24 -12.63
C PRO G 21 -12.63 -56.26 -12.11
N LYS G 22 -13.90 -56.58 -12.31
CA LYS G 22 -15.02 -55.76 -11.85
C LYS G 22 -15.02 -55.59 -10.33
N GLU G 23 -14.76 -56.68 -9.61
CA GLU G 23 -14.70 -56.68 -8.15
C GLU G 23 -13.58 -55.78 -7.65
N VAL G 24 -12.39 -55.96 -8.23
CA VAL G 24 -11.22 -55.15 -7.90
C VAL G 24 -11.56 -53.68 -8.02
N VAL G 25 -12.15 -53.28 -9.14
CA VAL G 25 -12.56 -51.91 -9.38
C VAL G 25 -13.60 -51.43 -8.37
N GLU G 26 -14.61 -52.28 -8.10
CA GLU G 26 -15.64 -52.00 -7.09
C GLU G 26 -15.02 -51.73 -5.72
N SER G 27 -14.02 -52.54 -5.35
CA SER G 27 -13.30 -52.37 -4.10
C SER G 27 -12.69 -50.97 -3.94
N PHE G 28 -11.90 -50.57 -4.94
CA PHE G 28 -11.22 -49.28 -4.95
C PHE G 28 -12.25 -48.14 -5.04
N TYR G 29 -13.34 -48.40 -5.74
CA TYR G 29 -14.44 -47.47 -5.86
C TYR G 29 -15.04 -47.14 -4.51
N ASP G 30 -15.26 -48.17 -3.69
CA ASP G 30 -15.81 -47.95 -2.36
C ASP G 30 -14.84 -47.13 -1.52
N ARG G 31 -13.56 -47.53 -1.52
CA ARG G 31 -12.48 -46.77 -0.89
C ARG G 31 -12.48 -45.30 -1.33
N TYR G 32 -12.72 -45.09 -2.62
CA TYR G 32 -12.83 -43.75 -3.20
C TYR G 32 -13.97 -43.03 -2.52
N ASN G 33 -15.12 -43.70 -2.45
CA ASN G 33 -16.32 -43.14 -1.79
C ASN G 33 -16.08 -42.83 -0.32
N GLN G 34 -15.28 -43.65 0.34
CA GLN G 34 -14.89 -43.40 1.72
C GLN G 34 -14.19 -42.06 1.86
N THR G 35 -13.29 -41.76 0.93
CA THR G 35 -12.13 -40.92 1.21
C THR G 35 -12.23 -39.58 0.49
N GLU G 36 -12.94 -39.58 -0.63
CA GLU G 36 -12.73 -38.56 -1.66
C GLU G 36 -13.22 -37.20 -1.18
N GLU G 37 -14.27 -37.20 -0.36
CA GLU G 37 -14.83 -35.93 0.20
C GLU G 37 -13.79 -35.17 1.00
N LYS G 38 -12.93 -35.92 1.69
CA LYS G 38 -11.85 -35.40 2.52
C LYS G 38 -10.63 -35.03 1.68
N VAL G 39 -10.23 -35.97 0.83
CA VAL G 39 -8.99 -35.91 0.07
C VAL G 39 -9.06 -35.06 -1.21
N LYS G 40 -10.08 -35.30 -2.04
CA LYS G 40 -10.25 -34.65 -3.34
C LYS G 40 -9.09 -34.92 -4.30
N ALA G 41 -8.80 -36.21 -4.52
CA ALA G 41 -7.72 -36.59 -5.40
C ALA G 41 -8.06 -36.38 -6.88
N TYR G 42 -9.34 -36.55 -7.23
CA TYR G 42 -9.74 -36.60 -8.64
C TYR G 42 -10.39 -35.34 -9.20
N ILE G 43 -10.09 -35.05 -10.46
CA ILE G 43 -10.87 -34.09 -11.24
C ILE G 43 -12.01 -34.86 -11.92
N THR G 44 -11.69 -35.99 -12.52
CA THR G 44 -12.66 -36.78 -13.25
C THR G 44 -12.51 -38.23 -12.85
N PRO G 45 -13.37 -38.69 -11.92
CA PRO G 45 -13.37 -40.11 -11.55
C PRO G 45 -13.95 -40.90 -12.69
N LEU G 46 -13.35 -42.04 -12.98
CA LEU G 46 -13.81 -42.84 -14.10
C LEU G 46 -14.13 -44.27 -13.67
N TYR G 47 -14.35 -44.47 -12.37
CA TYR G 47 -14.64 -45.79 -11.82
C TYR G 47 -15.84 -46.42 -12.51
N GLY G 48 -16.86 -45.58 -12.74
CA GLY G 48 -18.09 -45.96 -13.45
C GLY G 48 -17.75 -46.57 -14.80
N LYS G 49 -16.95 -45.84 -15.57
CA LYS G 49 -16.54 -46.28 -16.89
C LYS G 49 -15.67 -47.53 -16.82
N ALA G 50 -14.82 -47.61 -15.80
CA ALA G 50 -13.90 -48.72 -15.64
C ALA G 50 -14.64 -50.00 -15.26
N LEU G 51 -15.69 -49.85 -14.46
CA LEU G 51 -16.61 -50.94 -14.15
C LEU G 51 -17.10 -51.64 -15.42
N LYS G 52 -17.59 -50.84 -16.37
CA LYS G 52 -18.07 -51.34 -17.64
C LYS G 52 -16.97 -51.96 -18.51
N GLN G 53 -15.78 -51.35 -18.52
CA GLN G 53 -14.68 -51.85 -19.32
C GLN G 53 -14.13 -53.17 -18.79
N ALA G 54 -14.34 -53.39 -17.49
CA ALA G 54 -13.88 -54.58 -16.81
C ALA G 54 -14.64 -55.84 -17.27
N GLU G 55 -15.91 -55.67 -17.64
CA GLU G 55 -16.76 -56.77 -18.08
C GLU G 55 -16.19 -57.45 -19.31
N SER G 56 -15.60 -56.68 -20.21
CA SER G 56 -15.03 -57.22 -21.47
C SER G 56 -13.56 -57.62 -21.37
N LEU G 57 -12.99 -57.47 -20.17
CA LEU G 57 -11.61 -57.82 -19.92
C LEU G 57 -11.53 -59.31 -19.61
N LYS G 58 -10.82 -60.07 -20.46
CA LYS G 58 -10.80 -61.54 -20.36
C LYS G 58 -9.43 -62.19 -20.23
N GLU G 59 -8.48 -61.78 -21.04
CA GLU G 59 -7.15 -62.41 -21.05
C GLU G 59 -6.37 -62.14 -19.74
N ARG G 60 -6.26 -63.16 -18.89
CA ARG G 60 -5.71 -62.98 -17.54
C ARG G 60 -4.19 -62.84 -17.49
N GLU G 61 -3.51 -63.30 -18.54
CA GLU G 61 -2.05 -63.35 -18.58
C GLU G 61 -1.43 -62.00 -18.89
N LEU G 62 -2.28 -61.02 -19.22
CA LEU G 62 -1.85 -59.64 -19.48
C LEU G 62 -1.21 -59.03 -18.24
N PRO G 63 -0.03 -58.40 -18.39
CA PRO G 63 0.83 -58.01 -17.27
C PRO G 63 0.15 -57.19 -16.18
N LEU G 64 -0.83 -56.39 -16.56
CA LEU G 64 -1.60 -55.61 -15.58
C LEU G 64 -3.09 -55.97 -15.60
N PHE G 65 -3.37 -57.25 -15.86
CA PHE G 65 -4.73 -57.72 -16.20
C PHE G 65 -5.88 -56.96 -15.61
N GLY G 66 -5.98 -56.82 -14.29
CA GLY G 66 -7.19 -56.20 -13.78
C GLY G 66 -6.96 -54.97 -12.92
N ILE G 67 -5.79 -54.36 -13.11
CA ILE G 67 -5.31 -53.35 -12.19
C ILE G 67 -5.87 -51.96 -12.48
N PRO G 68 -6.56 -51.37 -11.49
CA PRO G 68 -6.93 -49.95 -11.59
C PRO G 68 -5.69 -49.08 -11.54
N ILE G 69 -5.74 -47.97 -12.27
CA ILE G 69 -4.64 -47.02 -12.27
C ILE G 69 -5.17 -45.59 -12.45
N ALA G 70 -4.78 -44.70 -11.53
CA ALA G 70 -5.14 -43.27 -11.60
C ALA G 70 -4.15 -42.60 -12.52
N VAL G 71 -4.56 -41.49 -13.14
CA VAL G 71 -3.77 -40.84 -14.17
C VAL G 71 -3.86 -39.33 -14.01
N LYS G 72 -2.70 -38.68 -13.95
CA LYS G 72 -2.60 -37.21 -13.87
C LYS G 72 -3.41 -36.55 -14.98
N ASP G 73 -4.14 -35.47 -14.67
CA ASP G 73 -4.98 -34.85 -15.69
C ASP G 73 -4.23 -33.91 -16.63
N ASN G 74 -2.94 -34.19 -16.85
CA ASN G 74 -2.21 -33.60 -17.97
C ASN G 74 -1.71 -34.69 -18.89
N ILE G 75 -2.14 -35.91 -18.63
CA ILE G 75 -1.91 -37.02 -19.55
C ILE G 75 -3.23 -37.32 -20.27
N LEU G 76 -3.23 -37.30 -21.60
CA LEU G 76 -4.42 -37.49 -22.41
C LEU G 76 -4.98 -38.92 -22.40
N VAL G 77 -6.24 -39.03 -22.01
CA VAL G 77 -7.02 -40.27 -22.12
C VAL G 77 -8.20 -39.96 -23.02
N GLU G 78 -8.27 -40.68 -24.14
CA GLU G 78 -9.22 -40.31 -25.16
C GLU G 78 -10.68 -40.54 -24.81
N GLY G 79 -11.50 -39.58 -25.22
CA GLY G 79 -12.91 -39.64 -24.97
C GLY G 79 -13.25 -38.95 -23.66
N GLU G 80 -12.26 -38.73 -22.79
CA GLU G 80 -12.50 -38.08 -21.51
C GLU G 80 -11.77 -36.76 -21.43
N LYS G 81 -12.28 -35.87 -20.60
CA LYS G 81 -11.69 -34.55 -20.41
C LYS G 81 -10.23 -34.61 -19.93
N THR G 82 -9.39 -33.78 -20.54
CA THR G 82 -8.04 -33.53 -20.04
C THR G 82 -7.91 -32.03 -19.78
N THR G 83 -7.96 -31.64 -18.51
CA THR G 83 -8.11 -30.23 -18.16
C THR G 83 -6.81 -29.53 -17.73
N CYS G 84 -5.79 -30.32 -17.40
CA CYS G 84 -4.56 -29.82 -16.78
C CYS G 84 -4.89 -28.90 -15.61
N ALA G 85 -6.03 -29.18 -14.99
CA ALA G 85 -6.54 -28.39 -13.88
C ALA G 85 -6.61 -26.94 -14.24
N SER G 86 -7.01 -26.67 -15.49
CA SER G 86 -7.04 -25.31 -16.04
C SER G 86 -8.41 -24.92 -16.55
N LYS G 87 -8.81 -23.67 -16.29
CA LYS G 87 -10.04 -23.12 -16.87
C LYS G 87 -9.97 -23.11 -18.38
N ILE G 88 -8.75 -22.94 -18.90
CA ILE G 88 -8.53 -22.83 -20.33
C ILE G 88 -8.76 -24.14 -21.06
N LEU G 89 -8.77 -25.25 -20.30
CA LEU G 89 -8.96 -26.60 -20.83
C LEU G 89 -10.03 -27.45 -20.13
N GLU G 90 -10.87 -26.84 -19.31
CA GLU G 90 -12.00 -27.61 -18.83
C GLU G 90 -12.92 -27.74 -20.02
N ASN G 91 -13.55 -28.90 -20.16
CA ASN G 91 -14.41 -29.14 -21.32
C ASN G 91 -13.64 -29.51 -22.58
N PHE G 92 -12.32 -29.54 -22.51
CA PHE G 92 -11.53 -30.10 -23.58
C PHE G 92 -11.57 -31.65 -23.50
N VAL G 93 -12.15 -32.28 -24.52
CA VAL G 93 -12.18 -33.72 -24.60
C VAL G 93 -11.01 -34.20 -25.42
N ALA G 94 -10.27 -35.16 -24.88
CA ALA G 94 -9.06 -35.66 -25.50
C ALA G 94 -9.40 -36.45 -26.73
N PRO G 95 -8.87 -36.06 -27.89
CA PRO G 95 -9.02 -36.73 -29.16
C PRO G 95 -8.15 -37.96 -29.37
N TYR G 96 -7.26 -38.24 -28.41
CA TYR G 96 -6.30 -39.33 -28.56
C TYR G 96 -5.67 -39.69 -27.22
N ASP G 97 -5.31 -40.96 -27.06
CA ASP G 97 -4.54 -41.39 -25.90
C ASP G 97 -3.10 -40.89 -25.96
N ALA G 98 -2.58 -40.44 -24.84
CA ALA G 98 -1.15 -40.48 -24.57
C ALA G 98 -0.57 -41.85 -24.89
N THR G 99 0.66 -41.86 -25.38
CA THR G 99 1.29 -43.10 -25.83
C THR G 99 1.36 -44.13 -24.70
N VAL G 100 1.32 -43.63 -23.46
CA VAL G 100 1.37 -44.50 -22.30
C VAL G 100 0.00 -45.12 -22.02
N ILE G 101 -1.03 -44.28 -22.00
CA ILE G 101 -2.40 -44.75 -21.87
C ILE G 101 -2.68 -45.89 -22.85
N GLU G 102 -2.01 -45.86 -24.00
CA GLU G 102 -2.15 -46.90 -24.98
C GLU G 102 -1.47 -48.18 -24.47
N ARG G 103 -0.31 -48.02 -23.85
CA ARG G 103 0.49 -49.13 -23.38
C ARG G 103 -0.09 -49.78 -22.14
N LEU G 104 -0.73 -48.98 -21.31
CA LEU G 104 -1.39 -49.49 -20.14
C LEU G 104 -2.63 -50.27 -20.52
N LYS G 105 -3.44 -49.73 -21.44
CA LYS G 105 -4.65 -50.37 -21.89
C LYS G 105 -4.31 -51.70 -22.51
N LYS G 106 -3.24 -51.73 -23.30
CA LYS G 106 -2.78 -52.94 -23.96
C LYS G 106 -2.35 -53.98 -22.93
N ALA G 107 -1.96 -53.52 -21.74
CA ALA G 107 -1.48 -54.40 -20.69
C ALA G 107 -2.59 -54.86 -19.76
N GLY G 108 -3.83 -54.50 -20.11
CA GLY G 108 -5.01 -54.86 -19.35
C GLY G 108 -5.39 -53.94 -18.22
N ALA G 109 -4.63 -52.87 -17.99
CA ALA G 109 -4.92 -51.93 -16.90
C ALA G 109 -6.26 -51.23 -17.07
N LEU G 110 -6.82 -50.70 -15.99
CA LEU G 110 -8.07 -49.96 -16.08
C LEU G 110 -7.96 -48.54 -15.53
N ILE G 111 -8.09 -47.55 -16.40
CA ILE G 111 -8.01 -46.14 -15.99
C ILE G 111 -9.22 -45.81 -15.11
N VAL G 112 -8.99 -45.51 -13.85
CA VAL G 112 -10.09 -45.26 -12.95
C VAL G 112 -10.31 -43.79 -12.62
N GLY G 113 -9.48 -42.91 -13.16
CA GLY G 113 -9.76 -41.49 -13.03
C GLY G 113 -8.64 -40.55 -13.40
N LYS G 114 -9.01 -39.29 -13.53
CA LYS G 114 -8.05 -38.27 -13.84
C LYS G 114 -7.87 -37.44 -12.63
N THR G 115 -6.61 -37.28 -12.27
CA THR G 115 -6.20 -36.86 -10.95
C THR G 115 -5.87 -35.37 -10.88
N ASN G 116 -6.18 -34.72 -9.76
CA ASN G 116 -5.92 -33.30 -9.60
C ASN G 116 -4.44 -32.95 -9.75
N LEU G 117 -4.15 -31.77 -10.26
CA LEU G 117 -2.82 -31.19 -10.18
C LEU G 117 -2.87 -29.68 -10.03
N ASP G 118 -1.73 -29.08 -9.71
CA ASP G 118 -1.48 -27.68 -10.06
C ASP G 118 -1.73 -27.43 -11.53
N GLU G 119 -2.30 -26.26 -11.84
CA GLU G 119 -2.64 -25.90 -13.22
C GLU G 119 -1.39 -25.94 -14.08
N PHE G 120 -1.48 -26.78 -15.11
CA PHE G 120 -0.43 -27.04 -16.09
C PHE G 120 0.82 -27.55 -15.45
N ALA G 121 0.65 -28.23 -14.31
CA ALA G 121 1.73 -28.92 -13.62
C ALA G 121 2.78 -27.99 -13.03
N MET G 122 2.36 -26.76 -12.77
CA MET G 122 3.22 -25.72 -12.29
C MET G 122 2.90 -25.39 -10.85
N GLY G 123 3.72 -25.90 -9.95
CA GLY G 123 3.55 -25.68 -8.49
C GLY G 123 4.04 -26.85 -7.65
N SER G 124 4.00 -26.71 -6.33
CA SER G 124 4.58 -27.71 -5.46
C SER G 124 3.66 -28.11 -4.31
N SER G 125 2.35 -27.98 -4.52
CA SER G 125 1.36 -28.25 -3.45
C SER G 125 -0.04 -28.60 -3.97
N THR G 126 -0.28 -28.45 -5.26
CA THR G 126 -1.61 -28.67 -5.87
C THR G 126 -2.64 -27.57 -5.60
N GLU G 127 -2.28 -26.61 -4.73
CA GLU G 127 -3.13 -25.45 -4.48
C GLU G 127 -3.44 -24.65 -5.73
N TYR G 128 -2.60 -24.74 -6.74
CA TYR G 128 -2.80 -24.00 -7.98
C TYR G 128 -3.74 -24.70 -8.96
N SER G 129 -4.34 -25.80 -8.53
CA SER G 129 -5.44 -26.37 -9.29
C SER G 129 -6.49 -25.28 -9.45
N ALA G 130 -6.96 -25.10 -10.68
CA ALA G 130 -7.96 -24.07 -10.96
C ALA G 130 -9.33 -24.43 -10.41
N PHE G 131 -9.49 -25.65 -9.92
CA PHE G 131 -10.78 -26.16 -9.50
C PHE G 131 -10.96 -26.30 -7.98
N PHE G 132 -9.95 -26.86 -7.31
CA PHE G 132 -9.98 -27.12 -5.88
C PHE G 132 -8.67 -27.74 -5.40
N PRO G 133 -8.28 -27.48 -4.13
CA PRO G 133 -7.10 -28.15 -3.56
C PRO G 133 -7.32 -29.62 -3.26
N THR G 134 -6.29 -30.42 -3.48
CA THR G 134 -6.21 -31.77 -2.96
C THR G 134 -5.60 -31.66 -1.55
N LYS G 135 -6.03 -32.52 -0.62
CA LYS G 135 -5.57 -32.48 0.76
C LYS G 135 -4.75 -33.74 1.12
N ASN G 136 -3.73 -33.53 1.96
CA ASN G 136 -2.85 -34.61 2.42
C ASN G 136 -3.61 -35.54 3.36
N PRO G 137 -3.80 -36.81 2.95
CA PRO G 137 -4.49 -37.84 3.76
C PRO G 137 -3.90 -38.12 5.14
N TRP G 138 -2.70 -37.62 5.42
CA TRP G 138 -2.11 -37.79 6.73
C TRP G 138 -2.39 -36.61 7.62
N ASP G 139 -2.85 -35.53 7.02
CA ASP G 139 -3.26 -34.36 7.77
C ASP G 139 -3.95 -33.44 6.78
N LEU G 140 -5.28 -33.45 6.80
CA LEU G 140 -6.07 -32.64 5.87
C LEU G 140 -5.87 -31.13 6.03
N GLU G 141 -5.12 -30.70 7.04
CA GLU G 141 -4.71 -29.29 7.10
C GLU G 141 -3.47 -29.02 6.24
N ARG G 142 -2.93 -30.07 5.64
CA ARG G 142 -1.66 -29.99 4.99
C ARG G 142 -1.73 -30.38 3.52
N VAL G 143 -0.77 -29.88 2.73
CA VAL G 143 -0.76 -30.09 1.28
C VAL G 143 -0.16 -31.44 0.94
N PRO G 144 -0.61 -32.06 -0.18
CA PRO G 144 -0.08 -33.35 -0.55
C PRO G 144 1.15 -33.20 -1.39
N GLY G 145 1.55 -31.98 -1.65
CA GLY G 145 2.65 -31.73 -2.60
C GLY G 145 2.14 -31.41 -4.00
N GLY G 146 3.06 -31.18 -4.92
CA GLY G 146 2.65 -30.92 -6.26
C GLY G 146 3.82 -30.94 -7.22
N SER G 147 3.53 -30.99 -8.51
CA SER G 147 2.18 -30.83 -9.02
C SER G 147 1.31 -32.08 -9.06
N SER G 148 1.87 -33.30 -9.06
CA SER G 148 1.08 -34.54 -9.01
C SER G 148 0.39 -34.83 -7.67
N GLY G 149 -0.23 -33.83 -7.06
CA GLY G 149 -0.87 -34.02 -5.77
C GLY G 149 -1.92 -35.11 -5.66
N GLY G 150 -2.87 -35.13 -6.59
CA GLY G 150 -3.94 -36.10 -6.59
C GLY G 150 -3.43 -37.51 -6.84
N SER G 151 -2.39 -37.66 -7.66
CA SER G 151 -1.92 -38.99 -8.01
C SER G 151 -1.19 -39.63 -6.86
N ALA G 152 -0.52 -38.79 -6.06
CA ALA G 152 0.13 -39.24 -4.83
C ALA G 152 -0.91 -39.57 -3.77
N ALA G 153 -1.85 -38.65 -3.58
CA ALA G 153 -2.85 -38.79 -2.53
C ALA G 153 -3.71 -40.01 -2.71
N SER G 154 -4.19 -40.27 -3.91
CA SER G 154 -5.06 -41.41 -4.14
C SER G 154 -4.33 -42.75 -3.93
N VAL G 155 -3.01 -42.74 -4.15
CA VAL G 155 -2.21 -43.94 -3.92
C VAL G 155 -1.94 -44.07 -2.42
N ALA G 156 -1.86 -42.93 -1.73
CA ALA G 156 -1.70 -42.91 -0.29
C ALA G 156 -2.94 -43.47 0.45
N VAL G 157 -4.13 -43.01 0.08
CA VAL G 157 -5.37 -43.50 0.68
C VAL G 157 -5.79 -44.84 0.09
N LEU G 158 -5.13 -45.23 -0.98
CA LEU G 158 -5.43 -46.47 -1.70
C LEU G 158 -6.82 -46.51 -2.35
N SER G 159 -7.28 -45.35 -2.82
CA SER G 159 -8.39 -45.32 -3.78
C SER G 159 -7.91 -45.77 -5.17
N ALA G 160 -6.61 -45.89 -5.33
CA ALA G 160 -6.00 -46.64 -6.44
C ALA G 160 -4.68 -47.17 -5.94
N PRO G 161 -4.27 -48.36 -6.40
CA PRO G 161 -3.05 -48.95 -5.87
C PRO G 161 -1.81 -48.34 -6.49
N VAL G 162 -1.94 -47.87 -7.72
CA VAL G 162 -0.81 -47.41 -8.50
C VAL G 162 -1.26 -46.18 -9.33
N SER G 163 -0.33 -45.33 -9.72
CA SER G 163 -0.69 -44.04 -10.28
C SER G 163 0.36 -43.54 -11.25
N LEU G 164 -0.07 -42.69 -12.19
CA LEU G 164 0.84 -42.01 -13.10
C LEU G 164 0.85 -40.51 -12.78
N GLY G 165 2.04 -39.93 -12.70
CA GLY G 165 2.21 -38.48 -12.57
C GLY G 165 3.25 -38.00 -13.58
N SER G 166 3.64 -36.74 -13.48
CA SER G 166 4.76 -36.25 -14.25
C SER G 166 5.67 -35.39 -13.39
N ASP G 167 6.92 -35.27 -13.81
CA ASP G 167 7.95 -34.67 -12.98
C ASP G 167 8.81 -33.77 -13.87
N THR G 168 8.68 -32.47 -13.66
CA THR G 168 9.45 -31.47 -14.42
C THR G 168 10.61 -30.93 -13.58
N GLY G 169 10.39 -30.88 -12.27
CA GLY G 169 11.37 -30.41 -11.33
C GLY G 169 11.08 -30.98 -9.95
N GLY G 170 10.46 -32.17 -9.93
CA GLY G 170 10.20 -32.91 -8.68
C GLY G 170 8.74 -33.27 -8.46
N SER G 171 7.96 -33.12 -9.52
CA SER G 171 6.50 -33.20 -9.39
C SER G 171 5.89 -34.60 -9.17
N ILE G 172 6.72 -35.66 -9.28
CA ILE G 172 6.41 -36.99 -8.75
C ILE G 172 7.02 -37.16 -7.37
N ARG G 173 8.32 -36.89 -7.24
CA ARG G 173 9.04 -37.16 -5.99
C ARG G 173 8.54 -36.40 -4.75
N GLN G 174 8.34 -35.09 -4.85
CA GLN G 174 7.91 -34.31 -3.69
C GLN G 174 6.51 -34.65 -3.20
N PRO G 175 5.53 -34.80 -4.12
CA PRO G 175 4.27 -35.40 -3.64
C PRO G 175 4.40 -36.85 -3.06
N ALA G 176 5.29 -37.69 -3.62
CA ALA G 176 5.52 -39.01 -3.03
C ALA G 176 6.06 -38.88 -1.60
N SER G 177 6.94 -37.91 -1.41
CA SER G 177 7.52 -37.68 -0.08
C SER G 177 6.42 -37.23 0.88
N PHE G 178 5.66 -36.20 0.51
CA PHE G 178 4.61 -35.65 1.35
C PHE G 178 3.46 -36.62 1.68
N CYS G 179 3.18 -37.54 0.76
CA CYS G 179 2.07 -38.47 0.96
C CYS G 179 2.49 -39.85 1.42
N GLY G 180 3.79 -40.04 1.67
CA GLY G 180 4.27 -41.31 2.22
C GLY G 180 4.13 -42.50 1.28
N VAL G 181 4.49 -42.29 0.02
CA VAL G 181 4.45 -43.33 -1.00
C VAL G 181 5.71 -43.28 -1.80
N ILE G 182 5.93 -44.34 -2.59
CA ILE G 182 7.03 -44.43 -3.54
C ILE G 182 6.66 -43.71 -4.83
N GLY G 183 7.60 -42.92 -5.36
CA GLY G 183 7.37 -42.16 -6.59
C GLY G 183 8.67 -42.09 -7.38
N ILE G 184 8.66 -42.59 -8.61
CA ILE G 184 9.84 -42.56 -9.47
C ILE G 184 9.65 -41.65 -10.68
N LYS G 185 10.64 -40.80 -10.98
CA LYS G 185 10.80 -40.17 -12.29
C LYS G 185 11.99 -40.84 -12.99
N PRO G 186 11.76 -41.47 -14.13
CA PRO G 186 12.83 -42.23 -14.75
C PRO G 186 13.74 -41.32 -15.55
N THR G 187 14.73 -41.89 -16.23
CA THR G 187 15.67 -41.14 -17.05
C THR G 187 14.91 -40.35 -18.11
N TYR G 188 15.35 -39.11 -18.36
CA TYR G 188 14.79 -38.33 -19.49
C TYR G 188 14.98 -39.13 -20.76
N GLY G 189 13.87 -39.42 -21.45
CA GLY G 189 13.93 -40.12 -22.71
C GLY G 189 13.29 -41.50 -22.63
N ARG G 190 13.19 -42.03 -21.42
CA ARG G 190 12.86 -43.43 -21.22
C ARG G 190 11.35 -43.66 -21.26
N VAL G 191 10.59 -42.59 -21.07
CA VAL G 191 9.14 -42.65 -21.20
C VAL G 191 8.63 -41.60 -22.19
N SER G 192 7.79 -42.03 -23.11
CA SER G 192 7.28 -41.13 -24.15
C SER G 192 6.58 -39.92 -23.58
N ARG G 193 6.76 -38.76 -24.21
CA ARG G 193 6.05 -37.54 -23.81
C ARG G 193 4.93 -37.24 -24.78
N TYR G 194 4.60 -38.19 -25.66
CA TYR G 194 3.44 -38.05 -26.56
C TYR G 194 2.13 -38.24 -25.81
N GLY G 195 1.35 -37.18 -25.75
CA GLY G 195 0.10 -37.17 -25.01
C GLY G 195 0.27 -36.67 -23.59
N LEU G 196 1.47 -36.22 -23.25
CA LEU G 196 1.71 -35.46 -22.02
C LEU G 196 1.66 -33.99 -22.37
N VAL G 197 0.73 -33.26 -21.78
CA VAL G 197 0.67 -31.82 -22.03
C VAL G 197 1.97 -31.18 -21.56
N ALA G 198 2.71 -30.62 -22.52
CA ALA G 198 4.06 -30.11 -22.26
C ALA G 198 4.02 -28.84 -21.41
N PHE G 199 4.88 -28.86 -20.38
CA PHE G 199 5.22 -27.71 -19.54
C PHE G 199 6.62 -27.34 -19.99
N ALA G 200 7.63 -28.10 -19.59
CA ALA G 200 9.00 -27.87 -20.06
C ALA G 200 9.52 -29.11 -20.76
N SER G 201 9.60 -29.04 -22.09
CA SER G 201 9.85 -30.19 -22.93
C SER G 201 11.14 -30.94 -22.62
N SER G 202 12.17 -30.19 -22.24
CA SER G 202 13.50 -30.74 -22.00
C SER G 202 13.65 -31.31 -20.59
N LEU G 203 12.61 -31.14 -19.76
CA LEU G 203 12.61 -31.54 -18.33
C LEU G 203 11.49 -32.54 -17.94
N ASP G 204 10.35 -32.47 -18.63
CA ASP G 204 9.24 -33.40 -18.39
C ASP G 204 9.59 -34.89 -18.49
N GLN G 205 9.05 -35.67 -17.56
CA GLN G 205 8.87 -37.11 -17.72
C GLN G 205 7.68 -37.64 -16.92
N ILE G 206 6.89 -38.46 -17.60
CA ILE G 206 5.92 -39.32 -16.93
C ILE G 206 6.65 -40.30 -16.03
N GLY G 207 6.05 -40.57 -14.87
CA GLY G 207 6.57 -41.49 -13.87
C GLY G 207 5.44 -42.13 -13.09
N VAL G 208 5.78 -42.87 -12.04
CA VAL G 208 4.85 -43.78 -11.38
C VAL G 208 4.88 -43.63 -9.87
N PHE G 209 3.69 -43.67 -9.28
CA PHE G 209 3.51 -43.69 -7.84
C PHE G 209 3.03 -45.06 -7.46
N GLY G 210 3.52 -45.57 -6.33
CA GLY G 210 3.11 -46.87 -5.80
C GLY G 210 3.44 -46.99 -4.32
N ARG G 211 3.09 -48.16 -3.73
CA ARG G 211 3.32 -48.43 -2.31
C ARG G 211 4.34 -49.54 -2.13
N ARG G 212 4.36 -50.44 -3.09
CA ARG G 212 5.37 -51.47 -3.10
C ARG G 212 6.26 -51.30 -4.33
N THR G 213 7.53 -51.57 -4.16
CA THR G 213 8.50 -51.32 -5.22
C THR G 213 8.19 -52.18 -6.44
N GLU G 214 7.60 -53.36 -6.22
CA GLU G 214 7.25 -54.26 -7.32
C GLU G 214 6.16 -53.67 -8.19
N ASP G 215 5.18 -53.05 -7.53
CA ASP G 215 4.12 -52.30 -8.23
C ASP G 215 4.71 -51.26 -9.18
N VAL G 216 5.58 -50.41 -8.62
CA VAL G 216 6.16 -49.32 -9.38
C VAL G 216 7.03 -49.81 -10.53
N ALA G 217 7.86 -50.81 -10.28
CA ALA G 217 8.73 -51.37 -11.32
C ALA G 217 7.95 -52.00 -12.48
N LEU G 218 6.82 -52.60 -12.18
CA LEU G 218 6.02 -53.22 -13.21
C LEU G 218 5.36 -52.17 -14.08
N VAL G 219 4.69 -51.22 -13.45
CA VAL G 219 4.01 -50.14 -14.19
C VAL G 219 4.99 -49.35 -15.06
N LEU G 220 6.16 -49.05 -14.52
CA LEU G 220 7.21 -48.42 -15.28
C LEU G 220 7.68 -49.24 -16.45
N GLU G 221 7.87 -50.54 -16.26
CA GLU G 221 8.30 -51.41 -17.33
C GLU G 221 7.32 -51.35 -18.52
N VAL G 222 6.03 -51.44 -18.21
CA VAL G 222 4.99 -51.46 -19.24
C VAL G 222 5.16 -50.29 -20.20
N ILE G 223 5.49 -49.12 -19.67
CA ILE G 223 5.04 -47.87 -20.24
C ILE G 223 6.20 -47.11 -20.89
N SER G 224 7.37 -47.72 -20.89
CA SER G 224 8.62 -46.99 -21.06
C SER G 224 9.25 -47.27 -22.42
N GLY G 225 10.45 -46.76 -22.64
CA GLY G 225 11.17 -46.97 -23.88
C GLY G 225 10.31 -46.72 -25.10
N TRP G 226 10.82 -47.07 -26.26
CA TRP G 226 10.90 -46.16 -27.39
C TRP G 226 9.52 -45.86 -27.96
N ASP G 227 9.32 -44.62 -28.40
CA ASP G 227 8.10 -44.24 -29.09
C ASP G 227 8.44 -43.45 -30.36
N GLU G 228 7.94 -43.93 -31.51
CA GLU G 228 8.20 -43.29 -32.80
C GLU G 228 7.54 -41.92 -32.91
N LYS G 229 6.56 -41.67 -32.05
CA LYS G 229 5.83 -40.41 -31.98
C LYS G 229 6.52 -39.36 -31.12
N ASP G 230 7.67 -39.73 -30.54
CA ASP G 230 8.46 -38.86 -29.63
C ASP G 230 9.92 -38.83 -30.02
N SER G 231 10.37 -37.71 -30.55
CA SER G 231 11.75 -37.56 -31.04
C SER G 231 12.77 -37.73 -29.93
N THR G 232 12.37 -37.37 -28.72
CA THR G 232 13.28 -37.33 -27.59
C THR G 232 13.30 -38.64 -26.80
N SER G 233 12.42 -39.59 -27.17
CA SER G 233 12.38 -40.90 -26.52
C SER G 233 13.53 -41.76 -27.04
N ALA G 234 14.18 -42.51 -26.16
CA ALA G 234 15.43 -43.18 -26.54
C ALA G 234 15.21 -44.57 -27.11
N LYS G 235 16.06 -44.94 -28.07
CA LYS G 235 16.02 -46.28 -28.65
C LYS G 235 16.91 -47.17 -27.78
N VAL G 236 16.41 -47.43 -26.59
CA VAL G 236 17.11 -48.15 -25.54
C VAL G 236 16.15 -49.25 -25.05
N PRO G 237 16.64 -50.49 -24.94
CA PRO G 237 15.75 -51.57 -24.46
C PRO G 237 15.29 -51.35 -23.01
N VAL G 238 14.05 -51.71 -22.72
CA VAL G 238 13.52 -51.55 -21.39
C VAL G 238 13.94 -52.77 -20.56
N PRO G 239 14.70 -52.54 -19.47
CA PRO G 239 15.10 -53.64 -18.60
C PRO G 239 13.90 -54.35 -17.96
N GLU G 240 14.02 -55.65 -17.71
CA GLU G 240 12.95 -56.42 -17.09
C GLU G 240 12.96 -56.11 -15.59
N TRP G 241 12.40 -54.96 -15.23
CA TRP G 241 12.52 -54.44 -13.85
C TRP G 241 11.80 -55.29 -12.81
N SER G 242 10.65 -55.86 -13.20
CA SER G 242 9.88 -56.75 -12.32
C SER G 242 10.69 -57.97 -11.86
N GLU G 243 11.62 -58.41 -12.70
CA GLU G 243 12.50 -59.52 -12.37
C GLU G 243 13.81 -59.05 -11.76
N GLU G 244 13.99 -57.74 -11.71
CA GLU G 244 15.27 -57.17 -11.35
C GLU G 244 15.28 -56.53 -9.96
N VAL G 245 14.12 -56.05 -9.49
CA VAL G 245 14.07 -55.35 -8.20
C VAL G 245 14.44 -56.24 -7.04
N LYS G 246 14.08 -57.52 -7.16
CA LYS G 246 14.27 -58.50 -6.08
C LYS G 246 15.73 -58.92 -5.89
N LYS G 247 16.53 -58.78 -6.95
CA LYS G 247 17.95 -59.12 -6.90
C LYS G 247 18.72 -58.15 -5.99
N GLU G 248 19.92 -58.57 -5.58
CA GLU G 248 20.76 -57.75 -4.72
C GLU G 248 22.18 -57.67 -5.26
N VAL G 249 22.68 -56.45 -5.40
CA VAL G 249 24.04 -56.21 -5.91
C VAL G 249 24.96 -55.79 -4.77
N LYS G 250 26.07 -56.50 -4.61
CA LYS G 250 26.97 -56.24 -3.51
C LYS G 250 27.94 -55.08 -3.75
N GLY G 251 28.25 -54.39 -2.66
CA GLY G 251 29.25 -53.32 -2.65
C GLY G 251 28.84 -52.04 -3.34
N LEU G 252 27.56 -51.72 -3.29
CA LEU G 252 27.07 -50.45 -3.87
C LEU G 252 27.51 -49.27 -3.00
N LYS G 253 27.61 -48.09 -3.61
CA LYS G 253 28.14 -46.88 -2.94
C LYS G 253 27.14 -45.71 -2.97
N ILE G 254 27.01 -45.00 -1.85
CA ILE G 254 26.08 -43.88 -1.81
C ILE G 254 26.82 -42.57 -1.53
N GLY G 255 26.60 -41.59 -2.40
CA GLY G 255 27.21 -40.29 -2.22
C GLY G 255 26.33 -39.29 -1.49
N LEU G 256 26.92 -38.57 -0.56
CA LEU G 256 26.22 -37.48 0.11
C LEU G 256 26.86 -36.16 -0.25
N PRO G 257 26.17 -35.38 -1.06
CA PRO G 257 26.75 -34.15 -1.56
C PRO G 257 27.07 -33.13 -0.45
N LYS G 258 28.34 -32.75 -0.35
CA LYS G 258 28.82 -31.80 0.64
C LYS G 258 28.06 -30.49 0.60
N GLU G 259 27.67 -30.05 -0.61
CA GLU G 259 26.99 -28.77 -0.76
C GLU G 259 25.57 -28.81 -0.18
N PHE G 260 25.02 -30.01 -0.04
CA PHE G 260 23.68 -30.18 0.54
C PHE G 260 23.66 -29.98 2.07
N PHE G 261 24.82 -30.07 2.72
CA PHE G 261 24.91 -29.88 4.17
C PHE G 261 24.62 -28.44 4.52
N GLU G 262 24.84 -27.56 3.55
CA GLU G 262 24.61 -26.13 3.70
C GLU G 262 23.13 -25.76 3.52
N TYR G 263 22.32 -26.73 3.09
CA TYR G 263 20.90 -26.48 2.82
C TYR G 263 20.12 -26.53 4.13
N GLU G 264 19.29 -25.52 4.38
CA GLU G 264 18.44 -25.49 5.57
C GLU G 264 17.39 -26.61 5.55
N LEU G 265 17.55 -27.55 6.47
CA LEU G 265 16.59 -28.65 6.64
C LEU G 265 15.85 -28.55 7.96
N GLN G 266 14.61 -28.99 7.99
CA GLN G 266 13.92 -29.21 9.24
C GLN G 266 14.59 -30.33 10.01
N PRO G 267 14.75 -30.14 11.36
CA PRO G 267 15.43 -31.13 12.21
C PRO G 267 14.84 -32.53 12.10
N GLN G 268 13.50 -32.65 11.99
CA GLN G 268 12.83 -33.94 11.82
C GLN G 268 13.30 -34.63 10.55
N VAL G 269 13.42 -33.85 9.48
CA VAL G 269 13.84 -34.35 8.17
C VAL G 269 15.30 -34.84 8.26
N LYS G 270 16.16 -33.99 8.81
CA LYS G 270 17.57 -34.32 8.97
C LYS G 270 17.73 -35.62 9.76
N GLU G 271 17.01 -35.70 10.90
CA GLU G 271 17.00 -36.85 11.82
C GLU G 271 16.60 -38.14 11.07
N ALA G 272 15.49 -38.06 10.33
CA ALA G 272 14.97 -39.14 9.51
C ALA G 272 15.98 -39.63 8.46
N PHE G 273 16.65 -38.66 7.82
CA PHE G 273 17.58 -38.96 6.74
C PHE G 273 18.83 -39.62 7.28
N GLU G 274 19.35 -39.09 8.37
CA GLU G 274 20.56 -39.66 9.00
C GLU G 274 20.32 -41.11 9.39
N ASN G 275 19.14 -41.40 9.93
CA ASN G 275 18.76 -42.75 10.32
C ASN G 275 18.64 -43.70 9.12
N PHE G 276 18.05 -43.18 8.03
CA PHE G 276 17.97 -43.88 6.74
C PHE G 276 19.34 -44.36 6.26
N ILE G 277 20.31 -43.44 6.36
CA ILE G 277 21.69 -43.68 5.93
C ILE G 277 22.45 -44.63 6.86
N LYS G 278 22.28 -44.46 8.17
CA LYS G 278 22.92 -45.36 9.14
C LYS G 278 22.42 -46.77 8.91
N GLU G 279 21.12 -46.89 8.67
CA GLU G 279 20.51 -48.20 8.49
C GLU G 279 20.96 -48.85 7.20
N LEU G 280 21.18 -48.04 6.17
CA LEU G 280 21.74 -48.55 4.91
C LEU G 280 23.20 -48.96 5.09
N GLU G 281 23.97 -48.13 5.80
CA GLU G 281 25.33 -48.47 6.14
C GLU G 281 25.38 -49.87 6.79
N LYS G 282 24.51 -50.13 7.77
CA LYS G 282 24.43 -51.43 8.45
C LYS G 282 24.21 -52.58 7.50
N GLU G 283 23.48 -52.34 6.42
CA GLU G 283 23.22 -53.40 5.44
C GLU G 283 24.37 -53.61 4.47
N GLY G 284 25.42 -52.79 4.57
CA GLY G 284 26.62 -52.99 3.75
C GLY G 284 26.90 -51.99 2.65
N PHE G 285 26.08 -50.95 2.57
CA PHE G 285 26.34 -49.84 1.66
C PHE G 285 27.48 -49.01 2.18
N GLU G 286 28.43 -48.71 1.30
CA GLU G 286 29.49 -47.78 1.62
C GLU G 286 28.99 -46.34 1.40
N ILE G 287 29.20 -45.50 2.41
CA ILE G 287 28.71 -44.14 2.36
C ILE G 287 29.88 -43.16 2.21
N LYS G 288 29.82 -42.32 1.16
CA LYS G 288 30.89 -41.40 0.78
C LYS G 288 30.39 -39.99 0.61
N GLU G 289 31.15 -39.01 1.06
CA GLU G 289 30.85 -37.61 0.76
C GLU G 289 31.30 -37.28 -0.65
N VAL G 290 30.42 -36.69 -1.44
CA VAL G 290 30.78 -36.27 -2.80
C VAL G 290 30.63 -34.74 -2.94
N SER G 291 31.23 -34.20 -4.01
CA SER G 291 31.13 -32.78 -4.33
C SER G 291 30.27 -32.59 -5.57
N LEU G 292 29.42 -31.58 -5.52
CA LEU G 292 28.67 -31.14 -6.67
C LEU G 292 28.74 -29.62 -6.65
N PRO G 293 29.86 -29.06 -7.11
CA PRO G 293 30.15 -27.64 -6.85
C PRO G 293 29.13 -26.68 -7.41
N HIS G 294 28.30 -27.11 -8.35
CA HIS G 294 27.33 -26.22 -9.00
C HIS G 294 25.88 -26.38 -8.56
N VAL G 295 25.57 -27.41 -7.77
CA VAL G 295 24.16 -27.70 -7.49
C VAL G 295 23.39 -26.55 -6.91
N LYS G 296 24.04 -25.72 -6.12
CA LYS G 296 23.29 -24.63 -5.50
C LYS G 296 22.69 -23.72 -6.55
N TYR G 297 23.21 -23.82 -7.76
CA TYR G 297 22.68 -23.03 -8.88
C TYR G 297 21.51 -23.72 -9.60
N SER G 298 21.09 -24.91 -9.11
CA SER G 298 19.98 -25.66 -9.69
C SER G 298 18.65 -24.93 -9.72
N ILE G 299 18.28 -24.29 -8.62
CA ILE G 299 17.04 -23.51 -8.55
C ILE G 299 16.98 -22.34 -9.55
N PRO G 300 17.99 -21.44 -9.58
CA PRO G 300 17.78 -20.33 -10.52
C PRO G 300 17.93 -20.81 -11.95
N THR G 301 18.72 -21.85 -12.17
CA THR G 301 18.82 -22.46 -13.50
C THR G 301 17.45 -22.97 -13.95
N TYR G 302 16.80 -23.75 -13.09
CA TYR G 302 15.48 -24.32 -13.36
C TYR G 302 14.42 -23.23 -13.56
N TYR G 303 14.46 -22.19 -12.74
CA TYR G 303 13.44 -21.16 -12.82
C TYR G 303 13.69 -20.11 -13.89
N ILE G 304 14.64 -20.40 -14.76
CA ILE G 304 14.80 -19.69 -16.01
C ILE G 304 14.39 -20.64 -17.12
N ILE G 305 14.91 -21.88 -17.10
CA ILE G 305 14.61 -22.84 -18.14
C ILE G 305 13.13 -23.25 -18.21
N ALA G 306 12.56 -23.63 -17.07
CA ALA G 306 11.18 -24.12 -17.03
C ALA G 306 10.16 -23.10 -17.51
N PRO G 307 10.14 -21.88 -16.93
CA PRO G 307 9.27 -20.81 -17.42
C PRO G 307 9.48 -20.45 -18.89
N SER G 308 10.70 -20.58 -19.38
CA SER G 308 10.94 -20.27 -20.78
C SER G 308 10.25 -21.27 -21.67
N GLU G 309 10.57 -22.54 -21.50
CA GLU G 309 9.92 -23.59 -22.30
C GLU G 309 8.41 -23.53 -22.08
N ALA G 310 7.97 -23.15 -20.89
CA ALA G 310 6.56 -23.13 -20.60
C ALA G 310 5.86 -22.05 -21.37
N SER G 311 6.47 -20.86 -21.51
CA SER G 311 5.85 -19.77 -22.26
C SER G 311 5.66 -20.17 -23.74
N SER G 312 6.61 -20.95 -24.27
CA SER G 312 6.56 -21.41 -25.65
C SER G 312 5.49 -22.45 -25.80
N ASN G 313 5.52 -23.43 -24.91
CA ASN G 313 4.59 -24.54 -24.95
C ASN G 313 3.16 -24.18 -24.69
N LEU G 314 2.95 -23.04 -24.06
CA LEU G 314 1.60 -22.59 -23.76
C LEU G 314 1.04 -21.55 -24.74
N ALA G 315 1.82 -21.19 -25.76
CA ALA G 315 1.38 -20.21 -26.73
C ALA G 315 0.21 -20.74 -27.55
N ARG G 316 0.03 -22.07 -27.57
CA ARG G 316 -1.03 -22.70 -28.34
C ARG G 316 -2.44 -22.58 -27.77
N TYR G 317 -2.56 -22.24 -26.50
CA TYR G 317 -3.87 -22.11 -25.85
C TYR G 317 -4.38 -20.69 -26.07
N ASP G 318 -5.27 -20.55 -27.07
CA ASP G 318 -5.55 -19.28 -27.72
C ASP G 318 -6.98 -19.11 -28.20
N GLY G 319 -7.86 -20.09 -27.92
CA GLY G 319 -9.28 -19.97 -28.21
C GLY G 319 -9.64 -20.24 -29.65
N VAL G 320 -8.67 -20.71 -30.44
CA VAL G 320 -8.91 -20.94 -31.85
C VAL G 320 -9.40 -22.36 -32.14
N ARG G 321 -8.67 -23.37 -31.68
CA ARG G 321 -8.90 -24.73 -32.16
C ARG G 321 -9.58 -25.63 -31.14
N TYR G 322 -9.53 -25.24 -29.88
CA TYR G 322 -10.05 -26.05 -28.79
C TYR G 322 -10.09 -25.23 -27.53
N GLY G 323 -10.72 -25.79 -26.50
CA GLY G 323 -10.72 -25.20 -25.16
C GLY G 323 -11.48 -23.91 -25.00
N TYR G 324 -11.15 -23.19 -23.95
CA TYR G 324 -11.81 -21.94 -23.56
C TYR G 324 -11.64 -20.80 -24.54
N ARG G 325 -12.69 -20.01 -24.69
CA ARG G 325 -12.62 -18.76 -25.40
C ARG G 325 -13.42 -17.71 -24.67
N ALA G 326 -12.82 -16.54 -24.46
CA ALA G 326 -13.52 -15.44 -23.79
C ALA G 326 -14.81 -15.08 -24.53
N LYS G 327 -15.79 -14.61 -23.77
CA LYS G 327 -17.10 -14.29 -24.32
C LYS G 327 -17.17 -12.93 -25.03
N GLU G 328 -16.49 -11.92 -24.50
CA GLU G 328 -16.51 -10.59 -25.09
C GLU G 328 -15.15 -10.20 -25.70
N TYR G 329 -15.17 -9.81 -26.99
CA TYR G 329 -13.97 -9.34 -27.67
C TYR G 329 -14.26 -8.53 -28.93
N LYS G 330 -13.51 -7.44 -29.12
CA LYS G 330 -13.74 -6.55 -30.25
C LYS G 330 -12.96 -7.01 -31.48
N ASP G 331 -11.87 -7.73 -31.25
CA ASP G 331 -10.98 -8.13 -32.33
C ASP G 331 -10.12 -9.33 -31.92
N ILE G 332 -9.35 -9.85 -32.87
CA ILE G 332 -8.61 -11.09 -32.65
C ILE G 332 -7.61 -10.95 -31.52
N PHE G 333 -7.02 -9.76 -31.39
CA PHE G 333 -6.09 -9.47 -30.30
C PHE G 333 -6.79 -9.62 -28.96
N GLU G 334 -7.94 -8.97 -28.81
CA GLU G 334 -8.70 -9.09 -27.58
C GLU G 334 -9.13 -10.53 -27.36
N MET G 335 -9.52 -11.23 -28.42
CA MET G 335 -9.92 -12.63 -28.29
C MET G 335 -8.80 -13.43 -27.65
N TYR G 336 -7.61 -13.33 -28.23
CA TYR G 336 -6.43 -13.99 -27.72
C TYR G 336 -6.15 -13.58 -26.29
N ALA G 337 -5.91 -12.29 -26.06
CA ALA G 337 -5.43 -11.78 -24.78
C ALA G 337 -6.38 -11.94 -23.61
N ARG G 338 -7.68 -11.95 -23.90
CA ARG G 338 -8.73 -12.14 -22.90
C ARG G 338 -8.96 -13.62 -22.59
N THR G 339 -8.97 -14.46 -23.64
CA THR G 339 -9.04 -15.92 -23.45
C THR G 339 -7.97 -16.35 -22.48
N ARG G 340 -6.76 -15.85 -22.69
CA ARG G 340 -5.59 -16.27 -21.92
C ARG G 340 -5.55 -15.68 -20.52
N ASP G 341 -5.82 -14.39 -20.37
CA ASP G 341 -5.89 -13.81 -19.03
C ASP G 341 -6.95 -14.49 -18.18
N GLU G 342 -8.08 -14.82 -18.80
CA GLU G 342 -9.19 -15.43 -18.10
C GLU G 342 -8.98 -16.93 -17.88
N GLY G 343 -8.32 -17.58 -18.82
CA GLY G 343 -8.21 -19.03 -18.82
C GLY G 343 -7.03 -19.57 -18.04
N PHE G 344 -5.99 -18.76 -17.92
CA PHE G 344 -4.77 -19.12 -17.21
C PHE G 344 -4.79 -18.65 -15.75
N GLY G 345 -4.36 -19.52 -14.86
CA GLY G 345 -4.19 -19.19 -13.45
C GLY G 345 -3.00 -18.28 -13.16
N PRO G 346 -2.85 -17.86 -11.90
CA PRO G 346 -1.82 -16.85 -11.59
C PRO G 346 -0.38 -17.36 -11.71
N GLU G 347 -0.12 -18.61 -11.33
CA GLU G 347 1.25 -19.09 -11.39
C GLU G 347 1.63 -19.31 -12.84
N VAL G 348 0.67 -19.79 -13.62
CA VAL G 348 0.88 -20.01 -15.04
C VAL G 348 1.20 -18.66 -15.66
N LYS G 349 0.41 -17.64 -15.36
CA LYS G 349 0.64 -16.31 -15.94
C LYS G 349 1.99 -15.71 -15.57
N ARG G 350 2.42 -15.92 -14.32
CA ARG G 350 3.76 -15.50 -13.87
C ARG G 350 4.92 -16.13 -14.67
N ARG G 351 4.80 -17.42 -14.95
CA ARG G 351 5.84 -18.14 -15.70
C ARG G 351 5.82 -17.80 -17.18
N ILE G 352 4.62 -17.55 -17.71
CA ILE G 352 4.52 -17.12 -19.08
C ILE G 352 5.21 -15.76 -19.27
N MET G 353 4.94 -14.82 -18.37
CA MET G 353 5.59 -13.50 -18.39
C MET G 353 7.11 -13.62 -18.29
N LEU G 354 7.56 -14.33 -17.28
CA LEU G 354 8.97 -14.57 -17.05
C LEU G 354 9.62 -15.26 -18.24
N GLY G 355 8.97 -16.29 -18.78
CA GLY G 355 9.46 -16.98 -19.96
C GLY G 355 9.58 -16.12 -21.22
N THR G 356 8.60 -15.26 -21.48
CA THR G 356 8.68 -14.43 -22.69
C THR G 356 9.79 -13.38 -22.57
N PHE G 357 10.08 -12.98 -21.34
CA PHE G 357 11.20 -12.10 -21.06
C PHE G 357 12.55 -12.83 -21.28
N ALA G 358 12.70 -13.99 -20.65
CA ALA G 358 13.92 -14.79 -20.75
C ALA G 358 14.27 -15.21 -22.18
N LEU G 359 13.29 -15.27 -23.06
CA LEU G 359 13.52 -15.64 -24.43
C LEU G 359 13.66 -14.43 -25.34
N SER G 360 13.33 -13.26 -24.81
CA SER G 360 13.37 -12.05 -25.60
C SER G 360 14.79 -11.72 -26.03
N ALA G 361 14.95 -11.25 -27.26
CA ALA G 361 16.24 -10.82 -27.78
C ALA G 361 16.81 -9.74 -26.87
N GLY G 362 18.09 -9.84 -26.57
CA GLY G 362 18.68 -8.86 -25.66
C GLY G 362 18.75 -9.40 -24.24
N TYR G 363 17.89 -10.36 -23.91
CA TYR G 363 18.00 -11.02 -22.63
C TYR G 363 18.20 -12.55 -22.73
N TYR G 364 18.01 -13.10 -23.93
CA TYR G 364 18.15 -14.53 -24.18
C TYR G 364 19.51 -15.07 -23.76
N ASP G 365 20.59 -14.37 -24.14
CA ASP G 365 21.96 -14.79 -23.89
C ASP G 365 22.27 -14.86 -22.41
N ALA G 366 21.82 -13.86 -21.67
CA ALA G 366 22.06 -13.81 -20.23
C ALA G 366 21.07 -14.67 -19.38
N TYR G 367 19.95 -15.09 -19.98
CA TYR G 367 19.00 -15.91 -19.28
C TYR G 367 18.94 -17.33 -19.82
N TYR G 368 18.10 -17.63 -20.81
CA TYR G 368 17.90 -19.02 -21.27
C TYR G 368 19.20 -19.69 -21.70
N LEU G 369 19.95 -19.05 -22.58
CA LEU G 369 21.22 -19.62 -23.05
C LEU G 369 22.16 -19.85 -21.88
N LYS G 370 22.35 -18.83 -21.06
CA LYS G 370 23.18 -18.93 -19.87
C LYS G 370 22.80 -20.17 -19.05
N ALA G 371 21.50 -20.28 -18.76
CA ALA G 371 20.96 -21.33 -17.93
C ALA G 371 21.21 -22.71 -18.53
N GLN G 372 21.12 -22.80 -19.84
CA GLN G 372 21.33 -24.04 -20.51
C GLN G 372 22.79 -24.48 -20.40
N LYS G 373 23.69 -23.50 -20.25
CA LYS G 373 25.10 -23.79 -20.04
C LYS G 373 25.40 -24.20 -18.59
N VAL G 374 24.83 -23.46 -17.64
CA VAL G 374 25.00 -23.77 -16.22
C VAL G 374 24.43 -25.16 -15.97
N ARG G 375 23.44 -25.52 -16.76
CA ARG G 375 22.81 -26.84 -16.71
C ARG G 375 23.78 -27.96 -17.08
N ARG G 376 24.66 -27.68 -18.05
CA ARG G 376 25.67 -28.65 -18.42
C ARG G 376 26.75 -28.78 -17.36
N LEU G 377 27.09 -27.66 -16.73
CA LEU G 377 27.99 -27.69 -15.57
C LEU G 377 27.43 -28.63 -14.49
N ILE G 378 26.14 -28.44 -14.18
CA ILE G 378 25.47 -29.21 -13.15
C ILE G 378 25.46 -30.67 -13.55
N THR G 379 25.14 -30.95 -14.81
CA THR G 379 25.08 -32.33 -15.26
C THR G 379 26.43 -32.98 -15.07
N ASN G 380 27.47 -32.22 -15.41
CA ASN G 380 28.84 -32.68 -15.31
C ASN G 380 29.30 -32.97 -13.89
N ASP G 381 28.87 -32.16 -12.93
CA ASP G 381 29.07 -32.50 -11.51
C ASP G 381 28.62 -33.92 -11.27
N PHE G 382 27.39 -34.23 -11.67
CA PHE G 382 26.84 -35.55 -11.43
C PHE G 382 27.67 -36.64 -12.06
N LEU G 383 28.00 -36.48 -13.34
CA LEU G 383 28.71 -37.52 -14.08
C LEU G 383 30.06 -37.87 -13.44
N LYS G 384 30.71 -36.82 -12.93
CA LYS G 384 31.99 -36.92 -12.22
C LYS G 384 31.80 -37.65 -10.88
N ALA G 385 30.79 -37.20 -10.12
CA ALA G 385 30.41 -37.85 -8.86
C ALA G 385 30.04 -39.31 -9.05
N PHE G 386 29.47 -39.66 -10.20
CA PHE G 386 29.06 -41.05 -10.47
C PHE G 386 30.24 -41.95 -10.82
N GLU G 387 31.43 -41.36 -10.95
CA GLU G 387 32.66 -42.10 -11.12
C GLU G 387 33.08 -42.77 -9.83
N GLU G 388 32.80 -42.12 -8.69
CA GLU G 388 33.15 -42.61 -7.36
C GLU G 388 32.01 -43.39 -6.66
N VAL G 389 30.76 -43.02 -6.96
CA VAL G 389 29.59 -43.59 -6.26
C VAL G 389 28.50 -44.08 -7.22
N ASP G 390 27.55 -44.87 -6.74
CA ASP G 390 26.52 -45.47 -7.61
C ASP G 390 25.19 -44.76 -7.59
N VAL G 391 24.85 -44.19 -6.44
CA VAL G 391 23.64 -43.39 -6.34
C VAL G 391 23.95 -42.20 -5.44
N ILE G 392 23.18 -41.15 -5.56
CA ILE G 392 23.35 -40.01 -4.68
C ILE G 392 22.10 -39.89 -3.82
N ALA G 393 22.26 -39.72 -2.52
CA ALA G 393 21.09 -39.63 -1.67
C ALA G 393 20.96 -38.28 -0.96
N SER G 394 19.71 -37.91 -0.68
CA SER G 394 19.42 -36.72 0.10
C SER G 394 17.98 -36.86 0.62
N PRO G 395 17.57 -35.96 1.54
CA PRO G 395 16.13 -35.86 1.71
C PRO G 395 15.48 -35.46 0.37
N THR G 396 14.24 -35.87 0.14
CA THR G 396 13.53 -35.45 -1.07
C THR G 396 13.13 -33.99 -0.93
N THR G 397 12.90 -33.58 0.31
CA THR G 397 12.30 -32.31 0.61
C THR G 397 12.94 -31.75 1.88
N PRO G 398 13.15 -30.43 1.94
CA PRO G 398 13.76 -29.77 3.09
C PRO G 398 12.88 -29.70 4.33
N THR G 399 11.56 -29.87 4.16
CA THR G 399 10.61 -29.78 5.25
C THR G 399 9.56 -30.89 5.22
N LEU G 400 8.85 -31.04 6.32
CA LEU G 400 7.64 -31.83 6.38
C LEU G 400 6.54 -31.13 5.57
N PRO G 401 5.52 -31.89 5.07
CA PRO G 401 4.35 -31.30 4.46
C PRO G 401 3.88 -30.04 5.16
N PHE G 402 3.78 -28.95 4.41
CA PHE G 402 3.38 -27.67 4.99
C PHE G 402 1.89 -27.38 4.89
N LYS G 403 1.46 -26.28 5.49
CA LYS G 403 0.03 -25.98 5.54
C LYS G 403 -0.46 -25.17 4.32
N PHE G 404 -1.76 -25.24 4.05
CA PHE G 404 -2.35 -24.46 2.99
C PHE G 404 -2.14 -22.97 3.26
N GLY G 405 -1.93 -22.21 2.18
CA GLY G 405 -1.73 -20.77 2.28
C GLY G 405 -0.33 -20.40 2.75
N GLU G 406 0.46 -21.39 3.17
CA GLU G 406 1.77 -21.09 3.77
C GLU G 406 2.76 -20.57 2.76
N ARG G 407 2.64 -21.04 1.51
CA ARG G 407 3.57 -20.67 0.45
C ARG G 407 2.88 -20.01 -0.76
N LEU G 408 1.80 -19.28 -0.49
CA LEU G 408 1.08 -18.57 -1.54
C LEU G 408 1.27 -17.05 -1.45
N GLU G 409 1.76 -16.56 -0.31
CA GLU G 409 2.06 -15.14 -0.14
C GLU G 409 3.11 -14.65 -1.15
N ASN G 410 4.36 -15.09 -0.95
CA ASN G 410 5.39 -14.89 -1.95
C ASN G 410 5.58 -16.17 -2.81
N PRO G 411 5.29 -16.06 -4.12
CA PRO G 411 5.54 -17.12 -5.09
C PRO G 411 6.87 -17.85 -4.86
N ILE G 412 7.93 -17.11 -4.53
CA ILE G 412 9.26 -17.64 -4.32
C ILE G 412 9.26 -18.70 -3.25
N GLU G 413 8.45 -18.50 -2.22
CA GLU G 413 8.32 -19.48 -1.14
C GLU G 413 7.96 -20.86 -1.66
N MET G 414 7.10 -20.91 -2.68
CA MET G 414 6.72 -22.17 -3.28
C MET G 414 7.87 -22.81 -4.03
N TYR G 415 8.67 -21.97 -4.69
CA TYR G 415 9.79 -22.46 -5.50
C TYR G 415 10.79 -23.19 -4.63
N LEU G 416 11.02 -22.67 -3.43
CA LEU G 416 11.99 -23.24 -2.48
C LEU G 416 11.68 -24.67 -2.04
N SER G 417 10.49 -25.18 -2.39
CA SER G 417 10.12 -26.57 -2.14
C SER G 417 10.98 -27.54 -2.96
N ASP G 418 11.52 -27.03 -4.05
CA ASP G 418 12.09 -27.84 -5.12
C ASP G 418 13.61 -27.96 -5.06
N ILE G 419 14.21 -27.30 -4.07
CA ILE G 419 15.67 -27.19 -3.99
C ILE G 419 16.40 -28.52 -4.06
N LEU G 420 15.79 -29.60 -3.64
CA LEU G 420 16.49 -30.87 -3.64
C LEU G 420 16.06 -31.78 -4.78
N THR G 421 15.03 -31.35 -5.50
CA THR G 421 14.47 -32.20 -6.57
C THR G 421 14.83 -31.79 -8.00
N VAL G 422 15.01 -30.50 -8.23
CA VAL G 422 15.26 -29.97 -9.57
C VAL G 422 16.58 -30.49 -10.13
N PRO G 423 17.63 -30.65 -9.31
CA PRO G 423 18.89 -31.10 -9.91
C PRO G 423 18.76 -32.35 -10.78
N ALA G 424 17.93 -33.31 -10.41
CA ALA G 424 17.75 -34.51 -11.21
C ALA G 424 17.17 -34.28 -12.61
N ASN G 425 16.19 -33.39 -12.71
CA ASN G 425 15.62 -33.05 -14.02
C ASN G 425 16.61 -32.29 -14.89
N LEU G 426 17.38 -31.39 -14.28
CA LEU G 426 18.39 -30.63 -14.99
C LEU G 426 19.39 -31.56 -15.60
N ALA G 427 19.76 -32.59 -14.87
CA ALA G 427 20.76 -33.52 -15.36
C ALA G 427 20.18 -34.65 -16.20
N GLY G 428 18.86 -34.72 -16.28
CA GLY G 428 18.19 -35.75 -17.04
C GLY G 428 18.27 -37.13 -16.39
N LEU G 429 18.54 -37.16 -15.09
CA LEU G 429 18.78 -38.39 -14.33
C LEU G 429 17.50 -39.01 -13.76
N PRO G 430 17.47 -40.35 -13.60
CA PRO G 430 16.35 -40.91 -12.87
C PRO G 430 16.49 -40.58 -11.39
N ALA G 431 15.37 -40.47 -10.68
CA ALA G 431 15.38 -40.21 -9.24
C ALA G 431 14.11 -40.77 -8.60
N ILE G 432 14.25 -41.29 -7.39
CA ILE G 432 13.14 -41.90 -6.70
C ILE G 432 13.01 -41.29 -5.32
N SER G 433 11.76 -41.12 -4.88
CA SER G 433 11.48 -40.75 -3.50
C SER G 433 10.80 -41.92 -2.82
N ILE G 434 11.29 -42.22 -1.63
CA ILE G 434 11.08 -43.46 -0.92
C ILE G 434 10.75 -43.00 0.50
N PRO G 435 9.68 -43.55 1.10
CA PRO G 435 9.28 -43.23 2.48
C PRO G 435 10.30 -43.76 3.47
N ILE G 436 10.84 -42.89 4.33
CA ILE G 436 11.92 -43.30 5.25
C ILE G 436 11.59 -43.22 6.76
N ALA G 437 10.59 -42.42 7.10
CA ALA G 437 10.13 -42.26 8.47
C ALA G 437 8.77 -41.56 8.51
N TRP G 438 8.17 -41.53 9.71
CA TRP G 438 7.04 -40.63 9.95
C TRP G 438 7.39 -39.81 11.15
N LYS G 439 7.32 -38.50 10.99
CA LYS G 439 7.79 -37.57 11.98
C LYS G 439 6.67 -36.63 12.30
N ASP G 440 6.24 -36.63 13.57
CA ASP G 440 5.11 -35.81 14.03
C ASP G 440 3.86 -36.13 13.24
N GLY G 441 3.72 -37.42 12.89
CA GLY G 441 2.57 -37.92 12.15
C GLY G 441 2.64 -37.81 10.62
N LEU G 442 3.70 -37.18 10.10
CA LEU G 442 3.81 -36.85 8.68
C LEU G 442 4.93 -37.63 8.01
N PRO G 443 4.68 -38.12 6.79
CA PRO G 443 5.68 -38.83 5.99
C PRO G 443 6.94 -38.01 5.71
N VAL G 444 8.08 -38.69 5.65
CA VAL G 444 9.29 -38.08 5.14
C VAL G 444 9.84 -39.00 4.07
N GLY G 445 10.25 -38.37 2.96
CA GLY G 445 10.83 -39.09 1.83
C GLY G 445 12.34 -38.93 1.77
N GLY G 446 13.01 -40.05 1.46
CA GLY G 446 14.43 -40.06 1.12
C GLY G 446 14.57 -40.20 -0.38
N GLN G 447 15.49 -39.43 -0.95
CA GLN G 447 15.69 -39.39 -2.41
C GLN G 447 16.97 -40.08 -2.80
N LEU G 448 16.89 -40.90 -3.85
CA LEU G 448 18.06 -41.49 -4.48
C LEU G 448 18.12 -41.11 -5.96
N ILE G 449 19.22 -40.48 -6.36
CA ILE G 449 19.42 -40.08 -7.75
C ILE G 449 20.39 -41.09 -8.37
N GLY G 450 19.98 -41.67 -9.49
CA GLY G 450 20.78 -42.70 -10.19
C GLY G 450 21.42 -42.20 -11.48
N LYS G 451 22.29 -43.04 -12.05
CA LYS G 451 22.95 -42.72 -13.32
C LYS G 451 21.91 -42.85 -14.43
N HIS G 452 22.21 -42.25 -15.58
CA HIS G 452 21.36 -42.40 -16.75
C HIS G 452 21.10 -43.86 -17.05
N TRP G 453 19.82 -44.20 -17.15
CA TRP G 453 19.38 -45.56 -17.52
C TRP G 453 19.44 -46.59 -16.38
N ASP G 454 19.77 -46.12 -15.18
CA ASP G 454 19.97 -47.01 -14.03
C ASP G 454 18.81 -46.96 -13.02
N GLU G 455 17.60 -47.02 -13.54
CA GLU G 455 16.42 -47.11 -12.69
C GLU G 455 16.45 -48.38 -11.83
N THR G 456 17.03 -49.45 -12.37
CA THR G 456 17.16 -50.72 -11.70
C THR G 456 17.71 -50.56 -10.30
N THR G 457 18.89 -49.95 -10.20
CA THR G 457 19.52 -49.77 -8.90
C THR G 457 18.64 -49.02 -7.92
N LEU G 458 18.08 -47.90 -8.38
CA LEU G 458 17.14 -47.11 -7.62
C LEU G 458 15.98 -47.97 -7.13
N LEU G 459 15.51 -48.86 -7.98
CA LEU G 459 14.43 -49.75 -7.63
C LEU G 459 14.88 -50.83 -6.63
N GLN G 460 16.08 -51.34 -6.81
CA GLN G 460 16.53 -52.39 -5.93
C GLN G 460 16.68 -51.91 -4.50
N ILE G 461 17.31 -50.74 -4.34
CA ILE G 461 17.49 -50.16 -3.01
C ILE G 461 16.14 -49.84 -2.39
N SER G 462 15.18 -49.45 -3.23
CA SER G 462 13.85 -49.18 -2.74
C SER G 462 13.22 -50.46 -2.20
N TYR G 463 13.47 -51.56 -2.91
CA TYR G 463 12.97 -52.89 -2.55
C TYR G 463 13.59 -53.39 -1.25
N LEU G 464 14.90 -53.18 -1.11
CA LEU G 464 15.60 -53.55 0.10
C LEU G 464 15.10 -52.72 1.28
N TRP G 465 14.85 -51.43 1.04
CA TRP G 465 14.47 -50.56 2.13
C TRP G 465 13.08 -50.89 2.66
N GLU G 466 12.19 -51.37 1.79
CA GLU G 466 10.81 -51.65 2.22
C GLU G 466 10.71 -52.91 3.06
N GLN G 467 11.64 -53.85 2.84
CA GLN G 467 11.79 -55.04 3.68
C GLN G 467 12.16 -54.64 5.09
N LYS G 468 13.10 -53.72 5.24
CA LYS G 468 13.50 -53.22 6.54
C LYS G 468 12.39 -52.37 7.12
N PHE G 469 11.75 -51.59 6.26
CA PHE G 469 10.77 -50.63 6.76
C PHE G 469 9.52 -50.62 5.89
N LYS G 470 8.48 -51.24 6.44
CA LYS G 470 7.30 -51.60 5.67
C LYS G 470 6.25 -50.48 5.66
N HIS G 471 6.56 -49.42 4.91
CA HIS G 471 5.73 -48.21 4.85
C HIS G 471 4.41 -48.45 4.15
N TYR G 472 4.33 -49.57 3.44
CA TYR G 472 3.13 -49.91 2.71
C TYR G 472 1.99 -50.34 3.61
N GLU G 473 2.31 -50.52 4.89
CA GLU G 473 1.34 -50.90 5.91
C GLU G 473 0.69 -49.68 6.54
N LYS G 474 1.38 -48.55 6.51
CA LYS G 474 0.84 -47.31 7.05
C LYS G 474 -0.25 -46.73 6.12
N ILE G 475 -1.52 -46.93 6.50
CA ILE G 475 -2.66 -46.51 5.69
C ILE G 475 -3.44 -45.42 6.42
N PRO G 476 -3.57 -44.25 5.79
CA PRO G 476 -4.28 -43.12 6.40
C PRO G 476 -5.78 -43.26 6.26
N LEU G 477 -6.52 -42.30 6.81
CA LEU G 477 -7.97 -42.42 6.93
C LEU G 477 -8.40 -43.88 7.10
N THR G 478 -8.04 -44.45 8.24
CA THR G 478 -8.64 -45.71 8.69
C THR G 478 -8.74 -46.71 7.54
N GLU H 3 19.48 8.33 -65.86
CA GLU H 3 19.16 7.99 -64.45
C GLU H 3 20.40 8.00 -63.51
N LYS H 4 20.24 8.64 -62.33
CA LYS H 4 21.34 8.81 -61.34
C LYS H 4 21.53 7.64 -60.39
N TYR H 5 20.45 6.92 -60.12
CA TYR H 5 20.38 5.94 -59.04
C TYR H 5 20.62 4.47 -59.43
N GLU H 6 20.28 3.59 -58.49
CA GLU H 6 20.54 2.16 -58.59
C GLU H 6 19.55 1.39 -57.72
N ALA H 7 19.11 0.25 -58.21
CA ALA H 7 18.20 -0.58 -57.44
C ALA H 7 19.02 -1.63 -56.74
N VAL H 8 18.72 -1.83 -55.46
CA VAL H 8 19.26 -2.95 -54.68
C VAL H 8 18.10 -3.83 -54.24
N ILE H 9 18.05 -5.05 -54.80
CA ILE H 9 16.95 -5.96 -54.56
C ILE H 9 17.42 -7.24 -53.89
N GLY H 10 16.62 -7.71 -52.94
CA GLY H 10 16.88 -8.95 -52.21
C GLY H 10 15.60 -9.72 -52.00
N LEU H 11 15.67 -11.04 -52.21
CA LEU H 11 14.48 -11.87 -52.23
C LEU H 11 14.41 -12.88 -51.11
N GLU H 12 13.20 -13.15 -50.62
CA GLU H 12 12.97 -14.13 -49.57
C GLU H 12 12.00 -15.11 -50.15
N ILE H 13 12.50 -16.21 -50.67
CA ILE H 13 11.67 -17.20 -51.31
C ILE H 13 11.32 -18.36 -50.35
N HIS H 14 10.07 -18.81 -50.36
CA HIS H 14 9.71 -20.03 -49.67
C HIS H 14 9.36 -21.09 -50.71
N VAL H 15 10.01 -22.25 -50.65
CA VAL H 15 9.73 -23.25 -51.67
C VAL H 15 9.11 -24.49 -51.07
N GLN H 16 7.85 -24.73 -51.41
CA GLN H 16 7.16 -25.92 -50.94
C GLN H 16 7.84 -27.14 -51.54
N MET H 17 8.20 -28.07 -50.66
CA MET H 17 8.85 -29.31 -51.06
C MET H 17 7.82 -30.34 -51.44
N ASP H 18 8.16 -31.11 -52.46
CA ASP H 18 7.30 -32.12 -53.02
C ASP H 18 7.48 -33.43 -52.29
N THR H 19 7.20 -33.41 -51.00
CA THR H 19 7.10 -34.65 -50.23
C THR H 19 5.67 -35.23 -50.33
N LYS H 20 5.48 -36.45 -49.87
CA LYS H 20 4.13 -36.99 -49.78
C LYS H 20 3.45 -36.49 -48.52
N THR H 21 4.29 -36.31 -47.50
CA THR H 21 3.90 -36.24 -46.11
C THR H 21 4.38 -34.89 -45.56
N LYS H 22 3.78 -34.37 -44.49
CA LYS H 22 4.22 -33.06 -43.94
C LYS H 22 5.58 -33.14 -43.25
N MET H 23 6.05 -31.99 -42.75
CA MET H 23 7.39 -31.89 -42.16
C MET H 23 7.54 -32.54 -40.79
N PHE H 24 6.50 -32.47 -39.98
CA PHE H 24 6.60 -32.97 -38.63
C PHE H 24 5.62 -34.08 -38.23
N CYS H 25 4.86 -34.57 -39.20
CA CYS H 25 3.90 -35.65 -39.01
C CYS H 25 3.62 -36.32 -40.34
N GLY H 26 2.90 -37.43 -40.29
CA GLY H 26 2.74 -38.34 -41.44
C GLY H 26 1.54 -38.02 -42.31
N CYS H 27 0.85 -36.91 -42.03
CA CYS H 27 -0.28 -36.41 -42.82
C CYS H 27 0.12 -36.08 -44.26
N LYS H 28 -0.84 -36.16 -45.17
CA LYS H 28 -0.57 -35.93 -46.56
C LYS H 28 -0.53 -34.46 -46.96
N VAL H 29 0.42 -34.17 -47.85
CA VAL H 29 0.57 -32.89 -48.53
C VAL H 29 -0.13 -33.14 -49.86
N GLU H 30 -1.21 -32.42 -50.11
CA GLU H 30 -1.94 -32.52 -51.38
C GLU H 30 -2.82 -31.30 -51.60
N PHE H 31 -2.91 -30.87 -52.86
CA PHE H 31 -3.61 -29.63 -53.19
C PHE H 31 -5.13 -29.84 -53.19
N GLY H 32 -5.84 -28.93 -52.54
CA GLY H 32 -7.27 -28.82 -52.73
C GLY H 32 -8.03 -30.00 -52.16
N ALA H 33 -7.72 -30.36 -50.92
CA ALA H 33 -8.56 -31.27 -50.15
C ALA H 33 -9.68 -30.51 -49.45
N GLU H 34 -10.67 -31.25 -48.94
CA GLU H 34 -11.61 -30.72 -47.98
C GLU H 34 -10.89 -30.12 -46.78
N PRO H 35 -11.32 -28.91 -46.38
CA PRO H 35 -10.67 -28.20 -45.30
C PRO H 35 -10.57 -29.05 -44.02
N ASN H 36 -9.37 -29.17 -43.48
CA ASN H 36 -9.17 -29.83 -42.19
C ASN H 36 -9.44 -31.33 -42.27
N THR H 37 -8.85 -31.97 -43.27
CA THR H 37 -8.99 -33.42 -43.45
C THR H 37 -7.63 -34.11 -43.43
N ASN H 38 -6.61 -33.41 -43.92
CA ASN H 38 -5.23 -33.87 -43.78
C ASN H 38 -4.56 -33.30 -42.54
N VAL H 39 -5.05 -33.69 -41.38
CA VAL H 39 -4.78 -32.99 -40.16
C VAL H 39 -4.68 -34.04 -39.03
N CYS H 40 -3.98 -33.69 -37.96
CA CYS H 40 -3.71 -34.61 -36.86
C CYS H 40 -3.25 -33.81 -35.65
N PRO H 41 -3.14 -34.46 -34.47
CA PRO H 41 -2.77 -33.73 -33.25
C PRO H 41 -1.48 -32.88 -33.35
N VAL H 42 -0.51 -33.32 -34.15
CA VAL H 42 0.74 -32.60 -34.24
C VAL H 42 0.49 -31.31 -34.99
N CYS H 43 0.18 -31.46 -36.27
CA CYS H 43 0.07 -30.30 -37.15
C CYS H 43 -1.09 -29.35 -36.79
N LEU H 44 -1.93 -29.76 -35.84
CA LEU H 44 -3.06 -28.97 -35.38
C LEU H 44 -2.77 -28.22 -34.07
N GLY H 45 -1.55 -28.44 -33.55
CA GLY H 45 -1.13 -27.73 -32.35
C GLY H 45 -1.95 -28.18 -31.16
N MET H 46 -2.19 -29.48 -31.09
CA MET H 46 -2.93 -30.04 -29.98
C MET H 46 -2.01 -30.31 -28.82
N PRO H 47 -2.56 -30.28 -27.61
CA PRO H 47 -1.75 -30.50 -26.41
C PRO H 47 -1.13 -31.90 -26.44
N GLY H 48 0.17 -31.98 -26.12
CA GLY H 48 0.84 -33.26 -25.92
C GLY H 48 1.30 -33.87 -27.22
N ALA H 49 1.27 -33.08 -28.29
CA ALA H 49 1.60 -33.62 -29.59
C ALA H 49 3.00 -33.16 -30.04
N LEU H 50 3.81 -34.11 -30.54
CA LEU H 50 5.24 -33.91 -30.81
C LEU H 50 5.68 -34.04 -32.28
N PRO H 51 6.55 -33.10 -32.75
CA PRO H 51 7.16 -33.13 -34.08
C PRO H 51 8.09 -34.29 -34.32
N ILE H 52 7.95 -34.92 -35.48
CA ILE H 52 8.91 -35.89 -35.97
C ILE H 52 9.39 -35.47 -37.35
N VAL H 53 10.71 -35.33 -37.48
CA VAL H 53 11.35 -34.82 -38.69
C VAL H 53 11.10 -35.72 -39.92
N ASN H 54 10.72 -35.10 -41.03
CA ASN H 54 10.52 -35.83 -42.28
C ASN H 54 11.85 -36.15 -43.01
N LYS H 55 12.19 -37.44 -43.23
CA LYS H 55 13.50 -37.79 -43.79
C LYS H 55 13.71 -37.29 -45.19
N ARG H 56 12.73 -37.52 -46.07
CA ARG H 56 12.84 -37.06 -47.45
C ARG H 56 12.92 -35.55 -47.53
N ALA H 57 12.13 -34.86 -46.70
CA ALA H 57 12.17 -33.39 -46.62
C ALA H 57 13.58 -32.91 -46.33
N VAL H 58 14.32 -33.69 -45.55
CA VAL H 58 15.71 -33.35 -45.29
C VAL H 58 16.58 -33.61 -46.52
N GLU H 59 16.43 -34.78 -47.13
CA GLU H 59 17.17 -35.13 -48.33
C GLU H 59 16.92 -34.09 -49.41
N TYR H 60 15.68 -33.65 -49.54
CA TYR H 60 15.35 -32.64 -50.52
C TYR H 60 16.03 -31.29 -50.30
N ALA H 61 15.98 -30.77 -49.07
CA ALA H 61 16.61 -29.48 -48.75
C ALA H 61 18.14 -29.56 -48.91
N ILE H 62 18.69 -30.77 -48.74
CA ILE H 62 20.13 -30.96 -48.89
C ILE H 62 20.46 -31.00 -50.37
N ARG H 63 19.59 -31.62 -51.14
CA ARG H 63 19.77 -31.66 -52.58
C ARG H 63 19.69 -30.22 -53.14
N ALA H 64 18.65 -29.48 -52.76
CA ALA H 64 18.50 -28.12 -53.24
C ALA H 64 19.68 -27.25 -52.86
N SER H 65 20.20 -27.45 -51.65
CA SER H 65 21.32 -26.64 -51.18
C SER H 65 22.54 -26.84 -52.07
N LEU H 66 22.81 -28.09 -52.38
CA LEU H 66 23.95 -28.45 -53.22
C LEU H 66 23.75 -27.93 -54.64
N ALA H 67 22.54 -28.13 -55.16
CA ALA H 67 22.16 -27.57 -56.43
C ALA H 67 22.24 -26.05 -56.44
N LEU H 68 22.17 -25.40 -55.28
CA LEU H 68 22.41 -23.93 -55.24
C LEU H 68 23.85 -23.62 -54.75
N ASN H 69 24.72 -24.62 -54.89
CA ASN H 69 26.15 -24.49 -54.53
C ASN H 69 26.39 -23.97 -53.12
N CYS H 70 25.51 -24.33 -52.19
CA CYS H 70 25.71 -23.96 -50.81
C CYS H 70 26.66 -24.93 -50.14
N GLU H 71 27.29 -24.44 -49.09
CA GLU H 71 27.99 -25.25 -48.15
C GLU H 71 26.88 -25.77 -47.23
N VAL H 72 26.72 -27.10 -47.18
CA VAL H 72 25.71 -27.69 -46.30
C VAL H 72 26.37 -27.91 -44.97
N HIS H 73 25.74 -27.45 -43.89
CA HIS H 73 26.28 -27.68 -42.55
C HIS H 73 25.88 -29.01 -41.89
N GLU H 74 26.90 -29.72 -41.43
CA GLU H 74 26.75 -31.01 -40.80
C GLU H 74 25.85 -30.94 -39.59
N GLU H 75 25.85 -29.80 -38.88
CA GLU H 75 24.90 -29.61 -37.80
C GLU H 75 24.04 -28.40 -38.03
N SER H 76 22.72 -28.55 -37.96
CA SER H 76 21.79 -27.42 -37.91
C SER H 76 20.74 -27.73 -36.87
N VAL H 77 20.03 -26.71 -36.42
CA VAL H 77 19.17 -26.87 -35.26
C VAL H 77 17.81 -26.27 -35.58
N PHE H 78 16.71 -26.96 -35.27
CA PHE H 78 15.38 -26.35 -35.47
C PHE H 78 15.04 -25.44 -34.32
N ALA H 79 14.48 -24.28 -34.63
CA ALA H 79 14.19 -23.27 -33.62
C ALA H 79 12.74 -22.88 -33.67
N ARG H 80 12.21 -22.45 -32.54
CA ARG H 80 10.83 -22.00 -32.50
C ARG H 80 10.74 -20.51 -32.78
N LYS H 81 10.09 -20.17 -33.87
CA LYS H 81 9.80 -18.79 -34.21
C LYS H 81 8.38 -18.45 -33.76
N HIS H 82 8.26 -17.69 -32.67
CA HIS H 82 6.95 -17.41 -32.05
C HIS H 82 6.13 -16.22 -32.63
N TYR H 83 4.81 -16.42 -32.80
CA TYR H 83 3.89 -15.30 -33.07
C TYR H 83 2.43 -15.72 -33.03
N PHE H 84 1.53 -14.80 -32.70
CA PHE H 84 0.11 -15.17 -32.63
C PHE H 84 -0.68 -14.87 -33.93
N TYR H 85 -1.09 -15.93 -34.64
CA TYR H 85 -1.96 -15.82 -35.83
C TYR H 85 -2.69 -17.12 -36.06
N PRO H 86 -4.01 -17.04 -36.43
CA PRO H 86 -4.97 -18.12 -36.61
C PRO H 86 -4.57 -19.26 -37.51
N ASP H 87 -3.74 -18.97 -38.51
CA ASP H 87 -3.20 -20.05 -39.34
C ASP H 87 -1.98 -20.77 -38.74
N LEU H 88 -1.52 -20.30 -37.58
CA LEU H 88 -0.34 -20.83 -36.90
C LEU H 88 -0.72 -21.53 -35.63
N PRO H 89 -0.87 -22.87 -35.71
CA PRO H 89 -1.58 -23.62 -34.67
C PRO H 89 -0.88 -23.68 -33.31
N LYS H 90 0.44 -23.48 -33.23
CA LYS H 90 1.18 -23.64 -31.95
C LYS H 90 1.52 -22.31 -31.24
N GLY H 91 1.36 -21.21 -31.99
CA GLY H 91 1.80 -19.92 -31.53
C GLY H 91 3.29 -19.81 -31.75
N TYR H 92 3.83 -20.79 -32.48
CA TYR H 92 5.19 -20.69 -33.00
C TYR H 92 5.31 -21.48 -34.28
N GLN H 93 6.34 -21.16 -35.06
CA GLN H 93 6.66 -21.83 -36.30
C GLN H 93 8.01 -22.48 -36.11
N ILE H 94 8.12 -23.75 -36.45
CA ILE H 94 9.41 -24.43 -36.37
C ILE H 94 10.17 -24.19 -37.66
N SER H 95 11.19 -23.32 -37.62
CA SER H 95 12.22 -23.24 -38.69
C SER H 95 13.64 -23.35 -38.15
N GLN H 96 14.59 -22.70 -38.79
CA GLN H 96 15.93 -22.62 -38.25
C GLN H 96 16.26 -21.14 -38.10
N TYR H 97 17.31 -20.80 -37.35
CA TYR H 97 17.63 -19.37 -37.08
C TYR H 97 19.14 -19.07 -37.17
N GLU H 98 19.87 -19.01 -36.04
CA GLU H 98 21.30 -19.34 -36.07
C GLU H 98 21.34 -20.86 -36.42
N LYS H 99 22.46 -21.33 -36.93
CA LYS H 99 22.56 -22.75 -37.41
C LYS H 99 21.49 -23.24 -38.44
N PRO H 100 21.42 -22.60 -39.63
CA PRO H 100 20.59 -23.11 -40.73
C PRO H 100 21.28 -24.25 -41.50
N LEU H 101 20.52 -25.03 -42.29
CA LEU H 101 21.05 -26.18 -43.03
C LEU H 101 22.21 -25.87 -43.99
N ALA H 102 22.10 -24.76 -44.71
CA ALA H 102 23.03 -24.40 -45.81
C ALA H 102 23.27 -22.88 -46.00
N THR H 103 24.51 -22.54 -46.35
CA THR H 103 24.96 -21.17 -46.35
C THR H 103 25.92 -20.91 -47.53
N ASN H 104 26.10 -19.61 -47.85
CA ASN H 104 27.04 -19.17 -48.89
C ASN H 104 26.95 -20.01 -50.16
N GLY H 105 25.85 -19.82 -50.89
CA GLY H 105 25.64 -20.39 -52.23
C GLY H 105 25.43 -19.30 -53.28
N TRP H 106 25.26 -19.74 -54.53
CA TRP H 106 25.06 -18.79 -55.63
C TRP H 106 24.23 -19.36 -56.78
N VAL H 107 23.51 -18.48 -57.46
CA VAL H 107 22.84 -18.81 -58.69
C VAL H 107 23.32 -17.89 -59.82
N GLU H 108 23.59 -18.49 -60.98
CA GLU H 108 23.96 -17.74 -62.18
C GLU H 108 22.74 -17.39 -63.02
N LEU H 109 22.61 -16.10 -63.31
CA LEU H 109 21.65 -15.56 -64.27
C LEU H 109 22.29 -15.29 -65.68
N ASN H 110 21.61 -15.66 -66.77
CA ASN H 110 22.06 -15.22 -68.10
C ASN H 110 21.14 -14.08 -68.49
N LEU H 111 21.73 -12.92 -68.75
CA LEU H 111 20.93 -11.74 -69.05
C LEU H 111 20.64 -11.68 -70.55
N PRO H 112 19.55 -10.97 -70.93
CA PRO H 112 19.28 -10.72 -72.35
C PRO H 112 20.56 -10.25 -73.02
N ASN H 113 21.19 -9.20 -72.49
CA ASN H 113 22.64 -9.09 -72.48
C ASN H 113 23.13 -7.88 -71.70
N GLY H 114 23.43 -8.08 -70.42
CA GLY H 114 24.80 -8.03 -69.96
C GLY H 114 25.46 -9.40 -69.89
N GLU H 115 24.70 -10.43 -70.28
CA GLU H 115 25.11 -11.81 -70.07
C GLU H 115 25.29 -12.11 -68.59
N LYS H 116 26.35 -12.85 -68.27
CA LYS H 116 26.36 -13.73 -67.07
C LYS H 116 26.72 -13.06 -65.73
N LYS H 117 25.84 -13.21 -64.73
CA LYS H 117 25.92 -12.54 -63.42
C LYS H 117 25.61 -13.50 -62.26
N LYS H 118 26.20 -13.28 -61.08
CA LYS H 118 25.86 -14.12 -59.92
C LYS H 118 24.95 -13.45 -58.90
N VAL H 119 23.98 -14.22 -58.41
CA VAL H 119 23.21 -13.81 -57.22
C VAL H 119 23.53 -14.82 -56.13
N ARG H 120 24.00 -14.31 -55.00
CA ARG H 120 24.36 -15.13 -53.85
C ARG H 120 23.15 -15.57 -53.04
N ILE H 121 23.11 -16.85 -52.72
CA ILE H 121 22.14 -17.38 -51.78
C ILE H 121 22.73 -17.20 -50.38
N ARG H 122 22.07 -16.41 -49.53
CA ARG H 122 22.57 -16.13 -48.17
C ARG H 122 22.37 -17.33 -47.26
N ARG H 123 21.16 -17.92 -47.30
CA ARG H 123 20.86 -19.11 -46.51
C ARG H 123 19.83 -20.00 -47.19
N LEU H 124 19.94 -21.31 -46.99
CA LEU H 124 18.79 -22.19 -47.17
C LEU H 124 18.50 -22.81 -45.80
N HIS H 125 17.25 -22.78 -45.34
CA HIS H 125 16.88 -23.45 -44.10
C HIS H 125 15.52 -24.10 -44.16
N ILE H 126 15.28 -25.05 -43.25
CA ILE H 126 14.08 -25.86 -43.27
C ILE H 126 13.00 -25.35 -42.32
N GLU H 127 11.78 -25.32 -42.82
CA GLU H 127 10.68 -24.98 -41.99
C GLU H 127 9.34 -25.55 -42.40
N GLU H 128 8.41 -25.50 -41.48
CA GLU H 128 7.06 -25.92 -41.72
C GLU H 128 6.24 -24.72 -42.15
N ASP H 129 5.08 -25.00 -42.72
CA ASP H 129 4.23 -23.97 -43.25
C ASP H 129 3.06 -23.72 -42.30
N ALA H 130 2.55 -22.48 -42.31
CA ALA H 130 1.31 -22.13 -41.61
C ALA H 130 0.12 -22.64 -42.42
N GLY H 131 -1.08 -22.55 -41.85
CA GLY H 131 -2.27 -22.96 -42.59
C GLY H 131 -2.77 -21.84 -43.48
N LYS H 132 -3.98 -21.99 -44.03
CA LYS H 132 -4.59 -20.93 -44.86
C LYS H 132 -5.87 -20.33 -44.29
N ASN H 133 -5.92 -18.99 -44.28
CA ASN H 133 -7.11 -18.23 -43.89
C ASN H 133 -7.98 -17.85 -45.08
N ILE H 134 -9.30 -17.90 -44.88
CA ILE H 134 -10.31 -17.38 -45.80
C ILE H 134 -11.20 -16.42 -45.01
N HIS H 135 -11.62 -15.31 -45.60
CA HIS H 135 -12.55 -14.40 -44.90
C HIS H 135 -13.97 -14.38 -45.48
N GLU H 136 -14.95 -14.38 -44.57
CA GLU H 136 -16.34 -14.25 -44.93
C GLU H 136 -16.98 -13.40 -43.85
N GLY H 137 -17.54 -12.27 -44.26
CA GLY H 137 -18.23 -11.38 -43.34
C GLY H 137 -17.29 -10.88 -42.25
N ASP H 138 -17.71 -11.03 -41.01
CA ASP H 138 -16.95 -10.56 -39.85
C ASP H 138 -16.20 -11.69 -39.17
N LYS H 139 -16.08 -12.82 -39.87
CA LYS H 139 -15.41 -14.02 -39.36
C LYS H 139 -14.29 -14.47 -40.32
N THR H 140 -13.13 -14.87 -39.79
CA THR H 140 -12.09 -15.58 -40.61
C THR H 140 -12.25 -17.11 -40.51
N LEU H 141 -12.08 -17.80 -41.62
CA LEU H 141 -12.15 -19.27 -41.64
C LEU H 141 -10.78 -19.95 -41.82
N VAL H 142 -10.45 -20.88 -40.93
CA VAL H 142 -9.12 -21.46 -40.92
C VAL H 142 -9.10 -22.91 -41.40
N ASP H 143 -8.46 -23.12 -42.53
CA ASP H 143 -8.12 -24.44 -42.90
C ASP H 143 -6.64 -24.65 -42.62
N LEU H 144 -6.36 -25.63 -41.76
CA LEU H 144 -5.01 -26.01 -41.41
C LEU H 144 -4.49 -27.19 -42.20
N ASN H 145 -5.05 -27.45 -43.38
CA ASN H 145 -4.54 -28.55 -44.23
C ASN H 145 -3.07 -28.35 -44.63
N ARG H 146 -2.70 -27.08 -44.78
CA ARG H 146 -1.38 -26.74 -45.27
C ARG H 146 -0.35 -26.61 -44.13
N ALA H 147 -0.82 -26.35 -42.91
CA ALA H 147 0.07 -26.14 -41.79
C ALA H 147 0.87 -27.40 -41.57
N GLY H 148 2.19 -27.25 -41.48
CA GLY H 148 3.08 -28.38 -41.26
C GLY H 148 3.87 -28.71 -42.50
N THR H 149 3.37 -28.28 -43.65
CA THR H 149 3.95 -28.63 -44.94
C THR H 149 5.42 -28.18 -45.04
N PRO H 150 6.29 -29.03 -45.60
CA PRO H 150 7.71 -28.72 -45.57
C PRO H 150 8.09 -27.59 -46.50
N LEU H 151 9.00 -26.72 -46.06
CA LEU H 151 9.39 -25.53 -46.81
C LEU H 151 10.90 -25.25 -46.76
N MET H 152 11.44 -24.85 -47.90
CA MET H 152 12.77 -24.30 -47.95
C MET H 152 12.64 -22.79 -47.95
N GLU H 153 12.99 -22.12 -46.86
CA GLU H 153 13.12 -20.69 -46.96
C GLU H 153 14.46 -20.42 -47.59
N ILE H 154 14.48 -19.69 -48.71
CA ILE H 154 15.73 -19.35 -49.41
C ILE H 154 15.89 -17.86 -49.35
N VAL H 155 17.03 -17.39 -48.88
CA VAL H 155 17.24 -15.94 -48.76
C VAL H 155 18.45 -15.58 -49.61
N THR H 156 18.30 -14.50 -50.38
CA THR H 156 19.33 -14.01 -51.32
C THR H 156 20.06 -12.82 -50.73
N GLU H 157 21.32 -12.64 -51.10
CA GLU H 157 21.99 -11.38 -50.82
C GLU H 157 21.36 -10.26 -51.69
N PRO H 158 21.50 -8.98 -51.29
CA PRO H 158 20.91 -7.93 -52.11
C PRO H 158 21.76 -7.70 -53.37
N ASP H 159 21.96 -8.78 -54.11
CA ASP H 159 22.85 -8.85 -55.24
C ASP H 159 22.11 -8.59 -56.55
N ILE H 160 20.79 -8.52 -56.45
CA ILE H 160 19.91 -8.21 -57.59
C ILE H 160 19.76 -6.66 -57.79
N ARG H 161 19.73 -6.24 -59.07
CA ARG H 161 19.88 -4.85 -59.48
C ARG H 161 18.73 -4.31 -60.35
N THR H 162 17.90 -5.21 -60.85
CA THR H 162 16.99 -4.92 -61.94
C THR H 162 15.73 -5.76 -61.85
N PRO H 163 14.55 -5.10 -61.99
CA PRO H 163 13.30 -5.82 -61.98
C PRO H 163 13.41 -7.05 -62.88
N GLU H 164 13.96 -6.91 -64.06
CA GLU H 164 14.11 -8.05 -64.93
C GLU H 164 14.95 -9.20 -64.27
N GLU H 165 16.08 -8.85 -63.67
CA GLU H 165 16.95 -9.82 -63.03
C GLU H 165 16.19 -10.58 -61.97
N ALA H 166 15.35 -9.86 -61.22
CA ALA H 166 14.53 -10.51 -60.19
C ALA H 166 13.69 -11.63 -60.76
N ARG H 167 13.04 -11.39 -61.90
CA ARG H 167 12.23 -12.43 -62.56
C ARG H 167 13.11 -13.57 -63.09
N LEU H 168 14.15 -13.22 -63.82
CA LEU H 168 15.12 -14.17 -64.30
C LEU H 168 15.71 -15.02 -63.16
N PHE H 169 15.90 -14.43 -61.98
CA PHE H 169 16.35 -15.20 -60.84
C PHE H 169 15.30 -16.21 -60.48
N LEU H 170 14.12 -15.70 -60.19
CA LEU H 170 13.01 -16.53 -59.82
C LEU H 170 12.82 -17.65 -60.81
N GLU H 171 12.79 -17.33 -62.11
CA GLU H 171 12.67 -18.36 -63.14
C GLU H 171 13.78 -19.35 -63.06
N LYS H 172 15.01 -18.89 -62.80
CA LYS H 172 16.15 -19.77 -62.76
C LYS H 172 16.07 -20.68 -61.52
N LEU H 173 15.78 -20.06 -60.37
CA LEU H 173 15.53 -20.84 -59.14
C LEU H 173 14.48 -21.95 -59.36
N ARG H 174 13.35 -21.57 -59.95
CA ARG H 174 12.30 -22.52 -60.28
C ARG H 174 12.79 -23.68 -61.11
N ASN H 175 13.57 -23.38 -62.15
CA ASN H 175 14.01 -24.41 -63.04
C ASN H 175 14.95 -25.40 -62.39
N ILE H 176 15.87 -24.90 -61.55
CA ILE H 176 16.78 -25.77 -60.78
C ILE H 176 15.99 -26.72 -59.85
N MET H 177 15.04 -26.14 -59.11
CA MET H 177 14.19 -26.91 -58.23
C MET H 177 13.49 -28.06 -58.94
N ARG H 178 12.96 -27.78 -60.13
CA ARG H 178 12.25 -28.79 -60.89
C ARG H 178 13.19 -29.86 -61.43
N TYR H 179 14.39 -29.46 -61.80
CA TYR H 179 15.38 -30.35 -62.39
C TYR H 179 15.95 -31.28 -61.35
N ALA H 180 16.23 -30.75 -60.17
CA ALA H 180 16.68 -31.55 -59.02
C ALA H 180 15.55 -32.43 -58.50
N GLY H 181 14.33 -32.12 -58.92
CA GLY H 181 13.14 -32.87 -58.56
C GLY H 181 12.70 -32.68 -57.12
N VAL H 182 13.09 -31.56 -56.50
CA VAL H 182 12.72 -31.28 -55.10
C VAL H 182 11.36 -30.62 -54.98
N SER H 183 10.91 -29.94 -56.03
CA SER H 183 9.67 -29.16 -55.96
C SER H 183 9.11 -28.95 -57.36
N LYS H 184 7.79 -28.85 -57.45
CA LYS H 184 7.08 -28.44 -58.68
C LYS H 184 7.17 -26.91 -58.90
N ALA H 185 7.27 -26.18 -57.78
CA ALA H 185 7.68 -24.77 -57.72
C ALA H 185 6.92 -23.76 -58.58
N ASP H 186 5.64 -24.01 -58.85
CA ASP H 186 4.84 -23.06 -59.61
C ASP H 186 4.13 -22.16 -58.61
N MET H 187 4.27 -20.85 -58.79
CA MET H 187 3.60 -19.86 -57.92
C MET H 187 2.08 -19.99 -57.87
N GLU H 188 1.50 -20.33 -59.01
CA GLU H 188 0.04 -20.49 -59.18
C GLU H 188 -0.59 -21.51 -58.22
N LYS H 189 0.22 -22.39 -57.66
CA LYS H 189 -0.26 -23.38 -56.69
C LYS H 189 0.25 -23.02 -55.29
N GLY H 190 0.99 -21.90 -55.19
CA GLY H 190 1.68 -21.41 -54.02
C GLY H 190 2.79 -22.35 -53.58
N GLN H 191 3.31 -23.13 -54.50
CA GLN H 191 4.46 -23.98 -54.27
C GLN H 191 5.75 -23.16 -54.14
N LEU H 192 5.63 -21.85 -54.35
CA LEU H 192 6.77 -20.92 -54.37
C LEU H 192 6.26 -19.54 -54.08
N ARG H 193 6.80 -18.92 -53.06
CA ARG H 193 6.34 -17.62 -52.67
C ARG H 193 7.53 -16.72 -52.64
N CYS H 194 7.30 -15.42 -52.73
CA CYS H 194 8.40 -14.52 -52.75
C CYS H 194 8.04 -13.19 -52.14
N ASP H 195 8.93 -12.69 -51.28
CA ASP H 195 8.78 -11.37 -50.71
C ASP H 195 9.97 -10.58 -51.18
N ILE H 196 9.72 -9.35 -51.59
CA ILE H 196 10.70 -8.55 -52.29
C ILE H 196 11.16 -7.44 -51.36
N ASN H 197 12.47 -7.24 -51.30
CA ASN H 197 13.06 -6.18 -50.50
C ASN H 197 13.87 -5.26 -51.39
N VAL H 198 13.54 -3.97 -51.37
CA VAL H 198 14.16 -3.08 -52.34
C VAL H 198 14.52 -1.72 -51.78
N SER H 199 15.74 -1.30 -52.09
CA SER H 199 16.25 0.01 -51.73
C SER H 199 16.96 0.67 -52.91
N ILE H 200 16.98 2.01 -52.91
CA ILE H 200 17.70 2.76 -53.95
C ILE H 200 18.97 3.37 -53.41
N ARG H 201 19.81 3.87 -54.30
CA ARG H 201 21.20 4.14 -53.98
C ARG H 201 21.83 4.95 -55.14
N PRO H 202 22.31 6.20 -54.87
CA PRO H 202 23.17 6.90 -55.85
C PRO H 202 24.11 5.91 -56.57
N LYS H 203 24.08 5.90 -57.91
CA LYS H 203 24.83 4.90 -58.69
C LYS H 203 26.34 4.92 -58.39
N GLY H 204 26.95 3.75 -58.28
CA GLY H 204 28.33 3.65 -57.84
C GLY H 204 28.52 4.06 -56.39
N SER H 205 27.48 3.91 -55.58
CA SER H 205 27.61 4.03 -54.13
C SER H 205 27.76 2.64 -53.51
N LYS H 206 28.36 2.59 -52.32
CA LYS H 206 28.57 1.33 -51.62
C LYS H 206 27.61 1.20 -50.43
N GLU H 207 27.27 2.34 -49.84
CA GLU H 207 26.28 2.37 -48.76
C GLU H 207 24.98 1.70 -49.19
N PHE H 208 24.23 1.19 -48.22
CA PHE H 208 22.93 0.58 -48.48
C PHE H 208 21.80 1.51 -48.05
N GLY H 209 20.89 1.80 -48.97
CA GLY H 209 19.75 2.69 -48.68
C GLY H 209 18.66 2.07 -47.84
N THR H 210 17.67 2.88 -47.45
CA THR H 210 16.62 2.39 -46.55
C THR H 210 15.64 1.48 -47.29
N ARG H 211 15.39 0.32 -46.72
CA ARG H 211 14.76 -0.80 -47.42
C ARG H 211 13.24 -0.85 -47.30
N VAL H 212 12.57 -1.26 -48.38
CA VAL H 212 11.12 -1.45 -48.39
C VAL H 212 10.82 -2.89 -48.79
N GLU H 213 9.82 -3.48 -48.15
CA GLU H 213 9.44 -4.86 -48.39
C GLU H 213 8.09 -4.92 -49.06
N ILE H 214 7.98 -5.70 -50.12
CA ILE H 214 6.72 -5.84 -50.83
C ILE H 214 6.24 -7.26 -50.64
N LYS H 215 5.35 -7.46 -49.67
CA LYS H 215 4.87 -8.79 -49.33
C LYS H 215 3.71 -9.21 -50.23
N ASN H 216 3.62 -10.50 -50.50
CA ASN H 216 2.56 -11.03 -51.34
C ASN H 216 2.60 -10.48 -52.75
N VAL H 217 3.43 -11.07 -53.60
CA VAL H 217 3.29 -10.92 -55.05
C VAL H 217 3.31 -12.28 -55.74
N ASN H 218 2.21 -12.61 -56.40
CA ASN H 218 1.86 -14.02 -56.67
C ASN H 218 2.24 -14.64 -58.03
N SER H 219 3.02 -13.91 -58.83
CA SER H 219 3.44 -14.36 -60.18
C SER H 219 4.82 -13.78 -60.47
N PHE H 220 5.59 -14.45 -61.34
CA PHE H 220 6.90 -13.93 -61.75
C PHE H 220 6.77 -12.53 -62.36
N ARG H 221 5.79 -12.39 -63.26
CA ARG H 221 5.49 -11.13 -63.92
C ARG H 221 5.15 -9.98 -62.96
N PHE H 222 4.35 -10.28 -61.94
CA PHE H 222 4.00 -9.27 -60.96
C PHE H 222 5.20 -8.79 -60.13
N VAL H 223 6.17 -9.67 -59.88
CA VAL H 223 7.38 -9.24 -59.21
C VAL H 223 8.11 -8.20 -60.05
N GLN H 224 8.08 -8.35 -61.35
CA GLN H 224 8.77 -7.40 -62.20
C GLN H 224 7.97 -6.10 -62.16
N LYS H 225 6.65 -6.23 -62.22
CA LYS H 225 5.77 -5.08 -62.18
C LYS H 225 5.96 -4.35 -60.84
N ALA H 226 5.68 -5.08 -59.75
CA ALA H 226 5.77 -4.54 -58.40
C ALA H 226 7.04 -3.73 -58.27
N LEU H 227 8.15 -4.35 -58.66
CA LEU H 227 9.45 -3.71 -58.63
C LEU H 227 9.54 -2.48 -59.53
N GLU H 228 9.21 -2.65 -60.81
CA GLU H 228 9.29 -1.54 -61.76
C GLU H 228 8.66 -0.29 -61.18
N TYR H 229 7.45 -0.43 -60.67
CA TYR H 229 6.78 0.68 -60.02
C TYR H 229 7.56 1.18 -58.81
N GLU H 230 7.80 0.27 -57.86
CA GLU H 230 8.39 0.63 -56.55
C GLU H 230 9.70 1.40 -56.67
N ILE H 231 10.56 0.94 -57.59
CA ILE H 231 11.77 1.65 -57.97
C ILE H 231 11.47 3.11 -58.36
N GLU H 232 10.51 3.34 -59.26
CA GLU H 232 10.14 4.71 -59.62
C GLU H 232 9.64 5.45 -58.40
N ARG H 233 8.69 4.85 -57.69
CA ARG H 233 8.07 5.45 -56.50
C ARG H 233 9.12 6.00 -55.55
N GLN H 234 10.11 5.17 -55.23
CA GLN H 234 11.17 5.56 -54.29
C GLN H 234 11.98 6.73 -54.84
N ILE H 235 12.50 6.59 -56.06
CA ILE H 235 13.24 7.67 -56.73
C ILE H 235 12.45 9.00 -56.66
N ASN H 236 11.22 8.97 -57.17
CA ASN H 236 10.33 10.13 -57.15
C ASN H 236 10.34 10.84 -55.81
N VAL H 237 10.11 10.06 -54.74
CA VAL H 237 10.12 10.59 -53.37
C VAL H 237 11.43 11.27 -52.97
N VAL H 238 12.56 10.70 -53.40
CA VAL H 238 13.88 11.23 -53.04
C VAL H 238 14.22 12.49 -53.84
N GLU H 239 13.87 12.48 -55.13
CA GLU H 239 14.14 13.63 -56.01
C GLU H 239 13.15 14.75 -55.80
N GLU H 240 12.07 14.44 -55.08
CA GLU H 240 11.15 15.46 -54.58
C GLU H 240 11.55 15.98 -53.18
N GLY H 241 12.82 15.79 -52.81
CA GLY H 241 13.35 16.23 -51.51
C GLY H 241 13.02 15.35 -50.31
N GLY H 242 11.98 14.52 -50.41
CA GLY H 242 11.56 13.63 -49.32
C GLY H 242 12.49 12.45 -49.01
N GLU H 243 12.31 11.91 -47.80
CA GLU H 243 13.04 10.71 -47.35
C GLU H 243 12.19 9.48 -47.54
N VAL H 244 12.82 8.40 -47.99
CA VAL H 244 12.14 7.12 -48.19
C VAL H 244 12.06 6.38 -46.87
N VAL H 245 10.83 6.12 -46.44
CA VAL H 245 10.54 5.53 -45.12
C VAL H 245 10.58 3.99 -45.18
N GLN H 246 11.00 3.38 -44.08
CA GLN H 246 11.07 1.94 -44.02
C GLN H 246 9.72 1.34 -43.66
N GLU H 247 9.27 0.38 -44.47
CA GLU H 247 7.96 -0.25 -44.30
C GLU H 247 7.77 -1.57 -45.05
N THR H 248 6.59 -2.14 -44.91
CA THR H 248 6.16 -3.23 -45.75
C THR H 248 4.98 -2.74 -46.58
N ARG H 249 5.06 -2.92 -47.89
CA ARG H 249 3.98 -2.51 -48.78
C ARG H 249 3.36 -3.72 -49.47
N THR H 250 2.20 -3.50 -50.10
CA THR H 250 1.51 -4.56 -50.84
C THR H 250 1.31 -4.19 -52.29
N PHE H 251 1.13 -5.21 -53.11
CA PHE H 251 0.97 -4.99 -54.55
C PHE H 251 -0.40 -5.41 -55.04
N ASP H 252 -1.08 -4.48 -55.70
CA ASP H 252 -2.40 -4.69 -56.28
C ASP H 252 -2.20 -4.83 -57.79
N PRO H 253 -2.28 -6.08 -58.31
CA PRO H 253 -2.02 -6.38 -59.71
C PRO H 253 -2.81 -5.47 -60.66
N GLN H 254 -4.11 -5.32 -60.37
CA GLN H 254 -5.08 -4.57 -61.19
C GLN H 254 -4.70 -3.11 -61.49
N THR H 255 -4.22 -2.40 -60.47
CA THR H 255 -3.73 -1.01 -60.62
C THR H 255 -2.22 -0.95 -60.92
N GLY H 256 -1.54 -2.09 -60.71
CA GLY H 256 -0.11 -2.21 -60.95
C GLY H 256 0.75 -1.29 -60.11
N LYS H 257 0.24 -0.91 -58.92
CA LYS H 257 0.96 -0.02 -57.98
C LYS H 257 1.12 -0.65 -56.59
N THR H 258 2.17 -0.21 -55.87
CA THR H 258 2.40 -0.66 -54.50
C THR H 258 1.88 0.35 -53.48
N TYR H 259 1.31 -0.16 -52.40
CA TYR H 259 0.62 0.69 -51.44
C TYR H 259 1.18 0.48 -50.05
N PRO H 260 1.15 1.54 -49.22
CA PRO H 260 1.50 1.31 -47.81
C PRO H 260 0.37 0.50 -47.16
N MET H 261 0.42 0.37 -45.84
CA MET H 261 -0.68 -0.26 -45.11
C MET H 261 -1.27 0.72 -44.09
N ARG H 262 -2.57 0.58 -43.83
CA ARG H 262 -3.28 1.43 -42.87
C ARG H 262 -2.87 1.22 -41.39
N THR H 263 -2.42 -0.01 -41.09
CA THR H 263 -1.99 -0.43 -39.74
C THR H 263 -0.47 -0.29 -39.51
N LYS H 264 -0.11 0.50 -38.50
CA LYS H 264 1.29 0.79 -38.14
C LYS H 264 1.85 -0.31 -37.21
N GLU H 265 1.57 -1.57 -37.56
CA GLU H 265 1.89 -2.73 -36.71
C GLU H 265 3.35 -3.19 -36.77
N GLU H 266 4.15 -2.68 -35.85
CA GLU H 266 5.56 -3.06 -35.67
C GLU H 266 5.72 -4.55 -35.36
N ALA H 267 6.71 -5.19 -36.01
CA ALA H 267 7.00 -6.62 -35.80
C ALA H 267 7.41 -6.88 -34.35
N GLU H 268 6.95 -8.01 -33.82
CA GLU H 268 7.28 -8.40 -32.45
C GLU H 268 8.42 -9.42 -32.44
N ASP H 269 9.21 -9.38 -31.38
CA ASP H 269 10.30 -10.32 -31.12
C ASP H 269 9.84 -11.75 -31.33
N TYR H 270 10.60 -12.55 -32.05
CA TYR H 270 10.18 -13.92 -32.30
C TYR H 270 10.55 -14.87 -31.18
N ARG H 271 11.18 -14.35 -30.13
CA ARG H 271 11.65 -15.17 -29.00
C ARG H 271 12.22 -16.51 -29.46
N TYR H 272 13.12 -16.46 -30.42
CA TYR H 272 13.79 -17.66 -30.96
C TYR H 272 14.57 -18.48 -29.93
N PHE H 273 14.41 -19.80 -29.95
CA PHE H 273 15.30 -20.68 -29.21
C PHE H 273 15.17 -22.08 -29.78
N PRO H 274 16.18 -22.96 -29.59
CA PRO H 274 16.07 -24.31 -30.13
C PRO H 274 14.86 -25.06 -29.58
N ASP H 275 14.17 -25.81 -30.45
CA ASP H 275 12.94 -26.50 -30.09
C ASP H 275 13.40 -27.64 -29.23
N PRO H 276 12.92 -27.70 -27.98
CA PRO H 276 13.35 -28.73 -27.08
C PRO H 276 12.67 -30.07 -27.33
N ASP H 277 11.72 -30.12 -28.25
CA ASP H 277 11.06 -31.35 -28.65
C ASP H 277 11.91 -32.05 -29.68
N LEU H 278 13.02 -31.43 -30.06
CA LEU H 278 13.79 -31.84 -31.22
C LEU H 278 15.30 -31.75 -30.97
N VAL H 279 16.06 -32.71 -31.51
CA VAL H 279 17.51 -32.66 -31.38
C VAL H 279 18.12 -31.96 -32.60
N PRO H 280 19.38 -31.45 -32.47
CA PRO H 280 20.02 -30.88 -33.65
C PRO H 280 20.00 -31.82 -34.83
N LEU H 281 19.75 -31.26 -36.00
CA LEU H 281 19.79 -32.00 -37.24
C LEU H 281 21.24 -32.33 -37.55
N LYS H 282 21.59 -33.59 -37.42
CA LYS H 282 22.92 -34.03 -37.74
C LYS H 282 22.94 -34.67 -39.12
N VAL H 283 23.70 -34.06 -40.02
CA VAL H 283 23.86 -34.57 -41.38
C VAL H 283 25.24 -35.18 -41.63
N LYS H 284 25.28 -36.50 -41.81
CA LYS H 284 26.53 -37.18 -42.08
C LYS H 284 27.08 -36.79 -43.45
N LYS H 285 28.41 -36.68 -43.52
CA LYS H 285 29.14 -36.39 -44.74
C LYS H 285 28.80 -37.41 -45.82
N GLU H 286 28.96 -38.68 -45.49
CA GLU H 286 28.65 -39.82 -46.38
C GLU H 286 27.29 -39.74 -47.09
N TRP H 287 26.38 -38.96 -46.51
CA TRP H 287 25.05 -38.72 -47.08
C TRP H 287 25.03 -37.50 -48.01
N ILE H 288 25.82 -36.49 -47.68
CA ILE H 288 26.00 -35.37 -48.59
C ILE H 288 26.66 -35.86 -49.87
N GLU H 289 27.76 -36.63 -49.75
CA GLU H 289 28.46 -37.16 -50.92
C GLU H 289 27.54 -37.96 -51.78
N GLU H 290 26.87 -38.93 -51.16
CA GLU H 290 25.88 -39.76 -51.82
C GLU H 290 24.83 -38.97 -52.61
N ILE H 291 24.28 -37.89 -52.01
CA ILE H 291 23.29 -37.04 -52.66
C ILE H 291 23.91 -36.31 -53.83
N LYS H 292 25.14 -35.85 -53.61
CA LYS H 292 25.96 -35.14 -54.59
C LYS H 292 26.32 -36.07 -55.76
N LYS H 293 26.62 -37.33 -55.44
CA LYS H 293 27.01 -38.32 -56.44
C LYS H 293 25.83 -38.69 -57.32
N ASN H 294 24.63 -38.65 -56.76
CA ASN H 294 23.45 -39.01 -57.55
C ASN H 294 22.57 -37.85 -57.91
N MET H 295 23.14 -36.66 -57.90
CA MET H 295 22.41 -35.44 -58.14
C MET H 295 21.92 -35.50 -59.57
N PRO H 296 20.60 -35.31 -59.80
CA PRO H 296 20.09 -35.16 -61.17
C PRO H 296 20.81 -34.06 -61.95
N GLU H 297 20.87 -34.20 -63.26
CA GLU H 297 21.48 -33.19 -64.11
C GLU H 297 20.74 -31.84 -63.95
N LEU H 298 21.52 -30.76 -63.82
CA LEU H 298 20.99 -29.40 -63.61
C LEU H 298 21.02 -28.56 -64.90
N PRO H 299 20.22 -27.48 -64.98
CA PRO H 299 20.03 -26.70 -66.22
C PRO H 299 21.31 -26.30 -66.96
N ASP H 300 22.20 -25.60 -66.27
CA ASP H 300 23.42 -25.11 -66.88
C ASP H 300 24.23 -26.23 -67.47
N GLN H 301 24.25 -27.39 -66.80
CA GLN H 301 24.95 -28.56 -67.31
C GLN H 301 24.29 -29.06 -68.58
N ARG H 302 22.95 -29.12 -68.59
CA ARG H 302 22.24 -29.62 -69.77
C ARG H 302 22.45 -28.70 -70.95
N PHE H 303 22.46 -27.40 -70.69
CA PHE H 303 22.74 -26.42 -71.71
C PHE H 303 24.08 -26.68 -72.43
N GLU H 304 25.16 -26.98 -71.69
CA GLU H 304 26.45 -27.25 -72.32
C GLU H 304 26.48 -28.63 -73.00
N ARG H 305 25.80 -29.62 -72.41
CA ARG H 305 25.79 -30.94 -73.01
C ARG H 305 25.07 -30.90 -74.34
N LEU H 306 23.80 -30.47 -74.34
CA LEU H 306 23.03 -30.37 -75.58
C LEU H 306 23.76 -29.63 -76.73
N ILE H 307 24.40 -28.50 -76.40
CA ILE H 307 25.23 -27.75 -77.35
C ILE H 307 26.32 -28.63 -77.97
N LYS H 308 27.05 -29.37 -77.13
CA LYS H 308 28.14 -30.23 -77.61
C LYS H 308 27.62 -31.54 -78.20
N GLU H 309 26.85 -32.28 -77.42
CA GLU H 309 26.32 -33.58 -77.83
C GLU H 309 25.51 -33.58 -79.13
N TYR H 310 24.81 -32.47 -79.41
CA TYR H 310 23.87 -32.42 -80.53
C TYR H 310 24.08 -31.24 -81.48
N GLY H 311 25.19 -30.52 -81.29
CA GLY H 311 25.55 -29.37 -82.11
C GLY H 311 24.47 -28.32 -82.21
N LEU H 312 23.73 -28.11 -81.12
CA LEU H 312 22.64 -27.13 -81.11
C LEU H 312 23.14 -25.71 -80.91
N SER H 313 22.39 -24.74 -81.45
CA SER H 313 22.68 -23.31 -81.21
C SER H 313 22.38 -22.93 -79.78
N GLU H 314 22.89 -21.79 -79.32
CA GLU H 314 22.54 -21.35 -77.98
C GLU H 314 21.03 -21.00 -77.85
N TYR H 315 20.42 -20.56 -78.96
CA TYR H 315 18.99 -20.29 -79.01
C TYR H 315 18.19 -21.56 -78.70
N GLU H 316 18.65 -22.67 -79.28
CA GLU H 316 17.94 -23.94 -79.28
C GLU H 316 18.02 -24.67 -77.95
N ALA H 317 19.24 -24.80 -77.45
CA ALA H 317 19.52 -25.37 -76.14
C ALA H 317 18.65 -24.69 -75.07
N GLY H 318 18.70 -23.36 -75.01
CA GLY H 318 17.89 -22.54 -74.08
C GLY H 318 16.41 -22.89 -74.01
N ILE H 319 15.79 -23.07 -75.17
CA ILE H 319 14.39 -23.46 -75.21
C ILE H 319 14.17 -24.83 -74.59
N LEU H 320 15.08 -25.77 -74.88
CA LEU H 320 14.92 -27.16 -74.42
C LEU H 320 15.24 -27.33 -72.96
N VAL H 321 16.08 -26.44 -72.44
CA VAL H 321 16.56 -26.50 -71.07
C VAL H 321 15.69 -25.67 -70.11
N ASN H 322 15.16 -24.54 -70.58
CA ASN H 322 14.18 -23.75 -69.82
C ASN H 322 12.82 -24.42 -69.68
N HIS H 323 12.49 -25.28 -70.62
CA HIS H 323 11.29 -26.07 -70.53
C HIS H 323 11.74 -27.51 -70.59
N LYS H 324 11.92 -28.12 -69.42
CA LYS H 324 12.60 -29.42 -69.29
C LYS H 324 11.98 -30.55 -70.11
N GLU H 325 10.65 -30.55 -70.18
CA GLU H 325 9.87 -31.62 -70.82
C GLU H 325 9.97 -31.59 -72.34
N VAL H 326 10.29 -30.41 -72.87
CA VAL H 326 10.61 -30.21 -74.27
C VAL H 326 11.98 -30.78 -74.55
N GLY H 327 12.91 -30.53 -73.64
CA GLY H 327 14.24 -31.17 -73.69
C GLY H 327 14.12 -32.70 -73.69
N ASP H 328 13.31 -33.20 -72.77
CA ASP H 328 13.05 -34.62 -72.58
C ASP H 328 12.40 -35.27 -73.79
N PHE H 329 11.62 -34.47 -74.52
CA PHE H 329 10.95 -34.92 -75.72
C PHE H 329 12.01 -35.02 -76.81
N PHE H 330 12.78 -33.96 -76.94
CA PHE H 330 13.81 -33.87 -77.96
C PHE H 330 14.77 -35.04 -77.89
N GLU H 331 15.22 -35.38 -76.68
CA GLU H 331 16.20 -36.43 -76.51
C GLU H 331 15.62 -37.83 -76.74
N GLU H 332 14.30 -37.98 -76.50
CA GLU H 332 13.59 -39.25 -76.67
C GLU H 332 13.22 -39.50 -78.13
N ALA H 333 13.23 -38.43 -78.93
CA ALA H 333 13.05 -38.54 -80.36
C ALA H 333 14.40 -38.85 -81.00
N VAL H 334 15.39 -38.01 -80.72
CA VAL H 334 16.72 -38.13 -81.30
C VAL H 334 17.31 -39.52 -81.03
N ARG H 335 16.64 -40.30 -80.20
CA ARG H 335 17.08 -41.67 -79.87
C ARG H 335 16.56 -42.66 -80.91
N HIS H 336 15.37 -42.37 -81.44
CA HIS H 336 14.76 -43.15 -82.51
C HIS H 336 15.41 -42.89 -83.86
N PHE H 337 15.30 -41.67 -84.38
CA PHE H 337 16.02 -41.29 -85.58
C PHE H 337 17.12 -40.31 -85.20
N LYS H 338 18.36 -40.71 -85.39
CA LYS H 338 19.52 -39.90 -85.02
C LYS H 338 19.77 -38.66 -85.93
N GLU H 339 18.76 -37.78 -86.02
CA GLU H 339 18.85 -36.52 -86.79
C GLU H 339 18.55 -35.31 -85.89
N PRO H 340 19.55 -34.85 -85.13
CA PRO H 340 19.29 -33.82 -84.15
C PRO H 340 18.74 -32.56 -84.79
N LYS H 341 19.44 -32.03 -85.80
CA LYS H 341 19.07 -30.73 -86.38
C LYS H 341 17.65 -30.70 -86.89
N GLY H 342 17.28 -31.73 -87.66
CA GLY H 342 15.93 -31.83 -88.22
C GLY H 342 14.88 -31.93 -87.14
N ILE H 343 15.20 -32.66 -86.06
CA ILE H 343 14.25 -32.87 -84.95
C ILE H 343 13.96 -31.60 -84.14
N VAL H 344 14.96 -30.76 -83.89
CA VAL H 344 14.74 -29.46 -83.25
C VAL H 344 13.98 -28.44 -84.09
N ASN H 345 14.28 -28.39 -85.39
CA ASN H 345 13.57 -27.50 -86.32
C ASN H 345 12.06 -27.75 -86.28
N TRP H 346 11.69 -29.01 -86.46
CA TRP H 346 10.29 -29.39 -86.47
C TRP H 346 9.59 -29.29 -85.10
N LEU H 347 10.35 -29.54 -84.03
CA LEU H 347 9.85 -29.45 -82.67
C LEU H 347 9.55 -27.99 -82.32
N ILE H 348 10.54 -27.13 -82.52
CA ILE H 348 10.43 -25.72 -82.18
C ILE H 348 9.53 -24.95 -83.16
N ASN H 349 9.84 -25.07 -84.45
CA ASN H 349 9.18 -24.29 -85.50
C ASN H 349 7.75 -24.77 -85.82
N ASP H 350 7.45 -26.02 -85.49
CA ASP H 350 6.16 -26.65 -85.87
C ASP H 350 5.32 -27.14 -84.68
N LEU H 351 5.83 -28.16 -84.00
CA LEU H 351 5.05 -28.94 -83.02
C LEU H 351 4.67 -28.18 -81.77
N LEU H 352 5.62 -27.38 -81.28
CA LEU H 352 5.42 -26.52 -80.11
C LEU H 352 4.33 -25.50 -80.29
N GLY H 353 4.30 -24.88 -81.46
CA GLY H 353 3.26 -23.90 -81.77
C GLY H 353 1.88 -24.52 -81.94
N LEU H 354 1.87 -25.74 -82.47
CA LEU H 354 0.61 -26.41 -82.75
C LEU H 354 -0.04 -26.92 -81.48
N LEU H 355 0.78 -27.24 -80.48
CA LEU H 355 0.33 -27.70 -79.19
C LEU H 355 -0.09 -26.54 -78.33
N ARG H 356 0.71 -25.48 -78.33
CA ARG H 356 0.37 -24.27 -77.59
C ARG H 356 -0.99 -23.78 -78.00
N ASP H 357 -1.32 -23.97 -79.28
CA ASP H 357 -2.58 -23.49 -79.87
C ASP H 357 -3.79 -24.35 -79.48
N LYS H 358 -3.54 -25.63 -79.26
CA LYS H 358 -4.58 -26.55 -78.82
C LYS H 358 -4.65 -26.61 -77.29
N GLY H 359 -3.69 -25.97 -76.63
CA GLY H 359 -3.70 -25.86 -75.20
C GLY H 359 -2.88 -26.93 -74.51
N ILE H 360 -2.43 -27.91 -75.29
CA ILE H 360 -1.81 -29.10 -74.74
C ILE H 360 -0.35 -28.83 -74.34
N SER H 361 0.00 -29.23 -73.12
CA SER H 361 1.40 -29.27 -72.71
C SER H 361 2.14 -30.43 -73.37
N ILE H 362 3.46 -30.32 -73.43
CA ILE H 362 4.28 -31.31 -74.15
C ILE H 362 4.34 -32.73 -73.55
N GLU H 363 4.10 -32.86 -72.23
CA GLU H 363 3.91 -34.19 -71.61
C GLU H 363 2.66 -34.83 -72.20
N GLU H 364 1.69 -33.97 -72.53
CA GLU H 364 0.34 -34.40 -72.87
C GLU H 364 0.08 -34.53 -74.39
N SER H 365 1.12 -34.43 -75.21
CA SER H 365 0.91 -34.29 -76.66
C SER H 365 0.65 -35.62 -77.37
N PRO H 366 -0.25 -35.61 -78.36
CA PRO H 366 -0.54 -36.83 -79.12
C PRO H 366 0.66 -37.28 -79.95
N VAL H 367 1.45 -36.33 -80.46
CA VAL H 367 2.68 -36.68 -81.15
C VAL H 367 3.66 -37.12 -80.07
N LYS H 368 3.97 -38.40 -80.04
CA LYS H 368 5.00 -38.93 -79.16
C LYS H 368 6.37 -38.75 -79.80
N PRO H 369 7.45 -38.66 -79.00
CA PRO H 369 8.78 -38.54 -79.60
C PRO H 369 9.11 -39.52 -80.75
N GLU H 370 8.47 -40.69 -80.81
CA GLU H 370 8.68 -41.63 -81.93
C GLU H 370 8.06 -41.10 -83.22
N HIS H 371 6.90 -40.47 -83.08
CA HIS H 371 6.15 -39.91 -84.20
C HIS H 371 6.85 -38.71 -84.84
N LEU H 372 7.35 -37.80 -84.00
CA LEU H 372 8.19 -36.73 -84.52
C LEU H 372 9.43 -37.28 -85.21
N ALA H 373 10.10 -38.25 -84.56
CA ALA H 373 11.29 -38.89 -85.13
C ALA H 373 11.02 -39.67 -86.43
N GLU H 374 9.83 -40.26 -86.53
CA GLU H 374 9.37 -40.92 -87.76
C GLU H 374 9.07 -39.93 -88.88
N LEU H 375 8.44 -38.81 -88.51
CA LEU H 375 8.16 -37.73 -89.44
C LEU H 375 9.45 -37.16 -90.04
N VAL H 376 10.44 -36.87 -89.20
CA VAL H 376 11.72 -36.30 -89.67
C VAL H 376 12.43 -37.25 -90.63
N LYS H 377 12.13 -38.55 -90.53
CA LYS H 377 12.74 -39.60 -91.35
C LYS H 377 12.20 -39.57 -92.77
N LEU H 378 10.89 -39.37 -92.88
CA LEU H 378 10.22 -39.23 -94.17
C LEU H 378 10.67 -37.98 -94.98
N ILE H 379 10.83 -36.84 -94.30
CA ILE H 379 11.39 -35.62 -94.90
C ILE H 379 12.84 -35.81 -95.35
N LYS H 380 13.67 -36.37 -94.47
CA LYS H 380 15.10 -36.56 -94.73
C LYS H 380 15.39 -37.51 -95.90
N GLU H 381 14.67 -38.64 -95.94
CA GLU H 381 14.82 -39.66 -96.99
C GLU H 381 14.04 -39.32 -98.25
N LYS H 382 13.55 -38.07 -98.31
CA LYS H 382 12.79 -37.53 -99.45
C LYS H 382 11.54 -38.35 -99.81
N VAL H 383 11.02 -39.08 -98.83
CA VAL H 383 9.79 -39.82 -99.02
C VAL H 383 8.63 -38.83 -99.22
N ILE H 384 8.62 -37.77 -98.42
CA ILE H 384 7.67 -36.66 -98.59
C ILE H 384 8.35 -35.29 -98.52
N SER H 385 7.70 -34.30 -99.12
CA SER H 385 8.18 -32.91 -99.17
C SER H 385 7.80 -32.16 -97.91
N THR H 386 8.59 -31.12 -97.61
CA THR H 386 8.29 -30.19 -96.51
C THR H 386 6.83 -29.71 -96.51
N LYS H 387 6.31 -29.40 -97.70
CA LYS H 387 4.89 -29.03 -97.83
C LYS H 387 3.94 -30.10 -97.31
N ILE H 388 4.18 -31.35 -97.73
CA ILE H 388 3.38 -32.48 -97.32
C ILE H 388 3.56 -32.66 -95.82
N GLY H 389 4.82 -32.64 -95.40
CA GLY H 389 5.22 -32.73 -93.99
C GLY H 389 4.55 -31.74 -93.05
N LYS H 390 4.24 -30.54 -93.54
CA LYS H 390 3.56 -29.56 -92.69
C LYS H 390 2.06 -29.82 -92.60
N GLU H 391 1.54 -30.57 -93.58
CA GLU H 391 0.13 -30.97 -93.62
C GLU H 391 -0.11 -32.13 -92.67
N VAL H 392 0.78 -33.13 -92.74
CA VAL H 392 0.64 -34.32 -91.92
C VAL H 392 0.83 -34.09 -90.42
N ILE H 393 1.82 -33.26 -90.05
CA ILE H 393 2.06 -32.91 -88.63
C ILE H 393 0.87 -32.21 -87.97
N LYS H 394 0.18 -31.38 -88.75
CA LYS H 394 -1.00 -30.66 -88.25
C LYS H 394 -2.16 -31.62 -87.97
N GLU H 395 -2.13 -32.79 -88.61
CA GLU H 395 -3.14 -33.79 -88.36
C GLU H 395 -2.65 -34.84 -87.36
N MET H 396 -1.34 -35.03 -87.30
CA MET H 396 -0.73 -35.79 -86.20
C MET H 396 -1.15 -35.22 -84.85
N VAL H 397 -1.14 -33.89 -84.73
CA VAL H 397 -1.64 -33.17 -83.56
C VAL H 397 -3.14 -33.39 -83.36
N GLU H 398 -3.87 -33.47 -84.47
CA GLU H 398 -5.33 -33.60 -84.44
C GLU H 398 -5.84 -34.99 -84.07
N THR H 399 -5.14 -36.02 -84.53
CA THR H 399 -5.65 -37.38 -84.44
C THR H 399 -4.88 -38.18 -83.44
N GLY H 400 -3.56 -38.03 -83.46
CA GLY H 400 -2.68 -38.89 -82.69
C GLY H 400 -2.11 -40.05 -83.48
N LYS H 401 -2.47 -40.14 -84.76
CA LYS H 401 -1.98 -41.23 -85.59
C LYS H 401 -0.54 -40.95 -86.01
N THR H 402 0.21 -42.01 -86.28
CA THR H 402 1.60 -41.92 -86.74
C THR H 402 1.68 -41.20 -88.09
N PRO H 403 2.85 -40.61 -88.40
CA PRO H 403 3.13 -40.12 -89.76
C PRO H 403 2.82 -41.11 -90.90
N SER H 404 3.58 -42.22 -90.96
CA SER H 404 3.49 -43.23 -92.05
C SER H 404 2.11 -43.90 -92.21
N GLN H 405 1.30 -43.86 -91.14
CA GLN H 405 -0.10 -44.21 -91.22
C GLN H 405 -0.87 -43.25 -92.13
N ILE H 406 -0.96 -41.96 -91.74
CA ILE H 406 -1.71 -40.96 -92.51
C ILE H 406 -1.07 -40.64 -93.86
N VAL H 407 0.21 -40.97 -94.01
CA VAL H 407 0.88 -40.93 -95.31
C VAL H 407 0.30 -42.01 -96.25
N GLU H 408 0.07 -43.21 -95.72
CA GLU H 408 -0.63 -44.23 -96.49
C GLU H 408 -2.10 -43.83 -96.68
N GLU H 409 -2.81 -43.65 -95.57
CA GLU H 409 -4.22 -43.26 -95.56
C GLU H 409 -4.59 -42.15 -96.54
N LYS H 410 -3.68 -41.19 -96.76
CA LYS H 410 -3.96 -40.06 -97.66
C LYS H 410 -2.96 -39.90 -98.83
N GLY H 411 -2.37 -41.01 -99.25
CA GLY H 411 -1.67 -41.07 -100.52
C GLY H 411 -0.35 -40.34 -100.49
N LEU H 412 0.67 -40.94 -101.11
CA LEU H 412 2.06 -40.62 -100.80
C LEU H 412 2.33 -39.13 -101.01
N VAL I 2 10.68 -3.41 -11.54
CA VAL I 2 10.58 -3.20 -13.01
C VAL I 2 9.27 -2.45 -13.35
N ASP I 3 9.28 -1.60 -14.38
CA ASP I 3 8.15 -0.67 -14.66
C ASP I 3 6.75 -1.26 -14.78
N ARG I 4 5.75 -0.39 -14.65
CA ARG I 4 4.42 -0.71 -15.15
C ARG I 4 4.56 -0.96 -16.64
N GLU I 5 5.20 -0.03 -17.34
CA GLU I 5 5.44 -0.15 -18.77
C GLU I 5 5.95 -1.55 -19.19
N TRP I 6 6.95 -2.06 -18.47
CA TRP I 6 7.60 -3.32 -18.82
C TRP I 6 6.58 -4.43 -18.81
N VAL I 7 5.83 -4.48 -17.71
CA VAL I 7 4.80 -5.49 -17.50
C VAL I 7 3.76 -5.46 -18.61
N LEU I 8 3.31 -4.27 -18.99
CA LEU I 8 2.36 -4.12 -20.10
C LEU I 8 2.94 -4.68 -21.40
N LYS I 9 4.23 -4.38 -21.65
CA LYS I 9 4.97 -4.74 -22.86
C LYS I 9 5.15 -6.26 -22.96
N ILE I 10 5.51 -6.88 -21.84
CA ILE I 10 5.77 -8.31 -21.82
C ILE I 10 4.46 -9.07 -21.95
N ALA I 11 3.39 -8.52 -21.35
CA ALA I 11 2.04 -9.08 -21.44
C ALA I 11 1.51 -8.99 -22.86
N LYS I 12 1.87 -7.89 -23.53
CA LYS I 12 1.44 -7.68 -24.89
C LYS I 12 2.01 -8.76 -25.79
N LEU I 13 3.26 -9.15 -25.57
CA LEU I 13 3.95 -10.12 -26.42
C LEU I 13 3.38 -11.53 -26.30
N ALA I 14 2.85 -11.81 -25.12
CA ALA I 14 2.40 -13.15 -24.71
C ALA I 14 0.89 -13.28 -24.77
N ARG I 15 0.24 -12.13 -25.03
CA ARG I 15 -1.21 -11.99 -25.20
C ARG I 15 -1.93 -12.28 -23.91
N LEU I 16 -1.56 -11.53 -22.88
CA LEU I 16 -2.34 -11.48 -21.66
C LEU I 16 -2.86 -10.07 -21.53
N GLU I 17 -4.18 -9.94 -21.53
CA GLU I 17 -4.81 -8.66 -21.22
C GLU I 17 -4.98 -8.59 -19.71
N LEU I 18 -3.99 -8.03 -19.04
CA LEU I 18 -4.00 -8.03 -17.59
C LEU I 18 -5.09 -7.13 -17.02
N LYS I 19 -5.90 -7.69 -16.12
CA LYS I 19 -6.77 -6.89 -15.28
C LYS I 19 -5.89 -5.98 -14.39
N GLU I 20 -6.42 -4.81 -14.07
CA GLU I 20 -5.66 -3.72 -13.40
C GLU I 20 -5.01 -4.12 -12.07
N GLU I 21 -5.61 -5.11 -11.41
CA GLU I 21 -5.06 -5.71 -10.18
C GLU I 21 -3.80 -6.58 -10.41
N GLU I 22 -3.82 -7.42 -11.45
CA GLU I 22 -2.67 -8.29 -11.77
C GLU I 22 -1.40 -7.47 -12.07
N ILE I 23 -1.57 -6.33 -12.73
CA ILE I 23 -0.45 -5.47 -13.14
C ILE I 23 0.38 -5.03 -11.93
N GLU I 24 -0.29 -4.56 -10.88
CA GLU I 24 0.40 -4.12 -9.66
C GLU I 24 1.11 -5.27 -8.97
N VAL I 25 0.44 -6.41 -8.82
CA VAL I 25 1.01 -7.58 -8.14
C VAL I 25 2.11 -8.21 -8.97
N PHE I 26 1.92 -8.22 -10.29
CA PHE I 26 2.93 -8.80 -11.13
C PHE I 26 4.17 -7.92 -11.24
N GLN I 27 4.09 -6.67 -10.81
CA GLN I 27 5.29 -5.82 -10.74
C GLN I 27 6.19 -6.26 -9.59
N LYS I 28 5.59 -6.42 -8.41
CA LYS I 28 6.34 -6.79 -7.23
C LYS I 28 6.82 -8.22 -7.34
N GLN I 29 5.92 -9.14 -7.74
CA GLN I 29 6.26 -10.57 -7.80
C GLN I 29 7.37 -10.88 -8.78
N LEU I 30 7.24 -10.38 -9.99
CA LEU I 30 8.23 -10.56 -11.03
C LEU I 30 9.57 -9.87 -10.75
N SER I 31 9.52 -8.68 -10.13
CA SER I 31 10.75 -8.02 -9.67
C SER I 31 11.51 -8.93 -8.69
N ASP I 32 10.76 -9.40 -7.68
CA ASP I 32 11.24 -10.31 -6.65
C ASP I 32 11.83 -11.56 -7.28
N ILE I 33 11.09 -12.17 -8.20
CA ILE I 33 11.54 -13.39 -8.88
C ILE I 33 12.78 -13.12 -9.70
N LEU I 34 12.82 -11.96 -10.37
CA LEU I 34 13.99 -11.59 -11.15
C LEU I 34 15.25 -11.44 -10.32
N ASP I 35 15.11 -10.93 -9.11
CA ASP I 35 16.19 -10.90 -8.13
C ASP I 35 16.50 -12.29 -7.68
N PHE I 36 15.47 -13.09 -7.52
CA PHE I 36 15.64 -14.43 -6.99
C PHE I 36 16.49 -15.32 -7.88
N ILE I 37 16.34 -15.19 -9.20
CA ILE I 37 17.05 -16.08 -10.12
C ILE I 37 18.35 -15.46 -10.66
N ASP I 38 18.81 -14.40 -10.02
CA ASP I 38 20.01 -13.69 -10.45
C ASP I 38 21.33 -14.19 -9.89
N GLN I 39 21.50 -15.51 -9.85
CA GLN I 39 22.72 -16.07 -9.30
C GLN I 39 23.74 -16.49 -10.37
N LEU I 40 23.43 -16.33 -11.64
CA LEU I 40 24.21 -17.01 -12.66
C LEU I 40 25.38 -16.22 -13.31
N LYS I 41 25.40 -14.90 -13.14
CA LYS I 41 26.55 -14.10 -13.60
C LYS I 41 27.85 -14.61 -12.96
N GLU I 42 27.77 -14.86 -11.67
CA GLU I 42 28.86 -15.44 -10.87
C GLU I 42 29.63 -16.53 -11.61
N LEU I 43 28.96 -17.28 -12.48
CA LEU I 43 29.56 -18.45 -13.12
C LEU I 43 30.13 -18.16 -14.49
N ASP I 44 31.29 -18.74 -14.78
CA ASP I 44 31.93 -18.58 -16.09
C ASP I 44 31.41 -19.64 -17.08
N THR I 45 30.72 -19.17 -18.12
CA THR I 45 30.15 -20.06 -19.12
C THR I 45 30.60 -19.68 -20.52
N GLU I 46 31.63 -18.85 -20.61
CA GLU I 46 32.62 -18.95 -21.68
C GLU I 46 33.21 -20.35 -21.75
N ASN I 47 33.03 -21.00 -22.90
CA ASN I 47 33.65 -22.30 -23.14
C ASN I 47 32.84 -23.45 -22.53
N VAL I 48 31.55 -23.21 -22.35
CA VAL I 48 30.61 -24.28 -21.93
C VAL I 48 29.54 -24.45 -23.01
N GLU I 49 29.40 -25.65 -23.57
CA GLU I 49 28.33 -25.88 -24.53
C GLU I 49 27.02 -25.87 -23.76
N PRO I 50 25.97 -25.25 -24.32
CA PRO I 50 24.63 -25.48 -23.79
C PRO I 50 24.27 -26.98 -23.75
N TYR I 51 23.36 -27.33 -22.83
CA TYR I 51 22.92 -28.71 -22.62
C TYR I 51 22.03 -29.29 -23.75
N ILE I 52 22.38 -30.46 -24.26
CA ILE I 52 21.45 -31.27 -25.06
C ILE I 52 21.52 -32.70 -24.57
N GLN I 53 20.48 -33.48 -24.78
CA GLN I 53 20.61 -34.90 -24.53
C GLN I 53 21.49 -35.49 -25.63
N GLU I 54 22.22 -36.54 -25.29
CA GLU I 54 23.08 -37.20 -26.29
C GLU I 54 22.23 -38.12 -27.15
N PHE I 55 22.62 -38.30 -28.42
CA PHE I 55 21.77 -39.07 -29.33
C PHE I 55 22.41 -39.99 -30.38
N GLU I 56 23.52 -39.58 -31.01
CA GLU I 56 24.15 -40.47 -32.03
C GLU I 56 23.63 -40.24 -33.44
N GLU I 57 22.31 -40.25 -33.62
CA GLU I 57 21.69 -39.91 -34.90
C GLU I 57 20.39 -39.10 -34.75
N THR I 58 20.21 -38.05 -35.54
CA THR I 58 18.93 -37.33 -35.54
C THR I 58 17.82 -38.31 -35.95
N PRO I 59 16.81 -38.50 -35.09
CA PRO I 59 15.62 -39.33 -35.37
C PRO I 59 14.77 -38.79 -36.49
N MET I 60 14.64 -39.58 -37.55
CA MET I 60 13.87 -39.16 -38.70
C MET I 60 12.84 -40.19 -39.05
N ARG I 61 12.00 -39.85 -39.99
CA ARG I 61 10.76 -40.55 -40.25
C ARG I 61 10.69 -40.71 -41.75
N GLU I 62 10.31 -41.88 -42.25
CA GLU I 62 10.11 -42.03 -43.69
C GLU I 62 8.94 -41.19 -44.18
N ASP I 63 9.00 -40.77 -45.44
CA ASP I 63 7.93 -39.97 -46.04
C ASP I 63 6.72 -40.87 -46.44
N GLU I 64 5.94 -41.34 -45.46
CA GLU I 64 4.79 -42.21 -45.76
C GLU I 64 3.60 -41.77 -44.98
N PRO I 65 2.45 -41.63 -45.65
CA PRO I 65 1.19 -41.23 -45.07
C PRO I 65 0.75 -42.05 -43.86
N HIS I 66 0.27 -41.36 -42.83
CA HIS I 66 -0.37 -41.98 -41.68
C HIS I 66 -1.78 -41.43 -41.62
N PRO I 67 -2.78 -42.29 -41.31
CA PRO I 67 -4.17 -41.86 -41.19
C PRO I 67 -4.35 -40.59 -40.37
N SER I 68 -4.79 -39.51 -41.00
CA SER I 68 -5.12 -38.26 -40.32
C SER I 68 -6.22 -38.47 -39.31
N LEU I 69 -6.25 -37.59 -38.32
CA LEU I 69 -7.31 -37.58 -37.32
C LEU I 69 -8.64 -37.33 -37.98
N ASP I 70 -9.66 -38.07 -37.59
CA ASP I 70 -10.99 -37.88 -38.16
C ASP I 70 -11.49 -36.41 -37.99
N ARG I 71 -12.00 -35.82 -39.07
CA ARG I 71 -12.29 -34.39 -39.07
C ARG I 71 -13.22 -33.92 -37.94
N GLU I 72 -14.14 -34.78 -37.51
CA GLU I 72 -15.08 -34.41 -36.43
C GLU I 72 -14.37 -34.31 -35.06
N LYS I 73 -13.36 -35.15 -34.86
CA LYS I 73 -12.56 -35.10 -33.66
C LYS I 73 -11.64 -33.89 -33.68
N ALA I 74 -11.11 -33.58 -34.85
CA ALA I 74 -10.26 -32.42 -35.05
C ALA I 74 -11.02 -31.14 -34.80
N LEU I 75 -12.34 -31.17 -35.02
CA LEU I 75 -13.16 -29.97 -34.88
C LEU I 75 -13.99 -29.90 -33.60
N MET I 76 -14.28 -31.07 -33.02
CA MET I 76 -15.17 -31.19 -31.86
C MET I 76 -14.94 -30.21 -30.72
N ASN I 77 -13.69 -29.88 -30.42
CA ASN I 77 -13.41 -28.95 -29.35
C ASN I 77 -13.54 -27.50 -29.75
N ALA I 78 -13.58 -27.21 -31.04
CA ALA I 78 -13.58 -25.81 -31.48
C ALA I 78 -14.67 -24.94 -30.81
N PRO I 79 -14.28 -23.79 -30.25
CA PRO I 79 -15.23 -22.69 -29.87
C PRO I 79 -16.31 -22.35 -30.91
N GLU I 80 -15.96 -22.41 -32.20
CA GLU I 80 -16.85 -22.10 -33.30
C GLU I 80 -16.32 -22.78 -34.58
N ARG I 81 -17.12 -23.66 -35.19
CA ARG I 81 -16.74 -24.18 -36.52
C ARG I 81 -17.76 -23.79 -37.61
N LYS I 82 -17.32 -23.77 -38.88
CA LYS I 82 -18.23 -23.61 -40.04
C LYS I 82 -17.69 -24.32 -41.29
N ASP I 83 -18.51 -25.20 -41.87
CA ASP I 83 -18.19 -25.86 -43.15
C ASP I 83 -16.86 -26.63 -43.22
N GLY I 84 -16.33 -27.04 -42.07
CA GLY I 84 -15.01 -27.69 -42.05
C GLY I 84 -13.87 -26.81 -41.58
N PHE I 85 -14.16 -25.53 -41.36
CA PHE I 85 -13.17 -24.53 -41.00
C PHE I 85 -13.32 -24.20 -39.55
N PHE I 86 -12.20 -23.81 -38.94
CA PHE I 86 -12.21 -23.19 -37.62
C PHE I 86 -12.65 -21.73 -37.80
N VAL I 87 -13.43 -21.19 -36.88
CA VAL I 87 -13.89 -19.82 -37.04
C VAL I 87 -13.39 -18.84 -35.97
N VAL I 88 -12.83 -17.73 -36.41
CA VAL I 88 -12.46 -16.65 -35.50
C VAL I 88 -12.98 -15.30 -36.00
N PRO I 89 -13.03 -14.32 -35.11
CA PRO I 89 -13.03 -12.91 -35.52
C PRO I 89 -12.09 -12.66 -36.68
N ARG I 90 -12.54 -11.86 -37.65
CA ARG I 90 -11.81 -11.70 -38.90
C ARG I 90 -10.33 -11.40 -38.65
N VAL I 91 -9.48 -11.85 -39.56
CA VAL I 91 -8.08 -11.43 -39.57
C VAL I 91 -7.71 -10.72 -40.87
N VAL I 92 -6.93 -9.65 -40.75
CA VAL I 92 -6.85 -8.64 -41.80
C VAL I 92 -5.69 -8.92 -42.76
N MET J 1 -102.13 -38.00 33.22
CA MET J 1 -101.32 -38.74 34.24
C MET J 1 -99.80 -38.56 34.05
N LEU J 2 -99.43 -37.43 33.43
CA LEU J 2 -98.04 -36.97 33.24
C LEU J 2 -97.28 -37.62 32.10
N TRP J 3 -97.08 -38.94 32.16
CA TRP J 3 -96.53 -39.66 31.03
C TRP J 3 -97.52 -39.68 29.87
N LYS J 4 -98.76 -39.34 30.16
CA LYS J 4 -99.83 -39.26 29.18
C LYS J 4 -99.89 -37.87 28.55
N LYS J 5 -99.00 -36.97 28.98
CA LYS J 5 -98.99 -35.59 28.49
C LYS J 5 -97.99 -35.34 27.38
N SER J 6 -98.32 -34.40 26.51
CA SER J 6 -97.46 -33.98 25.40
C SER J 6 -96.31 -33.13 25.90
N LEU J 7 -95.35 -32.85 25.03
CA LEU J 7 -94.22 -32.00 25.40
C LEU J 7 -94.63 -30.54 25.61
N SER J 8 -95.73 -30.14 24.99
CA SER J 8 -96.31 -28.81 25.21
C SER J 8 -96.90 -28.71 26.61
N GLU J 9 -97.68 -29.72 26.98
CA GLU J 9 -98.25 -29.83 28.29
C GLU J 9 -97.16 -29.94 29.34
N LEU J 10 -96.18 -30.79 29.06
CA LEU J 10 -95.04 -30.97 29.94
C LEU J 10 -94.20 -29.71 30.11
N ARG J 11 -93.91 -29.02 29.01
CA ARG J 11 -93.05 -27.83 29.04
C ARG J 11 -93.67 -26.70 29.85
N GLU J 12 -94.96 -26.45 29.63
CA GLU J 12 -95.71 -25.42 30.35
C GLU J 12 -95.65 -25.66 31.85
N LEU J 13 -95.83 -26.93 32.25
CA LEU J 13 -95.74 -27.35 33.65
C LEU J 13 -94.33 -27.19 34.24
N LEU J 14 -93.32 -27.40 33.41
CA LEU J 14 -91.93 -27.32 33.85
C LEU J 14 -91.46 -25.87 33.97
N LYS J 15 -91.88 -25.04 33.03
CA LYS J 15 -91.48 -23.64 33.01
C LYS J 15 -92.05 -22.88 34.21
N ARG J 16 -93.28 -23.23 34.61
CA ARG J 16 -93.95 -22.60 35.76
C ARG J 16 -93.77 -23.38 37.08
N GLY J 17 -92.81 -24.30 37.09
CA GLY J 17 -92.45 -25.01 38.31
C GLY J 17 -93.47 -25.95 38.86
N GLU J 18 -94.64 -26.03 38.24
CA GLU J 18 -95.71 -26.95 38.68
C GLU J 18 -95.18 -28.39 38.80
N VAL J 19 -94.20 -28.73 37.96
CA VAL J 19 -93.55 -30.04 38.00
C VAL J 19 -92.04 -29.89 37.83
N SER J 20 -91.29 -30.88 38.31
CA SER J 20 -89.84 -30.89 38.16
C SER J 20 -89.42 -31.98 37.17
N PRO J 21 -88.22 -31.83 36.58
CA PRO J 21 -87.72 -32.83 35.64
C PRO J 21 -87.67 -34.24 36.24
N LYS J 22 -87.36 -34.33 37.53
CA LYS J 22 -87.30 -35.60 38.23
C LYS J 22 -88.66 -36.32 38.20
N GLU J 23 -89.72 -35.55 38.43
CA GLU J 23 -91.08 -36.10 38.46
C GLU J 23 -91.47 -36.68 37.10
N VAL J 24 -91.21 -35.89 36.05
CA VAL J 24 -91.46 -36.31 34.67
C VAL J 24 -90.78 -37.64 34.41
N VAL J 25 -89.49 -37.74 34.74
CA VAL J 25 -88.73 -38.99 34.57
C VAL J 25 -89.36 -40.13 35.38
N GLU J 26 -89.71 -39.87 36.64
CA GLU J 26 -90.39 -40.83 37.51
C GLU J 26 -91.66 -41.38 36.85
N SER J 27 -92.42 -40.46 36.24
CA SER J 27 -93.68 -40.79 35.58
C SER J 27 -93.47 -41.83 34.48
N PHE J 28 -92.56 -41.52 33.56
CA PHE J 28 -92.22 -42.42 32.44
C PHE J 28 -91.59 -43.71 32.94
N TYR J 29 -90.84 -43.61 34.03
CA TYR J 29 -90.19 -44.73 34.67
C TYR J 29 -91.23 -45.75 35.18
N ASP J 30 -92.27 -45.25 35.84
CA ASP J 30 -93.32 -46.09 36.37
C ASP J 30 -94.05 -46.83 35.26
N ARG J 31 -94.30 -46.13 34.16
CA ARG J 31 -95.01 -46.71 33.02
C ARG J 31 -94.09 -47.63 32.21
N TYR J 32 -92.79 -47.35 32.27
CA TYR J 32 -91.78 -48.33 31.88
C TYR J 32 -91.94 -49.63 32.67
N ASN J 33 -92.00 -49.50 34.00
CA ASN J 33 -92.19 -50.65 34.87
C ASN J 33 -93.50 -51.39 34.57
N GLN J 34 -94.53 -50.63 34.19
CA GLN J 34 -95.82 -51.22 33.85
C GLN J 34 -95.68 -52.15 32.65
N THR J 35 -94.86 -51.78 31.69
CA THR J 35 -95.05 -52.19 30.31
C THR J 35 -93.94 -53.13 29.85
N GLU J 36 -92.76 -52.97 30.43
CA GLU J 36 -91.51 -53.36 29.77
C GLU J 36 -91.38 -54.88 29.69
N GLU J 37 -91.90 -55.57 30.70
CA GLU J 37 -91.88 -57.03 30.73
C GLU J 37 -92.59 -57.65 29.50
N LYS J 38 -93.65 -56.96 29.04
CA LYS J 38 -94.43 -57.36 27.87
C LYS J 38 -93.74 -56.93 26.56
N VAL J 39 -93.38 -55.63 26.50
CA VAL J 39 -92.86 -54.96 25.30
C VAL J 39 -91.37 -55.26 25.00
N LYS J 40 -90.51 -55.10 26.01
CA LYS J 40 -89.04 -55.23 25.87
C LYS J 40 -88.44 -54.25 24.86
N ALA J 41 -88.71 -52.96 25.09
CA ALA J 41 -88.25 -51.89 24.23
C ALA J 41 -86.76 -51.62 24.41
N TYR J 42 -86.26 -51.82 25.62
CA TYR J 42 -84.90 -51.38 25.96
C TYR J 42 -83.86 -52.50 26.03
N ILE J 43 -82.64 -52.16 25.61
CA ILE J 43 -81.46 -52.93 25.88
C ILE J 43 -80.86 -52.43 27.21
N THR J 44 -80.75 -51.12 27.35
CA THR J 44 -80.16 -50.51 28.54
C THR J 44 -81.05 -49.38 29.01
N PRO J 45 -81.87 -49.65 30.03
CA PRO J 45 -82.70 -48.59 30.59
C PRO J 45 -81.81 -47.66 31.37
N LEU J 46 -82.05 -46.37 31.26
CA LEU J 46 -81.20 -45.38 31.91
C LEU J 46 -81.97 -44.41 32.79
N TYR J 47 -83.21 -44.77 33.12
CA TYR J 47 -84.09 -43.98 33.94
C TYR J 47 -83.43 -43.65 35.29
N GLY J 48 -82.77 -44.65 35.88
CA GLY J 48 -82.03 -44.48 37.12
C GLY J 48 -81.05 -43.33 37.01
N LYS J 49 -80.27 -43.35 35.93
CA LYS J 49 -79.23 -42.36 35.72
C LYS J 49 -79.85 -41.01 35.40
N ALA J 50 -80.99 -41.05 34.70
CA ALA J 50 -81.71 -39.85 34.31
C ALA J 50 -82.31 -39.14 35.52
N LEU J 51 -82.81 -39.92 36.47
CA LEU J 51 -83.31 -39.37 37.72
C LEU J 51 -82.25 -38.51 38.40
N LYS J 52 -81.01 -39.02 38.46
CA LYS J 52 -79.88 -38.29 39.04
C LYS J 52 -79.48 -37.04 38.25
N GLN J 53 -79.48 -37.16 36.92
CA GLN J 53 -79.14 -36.03 36.06
C GLN J 53 -80.19 -34.90 36.14
N ALA J 54 -81.42 -35.28 36.47
CA ALA J 54 -82.54 -34.35 36.57
C ALA J 54 -82.37 -33.36 37.72
N GLU J 55 -81.76 -33.84 38.81
CA GLU J 55 -81.49 -33.05 40.01
C GLU J 55 -80.71 -31.78 39.69
N SER J 56 -79.77 -31.90 38.75
CA SER J 56 -78.86 -30.81 38.40
C SER J 56 -79.37 -29.97 37.25
N LEU J 57 -80.52 -30.33 36.72
CA LEU J 57 -81.12 -29.60 35.61
C LEU J 57 -81.90 -28.38 36.14
N LYS J 58 -81.52 -27.19 35.69
CA LYS J 58 -82.07 -25.97 36.29
C LYS J 58 -82.69 -24.96 35.32
N GLU J 59 -81.99 -24.68 34.23
CA GLU J 59 -82.43 -23.66 33.29
C GLU J 59 -83.67 -24.09 32.50
N ARG J 60 -84.83 -23.54 32.86
CA ARG J 60 -86.10 -24.04 32.32
C ARG J 60 -86.39 -23.61 30.88
N GLU J 61 -85.73 -22.56 30.43
CA GLU J 61 -85.99 -22.03 29.08
C GLU J 61 -85.31 -22.81 27.94
N LEU J 62 -84.53 -23.83 28.31
CA LEU J 62 -83.91 -24.76 27.37
C LEU J 62 -84.99 -25.52 26.62
N PRO J 63 -84.85 -25.58 25.28
CA PRO J 63 -85.87 -26.06 24.35
C PRO J 63 -86.48 -27.39 24.72
N LEU J 64 -85.69 -28.31 25.27
CA LEU J 64 -86.21 -29.61 25.70
C LEU J 64 -86.06 -29.81 27.22
N PHE J 65 -86.17 -28.71 27.95
CA PHE J 65 -85.78 -28.64 29.37
C PHE J 65 -85.88 -29.93 30.21
N GLY J 66 -87.03 -30.57 30.30
CA GLY J 66 -87.06 -31.74 31.17
C GLY J 66 -87.49 -33.03 30.50
N ILE J 67 -87.31 -33.08 29.19
CA ILE J 67 -87.92 -34.13 28.40
C ILE J 67 -87.10 -35.41 28.32
N PRO J 68 -87.68 -36.54 28.75
CA PRO J 68 -87.04 -37.83 28.55
C PRO J 68 -87.04 -38.19 27.07
N ILE J 69 -85.96 -38.84 26.63
CA ILE J 69 -85.82 -39.32 25.26
C ILE J 69 -85.12 -40.69 25.18
N ALA J 70 -85.76 -41.64 24.51
CA ALA J 70 -85.14 -42.96 24.27
C ALA J 70 -84.26 -42.82 23.05
N VAL J 71 -83.22 -43.66 22.96
CA VAL J 71 -82.23 -43.56 21.88
C VAL J 71 -81.88 -44.97 21.39
N LYS J 72 -81.90 -45.14 20.07
CA LYS J 72 -81.60 -46.43 19.47
C LYS J 72 -80.18 -46.85 19.85
N ASP J 73 -79.96 -48.15 20.10
CA ASP J 73 -78.63 -48.57 20.60
C ASP J 73 -77.57 -48.75 19.53
N ASN J 74 -77.69 -47.98 18.45
CA ASN J 74 -76.60 -47.80 17.51
C ASN J 74 -76.22 -46.33 17.48
N ILE J 75 -76.77 -45.53 18.37
CA ILE J 75 -76.30 -44.18 18.52
C ILE J 75 -75.50 -44.16 19.81
N LEU J 76 -74.29 -43.62 19.76
CA LEU J 76 -73.39 -43.61 20.92
C LEU J 76 -73.76 -42.55 21.97
N VAL J 77 -73.94 -43.04 23.20
CA VAL J 77 -74.14 -42.20 24.37
C VAL J 77 -73.01 -42.53 25.33
N GLU J 78 -72.22 -41.53 25.67
CA GLU J 78 -70.95 -41.75 26.35
C GLU J 78 -71.07 -42.27 27.76
N GLY J 79 -70.20 -43.21 28.13
CA GLY J 79 -70.19 -43.75 29.46
C GLY J 79 -71.10 -44.96 29.57
N GLU J 80 -71.99 -45.14 28.59
CA GLU J 80 -72.97 -46.24 28.60
C GLU J 80 -72.74 -47.16 27.43
N LYS J 81 -73.10 -48.44 27.62
CA LYS J 81 -72.98 -49.46 26.56
C LYS J 81 -73.69 -49.06 25.25
N THR J 82 -73.01 -49.26 24.12
CA THR J 82 -73.62 -49.14 22.80
C THR J 82 -73.40 -50.48 22.08
N THR J 83 -74.45 -51.28 22.03
CA THR J 83 -74.33 -52.69 21.62
C THR J 83 -74.64 -52.98 20.15
N CYS J 84 -75.41 -52.09 19.53
CA CYS J 84 -76.01 -52.34 18.21
C CYS J 84 -76.76 -53.66 18.22
N ALA J 85 -77.24 -54.02 19.40
CA ALA J 85 -77.88 -55.30 19.60
C ALA J 85 -77.03 -56.44 19.04
N SER J 86 -75.71 -56.34 19.22
CA SER J 86 -74.77 -57.36 18.75
C SER J 86 -73.92 -57.97 19.87
N LYS J 87 -73.66 -59.28 19.76
CA LYS J 87 -72.70 -59.98 20.63
C LYS J 87 -71.34 -59.33 20.52
N ILE J 88 -71.00 -58.88 19.31
CA ILE J 88 -69.67 -58.37 19.02
C ILE J 88 -69.40 -57.04 19.72
N LEU J 89 -70.49 -56.41 20.19
CA LEU J 89 -70.45 -55.11 20.88
C LEU J 89 -71.20 -55.05 22.22
N GLU J 90 -71.60 -56.18 22.78
CA GLU J 90 -72.06 -56.09 24.17
C GLU J 90 -70.84 -55.87 25.01
N ASN J 91 -70.97 -55.03 26.01
CA ASN J 91 -69.81 -54.69 26.84
C ASN J 91 -68.95 -53.59 26.24
N PHE J 92 -69.30 -53.14 25.04
CA PHE J 92 -68.66 -51.95 24.48
C PHE J 92 -69.19 -50.67 25.13
N VAL J 93 -68.35 -49.98 25.90
CA VAL J 93 -68.75 -48.70 26.47
C VAL J 93 -68.36 -47.57 25.54
N ALA J 94 -69.31 -46.69 25.25
CA ALA J 94 -69.10 -45.59 24.32
C ALA J 94 -68.17 -44.56 24.91
N PRO J 95 -67.04 -44.30 24.23
CA PRO J 95 -66.06 -43.30 24.61
C PRO J 95 -66.39 -41.86 24.25
N TYR J 96 -67.48 -41.64 23.53
CA TYR J 96 -67.85 -40.29 23.10
C TYR J 96 -69.34 -40.20 22.78
N ASP J 97 -69.84 -38.97 22.70
CA ASP J 97 -71.24 -38.70 22.36
C ASP J 97 -71.42 -38.57 20.85
N ALA J 98 -72.38 -39.28 20.27
CA ALA J 98 -72.88 -38.90 18.96
C ALA J 98 -73.22 -37.40 18.98
N THR J 99 -73.08 -36.72 17.85
CA THR J 99 -73.38 -35.31 17.78
C THR J 99 -74.82 -34.99 18.19
N VAL J 100 -75.78 -35.82 17.78
CA VAL J 100 -77.18 -35.62 18.15
C VAL J 100 -77.37 -35.67 19.66
N ILE J 101 -76.66 -36.56 20.34
CA ILE J 101 -76.78 -36.71 21.78
C ILE J 101 -76.20 -35.50 22.49
N GLU J 102 -75.13 -34.98 21.93
CA GLU J 102 -74.51 -33.73 22.37
C GLU J 102 -75.53 -32.59 22.33
N ARG J 103 -76.26 -32.52 21.22
CA ARG J 103 -77.20 -31.45 20.96
C ARG J 103 -78.49 -31.60 21.76
N LEU J 104 -78.89 -32.82 22.06
CA LEU J 104 -80.03 -33.05 22.94
C LEU J 104 -79.69 -32.70 24.39
N LYS J 105 -78.51 -33.10 24.87
CA LYS J 105 -78.05 -32.82 26.22
C LYS J 105 -77.98 -31.33 26.42
N LYS J 106 -77.47 -30.63 25.40
CA LYS J 106 -77.35 -29.20 25.48
C LYS J 106 -78.72 -28.54 25.48
N ALA J 107 -79.73 -29.26 25.01
CA ALA J 107 -81.09 -28.72 24.93
C ALA J 107 -81.93 -29.07 26.16
N GLY J 108 -81.29 -29.71 27.13
CA GLY J 108 -81.91 -30.04 28.38
C GLY J 108 -82.58 -31.40 28.42
N ALA J 109 -82.57 -32.12 27.30
CA ALA J 109 -83.19 -33.45 27.26
C ALA J 109 -82.52 -34.44 28.23
N LEU J 110 -83.24 -35.50 28.56
CA LEU J 110 -82.68 -36.51 29.42
C LEU J 110 -82.77 -37.89 28.78
N ILE J 111 -81.61 -38.45 28.44
CA ILE J 111 -81.57 -39.82 27.86
C ILE J 111 -81.99 -40.91 28.85
N VAL J 112 -83.07 -41.59 28.50
CA VAL J 112 -83.78 -42.40 29.43
C VAL J 112 -83.50 -43.89 29.15
N GLY J 113 -82.83 -44.18 28.04
CA GLY J 113 -82.45 -45.54 27.75
C GLY J 113 -81.98 -45.81 26.35
N LYS J 114 -81.35 -46.97 26.19
CA LYS J 114 -80.88 -47.42 24.90
C LYS J 114 -81.79 -48.53 24.44
N THR J 115 -82.29 -48.33 23.23
CA THR J 115 -83.44 -49.03 22.75
C THR J 115 -83.09 -50.26 21.87
N ASN J 116 -83.90 -51.31 21.93
CA ASN J 116 -83.64 -52.51 21.16
C ASN J 116 -83.70 -52.26 19.66
N LEU J 117 -82.96 -53.07 18.88
CA LEU J 117 -82.92 -53.00 17.41
C LEU J 117 -82.53 -54.33 16.79
N ASP J 118 -82.75 -54.48 15.49
CA ASP J 118 -82.15 -55.58 14.76
C ASP J 118 -80.64 -55.36 14.84
N GLU J 119 -79.88 -56.46 14.86
CA GLU J 119 -78.42 -56.39 15.03
C GLU J 119 -77.82 -55.59 13.90
N PHE J 120 -77.10 -54.55 14.29
CA PHE J 120 -76.48 -53.57 13.40
C PHE J 120 -77.49 -52.93 12.46
N ALA J 121 -78.73 -52.79 12.94
CA ALA J 121 -79.78 -52.06 12.23
C ALA J 121 -80.19 -52.70 10.92
N MET J 122 -79.92 -54.00 10.81
CA MET J 122 -80.22 -54.78 9.62
C MET J 122 -81.39 -55.73 9.82
N GLY J 123 -82.56 -55.37 9.28
CA GLY J 123 -83.79 -56.15 9.42
C GLY J 123 -85.04 -55.29 9.53
N SER J 124 -86.20 -55.93 9.54
CA SER J 124 -87.45 -55.20 9.47
C SER J 124 -88.48 -55.64 10.50
N SER J 125 -88.01 -56.18 11.64
CA SER J 125 -88.92 -56.66 12.68
C SER J 125 -88.31 -56.69 14.08
N THR J 126 -87.01 -56.41 14.19
CA THR J 126 -86.29 -56.38 15.48
C THR J 126 -86.01 -57.78 16.02
N GLU J 127 -86.57 -58.77 15.35
CA GLU J 127 -86.25 -60.19 15.62
C GLU J 127 -84.77 -60.55 15.59
N TYR J 128 -83.97 -59.80 14.81
CA TYR J 128 -82.53 -60.06 14.70
C TYR J 128 -81.69 -59.37 15.77
N SER J 129 -82.34 -58.78 16.76
CA SER J 129 -81.67 -58.38 17.97
C SER J 129 -80.98 -59.63 18.51
N ALA J 130 -79.69 -59.50 18.81
CA ALA J 130 -78.92 -60.65 19.33
C ALA J 130 -79.31 -61.03 20.76
N PHE J 131 -80.15 -60.21 21.38
CA PHE J 131 -80.47 -60.33 22.80
C PHE J 131 -81.88 -60.85 23.09
N PHE J 132 -82.86 -60.28 22.40
CA PHE J 132 -84.25 -60.65 22.56
C PHE J 132 -85.13 -59.81 21.63
N PRO J 133 -86.28 -60.39 21.21
CA PRO J 133 -87.28 -59.63 20.44
C PRO J 133 -87.99 -58.53 21.23
N THR J 134 -88.20 -57.39 20.59
CA THR J 134 -89.18 -56.43 21.06
C THR J 134 -90.55 -56.83 20.49
N LYS J 135 -91.62 -56.57 21.24
CA LYS J 135 -92.97 -56.94 20.82
C LYS J 135 -93.86 -55.71 20.59
N ASN J 136 -94.76 -55.81 19.61
CA ASN J 136 -95.73 -54.78 19.29
C ASN J 136 -96.76 -54.62 20.43
N PRO J 137 -96.78 -53.43 21.06
CA PRO J 137 -97.73 -53.17 22.17
C PRO J 137 -99.22 -53.16 21.77
N TRP J 138 -99.52 -53.26 20.48
CA TRP J 138 -100.92 -53.42 20.06
C TRP J 138 -101.30 -54.89 19.86
N ASP J 139 -100.29 -55.75 19.82
CA ASP J 139 -100.51 -57.18 19.86
C ASP J 139 -99.14 -57.87 20.02
N LEU J 140 -98.88 -58.37 21.22
CA LEU J 140 -97.56 -58.88 21.52
C LEU J 140 -97.29 -60.22 20.81
N GLU J 141 -98.26 -60.71 20.03
CA GLU J 141 -97.97 -61.82 19.12
C GLU J 141 -97.31 -61.28 17.83
N ARG J 142 -97.22 -59.96 17.73
CA ARG J 142 -96.79 -59.31 16.49
C ARG J 142 -95.53 -58.44 16.64
N VAL J 143 -94.80 -58.29 15.54
CA VAL J 143 -93.54 -57.55 15.52
C VAL J 143 -93.79 -56.05 15.53
N PRO J 144 -92.91 -55.26 16.18
CA PRO J 144 -93.07 -53.79 16.16
C PRO J 144 -92.46 -53.13 14.92
N GLY J 145 -91.90 -53.93 14.03
CA GLY J 145 -91.11 -53.39 12.91
C GLY J 145 -89.63 -53.36 13.22
N GLY J 146 -88.85 -52.96 12.22
CA GLY J 146 -87.42 -52.82 12.43
C GLY J 146 -86.75 -51.99 11.36
N SER J 147 -85.54 -51.52 11.63
CA SER J 147 -84.77 -51.96 12.77
C SER J 147 -84.97 -51.18 14.06
N SER J 148 -85.51 -49.98 14.00
CA SER J 148 -85.76 -49.21 15.23
C SER J 148 -86.99 -49.67 16.03
N GLY J 149 -87.11 -50.98 16.25
CA GLY J 149 -88.28 -51.55 16.91
C GLY J 149 -88.58 -51.07 18.31
N GLY J 150 -87.57 -51.07 19.18
CA GLY J 150 -87.71 -50.52 20.53
C GLY J 150 -88.01 -49.02 20.59
N SER J 151 -87.44 -48.25 19.69
CA SER J 151 -87.66 -46.80 19.68
C SER J 151 -89.10 -46.43 19.37
N ALA J 152 -89.69 -47.21 18.46
CA ALA J 152 -91.08 -47.04 18.07
C ALA J 152 -91.99 -47.53 19.19
N ALA J 153 -91.68 -48.71 19.72
CA ALA J 153 -92.49 -49.37 20.74
C ALA J 153 -92.60 -48.54 22.01
N SER J 154 -91.48 -48.07 22.53
CA SER J 154 -91.48 -47.29 23.76
C SER J 154 -92.23 -45.96 23.60
N VAL J 155 -92.26 -45.41 22.39
CA VAL J 155 -93.05 -44.19 22.13
C VAL J 155 -94.53 -44.56 22.03
N ALA J 156 -94.81 -45.76 21.54
CA ALA J 156 -96.17 -46.23 21.41
C ALA J 156 -96.80 -46.48 22.79
N VAL J 157 -96.13 -47.22 23.68
CA VAL J 157 -96.64 -47.42 25.06
C VAL J 157 -96.45 -46.18 25.90
N LEU J 158 -95.67 -45.24 25.40
CA LEU J 158 -95.36 -44.02 26.14
C LEU J 158 -94.50 -44.25 27.39
N SER J 159 -93.60 -45.23 27.36
CA SER J 159 -92.49 -45.26 28.33
C SER J 159 -91.45 -44.17 28.04
N ALA J 160 -91.57 -43.56 26.87
CA ALA J 160 -90.89 -42.30 26.53
C ALA J 160 -91.77 -41.58 25.57
N PRO J 161 -91.81 -40.24 25.67
CA PRO J 161 -92.70 -39.43 24.83
C PRO J 161 -92.23 -39.32 23.38
N VAL J 162 -90.92 -39.36 23.20
CA VAL J 162 -90.23 -39.00 21.98
C VAL J 162 -89.01 -39.93 21.89
N SER J 163 -88.49 -40.15 20.69
CA SER J 163 -87.53 -41.22 20.46
C SER J 163 -86.57 -40.90 19.31
N LEU J 164 -85.34 -41.42 19.35
CA LEU J 164 -84.43 -41.36 18.20
C LEU J 164 -84.24 -42.74 17.61
N GLY J 165 -84.34 -42.84 16.29
CA GLY J 165 -84.04 -44.08 15.58
C GLY J 165 -83.11 -43.73 14.44
N SER J 166 -82.84 -44.68 13.57
CA SER J 166 -82.21 -44.38 12.30
C SER J 166 -82.88 -45.15 11.16
N ASP J 167 -82.72 -44.64 9.95
CA ASP J 167 -83.45 -45.14 8.80
C ASP J 167 -82.49 -45.25 7.62
N THR J 168 -82.20 -46.50 7.24
CA THR J 168 -81.32 -46.83 6.12
C THR J 168 -82.14 -47.19 4.89
N GLY J 169 -83.27 -47.85 5.14
CA GLY J 169 -84.16 -48.26 4.08
C GLY J 169 -85.59 -48.34 4.58
N GLY J 170 -85.88 -47.61 5.66
CA GLY J 170 -87.22 -47.59 6.20
C GLY J 170 -87.27 -47.86 7.68
N SER J 171 -86.10 -47.81 8.32
CA SER J 171 -85.97 -48.25 9.70
C SER J 171 -86.55 -47.33 10.79
N ILE J 172 -86.95 -46.10 10.44
CA ILE J 172 -87.83 -45.31 11.30
C ILE J 172 -89.29 -45.49 10.85
N ARG J 173 -89.55 -45.29 9.56
CA ARG J 173 -90.93 -45.25 9.07
C ARG J 173 -91.73 -46.54 9.27
N GLN J 174 -91.18 -47.73 8.93
CA GLN J 174 -91.99 -48.95 9.08
C GLN J 174 -92.23 -49.38 10.53
N PRO J 175 -91.23 -49.24 11.41
CA PRO J 175 -91.64 -49.34 12.82
C PRO J 175 -92.67 -48.26 13.29
N ALA J 176 -92.62 -47.03 12.78
CA ALA J 176 -93.65 -46.04 13.13
C ALA J 176 -95.01 -46.50 12.64
N SER J 177 -95.01 -47.13 11.47
CA SER J 177 -96.25 -47.62 10.90
C SER J 177 -96.83 -48.72 11.75
N PHE J 178 -96.01 -49.75 12.00
CA PHE J 178 -96.41 -50.89 12.79
C PHE J 178 -96.82 -50.58 14.24
N CYS J 179 -96.25 -49.53 14.83
CA CYS J 179 -96.51 -49.21 16.24
C CYS J 179 -97.47 -48.07 16.41
N GLY J 180 -97.98 -47.54 15.30
CA GLY J 180 -99.02 -46.50 15.37
C GLY J 180 -98.54 -45.17 15.91
N VAL J 181 -97.41 -44.73 15.39
CA VAL J 181 -96.70 -43.59 15.90
C VAL J 181 -96.19 -42.78 14.69
N ILE J 182 -95.90 -41.50 14.91
CA ILE J 182 -95.24 -40.71 13.88
C ILE J 182 -93.74 -40.98 13.89
N GLY J 183 -93.18 -41.17 12.70
CA GLY J 183 -91.73 -41.35 12.53
C GLY J 183 -91.19 -40.66 11.28
N ILE J 184 -90.21 -39.78 11.45
CA ILE J 184 -89.62 -39.06 10.33
C ILE J 184 -88.16 -39.47 10.08
N LYS J 185 -87.83 -39.73 8.81
CA LYS J 185 -86.44 -39.73 8.37
C LYS J 185 -86.22 -38.48 7.51
N PRO J 186 -85.36 -37.56 7.96
CA PRO J 186 -85.15 -36.31 7.24
C PRO J 186 -84.28 -36.49 6.01
N THR J 187 -84.02 -35.39 5.29
CA THR J 187 -83.18 -35.41 4.11
C THR J 187 -81.80 -35.95 4.43
N TYR J 188 -81.24 -36.73 3.52
CA TYR J 188 -79.88 -37.17 3.72
C TYR J 188 -78.96 -35.95 3.80
N GLY J 189 -78.27 -35.81 4.93
CA GLY J 189 -77.36 -34.69 5.17
C GLY J 189 -77.92 -33.74 6.20
N ARG J 190 -79.20 -33.86 6.50
CA ARG J 190 -79.78 -32.98 7.48
C ARG J 190 -79.37 -33.26 8.93
N VAL J 191 -79.09 -34.52 9.27
CA VAL J 191 -78.71 -34.83 10.65
C VAL J 191 -77.34 -35.52 10.61
N SER J 192 -76.45 -35.12 11.51
CA SER J 192 -75.11 -35.69 11.57
C SER J 192 -75.10 -37.21 11.74
N ARG J 193 -74.17 -37.89 11.08
CA ARG J 193 -73.99 -39.33 11.28
C ARG J 193 -72.81 -39.63 12.18
N TYR J 194 -72.24 -38.58 12.79
CA TYR J 194 -71.17 -38.74 13.78
C TYR J 194 -71.67 -39.35 15.08
N GLY J 195 -71.24 -40.59 15.32
CA GLY J 195 -71.66 -41.34 16.49
C GLY J 195 -72.83 -42.22 16.18
N LEU J 196 -73.23 -42.28 14.91
CA LEU J 196 -74.18 -43.32 14.50
C LEU J 196 -73.39 -44.48 13.92
N VAL J 197 -73.49 -45.65 14.54
CA VAL J 197 -72.75 -46.79 14.03
C VAL J 197 -73.21 -47.06 12.60
N ALA J 198 -72.28 -46.94 11.66
CA ALA J 198 -72.55 -47.01 10.24
C ALA J 198 -72.95 -48.41 9.79
N PHE J 199 -74.06 -48.46 9.07
CA PHE J 199 -74.54 -49.62 8.32
C PHE J 199 -74.24 -49.34 6.84
N ALA J 200 -75.06 -48.51 6.20
CA ALA J 200 -74.74 -48.01 4.86
C ALA J 200 -74.62 -46.48 4.91
N SER J 201 -73.40 -46.01 4.77
CA SER J 201 -73.09 -44.60 4.97
C SER J 201 -73.85 -43.63 4.04
N SER J 202 -74.09 -44.07 2.81
CA SER J 202 -74.73 -43.23 1.84
C SER J 202 -76.28 -43.21 1.98
N LEU J 203 -76.79 -44.05 2.88
CA LEU J 203 -78.23 -44.19 3.09
C LEU J 203 -78.73 -43.94 4.53
N ASP J 204 -77.87 -44.15 5.53
CA ASP J 204 -78.18 -43.87 6.97
C ASP J 204 -78.64 -42.41 7.24
N GLN J 205 -79.70 -42.27 8.05
CA GLN J 205 -80.02 -41.03 8.72
C GLN J 205 -80.73 -41.28 10.04
N ILE J 206 -80.21 -40.63 11.08
CA ILE J 206 -80.95 -40.46 12.33
C ILE J 206 -82.26 -39.70 12.07
N GLY J 207 -83.30 -40.15 12.75
CA GLY J 207 -84.60 -39.48 12.70
C GLY J 207 -85.32 -39.61 14.03
N VAL J 208 -86.60 -39.26 14.03
CA VAL J 208 -87.37 -39.08 15.26
C VAL J 208 -88.73 -39.77 15.22
N PHE J 209 -89.06 -40.44 16.32
CA PHE J 209 -90.39 -40.96 16.57
C PHE J 209 -91.08 -40.04 17.59
N GLY J 210 -92.40 -39.86 17.41
CA GLY J 210 -93.24 -39.10 18.34
C GLY J 210 -94.70 -39.38 18.13
N ARG J 211 -95.54 -38.80 18.98
CA ARG J 211 -96.99 -39.03 18.90
C ARG J 211 -97.73 -37.78 18.41
N ARG J 212 -97.13 -36.63 18.67
CA ARG J 212 -97.66 -35.38 18.17
C ARG J 212 -96.62 -34.75 17.25
N THR J 213 -97.09 -34.14 16.17
CA THR J 213 -96.22 -33.59 15.14
C THR J 213 -95.33 -32.50 15.72
N GLU J 214 -95.82 -31.78 16.72
CA GLU J 214 -95.01 -30.72 17.33
C GLU J 214 -93.81 -31.27 18.08
N ASP J 215 -94.01 -32.40 18.75
CA ASP J 215 -92.93 -33.08 19.45
C ASP J 215 -91.84 -33.46 18.45
N VAL J 216 -92.26 -34.08 17.35
CA VAL J 216 -91.36 -34.58 16.34
C VAL J 216 -90.58 -33.43 15.72
N ALA J 217 -91.27 -32.35 15.37
CA ALA J 217 -90.65 -31.20 14.71
C ALA J 217 -89.62 -30.53 15.59
N LEU J 218 -89.88 -30.51 16.89
CA LEU J 218 -88.97 -29.87 17.82
C LEU J 218 -87.69 -30.68 17.98
N VAL J 219 -87.83 -31.96 18.27
CA VAL J 219 -86.67 -32.84 18.49
C VAL J 219 -85.80 -32.86 17.25
N LEU J 220 -86.40 -32.99 16.08
CA LEU J 220 -85.68 -32.93 14.82
C LEU J 220 -84.94 -31.61 14.67
N GLU J 221 -85.63 -30.51 15.00
CA GLU J 221 -85.04 -29.18 14.91
C GLU J 221 -83.73 -29.10 15.69
N VAL J 222 -83.70 -29.74 16.85
CA VAL J 222 -82.62 -29.55 17.80
C VAL J 222 -81.34 -30.22 17.31
N ILE J 223 -81.49 -31.28 16.51
CA ILE J 223 -80.42 -32.24 16.31
C ILE J 223 -79.89 -32.17 14.88
N SER J 224 -80.56 -31.39 14.05
CA SER J 224 -80.21 -31.31 12.63
C SER J 224 -79.58 -29.97 12.29
N GLY J 225 -78.89 -29.91 11.14
CA GLY J 225 -77.96 -28.83 10.87
C GLY J 225 -76.52 -29.27 10.99
N TRP J 226 -75.61 -28.37 10.63
CA TRP J 226 -74.30 -28.77 10.10
C TRP J 226 -73.40 -29.32 11.21
N ASP J 227 -72.63 -30.35 10.88
CA ASP J 227 -71.65 -30.90 11.82
C ASP J 227 -70.29 -30.97 11.16
N GLU J 228 -69.29 -30.33 11.77
CA GLU J 228 -67.92 -30.30 11.23
C GLU J 228 -67.28 -31.68 11.29
N LYS J 229 -67.80 -32.53 12.17
CA LYS J 229 -67.29 -33.88 12.31
C LYS J 229 -67.90 -34.86 11.27
N ASP J 230 -68.78 -34.36 10.41
CA ASP J 230 -69.45 -35.18 9.38
C ASP J 230 -69.35 -34.53 8.01
N SER J 231 -68.56 -35.15 7.11
CA SER J 231 -68.33 -34.62 5.76
C SER J 231 -69.59 -34.54 4.93
N THR J 232 -70.52 -35.44 5.19
CA THR J 232 -71.72 -35.57 4.39
C THR J 232 -72.86 -34.72 4.91
N SER J 233 -72.68 -34.11 6.08
CA SER J 233 -73.69 -33.24 6.66
C SER J 233 -73.70 -31.89 5.93
N ALA J 234 -74.88 -31.33 5.69
CA ALA J 234 -75.03 -30.20 4.79
C ALA J 234 -74.91 -28.87 5.50
N LYS J 235 -74.27 -27.89 4.84
CA LYS J 235 -74.19 -26.53 5.34
C LYS J 235 -75.43 -25.77 4.93
N VAL J 236 -76.56 -26.16 5.53
CA VAL J 236 -77.89 -25.66 5.19
C VAL J 236 -78.56 -25.26 6.51
N PRO J 237 -79.11 -24.04 6.58
CA PRO J 237 -79.75 -23.64 7.85
C PRO J 237 -80.96 -24.53 8.21
N VAL J 238 -81.12 -24.77 9.52
CA VAL J 238 -82.24 -25.56 10.01
C VAL J 238 -83.47 -24.69 10.11
N PRO J 239 -84.53 -25.04 9.39
CA PRO J 239 -85.80 -24.32 9.47
C PRO J 239 -86.41 -24.35 10.88
N GLU J 240 -87.09 -23.28 11.25
CA GLU J 240 -87.74 -23.19 12.54
C GLU J 240 -88.99 -24.05 12.52
N TRP J 241 -88.81 -25.37 12.62
CA TRP J 241 -89.92 -26.30 12.39
C TRP J 241 -91.06 -26.23 13.40
N SER J 242 -90.70 -25.97 14.66
CA SER J 242 -91.66 -25.81 15.76
C SER J 242 -92.67 -24.68 15.52
N GLU J 243 -92.22 -23.66 14.79
CA GLU J 243 -93.00 -22.50 14.41
C GLU J 243 -93.67 -22.69 13.06
N GLU J 244 -93.33 -23.76 12.37
CA GLU J 244 -93.73 -23.89 10.98
C GLU J 244 -94.78 -24.98 10.77
N VAL J 245 -94.85 -25.94 11.69
CA VAL J 245 -95.79 -27.06 11.54
C VAL J 245 -97.24 -26.62 11.58
N LYS J 246 -97.50 -25.60 12.40
CA LYS J 246 -98.86 -25.09 12.64
C LYS J 246 -99.41 -24.31 11.45
N LYS J 247 -98.51 -23.75 10.64
CA LYS J 247 -98.87 -23.01 9.43
C LYS J 247 -99.55 -23.90 8.39
N GLU J 248 -100.27 -23.28 7.46
CA GLU J 248 -101.02 -24.00 6.43
C GLU J 248 -100.76 -23.39 5.07
N VAL J 249 -100.31 -24.22 4.13
CA VAL J 249 -100.00 -23.76 2.77
C VAL J 249 -101.09 -24.20 1.79
N LYS J 250 -101.61 -23.24 1.03
CA LYS J 250 -102.74 -23.50 0.15
C LYS J 250 -102.32 -24.10 -1.17
N GLY J 251 -103.16 -24.98 -1.69
CA GLY J 251 -103.00 -25.56 -3.02
C GLY J 251 -101.87 -26.54 -3.18
N LEU J 252 -101.58 -27.30 -2.12
CA LEU J 252 -100.58 -28.34 -2.18
C LEU J 252 -101.04 -29.53 -3.02
N LYS J 253 -100.09 -30.25 -3.61
CA LYS J 253 -100.41 -31.36 -4.49
C LYS J 253 -99.79 -32.69 -4.07
N ILE J 254 -100.56 -33.76 -4.19
CA ILE J 254 -100.06 -35.08 -3.79
C ILE J 254 -100.05 -36.03 -4.99
N GLY J 255 -98.91 -36.66 -5.19
CA GLY J 255 -98.74 -37.63 -6.28
C GLY J 255 -98.90 -39.06 -5.84
N LEU J 256 -99.67 -39.81 -6.60
CA LEU J 256 -99.81 -41.24 -6.38
C LEU J 256 -99.13 -42.00 -7.50
N PRO J 257 -97.97 -42.56 -7.22
CA PRO J 257 -97.18 -43.30 -8.23
C PRO J 257 -97.94 -44.46 -8.87
N LYS J 258 -98.14 -44.38 -10.19
CA LYS J 258 -98.85 -45.42 -10.96
C LYS J 258 -98.22 -46.81 -10.81
N GLU J 259 -96.90 -46.84 -10.65
CA GLU J 259 -96.17 -48.08 -10.53
C GLU J 259 -96.48 -48.76 -9.20
N PHE J 260 -96.94 -48.00 -8.21
CA PHE J 260 -97.27 -48.57 -6.91
C PHE J 260 -98.62 -49.31 -6.90
N PHE J 261 -99.44 -49.10 -7.93
CA PHE J 261 -100.73 -49.79 -8.03
C PHE J 261 -100.52 -51.24 -8.29
N GLU J 262 -99.38 -51.56 -8.88
CA GLU J 262 -99.00 -52.92 -9.22
C GLU J 262 -98.51 -53.67 -8.00
N TYR J 263 -98.31 -52.96 -6.90
CA TYR J 263 -97.71 -53.55 -5.70
C TYR J 263 -98.78 -54.31 -4.91
N GLU J 264 -98.48 -55.56 -4.54
CA GLU J 264 -99.37 -56.36 -3.69
C GLU J 264 -99.59 -55.69 -2.33
N LEU J 265 -100.79 -55.17 -2.09
CA LEU J 265 -101.19 -54.61 -0.80
C LEU J 265 -102.23 -55.48 -0.11
N GLN J 266 -102.17 -55.59 1.21
CA GLN J 266 -103.27 -56.15 1.99
C GLN J 266 -104.47 -55.22 1.89
N PRO J 267 -105.67 -55.82 1.76
CA PRO J 267 -106.93 -55.08 1.54
C PRO J 267 -107.15 -54.02 2.61
N GLN J 268 -106.87 -54.36 3.86
CA GLN J 268 -107.06 -53.43 4.96
C GLN J 268 -106.19 -52.17 4.76
N VAL J 269 -104.95 -52.38 4.30
CA VAL J 269 -104.01 -51.29 4.10
C VAL J 269 -104.51 -50.41 2.96
N LYS J 270 -104.90 -51.07 1.86
CA LYS J 270 -105.38 -50.36 0.68
C LYS J 270 -106.57 -49.47 1.03
N GLU J 271 -107.54 -50.06 1.74
CA GLU J 271 -108.74 -49.38 2.27
C GLU J 271 -108.37 -48.13 3.13
N ALA J 272 -107.49 -48.34 4.12
CA ALA J 272 -106.98 -47.29 5.00
C ALA J 272 -106.36 -46.15 4.20
N PHE J 273 -105.55 -46.51 3.21
CA PHE J 273 -104.85 -45.51 2.42
C PHE J 273 -105.78 -44.69 1.55
N GLU J 274 -106.72 -45.40 0.89
CA GLU J 274 -107.73 -44.74 0.04
C GLU J 274 -108.53 -43.69 0.81
N ASN J 275 -108.93 -44.06 2.04
CA ASN J 275 -109.63 -43.16 2.94
C ASN J 275 -108.80 -41.93 3.34
N PHE J 276 -107.52 -42.18 3.67
CA PHE J 276 -106.54 -41.13 3.97
C PHE J 276 -106.49 -40.07 2.86
N ILE J 277 -106.41 -40.55 1.62
CA ILE J 277 -106.36 -39.67 0.44
C ILE J 277 -107.69 -38.96 0.19
N LYS J 278 -108.80 -39.69 0.29
CA LYS J 278 -110.13 -39.07 0.12
C LYS J 278 -110.32 -37.94 1.13
N GLU J 279 -109.93 -38.20 2.38
CA GLU J 279 -110.05 -37.20 3.44
C GLU J 279 -109.13 -36.00 3.19
N LEU J 280 -107.95 -36.26 2.63
CA LEU J 280 -107.04 -35.19 2.25
C LEU J 280 -107.59 -34.37 1.09
N GLU J 281 -108.18 -35.07 0.13
CA GLU J 281 -108.83 -34.39 -0.98
C GLU J 281 -109.91 -33.42 -0.48
N LYS J 282 -110.73 -33.89 0.46
CA LYS J 282 -111.80 -33.05 1.02
C LYS J 282 -111.28 -31.78 1.68
N GLU J 283 -110.06 -31.84 2.21
CA GLU J 283 -109.44 -30.69 2.86
C GLU J 283 -108.79 -29.75 1.86
N GLY J 284 -108.79 -30.11 0.57
CA GLY J 284 -108.32 -29.19 -0.48
C GLY J 284 -107.03 -29.54 -1.19
N PHE J 285 -106.47 -30.70 -0.86
CA PHE J 285 -105.31 -31.20 -1.56
C PHE J 285 -105.73 -31.69 -2.92
N GLU J 286 -104.97 -31.28 -3.92
CA GLU J 286 -105.13 -31.80 -5.26
C GLU J 286 -104.38 -33.14 -5.42
N ILE J 287 -105.08 -34.17 -5.87
CA ILE J 287 -104.50 -35.51 -5.98
C ILE J 287 -104.26 -35.93 -7.45
N LYS J 288 -103.00 -36.26 -7.76
CA LYS J 288 -102.53 -36.51 -9.13
C LYS J 288 -101.82 -37.85 -9.24
N GLU J 289 -102.05 -38.58 -10.33
CA GLU J 289 -101.27 -39.77 -10.60
C GLU J 289 -99.91 -39.37 -11.15
N VAL J 290 -98.83 -39.92 -10.61
CA VAL J 290 -97.52 -39.66 -11.19
C VAL J 290 -96.83 -40.95 -11.65
N SER J 291 -95.76 -40.77 -12.44
CA SER J 291 -94.94 -41.90 -12.87
C SER J 291 -93.57 -41.89 -12.19
N LEU J 292 -93.14 -43.07 -11.81
CA LEU J 292 -91.78 -43.28 -11.36
C LEU J 292 -91.36 -44.58 -12.02
N PRO J 293 -90.99 -44.52 -13.30
CA PRO J 293 -90.78 -45.71 -14.12
C PRO J 293 -89.77 -46.70 -13.55
N HIS J 294 -88.87 -46.24 -12.70
CA HIS J 294 -87.78 -47.08 -12.19
C HIS J 294 -87.98 -47.61 -10.77
N VAL J 295 -89.00 -47.15 -10.05
CA VAL J 295 -89.12 -47.51 -8.63
C VAL J 295 -89.16 -48.99 -8.33
N LYS J 296 -89.76 -49.79 -9.21
CA LYS J 296 -89.81 -51.23 -8.97
C LYS J 296 -88.41 -51.80 -8.79
N TYR J 297 -87.41 -51.08 -9.29
CA TYR J 297 -86.01 -51.48 -9.16
C TYR J 297 -85.37 -51.10 -7.81
N SER J 298 -86.11 -50.37 -6.98
CA SER J 298 -85.60 -49.92 -5.69
C SER J 298 -85.07 -51.02 -4.76
N ILE J 299 -85.82 -52.11 -4.65
CA ILE J 299 -85.42 -53.23 -3.79
C ILE J 299 -84.11 -53.93 -4.21
N PRO J 300 -83.97 -54.30 -5.50
CA PRO J 300 -82.69 -54.97 -5.77
C PRO J 300 -81.52 -53.98 -5.74
N THR J 301 -81.79 -52.72 -6.09
CA THR J 301 -80.80 -51.66 -6.00
C THR J 301 -80.30 -51.55 -4.56
N TYR J 302 -81.24 -51.38 -3.63
CA TYR J 302 -80.94 -51.26 -2.20
C TYR J 302 -80.21 -52.47 -1.64
N TYR J 303 -80.61 -53.66 -2.07
CA TYR J 303 -80.05 -54.85 -1.47
C TYR J 303 -78.79 -55.29 -2.17
N ILE J 304 -78.23 -54.38 -2.95
CA ILE J 304 -76.88 -54.47 -3.44
C ILE J 304 -76.07 -53.41 -2.75
N ILE J 305 -76.55 -52.16 -2.77
CA ILE J 305 -75.86 -51.04 -2.16
C ILE J 305 -75.71 -51.17 -0.64
N ALA J 306 -76.78 -51.45 0.07
CA ALA J 306 -76.74 -51.54 1.55
C ALA J 306 -75.79 -52.61 2.08
N PRO J 307 -75.95 -53.90 1.67
CA PRO J 307 -74.98 -54.93 2.02
C PRO J 307 -73.54 -54.64 1.59
N SER J 308 -73.32 -53.95 0.47
CA SER J 308 -71.96 -53.60 0.08
C SER J 308 -71.33 -52.65 1.07
N GLU J 309 -72.00 -51.55 1.35
CA GLU J 309 -71.48 -50.58 2.29
C GLU J 309 -71.42 -51.19 3.69
N ALA J 310 -72.38 -52.04 4.00
CA ALA J 310 -72.35 -52.75 5.26
C ALA J 310 -71.07 -53.60 5.43
N SER J 311 -70.70 -54.38 4.42
CA SER J 311 -69.51 -55.21 4.49
C SER J 311 -68.25 -54.39 4.81
N SER J 312 -68.18 -53.20 4.23
CA SER J 312 -67.05 -52.32 4.41
C SER J 312 -67.11 -51.71 5.79
N ASN J 313 -68.28 -51.24 6.19
CA ASN J 313 -68.40 -50.56 7.47
C ASN J 313 -68.26 -51.48 8.64
N LEU J 314 -68.40 -52.76 8.38
CA LEU J 314 -68.31 -53.79 9.43
C LEU J 314 -66.96 -54.52 9.50
N ALA J 315 -66.04 -54.16 8.60
CA ALA J 315 -64.68 -54.70 8.61
C ALA J 315 -63.91 -54.36 9.89
N ARG J 316 -64.34 -53.30 10.59
CA ARG J 316 -63.65 -52.81 11.78
C ARG J 316 -63.88 -53.60 13.06
N TYR J 317 -64.94 -54.40 13.09
CA TYR J 317 -65.23 -55.26 14.25
C TYR J 317 -64.44 -56.58 14.12
N ASP J 318 -63.34 -56.65 14.88
CA ASP J 318 -62.24 -57.55 14.60
C ASP J 318 -61.47 -58.03 15.84
N GLY J 319 -61.94 -57.65 17.04
CA GLY J 319 -61.34 -58.14 18.28
C GLY J 319 -60.01 -57.50 18.61
N VAL J 320 -59.62 -56.44 17.91
CA VAL J 320 -58.35 -55.79 18.21
C VAL J 320 -58.47 -54.62 19.16
N ARG J 321 -59.31 -53.65 18.86
CA ARG J 321 -59.29 -52.41 19.62
C ARG J 321 -60.42 -52.25 20.64
N TYR J 322 -61.45 -53.09 20.51
CA TYR J 322 -62.65 -52.98 21.32
C TYR J 322 -63.56 -54.17 21.09
N GLY J 323 -64.56 -54.30 21.95
CA GLY J 323 -65.62 -55.31 21.80
C GLY J 323 -65.19 -56.74 21.97
N TYR J 324 -66.02 -57.64 21.44
CA TYR J 324 -65.85 -59.09 21.58
C TYR J 324 -64.59 -59.62 20.93
N ARG J 325 -64.02 -60.63 21.56
CA ARG J 325 -62.93 -61.42 21.01
C ARG J 325 -63.11 -62.90 21.34
N ALA J 326 -63.10 -63.74 20.33
CA ALA J 326 -63.16 -65.20 20.52
C ALA J 326 -62.12 -65.70 21.56
N LYS J 327 -62.51 -66.72 22.32
CA LYS J 327 -61.66 -67.30 23.37
C LYS J 327 -60.51 -68.14 22.86
N GLU J 328 -60.79 -68.99 21.88
CA GLU J 328 -59.76 -69.87 21.30
C GLU J 328 -59.36 -69.50 19.88
N TYR J 329 -58.04 -69.40 19.69
CA TYR J 329 -57.48 -69.15 18.38
C TYR J 329 -55.97 -69.45 18.33
N LYS J 330 -55.53 -70.02 17.21
CA LYS J 330 -54.15 -70.47 17.08
C LYS J 330 -53.29 -69.42 16.40
N ASP J 331 -53.94 -68.48 15.71
CA ASP J 331 -53.24 -67.35 15.10
C ASP J 331 -54.16 -66.14 14.98
N ILE J 332 -53.70 -65.14 14.23
CA ILE J 332 -54.44 -63.89 14.10
C ILE J 332 -55.59 -64.03 13.10
N PHE J 333 -55.40 -64.89 12.11
CA PHE J 333 -56.46 -65.23 11.16
C PHE J 333 -57.65 -65.84 11.91
N GLU J 334 -57.37 -66.86 12.71
CA GLU J 334 -58.42 -67.51 13.47
C GLU J 334 -59.05 -66.54 14.43
N MET J 335 -58.24 -65.67 15.04
CA MET J 335 -58.76 -64.65 15.95
C MET J 335 -59.79 -63.80 15.27
N TYR J 336 -59.42 -63.28 14.10
CA TYR J 336 -60.31 -62.48 13.28
C TYR J 336 -61.56 -63.25 12.93
N ALA J 337 -61.40 -64.39 12.24
CA ALA J 337 -62.51 -65.11 11.64
C ALA J 337 -63.45 -65.77 12.63
N ARG J 338 -62.94 -66.14 13.80
CA ARG J 338 -63.76 -66.68 14.87
C ARG J 338 -64.48 -65.59 15.69
N THR J 339 -63.79 -64.50 16.00
CA THR J 339 -64.42 -63.34 16.65
C THR J 339 -65.67 -62.92 15.88
N ARG J 340 -65.53 -62.85 14.56
CA ARG J 340 -66.58 -62.38 13.67
C ARG J 340 -67.71 -63.38 13.49
N ASP J 341 -67.40 -64.66 13.21
CA ASP J 341 -68.43 -65.70 13.10
C ASP J 341 -69.24 -65.82 14.37
N GLU J 342 -68.57 -65.74 15.50
CA GLU J 342 -69.23 -65.86 16.78
C GLU J 342 -69.94 -64.57 17.22
N GLY J 343 -69.40 -63.43 16.80
CA GLY J 343 -69.89 -62.14 17.26
C GLY J 343 -71.01 -61.56 16.43
N PHE J 344 -71.04 -61.92 15.13
CA PHE J 344 -72.06 -61.42 14.21
C PHE J 344 -73.26 -62.37 14.12
N GLY J 345 -74.45 -61.80 14.07
CA GLY J 345 -75.66 -62.56 13.88
C GLY J 345 -75.82 -63.01 12.45
N PRO J 346 -76.88 -63.82 12.16
CA PRO J 346 -77.13 -64.46 10.86
C PRO J 346 -77.36 -63.47 9.70
N GLU J 347 -78.21 -62.46 9.91
CA GLU J 347 -78.54 -61.51 8.84
C GLU J 347 -77.31 -60.66 8.56
N VAL J 348 -76.60 -60.28 9.61
CA VAL J 348 -75.39 -59.47 9.47
C VAL J 348 -74.39 -60.27 8.61
N LYS J 349 -74.16 -61.53 8.98
CA LYS J 349 -73.26 -62.41 8.22
C LYS J 349 -73.63 -62.56 6.76
N ARG J 350 -74.93 -62.70 6.48
CA ARG J 350 -75.46 -62.77 5.09
C ARG J 350 -75.14 -61.53 4.25
N ARG J 351 -75.28 -60.36 4.87
CA ARG J 351 -75.06 -59.08 4.21
C ARG J 351 -73.57 -58.80 4.02
N ILE J 352 -72.78 -59.23 4.99
CA ILE J 352 -71.35 -59.11 4.83
C ILE J 352 -70.86 -59.96 3.66
N MET J 353 -71.33 -61.22 3.57
CA MET J 353 -71.03 -62.12 2.44
C MET J 353 -71.39 -61.48 1.10
N LEU J 354 -72.66 -61.13 0.99
CA LEU J 354 -73.18 -60.53 -0.20
C LEU J 354 -72.39 -59.26 -0.59
N GLY J 355 -72.14 -58.39 0.39
CA GLY J 355 -71.34 -57.18 0.21
C GLY J 355 -69.93 -57.41 -0.30
N THR J 356 -69.21 -58.39 0.25
CA THR J 356 -67.84 -58.65 -0.20
C THR J 356 -67.82 -59.15 -1.64
N PHE J 357 -68.87 -59.89 -2.01
CA PHE J 357 -69.03 -60.36 -3.38
C PHE J 357 -69.30 -59.19 -4.32
N ALA J 358 -70.32 -58.39 -4.00
CA ALA J 358 -70.69 -57.20 -4.77
C ALA J 358 -69.58 -56.16 -4.99
N LEU J 359 -68.59 -56.13 -4.11
CA LEU J 359 -67.48 -55.22 -4.24
C LEU J 359 -66.26 -55.89 -4.86
N SER J 360 -66.32 -57.21 -5.01
CA SER J 360 -65.20 -57.94 -5.54
C SER J 360 -64.96 -57.57 -7.02
N ALA J 361 -63.68 -57.45 -7.40
CA ALA J 361 -63.30 -57.18 -8.77
C ALA J 361 -63.88 -58.26 -9.66
N GLY J 362 -64.39 -57.86 -10.81
CA GLY J 362 -65.00 -58.83 -11.69
C GLY J 362 -66.51 -58.87 -11.48
N TYR J 363 -66.96 -58.39 -10.34
CA TYR J 363 -68.39 -58.30 -10.11
C TYR J 363 -68.83 -56.93 -9.70
N TYR J 364 -67.88 -56.07 -9.42
CA TYR J 364 -68.17 -54.70 -8.95
C TYR J 364 -68.99 -53.92 -9.95
N ASP J 365 -68.59 -53.95 -11.23
CA ASP J 365 -69.25 -53.20 -12.30
C ASP J 365 -70.71 -53.59 -12.50
N ALA J 366 -71.00 -54.88 -12.44
CA ALA J 366 -72.36 -55.38 -12.63
C ALA J 366 -73.25 -55.23 -11.38
N TYR J 367 -72.63 -55.04 -10.21
CA TYR J 367 -73.35 -54.98 -8.97
C TYR J 367 -73.34 -53.58 -8.34
N TYR J 368 -72.37 -53.29 -7.48
CA TYR J 368 -72.35 -51.99 -6.79
C TYR J 368 -72.39 -50.81 -7.75
N LEU J 369 -71.49 -50.80 -8.73
CA LEU J 369 -71.46 -49.72 -9.68
C LEU J 369 -72.81 -49.57 -10.42
N LYS J 370 -73.32 -50.68 -10.95
CA LYS J 370 -74.57 -50.69 -11.66
C LYS J 370 -75.67 -50.15 -10.79
N ALA J 371 -75.73 -50.63 -9.54
CA ALA J 371 -76.76 -50.20 -8.58
C ALA J 371 -76.70 -48.72 -8.33
N GLN J 372 -75.51 -48.16 -8.27
CA GLN J 372 -75.35 -46.77 -7.98
C GLN J 372 -75.82 -45.92 -9.16
N LYS J 373 -75.78 -46.50 -10.35
CA LYS J 373 -76.35 -45.84 -11.51
C LYS J 373 -77.90 -45.91 -11.57
N VAL J 374 -78.43 -47.09 -11.31
CA VAL J 374 -79.87 -47.31 -11.26
C VAL J 374 -80.46 -46.42 -10.19
N ARG J 375 -79.68 -46.14 -9.16
CA ARG J 375 -80.10 -45.31 -8.05
C ARG J 375 -80.26 -43.85 -8.52
N ARG J 376 -79.41 -43.41 -9.46
CA ARG J 376 -79.53 -42.10 -10.05
C ARG J 376 -80.77 -41.99 -10.93
N LEU J 377 -81.07 -43.04 -11.68
CA LEU J 377 -82.29 -43.10 -12.46
C LEU J 377 -83.52 -42.95 -11.53
N ILE J 378 -83.52 -43.67 -10.41
CA ILE J 378 -84.61 -43.66 -9.46
C ILE J 378 -84.74 -42.29 -8.85
N THR J 379 -83.62 -41.67 -8.50
CA THR J 379 -83.64 -40.33 -7.93
C THR J 379 -84.25 -39.38 -8.91
N ASN J 380 -83.87 -39.52 -10.18
CA ASN J 380 -84.33 -38.67 -11.24
C ASN J 380 -85.84 -38.79 -11.51
N ASP J 381 -86.40 -39.99 -11.40
CA ASP J 381 -87.88 -40.17 -11.40
C ASP J 381 -88.50 -39.19 -10.44
N PHE J 382 -88.02 -39.23 -9.20
CA PHE J 382 -88.56 -38.37 -8.16
C PHE J 382 -88.46 -36.90 -8.49
N LEU J 383 -87.28 -36.43 -8.85
CA LEU J 383 -87.08 -35.02 -9.15
C LEU J 383 -88.03 -34.50 -10.22
N LYS J 384 -88.30 -35.36 -11.20
CA LYS J 384 -89.20 -35.02 -12.30
C LYS J 384 -90.64 -35.01 -11.81
N ALA J 385 -91.01 -36.03 -11.03
CA ALA J 385 -92.30 -36.11 -10.40
C ALA J 385 -92.55 -34.89 -9.51
N PHE J 386 -91.51 -34.37 -8.88
CA PHE J 386 -91.68 -33.23 -7.97
C PHE J 386 -91.89 -31.94 -8.74
N GLU J 387 -91.77 -32.01 -10.06
CA GLU J 387 -92.05 -30.87 -10.91
C GLU J 387 -93.57 -30.62 -10.98
N GLU J 388 -94.35 -31.71 -10.92
CA GLU J 388 -95.79 -31.63 -11.00
C GLU J 388 -96.47 -31.65 -9.63
N VAL J 389 -95.84 -32.27 -8.63
CA VAL J 389 -96.49 -32.46 -7.30
C VAL J 389 -95.58 -32.01 -6.16
N ASP J 390 -96.14 -31.87 -4.96
CA ASP J 390 -95.37 -31.38 -3.82
C ASP J 390 -94.90 -32.49 -2.90
N VAL J 391 -95.74 -33.50 -2.72
CA VAL J 391 -95.32 -34.68 -1.98
C VAL J 391 -95.83 -35.91 -2.68
N ILE J 392 -95.25 -37.05 -2.33
CA ILE J 392 -95.65 -38.32 -2.92
C ILE J 392 -96.15 -39.23 -1.79
N ALA J 393 -97.33 -39.80 -1.97
CA ALA J 393 -97.92 -40.58 -0.89
C ALA J 393 -98.12 -42.05 -1.27
N SER J 394 -98.07 -42.90 -0.25
CA SER J 394 -98.29 -44.33 -0.40
C SER J 394 -98.54 -44.89 0.98
N PRO J 395 -99.04 -46.12 1.05
CA PRO J 395 -98.87 -46.80 2.32
C PRO J 395 -97.38 -46.87 2.72
N THR J 396 -97.13 -46.87 4.03
CA THR J 396 -95.77 -47.03 4.54
C THR J 396 -95.31 -48.45 4.25
N THR J 397 -96.27 -49.37 4.32
CA THR J 397 -95.98 -50.80 4.36
C THR J 397 -97.09 -51.51 3.60
N PRO J 398 -96.76 -52.58 2.86
CA PRO J 398 -97.78 -53.32 2.13
C PRO J 398 -98.71 -54.21 2.98
N THR J 399 -98.35 -54.46 4.25
CA THR J 399 -99.17 -55.30 5.13
C THR J 399 -99.34 -54.65 6.50
N LEU J 400 -100.25 -55.22 7.28
CA LEU J 400 -100.34 -54.96 8.72
C LEU J 400 -99.17 -55.67 9.42
N PRO J 401 -98.79 -55.22 10.65
CA PRO J 401 -97.77 -55.94 11.44
C PRO J 401 -97.94 -57.43 11.38
N PHE J 402 -96.87 -58.12 11.03
CA PHE J 402 -96.86 -59.58 10.90
C PHE J 402 -96.44 -60.28 12.19
N LYS J 403 -96.57 -61.60 12.22
CA LYS J 403 -96.22 -62.36 13.42
C LYS J 403 -94.76 -62.78 13.46
N PHE J 404 -94.27 -63.05 14.67
CA PHE J 404 -92.90 -63.51 14.85
C PHE J 404 -92.72 -64.84 14.12
N GLY J 405 -91.53 -65.03 13.56
CA GLY J 405 -91.20 -66.25 12.82
C GLY J 405 -91.76 -66.29 11.41
N GLU J 406 -92.61 -65.31 11.08
CA GLU J 406 -93.33 -65.26 9.80
C GLU J 406 -92.39 -64.98 8.62
N ARG J 407 -91.35 -64.19 8.89
CA ARG J 407 -90.43 -63.77 7.85
C ARG J 407 -89.00 -64.13 8.19
N LEU J 408 -88.80 -65.26 8.86
CA LEU J 408 -87.48 -65.73 9.24
C LEU J 408 -87.07 -66.97 8.46
N GLU J 409 -88.04 -67.65 7.83
CA GLU J 409 -87.73 -68.87 7.07
C GLU J 409 -86.85 -68.54 5.85
N ASN J 410 -87.39 -67.74 4.93
CA ASN J 410 -86.61 -67.19 3.83
C ASN J 410 -86.27 -65.71 4.09
N PRO J 411 -84.95 -65.40 4.20
CA PRO J 411 -84.48 -64.03 4.44
C PRO J 411 -85.18 -63.02 3.53
N ILE J 412 -85.42 -63.42 2.28
CA ILE J 412 -85.99 -62.56 1.27
C ILE J 412 -87.36 -62.05 1.70
N GLU J 413 -88.11 -62.86 2.44
CA GLU J 413 -89.44 -62.45 2.88
C GLU J 413 -89.35 -61.25 3.80
N MET J 414 -88.26 -61.16 4.54
CA MET J 414 -88.04 -60.00 5.39
C MET J 414 -87.76 -58.76 4.55
N TYR J 415 -87.02 -58.94 3.44
CA TYR J 415 -86.62 -57.82 2.59
C TYR J 415 -87.82 -57.14 1.99
N LEU J 416 -88.81 -57.96 1.63
CA LEU J 416 -90.02 -57.47 0.95
C LEU J 416 -90.88 -56.54 1.81
N SER J 417 -90.54 -56.44 3.10
CA SER J 417 -91.16 -55.47 4.01
C SER J 417 -90.87 -54.03 3.61
N ASP J 418 -89.76 -53.84 2.90
CA ASP J 418 -89.18 -52.53 2.64
C ASP J 418 -89.56 -51.93 1.29
N ILE J 419 -90.41 -52.62 0.52
CA ILE J 419 -90.65 -52.25 -0.87
C ILE J 419 -91.18 -50.82 -1.02
N LEU J 420 -91.88 -50.30 -0.02
CA LEU J 420 -92.41 -48.94 -0.15
C LEU J 420 -91.54 -47.88 0.51
N THR J 421 -90.54 -48.33 1.29
CA THR J 421 -89.69 -47.44 2.09
C THR J 421 -88.31 -47.12 1.55
N VAL J 422 -87.67 -48.07 0.90
CA VAL J 422 -86.32 -47.93 0.37
C VAL J 422 -86.23 -46.79 -0.64
N PRO J 423 -87.22 -46.56 -1.49
CA PRO J 423 -87.02 -45.53 -2.53
C PRO J 423 -86.63 -44.16 -1.96
N ALA J 424 -87.18 -43.75 -0.83
CA ALA J 424 -86.79 -42.46 -0.29
C ALA J 424 -85.32 -42.39 0.15
N ASN J 425 -84.77 -43.50 0.65
CA ASN J 425 -83.34 -43.54 1.03
C ASN J 425 -82.44 -43.50 -0.19
N LEU J 426 -82.85 -44.20 -1.23
CA LEU J 426 -82.09 -44.24 -2.45
C LEU J 426 -82.00 -42.86 -3.00
N ALA J 427 -83.08 -42.11 -2.94
CA ALA J 427 -83.10 -40.78 -3.52
C ALA J 427 -82.58 -39.68 -2.58
N GLY J 428 -82.32 -40.05 -1.35
CA GLY J 428 -81.85 -39.10 -0.35
C GLY J 428 -82.94 -38.19 0.19
N LEU J 429 -84.21 -38.56 -0.04
CA LEU J 429 -85.37 -37.69 0.22
C LEU J 429 -85.86 -37.78 1.66
N PRO J 430 -86.44 -36.69 2.23
CA PRO J 430 -87.12 -36.88 3.50
C PRO J 430 -88.36 -37.75 3.29
N ALA J 431 -88.76 -38.50 4.32
CA ALA J 431 -89.99 -39.28 4.28
C ALA J 431 -90.56 -39.48 5.69
N ILE J 432 -91.89 -39.47 5.79
CA ILE J 432 -92.53 -39.54 7.07
C ILE J 432 -93.59 -40.64 7.03
N SER J 433 -93.72 -41.37 8.13
CA SER J 433 -94.85 -42.29 8.32
C SER J 433 -95.74 -41.75 9.40
N ILE J 434 -97.03 -41.71 9.09
CA ILE J 434 -98.02 -41.06 9.93
C ILE J 434 -99.19 -42.05 10.04
N PRO J 435 -99.72 -42.24 11.25
CA PRO J 435 -100.81 -43.21 11.47
C PRO J 435 -102.10 -42.76 10.83
N ILE J 436 -102.70 -43.62 10.01
CA ILE J 436 -103.88 -43.23 9.23
C ILE J 436 -105.18 -43.99 9.55
N ALA J 437 -105.04 -45.15 10.18
CA ALA J 437 -106.17 -46.00 10.57
C ALA J 437 -105.70 -47.06 11.55
N TRP J 438 -106.67 -47.76 12.14
CA TRP J 438 -106.41 -49.02 12.85
C TRP J 438 -107.35 -50.03 12.25
N LYS J 439 -106.77 -51.11 11.77
CA LYS J 439 -107.51 -52.12 11.04
C LYS J 439 -107.30 -53.44 11.72
N ASP J 440 -108.40 -54.05 12.16
CA ASP J 440 -108.36 -55.33 12.90
C ASP J 440 -107.49 -55.17 14.14
N GLY J 441 -107.52 -53.97 14.72
CA GLY J 441 -106.77 -53.69 15.96
C GLY J 441 -105.33 -53.21 15.81
N LEU J 442 -104.84 -53.15 14.57
CA LEU J 442 -103.44 -52.87 14.31
C LEU J 442 -103.29 -51.54 13.57
N PRO J 443 -102.26 -50.75 13.92
CA PRO J 443 -102.02 -49.50 13.21
C PRO J 443 -101.64 -49.69 11.76
N VAL J 444 -102.00 -48.69 10.95
CA VAL J 444 -101.56 -48.60 9.57
C VAL J 444 -100.98 -47.19 9.42
N GLY J 445 -99.80 -47.15 8.79
CA GLY J 445 -99.10 -45.90 8.50
C GLY J 445 -99.27 -45.46 7.05
N GLY J 446 -99.50 -44.16 6.88
CA GLY J 446 -99.44 -43.53 5.57
C GLY J 446 -98.12 -42.79 5.41
N GLN J 447 -97.50 -42.95 4.24
CA GLN J 447 -96.19 -42.39 3.97
C GLN J 447 -96.27 -41.21 3.04
N LEU J 448 -95.56 -40.14 3.40
CA LEU J 448 -95.38 -38.99 2.51
C LEU J 448 -93.89 -38.72 2.26
N ILE J 449 -93.51 -38.71 0.98
CA ILE J 449 -92.14 -38.45 0.57
C ILE J 449 -92.06 -37.04 0.05
N GLY J 450 -91.14 -36.26 0.61
CA GLY J 450 -90.99 -34.84 0.23
C GLY J 450 -89.75 -34.54 -0.61
N LYS J 451 -89.63 -33.30 -1.06
CA LYS J 451 -88.47 -32.83 -1.81
C LYS J 451 -87.28 -32.70 -0.86
N HIS J 452 -86.07 -32.71 -1.41
CA HIS J 452 -84.87 -32.41 -0.64
C HIS J 452 -85.08 -31.14 0.16
N TRP J 453 -84.88 -31.26 1.48
CA TRP J 453 -84.89 -30.14 2.44
C TRP J 453 -86.27 -29.65 2.83
N ASP J 454 -87.29 -30.36 2.37
CA ASP J 454 -88.68 -29.93 2.58
C ASP J 454 -89.38 -30.79 3.65
N GLU J 455 -88.73 -30.94 4.79
CA GLU J 455 -89.30 -31.61 5.95
C GLU J 455 -90.51 -30.83 6.45
N THR J 456 -90.47 -29.51 6.30
CA THR J 456 -91.56 -28.64 6.75
C THR J 456 -92.90 -29.15 6.22
N THR J 457 -92.99 -29.27 4.90
CA THR J 457 -94.23 -29.69 4.23
C THR J 457 -94.74 -31.02 4.80
N LEU J 458 -93.86 -32.00 4.85
CA LEU J 458 -94.15 -33.28 5.46
C LEU J 458 -94.68 -33.12 6.86
N LEU J 459 -94.13 -32.16 7.62
CA LEU J 459 -94.52 -31.96 9.00
C LEU J 459 -95.87 -31.25 9.08
N GLN J 460 -96.10 -30.29 8.19
CA GLN J 460 -97.35 -29.58 8.17
C GLN J 460 -98.53 -30.50 7.88
N ILE J 461 -98.40 -31.34 6.85
CA ILE J 461 -99.47 -32.27 6.51
C ILE J 461 -99.69 -33.25 7.64
N SER J 462 -98.63 -33.62 8.34
CA SER J 462 -98.79 -34.53 9.48
C SER J 462 -99.57 -33.85 10.60
N TYR J 463 -99.33 -32.54 10.78
CA TYR J 463 -100.04 -31.72 11.75
C TYR J 463 -101.52 -31.54 11.43
N LEU J 464 -101.80 -31.29 10.16
CA LEU J 464 -103.16 -31.21 9.68
C LEU J 464 -103.88 -32.54 9.86
N TRP J 465 -103.24 -33.65 9.55
CA TRP J 465 -103.89 -34.95 9.66
C TRP J 465 -104.21 -35.37 11.07
N GLU J 466 -103.40 -34.94 12.04
CA GLU J 466 -103.66 -35.34 13.42
C GLU J 466 -104.85 -34.58 14.05
N GLN J 467 -105.10 -33.38 13.53
CA GLN J 467 -106.30 -32.60 13.86
C GLN J 467 -107.53 -33.37 13.45
N LYS J 468 -107.53 -33.88 12.22
CA LYS J 468 -108.65 -34.67 11.72
C LYS J 468 -108.70 -36.00 12.43
N PHE J 469 -107.52 -36.55 12.67
CA PHE J 469 -107.49 -37.88 13.24
C PHE J 469 -106.44 -38.00 14.34
N LYS J 470 -106.96 -38.06 15.56
CA LYS J 470 -106.15 -37.92 16.78
C LYS J 470 -105.59 -39.26 17.27
N HIS J 471 -104.58 -39.76 16.56
CA HIS J 471 -103.98 -41.06 16.82
C HIS J 471 -103.20 -41.07 18.11
N TYR J 472 -102.85 -39.88 18.60
CA TYR J 472 -102.07 -39.74 19.81
C TYR J 472 -102.87 -40.10 21.06
N GLU J 473 -104.18 -40.29 20.90
CA GLU J 473 -105.08 -40.68 22.01
C GLU J 473 -105.18 -42.19 22.13
N LYS J 474 -104.89 -42.88 21.04
CA LYS J 474 -104.87 -44.34 21.05
C LYS J 474 -103.63 -44.88 21.78
N ILE J 475 -103.82 -45.29 23.03
CA ILE J 475 -102.70 -45.74 23.85
C ILE J 475 -102.87 -47.20 24.25
N PRO J 476 -101.95 -48.05 23.80
CA PRO J 476 -102.02 -49.49 24.08
C PRO J 476 -101.58 -49.81 25.51
N LEU J 477 -101.51 -51.09 25.84
CA LEU J 477 -101.40 -51.52 27.23
C LEU J 477 -102.09 -50.54 28.16
N THR J 478 -103.41 -50.57 28.17
CA THR J 478 -104.19 -49.70 29.04
C THR J 478 -103.32 -48.61 29.66
N GLU K 3 -23.40 -55.38 -22.01
CA GLU K 3 -24.04 -56.62 -21.51
C GLU K 3 -25.18 -57.05 -22.45
N LYS K 4 -25.53 -58.34 -22.42
CA LYS K 4 -26.67 -58.88 -23.19
C LYS K 4 -27.99 -58.34 -22.67
N TYR K 5 -28.05 -57.99 -21.38
CA TYR K 5 -29.31 -57.68 -20.70
C TYR K 5 -29.59 -56.22 -20.38
N GLU K 6 -30.82 -55.97 -19.93
CA GLU K 6 -31.29 -54.64 -19.58
C GLU K 6 -32.06 -54.70 -18.27
N ALA K 7 -31.74 -53.80 -17.35
CA ALA K 7 -32.53 -53.67 -16.13
C ALA K 7 -33.72 -52.74 -16.36
N VAL K 8 -34.87 -53.16 -15.83
CA VAL K 8 -36.12 -52.41 -15.88
C VAL K 8 -36.64 -52.28 -14.45
N ILE K 9 -36.61 -51.05 -13.93
CA ILE K 9 -36.79 -50.80 -12.52
C ILE K 9 -37.85 -49.75 -12.27
N GLY K 10 -38.80 -50.08 -11.40
CA GLY K 10 -39.90 -49.17 -11.09
C GLY K 10 -40.12 -49.06 -9.59
N LEU K 11 -40.38 -47.85 -9.12
CA LEU K 11 -40.49 -47.63 -7.70
C LEU K 11 -41.88 -47.18 -7.29
N GLU K 12 -42.24 -47.50 -6.04
CA GLU K 12 -43.50 -47.12 -5.43
C GLU K 12 -43.16 -46.40 -4.14
N ILE K 13 -43.27 -45.09 -4.15
CA ILE K 13 -42.82 -44.30 -3.01
C ILE K 13 -44.00 -43.74 -2.19
N HIS K 14 -44.02 -44.01 -0.89
CA HIS K 14 -44.96 -43.36 0.00
C HIS K 14 -44.23 -42.26 0.72
N VAL K 15 -44.67 -41.03 0.54
CA VAL K 15 -44.03 -39.87 1.16
C VAL K 15 -44.95 -39.22 2.19
N GLN K 16 -44.48 -39.12 3.42
CA GLN K 16 -45.25 -38.59 4.52
C GLN K 16 -45.19 -37.06 4.44
N MET K 17 -46.37 -36.46 4.35
CA MET K 17 -46.53 -35.02 4.29
C MET K 17 -46.32 -34.43 5.68
N ASP K 18 -45.71 -33.25 5.68
CA ASP K 18 -45.34 -32.55 6.90
C ASP K 18 -46.48 -31.65 7.33
N THR K 19 -47.61 -32.26 7.66
CA THR K 19 -48.74 -31.51 8.16
C THR K 19 -48.70 -31.52 9.71
N LYS K 20 -49.49 -30.68 10.35
CA LYS K 20 -49.50 -30.66 11.81
C LYS K 20 -50.32 -31.80 12.30
N THR K 21 -51.27 -32.18 11.45
CA THR K 21 -52.49 -32.92 11.77
C THR K 21 -52.70 -34.09 10.81
N LYS K 22 -53.46 -35.09 11.22
CA LYS K 22 -53.64 -36.29 10.37
C LYS K 22 -54.40 -36.06 9.05
N MET K 23 -54.57 -37.09 8.23
CA MET K 23 -55.30 -36.92 6.98
C MET K 23 -56.79 -36.62 7.19
N PHE K 24 -57.42 -37.40 8.09
CA PHE K 24 -58.86 -37.37 8.19
C PHE K 24 -59.33 -37.09 9.59
N CYS K 25 -58.45 -36.61 10.46
CA CYS K 25 -58.85 -36.10 11.77
C CYS K 25 -57.86 -35.07 12.29
N GLY K 26 -58.10 -34.56 13.48
CA GLY K 26 -57.34 -33.43 13.99
C GLY K 26 -56.19 -33.77 14.92
N CYS K 27 -56.00 -35.06 15.18
CA CYS K 27 -54.83 -35.52 15.95
C CYS K 27 -53.50 -35.11 15.33
N LYS K 28 -52.53 -34.84 16.19
CA LYS K 28 -51.24 -34.31 15.77
C LYS K 28 -50.39 -35.37 15.10
N VAL K 29 -49.68 -34.96 14.06
CA VAL K 29 -48.62 -35.76 13.48
C VAL K 29 -47.31 -35.32 14.18
N GLU K 30 -46.66 -36.25 14.86
CA GLU K 30 -45.36 -36.00 15.50
C GLU K 30 -44.58 -37.32 15.70
N PHE K 31 -43.25 -37.24 15.70
CA PHE K 31 -42.38 -38.41 15.82
C PHE K 31 -42.14 -38.70 17.29
N GLY K 32 -42.00 -39.98 17.61
CA GLY K 32 -41.31 -40.40 18.81
C GLY K 32 -42.26 -40.75 19.94
N ALA K 33 -43.54 -40.50 19.72
CA ALA K 33 -44.46 -40.16 20.81
C ALA K 33 -44.85 -41.39 21.60
N GLU K 34 -45.33 -41.19 22.82
CA GLU K 34 -45.87 -42.27 23.64
C GLU K 34 -47.06 -42.93 22.97
N PRO K 35 -47.12 -44.25 23.02
CA PRO K 35 -48.03 -45.02 22.17
C PRO K 35 -49.48 -44.71 22.43
N ASN K 36 -50.28 -44.59 21.37
CA ASN K 36 -51.71 -44.38 21.52
C ASN K 36 -52.03 -43.15 22.36
N THR K 37 -51.42 -42.02 22.01
CA THR K 37 -51.62 -40.78 22.76
C THR K 37 -52.01 -39.64 21.83
N ASN K 38 -51.69 -39.78 20.55
CA ASN K 38 -52.25 -38.92 19.51
C ASN K 38 -53.31 -39.63 18.68
N VAL K 39 -54.47 -39.89 19.30
CA VAL K 39 -55.39 -40.85 18.79
C VAL K 39 -56.78 -40.28 19.13
N CYS K 40 -57.80 -40.62 18.34
CA CYS K 40 -59.17 -40.13 18.55
C CYS K 40 -60.09 -41.14 17.91
N PRO K 41 -61.42 -41.00 18.06
CA PRO K 41 -62.35 -42.01 17.56
C PRO K 41 -62.29 -42.29 16.06
N VAL K 42 -61.84 -41.29 15.30
CA VAL K 42 -61.74 -41.40 13.85
C VAL K 42 -60.62 -42.33 13.52
N CYS K 43 -59.40 -42.01 13.97
CA CYS K 43 -58.23 -42.78 13.61
C CYS K 43 -58.14 -44.12 14.28
N LEU K 44 -58.85 -44.31 15.39
CA LEU K 44 -58.87 -45.60 16.07
C LEU K 44 -59.80 -46.64 15.43
N GLY K 45 -60.45 -46.21 14.35
CA GLY K 45 -61.48 -47.00 13.68
C GLY K 45 -62.62 -47.40 14.62
N MET K 46 -63.10 -46.43 15.40
CA MET K 46 -64.12 -46.72 16.38
C MET K 46 -65.46 -46.67 15.70
N PRO K 47 -66.50 -47.24 16.33
CA PRO K 47 -67.79 -47.20 15.63
C PRO K 47 -68.39 -45.80 15.67
N GLY K 48 -68.89 -45.37 14.49
CA GLY K 48 -69.60 -44.11 14.30
C GLY K 48 -68.72 -42.90 14.02
N ALA K 49 -67.43 -43.15 13.84
CA ALA K 49 -66.46 -42.10 13.65
C ALA K 49 -66.26 -41.82 12.14
N LEU K 50 -66.17 -40.54 11.74
CA LEU K 50 -66.16 -40.15 10.34
C LEU K 50 -64.98 -39.26 9.96
N PRO K 51 -64.43 -39.45 8.74
CA PRO K 51 -63.26 -38.70 8.24
C PRO K 51 -63.61 -37.29 7.77
N ILE K 52 -62.76 -36.34 8.14
CA ILE K 52 -62.81 -34.97 7.58
C ILE K 52 -61.46 -34.66 6.96
N VAL K 53 -61.45 -34.36 5.67
CA VAL K 53 -60.21 -34.18 4.90
C VAL K 53 -59.40 -32.95 5.34
N ASN K 54 -58.12 -33.15 5.55
CA ASN K 54 -57.18 -32.07 5.85
C ASN K 54 -56.84 -31.19 4.61
N LYS K 55 -57.12 -29.89 4.71
CA LYS K 55 -56.92 -28.94 3.62
C LYS K 55 -55.48 -28.73 3.27
N ARG K 56 -54.63 -28.62 4.29
CA ARG K 56 -53.20 -28.47 4.07
C ARG K 56 -52.65 -29.64 3.32
N ALA K 57 -53.04 -30.85 3.72
CA ALA K 57 -52.66 -32.09 3.02
C ALA K 57 -53.00 -32.05 1.53
N VAL K 58 -54.21 -31.60 1.18
CA VAL K 58 -54.56 -31.42 -0.21
C VAL K 58 -53.71 -30.34 -0.93
N GLU K 59 -53.50 -29.18 -0.30
CA GLU K 59 -52.62 -28.16 -0.84
C GLU K 59 -51.20 -28.70 -1.07
N TYR K 60 -50.70 -29.49 -0.12
CA TYR K 60 -49.37 -30.10 -0.25
C TYR K 60 -49.31 -31.16 -1.31
N ALA K 61 -50.36 -31.95 -1.47
CA ALA K 61 -50.34 -33.01 -2.48
C ALA K 61 -50.35 -32.43 -3.88
N ILE K 62 -51.01 -31.29 -4.02
CA ILE K 62 -51.10 -30.58 -5.29
C ILE K 62 -49.76 -29.95 -5.60
N ARG K 63 -49.17 -29.29 -4.62
CA ARG K 63 -47.89 -28.61 -4.79
C ARG K 63 -46.86 -29.61 -5.30
N ALA K 64 -46.83 -30.76 -4.64
CA ALA K 64 -45.99 -31.89 -5.01
C ALA K 64 -46.27 -32.44 -6.41
N SER K 65 -47.53 -32.59 -6.76
CA SER K 65 -47.91 -33.01 -8.11
C SER K 65 -47.38 -32.08 -9.18
N LEU K 66 -47.50 -30.76 -8.94
CA LEU K 66 -47.03 -29.72 -9.82
C LEU K 66 -45.49 -29.71 -9.95
N ALA K 67 -44.80 -29.78 -8.81
CA ALA K 67 -43.34 -29.95 -8.80
C ALA K 67 -42.85 -31.27 -9.44
N LEU K 68 -43.63 -32.34 -9.39
CA LEU K 68 -43.24 -33.53 -10.14
C LEU K 68 -43.77 -33.46 -11.56
N ASN K 69 -44.13 -32.24 -11.99
CA ASN K 69 -44.66 -31.94 -13.35
C ASN K 69 -45.92 -32.71 -13.78
N CYS K 70 -46.78 -33.09 -12.84
CA CYS K 70 -47.95 -33.90 -13.21
C CYS K 70 -49.12 -33.06 -13.71
N GLU K 71 -50.02 -33.69 -14.47
CA GLU K 71 -51.34 -33.11 -14.66
C GLU K 71 -52.17 -33.29 -13.37
N VAL K 72 -52.60 -32.19 -12.73
CA VAL K 72 -53.49 -32.29 -11.56
C VAL K 72 -54.93 -32.39 -12.01
N HIS K 73 -55.68 -33.37 -11.51
CA HIS K 73 -57.10 -33.49 -11.86
C HIS K 73 -58.06 -32.75 -10.93
N GLU K 74 -58.98 -32.05 -11.57
CA GLU K 74 -59.91 -31.21 -10.90
C GLU K 74 -60.78 -32.07 -10.00
N GLU K 75 -61.16 -33.25 -10.46
CA GLU K 75 -61.95 -34.17 -9.66
C GLU K 75 -61.16 -35.44 -9.42
N SER K 76 -61.03 -35.82 -8.14
CA SER K 76 -60.47 -37.11 -7.75
C SER K 76 -61.26 -37.68 -6.55
N VAL K 77 -61.24 -38.99 -6.40
CA VAL K 77 -62.13 -39.65 -5.47
C VAL K 77 -61.36 -40.53 -4.51
N PHE K 78 -61.67 -40.45 -3.22
CA PHE K 78 -61.09 -41.31 -2.17
C PHE K 78 -61.80 -42.62 -2.13
N ALA K 79 -61.08 -43.71 -2.21
CA ALA K 79 -61.70 -45.00 -2.31
C ALA K 79 -61.24 -45.83 -1.15
N ARG K 80 -62.06 -46.76 -0.71
CA ARG K 80 -61.69 -47.61 0.41
C ARG K 80 -60.95 -48.86 -0.07
N LYS K 81 -59.81 -49.16 0.55
CA LYS K 81 -58.98 -50.32 0.23
C LYS K 81 -59.00 -51.33 1.40
N HIS K 82 -59.73 -52.41 1.21
CA HIS K 82 -59.97 -53.35 2.29
C HIS K 82 -58.87 -54.38 2.46
N TYR K 83 -58.35 -54.50 3.68
CA TYR K 83 -57.58 -55.69 4.11
C TYR K 83 -57.57 -55.86 5.63
N PHE K 84 -57.38 -57.08 6.10
CA PHE K 84 -57.40 -57.27 7.55
C PHE K 84 -56.00 -57.35 8.10
N TYR K 85 -55.62 -56.33 8.88
CA TYR K 85 -54.33 -56.26 9.56
C TYR K 85 -54.45 -55.36 10.80
N PRO K 86 -53.82 -55.78 11.92
CA PRO K 86 -53.83 -55.14 13.25
C PRO K 86 -53.48 -53.66 13.30
N ASP K 87 -52.63 -53.21 12.39
CA ASP K 87 -52.25 -51.79 12.38
C ASP K 87 -53.17 -50.93 11.50
N LEU K 88 -54.20 -51.57 10.94
CA LEU K 88 -55.16 -50.92 10.07
C LEU K 88 -56.56 -50.93 10.69
N PRO K 89 -56.86 -49.88 11.47
CA PRO K 89 -58.00 -49.85 12.38
C PRO K 89 -59.39 -49.90 11.76
N LYS K 90 -59.58 -49.41 10.54
CA LYS K 90 -60.92 -49.39 9.98
C LYS K 90 -61.30 -50.67 9.26
N GLY K 91 -60.29 -51.52 9.01
CA GLY K 91 -60.47 -52.69 8.15
C GLY K 91 -60.29 -52.32 6.68
N TYR K 92 -59.97 -51.07 6.44
CA TYR K 92 -59.65 -50.57 5.11
C TYR K 92 -58.80 -49.31 5.26
N GLN K 93 -58.10 -48.98 4.18
CA GLN K 93 -57.33 -47.78 4.12
C GLN K 93 -57.99 -46.90 3.09
N ILE K 94 -58.22 -45.64 3.45
CA ILE K 94 -58.79 -44.67 2.54
C ILE K 94 -57.66 -44.15 1.70
N SER K 95 -57.68 -44.41 0.39
CA SER K 95 -56.71 -43.81 -0.55
C SER K 95 -57.43 -43.38 -1.82
N GLN K 96 -56.74 -43.33 -2.95
CA GLN K 96 -57.39 -43.11 -4.22
C GLN K 96 -57.08 -44.27 -5.19
N TYR K 97 -58.02 -44.58 -6.09
CA TYR K 97 -57.87 -45.71 -7.02
C TYR K 97 -57.95 -45.26 -8.48
N GLU K 98 -58.98 -45.68 -9.24
CA GLU K 98 -59.36 -44.92 -10.44
C GLU K 98 -59.65 -43.53 -9.86
N LYS K 99 -59.32 -42.48 -10.61
CA LYS K 99 -59.43 -41.07 -10.13
C LYS K 99 -58.50 -40.64 -8.96
N PRO K 100 -57.17 -40.70 -9.18
CA PRO K 100 -56.19 -40.12 -8.28
C PRO K 100 -55.99 -38.65 -8.57
N LEU K 101 -55.38 -37.94 -7.63
CA LEU K 101 -55.20 -36.49 -7.72
C LEU K 101 -54.44 -36.02 -8.96
N ALA K 102 -53.35 -36.72 -9.30
CA ALA K 102 -52.46 -36.28 -10.39
C ALA K 102 -51.79 -37.44 -11.13
N THR K 103 -51.26 -37.13 -12.30
CA THR K 103 -51.01 -38.15 -13.30
C THR K 103 -50.06 -37.59 -14.37
N ASN K 104 -49.42 -38.49 -15.15
CA ASN K 104 -48.53 -38.08 -16.23
C ASN K 104 -47.54 -37.00 -15.83
N GLY K 105 -46.62 -37.31 -14.93
CA GLY K 105 -45.58 -36.36 -14.53
C GLY K 105 -44.19 -36.91 -14.82
N TRP K 106 -43.18 -36.12 -14.47
CA TRP K 106 -41.82 -36.54 -14.73
C TRP K 106 -40.80 -35.94 -13.77
N VAL K 107 -39.69 -36.64 -13.61
CA VAL K 107 -38.58 -36.16 -12.82
C VAL K 107 -37.32 -36.27 -13.66
N GLU K 108 -36.56 -35.18 -13.76
CA GLU K 108 -35.31 -35.17 -14.51
C GLU K 108 -34.15 -35.62 -13.63
N LEU K 109 -33.34 -36.54 -14.17
CA LEU K 109 -32.16 -37.03 -13.47
C LEU K 109 -30.84 -36.53 -14.10
N ASN K 110 -29.85 -36.25 -13.26
CA ASN K 110 -28.53 -35.90 -13.75
C ASN K 110 -27.57 -37.05 -13.46
N LEU K 111 -27.05 -37.63 -14.54
CA LEU K 111 -26.26 -38.83 -14.45
C LEU K 111 -24.78 -38.48 -14.29
N PRO K 112 -23.98 -39.41 -13.82
CA PRO K 112 -22.54 -39.18 -13.66
C PRO K 112 -21.90 -38.73 -14.97
N ASN K 113 -22.13 -39.47 -16.04
CA ASN K 113 -21.13 -39.65 -17.09
C ASN K 113 -21.57 -39.02 -18.41
N GLY K 114 -21.47 -37.70 -18.49
CA GLY K 114 -22.30 -36.92 -19.38
C GLY K 114 -23.54 -36.39 -18.69
N GLU K 115 -24.71 -36.68 -19.27
CA GLU K 115 -25.89 -35.84 -19.09
C GLU K 115 -27.10 -36.66 -18.68
N LYS K 116 -28.26 -36.31 -19.23
CA LYS K 116 -29.48 -36.25 -18.44
C LYS K 116 -30.44 -37.37 -18.84
N LYS K 117 -31.57 -37.46 -18.13
CA LYS K 117 -32.50 -38.57 -18.31
C LYS K 117 -33.81 -38.31 -17.55
N LYS K 118 -34.93 -38.83 -18.06
CA LYS K 118 -36.24 -38.64 -17.37
C LYS K 118 -36.86 -39.92 -16.82
N VAL K 119 -37.48 -39.79 -15.65
CA VAL K 119 -38.27 -40.86 -15.07
C VAL K 119 -39.69 -40.36 -14.89
N ARG K 120 -40.65 -41.10 -15.45
CA ARG K 120 -42.05 -40.69 -15.45
C ARG K 120 -42.76 -41.04 -14.17
N ILE K 121 -43.50 -40.07 -13.64
CA ILE K 121 -44.39 -40.32 -12.52
C ILE K 121 -45.74 -40.79 -13.07
N ARG K 122 -46.12 -42.02 -12.73
CA ARG K 122 -47.35 -42.63 -13.25
C ARG K 122 -48.54 -41.99 -12.55
N ARG K 123 -48.47 -41.89 -11.22
CA ARG K 123 -49.54 -41.30 -10.40
C ARG K 123 -49.02 -40.68 -9.08
N LEU K 124 -49.78 -39.74 -8.55
CA LEU K 124 -49.58 -39.29 -7.21
C LEU K 124 -51.00 -39.24 -6.67
N HIS K 125 -51.23 -39.91 -5.57
CA HIS K 125 -52.52 -39.84 -4.95
C HIS K 125 -52.38 -39.75 -3.47
N ILE K 126 -53.44 -39.23 -2.84
CA ILE K 126 -53.50 -38.99 -1.41
C ILE K 126 -53.95 -40.26 -0.68
N GLU K 127 -53.41 -40.50 0.51
CA GLU K 127 -53.93 -41.52 1.36
C GLU K 127 -53.51 -41.40 2.81
N GLU K 128 -54.07 -42.24 3.66
CA GLU K 128 -53.74 -42.26 5.05
C GLU K 128 -52.83 -43.45 5.35
N ASP K 129 -52.00 -43.29 6.37
CA ASP K 129 -51.06 -44.30 6.80
C ASP K 129 -51.72 -45.21 7.81
N ALA K 130 -51.12 -46.38 7.97
CA ALA K 130 -51.54 -47.32 8.96
C ALA K 130 -50.73 -47.11 10.26
N GLY K 131 -51.07 -47.87 11.30
CA GLY K 131 -50.29 -47.83 12.54
C GLY K 131 -48.94 -48.54 12.43
N LYS K 132 -48.31 -48.77 13.59
CA LYS K 132 -47.07 -49.55 13.64
C LYS K 132 -47.16 -50.71 14.62
N ASN K 133 -46.61 -51.85 14.22
CA ASN K 133 -46.47 -53.00 15.10
C ASN K 133 -45.07 -53.12 15.69
N ILE K 134 -45.01 -53.54 16.96
CA ILE K 134 -43.82 -54.07 17.64
C ILE K 134 -44.11 -55.53 18.02
N HIS K 135 -43.14 -56.41 17.91
CA HIS K 135 -43.36 -57.80 18.38
C HIS K 135 -42.63 -58.03 19.70
N GLU K 136 -43.19 -58.92 20.51
CA GLU K 136 -42.71 -59.12 21.87
C GLU K 136 -43.26 -60.47 22.31
N GLY K 137 -42.42 -61.49 22.22
CA GLY K 137 -42.82 -62.84 22.61
C GLY K 137 -43.86 -63.37 21.64
N ASP K 138 -44.90 -64.01 22.17
CA ASP K 138 -45.93 -64.59 21.32
C ASP K 138 -47.09 -63.62 21.04
N LYS K 139 -46.85 -62.34 21.35
CA LYS K 139 -47.81 -61.26 21.10
C LYS K 139 -47.22 -60.19 20.13
N THR K 140 -48.09 -59.49 19.37
CA THR K 140 -47.73 -58.24 18.65
C THR K 140 -48.36 -57.07 19.40
N LEU K 141 -47.70 -55.91 19.44
CA LEU K 141 -48.22 -54.73 20.18
C LEU K 141 -48.43 -53.53 19.30
N VAL K 142 -49.68 -53.06 19.20
CA VAL K 142 -50.06 -52.07 18.20
C VAL K 142 -50.11 -50.64 18.71
N ASP K 143 -49.28 -49.77 18.14
CA ASP K 143 -49.35 -48.35 18.39
C ASP K 143 -49.99 -47.63 17.21
N LEU K 144 -51.20 -47.11 17.44
CA LEU K 144 -51.95 -46.40 16.41
C LEU K 144 -51.66 -44.89 16.27
N ASN K 145 -50.62 -44.37 16.90
CA ASN K 145 -50.22 -42.98 16.67
C ASN K 145 -50.11 -42.60 15.19
N ARG K 146 -49.63 -43.53 14.38
CA ARG K 146 -49.34 -43.22 12.98
C ARG K 146 -50.53 -43.42 12.05
N ALA K 147 -51.47 -44.29 12.42
CA ALA K 147 -52.67 -44.46 11.61
C ALA K 147 -53.32 -43.10 11.26
N GLY K 148 -53.63 -42.92 9.98
CA GLY K 148 -54.32 -41.72 9.54
C GLY K 148 -53.37 -40.68 9.01
N THR K 149 -52.08 -40.87 9.24
CA THR K 149 -51.07 -39.91 8.81
C THR K 149 -51.17 -39.67 7.31
N PRO K 150 -51.09 -38.41 6.86
CA PRO K 150 -51.20 -38.17 5.42
C PRO K 150 -50.00 -38.70 4.63
N LEU K 151 -50.26 -39.22 3.45
CA LEU K 151 -49.18 -39.70 2.60
C LEU K 151 -49.47 -39.38 1.18
N MET K 152 -48.41 -39.22 0.39
CA MET K 152 -48.56 -39.19 -1.03
C MET K 152 -47.98 -40.49 -1.55
N GLU K 153 -48.79 -41.30 -2.22
CA GLU K 153 -48.24 -42.48 -2.86
C GLU K 153 -47.78 -42.06 -4.22
N ILE K 154 -46.48 -42.11 -4.48
CA ILE K 154 -45.93 -41.75 -5.79
C ILE K 154 -45.48 -43.02 -6.51
N VAL K 155 -45.99 -43.23 -7.73
CA VAL K 155 -45.69 -44.44 -8.50
C VAL K 155 -45.01 -44.04 -9.80
N THR K 156 -44.00 -44.81 -10.17
CA THR K 156 -43.11 -44.46 -11.27
C THR K 156 -43.34 -45.40 -12.44
N GLU K 157 -43.32 -44.89 -13.67
CA GLU K 157 -43.21 -45.78 -14.83
C GLU K 157 -41.88 -46.55 -14.74
N PRO K 158 -41.80 -47.77 -15.32
CA PRO K 158 -40.56 -48.54 -15.15
C PRO K 158 -39.41 -48.03 -16.05
N ASP K 159 -38.86 -46.87 -15.72
CA ASP K 159 -37.99 -46.14 -16.63
C ASP K 159 -36.56 -46.09 -16.14
N ILE K 160 -36.40 -46.59 -14.92
CA ILE K 160 -35.12 -46.65 -14.26
C ILE K 160 -34.40 -47.94 -14.73
N ARG K 161 -33.13 -47.79 -15.08
CA ARG K 161 -32.37 -48.79 -15.81
C ARG K 161 -31.17 -49.28 -15.02
N THR K 162 -30.88 -48.58 -13.93
CA THR K 162 -29.66 -48.75 -13.15
C THR K 162 -29.92 -48.65 -11.65
N PRO K 163 -29.26 -49.51 -10.83
CA PRO K 163 -29.30 -49.30 -9.38
C PRO K 163 -28.95 -47.85 -9.00
N GLU K 164 -27.86 -47.32 -9.55
CA GLU K 164 -27.47 -45.93 -9.32
C GLU K 164 -28.63 -44.93 -9.58
N GLU K 165 -29.12 -44.88 -10.83
CA GLU K 165 -30.32 -44.12 -11.20
C GLU K 165 -31.45 -44.27 -10.21
N ALA K 166 -31.66 -45.47 -9.70
CA ALA K 166 -32.69 -45.68 -8.71
C ALA K 166 -32.45 -44.76 -7.50
N ARG K 167 -31.20 -44.71 -7.03
CA ARG K 167 -30.83 -43.86 -5.88
C ARG K 167 -30.84 -42.38 -6.26
N LEU K 168 -30.35 -42.08 -7.46
CA LEU K 168 -30.36 -40.72 -7.95
C LEU K 168 -31.79 -40.21 -8.03
N PHE K 169 -32.71 -41.09 -8.46
CA PHE K 169 -34.12 -40.70 -8.51
C PHE K 169 -34.57 -40.31 -7.11
N LEU K 170 -34.40 -41.26 -6.20
CA LEU K 170 -34.80 -41.14 -4.82
C LEU K 170 -34.27 -39.90 -4.17
N GLU K 171 -33.00 -39.60 -4.43
CA GLU K 171 -32.33 -38.44 -3.88
C GLU K 171 -32.91 -37.16 -4.39
N LYS K 172 -33.22 -37.11 -5.69
CA LYS K 172 -33.82 -35.93 -6.30
C LYS K 172 -35.27 -35.74 -5.89
N LEU K 173 -36.04 -36.83 -5.84
CA LEU K 173 -37.40 -36.75 -5.33
C LEU K 173 -37.43 -36.19 -3.93
N ARG K 174 -36.49 -36.62 -3.09
CA ARG K 174 -36.38 -36.17 -1.71
C ARG K 174 -36.20 -34.67 -1.70
N ASN K 175 -35.29 -34.21 -2.54
CA ASN K 175 -34.91 -32.84 -2.59
C ASN K 175 -36.01 -31.94 -3.14
N ILE K 176 -36.74 -32.44 -4.13
CA ILE K 176 -37.92 -31.75 -4.63
C ILE K 176 -38.94 -31.59 -3.48
N MET K 177 -39.21 -32.66 -2.74
CA MET K 177 -40.15 -32.57 -1.64
C MET K 177 -39.67 -31.52 -0.63
N ARG K 178 -38.39 -31.53 -0.32
CA ARG K 178 -37.82 -30.62 0.67
C ARG K 178 -37.86 -29.20 0.18
N TYR K 179 -37.42 -28.97 -1.05
CA TYR K 179 -37.50 -27.65 -1.62
C TYR K 179 -38.92 -27.14 -1.76
N ALA K 180 -39.83 -27.99 -2.24
CA ALA K 180 -41.26 -27.64 -2.31
C ALA K 180 -41.90 -27.40 -0.93
N GLY K 181 -41.24 -27.87 0.12
CA GLY K 181 -41.66 -27.67 1.51
C GLY K 181 -42.81 -28.56 1.98
N VAL K 182 -42.97 -29.72 1.35
CA VAL K 182 -44.12 -30.57 1.62
C VAL K 182 -43.90 -31.74 2.59
N SER K 183 -42.68 -32.27 2.63
CA SER K 183 -42.31 -33.40 3.49
C SER K 183 -40.84 -33.25 3.84
N LYS K 184 -40.42 -33.83 4.97
CA LYS K 184 -38.99 -33.87 5.35
C LYS K 184 -38.25 -34.98 4.61
N ALA K 185 -39.00 -36.03 4.24
CA ALA K 185 -38.59 -37.06 3.28
C ALA K 185 -37.34 -37.89 3.58
N ASP K 186 -36.96 -37.97 4.85
CA ASP K 186 -35.82 -38.80 5.24
C ASP K 186 -36.31 -40.22 5.58
N MET K 187 -35.64 -41.24 5.02
CA MET K 187 -36.00 -42.66 5.25
C MET K 187 -35.75 -43.15 6.67
N GLU K 188 -34.71 -42.61 7.31
CA GLU K 188 -34.38 -42.91 8.70
C GLU K 188 -35.53 -42.68 9.72
N LYS K 189 -36.46 -41.78 9.42
CA LYS K 189 -37.65 -41.56 10.27
C LYS K 189 -38.94 -42.09 9.64
N GLY K 190 -38.86 -42.76 8.46
CA GLY K 190 -39.93 -43.33 7.67
C GLY K 190 -40.87 -42.26 7.12
N GLN K 191 -40.30 -41.12 6.79
CA GLN K 191 -41.04 -40.08 6.14
C GLN K 191 -41.02 -40.34 4.66
N LEU K 192 -40.30 -41.38 4.28
CA LEU K 192 -40.22 -41.86 2.92
C LEU K 192 -39.99 -43.33 2.98
N ARG K 193 -40.83 -44.07 2.24
CA ARG K 193 -40.73 -45.51 2.11
C ARG K 193 -40.64 -45.84 0.64
N CYS K 194 -39.86 -46.84 0.30
CA CYS K 194 -39.77 -47.22 -1.09
C CYS K 194 -39.85 -48.73 -1.32
N ASP K 195 -40.68 -49.11 -2.27
CA ASP K 195 -40.78 -50.50 -2.71
C ASP K 195 -40.28 -50.61 -4.15
N ILE K 196 -39.50 -51.66 -4.42
CA ILE K 196 -38.77 -51.77 -5.66
C ILE K 196 -39.37 -52.85 -6.55
N ASN K 197 -39.54 -52.53 -7.84
CA ASN K 197 -39.96 -53.48 -8.84
C ASN K 197 -38.96 -53.50 -9.98
N VAL K 198 -38.47 -54.70 -10.29
CA VAL K 198 -37.37 -54.87 -11.23
C VAL K 198 -37.52 -56.13 -12.06
N SER K 199 -37.23 -56.00 -13.35
CA SER K 199 -37.25 -57.14 -14.26
C SER K 199 -36.11 -57.01 -15.28
N ILE K 200 -35.81 -58.11 -15.99
CA ILE K 200 -34.71 -58.09 -16.98
C ILE K 200 -35.19 -58.45 -18.38
N ARG K 201 -34.35 -58.17 -19.36
CA ARG K 201 -34.81 -58.01 -20.73
C ARG K 201 -33.57 -58.08 -21.63
N PRO K 202 -33.60 -58.94 -22.68
CA PRO K 202 -32.51 -58.83 -23.65
C PRO K 202 -32.39 -57.38 -24.09
N LYS K 203 -31.16 -56.90 -24.25
CA LYS K 203 -30.92 -55.47 -24.47
C LYS K 203 -31.75 -54.93 -25.60
N GLY K 204 -32.19 -53.68 -25.44
CA GLY K 204 -32.97 -52.98 -26.43
C GLY K 204 -34.23 -53.66 -26.94
N SER K 205 -34.63 -54.79 -26.35
CA SER K 205 -35.92 -55.41 -26.72
C SER K 205 -37.04 -54.64 -26.02
N LYS K 206 -38.22 -54.64 -26.61
CA LYS K 206 -39.28 -53.72 -26.22
C LYS K 206 -40.29 -54.39 -25.29
N GLU K 207 -40.05 -55.66 -24.99
CA GLU K 207 -40.97 -56.44 -24.18
C GLU K 207 -40.78 -56.15 -22.70
N PHE K 208 -41.16 -57.12 -21.86
CA PHE K 208 -41.13 -56.93 -20.41
C PHE K 208 -40.95 -58.26 -19.68
N GLY K 209 -39.87 -58.36 -18.91
CA GLY K 209 -39.53 -59.61 -18.21
C GLY K 209 -40.36 -59.82 -16.96
N THR K 210 -40.28 -61.01 -16.38
CA THR K 210 -41.05 -61.29 -15.17
C THR K 210 -40.60 -60.36 -14.07
N ARG K 211 -41.59 -59.83 -13.34
CA ARG K 211 -41.41 -58.77 -12.34
C ARG K 211 -41.15 -59.28 -10.93
N VAL K 212 -40.15 -58.72 -10.26
CA VAL K 212 -39.89 -59.02 -8.84
C VAL K 212 -39.96 -57.75 -8.04
N GLU K 213 -40.44 -57.88 -6.80
CA GLU K 213 -40.74 -56.77 -5.90
C GLU K 213 -39.91 -56.93 -4.64
N ILE K 214 -39.33 -55.83 -4.15
CA ILE K 214 -38.48 -55.92 -2.98
C ILE K 214 -38.92 -54.91 -1.96
N LYS K 215 -39.71 -55.37 -1.00
CA LYS K 215 -40.26 -54.47 0.01
C LYS K 215 -39.34 -54.38 1.23
N ASN K 216 -39.44 -53.26 1.96
CA ASN K 216 -38.60 -53.05 3.13
C ASN K 216 -37.12 -52.94 2.77
N VAL K 217 -36.79 -51.95 1.94
CA VAL K 217 -35.44 -51.41 1.89
C VAL K 217 -35.38 -49.98 2.44
N ASN K 218 -34.49 -49.76 3.40
CA ASN K 218 -34.65 -48.66 4.34
C ASN K 218 -33.74 -47.44 4.27
N SER K 219 -32.96 -47.33 3.21
CA SER K 219 -32.01 -46.22 3.03
C SER K 219 -31.70 -46.14 1.54
N PHE K 220 -31.38 -44.97 1.04
CA PHE K 220 -31.13 -44.88 -0.39
C PHE K 220 -30.04 -45.84 -0.88
N ARG K 221 -28.96 -45.98 -0.11
CA ARG K 221 -27.84 -46.88 -0.46
C ARG K 221 -28.28 -48.35 -0.49
N PHE K 222 -29.22 -48.68 0.38
CA PHE K 222 -29.74 -50.03 0.43
C PHE K 222 -30.60 -50.38 -0.77
N VAL K 223 -31.27 -49.39 -1.37
CA VAL K 223 -31.99 -49.64 -2.62
C VAL K 223 -30.97 -49.93 -3.71
N GLN K 224 -29.87 -49.18 -3.70
CA GLN K 224 -28.79 -49.42 -4.66
C GLN K 224 -28.21 -50.83 -4.54
N LYS K 225 -27.94 -51.29 -3.31
CA LYS K 225 -27.37 -52.62 -3.09
C LYS K 225 -28.34 -53.73 -3.48
N ALA K 226 -29.54 -53.70 -2.92
CA ALA K 226 -30.60 -54.63 -3.25
C ALA K 226 -30.78 -54.77 -4.74
N LEU K 227 -30.69 -53.67 -5.45
CA LEU K 227 -30.83 -53.70 -6.90
C LEU K 227 -29.60 -54.25 -7.59
N GLU K 228 -28.41 -53.93 -7.09
CA GLU K 228 -27.18 -54.45 -7.67
C GLU K 228 -27.16 -55.97 -7.64
N TYR K 229 -27.59 -56.53 -6.51
CA TYR K 229 -27.61 -57.96 -6.31
C TYR K 229 -28.70 -58.65 -7.13
N GLU K 230 -29.86 -58.00 -7.15
CA GLU K 230 -31.07 -58.58 -7.75
C GLU K 230 -30.96 -58.67 -9.26
N ILE K 231 -30.44 -57.62 -9.89
CA ILE K 231 -30.20 -57.67 -11.33
C ILE K 231 -29.26 -58.83 -11.65
N GLU K 232 -28.11 -58.88 -10.97
CA GLU K 232 -27.20 -60.00 -11.16
C GLU K 232 -27.92 -61.32 -10.94
N ARG K 233 -28.67 -61.45 -9.85
CA ARG K 233 -29.37 -62.70 -9.51
C ARG K 233 -30.33 -63.20 -10.59
N GLN K 234 -31.09 -62.26 -11.17
CA GLN K 234 -32.00 -62.58 -12.26
C GLN K 234 -31.22 -62.99 -13.49
N ILE K 235 -30.17 -62.22 -13.80
CA ILE K 235 -29.31 -62.49 -14.97
C ILE K 235 -28.76 -63.91 -14.93
N ASN K 236 -28.16 -64.30 -13.81
CA ASN K 236 -27.70 -65.67 -13.58
C ASN K 236 -28.82 -66.64 -13.89
N VAL K 237 -29.95 -66.50 -13.21
CA VAL K 237 -31.07 -67.43 -13.36
C VAL K 237 -31.38 -67.66 -14.84
N VAL K 238 -31.63 -66.58 -15.57
CA VAL K 238 -32.05 -66.64 -16.98
C VAL K 238 -31.00 -67.24 -17.93
N GLU K 239 -29.74 -66.86 -17.71
CA GLU K 239 -28.58 -67.39 -18.45
C GLU K 239 -28.33 -68.88 -18.18
N GLU K 240 -28.75 -69.35 -17.00
CA GLU K 240 -28.63 -70.75 -16.61
C GLU K 240 -29.91 -71.51 -16.97
N GLY K 241 -30.45 -71.24 -18.14
CA GLY K 241 -31.60 -71.98 -18.67
C GLY K 241 -32.96 -71.66 -18.07
N GLY K 242 -33.00 -71.41 -16.77
CA GLY K 242 -34.26 -71.22 -16.06
C GLY K 242 -35.00 -69.91 -16.31
N GLU K 243 -36.15 -69.78 -15.65
CA GLU K 243 -37.00 -68.60 -15.75
C GLU K 243 -37.15 -67.94 -14.39
N VAL K 244 -37.22 -66.61 -14.40
CA VAL K 244 -37.40 -65.84 -13.17
C VAL K 244 -38.86 -65.91 -12.71
N VAL K 245 -39.03 -66.34 -11.46
CA VAL K 245 -40.35 -66.52 -10.84
C VAL K 245 -40.87 -65.23 -10.20
N GLN K 246 -42.15 -64.93 -10.45
CA GLN K 246 -42.77 -63.68 -10.01
C GLN K 246 -43.09 -63.68 -8.53
N GLU K 247 -42.43 -62.82 -7.76
CA GLU K 247 -42.60 -62.82 -6.32
C GLU K 247 -42.24 -61.50 -5.66
N THR K 248 -42.47 -61.45 -4.36
CA THR K 248 -41.94 -60.40 -3.51
C THR K 248 -40.74 -60.97 -2.74
N ARG K 249 -39.71 -60.16 -2.55
CA ARG K 249 -38.53 -60.58 -1.80
C ARG K 249 -38.18 -59.57 -0.73
N THR K 250 -37.22 -59.92 0.11
CA THR K 250 -36.73 -59.02 1.14
C THR K 250 -35.23 -58.88 0.99
N PHE K 251 -34.64 -57.95 1.73
CA PHE K 251 -33.23 -57.62 1.60
C PHE K 251 -32.65 -57.46 2.98
N ASP K 252 -31.59 -58.24 3.25
CA ASP K 252 -30.89 -58.18 4.52
C ASP K 252 -29.69 -57.25 4.39
N PRO K 253 -29.73 -56.07 5.05
CA PRO K 253 -28.67 -55.09 4.89
C PRO K 253 -27.33 -55.69 5.25
N GLN K 254 -27.34 -56.60 6.21
CA GLN K 254 -26.11 -57.23 6.71
C GLN K 254 -25.37 -58.05 5.65
N THR K 255 -26.10 -58.84 4.87
CA THR K 255 -25.47 -59.67 3.83
C THR K 255 -25.43 -59.11 2.39
N GLY K 256 -26.26 -58.10 2.11
CA GLY K 256 -26.35 -57.53 0.76
C GLY K 256 -27.10 -58.41 -0.24
N LYS K 257 -27.88 -59.37 0.26
CA LYS K 257 -28.59 -60.31 -0.58
C LYS K 257 -30.08 -60.20 -0.40
N THR K 258 -30.82 -60.50 -1.47
CA THR K 258 -32.28 -60.50 -1.44
C THR K 258 -32.80 -61.91 -1.22
N TYR K 259 -33.93 -62.01 -0.53
CA TYR K 259 -34.41 -63.31 -0.08
C TYR K 259 -35.87 -63.55 -0.38
N PRO K 260 -36.17 -64.71 -0.99
CA PRO K 260 -37.55 -65.11 -1.25
C PRO K 260 -38.25 -65.36 0.06
N MET K 261 -39.57 -65.42 0.00
CA MET K 261 -40.40 -65.50 1.19
C MET K 261 -41.01 -66.88 1.43
N ARG K 262 -40.77 -67.40 2.63
CA ARG K 262 -41.22 -68.74 3.00
C ARG K 262 -42.75 -68.92 2.87
N THR K 263 -43.50 -67.83 3.02
CA THR K 263 -44.96 -67.84 2.90
C THR K 263 -45.44 -67.71 1.45
N LYS K 264 -46.35 -68.62 1.07
CA LYS K 264 -47.05 -68.58 -0.22
C LYS K 264 -48.44 -67.88 -0.08
N GLU K 265 -48.46 -66.72 0.60
CA GLU K 265 -49.72 -66.00 0.85
C GLU K 265 -50.04 -64.94 -0.24
N GLU K 266 -50.74 -65.39 -1.28
CA GLU K 266 -51.22 -64.54 -2.39
C GLU K 266 -52.11 -63.36 -1.92
N ALA K 267 -51.97 -62.21 -2.56
CA ALA K 267 -52.80 -61.01 -2.27
C ALA K 267 -54.29 -61.27 -2.40
N GLU K 268 -55.09 -60.52 -1.65
CA GLU K 268 -56.53 -60.64 -1.72
C GLU K 268 -57.13 -59.35 -2.24
N ASP K 269 -58.12 -59.50 -3.12
CA ASP K 269 -58.87 -58.40 -3.71
C ASP K 269 -59.14 -57.30 -2.68
N TYR K 270 -58.85 -56.05 -3.06
CA TYR K 270 -59.00 -54.93 -2.15
C TYR K 270 -60.42 -54.37 -2.07
N ARG K 271 -61.31 -54.90 -2.90
CA ARG K 271 -62.72 -54.53 -2.93
C ARG K 271 -62.86 -53.02 -2.87
N TYR K 272 -62.15 -52.37 -3.80
CA TYR K 272 -62.16 -50.94 -4.00
C TYR K 272 -63.55 -50.36 -4.30
N PHE K 273 -63.90 -49.26 -3.65
CA PHE K 273 -65.05 -48.45 -4.08
C PHE K 273 -64.96 -47.06 -3.48
N PRO K 274 -65.67 -46.06 -4.03
CA PRO K 274 -65.48 -44.76 -3.41
C PRO K 274 -66.00 -44.81 -1.96
N ASP K 275 -65.33 -44.10 -1.06
CA ASP K 275 -65.74 -44.05 0.33
C ASP K 275 -66.99 -43.22 0.35
N PRO K 276 -68.09 -43.80 0.87
CA PRO K 276 -69.38 -43.15 0.95
C PRO K 276 -69.47 -42.15 2.09
N ASP K 277 -68.45 -42.08 2.94
CA ASP K 277 -68.40 -41.07 3.99
C ASP K 277 -67.85 -39.79 3.46
N LEU K 278 -67.40 -39.81 2.21
CA LEU K 278 -66.68 -38.69 1.59
C LEU K 278 -67.22 -38.34 0.21
N VAL K 279 -67.32 -37.03 -0.05
CA VAL K 279 -67.61 -36.52 -1.37
C VAL K 279 -66.32 -36.45 -2.19
N PRO K 280 -66.41 -36.45 -3.55
CA PRO K 280 -65.21 -36.30 -4.37
C PRO K 280 -64.44 -35.02 -4.12
N LEU K 281 -63.12 -35.14 -4.23
CA LEU K 281 -62.22 -34.03 -4.05
C LEU K 281 -62.27 -33.14 -5.26
N LYS K 282 -62.95 -32.01 -5.13
CA LYS K 282 -63.02 -31.03 -6.21
C LYS K 282 -61.98 -29.96 -5.97
N VAL K 283 -61.04 -29.85 -6.92
CA VAL K 283 -59.95 -28.89 -6.85
C VAL K 283 -60.13 -27.88 -7.93
N LYS K 284 -60.47 -26.66 -7.52
CA LYS K 284 -60.68 -25.53 -8.41
C LYS K 284 -59.42 -25.22 -9.18
N LYS K 285 -59.58 -24.80 -10.44
CA LYS K 285 -58.47 -24.38 -11.27
C LYS K 285 -57.75 -23.20 -10.64
N GLU K 286 -58.54 -22.23 -10.19
CA GLU K 286 -58.05 -21.01 -9.60
C GLU K 286 -57.09 -21.28 -8.44
N TRP K 287 -57.29 -22.38 -7.73
CA TRP K 287 -56.41 -22.83 -6.63
C TRP K 287 -55.10 -23.43 -7.14
N ILE K 288 -55.16 -24.30 -8.14
CA ILE K 288 -53.98 -24.81 -8.83
C ILE K 288 -53.12 -23.62 -9.29
N GLU K 289 -53.74 -22.70 -10.04
CA GLU K 289 -53.10 -21.45 -10.50
C GLU K 289 -52.35 -20.74 -9.37
N GLU K 290 -52.97 -20.65 -8.20
CA GLU K 290 -52.39 -19.98 -7.05
C GLU K 290 -51.20 -20.73 -6.42
N ILE K 291 -51.22 -22.05 -6.50
CA ILE K 291 -50.16 -22.87 -5.92
C ILE K 291 -48.99 -22.93 -6.89
N LYS K 292 -49.34 -22.96 -8.16
CA LYS K 292 -48.40 -22.87 -9.27
C LYS K 292 -47.62 -21.57 -9.18
N LYS K 293 -48.33 -20.47 -8.91
CA LYS K 293 -47.78 -19.11 -8.91
C LYS K 293 -46.87 -18.87 -7.71
N ASN K 294 -47.27 -19.36 -6.53
CA ASN K 294 -46.51 -19.16 -5.29
C ASN K 294 -45.67 -20.36 -4.91
N MET K 295 -45.31 -21.15 -5.92
CA MET K 295 -44.46 -22.30 -5.76
C MET K 295 -43.08 -21.85 -5.28
N PRO K 296 -42.51 -22.51 -4.22
CA PRO K 296 -41.12 -22.31 -3.79
C PRO K 296 -40.14 -22.65 -4.89
N GLU K 297 -38.94 -22.07 -4.82
CA GLU K 297 -37.93 -22.36 -5.82
C GLU K 297 -37.54 -23.83 -5.74
N LEU K 298 -37.55 -24.52 -6.87
CA LEU K 298 -37.19 -25.92 -6.89
C LEU K 298 -35.70 -26.02 -7.23
N PRO K 299 -35.13 -27.24 -7.20
CA PRO K 299 -33.69 -27.44 -7.27
C PRO K 299 -33.01 -27.04 -8.58
N ASP K 300 -33.61 -27.38 -9.72
CA ASP K 300 -32.97 -27.12 -11.01
C ASP K 300 -33.05 -25.65 -11.33
N GLN K 301 -34.12 -25.01 -10.87
CA GLN K 301 -34.22 -23.56 -10.92
C GLN K 301 -33.05 -22.99 -10.12
N ARG K 302 -33.05 -23.18 -8.80
CA ARG K 302 -31.99 -22.63 -7.96
C ARG K 302 -30.61 -22.81 -8.60
N PHE K 303 -30.36 -24.03 -9.08
CA PHE K 303 -29.11 -24.39 -9.76
C PHE K 303 -28.69 -23.38 -10.83
N GLU K 304 -29.51 -23.20 -11.87
CA GLU K 304 -29.20 -22.25 -12.93
C GLU K 304 -29.12 -20.82 -12.40
N ARG K 305 -29.96 -20.49 -11.41
CA ARG K 305 -29.95 -19.16 -10.81
C ARG K 305 -28.66 -18.85 -10.05
N LEU K 306 -28.11 -19.83 -9.33
CA LEU K 306 -26.87 -19.63 -8.57
C LEU K 306 -25.71 -19.34 -9.50
N ILE K 307 -25.66 -20.07 -10.62
CA ILE K 307 -24.64 -19.87 -11.66
C ILE K 307 -24.65 -18.46 -12.26
N LYS K 308 -25.84 -17.94 -12.53
CA LYS K 308 -26.01 -16.57 -12.99
C LYS K 308 -25.86 -15.56 -11.83
N GLU K 309 -26.73 -15.65 -10.83
CA GLU K 309 -26.73 -14.68 -9.74
C GLU K 309 -25.42 -14.58 -8.98
N TYR K 310 -24.50 -15.52 -9.23
CA TYR K 310 -23.27 -15.64 -8.43
C TYR K 310 -22.01 -16.11 -9.20
N GLY K 311 -22.18 -16.68 -10.38
CA GLY K 311 -21.05 -17.08 -11.19
C GLY K 311 -20.31 -18.33 -10.70
N LEU K 312 -20.99 -19.14 -9.92
CA LEU K 312 -20.46 -20.40 -9.46
C LEU K 312 -20.29 -21.38 -10.60
N SER K 313 -19.38 -22.31 -10.42
CA SER K 313 -19.13 -23.37 -11.38
C SER K 313 -20.24 -24.37 -11.24
N GLU K 314 -20.26 -25.37 -12.11
CA GLU K 314 -21.32 -26.37 -12.03
C GLU K 314 -21.10 -27.31 -10.84
N TYR K 315 -19.83 -27.47 -10.46
CA TYR K 315 -19.50 -28.28 -9.30
C TYR K 315 -19.95 -27.60 -7.99
N GLU K 316 -19.78 -26.28 -7.94
CA GLU K 316 -20.15 -25.47 -6.77
C GLU K 316 -21.67 -25.35 -6.50
N ALA K 317 -22.42 -24.96 -7.53
CA ALA K 317 -23.86 -24.84 -7.41
C ALA K 317 -24.47 -26.16 -6.94
N GLY K 318 -24.10 -27.25 -7.63
CA GLY K 318 -24.51 -28.64 -7.33
C GLY K 318 -24.45 -29.05 -5.88
N ILE K 319 -23.27 -28.93 -5.27
CA ILE K 319 -23.11 -29.04 -3.81
C ILE K 319 -24.14 -28.22 -2.99
N LEU K 320 -24.28 -26.92 -3.33
CA LEU K 320 -25.16 -26.02 -2.60
C LEU K 320 -26.63 -26.26 -2.89
N VAL K 321 -26.90 -26.96 -3.99
CA VAL K 321 -28.27 -27.28 -4.38
C VAL K 321 -28.75 -28.65 -3.86
N ASN K 322 -27.89 -29.68 -3.94
CA ASN K 322 -28.22 -31.01 -3.40
C ASN K 322 -28.39 -31.04 -1.88
N HIS K 323 -27.67 -30.16 -1.20
CA HIS K 323 -27.96 -29.91 0.19
C HIS K 323 -28.53 -28.50 0.34
N LYS K 324 -29.86 -28.38 0.41
CA LYS K 324 -30.52 -27.05 0.37
C LYS K 324 -29.95 -26.07 1.36
N GLU K 325 -29.76 -26.53 2.60
CA GLU K 325 -29.35 -25.71 3.75
C GLU K 325 -27.97 -25.10 3.56
N VAL K 326 -27.10 -25.80 2.83
CA VAL K 326 -25.77 -25.28 2.49
C VAL K 326 -25.89 -23.97 1.69
N GLY K 327 -26.58 -24.03 0.56
CA GLY K 327 -26.84 -22.85 -0.27
C GLY K 327 -27.63 -21.74 0.42
N ASP K 328 -28.47 -22.10 1.39
CA ASP K 328 -29.21 -21.09 2.17
C ASP K 328 -28.28 -20.33 3.08
N PHE K 329 -27.31 -21.06 3.63
CA PHE K 329 -26.23 -20.52 4.45
C PHE K 329 -25.42 -19.59 3.58
N PHE K 330 -24.92 -20.13 2.48
CA PHE K 330 -24.19 -19.37 1.49
C PHE K 330 -24.88 -18.04 1.21
N GLU K 331 -26.14 -18.10 0.76
CA GLU K 331 -26.83 -16.92 0.30
C GLU K 331 -26.99 -15.87 1.39
N GLU K 332 -27.31 -16.31 2.60
CA GLU K 332 -27.44 -15.39 3.74
C GLU K 332 -26.08 -14.83 4.22
N ALA K 333 -24.99 -15.39 3.68
CA ALA K 333 -23.65 -14.93 3.99
C ALA K 333 -23.18 -13.95 2.94
N VAL K 334 -23.39 -14.27 1.66
CA VAL K 334 -22.95 -13.43 0.54
C VAL K 334 -23.73 -12.12 0.55
N ARG K 335 -24.75 -12.09 1.39
CA ARG K 335 -25.52 -10.90 1.64
C ARG K 335 -24.73 -9.99 2.59
N HIS K 336 -24.20 -10.57 3.67
CA HIS K 336 -23.44 -9.82 4.67
C HIS K 336 -22.11 -9.26 4.17
N PHE K 337 -21.64 -9.72 3.01
CA PHE K 337 -20.44 -9.18 2.34
C PHE K 337 -20.38 -9.74 0.90
N LYS K 338 -20.70 -8.89 -0.06
CA LYS K 338 -21.01 -9.33 -1.41
C LYS K 338 -19.85 -9.92 -2.24
N GLU K 339 -19.22 -10.99 -1.74
CA GLU K 339 -18.13 -11.70 -2.46
C GLU K 339 -18.37 -13.24 -2.63
N PRO K 340 -19.21 -13.62 -3.61
CA PRO K 340 -19.56 -15.01 -3.92
C PRO K 340 -18.39 -16.00 -4.01
N LYS K 341 -17.47 -15.77 -4.93
CA LYS K 341 -16.34 -16.69 -5.12
C LYS K 341 -15.55 -16.93 -3.83
N GLY K 342 -15.25 -15.86 -3.11
CA GLY K 342 -14.51 -16.00 -1.86
C GLY K 342 -15.27 -16.78 -0.81
N ILE K 343 -16.59 -16.73 -0.87
CA ILE K 343 -17.39 -17.34 0.17
C ILE K 343 -17.68 -18.81 -0.09
N VAL K 344 -17.92 -19.20 -1.34
CA VAL K 344 -17.99 -20.64 -1.69
C VAL K 344 -16.72 -21.43 -1.41
N ASN K 345 -15.57 -20.86 -1.79
CA ASN K 345 -14.28 -21.49 -1.56
C ASN K 345 -14.08 -21.81 -0.09
N TRP K 346 -14.41 -20.86 0.78
CA TRP K 346 -14.20 -21.03 2.20
C TRP K 346 -15.28 -21.86 2.88
N LEU K 347 -16.44 -21.98 2.23
CA LEU K 347 -17.51 -22.85 2.70
C LEU K 347 -17.28 -24.31 2.31
N ILE K 348 -17.06 -24.56 1.02
CA ILE K 348 -16.82 -25.90 0.51
C ILE K 348 -15.48 -26.49 1.00
N ASN K 349 -14.45 -25.64 1.11
CA ASN K 349 -13.08 -26.13 1.34
C ASN K 349 -12.58 -26.05 2.77
N ASP K 350 -13.29 -25.34 3.63
CA ASP K 350 -12.84 -25.23 5.00
C ASP K 350 -13.97 -25.59 5.96
N LEU K 351 -15.08 -24.87 5.86
CA LEU K 351 -16.14 -24.96 6.85
C LEU K 351 -16.87 -26.29 6.88
N LEU K 352 -17.43 -26.71 5.75
CA LEU K 352 -18.08 -28.04 5.63
C LEU K 352 -17.24 -29.20 6.14
N GLY K 353 -15.97 -29.25 5.76
CA GLY K 353 -15.06 -30.28 6.24
C GLY K 353 -14.92 -30.29 7.75
N LEU K 354 -14.77 -29.11 8.33
CA LEU K 354 -14.58 -28.99 9.78
C LEU K 354 -15.83 -29.32 10.60
N LEU K 355 -16.99 -29.13 10.01
CA LEU K 355 -18.26 -29.46 10.64
C LEU K 355 -18.59 -30.93 10.55
N ARG K 356 -18.21 -31.58 9.45
CA ARG K 356 -18.39 -33.01 9.34
C ARG K 356 -17.59 -33.77 10.39
N ASP K 357 -16.35 -33.33 10.62
CA ASP K 357 -15.46 -33.91 11.62
C ASP K 357 -16.08 -33.87 13.02
N LYS K 358 -16.60 -32.70 13.41
CA LYS K 358 -17.32 -32.53 14.66
C LYS K 358 -18.76 -33.07 14.63
N GLY K 359 -19.15 -33.70 13.52
CA GLY K 359 -20.48 -34.31 13.39
C GLY K 359 -21.62 -33.34 13.68
N ILE K 360 -21.49 -32.13 13.14
CA ILE K 360 -22.49 -31.07 13.30
C ILE K 360 -23.02 -30.58 11.94
N SER K 361 -24.34 -30.59 11.78
CA SER K 361 -25.02 -30.13 10.56
C SER K 361 -24.98 -28.61 10.39
N ILE K 362 -24.94 -28.15 9.15
CA ILE K 362 -24.80 -26.72 8.81
C ILE K 362 -25.90 -25.79 9.35
N GLU K 363 -27.03 -26.36 9.77
CA GLU K 363 -28.12 -25.58 10.39
C GLU K 363 -27.69 -25.10 11.76
N GLU K 364 -26.70 -25.78 12.33
CA GLU K 364 -26.34 -25.62 13.74
C GLU K 364 -24.94 -25.08 13.97
N SER K 365 -24.17 -24.90 12.91
CA SER K 365 -22.76 -24.54 13.04
C SER K 365 -22.57 -23.29 13.88
N PRO K 366 -21.56 -23.30 14.76
CA PRO K 366 -21.29 -22.10 15.55
C PRO K 366 -20.91 -20.93 14.66
N VAL K 367 -20.44 -21.22 13.44
CA VAL K 367 -20.16 -20.19 12.44
C VAL K 367 -21.43 -19.86 11.69
N LYS K 368 -22.03 -18.70 11.96
CA LYS K 368 -23.19 -18.23 11.19
C LYS K 368 -22.72 -17.53 9.91
N PRO K 369 -23.61 -17.40 8.91
CA PRO K 369 -23.26 -16.72 7.65
C PRO K 369 -22.60 -15.35 7.85
N GLU K 370 -22.95 -14.67 8.94
CA GLU K 370 -22.32 -13.39 9.31
C GLU K 370 -20.82 -13.55 9.54
N HIS K 371 -20.48 -14.57 10.32
CA HIS K 371 -19.10 -14.88 10.69
C HIS K 371 -18.25 -15.19 9.47
N LEU K 372 -18.75 -16.05 8.57
CA LEU K 372 -17.98 -16.42 7.37
C LEU K 372 -17.77 -15.23 6.43
N ALA K 373 -18.80 -14.39 6.28
CA ALA K 373 -18.74 -13.18 5.46
C ALA K 373 -17.78 -12.15 6.07
N GLU K 374 -17.81 -12.06 7.39
CA GLU K 374 -16.88 -11.23 8.15
C GLU K 374 -15.45 -11.74 8.00
N LEU K 375 -15.27 -13.07 8.11
CA LEU K 375 -13.97 -13.71 7.95
C LEU K 375 -13.39 -13.51 6.55
N VAL K 376 -14.21 -13.69 5.50
CA VAL K 376 -13.73 -13.59 4.11
C VAL K 376 -13.36 -12.15 3.77
N LYS K 377 -14.06 -11.22 4.42
CA LYS K 377 -13.76 -9.78 4.37
C LYS K 377 -12.26 -9.53 4.62
N LEU K 378 -11.81 -9.99 5.78
CA LEU K 378 -10.44 -9.84 6.26
C LEU K 378 -9.36 -10.47 5.34
N ILE K 379 -9.68 -11.56 4.66
CA ILE K 379 -8.74 -12.17 3.70
C ILE K 379 -8.65 -11.32 2.42
N LYS K 380 -9.75 -10.69 2.06
CA LYS K 380 -9.79 -9.80 0.90
C LYS K 380 -9.20 -8.40 1.21
N GLU K 381 -9.52 -7.87 2.40
CA GLU K 381 -8.97 -6.60 2.87
C GLU K 381 -7.59 -6.80 3.46
N LYS K 382 -7.06 -8.01 3.29
CA LYS K 382 -5.70 -8.37 3.68
C LYS K 382 -5.33 -8.09 5.14
N VAL K 383 -6.33 -7.84 5.99
CA VAL K 383 -6.12 -7.64 7.43
C VAL K 383 -5.38 -8.85 8.05
N ILE K 384 -5.66 -10.04 7.52
CA ILE K 384 -4.93 -11.28 7.83
C ILE K 384 -4.79 -12.14 6.60
N SER K 385 -3.88 -13.11 6.68
CA SER K 385 -3.54 -13.96 5.55
C SER K 385 -4.29 -15.28 5.58
N THR K 386 -4.31 -15.94 4.42
CA THR K 386 -4.88 -17.29 4.26
C THR K 386 -4.45 -18.20 5.41
N LYS K 387 -3.15 -18.29 5.64
CA LYS K 387 -2.59 -19.09 6.71
C LYS K 387 -3.17 -18.74 8.09
N ILE K 388 -3.32 -17.44 8.34
CA ILE K 388 -3.91 -16.96 9.59
C ILE K 388 -5.41 -17.23 9.58
N GLY K 389 -5.99 -17.16 8.38
CA GLY K 389 -7.41 -17.43 8.17
C GLY K 389 -7.84 -18.85 8.51
N LYS K 390 -7.02 -19.82 8.08
CA LYS K 390 -7.29 -21.23 8.33
C LYS K 390 -7.18 -21.64 9.79
N GLU K 391 -6.34 -20.94 10.54
CA GLU K 391 -6.23 -21.13 12.00
C GLU K 391 -7.45 -20.62 12.77
N VAL K 392 -7.98 -19.45 12.37
CA VAL K 392 -9.14 -18.84 13.05
C VAL K 392 -10.48 -19.53 12.76
N ILE K 393 -10.69 -19.94 11.51
CA ILE K 393 -11.88 -20.73 11.12
C ILE K 393 -12.03 -22.02 11.95
N LYS K 394 -10.90 -22.65 12.28
CA LYS K 394 -10.87 -23.82 13.15
C LYS K 394 -11.35 -23.46 14.54
N GLU K 395 -10.90 -22.32 15.04
CA GLU K 395 -11.26 -21.89 16.38
C GLU K 395 -12.70 -21.40 16.39
N MET K 396 -13.13 -20.79 15.29
CA MET K 396 -14.52 -20.38 15.10
C MET K 396 -15.47 -21.56 15.32
N VAL K 397 -15.22 -22.67 14.61
CA VAL K 397 -16.00 -23.90 14.77
C VAL K 397 -15.85 -24.43 16.18
N GLU K 398 -14.62 -24.33 16.71
CA GLU K 398 -14.29 -24.77 18.08
C GLU K 398 -14.99 -23.97 19.17
N THR K 399 -14.88 -22.65 19.12
CA THR K 399 -15.44 -21.80 20.17
C THR K 399 -16.86 -21.37 19.82
N GLY K 400 -17.00 -20.65 18.73
CA GLY K 400 -18.26 -20.01 18.37
C GLY K 400 -18.08 -18.52 18.23
N LYS K 401 -16.90 -18.04 18.61
CA LYS K 401 -16.59 -16.62 18.60
C LYS K 401 -16.49 -16.11 17.18
N THR K 402 -16.81 -14.83 17.00
CA THR K 402 -16.68 -14.18 15.71
C THR K 402 -15.22 -14.18 15.25
N PRO K 403 -14.95 -14.01 13.94
CA PRO K 403 -13.56 -13.84 13.50
C PRO K 403 -12.83 -12.67 14.18
N SER K 404 -13.46 -11.49 14.21
CA SER K 404 -12.85 -10.27 14.79
C SER K 404 -12.51 -10.42 16.27
N GLN K 405 -13.31 -11.19 16.99
CA GLN K 405 -13.06 -11.49 18.39
C GLN K 405 -11.76 -12.26 18.62
N ILE K 406 -11.56 -13.34 17.86
CA ILE K 406 -10.34 -14.14 18.01
C ILE K 406 -9.11 -13.51 17.32
N VAL K 407 -9.34 -12.51 16.46
CA VAL K 407 -8.22 -11.77 15.85
C VAL K 407 -7.57 -10.82 16.89
N GLU K 408 -8.41 -10.13 17.67
CA GLU K 408 -7.97 -9.17 18.68
C GLU K 408 -7.43 -9.89 19.92
N GLU K 409 -8.13 -10.95 20.34
CA GLU K 409 -7.68 -11.75 21.47
C GLU K 409 -6.32 -12.38 21.18
N LYS K 410 -6.02 -12.59 19.91
CA LYS K 410 -4.97 -13.51 19.51
C LYS K 410 -3.95 -12.83 18.59
N GLY K 411 -4.42 -11.88 17.80
CA GLY K 411 -3.56 -10.83 17.27
C GLY K 411 -3.10 -11.13 15.85
N LEU K 412 -3.25 -10.14 14.97
CA LEU K 412 -2.13 -9.63 14.20
C LEU K 412 -2.28 -8.13 13.94
N VAL L 2 -74.95 -71.90 -5.83
CA VAL L 2 -73.55 -71.40 -5.80
C VAL L 2 -72.66 -72.28 -4.89
N ASP L 3 -71.44 -72.53 -5.33
CA ASP L 3 -70.53 -73.52 -4.74
C ASP L 3 -70.32 -73.43 -3.25
N ARG L 4 -70.08 -74.58 -2.62
CA ARG L 4 -69.47 -74.64 -1.31
C ARG L 4 -68.17 -73.88 -1.41
N GLU L 5 -67.42 -74.20 -2.46
CA GLU L 5 -66.14 -73.59 -2.81
C GLU L 5 -66.23 -72.06 -2.80
N TRP L 6 -67.28 -71.53 -3.40
CA TRP L 6 -67.55 -70.10 -3.48
C TRP L 6 -67.79 -69.50 -2.10
N VAL L 7 -68.73 -70.10 -1.36
CA VAL L 7 -69.05 -69.68 -0.02
C VAL L 7 -67.82 -69.58 0.89
N LEU L 8 -67.00 -70.62 0.84
CA LEU L 8 -65.77 -70.69 1.63
C LEU L 8 -64.80 -69.57 1.28
N LYS L 9 -64.75 -69.25 -0.01
CA LYS L 9 -63.85 -68.24 -0.55
C LYS L 9 -64.26 -66.84 -0.10
N ILE L 10 -65.54 -66.52 -0.25
CA ILE L 10 -66.04 -65.21 0.15
C ILE L 10 -65.82 -65.02 1.63
N ALA L 11 -66.15 -66.04 2.41
CA ALA L 11 -66.09 -65.97 3.86
C ALA L 11 -64.68 -65.67 4.29
N LYS L 12 -63.74 -66.28 3.59
CA LYS L 12 -62.34 -66.11 3.91
C LYS L 12 -61.93 -64.66 3.70
N LEU L 13 -62.41 -64.05 2.63
CA LEU L 13 -62.13 -62.64 2.32
C LEU L 13 -62.71 -61.69 3.37
N ALA L 14 -63.83 -62.13 3.95
CA ALA L 14 -64.60 -61.35 4.88
C ALA L 14 -64.20 -61.74 6.27
N ARG L 15 -63.23 -62.64 6.38
CA ARG L 15 -62.82 -63.15 7.67
C ARG L 15 -64.04 -63.55 8.48
N LEU L 16 -64.78 -64.49 7.91
CA LEU L 16 -65.76 -65.24 8.65
C LEU L 16 -65.32 -66.69 8.57
N GLU L 17 -65.08 -67.29 9.72
CA GLU L 17 -64.83 -68.72 9.82
C GLU L 17 -66.17 -69.36 10.05
N LEU L 18 -66.81 -69.77 8.96
CA LEU L 18 -68.15 -70.32 9.02
C LEU L 18 -68.15 -71.70 9.64
N LYS L 19 -69.13 -71.94 10.50
CA LYS L 19 -69.39 -73.27 11.00
C LYS L 19 -70.06 -74.07 9.87
N GLU L 20 -69.83 -75.39 9.87
CA GLU L 20 -70.34 -76.31 8.84
C GLU L 20 -71.84 -76.19 8.55
N GLU L 21 -72.59 -75.85 9.61
CA GLU L 21 -74.04 -75.65 9.56
C GLU L 21 -74.40 -74.44 8.69
N GLU L 22 -73.63 -73.35 8.87
CA GLU L 22 -73.80 -72.05 8.20
C GLU L 22 -73.52 -72.13 6.71
N ILE L 23 -72.53 -72.95 6.35
CA ILE L 23 -72.12 -73.14 4.95
C ILE L 23 -73.29 -73.66 4.09
N GLU L 24 -73.92 -74.76 4.51
CA GLU L 24 -75.04 -75.33 3.78
C GLU L 24 -76.20 -74.35 3.67
N VAL L 25 -76.42 -73.62 4.79
CA VAL L 25 -77.54 -72.69 4.86
C VAL L 25 -77.32 -71.45 4.03
N PHE L 26 -76.10 -70.91 4.06
CA PHE L 26 -75.77 -69.74 3.27
C PHE L 26 -75.64 -70.07 1.79
N GLN L 27 -75.36 -71.33 1.45
CA GLN L 27 -75.29 -71.75 0.04
C GLN L 27 -76.61 -71.56 -0.63
N LYS L 28 -77.66 -72.08 0.01
CA LYS L 28 -79.02 -71.95 -0.49
C LYS L 28 -79.52 -70.50 -0.41
N GLN L 29 -79.35 -69.85 0.74
CA GLN L 29 -79.87 -68.48 1.01
C GLN L 29 -79.27 -67.42 0.12
N LEU L 30 -77.96 -67.51 -0.06
CA LEU L 30 -77.22 -66.57 -0.88
C LEU L 30 -77.43 -66.78 -2.39
N SER L 31 -77.64 -68.04 -2.80
CA SER L 31 -78.05 -68.36 -4.17
C SER L 31 -79.40 -67.74 -4.47
N ASP L 32 -80.32 -67.85 -3.51
CA ASP L 32 -81.64 -67.27 -3.60
C ASP L 32 -81.55 -65.73 -3.69
N ILE L 33 -80.88 -65.11 -2.70
CA ILE L 33 -80.75 -63.64 -2.65
C ILE L 33 -80.09 -63.10 -3.92
N LEU L 34 -79.10 -63.81 -4.44
CA LEU L 34 -78.46 -63.45 -5.68
C LEU L 34 -79.43 -63.52 -6.83
N ASP L 35 -80.38 -64.46 -6.76
CA ASP L 35 -81.39 -64.59 -7.81
C ASP L 35 -82.43 -63.52 -7.62
N PHE L 36 -82.68 -63.16 -6.37
CA PHE L 36 -83.63 -62.13 -6.03
C PHE L 36 -83.19 -60.74 -6.47
N ILE L 37 -81.92 -60.41 -6.28
CA ILE L 37 -81.46 -59.08 -6.66
C ILE L 37 -81.00 -58.97 -8.11
N ASP L 38 -81.06 -60.05 -8.87
CA ASP L 38 -80.58 -60.05 -10.26
C ASP L 38 -81.62 -59.50 -11.24
N GLN L 39 -82.00 -58.24 -11.07
CA GLN L 39 -83.00 -57.64 -11.92
C GLN L 39 -82.45 -56.51 -12.77
N LEU L 40 -81.28 -55.98 -12.45
CA LEU L 40 -80.88 -54.71 -13.06
C LEU L 40 -80.26 -54.76 -14.47
N LYS L 41 -79.85 -55.94 -14.96
CA LYS L 41 -79.32 -56.04 -16.31
C LYS L 41 -80.25 -55.34 -17.31
N GLU L 42 -81.56 -55.59 -17.19
CA GLU L 42 -82.58 -55.08 -18.11
C GLU L 42 -82.53 -53.57 -18.33
N LEU L 43 -81.88 -52.85 -17.42
CA LEU L 43 -81.88 -51.41 -17.46
C LEU L 43 -80.60 -50.88 -18.07
N ASP L 44 -80.72 -49.84 -18.88
CA ASP L 44 -79.58 -49.24 -19.54
C ASP L 44 -78.95 -48.11 -18.71
N THR L 45 -77.68 -48.29 -18.35
CA THR L 45 -76.93 -47.29 -17.55
C THR L 45 -75.62 -46.81 -18.19
N GLU L 46 -75.18 -47.41 -19.33
CA GLU L 46 -74.21 -46.73 -20.21
C GLU L 46 -74.79 -45.32 -20.29
N ASN L 47 -74.03 -44.29 -19.99
CA ASN L 47 -74.63 -42.92 -20.05
C ASN L 47 -75.45 -42.44 -18.85
N VAL L 48 -75.33 -43.11 -17.72
CA VAL L 48 -75.88 -42.63 -16.44
C VAL L 48 -74.73 -42.45 -15.44
N GLU L 49 -74.62 -41.30 -14.79
CA GLU L 49 -73.55 -41.13 -13.80
C GLU L 49 -73.90 -41.83 -12.48
N PRO L 50 -72.99 -42.63 -11.91
CA PRO L 50 -73.28 -43.22 -10.60
C PRO L 50 -73.73 -42.14 -9.61
N TYR L 51 -74.66 -42.51 -8.73
CA TYR L 51 -75.17 -41.58 -7.73
C TYR L 51 -74.14 -40.95 -6.75
N ILE L 52 -74.10 -39.62 -6.70
CA ILE L 52 -73.46 -38.90 -5.60
C ILE L 52 -74.43 -37.84 -5.16
N GLN L 53 -74.41 -37.45 -3.88
CA GLN L 53 -75.11 -36.25 -3.45
C GLN L 53 -74.44 -35.03 -4.08
N GLU L 54 -75.20 -33.97 -4.28
CA GLU L 54 -74.62 -32.70 -4.76
C GLU L 54 -73.92 -31.94 -3.61
N PHE L 55 -72.89 -31.15 -3.90
CA PHE L 55 -72.22 -30.40 -2.81
C PHE L 55 -71.64 -28.99 -3.09
N GLU L 56 -71.30 -28.69 -4.33
CA GLU L 56 -70.66 -27.39 -4.63
C GLU L 56 -69.16 -27.41 -4.31
N GLU L 57 -68.81 -27.54 -3.04
CA GLU L 57 -67.39 -27.54 -2.67
C GLU L 57 -67.01 -28.67 -1.73
N THR L 58 -65.87 -29.31 -1.96
CA THR L 58 -65.42 -30.32 -1.02
C THR L 58 -65.16 -29.69 0.37
N PRO L 59 -65.75 -30.28 1.43
CA PRO L 59 -65.56 -30.01 2.85
C PRO L 59 -64.18 -30.43 3.32
N MET L 60 -63.42 -29.44 3.74
CA MET L 60 -62.06 -29.66 4.19
C MET L 60 -61.95 -28.96 5.50
N ARG L 61 -60.89 -29.28 6.22
CA ARG L 61 -60.73 -28.95 7.62
C ARG L 61 -59.46 -28.11 7.64
N GLU L 62 -59.36 -27.07 8.45
CA GLU L 62 -58.03 -26.47 8.64
C GLU L 62 -57.07 -27.46 9.32
N ASP L 63 -55.77 -27.37 9.02
CA ASP L 63 -54.72 -28.20 9.63
C ASP L 63 -54.35 -27.74 11.06
N GLU L 64 -55.31 -27.81 11.98
CA GLU L 64 -55.14 -27.32 13.37
C GLU L 64 -55.40 -28.48 14.30
N PRO L 65 -54.47 -28.77 15.22
CA PRO L 65 -54.66 -29.82 16.21
C PRO L 65 -55.99 -29.74 16.99
N HIS L 66 -56.52 -30.92 17.33
CA HIS L 66 -57.74 -31.07 18.14
C HIS L 66 -57.43 -32.04 19.25
N PRO L 67 -57.81 -31.71 20.51
CA PRO L 67 -57.58 -32.56 21.69
C PRO L 67 -57.85 -34.01 21.40
N SER L 68 -56.82 -34.85 21.46
CA SER L 68 -56.96 -36.26 21.21
C SER L 68 -57.73 -36.91 22.32
N LEU L 69 -58.24 -38.10 22.08
CA LEU L 69 -58.96 -38.89 23.07
C LEU L 69 -57.99 -39.31 24.17
N ASP L 70 -58.39 -39.14 25.42
CA ASP L 70 -57.53 -39.48 26.55
C ASP L 70 -57.25 -40.99 26.48
N ARG L 71 -55.99 -41.38 26.68
CA ARG L 71 -55.54 -42.75 26.34
C ARG L 71 -56.25 -43.90 27.06
N GLU L 72 -56.68 -43.67 28.30
CA GLU L 72 -57.42 -44.68 29.07
C GLU L 72 -58.72 -44.98 28.37
N LYS L 73 -59.37 -43.92 27.86
CA LYS L 73 -60.61 -44.05 27.12
C LYS L 73 -60.41 -44.65 25.71
N ALA L 74 -59.21 -44.50 25.16
CA ALA L 74 -58.92 -45.07 23.86
C ALA L 74 -58.63 -46.55 24.00
N LEU L 75 -58.06 -46.95 25.13
CA LEU L 75 -57.71 -48.34 25.37
C LEU L 75 -58.73 -49.12 26.19
N MET L 76 -59.57 -48.42 26.94
CA MET L 76 -60.45 -49.07 27.90
C MET L 76 -61.26 -50.28 27.41
N ASN L 77 -61.57 -50.30 26.13
CA ASN L 77 -62.39 -51.35 25.59
C ASN L 77 -61.61 -52.57 25.06
N ALA L 78 -60.30 -52.41 24.91
CA ALA L 78 -59.45 -53.48 24.36
C ALA L 78 -59.55 -54.85 25.04
N PRO L 79 -59.71 -55.92 24.24
CA PRO L 79 -59.54 -57.30 24.73
C PRO L 79 -58.24 -57.58 25.53
N GLU L 80 -57.10 -57.04 25.08
CA GLU L 80 -55.85 -57.03 25.85
C GLU L 80 -55.01 -55.79 25.55
N ARG L 81 -54.71 -54.98 26.57
CA ARG L 81 -53.73 -53.91 26.41
C ARG L 81 -52.41 -54.18 27.17
N LYS L 82 -51.30 -53.55 26.78
CA LYS L 82 -50.05 -53.61 27.55
C LYS L 82 -49.14 -52.42 27.27
N ASP L 83 -48.75 -51.72 28.34
CA ASP L 83 -47.86 -50.52 28.30
C ASP L 83 -48.31 -49.40 27.33
N GLY L 84 -49.61 -49.31 27.09
CA GLY L 84 -50.13 -48.33 26.17
C GLY L 84 -50.39 -48.89 24.79
N PHE L 85 -50.22 -50.20 24.60
CA PHE L 85 -50.38 -50.83 23.29
C PHE L 85 -51.62 -51.69 23.21
N PHE L 86 -52.24 -51.77 22.05
CA PHE L 86 -53.25 -52.80 21.82
C PHE L 86 -52.50 -54.15 21.67
N VAL L 87 -53.01 -55.18 22.32
CA VAL L 87 -52.34 -56.48 22.34
C VAL L 87 -53.11 -57.50 21.51
N VAL L 88 -52.43 -58.08 20.51
CA VAL L 88 -52.99 -59.18 19.74
C VAL L 88 -51.96 -60.29 19.56
N PRO L 89 -52.42 -61.44 19.09
CA PRO L 89 -51.52 -62.55 18.72
C PRO L 89 -50.49 -62.11 17.69
N ARG L 90 -49.29 -62.69 17.75
CA ARG L 90 -48.17 -62.22 16.96
C ARG L 90 -48.39 -62.35 15.46
N VAL L 91 -47.88 -61.38 14.70
CA VAL L 91 -47.97 -61.41 13.25
C VAL L 91 -46.60 -61.66 12.61
N VAL L 92 -46.60 -62.24 11.43
CA VAL L 92 -45.38 -62.37 10.64
C VAL L 92 -45.50 -61.64 9.31
N MET M 1 -7.79 28.78 -80.66
CA MET M 1 -6.70 29.56 -80.02
C MET M 1 -6.67 29.32 -78.50
N LEU M 2 -7.29 28.22 -78.07
CA LEU M 2 -7.30 27.72 -76.66
C LEU M 2 -8.32 28.39 -75.74
N TRP M 3 -8.18 29.69 -75.52
CA TRP M 3 -9.22 30.44 -74.82
C TRP M 3 -10.49 30.52 -75.66
N LYS M 4 -10.34 30.20 -76.93
CA LYS M 4 -11.45 30.15 -77.88
C LYS M 4 -12.12 28.77 -77.89
N LYS M 5 -11.62 27.84 -77.07
CA LYS M 5 -12.16 26.47 -77.03
C LYS M 5 -13.17 26.27 -75.90
N SER M 6 -14.09 25.33 -76.10
CA SER M 6 -15.10 24.99 -75.10
C SER M 6 -14.49 24.06 -74.07
N LEU M 7 -15.25 23.77 -73.02
CA LEU M 7 -14.80 22.88 -71.96
C LEU M 7 -14.65 21.43 -72.44
N SER M 8 -15.43 21.07 -73.46
CA SER M 8 -15.35 19.75 -74.11
C SER M 8 -14.03 19.60 -74.86
N GLU M 9 -13.73 20.62 -75.66
CA GLU M 9 -12.47 20.68 -76.38
C GLU M 9 -11.32 20.76 -75.41
N LEU M 10 -11.43 21.60 -74.39
CA LEU M 10 -10.42 21.74 -73.36
C LEU M 10 -10.18 20.45 -72.60
N ARG M 11 -11.25 19.80 -72.18
CA ARG M 11 -11.18 18.57 -71.39
C ARG M 11 -10.45 17.46 -72.10
N GLU M 12 -10.84 17.20 -73.35
CA GLU M 12 -10.24 16.11 -74.10
C GLU M 12 -8.73 16.34 -74.34
N LEU M 13 -8.34 17.60 -74.55
CA LEU M 13 -6.94 17.99 -74.65
C LEU M 13 -6.16 17.82 -73.33
N LEU M 14 -6.84 18.03 -72.22
CA LEU M 14 -6.23 17.91 -70.88
C LEU M 14 -6.10 16.44 -70.47
N LYS M 15 -7.12 15.65 -70.79
CA LYS M 15 -7.15 14.23 -70.45
C LYS M 15 -6.06 13.43 -71.15
N ARG M 16 -5.81 13.78 -72.41
CA ARG M 16 -4.78 13.11 -73.20
C ARG M 16 -3.43 13.85 -73.20
N GLY M 17 -3.25 14.76 -72.25
CA GLY M 17 -1.97 15.44 -72.00
C GLY M 17 -1.52 16.43 -73.05
N GLU M 18 -2.30 16.57 -74.12
CA GLU M 18 -1.95 17.47 -75.22
C GLU M 18 -1.75 18.90 -74.72
N VAL M 19 -2.44 19.22 -73.63
CA VAL M 19 -2.28 20.50 -72.96
C VAL M 19 -2.23 20.32 -71.44
N SER M 20 -1.62 21.28 -70.76
CA SER M 20 -1.56 21.29 -69.31
C SER M 20 -2.46 22.39 -68.72
N PRO M 21 -2.89 22.22 -67.46
CA PRO M 21 -3.71 23.21 -66.79
C PRO M 21 -3.07 24.62 -66.82
N LYS M 22 -1.75 24.66 -66.68
CA LYS M 22 -1.02 25.92 -66.70
C LYS M 22 -1.18 26.66 -68.03
N GLU M 23 -1.13 25.89 -69.12
CA GLU M 23 -1.26 26.44 -70.47
C GLU M 23 -2.63 27.08 -70.64
N VAL M 24 -3.67 26.34 -70.24
CA VAL M 24 -5.06 26.78 -70.30
C VAL M 24 -5.22 28.11 -69.59
N VAL M 25 -4.69 28.20 -68.38
CA VAL M 25 -4.72 29.42 -67.58
C VAL M 25 -3.95 30.56 -68.27
N GLU M 26 -2.75 30.24 -68.76
CA GLU M 26 -1.95 31.21 -69.51
C GLU M 26 -2.72 31.79 -70.69
N SER M 27 -3.41 30.93 -71.44
CA SER M 27 -4.24 31.37 -72.57
C SER M 27 -5.30 32.44 -72.19
N PHE M 28 -6.10 32.11 -71.17
CA PHE M 28 -7.14 33.01 -70.70
C PHE M 28 -6.52 34.27 -70.09
N TYR M 29 -5.34 34.11 -69.50
CA TYR M 29 -4.59 35.22 -68.94
C TYR M 29 -4.23 36.25 -70.00
N ASP M 30 -3.79 35.75 -71.15
CA ASP M 30 -3.42 36.62 -72.26
C ASP M 30 -4.65 37.38 -72.76
N ARG M 31 -5.72 36.63 -72.98
CA ARG M 31 -7.02 37.19 -73.34
C ARG M 31 -7.47 38.26 -72.35
N TYR M 32 -7.23 37.99 -71.07
CA TYR M 32 -7.50 38.97 -70.02
C TYR M 32 -6.67 40.22 -70.28
N ASN M 33 -5.37 40.06 -70.51
CA ASN M 33 -4.50 41.21 -70.81
C ASN M 33 -4.94 41.96 -72.06
N GLN M 34 -5.44 41.23 -73.05
CA GLN M 34 -5.98 41.85 -74.25
C GLN M 34 -7.08 42.85 -73.90
N THR M 35 -7.95 42.47 -72.97
CA THR M 35 -9.33 42.94 -72.97
C THR M 35 -9.61 43.86 -71.79
N GLU M 36 -8.88 43.62 -70.69
CA GLU M 36 -9.35 44.03 -69.37
C GLU M 36 -9.39 45.55 -69.24
N GLU M 37 -8.42 46.21 -69.87
CA GLU M 37 -8.34 47.68 -69.82
C GLU M 37 -9.61 48.33 -70.37
N LYS M 38 -10.22 47.70 -71.37
CA LYS M 38 -11.46 48.13 -71.99
C LYS M 38 -12.68 47.70 -71.15
N VAL M 39 -12.69 46.41 -70.79
CA VAL M 39 -13.84 45.76 -70.15
C VAL M 39 -13.95 46.03 -68.64
N LYS M 40 -12.85 45.79 -67.91
CA LYS M 40 -12.80 45.93 -66.45
C LYS M 40 -13.75 44.96 -65.75
N ALA M 41 -13.63 43.67 -66.08
CA ALA M 41 -14.47 42.65 -65.50
C ALA M 41 -14.12 42.33 -64.04
N TYR M 42 -12.84 42.47 -63.69
CA TYR M 42 -12.34 42.01 -62.37
C TYR M 42 -12.08 43.07 -61.31
N ILE M 43 -12.38 42.71 -60.07
CA ILE M 43 -11.89 43.46 -58.93
C ILE M 43 -10.52 42.90 -58.55
N THR M 44 -10.43 41.59 -58.43
CA THR M 44 -9.19 40.95 -58.04
C THR M 44 -8.89 39.81 -59.00
N PRO M 45 -8.00 40.07 -59.98
CA PRO M 45 -7.58 39.02 -60.88
C PRO M 45 -6.71 38.06 -60.10
N LEU M 46 -6.88 36.78 -60.35
CA LEU M 46 -6.13 35.78 -59.60
C LEU M 46 -5.42 34.79 -60.52
N TYR M 47 -5.22 35.20 -61.77
CA TYR M 47 -4.59 34.35 -62.79
C TYR M 47 -3.18 33.95 -62.34
N GLY M 48 -2.47 34.92 -61.74
CA GLY M 48 -1.14 34.69 -61.16
C GLY M 48 -1.16 33.53 -60.16
N LYS M 49 -2.09 33.60 -59.22
CA LYS M 49 -2.23 32.56 -58.23
C LYS M 49 -2.67 31.23 -58.83
N ALA M 50 -3.52 31.29 -59.87
CA ALA M 50 -4.05 30.10 -60.51
C ALA M 50 -2.97 29.38 -61.32
N LEU M 51 -2.05 30.17 -61.89
CA LEU M 51 -0.89 29.61 -62.57
C LEU M 51 -0.11 28.70 -61.64
N LYS M 52 0.14 29.18 -60.43
CA LYS M 52 0.86 28.39 -59.42
C LYS M 52 0.07 27.17 -58.96
N GLN M 53 -1.23 27.32 -58.77
CA GLN M 53 -2.06 26.20 -58.31
C GLN M 53 -2.19 25.11 -59.37
N ALA M 54 -2.02 25.50 -60.63
CA ALA M 54 -2.10 24.60 -61.76
C ALA M 54 -0.96 23.57 -61.78
N GLU M 55 0.21 23.99 -61.30
CA GLU M 55 1.39 23.11 -61.28
C GLU M 55 1.16 21.87 -60.44
N SER M 56 0.39 22.02 -59.37
CA SER M 56 0.10 20.93 -58.44
C SER M 56 -1.13 20.11 -58.84
N LEU M 57 -1.80 20.52 -59.90
CA LEU M 57 -3.00 19.85 -60.38
C LEU M 57 -2.63 18.64 -61.24
N LYS M 58 -3.02 17.44 -60.80
CA LYS M 58 -2.58 16.21 -61.45
C LYS M 58 -3.67 15.27 -61.94
N GLU M 59 -4.65 15.00 -61.09
CA GLU M 59 -5.73 14.06 -61.40
C GLU M 59 -6.62 14.52 -62.55
N ARG M 60 -6.44 13.95 -63.75
CA ARG M 60 -7.09 14.46 -64.95
C ARG M 60 -8.57 14.11 -65.06
N GLU M 61 -9.02 13.08 -64.36
CA GLU M 61 -10.40 12.65 -64.50
C GLU M 61 -11.41 13.41 -63.62
N LEU M 62 -10.90 14.39 -62.87
CA LEU M 62 -11.73 15.35 -62.12
C LEU M 62 -12.62 16.14 -63.09
N PRO M 63 -13.92 16.27 -62.76
CA PRO M 63 -14.93 16.77 -63.71
C PRO M 63 -14.61 18.13 -64.34
N LEU M 64 -13.90 18.98 -63.60
CA LEU M 64 -13.49 20.29 -64.13
C LEU M 64 -11.96 20.44 -64.16
N PHE M 65 -11.28 19.32 -64.37
CA PHE M 65 -9.84 19.21 -64.18
C PHE M 65 -9.02 20.48 -64.32
N GLY M 66 -9.04 21.16 -65.47
CA GLY M 66 -8.13 22.29 -65.59
C GLY M 66 -8.81 23.59 -65.93
N ILE M 67 -10.10 23.66 -65.61
CA ILE M 67 -10.92 24.76 -66.10
C ILE M 67 -10.82 26.02 -65.23
N PRO M 68 -10.45 27.14 -65.85
CA PRO M 68 -10.53 28.43 -65.16
C PRO M 68 -11.98 28.80 -64.96
N ILE M 69 -12.24 29.49 -63.86
CA ILE M 69 -13.58 29.97 -63.53
C ILE M 69 -13.52 31.30 -62.78
N ALA M 70 -14.22 32.31 -63.30
CA ALA M 70 -14.32 33.60 -62.61
C ALA M 70 -15.41 33.50 -61.56
N VAL M 71 -15.31 34.32 -60.52
CA VAL M 71 -16.23 34.24 -59.40
C VAL M 71 -16.66 35.65 -58.95
N LYS M 72 -17.96 35.85 -58.79
CA LYS M 72 -18.51 37.13 -58.32
C LYS M 72 -17.90 37.53 -56.98
N ASP M 73 -17.57 38.80 -56.79
CA ASP M 73 -16.91 39.20 -55.53
C ASP M 73 -17.86 39.42 -54.35
N ASN M 74 -18.97 38.69 -54.36
CA ASN M 74 -19.79 38.51 -53.17
C ASN M 74 -19.82 37.02 -52.80
N ILE M 75 -19.03 36.22 -53.49
CA ILE M 75 -18.85 34.83 -53.10
C ILE M 75 -17.45 34.69 -52.47
N LEU M 76 -17.37 34.18 -51.24
CA LEU M 76 -16.11 34.08 -50.52
C LEU M 76 -15.13 33.05 -51.05
N VAL M 77 -13.92 33.52 -51.35
CA VAL M 77 -12.82 32.64 -51.68
C VAL M 77 -11.72 32.89 -50.69
N GLU M 78 -11.38 31.87 -49.91
CA GLU M 78 -10.50 32.07 -48.77
C GLU M 78 -9.07 32.50 -49.08
N GLY M 79 -8.56 33.42 -48.27
CA GLY M 79 -7.23 33.93 -48.45
C GLY M 79 -7.22 35.15 -49.35
N GLU M 80 -8.30 35.37 -50.10
CA GLU M 80 -8.40 36.51 -51.02
C GLU M 80 -9.49 37.44 -50.60
N LYS M 81 -9.33 38.71 -50.96
CA LYS M 81 -10.30 39.76 -50.67
C LYS M 81 -11.69 39.46 -51.23
N THR M 82 -12.73 39.65 -50.41
CA THR M 82 -14.11 39.58 -50.87
C THR M 82 -14.73 40.92 -50.51
N THR M 83 -14.91 41.79 -51.51
CA THR M 83 -15.24 43.19 -51.27
C THR M 83 -16.73 43.55 -51.46
N CYS M 84 -17.46 42.66 -52.13
CA CYS M 84 -18.82 42.95 -52.58
C CYS M 84 -18.87 44.28 -53.28
N ALA M 85 -17.75 44.67 -53.88
CA ALA M 85 -17.62 45.94 -54.55
C ALA M 85 -18.00 47.08 -53.63
N SER M 86 -17.60 46.95 -52.36
CA SER M 86 -17.94 47.92 -51.33
C SER M 86 -16.73 48.49 -50.63
N LYS M 87 -16.79 49.79 -50.31
CA LYS M 87 -15.78 50.45 -49.47
C LYS M 87 -15.75 49.83 -48.09
N ILE M 88 -16.92 49.41 -47.58
CA ILE M 88 -16.98 48.84 -46.22
C ILE M 88 -16.32 47.48 -46.13
N LEU M 89 -16.07 46.85 -47.28
CA LEU M 89 -15.40 45.54 -47.34
C LEU M 89 -14.16 45.44 -48.23
N GLU M 90 -13.60 46.55 -48.69
CA GLU M 90 -12.31 46.42 -49.35
C GLU M 90 -11.35 46.12 -48.24
N ASN M 91 -10.36 45.29 -48.53
CA ASN M 91 -9.41 44.90 -47.48
C ASN M 91 -9.94 43.82 -46.56
N PHE M 92 -11.18 43.41 -46.73
CA PHE M 92 -11.67 42.23 -46.03
C PHE M 92 -11.15 40.95 -46.70
N VAL M 93 -10.33 40.21 -45.99
CA VAL M 93 -9.85 38.93 -46.48
C VAL M 93 -10.75 37.83 -45.99
N ALA M 94 -11.18 36.96 -46.90
CA ALA M 94 -12.12 35.88 -46.59
C ALA M 94 -11.45 34.83 -45.77
N PRO M 95 -11.99 34.52 -44.58
CA PRO M 95 -11.55 33.49 -43.67
C PRO M 95 -11.99 32.06 -44.03
N TYR M 96 -12.85 31.90 -45.02
CA TYR M 96 -13.37 30.57 -45.38
C TYR M 96 -13.90 30.54 -46.79
N ASP M 97 -14.10 29.33 -47.30
CA ASP M 97 -14.60 29.12 -48.65
C ASP M 97 -16.12 29.02 -48.65
N ALA M 98 -16.77 29.72 -49.55
CA ALA M 98 -18.16 29.42 -49.83
C ALA M 98 -18.21 27.96 -50.20
N THR M 99 -19.33 27.31 -49.93
CA THR M 99 -19.50 25.91 -50.26
C THR M 99 -19.29 25.62 -51.74
N VAL M 100 -19.79 26.47 -52.62
CA VAL M 100 -19.61 26.29 -54.06
C VAL M 100 -18.13 26.30 -54.42
N ILE M 101 -17.36 27.17 -53.80
CA ILE M 101 -15.93 27.29 -54.10
C ILE M 101 -15.20 26.02 -53.64
N GLU M 102 -15.60 25.49 -52.50
CA GLU M 102 -15.09 24.24 -52.01
C GLU M 102 -15.37 23.10 -53.02
N ARG M 103 -16.56 23.10 -53.60
CA ARG M 103 -16.98 22.08 -54.54
C ARG M 103 -16.32 22.21 -55.90
N LEU M 104 -16.04 23.44 -56.31
CA LEU M 104 -15.30 23.68 -57.53
C LEU M 104 -13.84 23.26 -57.41
N LYS M 105 -13.19 23.64 -56.31
CA LYS M 105 -11.80 23.25 -56.06
C LYS M 105 -11.69 21.75 -56.04
N LYS M 106 -12.66 21.09 -55.42
CA LYS M 106 -12.66 19.65 -55.31
C LYS M 106 -12.79 19.01 -56.70
N ALA M 107 -13.36 19.76 -57.64
CA ALA M 107 -13.64 19.27 -58.98
C ALA M 107 -12.50 19.57 -59.93
N GLY M 108 -11.45 20.17 -59.38
CA GLY M 108 -10.26 20.52 -60.12
C GLY M 108 -10.26 21.87 -60.79
N ALA M 109 -11.32 22.64 -60.62
CA ALA M 109 -11.41 23.97 -61.22
C ALA M 109 -10.36 24.95 -60.69
N LEU M 110 -10.11 26.01 -61.43
CA LEU M 110 -9.14 27.00 -60.99
C LEU M 110 -9.69 28.42 -60.92
N ILE M 111 -9.82 28.95 -59.71
CA ILE M 111 -10.37 30.31 -59.53
C ILE M 111 -9.42 31.34 -60.12
N VAL M 112 -9.89 32.07 -61.11
CA VAL M 112 -9.03 32.87 -61.91
C VAL M 112 -9.23 34.36 -61.55
N GLY M 113 -10.26 34.66 -60.75
CA GLY M 113 -10.43 36.02 -60.28
C GLY M 113 -11.76 36.35 -59.64
N LYS M 114 -11.80 37.53 -59.03
CA LYS M 114 -13.00 37.96 -58.40
C LYS M 114 -13.56 39.12 -59.19
N THR M 115 -14.83 39.00 -59.51
CA THR M 115 -15.41 39.75 -60.58
C THR M 115 -16.22 40.95 -60.11
N ASN M 116 -16.20 42.06 -60.86
CA ASN M 116 -16.89 43.29 -60.46
C ASN M 116 -18.40 43.09 -60.37
N LEU M 117 -19.04 43.89 -59.52
CA LEU M 117 -20.48 43.85 -59.34
C LEU M 117 -21.00 45.18 -58.81
N ASP M 118 -22.32 45.38 -58.88
CA ASP M 118 -22.90 46.50 -58.15
C ASP M 118 -22.64 46.21 -56.68
N GLU M 119 -22.41 47.26 -55.89
CA GLU M 119 -22.09 47.10 -54.47
C GLU M 119 -23.22 46.37 -53.76
N PHE M 120 -22.82 45.25 -53.16
CA PHE M 120 -23.67 44.34 -52.42
C PHE M 120 -24.73 43.73 -53.28
N ALA M 121 -24.44 43.65 -54.57
CA ALA M 121 -25.31 42.97 -55.57
C ALA M 121 -26.65 43.68 -55.80
N MET M 122 -26.66 44.98 -55.49
CA MET M 122 -27.82 45.82 -55.59
C MET M 122 -27.70 46.76 -56.76
N GLY M 123 -28.37 46.42 -57.86
CA GLY M 123 -28.36 47.23 -59.10
C GLY M 123 -28.50 46.39 -60.37
N SER M 124 -28.61 47.04 -61.52
CA SER M 124 -28.89 46.31 -62.75
C SER M 124 -27.97 46.73 -63.90
N SER M 125 -26.75 47.13 -63.58
CA SER M 125 -25.84 47.68 -64.58
C SER M 125 -24.37 47.62 -64.18
N THR M 126 -24.09 47.29 -62.92
CA THR M 126 -22.72 47.34 -62.35
C THR M 126 -22.15 48.75 -62.06
N GLU M 127 -22.86 49.78 -62.50
CA GLU M 127 -22.43 51.14 -62.23
C GLU M 127 -22.28 51.45 -60.76
N TYR M 128 -22.99 50.72 -59.89
CA TYR M 128 -22.91 50.98 -58.45
C TYR M 128 -21.75 50.24 -57.78
N SER M 129 -20.87 49.63 -58.57
CA SER M 129 -19.61 49.18 -58.00
C SER M 129 -18.96 50.40 -57.38
N ALA M 130 -18.47 50.23 -56.15
CA ALA M 130 -17.84 51.34 -55.43
C ALA M 130 -16.44 51.64 -55.98
N PHE M 131 -15.96 50.80 -56.87
CA PHE M 131 -14.61 50.92 -57.39
C PHE M 131 -14.51 51.49 -58.82
N PHE M 132 -15.32 50.94 -59.73
CA PHE M 132 -15.30 51.32 -61.13
C PHE M 132 -16.38 50.57 -61.90
N PRO M 133 -16.89 51.17 -63.01
CA PRO M 133 -17.84 50.46 -63.87
C PRO M 133 -17.20 49.37 -64.73
N THR M 134 -17.92 48.28 -64.93
CA THR M 134 -17.60 47.31 -65.96
C THR M 134 -18.33 47.77 -67.24
N LYS M 135 -17.70 47.52 -68.38
CA LYS M 135 -18.21 47.94 -69.69
C LYS M 135 -18.63 46.72 -70.56
N ASN M 136 -19.73 46.89 -71.30
CA ASN M 136 -20.23 45.87 -72.22
C ASN M 136 -19.26 45.70 -73.38
N PRO M 137 -18.67 44.49 -73.50
CA PRO M 137 -17.74 44.17 -74.61
C PRO M 137 -18.33 44.26 -76.01
N TRP M 138 -19.63 44.39 -76.15
CA TRP M 138 -20.22 44.60 -77.46
C TRP M 138 -20.40 46.08 -77.77
N ASP M 139 -20.28 46.92 -76.75
CA ASP M 139 -20.29 48.36 -76.94
C ASP M 139 -19.86 48.99 -75.64
N LEU M 140 -18.61 49.44 -75.57
CA LEU M 140 -18.09 49.96 -74.31
C LEU M 140 -18.74 51.28 -73.87
N GLU M 141 -19.63 51.81 -74.69
CA GLU M 141 -20.46 52.93 -74.24
C GLU M 141 -21.67 52.41 -73.44
N ARG M 142 -21.83 51.10 -73.38
CA ARG M 142 -23.02 50.48 -72.82
C ARG M 142 -22.71 49.62 -71.61
N VAL M 143 -23.71 49.43 -70.74
CA VAL M 143 -23.55 48.66 -69.52
C VAL M 143 -23.67 47.16 -69.77
N PRO M 144 -22.97 46.33 -68.98
CA PRO M 144 -23.03 44.91 -69.16
C PRO M 144 -24.19 44.32 -68.42
N GLY M 145 -24.95 45.14 -67.74
CA GLY M 145 -25.98 44.65 -66.84
C GLY M 145 -25.52 44.50 -65.41
N GLY M 146 -26.40 44.05 -64.53
CA GLY M 146 -26.02 43.86 -63.16
C GLY M 146 -27.04 43.05 -62.37
N SER M 147 -26.64 42.56 -61.20
CA SER M 147 -25.41 42.99 -60.57
C SER M 147 -24.18 42.20 -60.96
N SER M 148 -24.34 40.99 -61.50
CA SER M 148 -23.17 40.18 -61.95
C SER M 148 -22.53 40.68 -63.27
N GLY M 149 -22.31 41.99 -63.37
CA GLY M 149 -21.72 42.56 -64.57
C GLY M 149 -20.39 41.99 -65.05
N GLY M 150 -19.43 41.90 -64.15
CA GLY M 150 -18.11 41.36 -64.49
C GLY M 150 -18.12 39.87 -64.81
N SER M 151 -18.98 39.09 -64.17
CA SER M 151 -18.99 37.66 -64.43
C SER M 151 -19.57 37.34 -65.80
N ALA M 152 -20.53 38.16 -66.22
CA ALA M 152 -21.08 38.07 -67.58
C ALA M 152 -20.06 38.52 -68.61
N ALA M 153 -19.48 39.71 -68.39
CA ALA M 153 -18.56 40.33 -69.34
C ALA M 153 -17.34 39.47 -69.61
N SER M 154 -16.73 38.95 -68.55
CA SER M 154 -15.53 38.14 -68.71
C SER M 154 -15.83 36.86 -69.47
N VAL M 155 -17.05 36.34 -69.35
CA VAL M 155 -17.44 35.15 -70.13
C VAL M 155 -17.74 35.54 -71.58
N ALA M 156 -18.23 36.76 -71.77
CA ALA M 156 -18.50 37.26 -73.11
C ALA M 156 -17.19 37.47 -73.91
N VAL M 157 -16.20 38.14 -73.34
CA VAL M 157 -14.91 38.35 -73.99
C VAL M 157 -14.06 37.09 -73.94
N LEU M 158 -14.46 36.12 -73.13
CA LEU M 158 -13.73 34.88 -72.95
C LEU M 158 -12.35 35.04 -72.27
N SER M 159 -12.26 35.97 -71.33
CA SER M 159 -11.14 35.98 -70.39
C SER M 159 -11.35 34.90 -69.33
N ALA M 160 -12.53 34.29 -69.34
CA ALA M 160 -12.83 33.06 -68.62
C ALA M 160 -13.94 32.37 -69.38
N PRO M 161 -13.90 31.02 -69.46
CA PRO M 161 -14.89 30.31 -70.28
C PRO M 161 -16.23 30.18 -69.58
N VAL M 162 -16.18 30.17 -68.25
CA VAL M 162 -17.33 29.87 -67.41
C VAL M 162 -17.24 30.75 -66.12
N SER M 163 -18.37 31.01 -65.46
CA SER M 163 -18.40 32.03 -64.43
C SER M 163 -19.47 31.76 -63.40
N LEU M 164 -19.28 32.30 -62.20
CA LEU M 164 -20.30 32.25 -61.14
C LEU M 164 -20.81 33.63 -60.85
N GLY M 165 -22.12 33.80 -60.79
CA GLY M 165 -22.73 35.05 -60.33
C GLY M 165 -23.79 34.72 -59.28
N SER M 166 -24.57 35.71 -58.88
CA SER M 166 -25.74 35.45 -58.07
C SER M 166 -26.96 36.23 -58.58
N ASP M 167 -28.14 35.74 -58.27
CA ASP M 167 -29.36 36.31 -58.84
C ASP M 167 -30.40 36.44 -57.73
N THR M 168 -30.69 37.70 -57.39
CA THR M 168 -31.69 38.01 -56.35
C THR M 168 -33.01 38.44 -57.00
N GLY M 169 -32.90 39.11 -58.14
CA GLY M 169 -34.04 39.55 -58.91
C GLY M 169 -33.72 39.67 -60.38
N GLY M 170 -32.74 38.88 -60.84
CA GLY M 170 -32.36 38.85 -62.25
C GLY M 170 -30.88 39.08 -62.50
N SER M 171 -30.09 39.05 -61.43
CA SER M 171 -28.68 39.44 -61.47
C SER M 171 -27.69 38.49 -62.20
N ILE M 172 -28.13 37.29 -62.56
CA ILE M 172 -27.43 36.45 -63.55
C ILE M 172 -28.07 36.65 -64.93
N ARG M 173 -29.39 36.53 -65.01
CA ARG M 173 -30.08 36.57 -66.29
C ARG M 173 -29.94 37.88 -67.10
N GLN M 174 -30.17 39.05 -66.49
CA GLN M 174 -30.07 40.26 -67.32
C GLN M 174 -28.64 40.61 -67.74
N PRO M 175 -27.64 40.45 -66.86
CA PRO M 175 -26.29 40.53 -67.44
C PRO M 175 -26.00 39.48 -68.56
N ALA M 176 -26.54 38.27 -68.43
CA ALA M 176 -26.37 37.27 -69.51
C ALA M 176 -27.02 37.76 -70.80
N SER M 177 -28.17 38.43 -70.67
CA SER M 177 -28.87 38.96 -71.83
C SER M 177 -28.06 40.06 -72.48
N PHE M 178 -27.62 41.02 -71.67
CA PHE M 178 -26.88 42.18 -72.13
C PHE M 178 -25.50 41.86 -72.74
N CYS M 179 -24.88 40.76 -72.29
CA CYS M 179 -23.54 40.42 -72.72
C CYS M 179 -23.54 39.30 -73.73
N GLY M 180 -24.72 38.82 -74.09
CA GLY M 180 -24.84 37.78 -75.11
C GLY M 180 -24.27 36.43 -74.73
N VAL M 181 -24.57 36.01 -73.50
CA VAL M 181 -24.12 34.73 -72.98
C VAL M 181 -25.28 34.03 -72.31
N ILE M 182 -25.07 32.75 -72.04
CA ILE M 182 -26.01 31.93 -71.29
C ILE M 182 -25.81 32.18 -69.79
N GLY M 183 -26.91 32.40 -69.08
CA GLY M 183 -26.88 32.57 -67.63
C GLY M 183 -28.07 31.89 -66.96
N ILE M 184 -27.81 30.97 -66.04
CA ILE M 184 -28.86 30.27 -65.31
C ILE M 184 -28.88 30.63 -63.82
N LYS M 185 -30.08 30.91 -63.29
CA LYS M 185 -30.31 30.90 -61.85
C LYS M 185 -31.20 29.71 -61.55
N PRO M 186 -30.72 28.75 -60.76
CA PRO M 186 -31.46 27.52 -60.52
C PRO M 186 -32.55 27.72 -59.49
N THR M 187 -33.27 26.64 -59.18
CA THR M 187 -34.36 26.68 -58.19
C THR M 187 -33.81 27.18 -56.86
N TYR M 188 -34.61 27.98 -56.14
CA TYR M 188 -34.21 28.39 -54.80
C TYR M 188 -34.06 27.16 -53.94
N GLY M 189 -32.87 26.95 -53.41
CA GLY M 189 -32.55 25.77 -52.59
C GLY M 189 -31.63 24.80 -53.30
N ARG M 190 -31.47 24.97 -54.60
CA ARG M 190 -30.59 24.06 -55.32
C ARG M 190 -29.12 24.28 -55.08
N VAL M 191 -28.71 25.51 -54.78
CA VAL M 191 -27.31 25.78 -54.58
C VAL M 191 -27.16 26.45 -53.24
N SER M 192 -26.20 26.00 -52.43
CA SER M 192 -25.97 26.55 -51.10
C SER M 192 -25.70 28.05 -51.12
N ARG M 193 -26.15 28.73 -50.08
CA ARG M 193 -25.87 30.17 -49.93
C ARG M 193 -24.85 30.40 -48.85
N TYR M 194 -24.19 29.33 -48.39
CA TYR M 194 -23.07 29.43 -47.45
C TYR M 194 -21.86 30.01 -48.15
N GLY M 195 -21.47 31.20 -47.72
CA GLY M 195 -20.35 31.91 -48.28
C GLY M 195 -20.76 32.85 -49.39
N LEU M 196 -22.07 32.98 -49.59
CA LEU M 196 -22.60 34.01 -50.47
C LEU M 196 -23.01 35.16 -49.57
N VAL M 197 -22.39 36.32 -49.77
CA VAL M 197 -22.76 37.47 -48.96
C VAL M 197 -24.22 37.80 -49.23
N ALA M 198 -25.04 37.67 -48.18
CA ALA M 198 -26.49 37.78 -48.32
C ALA M 198 -26.96 39.22 -48.53
N PHE M 199 -27.82 39.34 -49.55
CA PHE M 199 -28.57 40.54 -49.95
C PHE M 199 -29.98 40.27 -49.44
N ALA M 200 -30.74 39.47 -50.19
CA ALA M 200 -32.06 39.04 -49.73
C ALA M 200 -32.08 37.52 -49.62
N SER M 201 -32.09 37.02 -48.39
CA SER M 201 -31.88 35.61 -48.10
C SER M 201 -32.90 34.66 -48.73
N SER M 202 -34.14 35.13 -48.89
CA SER M 202 -35.22 34.33 -49.41
C SER M 202 -35.28 34.35 -50.94
N LEU M 203 -34.44 35.20 -51.54
CA LEU M 203 -34.38 35.38 -53.01
C LEU M 203 -33.03 35.00 -53.67
N ASP M 204 -31.91 35.15 -52.94
CA ASP M 204 -30.57 34.88 -53.47
C ASP M 204 -30.43 33.44 -53.97
N GLN M 205 -29.74 33.30 -55.10
CA GLN M 205 -29.17 32.03 -55.53
C GLN M 205 -27.92 32.26 -56.40
N ILE M 206 -26.87 31.54 -56.04
CA ILE M 206 -25.72 31.40 -56.91
C ILE M 206 -26.13 30.68 -58.21
N GLY M 207 -25.55 31.11 -59.33
CA GLY M 207 -25.81 30.52 -60.62
C GLY M 207 -24.59 30.62 -61.52
N VAL M 208 -24.77 30.24 -62.79
CA VAL M 208 -23.64 30.04 -63.71
C VAL M 208 -23.82 30.80 -65.03
N PHE M 209 -22.72 31.41 -65.48
CA PHE M 209 -22.63 31.98 -66.80
C PHE M 209 -21.78 31.07 -67.67
N GLY M 210 -22.16 30.93 -68.94
CA GLY M 210 -21.39 30.15 -69.92
C GLY M 210 -21.75 30.52 -71.35
N ARG M 211 -21.10 29.88 -72.32
CA ARG M 211 -21.33 30.16 -73.74
C ARG M 211 -21.94 28.97 -74.42
N ARG M 212 -21.61 27.79 -73.91
CA ARG M 212 -22.24 26.58 -74.36
C ARG M 212 -23.04 25.96 -73.22
N THR M 213 -24.20 25.42 -73.56
CA THR M 213 -25.12 24.88 -72.58
C THR M 213 -24.49 23.72 -71.78
N GLU M 214 -23.58 22.99 -72.40
CA GLU M 214 -22.92 21.90 -71.70
C GLU M 214 -21.97 22.40 -70.62
N ASP M 215 -21.30 23.52 -70.90
CA ASP M 215 -20.44 24.15 -69.89
C ASP M 215 -21.26 24.53 -68.65
N VAL M 216 -22.40 25.16 -68.91
CA VAL M 216 -23.24 25.66 -67.85
C VAL M 216 -23.84 24.52 -67.03
N ALA M 217 -24.31 23.47 -67.70
CA ALA M 217 -24.93 22.34 -67.03
C ALA M 217 -23.94 21.59 -66.16
N LEU M 218 -22.68 21.53 -66.60
CA LEU M 218 -21.67 20.84 -65.84
C LEU M 218 -21.29 21.62 -64.60
N VAL M 219 -20.96 22.91 -64.74
CA VAL M 219 -20.61 23.75 -63.58
C VAL M 219 -21.72 23.73 -62.54
N LEU M 220 -22.97 23.85 -63.00
CA LEU M 220 -24.13 23.80 -62.13
C LEU M 220 -24.26 22.47 -61.42
N GLU M 221 -24.03 21.37 -62.13
CA GLU M 221 -24.08 20.04 -61.52
C GLU M 221 -23.09 19.95 -60.35
N VAL M 222 -21.86 20.40 -60.58
CA VAL M 222 -20.79 20.26 -59.59
C VAL M 222 -21.20 20.86 -58.25
N ILE M 223 -21.95 21.95 -58.29
CA ILE M 223 -21.88 22.98 -57.25
C ILE M 223 -23.12 22.95 -56.36
N SER M 224 -23.85 21.85 -56.42
CA SER M 224 -25.31 21.88 -56.28
C SER M 224 -25.79 20.88 -55.25
N GLY M 225 -27.07 20.96 -54.90
CA GLY M 225 -27.65 20.12 -53.88
C GLY M 225 -26.86 20.16 -52.58
N TRP M 226 -27.21 19.28 -51.65
CA TRP M 226 -27.54 19.69 -50.29
C TRP M 226 -26.29 20.13 -49.53
N ASP M 227 -26.43 21.19 -48.74
CA ASP M 227 -25.35 21.63 -47.86
C ASP M 227 -25.85 21.74 -46.42
N GLU M 228 -25.16 21.03 -45.53
CA GLU M 228 -25.51 20.99 -44.10
C GLU M 228 -25.31 22.35 -43.43
N LYS M 229 -24.50 23.20 -44.07
CA LYS M 229 -24.23 24.54 -43.55
C LYS M 229 -25.29 25.56 -44.00
N ASP M 230 -26.28 25.10 -44.75
CA ASP M 230 -27.37 25.94 -45.28
C ASP M 230 -28.74 25.34 -45.03
N SER M 231 -29.49 25.96 -44.12
CA SER M 231 -30.80 25.43 -43.70
C SER M 231 -31.78 25.42 -44.85
N THR M 232 -31.59 26.34 -45.77
CA THR M 232 -32.53 26.57 -46.86
C THR M 232 -32.21 25.73 -48.10
N SER M 233 -31.05 25.06 -48.10
CA SER M 233 -30.66 24.15 -49.20
C SER M 233 -31.45 22.86 -49.13
N ALA M 234 -31.90 22.36 -50.27
CA ALA M 234 -32.82 21.22 -50.29
C ALA M 234 -32.14 19.87 -50.32
N LYS M 235 -32.73 18.91 -49.63
CA LYS M 235 -32.23 17.55 -49.63
C LYS M 235 -32.82 16.82 -50.84
N VAL M 236 -32.36 17.23 -52.01
CA VAL M 236 -32.85 16.75 -53.29
C VAL M 236 -31.64 16.36 -54.12
N PRO M 237 -31.68 15.15 -54.74
CA PRO M 237 -30.56 14.69 -55.57
C PRO M 237 -30.30 15.64 -56.75
N VAL M 238 -29.03 15.85 -57.07
CA VAL M 238 -28.65 16.68 -58.20
C VAL M 238 -28.74 15.80 -59.48
N PRO M 239 -29.59 16.21 -60.44
CA PRO M 239 -29.71 15.49 -61.71
C PRO M 239 -28.38 15.48 -62.49
N GLU M 240 -28.12 14.41 -63.24
CA GLU M 240 -26.91 14.33 -64.06
C GLU M 240 -27.09 15.19 -65.30
N TRP M 241 -26.96 16.50 -65.12
CA TRP M 241 -27.31 17.47 -66.16
C TRP M 241 -26.44 17.40 -67.40
N SER M 242 -25.15 17.11 -67.21
CA SER M 242 -24.21 16.95 -68.33
C SER M 242 -24.62 15.83 -69.27
N GLU M 243 -25.30 14.81 -68.74
CA GLU M 243 -25.80 13.70 -69.54
C GLU M 243 -27.23 13.93 -70.00
N GLU M 244 -27.83 15.01 -69.54
CA GLU M 244 -29.25 15.22 -69.76
C GLU M 244 -29.55 16.33 -70.78
N VAL M 245 -28.63 17.30 -70.92
CA VAL M 245 -28.88 18.44 -71.83
C VAL M 245 -29.02 18.01 -73.27
N LYS M 246 -28.29 16.96 -73.64
CA LYS M 246 -28.24 16.52 -75.02
C LYS M 246 -29.50 15.76 -75.46
N LYS M 247 -30.21 15.18 -74.48
CA LYS M 247 -31.45 14.46 -74.77
C LYS M 247 -32.56 15.40 -75.24
N GLU M 248 -33.59 14.82 -75.84
CA GLU M 248 -34.69 15.59 -76.43
C GLU M 248 -36.01 15.01 -75.98
N VAL M 249 -36.87 15.85 -75.40
CA VAL M 249 -38.19 15.42 -74.94
C VAL M 249 -39.27 15.94 -75.89
N LYS M 250 -40.12 15.03 -76.36
CA LYS M 250 -41.13 15.40 -77.33
C LYS M 250 -42.41 16.01 -76.72
N GLY M 251 -42.99 16.94 -77.47
CA GLY M 251 -44.27 17.54 -77.14
C GLY M 251 -44.24 18.51 -75.97
N LEU M 252 -43.13 19.23 -75.81
CA LEU M 252 -43.04 20.21 -74.75
C LEU M 252 -43.89 21.45 -75.09
N LYS M 253 -44.30 22.20 -74.07
CA LYS M 253 -45.22 23.32 -74.26
C LYS M 253 -44.67 24.64 -73.68
N ILE M 254 -44.87 25.73 -74.39
CA ILE M 254 -44.35 27.02 -73.94
C ILE M 254 -45.46 28.02 -73.72
N GLY M 255 -45.48 28.63 -72.54
CA GLY M 255 -46.51 29.60 -72.20
C GLY M 255 -46.07 31.02 -72.41
N LEU M 256 -46.92 31.81 -73.02
CA LEU M 256 -46.66 33.23 -73.16
C LEU M 256 -47.66 34.02 -72.36
N PRO M 257 -47.20 34.63 -71.27
CA PRO M 257 -48.12 35.27 -70.36
C PRO M 257 -48.80 36.46 -71.01
N LYS M 258 -50.14 36.44 -71.03
CA LYS M 258 -50.96 37.52 -71.59
C LYS M 258 -50.65 38.87 -70.96
N GLU M 259 -50.32 38.87 -69.67
CA GLU M 259 -50.05 40.10 -68.94
C GLU M 259 -48.78 40.77 -69.44
N PHE M 260 -47.86 39.97 -70.00
CA PHE M 260 -46.60 40.49 -70.52
C PHE M 260 -46.75 41.28 -71.83
N PHE M 261 -47.88 41.10 -72.53
CA PHE M 261 -48.09 41.83 -73.78
C PHE M 261 -48.31 43.29 -73.49
N GLU M 262 -48.73 43.57 -72.25
CA GLU M 262 -48.95 44.93 -71.82
C GLU M 262 -47.66 45.66 -71.43
N TYR M 263 -46.56 44.92 -71.41
CA TYR M 263 -45.28 45.47 -70.95
C TYR M 263 -44.64 46.21 -72.11
N GLU M 264 -44.22 47.46 -71.86
CA GLU M 264 -43.45 48.24 -72.85
C GLU M 264 -42.11 47.55 -73.24
N LEU M 265 -42.05 47.03 -74.47
CA LEU M 265 -40.82 46.44 -75.03
C LEU M 265 -40.24 47.30 -76.15
N GLN M 266 -38.92 47.36 -76.24
CA GLN M 266 -38.27 47.90 -77.42
C GLN M 266 -38.60 47.02 -78.64
N PRO M 267 -38.90 47.67 -79.81
CA PRO M 267 -39.29 46.94 -81.01
C PRO M 267 -38.27 45.89 -81.42
N GLN M 268 -36.98 46.17 -81.29
CA GLN M 268 -35.93 45.18 -81.61
C GLN M 268 -36.06 43.93 -80.74
N VAL M 269 -36.34 44.13 -79.45
CA VAL M 269 -36.50 43.02 -78.49
C VAL M 269 -37.72 42.20 -78.88
N LYS M 270 -38.83 42.88 -79.10
CA LYS M 270 -40.06 42.19 -79.47
C LYS M 270 -39.84 41.37 -80.72
N GLU M 271 -39.24 41.97 -81.76
CA GLU M 271 -38.90 41.34 -83.04
C GLU M 271 -38.09 40.06 -82.82
N ALA M 272 -37.01 40.21 -82.04
CA ALA M 272 -36.12 39.08 -81.71
C ALA M 272 -36.87 37.95 -80.99
N PHE M 273 -37.75 38.33 -80.06
CA PHE M 273 -38.45 37.35 -79.25
C PHE M 273 -39.45 36.59 -80.09
N GLU M 274 -40.19 37.31 -80.93
CA GLU M 274 -41.20 36.68 -81.81
C GLU M 274 -40.54 35.65 -82.73
N ASN M 275 -39.36 36.00 -83.24
CA ASN M 275 -38.60 35.10 -84.09
C ASN M 275 -38.15 33.84 -83.35
N PHE M 276 -37.67 34.03 -82.12
CA PHE M 276 -37.26 32.94 -81.22
C PHE M 276 -38.37 31.93 -81.08
N ILE M 277 -39.58 32.44 -80.86
CA ILE M 277 -40.78 31.63 -80.64
C ILE M 277 -41.26 30.94 -81.92
N LYS M 278 -41.26 31.67 -83.03
CA LYS M 278 -41.65 31.07 -84.32
C LYS M 278 -40.71 29.93 -84.66
N GLU M 279 -39.42 30.15 -84.42
CA GLU M 279 -38.36 29.18 -84.68
C GLU M 279 -38.53 27.93 -83.81
N LEU M 280 -38.91 28.14 -82.55
CA LEU M 280 -39.22 27.05 -81.62
C LEU M 280 -40.47 26.30 -82.07
N GLU M 281 -41.51 27.04 -82.43
CA GLU M 281 -42.71 26.44 -82.97
C GLU M 281 -42.35 25.47 -84.12
N LYS M 282 -41.50 25.91 -85.06
CA LYS M 282 -41.10 25.10 -86.21
C LYS M 282 -40.45 23.79 -85.82
N GLU M 283 -39.77 23.80 -84.69
CA GLU M 283 -39.10 22.60 -84.20
C GLU M 283 -40.04 21.65 -83.43
N GLY M 284 -41.30 22.06 -83.25
CA GLY M 284 -42.31 21.17 -82.67
C GLY M 284 -42.82 21.53 -81.29
N PHE M 285 -42.39 22.67 -80.75
CA PHE M 285 -42.92 23.16 -79.50
C PHE M 285 -44.30 23.71 -79.73
N GLU M 286 -45.22 23.32 -78.85
CA GLU M 286 -46.53 23.91 -78.87
C GLU M 286 -46.53 25.21 -78.06
N ILE M 287 -47.07 26.27 -78.65
CA ILE M 287 -47.06 27.58 -78.04
C ILE M 287 -48.46 28.00 -77.59
N LYS M 288 -48.59 28.34 -76.30
CA LYS M 288 -49.88 28.65 -75.68
C LYS M 288 -49.82 29.94 -74.91
N GLU M 289 -50.88 30.73 -74.98
CA GLU M 289 -51.04 31.90 -74.13
C GLU M 289 -51.45 31.46 -72.73
N VAL M 290 -50.74 31.94 -71.71
CA VAL M 290 -51.16 31.70 -70.32
C VAL M 290 -51.50 33.01 -69.59
N SER M 291 -52.17 32.86 -68.44
CA SER M 291 -52.49 33.96 -67.55
C SER M 291 -51.64 33.90 -66.28
N LEU M 292 -51.16 35.07 -65.88
CA LEU M 292 -50.52 35.23 -64.59
C LEU M 292 -51.07 36.53 -64.04
N PRO M 293 -52.27 36.49 -63.44
CA PRO M 293 -53.00 37.73 -63.17
C PRO M 293 -52.29 38.65 -62.20
N HIS M 294 -51.31 38.15 -61.47
CA HIS M 294 -50.64 38.93 -60.42
C HIS M 294 -49.25 39.44 -60.78
N VAL M 295 -48.69 38.98 -61.91
CA VAL M 295 -47.31 39.30 -62.20
C VAL M 295 -46.98 40.77 -62.24
N LYS M 296 -47.91 41.60 -62.67
CA LYS M 296 -47.58 43.02 -62.76
C LYS M 296 -47.23 43.58 -61.39
N TYR M 297 -47.60 42.87 -60.35
CA TYR M 297 -47.26 43.26 -58.98
C TYR M 297 -45.88 42.76 -58.53
N SER M 298 -45.17 42.05 -59.40
CA SER M 298 -43.83 41.51 -59.10
C SER M 298 -42.81 42.55 -58.65
N ILE M 299 -42.73 43.66 -59.39
CA ILE M 299 -41.80 44.75 -59.06
C ILE M 299 -42.06 45.45 -57.70
N PRO M 300 -43.30 45.92 -57.43
CA PRO M 300 -43.45 46.51 -56.10
C PRO M 300 -43.27 45.50 -54.99
N THR M 301 -43.67 44.24 -55.22
CA THR M 301 -43.51 43.18 -54.24
C THR M 301 -42.01 43.04 -53.94
N TYR M 302 -41.21 42.88 -55.01
CA TYR M 302 -39.77 42.67 -54.90
C TYR M 302 -39.06 43.85 -54.22
N TYR M 303 -39.49 45.07 -54.53
CA TYR M 303 -38.81 46.21 -53.97
C TYR M 303 -39.34 46.64 -52.61
N ILE M 304 -40.10 45.75 -52.00
CA ILE M 304 -40.39 45.83 -50.57
C ILE M 304 -39.64 44.68 -49.91
N ILE M 305 -39.77 43.46 -50.44
CA ILE M 305 -39.09 42.31 -49.84
C ILE M 305 -37.56 42.43 -49.85
N ALA M 306 -36.97 42.71 -51.02
CA ALA M 306 -35.51 42.76 -51.16
C ALA M 306 -34.84 43.77 -50.24
N PRO M 307 -35.24 45.06 -50.31
CA PRO M 307 -34.73 46.07 -49.37
C PRO M 307 -34.94 45.72 -47.89
N SER M 308 -36.04 45.07 -47.54
CA SER M 308 -36.25 44.68 -46.15
C SER M 308 -35.22 43.69 -45.69
N GLU M 309 -35.12 42.56 -46.38
CA GLU M 309 -34.13 41.55 -46.02
C GLU M 309 -32.71 42.14 -46.13
N ALA M 310 -32.49 43.03 -47.07
CA ALA M 310 -31.18 43.62 -47.19
C ALA M 310 -30.83 44.51 -46.01
N SER M 311 -31.79 45.27 -45.45
CA SER M 311 -31.48 46.12 -44.30
C SER M 311 -31.07 45.24 -43.11
N SER M 312 -31.71 44.07 -43.02
CA SER M 312 -31.42 43.14 -41.94
C SER M 312 -30.07 42.49 -42.15
N ASN M 313 -29.80 42.01 -43.35
CA ASN M 313 -28.54 41.34 -43.62
C ASN M 313 -27.35 42.25 -43.63
N LEU M 314 -27.58 43.54 -43.74
CA LEU M 314 -26.48 44.51 -43.76
C LEU M 314 -26.20 45.18 -42.41
N ALA M 315 -27.01 44.87 -41.41
CA ALA M 315 -26.83 45.36 -40.06
C ALA M 315 -25.47 44.96 -39.48
N ARG M 316 -24.87 43.91 -39.99
CA ARG M 316 -23.63 43.39 -39.44
C ARG M 316 -22.36 44.15 -39.84
N TYR M 317 -22.45 45.00 -40.85
CA TYR M 317 -21.31 45.79 -41.29
C TYR M 317 -21.27 47.07 -40.46
N ASP M 318 -20.40 47.05 -39.43
CA ASP M 318 -20.50 47.93 -38.29
C ASP M 318 -19.15 48.42 -37.72
N GLY M 319 -18.05 48.00 -38.32
CA GLY M 319 -16.73 48.47 -37.88
C GLY M 319 -16.23 47.80 -36.62
N VAL M 320 -16.93 46.78 -36.16
CA VAL M 320 -16.51 46.05 -34.96
C VAL M 320 -15.59 44.86 -35.27
N ARG M 321 -16.00 43.93 -36.12
CA ARG M 321 -15.29 42.66 -36.20
C ARG M 321 -14.41 42.49 -37.45
N TYR M 322 -14.67 43.31 -38.46
CA TYR M 322 -14.01 43.21 -39.75
C TYR M 322 -14.31 44.44 -40.58
N GLY M 323 -13.60 44.56 -41.70
CA GLY M 323 -13.88 45.60 -42.68
C GLY M 323 -13.59 47.01 -42.27
N TYR M 324 -14.20 47.95 -42.97
CA TYR M 324 -13.94 49.38 -42.78
C TYR M 324 -14.43 49.92 -41.45
N ARG M 325 -13.70 50.89 -40.94
CA ARG M 325 -14.10 51.64 -39.78
C ARG M 325 -13.76 53.11 -39.98
N ALA M 326 -14.72 54.00 -39.76
CA ALA M 326 -14.46 55.44 -39.86
C ALA M 326 -13.29 55.84 -38.98
N LYS M 327 -12.58 56.90 -39.39
CA LYS M 327 -11.40 57.35 -38.68
C LYS M 327 -11.72 58.25 -37.49
N GLU M 328 -12.75 59.07 -37.63
CA GLU M 328 -13.10 60.02 -36.60
C GLU M 328 -14.46 59.67 -35.96
N TYR M 329 -14.46 59.50 -34.64
CA TYR M 329 -15.70 59.28 -33.89
C TYR M 329 -15.58 59.60 -32.41
N LYS M 330 -16.62 60.20 -31.84
CA LYS M 330 -16.59 60.64 -30.45
C LYS M 330 -17.20 59.60 -29.53
N ASP M 331 -17.98 58.69 -30.11
CA ASP M 331 -18.60 57.61 -29.35
C ASP M 331 -19.07 56.49 -30.26
N ILE M 332 -19.53 55.39 -29.67
CA ILE M 332 -19.79 54.17 -30.41
C ILE M 332 -20.91 54.37 -31.44
N PHE M 333 -21.86 55.23 -31.10
CA PHE M 333 -22.92 55.62 -32.04
C PHE M 333 -22.31 56.25 -33.29
N GLU M 334 -21.43 57.23 -33.10
CA GLU M 334 -20.77 57.87 -34.22
C GLU M 334 -19.92 56.87 -34.98
N MET M 335 -19.24 55.97 -34.27
CA MET M 335 -18.43 54.96 -34.93
C MET M 335 -19.27 54.17 -35.90
N TYR M 336 -20.40 53.67 -35.39
CA TYR M 336 -21.34 52.90 -36.16
C TYR M 336 -21.84 53.70 -37.35
N ALA M 337 -22.49 54.83 -37.06
CA ALA M 337 -23.19 55.65 -38.06
C ALA M 337 -22.30 56.25 -39.14
N ARG M 338 -21.06 56.55 -38.77
CA ARG M 338 -20.06 57.10 -39.70
C ARG M 338 -19.43 56.02 -40.54
N THR M 339 -19.08 54.88 -39.93
CA THR M 339 -18.57 53.73 -40.66
C THR M 339 -19.49 53.37 -41.82
N ARG M 340 -20.79 53.30 -41.51
CA ARG M 340 -21.81 52.90 -42.46
C ARG M 340 -22.11 53.97 -43.52
N ASP M 341 -22.28 55.22 -43.13
CA ASP M 341 -22.49 56.25 -44.14
C ASP M 341 -21.33 56.34 -45.11
N GLU M 342 -20.11 56.20 -44.58
CA GLU M 342 -18.92 56.32 -45.39
C GLU M 342 -18.66 55.08 -46.21
N GLY M 343 -18.99 53.93 -45.64
CA GLY M 343 -18.63 52.66 -46.25
C GLY M 343 -19.64 52.13 -47.24
N PHE M 344 -20.91 52.51 -47.08
CA PHE M 344 -22.00 52.09 -47.98
C PHE M 344 -22.22 53.07 -49.12
N GLY M 345 -22.41 52.52 -50.31
CA GLY M 345 -22.77 53.31 -51.48
C GLY M 345 -24.20 53.83 -51.45
N PRO M 346 -24.59 54.61 -52.48
CA PRO M 346 -25.87 55.31 -52.40
C PRO M 346 -27.07 54.37 -52.58
N GLU M 347 -26.98 53.36 -53.44
CA GLU M 347 -28.13 52.48 -53.67
C GLU M 347 -28.30 51.60 -52.47
N VAL M 348 -27.18 51.17 -51.89
CA VAL M 348 -27.19 50.33 -50.69
C VAL M 348 -27.89 51.14 -49.59
N LYS M 349 -27.50 52.40 -49.43
CA LYS M 349 -28.09 53.21 -48.36
C LYS M 349 -29.58 53.46 -48.55
N ARG M 350 -30.01 53.64 -49.80
CA ARG M 350 -31.44 53.79 -50.12
C ARG M 350 -32.26 52.57 -49.72
N ARG M 351 -31.73 51.38 -49.99
CA ARG M 351 -32.40 50.12 -49.67
C ARG M 351 -32.40 49.81 -48.18
N ILE M 352 -31.32 50.18 -47.51
CA ILE M 352 -31.29 50.06 -46.07
C ILE M 352 -32.36 50.93 -45.43
N MET M 353 -32.47 52.20 -45.86
CA MET M 353 -33.49 53.14 -45.36
C MET M 353 -34.90 52.62 -45.59
N LEU M 354 -35.18 52.25 -46.84
CA LEU M 354 -36.43 51.66 -47.26
C LEU M 354 -36.77 50.41 -46.45
N GLY M 355 -35.79 49.51 -46.31
CA GLY M 355 -35.99 48.27 -45.58
C GLY M 355 -36.44 48.50 -44.15
N THR M 356 -35.75 49.41 -43.46
CA THR M 356 -35.93 49.58 -42.03
C THR M 356 -37.26 50.25 -41.72
N PHE M 357 -37.78 50.99 -42.68
CA PHE M 357 -39.16 51.47 -42.64
C PHE M 357 -40.15 50.34 -42.86
N ALA M 358 -39.91 49.55 -43.91
CA ALA M 358 -40.79 48.43 -44.24
C ALA M 358 -40.91 47.40 -43.13
N LEU M 359 -39.90 47.29 -42.29
CA LEU M 359 -39.92 46.37 -41.18
C LEU M 359 -40.36 47.01 -39.88
N SER M 360 -40.46 48.33 -39.88
CA SER M 360 -40.81 49.05 -38.68
C SER M 360 -42.23 48.70 -38.26
N ALA M 361 -42.46 48.60 -36.95
CA ALA M 361 -43.77 48.35 -36.38
C ALA M 361 -44.72 49.47 -36.81
N GLY M 362 -45.92 49.09 -37.20
CA GLY M 362 -46.86 50.09 -37.70
C GLY M 362 -46.86 50.17 -39.22
N TYR M 363 -45.76 49.76 -39.83
CA TYR M 363 -45.71 49.64 -41.28
C TYR M 363 -45.43 48.23 -41.82
N TYR M 364 -45.00 47.34 -40.92
CA TYR M 364 -44.65 45.95 -41.25
C TYR M 364 -45.81 45.22 -41.95
N ASP M 365 -47.01 45.31 -41.39
CA ASP M 365 -48.21 44.63 -41.90
C ASP M 365 -48.55 45.05 -43.31
N ALA M 366 -48.49 46.35 -43.59
CA ALA M 366 -48.84 46.88 -44.90
C ALA M 366 -47.68 46.81 -45.93
N TYR M 367 -46.45 46.64 -45.46
CA TYR M 367 -45.32 46.49 -46.34
C TYR M 367 -44.79 45.04 -46.43
N TYR M 368 -43.82 44.66 -45.59
CA TYR M 368 -43.20 43.32 -45.69
C TYR M 368 -44.19 42.14 -45.67
N LEU M 369 -45.03 42.09 -44.65
CA LEU M 369 -46.04 41.03 -44.55
C LEU M 369 -46.94 41.00 -45.78
N LYS M 370 -47.51 42.15 -46.11
CA LYS M 370 -48.31 42.29 -47.30
C LYS M 370 -47.62 41.70 -48.53
N ALA M 371 -46.35 42.10 -48.73
CA ALA M 371 -45.58 41.70 -49.89
C ALA M 371 -45.33 40.20 -49.91
N GLN M 372 -45.15 39.61 -48.73
CA GLN M 372 -44.90 38.20 -48.64
C GLN M 372 -46.15 37.42 -49.00
N LYS M 373 -47.30 38.04 -48.80
CA LYS M 373 -48.58 37.46 -49.22
C LYS M 373 -48.80 37.54 -50.73
N VAL M 374 -48.61 38.73 -51.28
CA VAL M 374 -48.73 38.97 -52.71
C VAL M 374 -47.77 38.03 -53.44
N ARG M 375 -46.66 37.73 -52.77
CA ARG M 375 -45.64 36.83 -53.30
C ARG M 375 -46.19 35.43 -53.48
N ARG M 376 -47.04 34.99 -52.54
CA ARG M 376 -47.65 33.68 -52.68
C ARG M 376 -48.70 33.64 -53.79
N LEU M 377 -49.42 34.75 -53.95
CA LEU M 377 -50.36 34.86 -55.06
C LEU M 377 -49.61 34.70 -56.38
N ILE M 378 -48.51 35.45 -56.52
CA ILE M 378 -47.64 35.39 -57.69
C ILE M 378 -47.14 33.96 -57.92
N THR M 379 -46.70 33.31 -56.86
CA THR M 379 -46.16 31.96 -56.98
C THR M 379 -47.24 31.06 -57.50
N ASN M 380 -48.45 31.23 -56.98
CA ASN M 380 -49.59 30.43 -57.32
C ASN M 380 -50.03 30.60 -58.77
N ASP M 381 -49.93 31.82 -59.30
CA ASP M 381 -50.10 32.02 -60.74
C ASP M 381 -49.27 31.01 -61.50
N PHE M 382 -47.99 30.96 -61.17
CA PHE M 382 -47.06 30.11 -61.88
C PHE M 382 -47.44 28.66 -61.79
N LEU M 383 -47.70 28.19 -60.59
CA LEU M 383 -48.01 26.81 -60.33
C LEU M 383 -49.20 26.34 -61.15
N LYS M 384 -50.18 27.24 -61.28
CA LYS M 384 -51.40 27.02 -62.05
C LYS M 384 -51.10 26.99 -63.55
N ALA M 385 -50.36 28.00 -64.02
CA ALA M 385 -49.89 28.02 -65.41
C ALA M 385 -49.05 26.78 -65.77
N PHE M 386 -48.33 26.22 -64.81
CA PHE M 386 -47.48 25.08 -65.09
C PHE M 386 -48.26 23.78 -65.20
N GLU M 387 -49.57 23.86 -64.94
CA GLU M 387 -50.47 22.74 -65.16
C GLU M 387 -50.78 22.56 -66.64
N GLU M 388 -50.80 23.67 -67.40
CA GLU M 388 -51.07 23.66 -68.83
C GLU M 388 -49.79 23.64 -69.70
N VAL M 389 -48.71 24.22 -69.20
CA VAL M 389 -47.45 24.41 -69.97
C VAL M 389 -46.21 23.91 -69.22
N ASP M 390 -45.09 23.75 -69.91
CA ASP M 390 -43.86 23.21 -69.29
C ASP M 390 -42.84 24.28 -68.93
N VAL M 391 -42.74 25.31 -69.75
CA VAL M 391 -41.88 26.43 -69.44
C VAL M 391 -42.61 27.69 -69.81
N ILE M 392 -42.19 28.81 -69.25
CA ILE M 392 -42.78 30.09 -69.60
C ILE M 392 -41.69 30.95 -70.24
N ALA M 393 -41.99 31.56 -71.38
CA ALA M 393 -40.95 32.33 -72.02
C ALA M 393 -41.33 33.80 -72.16
N SER M 394 -40.28 34.63 -72.19
CA SER M 394 -40.44 36.05 -72.36
C SER M 394 -39.08 36.61 -72.78
N PRO M 395 -39.05 37.89 -73.23
CA PRO M 395 -37.74 38.49 -73.32
C PRO M 395 -37.15 38.55 -71.89
N THR M 396 -35.83 38.41 -71.76
CA THR M 396 -35.21 38.55 -70.44
C THR M 396 -35.29 40.00 -69.97
N THR M 397 -35.25 40.92 -70.93
CA THR M 397 -35.19 42.35 -70.65
C THR M 397 -36.08 43.12 -71.61
N PRO M 398 -36.72 44.18 -71.14
CA PRO M 398 -37.54 45.02 -72.00
C PRO M 398 -36.80 45.84 -73.06
N THR M 399 -35.49 46.00 -72.89
CA THR M 399 -34.69 46.86 -73.79
C THR M 399 -33.36 46.22 -74.10
N LEU M 400 -32.70 46.74 -75.14
CA LEU M 400 -31.30 46.46 -75.41
C LEU M 400 -30.43 47.11 -74.30
N PRO M 401 -29.19 46.59 -74.08
CA PRO M 401 -28.22 47.25 -73.23
C PRO M 401 -28.23 48.75 -73.34
N PHE M 402 -28.44 49.44 -72.22
CA PHE M 402 -28.51 50.90 -72.21
C PHE M 402 -27.17 51.58 -71.91
N LYS M 403 -27.14 52.90 -72.00
CA LYS M 403 -25.90 53.64 -71.80
C LYS M 403 -25.64 53.99 -70.33
N PHE M 404 -24.36 54.19 -70.01
CA PHE M 404 -23.96 54.67 -68.69
C PHE M 404 -24.65 55.98 -68.38
N GLY M 405 -25.01 56.16 -67.11
CA GLY M 405 -25.67 57.38 -66.65
C GLY M 405 -27.14 57.48 -67.03
N GLU M 406 -27.62 56.55 -67.88
CA GLU M 406 -29.00 56.60 -68.39
C GLU M 406 -30.03 56.35 -67.31
N ARG M 407 -29.69 55.49 -66.36
CA ARG M 407 -30.61 55.08 -65.31
C ARG M 407 -30.08 55.37 -63.91
N LEU M 408 -29.34 56.47 -63.77
CA LEU M 408 -28.78 56.89 -62.48
C LEU M 408 -29.44 58.16 -61.97
N GLU M 409 -30.17 58.86 -62.84
CA GLU M 409 -30.87 60.08 -62.45
C GLU M 409 -31.97 59.78 -61.42
N ASN M 410 -33.00 59.05 -61.85
CA ASN M 410 -34.01 58.50 -60.95
C ASN M 410 -33.70 57.02 -60.66
N PRO M 411 -33.45 56.69 -59.38
CA PRO M 411 -33.22 55.31 -58.94
C PRO M 411 -34.25 54.33 -59.54
N ILE M 412 -35.50 54.76 -59.61
CA ILE M 412 -36.61 53.95 -60.11
C ILE M 412 -36.34 53.48 -61.52
N GLU M 413 -35.70 54.31 -62.32
CA GLU M 413 -35.38 53.96 -63.69
C GLU M 413 -34.55 52.67 -63.74
N MET M 414 -33.65 52.52 -62.79
CA MET M 414 -32.82 51.32 -62.69
C MET M 414 -33.66 50.08 -62.33
N TYR M 415 -34.61 50.27 -61.42
CA TYR M 415 -35.49 49.22 -60.98
C TYR M 415 -36.26 48.59 -62.14
N LEU M 416 -36.73 49.44 -63.04
CA LEU M 416 -37.55 49.02 -64.19
C LEU M 416 -36.84 48.03 -65.14
N SER M 417 -35.52 47.86 -64.94
CA SER M 417 -34.75 46.91 -65.71
C SER M 417 -35.16 45.48 -65.39
N ASP M 418 -35.73 45.29 -64.20
CA ASP M 418 -35.96 43.96 -63.63
C ASP M 418 -37.36 43.42 -63.81
N ILE M 419 -38.22 44.15 -64.52
CA ILE M 419 -39.63 43.81 -64.63
C ILE M 419 -39.90 42.42 -65.16
N LEU M 420 -39.03 41.87 -65.97
CA LEU M 420 -39.29 40.54 -66.49
C LEU M 420 -38.51 39.46 -65.75
N THR M 421 -37.64 39.87 -64.85
CA THR M 421 -36.77 38.92 -64.16
C THR M 421 -37.14 38.56 -62.74
N VAL M 422 -37.67 39.52 -62.02
CA VAL M 422 -37.98 39.33 -60.61
C VAL M 422 -39.03 38.26 -60.40
N PRO M 423 -40.03 38.12 -61.26
CA PRO M 423 -41.03 37.10 -60.99
C PRO M 423 -40.46 35.71 -60.66
N ALA M 424 -39.40 35.26 -61.33
CA ALA M 424 -38.85 33.92 -61.05
C ALA M 424 -38.25 33.78 -59.65
N ASN M 425 -37.62 34.86 -59.14
CA ASN M 425 -37.07 34.84 -57.78
C ASN M 425 -38.18 34.84 -56.73
N LEU M 426 -39.25 35.59 -56.99
CA LEU M 426 -40.36 35.65 -56.07
C LEU M 426 -40.96 34.28 -55.94
N ALA M 427 -41.08 33.58 -57.05
CA ALA M 427 -41.70 32.27 -57.01
C ALA M 427 -40.71 31.14 -56.69
N GLY M 428 -39.45 31.48 -56.57
CA GLY M 428 -38.44 30.50 -56.26
C GLY M 428 -38.11 29.54 -57.40
N LEU M 429 -38.44 29.94 -58.63
CA LEU M 429 -38.33 29.09 -59.81
C LEU M 429 -36.98 29.20 -60.48
N PRO M 430 -36.50 28.14 -61.14
CA PRO M 430 -35.32 28.30 -61.97
C PRO M 430 -35.67 29.12 -63.20
N ALA M 431 -34.68 29.84 -63.76
CA ALA M 431 -34.88 30.63 -64.97
C ALA M 431 -33.53 30.84 -65.67
N ILE M 432 -33.57 30.82 -66.99
CA ILE M 432 -32.37 30.91 -67.81
C ILE M 432 -32.54 32.02 -68.82
N SER M 433 -31.45 32.71 -69.11
CA SER M 433 -31.43 33.72 -70.15
C SER M 433 -30.46 33.21 -71.20
N ILE M 434 -30.91 33.30 -72.45
CA ILE M 434 -30.36 32.56 -73.58
C ILE M 434 -30.27 33.57 -74.70
N PRO M 435 -29.11 33.68 -75.37
CA PRO M 435 -28.95 34.64 -76.48
C PRO M 435 -29.82 34.25 -77.67
N ILE M 436 -30.64 35.17 -78.16
CA ILE M 436 -31.60 34.83 -79.23
C ILE M 436 -31.43 35.60 -80.56
N ALA M 437 -30.80 36.76 -80.47
CA ALA M 437 -30.48 37.57 -81.64
C ALA M 437 -29.43 38.62 -81.28
N TRP M 438 -28.98 39.34 -82.32
CA TRP M 438 -28.20 40.55 -82.12
C TRP M 438 -28.87 41.61 -82.93
N LYS M 439 -29.20 42.69 -82.26
CA LYS M 439 -29.99 43.73 -82.87
C LYS M 439 -29.26 45.01 -82.70
N ASP M 440 -28.94 45.65 -83.83
CA ASP M 440 -28.17 46.90 -83.84
C ASP M 440 -26.82 46.74 -83.14
N GLY M 441 -26.26 45.54 -83.29
CA GLY M 441 -24.95 45.21 -82.74
C GLY M 441 -24.96 44.67 -81.32
N LEU M 442 -26.14 44.67 -80.68
CA LEU M 442 -26.25 44.33 -79.27
C LEU M 442 -27.00 43.02 -79.04
N PRO M 443 -26.53 42.23 -78.07
CA PRO M 443 -27.21 40.96 -77.75
C PRO M 443 -28.63 41.14 -77.23
N VAL M 444 -29.48 40.16 -77.49
CA VAL M 444 -30.80 40.08 -76.90
C VAL M 444 -30.94 38.69 -76.32
N GLY M 445 -31.43 38.66 -75.07
CA GLY M 445 -31.70 37.43 -74.33
C GLY M 445 -33.18 37.03 -74.32
N GLY M 446 -33.41 35.73 -74.54
CA GLY M 446 -34.72 35.12 -74.34
C GLY M 446 -34.71 34.37 -73.01
N GLN M 447 -35.80 34.52 -72.26
CA GLN M 447 -35.92 33.96 -70.92
C GLN M 447 -36.88 32.79 -70.92
N LEU M 448 -36.46 31.72 -70.26
CA LEU M 448 -37.33 30.57 -70.00
C LEU M 448 -37.41 30.33 -68.51
N ILE M 449 -38.63 30.33 -67.97
CA ILE M 449 -38.86 30.05 -66.57
C ILE M 449 -39.41 28.63 -66.47
N GLY M 450 -38.77 27.79 -65.67
CA GLY M 450 -39.17 26.39 -65.46
C GLY M 450 -39.81 26.11 -64.12
N LYS M 451 -40.30 24.88 -63.96
CA LYS M 451 -40.94 24.47 -62.71
C LYS M 451 -39.86 24.23 -61.68
N HIS M 452 -40.25 24.18 -60.40
CA HIS M 452 -39.33 23.88 -59.34
C HIS M 452 -38.59 22.58 -59.62
N TRP M 453 -37.27 22.66 -59.61
CA TRP M 453 -36.38 21.50 -59.77
C TRP M 453 -36.21 21.02 -61.22
N ASP M 454 -36.77 21.77 -62.17
CA ASP M 454 -36.74 21.39 -63.58
C ASP M 454 -35.72 22.21 -64.42
N GLU M 455 -34.52 22.33 -63.89
CA GLU M 455 -33.45 22.96 -64.60
C GLU M 455 -33.14 22.21 -65.89
N THR M 456 -33.28 20.89 -65.85
CA THR M 456 -33.02 20.04 -66.99
C THR M 456 -33.69 20.56 -68.24
N THR M 457 -35.00 20.75 -68.17
CA THR M 457 -35.77 21.19 -69.32
C THR M 457 -35.24 22.52 -69.87
N LEU M 458 -35.03 23.47 -68.95
CA LEU M 458 -34.44 24.77 -69.23
C LEU M 458 -33.12 24.62 -69.96
N LEU M 459 -32.34 23.64 -69.53
CA LEU M 459 -31.06 23.39 -70.15
C LEU M 459 -31.22 22.75 -71.53
N GLN M 460 -32.15 21.81 -71.65
CA GLN M 460 -32.33 21.09 -72.89
C GLN M 460 -32.72 22.03 -74.02
N ILE M 461 -33.68 22.90 -73.74
CA ILE M 461 -34.15 23.88 -74.72
C ILE M 461 -33.00 24.80 -75.08
N SER M 462 -32.17 25.15 -74.10
CA SER M 462 -31.03 26.00 -74.38
C SER M 462 -30.04 25.28 -75.31
N TYR M 463 -29.88 23.97 -75.10
CA TYR M 463 -29.02 23.14 -75.93
C TYR M 463 -29.54 23.03 -77.36
N LEU M 464 -30.85 22.84 -77.51
CA LEU M 464 -31.48 22.78 -78.81
C LEU M 464 -31.36 24.11 -79.54
N TRP M 465 -31.52 25.20 -78.80
CA TRP M 465 -31.49 26.50 -79.42
C TRP M 465 -30.10 26.86 -79.94
N GLU M 466 -29.04 26.43 -79.25
CA GLU M 466 -27.68 26.80 -79.68
C GLU M 466 -27.25 26.05 -80.95
N GLN M 467 -27.83 24.87 -81.17
CA GLN M 467 -27.66 24.13 -82.43
C GLN M 467 -28.24 24.93 -83.59
N LYS M 468 -29.43 25.48 -83.41
CA LYS M 468 -30.04 26.29 -84.44
C LYS M 468 -29.32 27.61 -84.54
N PHE M 469 -28.89 28.12 -83.40
CA PHE M 469 -28.31 29.46 -83.39
C PHE M 469 -27.06 29.51 -82.51
N LYS M 470 -25.93 29.53 -83.19
CA LYS M 470 -24.61 29.31 -82.58
C LYS M 470 -24.00 30.60 -82.04
N HIS M 471 -24.59 31.11 -80.95
CA HIS M 471 -24.20 32.39 -80.34
C HIS M 471 -22.81 32.33 -79.72
N TYR M 472 -22.31 31.11 -79.52
CA TYR M 472 -21.01 30.91 -78.91
C TYR M 472 -19.87 31.27 -79.83
N GLU M 473 -20.20 31.53 -81.10
CA GLU M 473 -19.21 31.90 -82.11
C GLU M 473 -19.04 33.39 -82.16
N LYS M 474 -20.04 34.14 -81.69
CA LYS M 474 -19.97 35.59 -81.69
C LYS M 474 -19.07 36.10 -80.57
N ILE M 475 -17.85 36.50 -80.93
CA ILE M 475 -16.86 36.89 -79.94
C ILE M 475 -16.48 38.36 -80.11
N PRO M 476 -16.71 39.16 -79.07
CA PRO M 476 -16.34 40.57 -79.07
C PRO M 476 -14.89 40.77 -78.66
N LEU M 477 -14.38 42.00 -78.83
CA LEU M 477 -12.95 42.25 -78.74
C LEU M 477 -12.16 41.21 -79.53
N THR M 478 -12.41 41.13 -80.82
CA THR M 478 -11.54 40.39 -81.73
C THR M 478 -11.09 39.08 -81.11
N GLU N 3 -51.03 48.00 5.71
CA GLU N 3 -50.58 48.69 4.47
C GLU N 3 -51.68 48.72 3.38
N LYS N 4 -51.87 49.91 2.80
CA LYS N 4 -52.89 50.22 1.75
C LYS N 4 -52.56 49.67 0.36
N TYR N 5 -51.28 49.52 0.06
CA TYR N 5 -50.83 49.13 -1.28
C TYR N 5 -50.59 47.64 -1.53
N GLU N 6 -50.20 47.35 -2.77
CA GLU N 6 -50.02 46.00 -3.28
C GLU N 6 -48.93 46.01 -4.36
N ALA N 7 -48.03 45.05 -4.32
CA ALA N 7 -46.99 45.00 -5.31
C ALA N 7 -47.39 44.03 -6.39
N VAL N 8 -47.21 44.46 -7.65
CA VAL N 8 -47.40 43.58 -8.81
C VAL N 8 -46.05 43.38 -9.51
N ILE N 9 -45.64 42.10 -9.61
CA ILE N 9 -44.31 41.74 -10.07
C ILE N 9 -44.32 40.66 -11.16
N GLY N 10 -43.54 40.90 -12.20
CA GLY N 10 -43.36 39.96 -13.30
C GLY N 10 -41.90 39.83 -13.70
N LEU N 11 -41.51 38.63 -14.13
CA LEU N 11 -40.11 38.35 -14.37
C LEU N 11 -39.83 38.00 -15.82
N GLU N 12 -38.63 38.32 -16.27
CA GLU N 12 -38.16 37.97 -17.60
C GLU N 12 -36.90 37.19 -17.34
N ILE N 13 -36.98 35.87 -17.37
CA ILE N 13 -35.85 35.01 -17.12
C ILE N 13 -35.21 34.53 -18.44
N HIS N 14 -33.89 34.55 -18.53
CA HIS N 14 -33.21 33.88 -19.64
C HIS N 14 -32.45 32.69 -19.06
N VAL N 15 -32.71 31.50 -19.56
CA VAL N 15 -32.03 30.31 -19.04
C VAL N 15 -31.10 29.66 -20.07
N GLN N 16 -29.83 29.56 -19.73
CA GLN N 16 -28.85 28.96 -20.61
C GLN N 16 -29.00 27.43 -20.62
N MET N 17 -29.13 26.85 -21.80
CA MET N 17 -29.30 25.42 -21.90
C MET N 17 -27.95 24.71 -21.87
N ASP N 18 -27.96 23.57 -21.21
CA ASP N 18 -26.76 22.80 -21.02
C ASP N 18 -26.55 21.93 -22.25
N THR N 19 -26.39 22.56 -23.40
CA THR N 19 -25.98 21.83 -24.60
C THR N 19 -24.44 21.74 -24.68
N LYS N 20 -23.93 20.85 -25.52
CA LYS N 20 -22.50 20.86 -25.78
C LYS N 20 -22.15 22.05 -26.66
N THR N 21 -23.00 22.25 -27.67
CA THR N 21 -22.74 23.09 -28.82
C THR N 21 -23.67 24.30 -28.79
N LYS N 22 -23.41 25.34 -29.58
CA LYS N 22 -24.27 26.52 -29.57
C LYS N 22 -25.59 26.29 -30.32
N MET N 23 -26.43 27.34 -30.37
CA MET N 23 -27.77 27.27 -30.96
C MET N 23 -27.81 27.17 -32.49
N PHE N 24 -26.86 27.83 -33.16
CA PHE N 24 -26.90 27.90 -34.61
C PHE N 24 -25.63 27.42 -35.34
N CYS N 25 -24.64 26.99 -34.56
CA CYS N 25 -23.41 26.42 -35.11
C CYS N 25 -22.86 25.41 -34.15
N GLY N 26 -21.82 24.70 -34.58
CA GLY N 26 -21.25 23.58 -33.81
C GLY N 26 -20.14 23.95 -32.82
N CYS N 27 -19.89 25.25 -32.63
CA CYS N 27 -18.96 25.71 -31.61
C CYS N 27 -19.39 25.29 -30.19
N LYS N 28 -18.39 24.98 -29.38
CA LYS N 28 -18.61 24.55 -28.01
C LYS N 28 -19.14 25.64 -27.07
N VAL N 29 -20.07 25.21 -26.22
CA VAL N 29 -20.54 26.00 -25.10
C VAL N 29 -19.67 25.53 -23.94
N GLU N 30 -18.92 26.45 -23.33
CA GLU N 30 -18.08 26.11 -22.20
C GLU N 30 -17.64 27.33 -21.40
N PHE N 31 -17.47 27.15 -20.09
CA PHE N 31 -17.14 28.25 -19.20
C PHE N 31 -15.64 28.50 -19.16
N GLY N 32 -15.24 29.76 -19.33
CA GLY N 32 -13.89 30.19 -19.01
C GLY N 32 -12.87 29.70 -20.01
N ALA N 33 -13.17 29.89 -21.30
CA ALA N 33 -12.18 29.70 -22.35
C ALA N 33 -11.49 31.02 -22.69
N GLU N 34 -10.35 30.93 -23.36
CA GLU N 34 -9.69 32.11 -23.90
C GLU N 34 -10.61 32.87 -24.85
N PRO N 35 -10.66 34.19 -24.68
CA PRO N 35 -11.57 35.03 -25.44
C PRO N 35 -11.50 34.73 -26.93
N ASN N 36 -12.65 34.48 -27.56
CA ASN N 36 -12.72 34.33 -29.01
C ASN N 36 -12.01 33.08 -29.49
N THR N 37 -12.26 31.96 -28.82
CA THR N 37 -11.72 30.68 -29.24
C THR N 37 -12.83 29.74 -29.71
N ASN N 38 -14.00 29.86 -29.10
CA ASN N 38 -15.16 29.09 -29.50
C ASN N 38 -16.05 29.84 -30.49
N VAL N 39 -15.52 30.09 -31.68
CA VAL N 39 -16.05 31.10 -32.53
C VAL N 39 -15.89 30.64 -33.98
N CYS N 40 -16.81 31.06 -34.85
CA CYS N 40 -16.81 30.64 -36.25
C CYS N 40 -17.57 31.69 -37.06
N PRO N 41 -17.52 31.57 -38.41
CA PRO N 41 -18.16 32.57 -39.25
C PRO N 41 -19.65 32.84 -38.90
N VAL N 42 -20.34 31.81 -38.40
CA VAL N 42 -21.74 31.98 -38.04
C VAL N 42 -21.85 32.88 -36.81
N CYS N 43 -21.37 32.39 -35.68
CA CYS N 43 -21.58 33.11 -34.42
C CYS N 43 -20.82 34.43 -34.34
N LEU N 44 -19.88 34.63 -35.28
CA LEU N 44 -19.12 35.87 -35.38
C LEU N 44 -19.81 36.91 -36.24
N GLY N 45 -20.94 36.51 -36.81
CA GLY N 45 -21.69 37.39 -37.68
C GLY N 45 -20.82 37.73 -38.88
N MET N 46 -20.21 36.71 -39.48
CA MET N 46 -19.38 36.97 -40.61
C MET N 46 -20.22 36.92 -41.85
N PRO N 47 -19.78 37.63 -42.90
CA PRO N 47 -20.59 37.72 -44.09
C PRO N 47 -20.68 36.34 -44.73
N GLY N 48 -21.86 35.98 -45.24
CA GLY N 48 -22.01 34.72 -45.98
C GLY N 48 -22.30 33.54 -45.08
N ALA N 49 -22.37 33.77 -43.78
CA ALA N 49 -22.54 32.70 -42.84
C ALA N 49 -24.00 32.54 -42.35
N LEU N 50 -24.44 31.27 -42.28
CA LEU N 50 -25.84 30.92 -42.05
C LEU N 50 -26.05 30.04 -40.80
N PRO N 51 -27.16 30.25 -40.05
CA PRO N 51 -27.54 29.48 -38.87
C PRO N 51 -28.08 28.07 -39.13
N ILE N 52 -27.71 27.13 -38.28
CA ILE N 52 -28.29 25.81 -38.31
C ILE N 52 -28.80 25.46 -36.91
N VAL N 53 -30.11 25.23 -36.83
CA VAL N 53 -30.79 24.93 -35.58
C VAL N 53 -30.17 23.75 -34.81
N ASN N 54 -29.82 24.02 -33.55
CA ASN N 54 -29.36 22.96 -32.67
C ASN N 54 -30.52 22.03 -32.22
N LYS N 55 -30.43 20.73 -32.48
CA LYS N 55 -31.54 19.81 -32.18
C LYS N 55 -31.78 19.63 -30.70
N ARG N 56 -30.71 19.33 -29.96
CA ARG N 56 -30.83 19.12 -28.54
C ARG N 56 -31.43 20.34 -27.87
N ALA N 57 -30.98 21.52 -28.29
CA ALA N 57 -31.52 22.76 -27.80
C ALA N 57 -33.02 22.83 -27.99
N VAL N 58 -33.54 22.29 -29.08
CA VAL N 58 -34.99 22.25 -29.27
C VAL N 58 -35.65 21.26 -28.29
N GLU N 59 -35.13 20.03 -28.23
CA GLU N 59 -35.57 19.02 -27.26
C GLU N 59 -35.59 19.59 -25.85
N TYR N 60 -34.50 20.21 -25.45
CA TYR N 60 -34.42 20.82 -24.12
C TYR N 60 -35.49 21.88 -23.86
N ALA N 61 -35.72 22.76 -24.83
CA ALA N 61 -36.75 23.79 -24.68
C ALA N 61 -38.16 23.17 -24.66
N ILE N 62 -38.30 21.99 -25.25
CA ILE N 62 -39.60 21.36 -25.27
C ILE N 62 -39.78 20.72 -23.93
N ARG N 63 -38.74 20.06 -23.45
CA ARG N 63 -38.80 19.42 -22.14
C ARG N 63 -39.18 20.47 -21.09
N ALA N 64 -38.48 21.60 -21.10
CA ALA N 64 -38.72 22.65 -20.10
C ALA N 64 -40.13 23.24 -20.16
N SER N 65 -40.64 23.38 -21.38
CA SER N 65 -41.99 23.85 -21.59
C SER N 65 -43.00 22.91 -20.95
N LEU N 66 -42.84 21.62 -21.22
CA LEU N 66 -43.71 20.60 -20.68
C LEU N 66 -43.65 20.56 -19.15
N ALA N 67 -42.41 20.48 -18.65
CA ALA N 67 -42.14 20.64 -17.24
C ALA N 67 -42.68 21.94 -16.64
N LEU N 68 -42.76 23.04 -17.39
CA LEU N 68 -43.45 24.23 -16.86
C LEU N 68 -44.96 24.29 -17.22
N ASN N 69 -45.51 23.13 -17.55
CA ASN N 69 -46.96 22.95 -17.85
C ASN N 69 -47.49 23.78 -19.00
N CYS N 70 -46.62 24.09 -19.94
CA CYS N 70 -47.00 24.87 -21.09
C CYS N 70 -47.67 24.04 -22.18
N GLU N 71 -48.39 24.75 -23.03
CA GLU N 71 -48.82 24.22 -24.29
C GLU N 71 -47.65 24.42 -25.25
N VAL N 72 -47.14 23.33 -25.80
CA VAL N 72 -46.06 23.39 -26.78
C VAL N 72 -46.69 23.52 -28.15
N HIS N 73 -46.26 24.51 -28.93
CA HIS N 73 -46.82 24.73 -30.26
C HIS N 73 -46.15 23.95 -31.39
N GLU N 74 -46.97 23.33 -32.22
CA GLU N 74 -46.48 22.50 -33.29
C GLU N 74 -45.70 23.35 -34.28
N GLU N 75 -46.11 24.59 -34.48
CA GLU N 75 -45.36 25.50 -35.32
C GLU N 75 -44.92 26.71 -34.54
N SER N 76 -43.64 27.04 -34.66
CA SER N 76 -43.09 28.26 -34.13
C SER N 76 -41.99 28.73 -35.06
N VAL N 77 -41.80 30.05 -35.10
CA VAL N 77 -40.98 30.68 -36.13
C VAL N 77 -39.90 31.51 -35.46
N PHE N 78 -38.67 31.47 -35.99
CA PHE N 78 -37.56 32.31 -35.48
C PHE N 78 -37.58 33.66 -36.16
N ALA N 79 -37.40 34.72 -35.36
CA ALA N 79 -37.50 36.11 -35.85
C ALA N 79 -36.27 36.90 -35.53
N ARG N 80 -35.91 37.81 -36.41
CA ARG N 80 -34.74 38.58 -36.11
C ARG N 80 -35.11 39.78 -35.24
N LYS N 81 -34.48 39.87 -34.07
CA LYS N 81 -34.63 40.99 -33.18
C LYS N 81 -33.42 41.90 -33.34
N HIS N 82 -33.61 43.01 -34.05
CA HIS N 82 -32.51 43.90 -34.40
C HIS N 82 -32.13 44.97 -33.35
N TYR N 83 -30.82 45.22 -33.22
CA TYR N 83 -30.28 46.35 -32.46
C TYR N 83 -28.76 46.45 -32.64
N PHE N 84 -28.23 47.65 -32.49
CA PHE N 84 -26.79 47.82 -32.66
C PHE N 84 -26.10 47.83 -31.30
N TYR N 85 -25.24 46.81 -31.08
CA TYR N 85 -24.45 46.68 -29.86
C TYR N 85 -23.29 45.72 -30.13
N PRO N 86 -22.07 46.09 -29.66
CA PRO N 86 -20.76 45.42 -29.79
C PRO N 86 -20.72 43.95 -29.46
N ASP N 87 -21.50 43.52 -28.49
CA ASP N 87 -21.59 42.10 -28.17
C ASP N 87 -22.60 41.32 -29.04
N LEU N 88 -23.34 42.04 -29.89
CA LEU N 88 -24.32 41.46 -30.80
C LEU N 88 -23.84 41.53 -32.23
N PRO N 89 -23.18 40.43 -32.68
CA PRO N 89 -22.40 40.42 -33.92
C PRO N 89 -23.19 40.74 -35.20
N LYS N 90 -24.47 40.36 -35.28
CA LYS N 90 -25.20 40.43 -36.55
C LYS N 90 -25.97 41.72 -36.74
N GLY N 91 -26.22 42.43 -35.64
CA GLY N 91 -27.11 43.58 -35.66
C GLY N 91 -28.52 43.06 -35.44
N TYR N 92 -28.61 41.77 -35.11
CA TYR N 92 -29.85 41.20 -34.70
C TYR N 92 -29.57 39.99 -33.88
N GLN N 93 -30.53 39.65 -33.02
CA GLN N 93 -30.52 38.44 -32.25
C GLN N 93 -31.62 37.58 -32.80
N ILE N 94 -31.34 36.30 -33.01
CA ILE N 94 -32.36 35.40 -33.49
C ILE N 94 -33.10 34.88 -32.29
N SER N 95 -34.40 35.17 -32.21
CA SER N 95 -35.30 34.55 -31.21
C SER N 95 -36.62 34.12 -31.81
N GLN N 96 -37.69 34.36 -31.07
CA GLN N 96 -39.05 34.17 -31.53
C GLN N 96 -39.83 35.35 -30.99
N TYR N 97 -40.91 35.73 -31.68
CA TYR N 97 -41.69 36.94 -31.35
C TYR N 97 -43.19 36.66 -31.18
N GLU N 98 -44.00 36.84 -32.23
CA GLU N 98 -45.29 36.13 -32.29
C GLU N 98 -44.89 34.69 -32.63
N LYS N 99 -45.77 33.71 -32.47
CA LYS N 99 -45.36 32.32 -32.74
C LYS N 99 -44.14 31.76 -31.93
N PRO N 100 -44.18 31.88 -30.57
CA PRO N 100 -43.21 31.25 -29.68
C PRO N 100 -43.42 29.74 -29.50
N LEU N 101 -42.38 29.06 -29.01
CA LEU N 101 -42.41 27.62 -28.83
C LEU N 101 -43.53 27.11 -27.94
N ALA N 102 -43.72 27.80 -26.81
CA ALA N 102 -44.63 27.34 -25.77
C ALA N 102 -45.26 28.48 -24.95
N THR N 103 -46.44 28.18 -24.39
CA THR N 103 -47.35 29.20 -23.96
C THR N 103 -48.32 28.67 -22.90
N ASN N 104 -48.96 29.59 -22.17
CA ASN N 104 -49.93 29.24 -21.10
C ASN N 104 -49.49 28.05 -20.23
N GLY N 105 -48.45 28.27 -19.43
CA GLY N 105 -48.02 27.31 -18.43
C GLY N 105 -48.03 27.93 -17.04
N TRP N 106 -47.70 27.14 -16.02
CA TRP N 106 -47.65 27.67 -14.66
C TRP N 106 -46.61 27.01 -13.75
N VAL N 107 -46.14 27.78 -12.78
CA VAL N 107 -45.31 27.25 -11.72
C VAL N 107 -46.01 27.37 -10.36
N GLU N 108 -45.94 26.30 -9.57
CA GLU N 108 -46.51 26.31 -8.22
C GLU N 108 -45.44 26.64 -7.18
N LEU N 109 -45.76 27.59 -6.31
CA LEU N 109 -44.91 27.90 -5.16
C LEU N 109 -45.51 27.36 -3.87
N ASN N 110 -44.66 26.83 -3.00
CA ASN N 110 -45.00 26.69 -1.59
C ASN N 110 -44.53 27.87 -0.76
N LEU N 111 -45.49 28.64 -0.23
CA LEU N 111 -45.17 29.84 0.52
C LEU N 111 -44.98 29.53 2.00
N PRO N 112 -44.26 30.41 2.70
CA PRO N 112 -43.98 30.22 4.12
C PRO N 112 -45.25 29.94 4.92
N ASN N 113 -46.25 30.80 4.76
CA ASN N 113 -47.15 31.15 5.84
C ASN N 113 -48.58 30.69 5.60
N GLY N 114 -48.84 29.41 5.85
CA GLY N 114 -49.90 28.69 5.16
C GLY N 114 -49.41 28.05 3.87
N GLU N 115 -50.09 28.36 2.78
CA GLU N 115 -50.16 27.45 1.64
C GLU N 115 -49.83 28.15 0.33
N LYS N 116 -50.54 27.79 -0.73
CA LYS N 116 -49.92 27.63 -2.05
C LYS N 116 -50.26 28.80 -2.96
N LYS N 117 -49.64 28.84 -4.13
CA LYS N 117 -49.84 29.93 -5.07
C LYS N 117 -49.33 29.56 -6.46
N LYS N 118 -49.99 30.08 -7.49
CA LYS N 118 -49.63 29.77 -8.87
C LYS N 118 -49.11 31.01 -9.58
N VAL N 119 -47.93 30.89 -10.19
CA VAL N 119 -47.42 31.90 -11.09
C VAL N 119 -47.50 31.35 -12.51
N ARG N 120 -48.17 32.11 -13.38
CA ARG N 120 -48.33 31.70 -14.76
C ARG N 120 -47.07 32.02 -15.56
N ILE N 121 -46.72 31.11 -16.46
CA ILE N 121 -45.68 31.38 -17.43
C ILE N 121 -46.37 31.87 -18.71
N ARG N 122 -46.14 33.14 -19.09
CA ARG N 122 -46.72 33.72 -20.30
C ARG N 122 -46.16 33.05 -21.55
N ARG N 123 -44.84 32.95 -21.64
CA ARG N 123 -44.23 32.29 -22.80
C ARG N 123 -42.91 31.61 -22.49
N LEU N 124 -42.60 30.59 -23.27
CA LEU N 124 -41.24 30.10 -23.37
C LEU N 124 -40.84 30.15 -24.84
N HIS N 125 -39.71 30.79 -25.15
CA HIS N 125 -39.22 30.77 -26.51
C HIS N 125 -37.71 30.58 -26.58
N ILE N 126 -37.22 30.18 -27.76
CA ILE N 126 -35.82 29.90 -27.99
C ILE N 126 -35.09 31.12 -28.53
N GLU N 127 -33.92 31.40 -28.00
CA GLU N 127 -33.06 32.38 -28.61
C GLU N 127 -31.58 32.11 -28.40
N GLU N 128 -30.76 32.90 -29.06
CA GLU N 128 -29.35 32.77 -28.92
C GLU N 128 -28.92 33.91 -28.02
N ASP N 129 -27.68 33.84 -27.57
CA ASP N 129 -27.17 34.80 -26.62
C ASP N 129 -26.22 35.76 -27.32
N ALA N 130 -26.07 36.95 -26.75
CA ALA N 130 -25.04 37.90 -27.15
C ALA N 130 -23.65 37.49 -26.63
N GLY N 131 -22.61 38.19 -27.06
CA GLY N 131 -21.30 37.96 -26.46
C GLY N 131 -21.17 38.64 -25.10
N LYS N 132 -19.93 38.75 -24.59
CA LYS N 132 -19.65 39.50 -23.36
C LYS N 132 -18.67 40.63 -23.56
N ASN N 133 -19.01 41.79 -22.98
CA ASN N 133 -18.18 42.98 -22.94
C ASN N 133 -17.43 43.18 -21.62
N ILE N 134 -16.19 43.69 -21.73
CA ILE N 134 -15.34 44.06 -20.61
C ILE N 134 -14.84 45.47 -20.92
N HIS N 135 -14.87 46.36 -19.93
CA HIS N 135 -14.41 47.73 -20.16
C HIS N 135 -13.01 47.99 -19.61
N GLU N 136 -12.25 48.76 -20.37
CA GLU N 136 -10.85 49.04 -20.10
C GLU N 136 -10.55 50.46 -20.60
N GLY N 137 -10.39 51.39 -19.66
CA GLY N 137 -10.11 52.77 -20.01
C GLY N 137 -11.15 53.40 -20.92
N ASP N 138 -10.69 53.91 -22.07
CA ASP N 138 -11.55 54.53 -23.08
C ASP N 138 -11.99 53.52 -24.15
N LYS N 139 -11.74 52.23 -23.90
CA LYS N 139 -12.01 51.17 -24.86
C LYS N 139 -12.84 50.02 -24.22
N THR N 140 -13.83 49.45 -24.95
CA THR N 140 -14.51 48.21 -24.52
C THR N 140 -13.89 46.99 -25.20
N LEU N 141 -13.84 45.86 -24.52
CA LEU N 141 -13.29 44.62 -25.09
C LEU N 141 -14.37 43.55 -25.30
N VAL N 142 -14.49 43.05 -26.51
CA VAL N 142 -15.54 42.10 -26.83
C VAL N 142 -15.05 40.65 -26.99
N ASP N 143 -15.59 39.77 -26.17
CA ASP N 143 -15.37 38.35 -26.34
C ASP N 143 -16.69 37.71 -26.76
N LEU N 144 -16.77 37.24 -28.00
CA LEU N 144 -17.95 36.55 -28.50
C LEU N 144 -17.94 35.02 -28.31
N ASN N 145 -17.38 34.52 -27.21
CA ASN N 145 -17.41 33.07 -26.94
C ASN N 145 -18.84 32.62 -26.68
N ARG N 146 -19.60 33.48 -26.02
CA ARG N 146 -20.92 33.09 -25.53
C ARG N 146 -22.02 33.41 -26.54
N ALA N 147 -21.71 34.24 -27.55
CA ALA N 147 -22.68 34.59 -28.58
C ALA N 147 -23.12 33.33 -29.32
N GLY N 148 -24.44 33.21 -29.51
CA GLY N 148 -25.03 32.05 -30.18
C GLY N 148 -25.41 30.95 -29.20
N THR N 149 -25.13 31.17 -27.91
CA THR N 149 -25.37 30.13 -26.94
C THR N 149 -26.87 29.99 -26.73
N PRO N 150 -27.39 28.77 -26.65
CA PRO N 150 -28.84 28.66 -26.68
C PRO N 150 -29.46 29.10 -25.36
N LEU N 151 -30.55 29.85 -25.46
CA LEU N 151 -31.29 30.36 -24.28
C LEU N 151 -32.77 30.05 -24.38
N MET N 152 -33.41 29.97 -23.22
CA MET N 152 -34.85 29.90 -23.10
C MET N 152 -35.25 31.19 -22.45
N GLU N 153 -35.89 32.09 -23.16
CA GLU N 153 -36.40 33.24 -22.48
C GLU N 153 -37.73 32.80 -21.93
N ILE N 154 -37.92 32.92 -20.61
CA ILE N 154 -39.18 32.60 -19.92
C ILE N 154 -39.82 33.88 -19.39
N VAL N 155 -41.06 34.15 -19.77
CA VAL N 155 -41.70 35.37 -19.35
C VAL N 155 -42.91 34.99 -18.52
N THR N 156 -43.17 35.79 -17.49
CA THR N 156 -44.11 35.46 -16.43
C THR N 156 -45.30 36.41 -16.48
N GLU N 157 -46.49 35.92 -16.15
CA GLU N 157 -47.62 36.84 -15.91
C GLU N 157 -47.35 37.61 -14.60
N PRO N 158 -47.79 38.88 -14.49
CA PRO N 158 -47.45 39.61 -13.27
C PRO N 158 -48.25 39.07 -12.07
N ASP N 159 -47.94 37.84 -11.73
CA ASP N 159 -48.73 37.05 -10.81
C ASP N 159 -48.05 37.01 -9.46
N ILE N 160 -46.88 37.63 -9.39
CA ILE N 160 -46.08 37.69 -8.18
C ILE N 160 -46.45 38.95 -7.37
N ARG N 161 -46.45 38.79 -6.03
CA ARG N 161 -46.98 39.78 -5.08
C ARG N 161 -45.98 40.28 -4.02
N THR N 162 -44.90 39.53 -3.86
CA THR N 162 -44.00 39.69 -2.73
C THR N 162 -42.54 39.48 -3.16
N PRO N 163 -41.61 40.29 -2.63
CA PRO N 163 -40.22 40.02 -2.91
C PRO N 163 -39.92 38.55 -2.67
N GLU N 164 -40.20 38.08 -1.47
CA GLU N 164 -39.93 36.68 -1.18
C GLU N 164 -40.53 35.71 -2.25
N GLU N 165 -41.73 36.01 -2.75
CA GLU N 165 -42.35 35.18 -3.78
C GLU N 165 -41.48 35.17 -5.03
N ALA N 166 -40.92 36.32 -5.37
CA ALA N 166 -40.04 36.43 -6.52
C ALA N 166 -38.87 35.47 -6.41
N ARG N 167 -38.27 35.37 -5.22
CA ARG N 167 -37.12 34.50 -4.97
C ARG N 167 -37.53 33.04 -4.98
N LEU N 168 -38.56 32.74 -4.21
CA LEU N 168 -39.17 31.42 -4.20
C LEU N 168 -39.54 30.94 -5.60
N PHE N 169 -40.02 31.85 -6.45
CA PHE N 169 -40.27 31.50 -7.83
C PHE N 169 -38.97 31.10 -8.48
N LEU N 170 -38.03 32.04 -8.47
CA LEU N 170 -36.74 31.82 -9.06
C LEU N 170 -36.08 30.51 -8.59
N GLU N 171 -36.06 30.27 -7.28
CA GLU N 171 -35.50 29.04 -6.73
C GLU N 171 -36.25 27.84 -7.24
N LYS N 172 -37.57 27.97 -7.38
CA LYS N 172 -38.39 26.86 -7.81
C LYS N 172 -38.17 26.59 -9.32
N LEU N 173 -38.11 27.66 -10.11
CA LEU N 173 -37.78 27.51 -11.52
C LEU N 173 -36.43 26.83 -11.72
N ARG N 174 -35.42 27.24 -10.96
CA ARG N 174 -34.08 26.63 -11.01
C ARG N 174 -34.08 25.13 -10.73
N ASN N 175 -34.82 24.73 -9.70
CA ASN N 175 -34.87 23.35 -9.32
C ASN N 175 -35.53 22.49 -10.39
N ILE N 176 -36.57 23.03 -11.03
CA ILE N 176 -37.24 22.31 -12.13
C ILE N 176 -36.30 22.11 -13.35
N MET N 177 -35.49 23.12 -13.63
CA MET N 177 -34.58 23.05 -14.76
C MET N 177 -33.49 22.02 -14.51
N ARG N 178 -33.02 21.93 -13.27
CA ARG N 178 -32.00 20.96 -12.90
C ARG N 178 -32.52 19.54 -12.91
N TYR N 179 -33.77 19.38 -12.44
CA TYR N 179 -34.39 18.07 -12.37
C TYR N 179 -34.73 17.56 -13.74
N ALA N 180 -35.21 18.45 -14.61
CA ALA N 180 -35.53 18.07 -15.99
C ALA N 180 -34.28 17.85 -16.79
N GLY N 181 -33.15 18.35 -16.29
CA GLY N 181 -31.83 18.14 -16.89
C GLY N 181 -31.50 19.03 -18.06
N VAL N 182 -32.17 20.18 -18.17
CA VAL N 182 -31.96 21.09 -19.31
C VAL N 182 -30.94 22.20 -19.05
N SER N 183 -30.72 22.55 -17.79
CA SER N 183 -29.81 23.65 -17.46
C SER N 183 -29.23 23.46 -16.07
N LYS N 184 -27.99 23.89 -15.86
CA LYS N 184 -27.42 23.94 -14.51
C LYS N 184 -28.05 25.08 -13.71
N ALA N 185 -28.37 26.18 -14.41
CA ALA N 185 -29.23 27.25 -13.94
C ALA N 185 -28.78 27.96 -12.64
N ASP N 186 -27.48 28.05 -12.44
CA ASP N 186 -26.95 28.81 -11.30
C ASP N 186 -26.64 30.20 -11.80
N MET N 187 -27.12 31.22 -11.10
CA MET N 187 -26.88 32.62 -11.48
C MET N 187 -25.42 33.03 -11.48
N GLU N 188 -24.67 32.54 -10.49
CA GLU N 188 -23.28 32.95 -10.31
C GLU N 188 -22.46 32.65 -11.56
N LYS N 189 -22.92 31.69 -12.35
CA LYS N 189 -22.27 31.38 -13.63
C LYS N 189 -22.99 32.07 -14.78
N GLY N 190 -24.10 32.73 -14.48
CA GLY N 190 -24.89 33.40 -15.49
C GLY N 190 -25.63 32.44 -16.39
N GLN N 191 -25.84 31.21 -15.90
CA GLN N 191 -26.68 30.25 -16.58
C GLN N 191 -28.16 30.60 -16.43
N LEU N 192 -28.43 31.74 -15.80
CA LEU N 192 -29.79 32.13 -15.49
C LEU N 192 -29.75 33.61 -15.17
N ARG N 193 -30.61 34.37 -15.81
CA ARG N 193 -30.61 35.82 -15.68
C ARG N 193 -32.02 36.23 -15.43
N CYS N 194 -32.23 37.42 -14.92
CA CYS N 194 -33.54 37.82 -14.54
C CYS N 194 -33.67 39.33 -14.53
N ASP N 195 -34.67 39.82 -15.25
CA ASP N 195 -35.03 41.23 -15.20
C ASP N 195 -36.36 41.31 -14.50
N ILE N 196 -36.48 42.28 -13.60
CA ILE N 196 -37.61 42.39 -12.70
C ILE N 196 -38.46 43.56 -13.15
N ASN N 197 -39.76 43.35 -13.21
CA ASN N 197 -40.70 44.39 -13.58
C ASN N 197 -41.68 44.55 -12.42
N VAL N 198 -41.80 45.74 -11.87
CA VAL N 198 -42.63 45.94 -10.69
C VAL N 198 -43.41 47.24 -10.69
N SER N 199 -44.70 47.12 -10.39
CA SER N 199 -45.58 48.28 -10.27
C SER N 199 -46.41 48.11 -9.00
N ILE N 200 -46.79 49.24 -8.38
CA ILE N 200 -47.61 49.17 -7.17
C ILE N 200 -49.05 49.52 -7.46
N ARG N 201 -49.93 49.31 -6.49
CA ARG N 201 -51.37 49.28 -6.72
C ARG N 201 -52.07 49.50 -5.37
N PRO N 202 -53.10 50.39 -5.31
CA PRO N 202 -54.03 50.31 -4.16
C PRO N 202 -54.46 48.84 -3.94
N LYS N 203 -54.42 48.37 -2.70
CA LYS N 203 -54.74 46.98 -2.41
C LYS N 203 -56.20 46.66 -2.77
N GLY N 204 -56.42 45.52 -3.40
CA GLY N 204 -57.74 45.16 -3.94
C GLY N 204 -58.09 45.84 -5.25
N SER N 205 -57.20 46.67 -5.80
CA SER N 205 -57.41 47.25 -7.13
C SER N 205 -57.16 46.22 -8.22
N LYS N 206 -57.95 46.29 -9.29
CA LYS N 206 -57.76 45.42 -10.44
C LYS N 206 -56.89 46.08 -11.51
N GLU N 207 -56.84 47.41 -11.48
CA GLU N 207 -56.07 48.18 -12.45
C GLU N 207 -54.57 47.93 -12.28
N PHE N 208 -53.80 48.28 -13.30
CA PHE N 208 -52.36 48.06 -13.29
C PHE N 208 -51.60 49.38 -13.27
N GLY N 209 -50.74 49.55 -12.28
CA GLY N 209 -50.00 50.80 -12.11
C GLY N 209 -48.78 50.86 -12.99
N THR N 210 -48.17 52.04 -13.08
CA THR N 210 -47.04 52.24 -13.98
C THR N 210 -45.83 51.39 -13.59
N ARG N 211 -45.22 50.77 -14.60
CA ARG N 211 -44.22 49.73 -14.37
C ARG N 211 -42.78 50.24 -14.48
N VAL N 212 -41.92 49.72 -13.60
CA VAL N 212 -40.49 50.00 -13.57
C VAL N 212 -39.73 48.68 -13.72
N GLU N 213 -38.58 48.73 -14.37
CA GLU N 213 -37.80 47.52 -14.66
C GLU N 213 -36.42 47.61 -14.02
N ILE N 214 -36.03 46.60 -13.27
CA ILE N 214 -34.69 46.58 -12.70
C ILE N 214 -33.86 45.55 -13.44
N LYS N 215 -32.80 46.02 -14.10
CA LYS N 215 -31.99 45.17 -14.95
C LYS N 215 -30.70 44.76 -14.26
N ASN N 216 -30.29 43.51 -14.48
CA ASN N 216 -29.00 43.03 -13.98
C ASN N 216 -28.97 42.94 -12.46
N VAL N 217 -29.88 42.15 -11.90
CA VAL N 217 -29.71 41.63 -10.55
C VAL N 217 -29.15 40.22 -10.57
N ASN N 218 -27.97 40.03 -9.98
CA ASN N 218 -27.15 38.84 -10.21
C ASN N 218 -27.35 37.56 -9.37
N SER N 219 -28.18 37.62 -8.33
CA SER N 219 -28.34 36.51 -7.40
C SER N 219 -29.77 36.42 -6.89
N PHE N 220 -30.19 35.23 -6.47
CA PHE N 220 -31.56 35.02 -5.97
C PHE N 220 -31.87 35.92 -4.78
N ARG N 221 -30.87 36.16 -3.93
CA ARG N 221 -31.02 37.04 -2.77
C ARG N 221 -31.15 38.53 -3.18
N PHE N 222 -30.32 38.95 -4.13
CA PHE N 222 -30.37 40.32 -4.61
C PHE N 222 -31.70 40.71 -5.25
N VAL N 223 -32.39 39.73 -5.83
CA VAL N 223 -33.70 40.01 -6.40
C VAL N 223 -34.68 40.38 -5.30
N GLN N 224 -34.68 39.60 -4.21
CA GLN N 224 -35.53 39.92 -3.07
C GLN N 224 -35.17 41.28 -2.50
N LYS N 225 -33.87 41.58 -2.47
CA LYS N 225 -33.36 42.85 -1.97
C LYS N 225 -33.71 44.04 -2.88
N ALA N 226 -33.43 43.87 -4.17
CA ALA N 226 -33.73 44.90 -5.16
C ALA N 226 -35.19 45.26 -5.05
N LEU N 227 -36.02 44.23 -5.00
CA LEU N 227 -37.47 44.38 -4.93
C LEU N 227 -37.93 44.97 -3.61
N GLU N 228 -37.31 44.58 -2.51
CA GLU N 228 -37.72 45.08 -1.19
C GLU N 228 -37.61 46.60 -1.18
N TYR N 229 -36.47 47.09 -1.63
CA TYR N 229 -36.24 48.52 -1.72
C TYR N 229 -37.23 49.18 -2.67
N GLU N 230 -37.28 48.68 -3.91
CA GLU N 230 -38.02 49.34 -4.99
C GLU N 230 -39.50 49.55 -4.65
N ILE N 231 -40.11 48.53 -4.04
CA ILE N 231 -41.49 48.63 -3.55
C ILE N 231 -41.62 49.85 -2.61
N GLU N 232 -40.70 49.96 -1.65
CA GLU N 232 -40.69 51.10 -0.75
C GLU N 232 -40.49 52.40 -1.52
N ARG N 233 -39.50 52.40 -2.42
CA ARG N 233 -39.20 53.59 -3.20
C ARG N 233 -40.46 54.09 -3.91
N GLN N 234 -41.17 53.17 -4.56
CA GLN N 234 -42.40 53.52 -5.27
C GLN N 234 -43.47 54.09 -4.34
N ILE N 235 -43.75 53.39 -3.24
CA ILE N 235 -44.79 53.81 -2.29
C ILE N 235 -44.51 55.21 -1.72
N ASN N 236 -43.30 55.40 -1.19
CA ASN N 236 -42.85 56.72 -0.72
C ASN N 236 -43.22 57.78 -1.75
N VAL N 237 -42.68 57.63 -2.97
CA VAL N 237 -42.96 58.54 -4.08
C VAL N 237 -44.46 58.86 -4.30
N VAL N 238 -45.32 57.85 -4.25
CA VAL N 238 -46.76 58.05 -4.44
C VAL N 238 -47.39 58.84 -3.30
N GLU N 239 -47.04 58.46 -2.06
CA GLU N 239 -47.62 59.09 -0.86
C GLU N 239 -46.95 60.41 -0.47
N GLU N 240 -45.91 60.78 -1.22
CA GLU N 240 -45.39 62.14 -1.21
C GLU N 240 -46.13 62.97 -2.25
N GLY N 241 -47.21 62.42 -2.80
CA GLY N 241 -48.01 63.08 -3.81
C GLY N 241 -47.53 62.88 -5.24
N GLY N 242 -46.27 62.48 -5.41
CA GLY N 242 -45.67 62.32 -6.74
C GLY N 242 -46.23 61.19 -7.58
N GLU N 243 -45.91 61.22 -8.88
CA GLU N 243 -46.24 60.14 -9.80
C GLU N 243 -45.02 59.28 -10.05
N VAL N 244 -45.27 57.97 -10.22
CA VAL N 244 -44.20 57.02 -10.51
C VAL N 244 -44.01 56.93 -12.02
N VAL N 245 -42.75 57.14 -12.43
CA VAL N 245 -42.37 57.29 -13.84
C VAL N 245 -41.84 55.97 -14.40
N GLN N 246 -42.37 55.57 -15.55
CA GLN N 246 -41.94 54.35 -16.19
C GLN N 246 -40.50 54.47 -16.67
N GLU N 247 -39.64 53.57 -16.17
CA GLU N 247 -38.21 53.57 -16.53
C GLU N 247 -37.53 52.21 -16.36
N THR N 248 -36.22 52.20 -16.62
CA THR N 248 -35.39 51.07 -16.25
C THR N 248 -34.40 51.55 -15.21
N ARG N 249 -34.29 50.80 -14.11
CA ARG N 249 -33.35 51.11 -13.04
C ARG N 249 -32.35 49.98 -12.89
N THR N 250 -31.29 50.24 -12.12
CA THR N 250 -30.25 49.23 -11.87
C THR N 250 -30.05 49.05 -10.37
N PHE N 251 -29.44 47.93 -9.99
CA PHE N 251 -29.29 47.61 -8.58
C PHE N 251 -27.84 47.44 -8.15
N ASP N 252 -27.42 48.35 -7.28
CA ASP N 252 -26.09 48.36 -6.65
C ASP N 252 -26.19 47.56 -5.34
N PRO N 253 -25.65 46.32 -5.33
CA PRO N 253 -25.76 45.45 -4.14
C PRO N 253 -25.07 46.08 -2.93
N GLN N 254 -23.91 46.71 -3.15
CA GLN N 254 -23.09 47.34 -2.10
C GLN N 254 -23.82 48.41 -1.26
N THR N 255 -24.80 49.09 -1.85
CA THR N 255 -25.68 50.02 -1.11
C THR N 255 -27.08 49.47 -0.89
N GLY N 256 -27.46 48.45 -1.66
CA GLY N 256 -28.77 47.81 -1.52
C GLY N 256 -29.92 48.69 -1.96
N LYS N 257 -29.66 49.56 -2.95
CA LYS N 257 -30.68 50.47 -3.49
C LYS N 257 -30.73 50.41 -5.03
N THR N 258 -31.84 50.88 -5.60
CA THR N 258 -32.00 50.92 -7.05
C THR N 258 -31.91 52.35 -7.59
N TYR N 259 -31.31 52.49 -8.77
CA TYR N 259 -31.00 53.81 -9.30
C TYR N 259 -31.47 54.01 -10.72
N PRO N 260 -31.99 55.23 -11.02
CA PRO N 260 -32.36 55.54 -12.39
C PRO N 260 -31.07 55.65 -13.18
N MET N 261 -31.16 55.71 -14.50
CA MET N 261 -29.96 55.88 -15.30
C MET N 261 -29.84 57.32 -15.83
N ARG N 262 -28.58 57.77 -15.94
CA ARG N 262 -28.26 59.12 -16.44
C ARG N 262 -28.62 59.32 -17.94
N THR N 263 -28.50 58.24 -18.71
CA THR N 263 -28.86 58.20 -20.13
C THR N 263 -30.37 57.96 -20.35
N LYS N 264 -31.03 58.97 -20.93
CA LYS N 264 -32.49 58.95 -21.16
C LYS N 264 -32.85 58.20 -22.47
N GLU N 265 -32.00 57.26 -22.87
CA GLU N 265 -32.12 56.53 -24.16
C GLU N 265 -33.37 55.66 -24.30
N GLU N 266 -34.34 56.14 -25.09
CA GLU N 266 -35.55 55.39 -25.44
C GLU N 266 -35.25 54.19 -26.33
N ALA N 267 -35.92 53.07 -26.04
CA ALA N 267 -35.76 51.84 -26.84
C ALA N 267 -36.13 52.12 -28.29
N GLU N 268 -35.51 51.36 -29.19
CA GLU N 268 -35.82 51.45 -30.60
C GLU N 268 -36.65 50.26 -31.04
N ASP N 269 -37.27 50.39 -32.20
CA ASP N 269 -38.07 49.35 -32.81
C ASP N 269 -37.22 48.11 -33.18
N TYR N 270 -37.64 46.93 -32.77
CA TYR N 270 -36.83 45.76 -33.03
C TYR N 270 -36.97 45.22 -34.46
N ARG N 271 -37.81 45.85 -35.27
CA ARG N 271 -37.99 45.47 -36.67
C ARG N 271 -38.02 43.94 -36.83
N TYR N 272 -38.83 43.29 -36.00
CA TYR N 272 -39.01 41.84 -36.05
C TYR N 272 -39.55 41.33 -37.38
N PHE N 273 -38.99 40.24 -37.87
CA PHE N 273 -39.62 39.50 -38.96
C PHE N 273 -39.04 38.11 -38.99
N PRO N 274 -39.74 37.12 -39.59
CA PRO N 274 -39.12 35.79 -39.57
C PRO N 274 -37.76 35.79 -40.27
N ASP N 275 -36.84 35.00 -39.74
CA ASP N 275 -35.51 34.91 -40.30
C ASP N 275 -35.70 34.10 -41.56
N PRO N 276 -35.36 34.70 -42.72
CA PRO N 276 -35.43 34.00 -44.00
C PRO N 276 -34.35 32.95 -44.17
N ASP N 277 -33.39 32.89 -43.25
CA ASP N 277 -32.35 31.88 -43.32
C ASP N 277 -32.83 30.61 -42.70
N LEU N 278 -34.02 30.63 -42.09
CA LEU N 278 -34.53 29.48 -41.33
C LEU N 278 -36.01 29.19 -41.65
N VAL N 279 -36.37 27.93 -41.84
CA VAL N 279 -37.78 27.56 -42.02
C VAL N 279 -38.47 27.51 -40.63
N PRO N 280 -39.82 27.60 -40.59
CA PRO N 280 -40.51 27.42 -39.30
C PRO N 280 -40.15 26.13 -38.59
N LEU N 281 -40.10 26.22 -37.26
CA LEU N 281 -39.76 25.09 -36.42
C LEU N 281 -40.99 24.24 -36.29
N LYS N 282 -41.05 23.18 -37.07
CA LYS N 282 -42.16 22.28 -37.00
C LYS N 282 -41.81 21.16 -36.03
N VAL N 283 -42.61 21.07 -34.96
CA VAL N 283 -42.40 20.10 -33.91
C VAL N 283 -43.52 19.09 -33.94
N LYS N 284 -43.16 17.85 -34.32
CA LYS N 284 -44.08 16.73 -34.40
C LYS N 284 -44.74 16.41 -33.05
N LYS N 285 -46.03 16.08 -33.11
CA LYS N 285 -46.80 15.59 -31.97
C LYS N 285 -46.07 14.41 -31.32
N GLU N 286 -45.72 13.41 -32.13
CA GLU N 286 -45.11 12.16 -31.67
C GLU N 286 -43.79 12.39 -30.90
N TRP N 287 -43.18 13.55 -31.14
CA TRP N 287 -41.96 13.95 -30.42
C TRP N 287 -42.28 14.61 -29.08
N ILE N 288 -43.37 15.35 -29.02
CA ILE N 288 -43.82 15.91 -27.74
C ILE N 288 -44.24 14.80 -26.78
N GLU N 289 -45.09 13.86 -27.24
CA GLU N 289 -45.48 12.66 -26.46
C GLU N 289 -44.27 11.91 -25.95
N GLU N 290 -43.30 11.70 -26.82
CA GLU N 290 -42.08 10.99 -26.47
C GLU N 290 -41.29 11.67 -25.36
N ILE N 291 -41.18 13.00 -25.42
CA ILE N 291 -40.49 13.77 -24.40
C ILE N 291 -41.29 13.74 -23.11
N LYS N 292 -42.62 13.69 -23.26
CA LYS N 292 -43.57 13.59 -22.14
C LYS N 292 -43.45 12.21 -21.47
N LYS N 293 -43.44 11.16 -22.29
CA LYS N 293 -43.30 9.77 -21.85
C LYS N 293 -42.05 9.59 -21.00
N ASN N 294 -40.92 10.15 -21.43
CA ASN N 294 -39.65 9.94 -20.74
C ASN N 294 -39.17 11.14 -19.97
N MET N 295 -40.10 11.97 -19.50
CA MET N 295 -39.76 13.14 -18.73
C MET N 295 -39.18 12.65 -17.42
N PRO N 296 -38.00 13.18 -17.01
CA PRO N 296 -37.43 12.96 -15.67
C PRO N 296 -38.40 13.37 -14.55
N GLU N 297 -38.35 12.65 -13.42
CA GLU N 297 -39.18 12.98 -12.28
C GLU N 297 -38.89 14.43 -11.88
N LEU N 298 -39.95 15.22 -11.74
CA LEU N 298 -39.84 16.62 -11.36
C LEU N 298 -40.00 16.72 -9.83
N PRO N 299 -39.72 17.90 -9.24
CA PRO N 299 -39.69 18.13 -7.79
C PRO N 299 -40.96 17.82 -6.99
N ASP N 300 -42.11 18.25 -7.52
CA ASP N 300 -43.33 18.20 -6.75
C ASP N 300 -43.81 16.78 -6.75
N GLN N 301 -43.45 16.05 -7.80
CA GLN N 301 -43.70 14.63 -7.87
C GLN N 301 -42.85 13.93 -6.80
N ARG N 302 -41.54 14.20 -6.80
CA ARG N 302 -40.64 13.58 -5.83
C ARG N 302 -41.07 13.86 -4.39
N PHE N 303 -41.39 15.11 -4.11
CA PHE N 303 -41.87 15.50 -2.79
C PHE N 303 -43.04 14.63 -2.31
N GLU N 304 -43.99 14.28 -3.17
CA GLU N 304 -45.09 13.39 -2.76
C GLU N 304 -44.63 11.94 -2.64
N ARG N 305 -43.77 11.50 -3.56
CA ARG N 305 -43.32 10.11 -3.56
C ARG N 305 -42.50 9.77 -2.32
N LEU N 306 -41.52 10.61 -1.98
CA LEU N 306 -40.70 10.41 -0.77
C LEU N 306 -41.55 10.32 0.52
N ILE N 307 -42.51 11.24 0.67
CA ILE N 307 -43.52 11.17 1.73
C ILE N 307 -44.21 9.80 1.79
N LYS N 308 -44.67 9.31 0.63
CA LYS N 308 -45.37 8.02 0.56
C LYS N 308 -44.42 6.84 0.70
N GLU N 309 -43.42 6.80 -0.15
CA GLU N 309 -42.51 5.68 -0.23
C GLU N 309 -41.75 5.45 1.07
N TYR N 310 -41.42 6.52 1.77
CA TYR N 310 -40.50 6.44 2.89
C TYR N 310 -41.04 7.09 4.17
N GLY N 311 -42.31 7.45 4.16
CA GLY N 311 -42.99 8.04 5.31
C GLY N 311 -42.20 9.18 5.93
N LEU N 312 -41.67 10.05 5.07
CA LEU N 312 -40.93 11.21 5.51
C LEU N 312 -41.87 12.35 5.87
N SER N 313 -41.43 13.20 6.80
CA SER N 313 -42.16 14.45 7.12
C SER N 313 -42.01 15.45 5.98
N GLU N 314 -42.99 16.33 5.83
CA GLU N 314 -42.89 17.43 4.85
C GLU N 314 -41.59 18.24 4.97
N TYR N 315 -41.12 18.41 6.21
CA TYR N 315 -39.87 19.08 6.49
C TYR N 315 -38.70 18.34 5.83
N GLU N 316 -38.72 17.01 5.97
CA GLU N 316 -37.63 16.12 5.52
C GLU N 316 -37.60 15.91 4.00
N ALA N 317 -38.77 15.62 3.44
CA ALA N 317 -38.92 15.47 2.00
C ALA N 317 -38.46 16.74 1.29
N GLY N 318 -38.92 17.91 1.79
CA GLY N 318 -38.53 19.23 1.27
C GLY N 318 -37.04 19.49 1.18
N ILE N 319 -36.31 19.28 2.27
CA ILE N 319 -34.87 19.38 2.27
C ILE N 319 -34.26 18.50 1.18
N LEU N 320 -34.77 17.28 1.04
CA LEU N 320 -34.25 16.31 0.07
C LEU N 320 -34.55 16.64 -1.39
N VAL N 321 -35.66 17.34 -1.60
CA VAL N 321 -36.13 17.69 -2.94
C VAL N 321 -35.68 19.09 -3.40
N ASN N 322 -35.42 20.01 -2.46
CA ASN N 322 -34.84 21.31 -2.84
C ASN N 322 -33.37 21.25 -3.18
N HIS N 323 -32.71 20.21 -2.71
CA HIS N 323 -31.36 20.00 -3.13
C HIS N 323 -31.26 18.55 -3.63
N LYS N 324 -31.34 18.40 -4.95
CA LYS N 324 -31.61 17.09 -5.58
C LYS N 324 -30.61 16.01 -5.18
N GLU N 325 -29.33 16.39 -5.12
CA GLU N 325 -28.22 15.48 -4.89
C GLU N 325 -28.21 14.90 -3.48
N VAL N 326 -28.97 15.52 -2.58
CA VAL N 326 -29.20 15.03 -1.24
C VAL N 326 -30.26 13.93 -1.29
N GLY N 327 -31.36 14.20 -1.96
CA GLY N 327 -32.40 13.20 -2.20
C GLY N 327 -31.80 11.97 -2.87
N ASP N 328 -30.90 12.21 -3.81
CA ASP N 328 -30.20 11.17 -4.55
C ASP N 328 -29.32 10.35 -3.61
N PHE N 329 -28.70 11.04 -2.65
CA PHE N 329 -27.88 10.39 -1.64
C PHE N 329 -28.79 9.53 -0.76
N PHE N 330 -29.84 10.15 -0.24
CA PHE N 330 -30.77 9.48 0.65
C PHE N 330 -31.29 8.20 0.05
N GLU N 331 -31.66 8.24 -1.22
CA GLU N 331 -32.24 7.05 -1.85
C GLU N 331 -31.21 5.96 -2.12
N GLU N 332 -29.95 6.36 -2.34
CA GLU N 332 -28.89 5.40 -2.64
C GLU N 332 -28.43 4.71 -1.35
N ALA N 333 -28.61 5.42 -0.23
CA ALA N 333 -28.35 4.84 1.06
C ALA N 333 -29.46 3.86 1.44
N VAL N 334 -30.70 4.36 1.46
CA VAL N 334 -31.85 3.54 1.84
C VAL N 334 -31.96 2.30 0.97
N ARG N 335 -31.16 2.22 -0.09
CA ARG N 335 -31.15 1.04 -0.95
C ARG N 335 -30.27 -0.05 -0.34
N HIS N 336 -29.24 0.40 0.39
CA HIS N 336 -28.32 -0.50 1.11
C HIS N 336 -28.90 -1.03 2.41
N PHE N 337 -29.22 -0.14 3.34
CA PHE N 337 -29.95 -0.55 4.52
C PHE N 337 -31.36 0.04 4.45
N LYS N 338 -32.37 -0.84 4.40
CA LYS N 338 -33.77 -0.42 4.27
C LYS N 338 -34.39 0.21 5.54
N GLU N 339 -33.67 1.17 6.13
CA GLU N 339 -34.15 1.99 7.27
C GLU N 339 -34.17 3.48 6.87
N PRO N 340 -35.30 3.93 6.29
CA PRO N 340 -35.41 5.30 5.80
C PRO N 340 -35.31 6.34 6.92
N LYS N 341 -36.05 6.14 8.01
CA LYS N 341 -36.10 7.11 9.10
C LYS N 341 -34.73 7.35 9.71
N GLY N 342 -34.01 6.27 9.97
CA GLY N 342 -32.66 6.35 10.55
C GLY N 342 -31.72 7.10 9.65
N ILE N 343 -31.83 6.85 8.36
CA ILE N 343 -30.94 7.44 7.37
C ILE N 343 -31.12 8.96 7.19
N VAL N 344 -32.36 9.46 7.23
CA VAL N 344 -32.60 10.91 7.15
C VAL N 344 -32.15 11.68 8.38
N ASN N 345 -32.38 11.09 9.57
CA ASN N 345 -31.95 11.72 10.82
C ASN N 345 -30.46 12.02 10.74
N TRP N 346 -29.71 10.96 10.45
CA TRP N 346 -28.27 11.03 10.39
C TRP N 346 -27.76 11.87 9.21
N LEU N 347 -28.52 11.84 8.10
CA LEU N 347 -28.20 12.64 6.93
C LEU N 347 -28.33 14.13 7.23
N ILE N 348 -29.51 14.54 7.69
CA ILE N 348 -29.85 15.96 7.93
C ILE N 348 -29.19 16.52 9.18
N ASN N 349 -29.37 15.82 10.29
CA ASN N 349 -28.90 16.27 11.60
C ASN N 349 -27.38 16.14 11.80
N ASP N 350 -26.76 15.18 11.10
CA ASP N 350 -25.34 14.91 11.28
C ASP N 350 -24.43 15.24 10.08
N LEU N 351 -24.63 14.51 8.98
CA LEU N 351 -23.71 14.52 7.84
C LEU N 351 -23.66 15.81 7.05
N LEU N 352 -24.85 16.35 6.74
CA LEU N 352 -25.01 17.63 6.07
C LEU N 352 -24.30 18.78 6.76
N GLY N 353 -24.45 18.87 8.08
CA GLY N 353 -23.72 19.88 8.84
C GLY N 353 -22.20 19.70 8.79
N LEU N 354 -21.76 18.46 8.90
CA LEU N 354 -20.34 18.18 8.92
C LEU N 354 -19.70 18.54 7.58
N LEU N 355 -20.38 18.22 6.48
CA LEU N 355 -19.92 18.54 5.14
C LEU N 355 -19.86 20.04 4.88
N ARG N 356 -20.95 20.73 5.23
CA ARG N 356 -21.03 22.18 5.11
C ARG N 356 -19.84 22.89 5.73
N ASP N 357 -19.50 22.47 6.95
CA ASP N 357 -18.40 23.07 7.73
C ASP N 357 -17.03 22.83 7.07
N LYS N 358 -16.82 21.62 6.58
CA LYS N 358 -15.67 21.27 5.76
C LYS N 358 -15.74 21.94 4.37
N GLY N 359 -16.93 22.42 3.99
CA GLY N 359 -17.15 23.13 2.72
C GLY N 359 -17.10 22.26 1.47
N ILE N 360 -17.63 21.05 1.59
CA ILE N 360 -17.68 20.09 0.47
C ILE N 360 -19.11 19.64 0.12
N SER N 361 -19.43 19.73 -1.17
CA SER N 361 -20.71 19.30 -1.75
C SER N 361 -21.01 17.81 -1.49
N ILE N 362 -22.28 17.50 -1.28
CA ILE N 362 -22.73 16.13 -1.03
C ILE N 362 -22.45 15.18 -2.20
N GLU N 363 -22.32 15.74 -3.41
CA GLU N 363 -21.94 14.96 -4.60
C GLU N 363 -20.55 14.35 -4.40
N GLU N 364 -19.72 15.03 -3.62
CA GLU N 364 -18.31 14.64 -3.48
C GLU N 364 -17.86 14.26 -2.05
N SER N 365 -18.81 13.97 -1.17
CA SER N 365 -18.48 13.64 0.22
C SER N 365 -17.69 12.34 0.36
N PRO N 366 -16.72 12.32 1.28
CA PRO N 366 -15.97 11.11 1.59
C PRO N 366 -16.90 9.97 2.05
N VAL N 367 -17.94 10.33 2.79
CA VAL N 367 -18.99 9.38 3.17
C VAL N 367 -19.82 9.08 1.93
N LYS N 368 -19.79 7.84 1.47
CA LYS N 368 -20.67 7.42 0.37
C LYS N 368 -21.98 6.91 0.96
N PRO N 369 -23.06 6.91 0.16
CA PRO N 369 -24.31 6.34 0.65
C PRO N 369 -24.24 4.88 1.18
N GLU N 370 -23.27 4.07 0.73
CA GLU N 370 -23.03 2.73 1.35
C GLU N 370 -22.54 2.86 2.79
N HIS N 371 -21.85 3.97 3.08
CA HIS N 371 -21.24 4.22 4.39
C HIS N 371 -22.24 4.72 5.41
N LEU N 372 -23.08 5.68 5.01
CA LEU N 372 -24.15 6.10 5.89
C LEU N 372 -25.07 4.93 6.24
N ALA N 373 -25.53 4.20 5.22
CA ALA N 373 -26.33 2.97 5.40
C ALA N 373 -25.68 1.94 6.34
N GLU N 374 -24.36 1.78 6.21
CA GLU N 374 -23.57 0.95 7.11
C GLU N 374 -23.56 1.48 8.54
N LEU N 375 -23.44 2.80 8.69
CA LEU N 375 -23.43 3.43 10.01
C LEU N 375 -24.79 3.34 10.70
N VAL N 376 -25.87 3.58 9.98
CA VAL N 376 -27.22 3.45 10.54
C VAL N 376 -27.52 2.00 10.92
N LYS N 377 -26.77 1.04 10.37
CA LYS N 377 -26.96 -0.38 10.68
C LYS N 377 -26.35 -0.75 12.01
N LEU N 378 -25.18 -0.19 12.30
CA LEU N 378 -24.50 -0.42 13.58
C LEU N 378 -25.26 0.15 14.78
N ILE N 379 -25.94 1.28 14.58
CA ILE N 379 -26.75 1.91 15.62
C ILE N 379 -28.04 1.11 15.90
N LYS N 380 -28.78 0.78 14.85
CA LYS N 380 -30.04 0.03 14.96
C LYS N 380 -29.88 -1.35 15.60
N GLU N 381 -28.78 -2.04 15.29
CA GLU N 381 -28.48 -3.39 15.82
C GLU N 381 -27.76 -3.35 17.17
N LYS N 382 -27.56 -2.12 17.67
CA LYS N 382 -26.95 -1.83 18.99
C LYS N 382 -25.48 -2.25 19.09
N VAL N 383 -24.87 -2.48 17.94
CA VAL N 383 -23.44 -2.76 17.84
C VAL N 383 -22.64 -1.61 18.49
N ILE N 384 -23.01 -0.37 18.14
CA ILE N 384 -22.47 0.85 18.76
C ILE N 384 -23.58 1.82 19.18
N SER N 385 -23.25 2.72 20.10
CA SER N 385 -24.19 3.74 20.64
C SER N 385 -24.23 5.03 19.81
N THR N 386 -25.30 5.81 19.99
CA THR N 386 -25.42 7.16 19.42
C THR N 386 -24.23 8.07 19.78
N LYS N 387 -23.78 7.97 21.03
CA LYS N 387 -22.54 8.60 21.48
C LYS N 387 -21.36 8.19 20.59
N ILE N 388 -21.17 6.87 20.48
CA ILE N 388 -20.09 6.29 19.69
C ILE N 388 -20.27 6.64 18.22
N GLY N 389 -21.51 6.50 17.74
CA GLY N 389 -21.91 6.84 16.39
C GLY N 389 -21.59 8.26 15.95
N LYS N 390 -21.64 9.21 16.87
CA LYS N 390 -21.36 10.61 16.51
C LYS N 390 -19.87 10.91 16.46
N GLU N 391 -19.07 10.03 17.07
CA GLU N 391 -17.60 10.12 17.01
C GLU N 391 -17.06 9.59 15.69
N VAL N 392 -17.60 8.45 15.26
CA VAL N 392 -17.15 7.83 14.00
C VAL N 392 -17.55 8.58 12.72
N ILE N 393 -18.79 9.08 12.65
CA ILE N 393 -19.25 9.89 11.51
C ILE N 393 -18.34 11.13 11.28
N LYS N 394 -17.93 11.78 12.37
CA LYS N 394 -16.96 12.88 12.33
C LYS N 394 -15.63 12.45 11.68
N GLU N 395 -15.22 11.22 11.95
CA GLU N 395 -13.98 10.72 11.42
C GLU N 395 -14.20 10.06 10.04
N MET N 396 -15.45 9.67 9.77
CA MET N 396 -15.83 9.22 8.43
C MET N 396 -15.71 10.35 7.41
N VAL N 397 -16.08 11.55 7.84
CA VAL N 397 -15.93 12.79 7.07
C VAL N 397 -14.47 13.17 6.94
N GLU N 398 -13.71 12.93 8.01
CA GLU N 398 -12.29 13.30 8.04
C GLU N 398 -11.39 12.40 7.20
N THR N 399 -11.56 11.08 7.36
CA THR N 399 -10.65 10.11 6.76
C THR N 399 -11.15 9.64 5.42
N GLY N 400 -12.40 9.18 5.41
CA GLY N 400 -12.98 8.56 4.23
C GLY N 400 -13.22 7.08 4.42
N LYS N 401 -12.83 6.55 5.57
CA LYS N 401 -12.93 5.11 5.83
C LYS N 401 -14.37 4.70 6.14
N THR N 402 -14.69 3.43 5.92
CA THR N 402 -15.99 2.87 6.26
C THR N 402 -16.25 2.95 7.76
N PRO N 403 -17.54 3.00 8.19
CA PRO N 403 -17.84 2.88 9.62
C PRO N 403 -17.26 1.63 10.32
N SER N 404 -17.68 0.42 9.88
CA SER N 404 -17.20 -0.85 10.44
C SER N 404 -15.67 -1.01 10.41
N GLN N 405 -15.01 -0.22 9.56
CA GLN N 405 -13.56 -0.18 9.49
C GLN N 405 -12.97 0.51 10.73
N ILE N 406 -13.39 1.75 10.99
CA ILE N 406 -12.86 2.52 12.15
C ILE N 406 -13.42 2.04 13.50
N VAL N 407 -14.50 1.26 13.43
CA VAL N 407 -15.05 0.59 14.61
C VAL N 407 -14.12 -0.51 15.13
N GLU N 408 -13.47 -1.23 14.22
CA GLU N 408 -12.42 -2.16 14.63
C GLU N 408 -11.18 -1.36 15.05
N GLU N 409 -10.62 -0.60 14.10
CA GLU N 409 -9.42 0.23 14.31
C GLU N 409 -9.39 1.01 15.63
N LYS N 410 -10.55 1.33 16.19
CA LYS N 410 -10.62 2.07 17.45
C LYS N 410 -11.58 1.46 18.48
N GLY N 411 -11.62 0.14 18.56
CA GLY N 411 -12.29 -0.54 19.64
C GLY N 411 -13.80 -0.37 19.60
N LEU N 412 -14.53 -1.38 20.03
CA LEU N 412 -15.98 -1.39 19.91
C LEU N 412 -16.62 -0.33 20.80
N VAL O 2 -42.31 63.01 -47.78
CA VAL O 2 -41.98 62.54 -46.41
C VAL O 2 -40.97 63.49 -45.73
N ASP O 3 -41.15 63.77 -44.45
CA ASP O 3 -40.39 64.82 -43.74
C ASP O 3 -38.87 64.69 -43.80
N ARG O 4 -38.19 65.80 -43.51
CA ARG O 4 -36.78 65.77 -43.14
C ARG O 4 -36.68 64.94 -41.86
N GLU O 5 -37.55 65.23 -40.89
CA GLU O 5 -37.60 64.45 -39.65
C GLU O 5 -37.53 62.93 -39.94
N TRP O 6 -38.43 62.43 -40.78
CA TRP O 6 -38.61 61.00 -41.05
C TRP O 6 -37.29 60.38 -41.48
N VAL O 7 -36.65 61.06 -42.42
CA VAL O 7 -35.37 60.63 -42.95
C VAL O 7 -34.33 60.53 -41.84
N LEU O 8 -34.27 61.54 -40.97
CA LEU O 8 -33.32 61.54 -39.86
C LEU O 8 -33.59 60.39 -38.88
N LYS O 9 -34.88 60.10 -38.68
CA LYS O 9 -35.38 59.08 -37.76
C LYS O 9 -35.08 57.65 -38.28
N ILE O 10 -35.31 57.44 -39.56
CA ILE O 10 -35.02 56.17 -40.17
C ILE O 10 -33.51 55.95 -40.22
N ALA O 11 -32.74 57.04 -40.33
CA ALA O 11 -31.28 56.92 -40.51
C ALA O 11 -30.67 56.57 -39.17
N LYS O 12 -31.22 57.18 -38.13
CA LYS O 12 -30.85 56.87 -36.76
C LYS O 12 -30.98 55.38 -36.44
N LEU O 13 -32.11 54.80 -36.83
CA LEU O 13 -32.41 53.40 -36.60
C LEU O 13 -31.41 52.42 -37.21
N ALA O 14 -30.92 52.76 -38.41
CA ALA O 14 -30.09 51.84 -39.22
C ALA O 14 -28.63 52.23 -39.15
N ARG O 15 -28.39 53.28 -38.35
CA ARG O 15 -27.07 53.84 -38.07
C ARG O 15 -26.36 54.35 -39.30
N LEU O 16 -27.01 55.28 -39.99
CA LEU O 16 -26.35 56.02 -41.04
C LEU O 16 -26.34 57.46 -40.60
N GLU O 17 -25.15 58.02 -40.41
CA GLU O 17 -25.03 59.45 -40.20
C GLU O 17 -24.99 60.13 -41.56
N LEU O 18 -26.18 60.51 -42.03
CA LEU O 18 -26.28 61.11 -43.33
C LEU O 18 -25.65 62.49 -43.37
N LYS O 19 -24.71 62.67 -44.32
CA LYS O 19 -24.26 64.00 -44.71
C LYS O 19 -25.46 64.84 -45.23
N GLU O 20 -25.37 66.16 -45.01
CA GLU O 20 -26.47 67.10 -45.27
C GLU O 20 -27.01 67.03 -46.71
N GLU O 21 -26.11 66.71 -47.64
CA GLU O 21 -26.42 66.45 -49.06
C GLU O 21 -27.34 65.23 -49.30
N GLU O 22 -27.09 64.14 -48.56
CA GLU O 22 -27.84 62.90 -48.75
C GLU O 22 -29.27 63.06 -48.27
N ILE O 23 -29.42 63.77 -47.14
CA ILE O 23 -30.74 64.01 -46.55
C ILE O 23 -31.72 64.60 -47.56
N GLU O 24 -31.35 65.68 -48.22
CA GLU O 24 -32.22 66.35 -49.17
C GLU O 24 -32.50 65.48 -50.39
N VAL O 25 -31.52 64.75 -50.90
CA VAL O 25 -31.73 63.83 -52.04
C VAL O 25 -32.49 62.59 -51.60
N PHE O 26 -32.22 62.13 -50.38
CA PHE O 26 -32.89 60.94 -49.89
C PHE O 26 -34.35 61.19 -49.53
N GLN O 27 -34.74 62.47 -49.50
CA GLN O 27 -36.15 62.82 -49.29
C GLN O 27 -36.92 62.58 -50.55
N LYS O 28 -36.36 63.06 -51.65
CA LYS O 28 -37.06 63.04 -52.93
C LYS O 28 -37.05 61.64 -53.51
N GLN O 29 -35.92 60.95 -53.43
CA GLN O 29 -35.79 59.62 -54.01
C GLN O 29 -36.64 58.61 -53.27
N LEU O 30 -36.60 58.67 -51.94
CA LEU O 30 -37.37 57.80 -51.08
C LEU O 30 -38.87 58.11 -51.06
N SER O 31 -39.23 59.39 -51.20
CA SER O 31 -40.63 59.76 -51.42
C SER O 31 -41.12 59.17 -52.74
N ASP O 32 -40.31 59.32 -53.79
CA ASP O 32 -40.62 58.78 -55.11
C ASP O 32 -40.75 57.27 -55.11
N ILE O 33 -39.79 56.58 -54.48
CA ILE O 33 -39.80 55.13 -54.42
C ILE O 33 -41.02 54.63 -53.64
N LEU O 34 -41.35 55.30 -52.53
CA LEU O 34 -42.53 54.95 -51.74
C LEU O 34 -43.81 54.97 -52.56
N ASP O 35 -43.97 56.01 -53.37
CA ASP O 35 -45.03 56.11 -54.37
C ASP O 35 -44.94 54.99 -55.37
N PHE O 36 -43.72 54.65 -55.77
CA PHE O 36 -43.52 53.66 -56.83
C PHE O 36 -43.96 52.26 -56.41
N ILE O 37 -43.66 51.86 -55.19
CA ILE O 37 -43.93 50.49 -54.74
C ILE O 37 -45.34 50.34 -54.11
N ASP O 38 -46.18 51.35 -54.25
CA ASP O 38 -47.49 51.30 -53.61
C ASP O 38 -48.61 50.88 -54.51
N GLN O 39 -48.57 49.61 -54.86
CA GLN O 39 -49.54 49.04 -55.79
C GLN O 39 -50.26 47.89 -55.11
N LEU O 40 -49.95 47.64 -53.85
CA LEU O 40 -50.38 46.39 -53.22
C LEU O 40 -51.66 46.46 -52.40
N LYS O 41 -52.09 47.66 -52.00
CA LYS O 41 -53.39 47.82 -51.30
C LYS O 41 -54.56 47.22 -52.13
N GLU O 42 -54.53 47.51 -53.42
CA GLU O 42 -55.48 47.02 -54.41
C GLU O 42 -55.77 45.52 -54.31
N LEU O 43 -54.88 44.76 -53.68
CA LEU O 43 -55.02 43.31 -53.70
C LEU O 43 -55.48 42.76 -52.39
N ASP O 44 -56.35 41.75 -52.45
CA ASP O 44 -56.91 41.17 -51.25
C ASP O 44 -56.02 40.07 -50.70
N THR O 45 -55.51 40.28 -49.49
CA THR O 45 -54.61 39.29 -48.90
C THR O 45 -55.02 38.67 -47.57
N GLU O 46 -56.16 39.05 -46.99
CA GLU O 46 -56.75 38.20 -45.94
C GLU O 46 -56.83 36.82 -46.57
N ASN O 47 -56.79 35.76 -45.79
CA ASN O 47 -56.87 34.41 -46.39
C ASN O 47 -55.77 34.03 -47.37
N VAL O 48 -54.70 34.83 -47.40
CA VAL O 48 -53.48 34.50 -48.15
C VAL O 48 -52.34 34.25 -47.14
N GLU O 49 -51.80 33.03 -47.13
CA GLU O 49 -50.65 32.73 -46.29
C GLU O 49 -49.39 33.33 -46.89
N PRO O 50 -48.63 34.10 -46.09
CA PRO O 50 -47.30 34.60 -46.48
C PRO O 50 -46.43 33.47 -47.06
N TYR O 51 -45.57 33.81 -48.03
CA TYR O 51 -44.71 32.84 -48.70
C TYR O 51 -43.62 32.19 -47.81
N ILE O 52 -43.60 30.87 -47.73
CA ILE O 52 -42.40 30.17 -47.23
C ILE O 52 -42.04 29.14 -48.27
N GLN O 53 -40.78 28.75 -48.31
CA GLN O 53 -40.42 27.59 -49.12
C GLN O 53 -40.99 26.31 -48.54
N GLU O 54 -41.24 25.36 -49.41
CA GLU O 54 -41.75 24.07 -48.99
C GLU O 54 -40.68 23.19 -48.37
N PHE O 55 -41.06 22.55 -47.27
CA PHE O 55 -40.18 21.64 -46.54
C PHE O 55 -41.08 20.67 -45.78
N GLU O 56 -40.67 19.40 -45.63
CA GLU O 56 -41.46 18.58 -44.72
C GLU O 56 -40.94 18.49 -43.32
N GLU O 57 -39.63 18.64 -43.13
CA GLU O 57 -39.12 18.65 -41.77
C GLU O 57 -38.19 19.83 -41.52
N THR O 58 -38.29 20.45 -40.34
CA THR O 58 -37.32 21.48 -39.98
C THR O 58 -35.94 20.82 -39.95
N PRO O 59 -34.96 21.41 -40.67
CA PRO O 59 -33.55 21.05 -40.68
C PRO O 59 -32.87 21.37 -39.38
N MET O 60 -32.43 20.33 -38.71
CA MET O 60 -31.74 20.50 -37.46
C MET O 60 -30.44 19.73 -37.53
N ARG O 61 -29.61 19.97 -36.54
CA ARG O 61 -28.23 19.56 -36.51
C ARG O 61 -28.08 18.86 -35.17
N GLU O 62 -27.31 17.76 -35.10
CA GLU O 62 -27.00 17.15 -33.80
C GLU O 62 -26.14 18.08 -32.95
N ASP O 63 -26.21 17.90 -31.64
CA ASP O 63 -25.42 18.70 -30.72
C ASP O 63 -23.96 18.18 -30.64
N GLU O 64 -23.21 18.31 -31.73
CA GLU O 64 -21.83 17.78 -31.76
C GLU O 64 -20.90 18.90 -32.13
N PRO O 65 -19.78 19.04 -31.38
CA PRO O 65 -18.82 20.09 -31.63
C PRO O 65 -18.09 19.95 -32.96
N HIS O 66 -18.07 21.04 -33.72
CA HIS O 66 -17.30 21.20 -34.95
C HIS O 66 -16.15 22.17 -34.63
N PRO O 67 -14.95 21.94 -35.19
CA PRO O 67 -13.80 22.78 -34.97
C PRO O 67 -14.09 24.25 -35.22
N SER O 68 -13.88 25.10 -34.21
CA SER O 68 -14.00 26.55 -34.36
C SER O 68 -12.95 27.09 -35.31
N LEU O 69 -13.20 28.29 -35.82
CA LEU O 69 -12.25 29.01 -36.66
C LEU O 69 -11.02 29.43 -35.87
N ASP O 70 -9.82 29.08 -36.33
CA ASP O 70 -8.58 29.56 -35.68
C ASP O 70 -8.63 31.07 -35.37
N ARG O 71 -8.30 31.42 -34.14
CA ARG O 71 -8.51 32.76 -33.60
C ARG O 71 -7.79 33.89 -34.35
N GLU O 72 -6.64 33.60 -34.96
CA GLU O 72 -5.94 34.62 -35.76
C GLU O 72 -6.81 35.04 -36.97
N LYS O 73 -7.41 34.03 -37.63
CA LYS O 73 -8.34 34.26 -38.74
C LYS O 73 -9.62 34.94 -38.29
N ALA O 74 -10.08 34.52 -37.12
CA ALA O 74 -11.27 35.12 -36.52
C ALA O 74 -11.08 36.58 -36.15
N LEU O 75 -9.83 36.99 -35.91
CA LEU O 75 -9.49 38.36 -35.52
C LEU O 75 -8.84 39.18 -36.63
N MET O 76 -8.16 38.49 -37.55
CA MET O 76 -7.33 39.13 -38.57
C MET O 76 -7.90 40.38 -39.24
N ASN O 77 -9.21 40.41 -39.44
CA ASN O 77 -9.83 41.56 -40.06
C ASN O 77 -10.15 42.70 -39.11
N ALA O 78 -10.12 42.44 -37.81
CA ALA O 78 -10.54 43.47 -36.83
C ALA O 78 -9.87 44.84 -37.05
N PRO O 79 -10.66 45.92 -37.18
CA PRO O 79 -10.10 47.29 -37.11
C PRO O 79 -9.06 47.50 -36.00
N GLU O 80 -9.28 46.90 -34.84
CA GLU O 80 -8.43 47.00 -33.65
C GLU O 80 -8.68 45.78 -32.76
N ARG O 81 -7.64 44.98 -32.51
CA ARG O 81 -7.76 43.85 -31.57
C ARG O 81 -6.81 43.99 -30.36
N LYS O 82 -7.15 43.38 -29.22
CA LYS O 82 -6.25 43.36 -28.04
C LYS O 82 -6.47 42.13 -27.16
N ASP O 83 -5.39 41.36 -26.97
CA ASP O 83 -5.36 40.20 -26.08
C ASP O 83 -6.41 39.12 -26.40
N GLY O 84 -6.85 39.07 -27.64
CA GLY O 84 -7.89 38.13 -28.02
C GLY O 84 -9.30 38.68 -28.06
N PHE O 85 -9.44 39.99 -27.78
CA PHE O 85 -10.73 40.67 -27.75
C PHE O 85 -10.83 41.57 -28.95
N PHE O 86 -12.04 41.81 -29.44
CA PHE O 86 -12.27 42.89 -30.40
C PHE O 86 -12.32 44.16 -29.60
N VAL O 87 -11.84 45.27 -30.16
CA VAL O 87 -11.80 46.53 -29.40
C VAL O 87 -12.65 47.62 -30.04
N VAL O 88 -13.58 48.16 -29.28
CA VAL O 88 -14.36 49.34 -29.70
C VAL O 88 -14.24 50.48 -28.67
N PRO O 89 -14.61 51.72 -29.03
CA PRO O 89 -14.68 52.79 -28.01
C PRO O 89 -15.71 52.46 -26.94
N ARG O 90 -15.38 52.73 -25.68
CA ARG O 90 -16.13 52.17 -24.56
C ARG O 90 -17.63 52.36 -24.73
N VAL O 91 -18.40 51.34 -24.38
CA VAL O 91 -19.85 51.46 -24.29
C VAL O 91 -20.29 51.65 -22.84
N VAL O 92 -21.56 51.98 -22.66
CA VAL O 92 -22.25 51.74 -21.39
C VAL O 92 -23.76 51.82 -21.55
N MET P 1 -26.39 46.33 15.83
CA MET P 1 -26.97 45.79 14.55
C MET P 1 -28.46 45.39 14.71
N LEU P 2 -29.12 46.00 15.68
CA LEU P 2 -30.58 45.87 15.91
C LEU P 2 -31.01 44.61 16.67
N TRP P 3 -30.80 43.44 16.07
CA TRP P 3 -31.03 42.19 16.81
C TRP P 3 -30.01 42.02 17.92
N LYS P 4 -28.94 42.81 17.84
CA LYS P 4 -27.88 42.86 18.84
C LYS P 4 -28.23 43.82 19.98
N LYS P 5 -29.38 44.49 19.88
CA LYS P 5 -29.79 45.48 20.88
C LYS P 5 -30.75 44.91 21.92
N SER P 6 -30.69 45.49 23.12
CA SER P 6 -31.57 45.10 24.22
C SER P 6 -32.94 45.71 24.04
N LEU P 7 -33.87 45.33 24.91
CA LEU P 7 -35.24 45.82 24.81
C LEU P 7 -35.34 47.29 25.23
N SER P 8 -34.38 47.74 26.05
CA SER P 8 -34.27 49.17 26.41
C SER P 8 -33.84 49.99 25.20
N GLU P 9 -32.79 49.51 24.53
CA GLU P 9 -32.31 50.14 23.32
C GLU P 9 -33.38 50.10 22.25
N LEU P 10 -34.03 48.96 22.11
CA LEU P 10 -35.10 48.78 21.14
C LEU P 10 -36.32 49.66 21.43
N ARG P 11 -36.74 49.72 22.68
CA ARG P 11 -37.93 50.47 23.06
C ARG P 11 -37.75 51.98 22.79
N GLU P 12 -36.59 52.51 23.20
CA GLU P 12 -36.23 53.91 22.99
C GLU P 12 -36.34 54.27 21.51
N LEU P 13 -35.79 53.41 20.66
CA LEU P 13 -35.83 53.57 19.21
C LEU P 13 -37.24 53.48 18.63
N LEU P 14 -38.07 52.65 19.24
CA LEU P 14 -39.45 52.45 18.79
C LEU P 14 -40.36 53.61 19.21
N LYS P 15 -40.18 54.10 20.43
CA LYS P 15 -41.00 55.16 20.97
C LYS P 15 -40.78 56.48 20.23
N ARG P 16 -39.55 56.72 19.79
CA ARG P 16 -39.17 57.95 19.07
C ARG P 16 -39.18 57.75 17.55
N GLY P 17 -39.79 56.66 17.09
CA GLY P 17 -40.01 56.40 15.67
C GLY P 17 -38.78 56.14 14.84
N GLU P 18 -37.60 56.15 15.46
CA GLU P 18 -36.32 55.89 14.77
C GLU P 18 -36.38 54.54 14.05
N VAL P 19 -37.15 53.61 14.61
CA VAL P 19 -37.36 52.29 14.02
C VAL P 19 -38.83 51.87 14.14
N SER P 20 -39.25 50.97 13.26
CA SER P 20 -40.61 50.45 13.28
C SER P 20 -40.60 49.00 13.75
N PRO P 21 -41.75 48.51 14.24
CA PRO P 21 -41.85 47.11 14.67
C PRO P 21 -41.47 46.12 13.56
N LYS P 22 -41.82 46.45 12.33
CA LYS P 22 -41.51 45.58 11.20
C LYS P 22 -40.02 45.41 11.02
N GLU P 23 -39.26 46.49 11.19
CA GLU P 23 -37.81 46.46 11.00
C GLU P 23 -37.17 45.56 12.04
N VAL P 24 -37.61 45.74 13.30
CA VAL P 24 -37.15 44.94 14.43
C VAL P 24 -37.34 43.45 14.12
N VAL P 25 -38.54 43.07 13.68
CA VAL P 25 -38.84 41.69 13.27
C VAL P 25 -37.93 41.23 12.12
N GLU P 26 -37.81 42.08 11.10
CA GLU P 26 -36.91 41.82 9.95
C GLU P 26 -35.48 41.49 10.43
N SER P 27 -34.99 42.28 11.40
CA SER P 27 -33.65 42.12 11.96
C SER P 27 -33.46 40.71 12.53
N PHE P 28 -34.36 40.32 13.43
CA PHE P 28 -34.30 38.99 14.04
C PHE P 28 -34.57 37.90 13.02
N TYR P 29 -35.47 38.18 12.08
CA TYR P 29 -35.72 37.28 10.96
C TYR P 29 -34.43 36.92 10.24
N ASP P 30 -33.61 37.93 9.95
CA ASP P 30 -32.38 37.73 9.21
C ASP P 30 -31.39 36.86 9.99
N ARG P 31 -31.27 37.14 11.29
CA ARG P 31 -30.37 36.37 12.14
C ARG P 31 -30.91 34.97 12.40
N TYR P 32 -32.23 34.83 12.33
CA TYR P 32 -32.85 33.53 12.26
C TYR P 32 -32.31 32.81 11.04
N ASN P 33 -32.38 33.46 9.88
CA ASN P 33 -31.87 32.88 8.64
C ASN P 33 -30.39 32.51 8.75
N GLN P 34 -29.62 33.35 9.43
CA GLN P 34 -28.20 33.09 9.62
C GLN P 34 -27.96 31.75 10.30
N THR P 35 -28.79 31.43 11.29
CA THR P 35 -28.38 30.57 12.40
C THR P 35 -29.12 29.25 12.37
N GLU P 36 -30.33 29.26 11.82
CA GLU P 36 -31.35 28.28 12.17
C GLU P 36 -31.01 26.91 11.61
N GLU P 37 -30.34 26.89 10.46
CA GLU P 37 -29.89 25.62 9.84
C GLU P 37 -28.93 24.84 10.77
N LYS P 38 -28.11 25.58 11.52
CA LYS P 38 -27.17 25.00 12.47
C LYS P 38 -27.85 24.68 13.82
N VAL P 39 -28.58 25.65 14.37
CA VAL P 39 -29.21 25.52 15.69
C VAL P 39 -30.53 24.73 15.76
N LYS P 40 -31.46 24.98 14.84
CA LYS P 40 -32.82 24.38 14.80
C LYS P 40 -33.63 24.64 16.07
N ALA P 41 -33.81 25.91 16.39
CA ALA P 41 -34.49 26.30 17.60
C ALA P 41 -35.97 26.13 17.43
N TYR P 42 -36.46 26.28 16.21
CA TYR P 42 -37.92 26.38 15.99
C TYR P 42 -38.60 25.15 15.38
N ILE P 43 -39.82 24.90 15.83
CA ILE P 43 -40.70 23.95 15.18
C ILE P 43 -41.54 24.71 14.13
N THR P 44 -42.09 25.86 14.51
CA THR P 44 -42.90 26.68 13.62
C THR P 44 -42.44 28.12 13.70
N PRO P 45 -41.64 28.54 12.71
CA PRO P 45 -41.22 29.94 12.64
C PRO P 45 -42.42 30.76 12.26
N LEU P 46 -42.58 31.91 12.89
CA LEU P 46 -43.75 32.75 12.64
C LEU P 46 -43.39 34.19 12.28
N TYR P 47 -42.11 34.40 11.94
CA TYR P 47 -41.58 35.69 11.55
C TYR P 47 -42.40 36.29 10.41
N GLY P 48 -42.75 35.44 9.42
CA GLY P 48 -43.62 35.85 8.32
C GLY P 48 -44.90 36.48 8.81
N LYS P 49 -45.57 35.79 9.73
CA LYS P 49 -46.86 36.25 10.24
C LYS P 49 -46.66 37.47 11.12
N ALA P 50 -45.53 37.53 11.81
CA ALA P 50 -45.22 38.65 12.70
C ALA P 50 -44.93 39.92 11.91
N LEU P 51 -44.27 39.77 10.76
CA LEU P 51 -44.07 40.88 9.83
C LEU P 51 -45.39 41.55 9.51
N LYS P 52 -46.41 40.74 9.17
CA LYS P 52 -47.75 41.26 8.84
C LYS P 52 -48.44 41.90 10.03
N GLN P 53 -48.30 41.29 11.20
CA GLN P 53 -48.94 41.83 12.40
C GLN P 53 -48.32 43.15 12.86
N ALA P 54 -47.05 43.35 12.49
CA ALA P 54 -46.30 44.54 12.87
C ALA P 54 -46.85 45.80 12.20
N GLU P 55 -47.34 45.62 10.98
CA GLU P 55 -47.93 46.70 10.19
C GLU P 55 -49.07 47.42 10.93
N SER P 56 -49.86 46.64 11.66
CA SER P 56 -51.04 47.15 12.37
C SER P 56 -50.73 47.59 13.79
N LEU P 57 -49.48 47.44 14.19
CA LEU P 57 -49.08 47.80 15.54
C LEU P 57 -48.75 49.30 15.61
N LYS P 58 -49.45 50.01 16.49
CA LYS P 58 -49.45 51.47 16.44
C LYS P 58 -49.06 52.14 17.77
N GLU P 59 -49.72 51.72 18.84
CA GLU P 59 -49.59 52.34 20.15
C GLU P 59 -48.22 52.07 20.75
N ARG P 60 -47.32 53.07 20.69
CA ARG P 60 -45.92 52.88 21.08
C ARG P 60 -45.69 52.74 22.59
N GLU P 61 -46.62 53.25 23.39
CA GLU P 61 -46.44 53.24 24.83
C GLU P 61 -46.79 51.91 25.53
N LEU P 62 -47.22 50.94 24.72
CA LEU P 62 -47.44 49.57 25.17
C LEU P 62 -46.13 48.94 25.65
N PRO P 63 -46.16 48.32 26.85
CA PRO P 63 -44.98 47.85 27.57
C PRO P 63 -44.00 47.07 26.73
N LEU P 64 -44.50 46.27 25.79
CA LEU P 64 -43.63 45.47 24.93
C LEU P 64 -43.79 45.86 23.44
N PHE P 65 -44.06 47.13 23.21
CA PHE P 65 -44.53 47.64 21.91
C PHE P 65 -44.12 46.86 20.67
N GLY P 66 -42.85 46.66 20.41
CA GLY P 66 -42.51 46.05 19.14
C GLY P 66 -41.65 44.82 19.29
N ILE P 67 -41.70 44.23 20.48
CA ILE P 67 -40.74 43.18 20.82
C ILE P 67 -41.10 41.79 20.31
N PRO P 68 -40.21 41.17 19.53
CA PRO P 68 -40.39 39.77 19.14
C PRO P 68 -40.19 38.87 20.34
N ILE P 69 -40.95 37.78 20.40
CA ILE P 69 -40.83 36.79 21.47
C ILE P 69 -41.08 35.38 20.94
N ALA P 70 -40.13 34.48 21.21
CA ALA P 70 -40.29 33.06 20.89
C ALA P 70 -41.10 32.39 21.99
N VAL P 71 -41.81 31.34 21.64
CA VAL P 71 -42.71 30.65 22.58
C VAL P 71 -42.52 29.14 22.48
N LYS P 72 -42.33 28.48 23.63
CA LYS P 72 -42.21 27.04 23.67
C LYS P 72 -43.44 26.39 23.03
N ASP P 73 -43.26 25.29 22.27
CA ASP P 73 -44.40 24.70 21.56
C ASP P 73 -45.27 23.79 22.39
N ASN P 74 -45.31 24.03 23.70
CA ASN P 74 -46.37 23.48 24.57
C ASN P 74 -47.23 24.62 25.14
N ILE P 75 -46.97 25.84 24.69
CA ILE P 75 -47.84 26.93 25.08
C ILE P 75 -48.71 27.21 23.85
N LEU P 76 -50.04 27.26 24.03
CA LEU P 76 -50.98 27.42 22.90
C LEU P 76 -51.04 28.86 22.37
N VAL P 77 -50.76 28.99 21.07
CA VAL P 77 -50.95 30.23 20.34
C VAL P 77 -51.99 29.99 19.24
N GLU P 78 -53.09 30.72 19.31
CA GLU P 78 -54.27 30.40 18.51
C GLU P 78 -54.08 30.57 17.01
N GLY P 79 -54.57 29.59 16.26
CA GLY P 79 -54.54 29.63 14.84
C GLY P 79 -53.28 28.99 14.31
N GLU P 80 -52.32 28.74 15.19
CA GLU P 80 -51.05 28.09 14.80
C GLU P 80 -50.90 26.73 15.46
N LYS P 81 -50.11 25.87 14.84
CA LYS P 81 -49.86 24.52 15.38
C LYS P 81 -49.21 24.55 16.79
N THR P 82 -49.68 23.67 17.67
CA THR P 82 -49.10 23.49 18.98
C THR P 82 -48.84 22.01 19.10
N THR P 83 -47.60 21.59 18.88
CA THR P 83 -47.27 20.16 18.73
C THR P 83 -46.77 19.46 19.99
N CYS P 84 -46.29 20.23 20.96
CA CYS P 84 -45.52 19.69 22.09
C CYS P 84 -44.40 18.80 21.58
N ALA P 85 -43.92 19.09 20.38
CA ALA P 85 -42.93 18.28 19.74
C ALA P 85 -43.34 16.81 19.76
N SER P 86 -44.64 16.55 19.55
CA SER P 86 -45.15 15.19 19.52
C SER P 86 -45.84 14.84 18.20
N LYS P 87 -45.67 13.59 17.77
CA LYS P 87 -46.39 13.00 16.63
C LYS P 87 -47.88 13.06 16.87
N ILE P 88 -48.26 12.89 18.13
CA ILE P 88 -49.66 12.78 18.51
C ILE P 88 -50.38 14.13 18.38
N LEU P 89 -49.59 15.21 18.29
CA LEU P 89 -50.12 16.57 18.15
C LEU P 89 -49.50 17.40 17.02
N GLU P 90 -48.81 16.76 16.09
CA GLU P 90 -48.47 17.51 14.89
C GLU P 90 -49.76 17.67 14.12
N ASN P 91 -49.96 18.86 13.57
CA ASN P 91 -51.19 19.14 12.84
C ASN P 91 -52.34 19.54 13.76
N PHE P 92 -52.09 19.55 15.06
CA PHE P 92 -53.05 20.16 15.99
C PHE P 92 -52.98 21.71 15.93
N VAL P 93 -54.04 22.35 15.47
CA VAL P 93 -54.12 23.81 15.48
C VAL P 93 -54.81 24.28 16.74
N ALA P 94 -54.14 25.18 17.44
CA ALA P 94 -54.63 25.69 18.72
C ALA P 94 -55.87 26.54 18.53
N PRO P 95 -56.98 26.14 19.15
CA PRO P 95 -58.26 26.85 19.14
C PRO P 95 -58.37 28.05 20.07
N TYR P 96 -57.37 28.29 20.90
CA TYR P 96 -57.41 29.42 21.83
C TYR P 96 -56.00 29.83 22.27
N ASP P 97 -55.89 30.99 22.90
CA ASP P 97 -54.60 31.46 23.41
C ASP P 97 -54.42 31.06 24.87
N ALA P 98 -53.24 30.53 25.18
CA ALA P 98 -52.69 30.62 26.53
C ALA P 98 -52.88 32.02 27.12
N THR P 99 -53.16 32.07 28.41
CA THR P 99 -53.36 33.35 29.10
C THR P 99 -52.15 34.25 28.94
N VAL P 100 -50.97 33.67 29.03
CA VAL P 100 -49.73 34.41 28.85
C VAL P 100 -49.62 35.03 27.46
N ILE P 101 -50.10 34.32 26.45
CA ILE P 101 -49.99 34.79 25.07
C ILE P 101 -50.97 35.93 24.86
N GLU P 102 -52.13 35.82 25.47
CA GLU P 102 -53.11 36.88 25.49
C GLU P 102 -52.51 38.16 26.11
N ARG P 103 -51.79 37.99 27.21
CA ARG P 103 -51.20 39.11 27.95
C ARG P 103 -50.00 39.72 27.25
N LEU P 104 -49.27 38.92 26.49
CA LEU P 104 -48.19 39.42 25.68
C LEU P 104 -48.71 40.20 24.49
N LYS P 105 -49.74 39.67 23.82
CA LYS P 105 -50.34 40.33 22.66
C LYS P 105 -50.90 41.66 23.05
N LYS P 106 -51.54 41.70 24.21
CA LYS P 106 -52.10 42.94 24.71
C LYS P 106 -51.01 43.96 25.05
N ALA P 107 -49.78 43.47 25.27
CA ALA P 107 -48.65 44.31 25.67
C ALA P 107 -47.85 44.75 24.46
N GLY P 108 -48.32 44.38 23.28
CA GLY P 108 -47.72 44.78 22.04
C GLY P 108 -46.66 43.85 21.51
N ALA P 109 -46.39 42.77 22.22
CA ALA P 109 -45.37 41.81 21.77
C ALA P 109 -45.73 41.14 20.45
N LEU P 110 -44.74 40.59 19.77
CA LEU P 110 -45.02 39.85 18.55
C LEU P 110 -44.44 38.45 18.58
N ILE P 111 -45.33 37.45 18.60
CA ILE P 111 -44.88 36.04 18.59
C ILE P 111 -44.20 35.64 17.28
N VAL P 112 -42.90 35.36 17.38
CA VAL P 112 -42.11 35.11 16.18
C VAL P 112 -41.91 33.63 15.89
N GLY P 113 -42.37 32.76 16.79
CA GLY P 113 -42.26 31.35 16.51
C GLY P 113 -42.52 30.41 17.66
N LYS P 114 -42.72 29.14 17.31
CA LYS P 114 -42.94 28.07 18.25
C LYS P 114 -41.67 27.26 18.30
N THR P 115 -41.16 27.14 19.50
CA THR P 115 -39.82 26.68 19.78
C THR P 115 -39.74 25.16 20.04
N ASN P 116 -38.66 24.51 19.60
CA ASN P 116 -38.46 23.07 19.80
C ASN P 116 -38.38 22.71 21.29
N LEU P 117 -38.80 21.49 21.63
CA LEU P 117 -38.74 20.97 23.00
C LEU P 117 -38.63 19.46 23.01
N ASP P 118 -38.28 18.89 24.17
CA ASP P 118 -38.44 17.47 24.36
C ASP P 118 -39.94 17.22 24.28
N GLU P 119 -40.32 16.05 23.76
CA GLU P 119 -41.75 15.71 23.57
C GLU P 119 -42.50 15.77 24.88
N PHE P 120 -43.53 16.59 24.89
CA PHE P 120 -44.37 16.86 26.05
C PHE P 120 -43.58 17.36 27.25
N ALA P 121 -42.50 18.07 26.94
CA ALA P 121 -41.63 18.72 27.91
C ALA P 121 -40.97 17.78 28.88
N MET P 122 -40.80 16.54 28.46
CA MET P 122 -40.19 15.47 29.26
C MET P 122 -38.78 15.13 28.79
N GLY P 123 -37.79 15.66 29.49
CA GLY P 123 -36.38 15.39 29.16
C GLY P 123 -35.49 16.56 29.49
N SER P 124 -34.19 16.40 29.30
CA SER P 124 -33.25 17.39 29.74
C SER P 124 -32.21 17.72 28.69
N SER P 125 -32.55 17.58 27.41
CA SER P 125 -31.62 17.87 26.33
C SER P 125 -32.27 18.26 24.99
N THR P 126 -33.61 18.15 24.91
CA THR P 126 -34.37 18.34 23.67
C THR P 126 -34.22 17.20 22.63
N GLU P 127 -33.31 16.28 22.88
CA GLU P 127 -33.19 15.11 22.02
C GLU P 127 -34.49 14.33 21.85
N TYR P 128 -35.40 14.41 22.80
CA TYR P 128 -36.68 13.69 22.67
C TYR P 128 -37.76 14.45 21.92
N SER P 129 -37.41 15.57 21.28
CA SER P 129 -38.28 16.15 20.28
C SER P 129 -38.56 15.07 19.26
N ALA P 130 -39.84 14.89 18.95
CA ALA P 130 -40.26 13.88 17.95
C ALA P 130 -39.83 14.23 16.52
N PHE P 131 -39.37 15.47 16.33
CA PHE P 131 -39.10 16.04 15.02
C PHE P 131 -37.61 16.15 14.65
N PHE P 132 -36.83 16.71 15.56
CA PHE P 132 -35.41 16.90 15.36
C PHE P 132 -34.77 17.49 16.61
N PRO P 133 -33.48 17.19 16.84
CA PRO P 133 -32.75 17.85 17.93
C PRO P 133 -32.45 19.33 17.69
N THR P 134 -32.55 20.13 18.74
CA THR P 134 -31.95 21.45 18.73
C THR P 134 -30.50 21.31 19.22
N LYS P 135 -29.62 22.18 18.70
CA LYS P 135 -28.19 22.13 18.99
C LYS P 135 -27.71 23.37 19.78
N ASN P 136 -26.75 23.17 20.70
CA ASN P 136 -26.14 24.23 21.48
C ASN P 136 -25.32 25.16 20.58
N PRO P 137 -25.69 26.45 20.52
CA PRO P 137 -25.00 27.40 19.63
C PRO P 137 -23.56 27.68 20.05
N TRP P 138 -23.13 27.18 21.20
CA TRP P 138 -21.73 27.36 21.63
C TRP P 138 -20.91 26.14 21.29
N ASP P 139 -21.59 25.08 20.91
CA ASP P 139 -20.93 23.92 20.35
C ASP P 139 -22.03 22.99 19.84
N LEU P 140 -22.19 22.96 18.52
CA LEU P 140 -23.27 22.21 17.91
C LEU P 140 -23.08 20.69 18.04
N GLU P 141 -21.97 20.25 18.63
CA GLU P 141 -21.84 18.83 18.98
C GLU P 141 -22.53 18.56 20.32
N ARG P 142 -23.01 19.64 20.93
CA ARG P 142 -23.56 19.55 22.27
C ARG P 142 -25.01 19.99 22.39
N VAL P 143 -25.66 19.44 23.40
CA VAL P 143 -27.07 19.63 23.71
C VAL P 143 -27.33 21.04 24.29
N PRO P 144 -28.48 21.67 23.97
CA PRO P 144 -28.74 23.00 24.57
C PRO P 144 -29.49 22.89 25.89
N GLY P 145 -29.74 21.67 26.34
CA GLY P 145 -30.55 21.44 27.55
C GLY P 145 -31.99 21.13 27.22
N GLY P 146 -32.79 20.84 28.23
CA GLY P 146 -34.20 20.60 27.97
C GLY P 146 -35.02 20.63 29.24
N SER P 147 -36.34 20.77 29.11
CA SER P 147 -37.02 20.63 27.83
C SER P 147 -37.13 21.88 26.97
N SER P 148 -37.05 23.08 27.54
CA SER P 148 -37.11 24.30 26.74
C SER P 148 -35.85 24.54 25.88
N GLY P 149 -35.36 23.54 25.15
CA GLY P 149 -34.11 23.68 24.38
C GLY P 149 -34.07 24.80 23.34
N GLY P 150 -35.07 24.81 22.46
CA GLY P 150 -35.20 25.88 21.47
C GLY P 150 -35.39 27.27 22.03
N SER P 151 -36.10 27.40 23.13
CA SER P 151 -36.36 28.70 23.70
C SER P 151 -35.09 29.36 24.23
N ALA P 152 -34.23 28.53 24.81
CA ALA P 152 -32.94 29.01 25.33
C ALA P 152 -32.01 29.28 24.17
N ALA P 153 -31.95 28.36 23.22
CA ALA P 153 -31.08 28.44 22.06
C ALA P 153 -31.31 29.70 21.22
N SER P 154 -32.55 29.96 20.85
CA SER P 154 -32.88 31.14 20.07
C SER P 154 -32.56 32.44 20.79
N VAL P 155 -32.59 32.41 22.13
CA VAL P 155 -32.22 33.57 22.92
C VAL P 155 -30.70 33.72 23.02
N ALA P 156 -29.99 32.60 22.84
CA ALA P 156 -28.54 32.60 22.90
C ALA P 156 -27.94 33.16 21.61
N VAL P 157 -28.42 32.66 20.47
CA VAL P 157 -28.01 33.19 19.17
C VAL P 157 -28.70 34.51 18.86
N LEU P 158 -29.75 34.80 19.61
CA LEU P 158 -30.46 36.07 19.47
C LEU P 158 -31.20 36.15 18.13
N SER P 159 -31.75 35.02 17.71
CA SER P 159 -32.86 35.02 16.74
C SER P 159 -34.17 35.53 17.36
N ALA P 160 -34.17 35.65 18.69
CA ALA P 160 -35.21 36.32 19.47
C ALA P 160 -34.52 36.86 20.69
N PRO P 161 -34.90 38.05 21.15
CA PRO P 161 -34.22 38.67 22.27
C PRO P 161 -34.63 38.08 23.60
N VAL P 162 -35.87 37.58 23.65
CA VAL P 162 -36.54 37.19 24.88
C VAL P 162 -37.44 35.98 24.55
N SER P 163 -37.72 35.13 25.52
CA SER P 163 -38.34 33.84 25.22
C SER P 163 -39.25 33.34 26.35
N LEU P 164 -40.23 32.50 26.00
CA LEU P 164 -41.03 31.81 27.00
C LEU P 164 -40.72 30.33 27.00
N GLY P 165 -40.50 29.77 28.18
CA GLY P 165 -40.38 28.32 28.32
C GLY P 165 -41.30 27.85 29.44
N SER P 166 -41.17 26.58 29.81
CA SER P 166 -41.81 26.08 31.03
C SER P 166 -40.84 25.25 31.84
N ASP P 167 -41.07 25.16 33.14
CA ASP P 167 -40.15 24.50 34.04
C ASP P 167 -40.93 23.63 35.04
N THR P 168 -40.78 22.31 34.87
CA THR P 168 -41.44 21.30 35.70
C THR P 168 -40.44 20.76 36.74
N GLY P 169 -39.18 20.68 36.33
CA GLY P 169 -38.14 20.19 37.20
C GLY P 169 -36.80 20.74 36.78
N GLY P 170 -36.84 21.92 36.17
CA GLY P 170 -35.62 22.61 35.74
C GLY P 170 -35.60 22.98 34.26
N SER P 171 -36.76 22.86 33.61
CA SER P 171 -36.84 22.96 32.16
C SER P 171 -36.65 24.36 31.56
N ILE P 172 -36.67 25.42 32.38
CA ILE P 172 -36.11 26.74 31.98
C ILE P 172 -34.64 26.85 32.41
N ARG P 173 -34.37 26.61 33.69
CA ARG P 173 -33.05 26.86 34.26
C ARG P 173 -31.88 26.08 33.61
N GLN P 174 -32.03 24.77 33.39
CA GLN P 174 -30.90 23.97 32.84
C GLN P 174 -30.60 24.27 31.38
N PRO P 175 -31.64 24.44 30.54
CA PRO P 175 -31.29 25.07 29.25
C PRO P 175 -30.71 26.51 29.35
N ALA P 176 -31.17 27.34 30.30
CA ALA P 176 -30.52 28.67 30.43
C ALA P 176 -29.06 28.51 30.81
N SER P 177 -28.77 27.52 31.63
CA SER P 177 -27.40 27.29 32.03
C SER P 177 -26.56 26.83 30.85
N PHE P 178 -27.03 25.80 30.15
CA PHE P 178 -26.33 25.24 29.01
C PHE P 178 -26.12 26.23 27.84
N CYS P 179 -27.04 27.19 27.69
CA CYS P 179 -26.99 28.08 26.53
C CYS P 179 -26.45 29.46 26.90
N GLY P 180 -26.08 29.62 28.16
CA GLY P 180 -25.43 30.87 28.59
C GLY P 180 -26.35 32.05 28.57
N VAL P 181 -27.55 31.85 29.10
CA VAL P 181 -28.58 32.85 29.07
C VAL P 181 -29.26 32.90 30.46
N ILE P 182 -29.95 34.02 30.76
CA ILE P 182 -30.75 34.11 31.98
C ILE P 182 -32.11 33.41 31.76
N GLY P 183 -32.48 32.57 32.73
CA GLY P 183 -33.77 31.90 32.73
C GLY P 183 -34.40 31.83 34.12
N ILE P 184 -35.63 32.35 34.24
CA ILE P 184 -36.34 32.31 35.51
C ILE P 184 -37.59 31.41 35.46
N LYS P 185 -37.74 30.57 36.49
CA LYS P 185 -39.01 29.93 36.79
C LYS P 185 -39.56 30.58 38.07
N PRO P 186 -40.68 31.30 37.96
CA PRO P 186 -41.27 32.02 39.09
C PRO P 186 -41.93 31.08 40.09
N THR P 187 -42.46 31.67 41.17
CA THR P 187 -43.17 30.93 42.22
C THR P 187 -44.33 30.16 41.61
N TYR P 188 -44.57 28.96 42.10
CA TYR P 188 -45.73 28.25 41.62
C TYR P 188 -46.99 29.01 41.98
N GLY P 189 -47.77 29.36 40.96
CA GLY P 189 -48.98 30.16 41.16
C GLY P 189 -48.82 31.56 40.60
N ARG P 190 -47.58 31.99 40.38
CA ARG P 190 -47.39 33.33 39.84
C ARG P 190 -47.78 33.50 38.37
N VAL P 191 -47.68 32.46 37.55
CA VAL P 191 -48.02 32.61 36.14
C VAL P 191 -49.09 31.58 35.83
N SER P 192 -50.12 31.98 35.08
CA SER P 192 -51.21 31.06 34.73
C SER P 192 -50.75 29.85 33.96
N ARG P 193 -51.38 28.71 34.21
CA ARG P 193 -51.09 27.51 33.46
C ARG P 193 -52.18 27.24 32.44
N TYR P 194 -53.08 28.20 32.23
CA TYR P 194 -54.10 28.10 31.20
C TYR P 194 -53.53 28.24 29.80
N GLY P 195 -53.55 27.13 29.09
CA GLY P 195 -53.04 27.08 27.73
C GLY P 195 -51.62 26.58 27.73
N LEU P 196 -51.16 26.14 28.90
CA LEU P 196 -49.90 25.38 28.97
C LEU P 196 -50.23 23.91 28.95
N VAL P 197 -49.81 23.20 27.92
CA VAL P 197 -50.10 21.77 27.86
C VAL P 197 -49.50 21.12 29.10
N ALA P 198 -50.36 20.58 29.96
CA ALA P 198 -49.93 20.08 31.25
C ALA P 198 -49.13 18.79 31.13
N PHE P 199 -48.01 18.78 31.88
CA PHE P 199 -47.13 17.65 32.11
C PHE P 199 -47.41 17.21 33.55
N ALA P 200 -46.90 17.98 34.52
CA ALA P 200 -47.21 17.72 35.91
C ALA P 200 -47.79 19.01 36.50
N SER P 201 -49.10 18.96 36.77
CA SER P 201 -49.87 20.14 37.09
C SER P 201 -49.39 20.86 38.36
N SER P 202 -48.94 20.07 39.34
CA SER P 202 -48.54 20.63 40.61
C SER P 202 -47.08 21.20 40.58
N LEU P 203 -46.36 20.94 39.48
CA LEU P 203 -44.97 21.35 39.30
C LEU P 203 -44.71 22.34 38.13
N ASP P 204 -45.50 22.30 37.05
CA ASP P 204 -45.37 23.25 35.91
C ASP P 204 -45.41 24.77 36.28
N GLN P 205 -44.51 25.54 35.69
CA GLN P 205 -44.68 26.98 35.60
C GLN P 205 -44.03 27.54 34.34
N ILE P 206 -44.80 28.30 33.57
CA ILE P 206 -44.23 29.12 32.52
C ILE P 206 -43.21 30.08 33.15
N GLY P 207 -42.14 30.31 32.41
CA GLY P 207 -41.11 31.26 32.79
C GLY P 207 -40.49 31.95 31.59
N VAL P 208 -39.39 32.68 31.82
CA VAL P 208 -38.82 33.58 30.83
C VAL P 208 -37.31 33.38 30.68
N PHE P 209 -36.87 33.36 29.43
CA PHE P 209 -35.47 33.41 29.09
C PHE P 209 -35.14 34.80 28.54
N GLY P 210 -33.94 35.30 28.89
CA GLY P 210 -33.45 36.59 28.38
C GLY P 210 -31.95 36.73 28.58
N ARG P 211 -31.40 37.84 28.11
CA ARG P 211 -29.97 38.06 28.18
C ARG P 211 -29.63 39.19 29.16
N ARG P 212 -30.59 40.09 29.32
CA ARG P 212 -30.46 41.13 30.32
C ARG P 212 -31.55 40.96 31.36
N THR P 213 -31.21 41.22 32.61
CA THR P 213 -32.13 41.02 33.71
C THR P 213 -33.36 41.91 33.58
N GLU P 214 -33.23 43.09 32.99
CA GLU P 214 -34.41 43.95 32.81
C GLU P 214 -35.40 43.41 31.79
N ASP P 215 -34.87 42.78 30.74
CA ASP P 215 -35.72 42.12 29.74
C ASP P 215 -36.54 41.02 30.41
N VAL P 216 -35.89 40.21 31.23
CA VAL P 216 -36.54 39.10 31.89
C VAL P 216 -37.60 39.59 32.87
N ALA P 217 -37.25 40.60 33.66
CA ALA P 217 -38.16 41.17 34.68
C ALA P 217 -39.40 41.76 34.06
N LEU P 218 -39.25 42.37 32.90
CA LEU P 218 -40.35 42.99 32.22
C LEU P 218 -41.33 41.95 31.69
N VAL P 219 -40.82 40.98 30.92
CA VAL P 219 -41.67 39.97 30.31
C VAL P 219 -42.40 39.17 31.38
N LEU P 220 -41.69 38.84 32.46
CA LEU P 220 -42.32 38.21 33.61
C LEU P 220 -43.42 39.05 34.23
N GLU P 221 -43.19 40.35 34.37
CA GLU P 221 -44.21 41.24 34.93
C GLU P 221 -45.48 41.19 34.10
N VAL P 222 -45.31 41.24 32.78
CA VAL P 222 -46.45 41.34 31.87
C VAL P 222 -47.43 40.20 32.08
N ILE P 223 -46.90 39.01 32.38
CA ILE P 223 -47.58 37.77 32.07
C ILE P 223 -48.02 37.04 33.34
N SER P 224 -47.57 37.54 34.49
CA SER P 224 -47.85 36.89 35.76
C SER P 224 -49.01 37.58 36.48
N GLY P 225 -49.37 37.05 37.64
CA GLY P 225 -50.56 37.50 38.35
C GLY P 225 -51.82 36.82 37.85
N TRP P 226 -52.95 37.17 38.46
CA TRP P 226 -54.01 36.20 38.70
C TRP P 226 -54.78 35.88 37.43
N ASP P 227 -55.24 34.63 37.31
CA ASP P 227 -56.04 34.22 36.17
C ASP P 227 -57.25 33.45 36.65
N GLU P 228 -58.44 33.95 36.32
CA GLU P 228 -59.71 33.34 36.68
C GLU P 228 -59.89 31.97 36.03
N LYS P 229 -59.17 31.74 34.94
CA LYS P 229 -59.22 30.49 34.22
C LYS P 229 -58.29 29.41 34.80
N ASP P 230 -57.55 29.77 35.86
CA ASP P 230 -56.59 28.86 36.53
C ASP P 230 -56.79 28.85 38.04
N SER P 231 -57.31 27.75 38.56
CA SER P 231 -57.60 27.59 39.99
C SER P 231 -56.38 27.71 40.86
N THR P 232 -55.23 27.34 40.33
CA THR P 232 -54.02 27.27 41.09
C THR P 232 -53.23 28.56 41.03
N SER P 233 -53.66 29.50 40.17
CA SER P 233 -53.03 30.82 40.09
C SER P 233 -53.40 31.66 41.32
N ALA P 234 -52.43 32.42 41.84
CA ALA P 234 -52.60 33.11 43.11
C ALA P 234 -53.18 34.51 42.97
N LYS P 235 -54.04 34.89 43.91
CA LYS P 235 -54.60 36.23 44.00
C LYS P 235 -53.62 37.11 44.76
N VAL P 236 -52.48 37.36 44.13
CA VAL P 236 -51.36 38.11 44.72
C VAL P 236 -50.95 39.17 43.70
N PRO P 237 -50.85 40.44 44.14
CA PRO P 237 -50.39 41.51 43.24
C PRO P 237 -49.01 41.24 42.61
N VAL P 238 -48.85 41.60 41.34
CA VAL P 238 -47.58 41.44 40.65
C VAL P 238 -46.70 42.64 40.99
N PRO P 239 -45.53 42.40 41.59
CA PRO P 239 -44.56 43.44 41.88
C PRO P 239 -44.08 44.18 40.63
N GLU P 240 -43.79 45.47 40.75
CA GLU P 240 -43.27 46.25 39.63
C GLU P 240 -41.82 45.89 39.39
N TRP P 241 -41.59 44.74 38.77
CA TRP P 241 -40.23 44.18 38.69
C TRP P 241 -39.25 45.00 37.86
N SER P 242 -39.74 45.60 36.78
CA SER P 242 -38.92 46.48 35.91
C SER P 242 -38.36 47.72 36.65
N GLU P 243 -39.08 48.17 37.67
CA GLU P 243 -38.68 49.26 38.55
C GLU P 243 -37.89 48.78 39.76
N GLU P 244 -37.84 47.49 39.96
CA GLU P 244 -37.35 46.92 41.20
C GLU P 244 -35.97 46.27 41.03
N VAL P 245 -35.67 45.78 39.82
CA VAL P 245 -34.42 45.07 39.55
C VAL P 245 -33.18 45.91 39.82
N LYS P 246 -33.30 47.20 39.49
CA LYS P 246 -32.20 48.15 39.54
C LYS P 246 -31.84 48.55 40.97
N LYS P 247 -32.81 48.43 41.89
CA LYS P 247 -32.62 48.71 43.31
C LYS P 247 -31.62 47.74 43.97
N GLU P 248 -31.06 48.13 45.12
CA GLU P 248 -30.08 47.32 45.82
C GLU P 248 -30.43 47.24 47.29
N VAL P 249 -30.51 46.02 47.80
CA VAL P 249 -30.88 45.77 49.20
C VAL P 249 -29.64 45.37 49.99
N LYS P 250 -29.40 46.06 51.10
CA LYS P 250 -28.20 45.85 51.90
C LYS P 250 -28.31 44.64 52.82
N GLY P 251 -27.17 43.96 53.00
CA GLY P 251 -27.06 42.87 53.97
C GLY P 251 -27.83 41.60 53.65
N LEU P 252 -27.93 41.29 52.37
CA LEU P 252 -28.55 40.04 51.96
C LEU P 252 -27.67 38.82 52.29
N LYS P 253 -28.30 37.67 52.44
CA LYS P 253 -27.59 36.47 52.87
C LYS P 253 -27.77 35.28 51.91
N ILE P 254 -26.70 34.55 51.65
CA ILE P 254 -26.77 33.42 50.74
C ILE P 254 -26.41 32.12 51.44
N GLY P 255 -27.28 31.13 51.28
CA GLY P 255 -27.06 29.84 51.88
C GLY P 255 -26.46 28.83 50.93
N LEU P 256 -25.47 28.09 51.39
CA LEU P 256 -24.91 27.02 50.62
C LEU P 256 -25.24 25.73 51.31
N PRO P 257 -26.16 24.96 50.75
CA PRO P 257 -26.58 23.67 51.33
C PRO P 257 -25.44 22.66 51.49
N LYS P 258 -25.18 22.27 52.74
CA LYS P 258 -24.16 21.29 53.11
C LYS P 258 -24.31 19.96 52.37
N GLU P 259 -25.57 19.59 52.10
CA GLU P 259 -25.89 18.34 51.45
C GLU P 259 -25.46 18.40 49.99
N PHE P 260 -25.36 19.59 49.43
CA PHE P 260 -24.92 19.73 48.03
C PHE P 260 -23.40 19.53 47.83
N PHE P 261 -22.62 19.55 48.91
CA PHE P 261 -21.18 19.33 48.76
C PHE P 261 -20.91 17.89 48.47
N GLU P 262 -21.87 17.04 48.80
CA GLU P 262 -21.79 15.62 48.56
C GLU P 262 -22.09 15.27 47.09
N TYR P 263 -22.57 16.25 46.35
CA TYR P 263 -23.02 16.05 44.97
C TYR P 263 -21.83 16.04 44.01
N GLU P 264 -21.75 15.02 43.16
CA GLU P 264 -20.67 14.95 42.18
C GLU P 264 -20.78 16.09 41.17
N LEU P 265 -19.84 17.04 41.24
CA LEU P 265 -19.72 18.16 40.26
C LEU P 265 -18.51 18.00 39.35
N GLN P 266 -18.62 18.44 38.11
CA GLN P 266 -17.45 18.60 37.26
C GLN P 266 -16.60 19.74 37.82
N PRO P 267 -15.26 19.55 37.78
CA PRO P 267 -14.29 20.49 38.35
C PRO P 267 -14.47 21.91 37.81
N GLN P 268 -14.73 22.04 36.51
CA GLN P 268 -14.94 23.34 35.90
C GLN P 268 -16.14 24.04 36.52
N VAL P 269 -17.21 23.29 36.78
CA VAL P 269 -18.43 23.83 37.36
C VAL P 269 -18.14 24.30 38.76
N LYS P 270 -17.47 23.45 39.52
CA LYS P 270 -17.16 23.74 40.91
C LYS P 270 -16.36 25.02 41.00
N GLU P 271 -15.31 25.11 40.17
CA GLU P 271 -14.44 26.30 40.02
C GLU P 271 -15.23 27.58 39.73
N ALA P 272 -16.05 27.52 38.67
CA ALA P 272 -16.96 28.59 38.28
C ALA P 272 -17.85 29.06 39.43
N PHE P 273 -18.42 28.10 40.15
CA PHE P 273 -19.36 28.45 41.21
C PHE P 273 -18.67 29.09 42.39
N GLU P 274 -17.50 28.55 42.75
CA GLU P 274 -16.70 29.08 43.88
C GLU P 274 -16.33 30.54 43.62
N ASN P 275 -15.92 30.83 42.39
CA ASN P 275 -15.61 32.19 41.98
C ASN P 275 -16.83 33.11 42.08
N PHE P 276 -17.97 32.61 41.62
CA PHE P 276 -19.25 33.35 41.65
C PHE P 276 -19.57 33.81 43.06
N ILE P 277 -19.38 32.88 44.00
CA ILE P 277 -19.64 33.15 45.43
C ILE P 277 -18.60 34.08 46.08
N LYS P 278 -17.32 33.87 45.75
CA LYS P 278 -16.27 34.74 46.25
C LYS P 278 -16.49 36.18 45.79
N GLU P 279 -16.87 36.33 44.52
CA GLU P 279 -17.14 37.62 43.91
C GLU P 279 -18.37 38.29 44.56
N LEU P 280 -19.38 37.48 44.89
CA LEU P 280 -20.55 38.00 45.62
C LEU P 280 -20.21 38.41 47.04
N GLU P 281 -19.36 37.62 47.70
CA GLU P 281 -18.89 37.94 49.03
C GLU P 281 -18.20 39.31 49.00
N LYS P 282 -17.31 39.53 48.03
CA LYS P 282 -16.62 40.80 47.86
C LYS P 282 -17.57 42.00 47.76
N GLU P 283 -18.75 41.79 47.19
CA GLU P 283 -19.73 42.85 47.02
C GLU P 283 -20.61 43.06 48.26
N GLY P 284 -20.40 42.24 49.29
CA GLY P 284 -21.05 42.47 50.58
C GLY P 284 -22.10 41.47 51.01
N PHE P 285 -22.30 40.43 50.21
CA PHE P 285 -23.18 39.33 50.55
C PHE P 285 -22.55 38.48 51.63
N GLU P 286 -23.33 38.21 52.67
CA GLU P 286 -22.91 37.27 53.68
C GLU P 286 -23.19 35.82 53.24
N ILE P 287 -22.16 34.99 53.29
CA ILE P 287 -22.27 33.60 52.84
C ILE P 287 -22.30 32.56 54.02
N LYS P 288 -23.39 31.80 54.11
CA LYS P 288 -23.63 30.88 55.23
C LYS P 288 -23.86 29.47 54.73
N GLU P 289 -23.33 28.48 55.45
CA GLU P 289 -23.67 27.10 55.17
C GLU P 289 -25.03 26.82 55.76
N VAL P 290 -25.94 26.23 54.98
CA VAL P 290 -27.22 25.79 55.52
C VAL P 290 -27.44 24.28 55.37
N SER P 291 -28.45 23.78 56.07
CA SER P 291 -28.84 22.39 55.96
C SER P 291 -30.19 22.21 55.26
N LEU P 292 -30.26 21.20 54.41
CA LEU P 292 -31.49 20.78 53.79
C LEU P 292 -31.47 19.26 53.87
N PRO P 293 -31.75 18.71 55.06
CA PRO P 293 -31.50 17.28 55.32
C PRO P 293 -32.18 16.32 54.34
N HIS P 294 -33.23 16.77 53.66
CA HIS P 294 -34.00 15.88 52.78
C HIS P 294 -33.76 16.08 51.29
N VAL P 295 -32.97 17.08 50.89
CA VAL P 295 -32.87 17.37 49.47
C VAL P 295 -32.41 16.21 48.61
N LYS P 296 -31.52 15.37 49.13
CA LYS P 296 -31.02 14.25 48.35
C LYS P 296 -32.15 13.34 47.90
N TYR P 297 -33.28 13.42 48.57
CA TYR P 297 -34.49 12.69 48.17
C TYR P 297 -35.34 13.38 47.06
N SER P 298 -34.92 14.58 46.65
CA SER P 298 -35.65 15.34 45.65
C SER P 298 -35.92 14.50 44.40
N ILE P 299 -34.90 13.80 43.93
CA ILE P 299 -34.89 13.28 42.57
C ILE P 299 -35.85 12.11 42.43
N PRO P 300 -35.81 11.19 43.39
CA PRO P 300 -36.72 10.05 43.41
C PRO P 300 -38.15 10.48 43.74
N THR P 301 -38.29 11.49 44.58
CA THR P 301 -39.59 12.11 44.82
C THR P 301 -40.19 12.66 43.53
N TYR P 302 -39.42 13.48 42.82
CA TYR P 302 -39.86 14.06 41.56
C TYR P 302 -40.16 13.00 40.49
N TYR P 303 -39.34 11.97 40.41
CA TYR P 303 -39.57 10.97 39.37
C TYR P 303 -40.61 9.93 39.76
N ILE P 304 -41.35 10.22 40.83
CA ILE P 304 -42.58 9.52 41.13
C ILE P 304 -43.72 10.45 40.87
N ILE P 305 -43.65 11.68 41.40
CA ILE P 305 -44.70 12.65 41.22
C ILE P 305 -44.91 13.03 39.75
N ALA P 306 -43.84 13.42 39.07
CA ALA P 306 -43.92 13.90 37.67
C ALA P 306 -44.56 12.89 36.73
N PRO P 307 -43.97 11.67 36.58
CA PRO P 307 -44.61 10.60 35.79
C PRO P 307 -46.03 10.25 36.22
N SER P 308 -46.38 10.30 37.52
CA SER P 308 -47.77 10.08 37.93
C SER P 308 -48.72 11.11 37.34
N GLU P 309 -48.48 12.39 37.63
CA GLU P 309 -49.33 13.42 37.07
C GLU P 309 -49.29 13.43 35.54
N ALA P 310 -48.14 13.11 34.98
CA ALA P 310 -48.00 12.99 33.55
C ALA P 310 -48.92 11.92 32.95
N SER P 311 -49.00 10.76 33.58
CA SER P 311 -49.87 9.71 33.08
C SER P 311 -51.34 10.15 33.04
N SER P 312 -51.76 10.87 34.06
CA SER P 312 -53.12 11.37 34.12
C SER P 312 -53.33 12.50 33.12
N ASN P 313 -52.37 13.41 33.04
CA ASN P 313 -52.53 14.55 32.12
C ASN P 313 -52.46 14.15 30.67
N LEU P 314 -51.89 12.99 30.41
CA LEU P 314 -51.75 12.50 29.03
C LEU P 314 -52.83 11.49 28.57
N ALA P 315 -53.75 11.14 29.47
CA ALA P 315 -54.86 10.26 29.15
C ALA P 315 -55.76 10.80 28.05
N ARG P 316 -55.75 12.12 27.86
CA ARG P 316 -56.64 12.79 26.91
C ARG P 316 -56.24 12.68 25.45
N TYR P 317 -54.99 12.32 25.17
CA TYR P 317 -54.51 12.13 23.79
C TYR P 317 -54.85 10.72 23.35
N ASP P 318 -55.95 10.61 22.60
CA ASP P 318 -56.67 9.36 22.40
C ASP P 318 -57.30 9.20 20.99
N GLY P 319 -57.10 10.17 20.10
CA GLY P 319 -57.59 10.05 18.73
C GLY P 319 -59.08 10.31 18.58
N VAL P 320 -59.72 10.82 19.62
CA VAL P 320 -61.14 11.10 19.52
C VAL P 320 -61.48 12.52 19.10
N ARG P 321 -60.96 13.50 19.80
CA ARG P 321 -61.42 14.88 19.64
C ARG P 321 -60.46 15.77 18.86
N TYR P 322 -59.21 15.33 18.71
CA TYR P 322 -58.18 16.13 18.07
C TYR P 322 -56.93 15.31 17.88
N GLY P 323 -56.00 15.85 17.10
CA GLY P 323 -54.67 15.27 16.89
C GLY P 323 -54.61 13.94 16.16
N TYR P 324 -53.50 13.22 16.34
CA TYR P 324 -53.23 11.99 15.60
C TYR P 324 -54.19 10.86 15.93
N ARG P 325 -54.45 10.05 14.91
CA ARG P 325 -55.19 8.83 15.02
C ARG P 325 -54.55 7.75 14.14
N ALA P 326 -54.25 6.60 14.72
CA ALA P 326 -53.74 5.47 13.96
C ALA P 326 -54.64 5.14 12.75
N LYS P 327 -54.02 4.66 11.67
CA LYS P 327 -54.73 4.32 10.44
C LYS P 327 -55.48 3.00 10.49
N GLU P 328 -54.89 1.98 11.12
CA GLU P 328 -55.56 0.67 11.21
C GLU P 328 -55.96 0.26 12.62
N TYR P 329 -57.21 -0.16 12.75
CA TYR P 329 -57.74 -0.64 14.01
C TYR P 329 -59.08 -1.39 13.85
N LYS P 330 -59.23 -2.48 14.61
CA LYS P 330 -60.40 -3.34 14.49
C LYS P 330 -61.53 -2.85 15.40
N ASP P 331 -61.16 -2.27 16.54
CA ASP P 331 -62.13 -1.72 17.47
C ASP P 331 -61.59 -0.50 18.19
N ILE P 332 -62.34 0.01 19.16
CA ILE P 332 -62.00 1.26 19.82
C ILE P 332 -60.78 1.09 20.72
N PHE P 333 -60.65 -0.10 21.30
CA PHE P 333 -59.47 -0.43 22.11
C PHE P 333 -58.21 -0.28 21.26
N GLU P 334 -58.20 -0.92 20.09
CA GLU P 334 -57.07 -0.86 19.20
C GLU P 334 -56.84 0.56 18.77
N MET P 335 -57.92 1.29 18.49
CA MET P 335 -57.78 2.68 18.09
C MET P 335 -57.02 3.43 19.12
N TYR P 336 -57.48 3.31 20.37
CA TYR P 336 -56.86 3.99 21.50
C TYR P 336 -55.40 3.59 21.60
N ALA P 337 -55.16 2.29 21.74
CA ALA P 337 -53.84 1.77 22.10
C ALA P 337 -52.80 1.94 21.02
N ARG P 338 -53.23 1.92 19.77
CA ARG P 338 -52.34 2.12 18.62
C ARG P 338 -52.05 3.59 18.37
N THR P 339 -53.08 4.44 18.48
CA THR P 339 -52.86 5.88 18.36
C THR P 339 -51.79 6.35 19.32
N ARG P 340 -51.85 5.83 20.55
CA ARG P 340 -50.96 6.23 21.63
C ARG P 340 -49.55 5.65 21.47
N ASP P 341 -49.45 4.35 21.18
CA ASP P 341 -48.13 3.75 20.97
C ASP P 341 -47.41 4.40 19.81
N GLU P 342 -48.16 4.73 18.77
CA GLU P 342 -47.58 5.33 17.59
C GLU P 342 -47.32 6.81 17.75
N GLY P 343 -48.16 7.45 18.56
CA GLY P 343 -48.14 8.92 18.67
C GLY P 343 -47.19 9.44 19.73
N PHE P 344 -46.97 8.64 20.77
CA PHE P 344 -46.10 9.02 21.88
C PHE P 344 -44.68 8.54 21.65
N GLY P 345 -43.72 9.40 22.01
CA GLY P 345 -42.32 9.06 21.98
C GLY P 345 -41.93 8.15 23.13
N PRO P 346 -40.68 7.61 23.08
CA PRO P 346 -40.15 6.67 24.08
C PRO P 346 -40.16 7.14 25.54
N GLU P 347 -39.68 8.38 25.80
CA GLU P 347 -39.60 8.85 27.18
C GLU P 347 -40.99 9.09 27.72
N VAL P 348 -41.87 9.62 26.86
CA VAL P 348 -43.25 9.87 27.23
C VAL P 348 -43.91 8.54 27.60
N LYS P 349 -43.73 7.53 26.75
CA LYS P 349 -44.25 6.17 27.04
C LYS P 349 -43.76 5.61 28.36
N ARG P 350 -42.47 5.81 28.67
CA ARG P 350 -41.86 5.34 29.93
C ARG P 350 -42.51 5.95 31.18
N ARG P 351 -42.78 7.25 31.10
CA ARG P 351 -43.38 8.00 32.20
C ARG P 351 -44.87 7.71 32.38
N ILE P 352 -45.55 7.45 31.26
CA ILE P 352 -46.93 7.03 31.33
C ILE P 352 -47.01 5.67 32.03
N MET P 353 -46.14 4.73 31.67
CA MET P 353 -46.07 3.41 32.30
C MET P 353 -45.82 3.52 33.80
N LEU P 354 -44.74 4.21 34.13
CA LEU P 354 -44.37 4.44 35.51
C LEU P 354 -45.50 5.13 36.31
N GLY P 355 -46.10 6.16 35.71
CA GLY P 355 -47.21 6.87 36.31
C GLY P 355 -48.45 6.05 36.59
N THR P 356 -48.84 5.19 35.66
CA THR P 356 -50.04 4.35 35.90
C THR P 356 -49.78 3.33 37.00
N PHE P 357 -48.53 2.92 37.11
CA PHE P 357 -48.11 2.02 38.17
C PHE P 357 -48.18 2.73 39.53
N ALA P 358 -47.49 3.87 39.63
CA ALA P 358 -47.46 4.73 40.83
C ALA P 358 -48.83 5.16 41.39
N LEU P 359 -49.84 5.23 40.52
CA LEU P 359 -51.19 5.58 40.92
C LEU P 359 -52.06 4.37 41.13
N SER P 360 -51.58 3.20 40.74
CA SER P 360 -52.38 2.00 40.86
C SER P 360 -52.64 1.64 42.34
N ALA P 361 -53.86 1.21 42.65
CA ALA P 361 -54.20 0.80 44.01
C ALA P 361 -53.25 -0.28 44.42
N GLY P 362 -52.80 -0.22 45.65
CA GLY P 362 -51.86 -1.23 46.11
C GLY P 362 -50.45 -0.70 46.04
N TYR P 363 -50.21 0.28 45.19
CA TYR P 363 -48.90 0.91 45.15
C TYR P 363 -48.96 2.41 45.36
N TYR P 364 -50.16 2.96 45.36
CA TYR P 364 -50.34 4.39 45.47
C TYR P 364 -49.75 4.95 46.75
N ASP P 365 -50.04 4.28 47.87
CA ASP P 365 -49.60 4.70 49.21
C ASP P 365 -48.08 4.76 49.34
N ALA P 366 -47.41 3.75 48.79
CA ALA P 366 -45.94 3.66 48.86
C ALA P 366 -45.24 4.52 47.82
N TYR P 367 -45.95 4.94 46.78
CA TYR P 367 -45.38 5.76 45.71
C TYR P 367 -45.88 7.19 45.72
N TYR P 368 -46.96 7.49 44.99
CA TYR P 368 -47.43 8.89 44.86
C TYR P 368 -47.69 9.58 46.21
N LEU P 369 -48.50 8.95 47.06
CA LEU P 369 -48.80 9.54 48.35
C LEU P 369 -47.50 9.72 49.18
N LYS P 370 -46.67 8.68 49.25
CA LYS P 370 -45.43 8.77 49.97
C LYS P 370 -44.61 9.95 49.48
N ALA P 371 -44.49 10.04 48.16
CA ALA P 371 -43.73 11.10 47.50
C ALA P 371 -44.26 12.50 47.86
N GLN P 372 -45.57 12.63 47.93
CA GLN P 372 -46.16 13.92 48.21
C GLN P 372 -45.90 14.32 49.66
N LYS P 373 -45.68 13.33 50.51
CA LYS P 373 -45.28 13.61 51.89
C LYS P 373 -43.79 14.00 52.02
N VAL P 374 -42.91 13.24 51.36
CA VAL P 374 -41.49 13.54 51.32
C VAL P 374 -41.31 14.92 50.74
N ARG P 375 -42.19 15.32 49.82
CA ARG P 375 -42.18 16.64 49.19
C ARG P 375 -42.42 17.73 50.22
N ARG P 376 -43.29 17.47 51.20
CA ARG P 376 -43.52 18.44 52.25
C ARG P 376 -42.34 18.57 53.19
N LEU P 377 -41.67 17.45 53.48
CA LEU P 377 -40.43 17.47 54.24
C LEU P 377 -39.38 18.36 53.55
N ILE P 378 -39.20 18.16 52.25
CA ILE P 378 -38.26 18.90 51.43
C ILE P 378 -38.63 20.38 51.43
N THR P 379 -39.91 20.68 51.31
CA THR P 379 -40.38 22.05 51.30
C THR P 379 -40.05 22.70 52.62
N ASN P 380 -40.25 21.96 53.69
CA ASN P 380 -40.02 22.43 55.03
C ASN P 380 -38.55 22.69 55.34
N ASP P 381 -37.63 21.87 54.80
CA ASP P 381 -36.19 22.17 54.85
C ASP P 381 -35.96 23.59 54.37
N PHE P 382 -36.49 23.91 53.21
CA PHE P 382 -36.31 25.23 52.64
C PHE P 382 -36.86 26.35 53.51
N LEU P 383 -38.09 26.22 53.97
CA LEU P 383 -38.72 27.28 54.75
C LEU P 383 -37.90 27.60 56.00
N LYS P 384 -37.33 26.56 56.60
CA LYS P 384 -36.52 26.71 57.80
C LYS P 384 -35.19 27.37 57.44
N ALA P 385 -34.55 26.86 56.39
CA ALA P 385 -33.34 27.46 55.86
C ALA P 385 -33.55 28.95 55.52
N PHE P 386 -34.74 29.33 55.09
CA PHE P 386 -35.00 30.71 54.70
C PHE P 386 -35.18 31.59 55.92
N GLU P 387 -35.16 30.97 57.10
CA GLU P 387 -35.21 31.73 58.34
C GLU P 387 -33.86 32.41 58.61
N GLU P 388 -32.78 31.74 58.20
CA GLU P 388 -31.42 32.24 58.41
C GLU P 388 -30.87 32.97 57.19
N VAL P 389 -31.34 32.62 55.99
CA VAL P 389 -30.77 33.17 54.73
C VAL P 389 -31.86 33.72 53.80
N ASP P 390 -31.45 34.47 52.79
CA ASP P 390 -32.38 35.12 51.88
C ASP P 390 -32.54 34.42 50.54
N VAL P 391 -31.45 33.87 50.03
CA VAL P 391 -31.53 33.01 48.88
C VAL P 391 -30.64 31.80 49.08
N ILE P 392 -30.84 30.77 48.28
CA ILE P 392 -30.02 29.60 48.34
C ILE P 392 -29.32 29.45 46.98
N ALA P 393 -27.99 29.28 47.00
CA ALA P 393 -27.25 29.21 45.75
C ALA P 393 -26.59 27.84 45.52
N SER P 394 -26.44 27.49 44.25
CA SER P 394 -25.80 26.28 43.81
C SER P 394 -25.46 26.42 42.34
N PRO P 395 -24.62 25.53 41.81
CA PRO P 395 -24.62 25.41 40.37
C PRO P 395 -26.01 25.02 39.89
N THR P 396 -26.37 25.46 38.68
CA THR P 396 -27.63 25.07 38.08
C THR P 396 -27.56 23.60 37.73
N THR P 397 -26.37 23.17 37.32
CA THR P 397 -26.18 21.87 36.71
C THR P 397 -24.88 21.30 37.24
N PRO P 398 -24.80 19.97 37.47
CA PRO P 398 -23.54 19.36 37.90
C PRO P 398 -22.45 19.27 36.85
N THR P 399 -22.79 19.46 35.56
CA THR P 399 -21.84 19.31 34.45
C THR P 399 -21.95 20.44 33.47
N LEU P 400 -20.95 20.55 32.59
CA LEU P 400 -21.05 21.35 31.39
C LEU P 400 -21.99 20.64 30.40
N PRO P 401 -22.57 21.41 29.42
CA PRO P 401 -23.36 20.78 28.35
C PRO P 401 -22.71 19.55 27.81
N PHE P 402 -23.48 18.46 27.80
CA PHE P 402 -23.01 17.14 27.32
C PHE P 402 -23.28 16.92 25.84
N LYS P 403 -22.78 15.83 25.31
CA LYS P 403 -22.93 15.57 23.88
C LYS P 403 -24.15 14.73 23.56
N PHE P 404 -24.62 14.83 22.33
CA PHE P 404 -25.75 14.04 21.85
C PHE P 404 -25.46 12.56 22.00
N GLY P 405 -26.50 11.80 22.36
CA GLY P 405 -26.39 10.37 22.53
C GLY P 405 -25.76 9.95 23.85
N GLU P 406 -25.24 10.92 24.60
CA GLU P 406 -24.50 10.66 25.84
C GLU P 406 -25.40 10.16 26.97
N ARG P 407 -26.65 10.61 26.98
CA ARG P 407 -27.57 10.26 28.05
C ARG P 407 -28.86 9.67 27.49
N LEU P 408 -28.73 8.93 26.39
CA LEU P 408 -29.85 8.23 25.79
C LEU P 408 -29.78 6.73 26.00
N GLU P 409 -28.61 6.22 26.39
CA GLU P 409 -28.47 4.77 26.57
C GLU P 409 -29.31 4.27 27.74
N ASN P 410 -28.98 4.74 28.95
CA ASN P 410 -29.84 4.53 30.10
C ASN P 410 -30.65 5.82 30.41
N PRO P 411 -31.99 5.72 30.35
CA PRO P 411 -32.85 6.88 30.59
C PRO P 411 -32.49 7.57 31.91
N ILE P 412 -32.03 6.81 32.90
CA ILE P 412 -31.67 7.30 34.22
C ILE P 412 -30.59 8.36 34.11
N GLU P 413 -29.65 8.16 33.19
CA GLU P 413 -28.55 9.11 33.02
C GLU P 413 -29.09 10.50 32.64
N MET P 414 -30.22 10.52 31.94
CA MET P 414 -30.86 11.78 31.60
C MET P 414 -31.46 12.43 32.84
N TYR P 415 -32.06 11.60 33.71
CA TYR P 415 -32.73 12.12 34.91
C TYR P 415 -31.75 12.86 35.83
N LEU P 416 -30.52 12.35 35.89
CA LEU P 416 -29.49 12.87 36.79
C LEU P 416 -29.00 14.28 36.43
N SER P 417 -29.43 14.78 35.27
CA SER P 417 -29.23 16.18 34.88
C SER P 417 -29.95 17.14 35.82
N ASP P 418 -31.00 16.64 36.45
CA ASP P 418 -31.97 17.45 37.16
C ASP P 418 -31.70 17.60 38.65
N ILE P 419 -30.63 16.98 39.15
CA ILE P 419 -30.42 16.85 40.58
C ILE P 419 -30.38 18.18 41.31
N LEU P 420 -29.97 19.25 40.65
CA LEU P 420 -29.88 20.52 41.35
C LEU P 420 -31.07 21.42 41.10
N THR P 421 -31.93 21.03 40.16
CA THR P 421 -33.05 21.86 39.69
C THR P 421 -34.41 21.48 40.23
N VAL P 422 -34.66 20.20 40.44
CA VAL P 422 -35.97 19.72 40.86
C VAL P 422 -36.34 20.25 42.23
N PRO P 423 -35.41 20.41 43.17
CA PRO P 423 -35.83 20.83 44.52
C PRO P 423 -36.71 22.09 44.51
N ALA P 424 -36.42 23.06 43.68
CA ALA P 424 -37.24 24.26 43.67
C ALA P 424 -38.68 24.03 43.18
N ASN P 425 -38.90 23.12 42.23
CA ASN P 425 -40.26 22.77 41.79
C ASN P 425 -41.03 22.03 42.86
N LEU P 426 -40.36 21.12 43.54
CA LEU P 426 -40.95 20.37 44.61
C LEU P 426 -41.46 21.31 45.67
N ALA P 427 -40.68 22.33 45.99
CA ALA P 427 -41.02 23.28 47.04
C ALA P 427 -41.92 24.42 46.57
N GLY P 428 -42.13 24.50 45.27
CA GLY P 428 -42.94 25.55 44.70
C GLY P 428 -42.24 26.89 44.66
N LEU P 429 -40.92 26.91 44.82
CA LEU P 429 -40.15 28.13 44.99
C LEU P 429 -39.72 28.76 43.67
N PRO P 430 -39.55 30.09 43.62
CA PRO P 430 -38.95 30.67 42.42
C PRO P 430 -37.49 30.27 42.35
N ALA P 431 -36.93 30.18 41.15
CA ALA P 431 -35.51 29.84 40.97
C ALA P 431 -35.02 30.39 39.64
N ILE P 432 -33.77 30.86 39.64
CA ILE P 432 -33.22 31.54 38.48
C ILE P 432 -31.88 30.95 38.18
N SER P 433 -31.54 30.84 36.90
CA SER P 433 -30.20 30.43 36.50
C SER P 433 -29.50 31.52 35.71
N ILE P 434 -28.28 31.85 36.12
CA ILE P 434 -27.62 33.07 35.66
C ILE P 434 -26.16 32.79 35.28
N PRO P 435 -25.81 33.14 34.05
CA PRO P 435 -24.51 32.76 33.49
C PRO P 435 -23.35 33.29 34.34
N ILE P 436 -22.53 32.39 34.85
CA ILE P 436 -21.47 32.75 35.84
C ILE P 436 -20.02 32.65 35.32
N ALA P 437 -19.82 31.85 34.28
CA ALA P 437 -18.51 31.69 33.66
C ALA P 437 -18.68 31.01 32.31
N TRP P 438 -17.57 30.97 31.54
CA TRP P 438 -17.46 30.08 30.38
C TRP P 438 -16.20 29.26 30.59
N LYS P 439 -16.39 27.95 30.56
CA LYS P 439 -15.32 27.03 30.89
C LYS P 439 -15.15 26.10 29.73
N ASP P 440 -13.94 26.10 29.15
CA ASP P 440 -13.62 25.27 27.97
C ASP P 440 -14.57 25.59 26.83
N GLY P 441 -14.96 26.86 26.75
CA GLY P 441 -15.84 27.33 25.68
C GLY P 441 -17.36 27.22 25.91
N LEU P 442 -17.76 26.64 27.05
CA LEU P 442 -19.17 26.36 27.30
C LEU P 442 -19.66 27.15 28.50
N PRO P 443 -20.90 27.66 28.43
CA PRO P 443 -21.49 28.40 29.55
C PRO P 443 -21.66 27.54 30.79
N VAL P 444 -21.60 28.20 31.94
CA VAL P 444 -21.95 27.58 33.20
C VAL P 444 -22.95 28.53 33.86
N GLY P 445 -24.01 27.92 34.41
CA GLY P 445 -25.06 28.65 35.11
C GLY P 445 -24.96 28.54 36.63
N GLY P 446 -25.20 29.67 37.30
CA GLY P 446 -25.34 29.69 38.73
C GLY P 446 -26.81 29.80 39.07
N GLN P 447 -27.27 28.99 40.03
CA GLN P 447 -28.67 29.01 40.44
C GLN P 447 -28.88 29.71 41.78
N LEU P 448 -29.89 30.58 41.82
CA LEU P 448 -30.37 31.11 43.10
C LEU P 448 -31.85 30.79 43.32
N ILE P 449 -32.15 30.15 44.46
CA ILE P 449 -33.50 29.77 44.84
C ILE P 449 -34.00 30.77 45.87
N GLY P 450 -35.17 31.33 45.62
CA GLY P 450 -35.71 32.38 46.49
C GLY P 450 -36.94 31.92 47.27
N LYS P 451 -37.40 32.79 48.19
CA LYS P 451 -38.56 32.48 49.00
C LYS P 451 -39.80 32.63 48.12
N HIS P 452 -40.91 32.04 48.56
CA HIS P 452 -42.18 32.19 47.86
C HIS P 452 -42.46 33.66 47.63
N TRP P 453 -42.71 34.00 46.37
CA TRP P 453 -43.13 35.35 45.94
C TRP P 453 -41.99 36.37 45.86
N ASP P 454 -40.76 35.92 46.10
CA ASP P 454 -39.62 36.82 46.14
C ASP P 454 -38.76 36.72 44.88
N GLU P 455 -39.41 36.83 43.73
CA GLU P 455 -38.69 36.86 42.46
C GLU P 455 -37.84 38.12 42.38
N THR P 456 -38.30 39.20 43.02
CA THR P 456 -37.57 40.45 43.02
C THR P 456 -36.10 40.24 43.40
N THR P 457 -35.88 39.66 44.58
CA THR P 457 -34.54 39.46 45.10
C THR P 457 -33.68 38.72 44.08
N LEU P 458 -34.20 37.60 43.58
CA LEU P 458 -33.58 36.81 42.55
C LEU P 458 -33.22 37.63 41.33
N LEU P 459 -34.09 38.57 40.98
CA LEU P 459 -33.86 39.47 39.84
C LEU P 459 -32.80 40.51 40.17
N GLN P 460 -32.85 41.04 41.39
CA GLN P 460 -31.89 42.06 41.77
C GLN P 460 -30.46 41.53 41.76
N ILE P 461 -30.24 40.37 42.36
CA ILE P 461 -28.92 39.77 42.37
C ILE P 461 -28.47 39.45 40.96
N SER P 462 -29.41 39.05 40.11
CA SER P 462 -29.06 38.77 38.72
C SER P 462 -28.63 40.05 37.99
N TYR P 463 -29.28 41.16 38.31
CA TYR P 463 -28.90 42.46 37.76
C TYR P 463 -27.57 42.93 38.33
N LEU P 464 -27.41 42.79 39.64
CA LEU P 464 -26.12 42.99 40.28
C LEU P 464 -25.01 42.26 39.53
N TRP P 465 -25.26 40.99 39.20
CA TRP P 465 -24.20 40.10 38.74
C TRP P 465 -23.77 40.47 37.33
N GLU P 466 -24.72 40.90 36.51
CA GLU P 466 -24.45 41.18 35.09
C GLU P 466 -23.63 42.46 34.91
N GLN P 467 -23.75 43.38 35.88
CA GLN P 467 -22.88 44.57 35.97
C GLN P 467 -21.43 44.13 36.12
N LYS P 468 -21.18 43.20 37.03
CA LYS P 468 -19.84 42.68 37.27
C LYS P 468 -19.39 41.80 36.10
N PHE P 469 -20.36 41.05 35.59
CA PHE P 469 -20.01 40.11 34.52
C PHE P 469 -21.04 40.16 33.40
N LYS P 470 -20.62 40.77 32.30
CA LYS P 470 -21.49 41.10 31.18
C LYS P 470 -21.63 39.95 30.17
N HIS P 471 -22.40 38.93 30.54
CA HIS P 471 -22.56 37.72 29.73
C HIS P 471 -23.40 37.96 28.49
N TYR P 472 -24.15 39.06 28.48
CA TYR P 472 -25.00 39.40 27.36
C TYR P 472 -24.22 39.85 26.13
N GLU P 473 -22.91 40.07 26.31
CA GLU P 473 -21.98 40.45 25.22
C GLU P 473 -21.42 39.22 24.51
N LYS P 474 -21.39 38.10 25.22
CA LYS P 474 -20.98 36.85 24.64
C LYS P 474 -22.06 36.33 23.66
N ILE P 475 -21.80 36.48 22.36
CA ILE P 475 -22.74 36.09 21.30
C ILE P 475 -22.11 34.99 20.42
N PRO P 476 -22.77 33.83 20.36
CA PRO P 476 -22.30 32.72 19.54
C PRO P 476 -22.68 32.87 18.08
N LEU P 477 -22.27 31.93 17.24
CA LEU P 477 -22.40 32.06 15.79
C LEU P 477 -22.14 33.49 15.36
N THR P 478 -20.92 33.97 15.59
CA THR P 478 -20.46 35.22 15.00
C THR P 478 -21.57 36.26 14.98
N GLU Q 3 -92.14 -16.27 53.03
CA GLU Q 3 -90.81 -16.49 52.43
C GLU Q 3 -89.69 -16.67 53.49
N LYS Q 4 -88.80 -17.63 53.22
CA LYS Q 4 -87.61 -17.92 54.03
C LYS Q 4 -86.51 -16.87 53.83
N TYR Q 5 -86.62 -16.08 52.75
CA TYR Q 5 -85.54 -15.19 52.33
C TYR Q 5 -85.75 -13.68 52.59
N GLU Q 6 -84.66 -12.92 52.45
CA GLU Q 6 -84.65 -11.50 52.71
C GLU Q 6 -83.91 -10.78 51.59
N ALA Q 7 -84.56 -9.77 51.02
CA ALA Q 7 -83.93 -8.90 50.04
C ALA Q 7 -83.04 -7.84 50.70
N VAL Q 8 -81.94 -7.53 50.03
CA VAL Q 8 -80.97 -6.51 50.46
C VAL Q 8 -80.59 -5.67 49.24
N ILE Q 9 -81.12 -4.45 49.20
CA ILE Q 9 -81.04 -3.61 48.04
C ILE Q 9 -80.34 -2.32 48.38
N GLY Q 10 -79.44 -1.89 47.51
CA GLY Q 10 -78.73 -0.64 47.70
C GLY Q 10 -78.68 0.13 46.40
N LEU Q 11 -78.81 1.45 46.48
CA LEU Q 11 -78.85 2.25 45.27
C LEU Q 11 -77.66 3.20 45.14
N GLU Q 12 -77.28 3.49 43.89
CA GLU Q 12 -76.24 4.46 43.55
C GLU Q 12 -76.95 5.40 42.62
N ILE Q 13 -77.25 6.59 43.12
CA ILE Q 13 -78.02 7.56 42.38
C ILE Q 13 -77.12 8.73 41.96
N HIS Q 14 -77.12 9.07 40.68
CA HIS Q 14 -76.47 10.30 40.20
C HIS Q 14 -77.56 11.37 39.92
N VAL Q 15 -77.54 12.48 40.65
CA VAL Q 15 -78.54 13.55 40.44
C VAL Q 15 -77.98 14.78 39.71
N GLN Q 16 -78.65 15.21 38.65
CA GLN Q 16 -78.17 16.35 37.90
C GLN Q 16 -78.58 17.65 38.62
N MET Q 17 -77.60 18.48 38.91
CA MET Q 17 -77.86 19.74 39.58
C MET Q 17 -78.38 20.81 38.59
N ASP Q 18 -79.42 21.53 39.03
CA ASP Q 18 -80.05 22.53 38.18
C ASP Q 18 -79.34 23.86 38.27
N THR Q 19 -78.10 23.87 37.82
CA THR Q 19 -77.34 25.10 37.75
C THR Q 19 -77.47 25.61 36.32
N LYS Q 20 -77.04 26.83 36.07
CA LYS Q 20 -77.09 27.38 34.73
C LYS Q 20 -75.95 26.85 33.90
N THR Q 21 -74.88 26.49 34.60
CA THR Q 21 -73.52 26.43 34.07
C THR Q 21 -72.87 25.12 34.51
N LYS Q 22 -71.88 24.63 33.77
CA LYS Q 22 -71.32 23.29 34.07
C LYS Q 22 -70.56 23.25 35.41
N MET Q 23 -70.01 22.07 35.75
CA MET Q 23 -69.25 21.93 37.00
C MET Q 23 -67.91 22.67 37.01
N PHE Q 24 -67.17 22.59 35.90
CA PHE Q 24 -65.81 23.07 35.92
C PHE Q 24 -65.50 24.07 34.82
N CYS Q 25 -66.55 24.66 34.23
CA CYS Q 25 -66.42 25.71 33.20
C CYS Q 25 -67.74 26.46 33.05
N GLY Q 26 -67.74 27.44 32.16
CA GLY Q 26 -68.85 28.40 32.09
C GLY Q 26 -69.91 28.10 31.05
N CYS Q 27 -69.74 27.03 30.28
CA CYS Q 27 -70.77 26.54 29.33
C CYS Q 27 -72.13 26.24 29.98
N LYS Q 28 -73.18 26.42 29.19
CA LYS Q 28 -74.54 26.35 29.66
C LYS Q 28 -75.00 24.93 29.82
N VAL Q 29 -75.78 24.66 30.86
CA VAL Q 29 -76.40 23.36 31.03
C VAL Q 29 -77.82 23.46 30.48
N GLU Q 30 -78.11 22.79 29.38
CA GLU Q 30 -79.46 22.84 28.82
C GLU Q 30 -79.87 21.57 28.09
N PHE Q 31 -81.17 21.30 28.04
CA PHE Q 31 -81.69 20.12 27.37
C PHE Q 31 -81.92 20.40 25.88
N GLY Q 32 -81.33 19.57 25.04
CA GLY Q 32 -81.89 19.31 23.73
C GLY Q 32 -81.11 19.98 22.61
N ALA Q 33 -79.98 20.58 22.98
CA ALA Q 33 -79.30 21.54 22.10
C ALA Q 33 -78.61 20.83 20.94
N GLU Q 34 -78.36 21.56 19.86
CA GLU Q 34 -77.50 21.08 18.79
C GLU Q 34 -76.23 20.46 19.34
N PRO Q 35 -75.85 19.31 18.79
CA PRO Q 35 -74.65 18.59 19.24
C PRO Q 35 -73.40 19.47 19.26
N ASN Q 36 -72.64 19.40 20.35
CA ASN Q 36 -71.37 20.11 20.44
C ASN Q 36 -71.52 21.61 20.17
N THR Q 37 -72.35 22.27 20.97
CA THR Q 37 -72.57 23.70 20.83
C THR Q 37 -72.46 24.41 22.18
N ASN Q 38 -72.77 23.68 23.25
CA ASN Q 38 -72.46 24.14 24.60
C ASN Q 38 -71.15 23.55 25.12
N VAL Q 39 -70.04 23.91 24.47
CA VAL Q 39 -68.83 23.17 24.61
C VAL Q 39 -67.66 24.18 24.62
N CYS Q 40 -66.55 23.86 25.29
CA CYS Q 40 -65.42 24.79 25.41
C CYS Q 40 -64.17 24.02 25.70
N PRO Q 41 -62.99 24.70 25.73
CA PRO Q 41 -61.73 23.94 25.84
C PRO Q 41 -61.59 23.08 27.11
N VAL Q 42 -62.21 23.53 28.20
CA VAL Q 42 -62.18 22.80 29.45
C VAL Q 42 -62.92 21.50 29.25
N CYS Q 43 -64.22 21.62 29.02
CA CYS Q 43 -65.12 20.47 28.98
C CYS Q 43 -64.85 19.55 27.80
N LEU Q 44 -64.05 20.00 26.84
CA LEU Q 44 -63.75 19.20 25.64
C LEU Q 44 -62.49 18.33 25.79
N GLY Q 45 -61.88 18.44 26.97
CA GLY Q 45 -60.65 17.73 27.27
C GLY Q 45 -59.50 18.21 26.40
N MET Q 46 -59.48 19.51 26.12
CA MET Q 46 -58.49 20.06 25.23
C MET Q 46 -57.17 20.29 25.93
N PRO Q 47 -56.04 20.22 25.19
CA PRO Q 47 -54.76 20.41 25.83
C PRO Q 47 -54.70 21.82 26.42
N GLY Q 48 -54.29 21.87 27.70
CA GLY Q 48 -53.96 23.11 28.39
C GLY Q 48 -55.11 23.81 29.08
N ALA Q 49 -56.26 23.18 29.11
CA ALA Q 49 -57.44 23.81 29.67
C ALA Q 49 -57.69 23.35 31.11
N LEU Q 50 -58.16 24.25 31.96
CA LEU Q 50 -58.24 24.01 33.39
C LEU Q 50 -59.64 24.17 33.97
N PRO Q 51 -59.98 23.32 34.99
CA PRO Q 51 -61.26 23.35 35.70
C PRO Q 51 -61.34 24.47 36.71
N ILE Q 52 -62.50 25.10 36.77
CA ILE Q 52 -62.83 26.09 37.79
C ILE Q 52 -64.19 25.76 38.43
N VAL Q 53 -64.20 25.54 39.72
CA VAL Q 53 -65.36 25.08 40.46
C VAL Q 53 -66.58 26.02 40.40
N ASN Q 54 -67.73 25.50 39.98
CA ASN Q 54 -69.00 26.23 40.08
C ASN Q 54 -69.46 26.42 41.54
N LYS Q 55 -69.55 27.67 41.98
CA LYS Q 55 -69.96 28.02 43.35
C LYS Q 55 -71.40 27.64 43.67
N ARG Q 56 -72.31 27.82 42.73
CA ARG Q 56 -73.70 27.47 43.00
C ARG Q 56 -73.84 25.99 43.12
N ALA Q 57 -73.12 25.25 42.28
CA ALA Q 57 -73.09 23.80 42.36
C ALA Q 57 -72.67 23.33 43.74
N VAL Q 58 -71.62 23.94 44.28
CA VAL Q 58 -71.22 23.62 45.65
C VAL Q 58 -72.30 23.96 46.71
N GLU Q 59 -72.99 25.09 46.54
CA GLU Q 59 -74.07 25.46 47.44
C GLU Q 59 -75.24 24.48 47.36
N TYR Q 60 -75.55 24.04 46.15
CA TYR Q 60 -76.60 23.01 45.94
C TYR Q 60 -76.22 21.65 46.50
N ALA Q 61 -74.97 21.25 46.38
CA ALA Q 61 -74.57 19.95 46.93
C ALA Q 61 -74.66 19.94 48.46
N ILE Q 62 -74.42 21.10 49.07
CA ILE Q 62 -74.51 21.27 50.52
C ILE Q 62 -75.97 21.32 50.94
N ARG Q 63 -76.78 22.14 50.28
CA ARG Q 63 -78.22 22.20 50.56
C ARG Q 63 -78.78 20.77 50.64
N ALA Q 64 -78.47 20.00 49.58
CA ALA Q 64 -78.94 18.64 49.41
C ALA Q 64 -78.44 17.71 50.51
N SER Q 65 -77.17 17.85 50.86
CA SER Q 65 -76.57 17.07 51.94
C SER Q 65 -77.26 17.29 53.27
N LEU Q 66 -77.63 18.54 53.53
CA LEU Q 66 -78.29 18.90 54.77
C LEU Q 66 -79.74 18.39 54.77
N ALA Q 67 -80.40 18.57 53.63
CA ALA Q 67 -81.73 17.99 53.43
C ALA Q 67 -81.76 16.44 53.50
N LEU Q 68 -80.69 15.77 53.08
CA LEU Q 68 -80.58 14.32 53.31
C LEU Q 68 -80.03 14.04 54.70
N ASN Q 69 -80.05 15.03 55.59
CA ASN Q 69 -79.52 14.91 56.98
C ASN Q 69 -78.07 14.41 57.15
N CYS Q 70 -77.20 14.71 56.19
CA CYS Q 70 -75.84 14.19 56.24
C CYS Q 70 -74.96 15.09 57.08
N GLU Q 71 -73.83 14.56 57.51
CA GLU Q 71 -72.74 15.37 58.02
C GLU Q 71 -72.02 16.00 56.83
N VAL Q 72 -71.96 17.33 56.79
CA VAL Q 72 -71.24 18.07 55.73
C VAL Q 72 -69.82 18.36 56.16
N HIS Q 73 -68.84 17.85 55.41
CA HIS Q 73 -67.43 18.00 55.75
C HIS Q 73 -66.78 19.28 55.26
N GLU Q 74 -66.16 19.95 56.22
CA GLU Q 74 -65.46 21.18 56.04
C GLU Q 74 -64.41 21.06 54.94
N GLU Q 75 -63.70 19.94 54.88
CA GLU Q 75 -62.73 19.75 53.83
C GLU Q 75 -63.07 18.55 52.99
N SER Q 76 -63.19 18.74 51.68
CA SER Q 76 -63.36 17.61 50.76
C SER Q 76 -62.50 17.85 49.52
N VAL Q 77 -62.12 16.77 48.84
CA VAL Q 77 -61.10 16.85 47.81
C VAL Q 77 -61.60 16.18 46.54
N PHE Q 78 -61.48 16.89 45.40
CA PHE Q 78 -61.80 16.39 44.05
C PHE Q 78 -60.69 15.49 43.59
N ALA Q 79 -61.03 14.30 43.14
CA ALA Q 79 -60.04 13.27 42.78
C ALA Q 79 -60.26 12.92 41.35
N ARG Q 80 -59.20 12.58 40.64
CA ARG Q 80 -59.34 12.19 39.26
C ARG Q 80 -59.67 10.69 39.12
N LYS Q 81 -60.72 10.34 38.38
CA LYS Q 81 -61.14 8.97 38.14
C LYS Q 81 -60.89 8.54 36.68
N HIS Q 82 -59.78 7.86 36.48
CA HIS Q 82 -59.37 7.53 35.13
C HIS Q 82 -60.10 6.32 34.55
N TYR Q 83 -60.63 6.50 33.34
CA TYR Q 83 -61.01 5.38 32.45
C TYR Q 83 -61.05 5.85 31.00
N PHE Q 84 -60.84 4.93 30.05
CA PHE Q 84 -60.82 5.33 28.66
C PHE Q 84 -62.15 5.03 27.98
N TYR Q 85 -62.90 6.06 27.64
CA TYR Q 85 -64.19 5.93 26.96
C TYR Q 85 -64.52 7.21 26.17
N PRO Q 86 -64.99 7.04 24.91
CA PRO Q 86 -65.22 8.10 23.93
C PRO Q 86 -66.06 9.25 24.42
N ASP Q 87 -66.92 9.02 25.40
CA ASP Q 87 -67.72 10.11 25.89
C ASP Q 87 -67.11 10.86 27.09
N LEU Q 88 -65.88 10.49 27.44
CA LEU Q 88 -65.16 11.07 28.56
C LEU Q 88 -63.90 11.78 28.08
N PRO Q 89 -63.99 13.10 27.92
CA PRO Q 89 -63.00 13.90 27.22
C PRO Q 89 -61.59 13.93 27.80
N LYS Q 90 -61.43 13.96 29.11
CA LYS Q 90 -60.09 14.16 29.69
C LYS Q 90 -59.34 12.86 29.87
N GLY Q 91 -60.06 11.75 29.74
CA GLY Q 91 -59.52 10.44 30.06
C GLY Q 91 -59.56 10.15 31.56
N TYR Q 92 -60.19 11.07 32.29
CA TYR Q 92 -60.64 10.84 33.67
C TYR Q 92 -61.92 11.63 34.00
N GLN Q 93 -62.52 11.34 35.14
CA GLN Q 93 -63.69 12.05 35.57
C GLN Q 93 -63.30 12.68 36.88
N ILE Q 94 -63.50 13.99 36.99
CA ILE Q 94 -63.17 14.67 38.23
C ILE Q 94 -64.32 14.40 39.14
N SER Q 95 -64.12 13.58 40.18
CA SER Q 95 -65.12 13.45 41.22
C SER Q 95 -64.52 13.53 42.65
N GLN Q 96 -65.09 12.85 43.63
CA GLN Q 96 -64.52 12.79 44.94
C GLN Q 96 -64.42 11.33 45.34
N TYR Q 97 -63.41 10.98 46.12
CA TYR Q 97 -63.17 9.59 46.47
C TYR Q 97 -63.07 9.43 47.98
N GLU Q 98 -61.88 9.23 48.55
CA GLU Q 98 -61.69 9.43 50.01
C GLU Q 98 -61.99 10.91 50.16
N LYS Q 99 -62.47 11.34 51.32
CA LYS Q 99 -62.89 12.77 51.51
C LYS Q 99 -64.01 13.30 50.56
N PRO Q 100 -65.20 12.65 50.55
CA PRO Q 100 -66.34 13.24 49.87
C PRO Q 100 -66.93 14.38 50.68
N LEU Q 101 -67.76 15.19 50.04
CA LEU Q 101 -68.39 16.34 50.66
C LEU Q 101 -69.20 16.04 51.93
N ALA Q 102 -70.05 15.02 51.85
CA ALA Q 102 -70.96 14.66 52.95
C ALA Q 102 -71.17 13.15 53.07
N THR Q 103 -71.67 12.74 54.23
CA THR Q 103 -71.49 11.41 54.75
C THR Q 103 -72.49 11.19 55.91
N ASN Q 104 -72.78 9.91 56.24
CA ASN Q 104 -73.71 9.58 57.33
C ASN Q 104 -75.01 10.41 57.35
N GLY Q 105 -75.90 10.18 56.38
CA GLY Q 105 -77.20 10.83 56.35
C GLY Q 105 -78.32 9.80 56.25
N TRP Q 106 -79.56 10.27 56.11
CA TRP Q 106 -80.68 9.37 56.04
C TRP Q 106 -81.94 9.96 55.41
N VAL Q 107 -82.76 9.07 54.88
CA VAL Q 107 -84.03 9.42 54.29
C VAL Q 107 -85.10 8.62 55.00
N GLU Q 108 -86.18 9.28 55.42
CA GLU Q 108 -87.30 8.56 56.05
C GLU Q 108 -88.30 8.13 54.99
N LEU Q 109 -88.65 6.85 55.03
CA LEU Q 109 -89.69 6.34 54.15
C LEU Q 109 -91.05 6.16 54.85
N ASN Q 110 -92.11 6.33 54.08
CA ASN Q 110 -93.46 5.99 54.53
C ASN Q 110 -94.01 4.80 53.76
N LEU Q 111 -94.27 3.72 54.49
CA LEU Q 111 -94.63 2.47 53.87
C LEU Q 111 -96.15 2.37 53.89
N PRO Q 112 -96.75 1.67 52.90
CA PRO Q 112 -98.22 1.63 52.77
C PRO Q 112 -98.87 1.28 54.12
N ASN Q 113 -98.38 0.24 54.79
CA ASN Q 113 -98.40 0.22 56.26
C ASN Q 113 -97.48 -0.76 56.95
N GLY Q 114 -96.22 -0.35 57.01
CA GLY Q 114 -95.34 -0.65 58.13
C GLY Q 114 -95.14 0.70 58.83
N GLU Q 115 -95.80 1.73 58.30
CA GLU Q 115 -95.49 3.14 58.57
C GLU Q 115 -93.98 3.47 58.32
N LYS Q 116 -93.28 4.06 59.31
CA LYS Q 116 -92.04 4.80 59.06
C LYS Q 116 -90.73 4.03 59.25
N LYS Q 117 -89.85 4.14 58.26
CA LYS Q 117 -88.64 3.34 58.14
C LYS Q 117 -87.49 4.17 57.55
N LYS Q 118 -86.26 3.96 58.04
CA LYS Q 118 -85.10 4.72 57.54
C LYS Q 118 -84.20 4.05 56.51
N VAL Q 119 -83.68 4.85 55.59
CA VAL Q 119 -82.65 4.42 54.66
C VAL Q 119 -81.45 5.35 54.73
N ARG Q 120 -80.31 4.80 55.15
CA ARG Q 120 -79.07 5.58 55.32
C ARG Q 120 -78.43 6.03 54.02
N ILE Q 121 -77.93 7.25 54.04
CA ILE Q 121 -77.17 7.79 52.93
C ILE Q 121 -75.69 7.66 53.29
N ARG Q 122 -74.98 6.78 52.57
CA ARG Q 122 -73.55 6.52 52.81
C ARG Q 122 -72.72 7.78 52.54
N ARG Q 123 -72.87 8.34 51.34
CA ARG Q 123 -72.14 9.52 50.89
C ARG Q 123 -72.97 10.35 49.88
N LEU Q 124 -72.68 11.63 49.82
CA LEU Q 124 -73.06 12.43 48.69
C LEU Q 124 -71.74 13.13 48.34
N HIS Q 125 -71.34 13.07 47.08
CA HIS Q 125 -70.19 13.80 46.65
C HIS Q 125 -70.45 14.43 45.32
N ILE Q 126 -69.55 15.34 44.92
CA ILE Q 126 -69.71 16.14 43.72
C ILE Q 126 -68.90 15.54 42.58
N GLU Q 127 -69.49 15.45 41.40
CA GLU Q 127 -68.74 15.13 40.20
C GLU Q 127 -69.24 15.77 38.91
N GLU Q 128 -68.54 15.52 37.82
CA GLU Q 128 -68.97 16.01 36.53
C GLU Q 128 -69.46 14.84 35.71
N ASP Q 129 -70.35 15.16 34.77
CA ASP Q 129 -70.94 14.17 33.91
C ASP Q 129 -70.11 13.94 32.67
N ALA Q 130 -70.28 12.76 32.09
CA ALA Q 130 -69.70 12.46 30.80
C ALA Q 130 -70.66 12.90 29.67
N GLY Q 131 -70.18 12.83 28.42
CA GLY Q 131 -71.04 13.14 27.27
C GLY Q 131 -72.11 12.08 26.96
N LYS Q 132 -72.59 12.04 25.71
CA LYS Q 132 -73.49 10.97 25.27
C LYS Q 132 -73.10 10.37 23.94
N ASN Q 133 -73.17 9.06 23.86
CA ASN Q 133 -72.97 8.36 22.60
C ASN Q 133 -74.26 8.01 21.92
N ILE Q 134 -74.29 8.22 20.60
CA ILE Q 134 -75.30 7.66 19.69
C ILE Q 134 -74.60 6.66 18.78
N HIS Q 135 -75.17 5.49 18.60
CA HIS Q 135 -74.63 4.56 17.62
C HIS Q 135 -75.36 4.69 16.28
N GLU Q 136 -74.60 4.55 15.20
CA GLU Q 136 -75.14 4.75 13.88
C GLU Q 136 -74.22 3.96 12.97
N GLY Q 137 -74.70 2.82 12.51
CA GLY Q 137 -73.90 1.98 11.62
C GLY Q 137 -72.73 1.37 12.35
N ASP Q 138 -71.58 1.37 11.71
CA ASP Q 138 -70.37 0.82 12.33
C ASP Q 138 -69.53 1.93 13.01
N LYS Q 139 -70.18 3.06 13.31
CA LYS Q 139 -69.57 4.17 14.02
C LYS Q 139 -70.41 4.54 15.26
N THR Q 140 -69.76 5.08 16.31
CA THR Q 140 -70.44 5.79 17.41
C THR Q 140 -70.28 7.32 17.24
N LEU Q 141 -71.32 8.11 17.48
CA LEU Q 141 -71.18 9.60 17.35
C LEU Q 141 -71.23 10.32 18.69
N VAL Q 142 -70.18 11.06 19.02
CA VAL Q 142 -70.08 11.65 20.36
C VAL Q 142 -70.53 13.10 20.46
N ASP Q 143 -71.58 13.34 21.25
CA ASP Q 143 -71.99 14.68 21.62
C ASP Q 143 -71.48 15.02 23.00
N LEU Q 144 -70.58 15.99 23.10
CA LEU Q 144 -70.10 16.43 24.40
C LEU Q 144 -70.87 17.57 25.11
N ASN Q 145 -72.08 17.94 24.67
CA ASN Q 145 -72.81 19.02 25.39
C ASN Q 145 -72.94 18.76 26.89
N ARG Q 146 -73.03 17.48 27.25
CA ARG Q 146 -73.37 17.05 28.61
C ARG Q 146 -72.13 16.87 29.49
N ALA Q 147 -71.02 16.44 28.90
CA ALA Q 147 -69.75 16.41 29.62
C ALA Q 147 -69.53 17.66 30.49
N GLY Q 148 -69.22 17.45 31.76
CA GLY Q 148 -68.92 18.55 32.65
C GLY Q 148 -70.07 18.96 33.54
N THR Q 149 -71.28 18.57 33.17
CA THR Q 149 -72.50 18.89 33.92
C THR Q 149 -72.35 18.49 35.38
N PRO Q 150 -72.78 19.34 36.32
CA PRO Q 150 -72.50 18.97 37.70
C PRO Q 150 -73.47 17.92 38.19
N LEU Q 151 -72.97 17.01 39.03
CA LEU Q 151 -73.80 15.93 39.59
C LEU Q 151 -73.59 15.75 41.08
N MET Q 152 -74.60 15.24 41.76
CA MET Q 152 -74.42 14.72 43.11
C MET Q 152 -74.49 13.22 42.96
N GLU Q 153 -73.40 12.48 43.25
CA GLU Q 153 -73.51 11.02 43.28
C GLU Q 153 -73.94 10.69 44.67
N ILE Q 154 -75.13 10.10 44.84
CA ILE Q 154 -75.63 9.68 46.15
C ILE Q 154 -75.62 8.15 46.33
N VAL Q 155 -75.00 7.67 47.39
CA VAL Q 155 -74.92 6.24 47.62
C VAL Q 155 -75.62 5.83 48.91
N THR Q 156 -76.48 4.85 48.80
CA THR Q 156 -77.28 4.38 49.90
C THR Q 156 -76.62 3.18 50.58
N GLU Q 157 -76.73 3.11 51.91
CA GLU Q 157 -76.40 1.86 52.59
C GLU Q 157 -77.39 0.79 52.10
N PRO Q 158 -77.05 -0.51 52.23
CA PRO Q 158 -78.02 -1.47 51.68
C PRO Q 158 -79.20 -1.75 52.64
N ASP Q 159 -80.07 -0.77 52.85
CA ASP Q 159 -81.09 -0.83 53.90
C ASP Q 159 -82.47 -1.02 53.33
N ILE Q 160 -82.53 -0.93 52.02
CA ILE Q 160 -83.76 -1.16 51.29
C ILE Q 160 -83.98 -2.69 51.18
N ARG Q 161 -85.23 -3.11 51.45
CA ARG Q 161 -85.60 -4.51 51.65
C ARG Q 161 -86.62 -5.00 50.65
N THR Q 162 -87.29 -4.08 49.96
CA THR Q 162 -88.32 -4.50 49.02
C THR Q 162 -88.42 -3.65 47.76
N PRO Q 163 -88.75 -4.28 46.60
CA PRO Q 163 -88.85 -3.47 45.37
C PRO Q 163 -89.70 -2.20 45.59
N GLU Q 164 -90.86 -2.33 46.22
CA GLU Q 164 -91.68 -1.19 46.55
C GLU Q 164 -90.86 -0.08 47.28
N GLU Q 165 -90.21 -0.45 48.38
CA GLU Q 165 -89.32 0.47 49.08
C GLU Q 165 -88.36 1.15 48.11
N ALA Q 166 -87.64 0.35 47.34
CA ALA Q 166 -86.73 0.87 46.32
C ALA Q 166 -87.37 2.05 45.58
N ARG Q 167 -88.60 1.86 45.13
CA ARG Q 167 -89.33 2.91 44.42
C ARG Q 167 -89.61 4.10 45.33
N LEU Q 168 -90.19 3.82 46.49
CA LEU Q 168 -90.61 4.86 47.42
C LEU Q 168 -89.40 5.69 47.85
N PHE Q 169 -88.26 5.02 47.98
CA PHE Q 169 -87.03 5.74 48.27
C PHE Q 169 -86.78 6.80 47.20
N LEU Q 170 -86.66 6.32 45.96
CA LEU Q 170 -86.38 7.13 44.81
C LEU Q 170 -87.37 8.26 44.65
N GLU Q 171 -88.61 7.96 44.95
CA GLU Q 171 -89.70 8.91 44.88
C GLU Q 171 -89.53 10.05 45.89
N LYS Q 172 -89.15 9.71 47.12
CA LYS Q 172 -88.95 10.69 48.19
C LYS Q 172 -87.67 11.48 47.95
N LEU Q 173 -86.59 10.81 47.55
CA LEU Q 173 -85.38 11.53 47.16
C LEU Q 173 -85.72 12.62 46.15
N ARG Q 174 -86.36 12.23 45.05
CA ARG Q 174 -86.79 13.16 44.02
C ARG Q 174 -87.46 14.36 44.64
N ASN Q 175 -88.40 14.09 45.53
CA ASN Q 175 -89.23 15.11 46.10
C ASN Q 175 -88.45 16.04 47.02
N ILE Q 176 -87.50 15.49 47.77
CA ILE Q 176 -86.61 16.33 48.59
C ILE Q 176 -85.79 17.25 47.68
N MET Q 177 -85.32 16.71 46.55
CA MET Q 177 -84.52 17.48 45.62
C MET Q 177 -85.30 18.67 45.04
N ARG Q 178 -86.57 18.45 44.69
CA ARG Q 178 -87.40 19.48 44.11
C ARG Q 178 -87.76 20.52 45.17
N TYR Q 179 -88.06 20.05 46.37
CA TYR Q 179 -88.38 20.94 47.44
C TYR Q 179 -87.18 21.78 47.85
N ALA Q 180 -86.03 21.14 48.04
CA ALA Q 180 -84.77 21.87 48.26
C ALA Q 180 -84.38 22.81 47.11
N GLY Q 181 -84.90 22.56 45.91
CA GLY Q 181 -84.62 23.36 44.72
C GLY Q 181 -83.29 23.07 44.03
N VAL Q 182 -82.76 21.87 44.22
CA VAL Q 182 -81.42 21.55 43.72
C VAL Q 182 -81.36 20.79 42.39
N SER Q 183 -82.44 20.12 42.03
CA SER Q 183 -82.52 19.40 40.78
C SER Q 183 -83.98 19.29 40.37
N LYS Q 184 -84.23 18.87 39.13
CA LYS Q 184 -85.58 18.54 38.69
C LYS Q 184 -85.84 17.06 38.93
N ALA Q 185 -84.76 16.29 38.86
CA ALA Q 185 -84.72 14.85 39.20
C ALA Q 185 -85.76 13.99 38.52
N ASP Q 186 -86.04 14.28 37.26
CA ASP Q 186 -87.00 13.51 36.50
C ASP Q 186 -86.17 12.56 35.65
N MET Q 187 -86.38 11.26 35.85
CA MET Q 187 -85.61 10.21 35.13
C MET Q 187 -85.68 10.29 33.62
N GLU Q 188 -86.87 10.56 33.08
CA GLU Q 188 -87.12 10.75 31.65
C GLU Q 188 -86.16 11.71 30.92
N LYS Q 189 -85.59 12.67 31.65
CA LYS Q 189 -84.61 13.60 31.06
C LYS Q 189 -83.20 13.34 31.59
N GLY Q 190 -83.00 12.25 32.33
CA GLY Q 190 -81.77 11.81 32.98
C GLY Q 190 -81.19 12.89 33.88
N GLN Q 191 -82.04 13.56 34.60
CA GLN Q 191 -81.63 14.45 35.65
C GLN Q 191 -81.51 13.64 36.92
N LEU Q 192 -81.73 12.34 36.77
CA LEU Q 192 -81.65 11.37 37.84
C LEU Q 192 -81.40 10.00 37.25
N ARG Q 193 -80.34 9.35 37.70
CA ARG Q 193 -79.95 8.06 37.19
C ARG Q 193 -79.83 7.10 38.36
N CYS Q 194 -80.17 5.83 38.14
CA CYS Q 194 -80.12 4.89 39.23
C CYS Q 194 -79.53 3.56 38.88
N ASP Q 195 -78.62 3.09 39.74
CA ASP Q 195 -78.04 1.77 39.57
C ASP Q 195 -78.35 0.94 40.80
N ILE Q 196 -78.93 -0.23 40.56
CA ILE Q 196 -79.46 -1.06 41.62
C ILE Q 196 -78.42 -2.10 42.01
N ASN Q 197 -78.22 -2.27 43.32
CA ASN Q 197 -77.46 -3.38 43.86
C ASN Q 197 -78.33 -4.17 44.82
N VAL Q 198 -78.40 -5.48 44.59
CA VAL Q 198 -79.30 -6.35 45.32
C VAL Q 198 -78.68 -7.70 45.60
N SER Q 199 -78.95 -8.24 46.78
CA SER Q 199 -78.54 -9.59 47.15
C SER Q 199 -79.59 -10.26 48.04
N ILE Q 200 -79.50 -11.57 48.23
CA ILE Q 200 -80.45 -12.33 49.08
C ILE Q 200 -79.77 -13.03 50.25
N ARG Q 201 -80.57 -13.51 51.20
CA ARG Q 201 -80.11 -13.75 52.55
C ARG Q 201 -81.20 -14.50 53.31
N PRO Q 202 -80.88 -15.67 53.91
CA PRO Q 202 -81.89 -16.26 54.79
C PRO Q 202 -82.48 -15.21 55.72
N LYS Q 203 -83.81 -15.20 55.83
CA LYS Q 203 -84.53 -14.24 56.65
C LYS Q 203 -83.86 -14.06 57.99
N GLY Q 204 -83.62 -12.80 58.36
CA GLY Q 204 -83.07 -12.44 59.64
C GLY Q 204 -81.65 -12.87 59.92
N SER Q 205 -80.90 -13.31 58.91
CA SER Q 205 -79.49 -13.63 59.12
C SER Q 205 -78.69 -12.34 58.91
N LYS Q 206 -77.54 -12.23 59.57
CA LYS Q 206 -76.80 -10.98 59.62
C LYS Q 206 -75.72 -10.92 58.55
N GLU Q 207 -75.70 -11.92 57.69
CA GLU Q 207 -74.66 -12.04 56.67
C GLU Q 207 -74.95 -11.14 55.48
N PHE Q 208 -74.20 -11.34 54.40
CA PHE Q 208 -74.51 -10.70 53.12
C PHE Q 208 -74.29 -11.66 51.96
N GLY Q 209 -75.36 -11.90 51.19
CA GLY Q 209 -75.28 -12.80 50.02
C GLY Q 209 -74.53 -12.14 48.87
N THR Q 210 -74.17 -12.93 47.86
CA THR Q 210 -73.38 -12.37 46.76
C THR Q 210 -74.18 -11.27 46.03
N ARG Q 211 -73.48 -10.26 45.57
CA ARG Q 211 -74.11 -9.02 45.13
C ARG Q 211 -74.30 -8.93 43.62
N VAL Q 212 -75.52 -8.64 43.17
CA VAL Q 212 -75.76 -8.31 41.76
C VAL Q 212 -76.14 -6.83 41.58
N GLU Q 213 -75.70 -6.28 40.45
CA GLU Q 213 -75.88 -4.87 40.08
C GLU Q 213 -76.65 -4.75 38.78
N ILE Q 214 -77.81 -4.09 38.81
CA ILE Q 214 -78.58 -3.89 37.58
C ILE Q 214 -78.43 -2.45 37.12
N LYS Q 215 -77.87 -2.27 35.93
CA LYS Q 215 -77.58 -0.94 35.42
C LYS Q 215 -78.51 -0.59 34.25
N ASN Q 216 -78.82 0.70 34.11
CA ASN Q 216 -79.68 1.17 33.04
C ASN Q 216 -81.13 0.77 33.25
N VAL Q 217 -81.69 1.18 34.38
CA VAL Q 217 -83.14 1.20 34.56
C VAL Q 217 -83.67 2.63 34.57
N ASN Q 218 -84.61 2.91 33.67
CA ASN Q 218 -84.90 4.28 33.29
C ASN Q 218 -86.14 4.94 33.85
N SER Q 219 -86.86 4.27 34.74
CA SER Q 219 -88.10 4.83 35.30
C SER Q 219 -88.30 4.32 36.72
N PHE Q 220 -89.01 5.05 37.55
CA PHE Q 220 -89.14 4.57 38.90
C PHE Q 220 -89.83 3.20 38.95
N ARG Q 221 -90.90 3.05 38.16
CA ARG Q 221 -91.63 1.78 38.07
C ARG Q 221 -90.77 0.62 37.54
N PHE Q 222 -89.80 0.95 36.69
CA PHE Q 222 -88.89 -0.04 36.19
C PHE Q 222 -87.90 -0.54 37.21
N VAL Q 223 -87.50 0.30 38.18
CA VAL Q 223 -86.64 -0.20 39.24
C VAL Q 223 -87.41 -1.20 40.08
N GLN Q 224 -88.71 -0.96 40.25
CA GLN Q 224 -89.56 -1.92 40.96
C GLN Q 224 -89.64 -3.26 40.22
N LYS Q 225 -89.80 -3.22 38.89
CA LYS Q 225 -89.95 -4.43 38.10
C LYS Q 225 -88.64 -5.21 37.97
N ALA Q 226 -87.55 -4.51 37.67
CA ALA Q 226 -86.23 -5.11 37.63
C ALA Q 226 -85.98 -5.85 38.92
N LEU Q 227 -86.34 -5.23 40.03
CA LEU Q 227 -86.13 -5.82 41.35
C LEU Q 227 -87.10 -6.93 41.71
N GLU Q 228 -88.36 -6.82 41.30
CA GLU Q 228 -89.33 -7.89 41.53
C GLU Q 228 -88.85 -9.17 40.89
N TYR Q 229 -88.29 -9.03 39.68
CA TYR Q 229 -87.83 -10.19 38.95
C TYR Q 229 -86.54 -10.75 39.51
N GLU Q 230 -85.60 -9.86 39.82
CA GLU Q 230 -84.28 -10.24 40.31
C GLU Q 230 -84.29 -10.96 41.67
N ILE Q 231 -85.07 -10.44 42.61
CA ILE Q 231 -85.25 -11.11 43.90
C ILE Q 231 -85.78 -12.54 43.66
N GLU Q 232 -86.84 -12.68 42.87
CA GLU Q 232 -87.32 -14.00 42.48
C GLU Q 232 -86.20 -14.82 41.84
N ARG Q 233 -85.56 -14.29 40.80
CA ARG Q 233 -84.49 -14.99 40.08
C ARG Q 233 -83.35 -15.52 40.96
N GLN Q 234 -82.93 -14.71 41.94
CA GLN Q 234 -81.88 -15.11 42.87
C GLN Q 234 -82.40 -16.15 43.87
N ILE Q 235 -83.69 -16.07 44.24
CA ILE Q 235 -84.30 -17.01 45.18
C ILE Q 235 -84.37 -18.41 44.59
N ASN Q 236 -84.94 -18.51 43.39
CA ASN Q 236 -84.89 -19.73 42.61
C ASN Q 236 -83.48 -20.31 42.62
N VAL Q 237 -82.51 -19.52 42.17
CA VAL Q 237 -81.13 -20.03 41.98
C VAL Q 237 -80.63 -20.73 43.24
N VAL Q 238 -80.76 -20.06 44.38
CA VAL Q 238 -80.29 -20.59 45.68
C VAL Q 238 -81.04 -21.85 46.14
N GLU Q 239 -82.35 -21.88 45.84
CA GLU Q 239 -83.21 -23.04 46.11
C GLU Q 239 -82.96 -24.23 45.16
N GLU Q 240 -82.40 -23.97 43.98
CA GLU Q 240 -82.04 -25.04 43.03
C GLU Q 240 -80.63 -25.53 43.33
N GLY Q 241 -80.14 -25.26 44.54
CA GLY Q 241 -78.84 -25.74 44.98
C GLY Q 241 -77.64 -24.89 44.63
N GLY Q 242 -77.66 -24.31 43.43
CA GLY Q 242 -76.55 -23.46 42.98
C GLY Q 242 -76.33 -22.17 43.76
N GLU Q 243 -75.24 -21.48 43.43
CA GLU Q 243 -74.89 -20.20 44.03
C GLU Q 243 -75.07 -19.11 43.00
N VAL Q 244 -75.40 -17.91 43.48
CA VAL Q 244 -75.55 -16.73 42.62
C VAL Q 244 -74.18 -16.14 42.24
N VAL Q 245 -74.03 -15.84 40.96
CA VAL Q 245 -72.79 -15.30 40.42
C VAL Q 245 -72.79 -13.77 40.47
N GLN Q 246 -71.69 -13.21 40.97
CA GLN Q 246 -71.55 -11.76 41.11
C GLN Q 246 -71.29 -11.11 39.76
N GLU Q 247 -72.22 -10.29 39.33
CA GLU Q 247 -72.17 -9.68 38.00
C GLU Q 247 -72.99 -8.41 37.92
N THR Q 248 -72.89 -7.75 36.78
CA THR Q 248 -73.78 -6.66 36.43
C THR Q 248 -74.75 -7.17 35.35
N ARG Q 249 -76.04 -6.88 35.54
CA ARG Q 249 -77.07 -7.28 34.58
C ARG Q 249 -77.81 -6.06 34.01
N THR Q 250 -78.66 -6.30 33.02
CA THR Q 250 -79.45 -5.26 32.39
C THR Q 250 -80.92 -5.64 32.44
N PHE Q 251 -81.79 -4.66 32.23
CA PHE Q 251 -83.23 -4.88 32.36
C PHE Q 251 -83.91 -4.46 31.09
N ASP Q 252 -84.69 -5.38 30.49
CA ASP Q 252 -85.46 -5.08 29.29
C ASP Q 252 -86.90 -4.72 29.66
N PRO Q 253 -87.30 -3.43 29.54
CA PRO Q 253 -88.64 -2.99 29.91
C PRO Q 253 -89.70 -3.83 29.19
N GLN Q 254 -89.44 -4.14 27.92
CA GLN Q 254 -90.41 -4.86 27.09
C GLN Q 254 -90.71 -6.26 27.61
N THR Q 255 -89.71 -6.94 28.16
CA THR Q 255 -89.96 -8.28 28.70
C THR Q 255 -90.14 -8.43 30.22
N GLY Q 256 -89.56 -7.50 30.99
CA GLY Q 256 -89.66 -7.53 32.47
C GLY Q 256 -88.62 -8.38 33.16
N LYS Q 257 -87.56 -8.72 32.43
CA LYS Q 257 -86.53 -9.62 32.94
C LYS Q 257 -85.15 -8.97 32.90
N THR Q 258 -84.27 -9.43 33.78
CA THR Q 258 -82.89 -8.99 33.78
C THR Q 258 -82.02 -9.98 33.04
N TYR Q 259 -80.94 -9.48 32.43
CA TYR Q 259 -80.12 -10.31 31.57
C TYR Q 259 -78.65 -10.19 31.86
N PRO Q 260 -77.96 -11.34 32.00
CA PRO Q 260 -76.51 -11.36 32.15
C PRO Q 260 -75.85 -10.70 30.95
N MET Q 261 -74.55 -10.47 31.03
CA MET Q 261 -73.85 -9.81 29.95
C MET Q 261 -72.85 -10.72 29.25
N ARG Q 262 -72.86 -10.67 27.93
CA ARG Q 262 -71.94 -11.46 27.10
C ARG Q 262 -70.46 -11.18 27.42
N THR Q 263 -70.15 -9.90 27.64
CA THR Q 263 -68.77 -9.47 27.95
C THR Q 263 -68.37 -9.78 29.39
N LYS Q 264 -67.19 -10.39 29.53
CA LYS Q 264 -66.54 -10.62 30.82
C LYS Q 264 -65.44 -9.54 31.08
N GLU Q 265 -65.63 -8.36 30.47
CA GLU Q 265 -64.71 -7.21 30.62
C GLU Q 265 -64.77 -6.65 32.04
N GLU Q 266 -63.87 -7.15 32.89
CA GLU Q 266 -63.72 -6.73 34.30
C GLU Q 266 -63.45 -5.22 34.48
N ALA Q 267 -63.64 -4.73 35.71
CA ALA Q 267 -63.30 -3.35 36.07
C ALA Q 267 -61.79 -3.15 35.95
N GLU Q 268 -61.39 -1.91 35.67
CA GLU Q 268 -59.99 -1.55 35.66
C GLU Q 268 -59.77 -0.47 36.70
N ASP Q 269 -58.70 -0.64 37.49
CA ASP Q 269 -58.35 0.26 38.59
C ASP Q 269 -58.43 1.72 38.13
N TYR Q 270 -59.07 2.57 38.93
CA TYR Q 270 -59.35 3.91 38.52
C TYR Q 270 -58.19 4.89 38.77
N ARG Q 271 -57.11 4.37 39.36
CA ARG Q 271 -55.94 5.18 39.66
C ARG Q 271 -56.36 6.54 40.22
N TYR Q 272 -57.17 6.50 41.28
CA TYR Q 272 -57.60 7.68 42.01
C TYR Q 272 -56.43 8.49 42.59
N PHE Q 273 -56.48 9.82 42.46
CA PHE Q 273 -55.61 10.72 43.22
C PHE Q 273 -56.16 12.12 43.16
N PRO Q 274 -55.78 13.01 44.11
CA PRO Q 274 -56.36 14.36 44.08
C PRO Q 274 -56.01 15.05 42.78
N ASP Q 275 -56.96 15.80 42.26
CA ASP Q 275 -56.73 16.56 41.06
C ASP Q 275 -55.80 17.67 41.44
N PRO Q 276 -54.61 17.73 40.81
CA PRO Q 276 -53.63 18.76 41.07
C PRO Q 276 -53.99 20.10 40.44
N ASP Q 277 -54.99 20.11 39.59
CA ASP Q 277 -55.47 21.32 38.99
C ASP Q 277 -56.31 22.06 39.97
N LEU Q 278 -56.71 21.37 41.04
CA LEU Q 278 -57.68 21.91 42.02
C LEU Q 278 -57.19 21.85 43.47
N VAL Q 279 -57.54 22.86 44.24
CA VAL Q 279 -57.26 22.83 45.67
C VAL Q 279 -58.43 22.18 46.43
N PRO Q 280 -58.18 21.62 47.64
CA PRO Q 280 -59.27 21.10 48.43
C PRO Q 280 -60.43 22.06 48.58
N LEU Q 281 -61.63 21.50 48.62
CA LEU Q 281 -62.85 22.27 48.77
C LEU Q 281 -63.05 22.55 50.24
N LYS Q 282 -62.82 23.79 50.63
CA LYS Q 282 -63.00 24.19 52.00
C LYS Q 282 -64.35 24.86 52.14
N VAL Q 283 -65.21 24.26 52.95
CA VAL Q 283 -66.55 24.78 53.21
C VAL Q 283 -66.59 25.30 54.62
N LYS Q 284 -66.58 26.62 54.75
CA LYS Q 284 -66.71 27.30 56.03
C LYS Q 284 -67.91 26.79 56.79
N LYS Q 285 -67.80 26.78 58.12
CA LYS Q 285 -68.90 26.49 59.03
C LYS Q 285 -70.08 27.44 58.80
N GLU Q 286 -69.78 28.74 58.78
CA GLU Q 286 -70.78 29.81 58.74
C GLU Q 286 -71.63 29.72 57.48
N TRP Q 287 -71.08 29.12 56.44
CA TRP Q 287 -71.80 28.90 55.19
C TRP Q 287 -72.82 27.77 55.32
N ILE Q 288 -72.39 26.66 55.91
CA ILE Q 288 -73.27 25.56 56.23
C ILE Q 288 -74.45 26.07 57.08
N GLU Q 289 -74.15 26.90 58.10
CA GLU Q 289 -75.17 27.52 58.98
C GLU Q 289 -76.12 28.43 58.23
N GLU Q 290 -75.61 29.13 57.24
CA GLU Q 290 -76.43 30.03 56.43
C GLU Q 290 -77.39 29.28 55.51
N ILE Q 291 -76.90 28.18 54.94
CA ILE Q 291 -77.70 27.34 54.04
C ILE Q 291 -78.69 26.53 54.85
N LYS Q 292 -78.27 26.14 56.04
CA LYS Q 292 -79.11 25.48 57.03
C LYS Q 292 -80.31 26.34 57.44
N LYS Q 293 -80.06 27.62 57.72
CA LYS Q 293 -81.10 28.54 58.19
C LYS Q 293 -82.07 28.93 57.07
N ASN Q 294 -81.55 29.15 55.87
CA ASN Q 294 -82.38 29.59 54.75
C ASN Q 294 -82.81 28.45 53.87
N MET Q 295 -82.71 27.23 54.40
CA MET Q 295 -83.14 26.03 53.73
C MET Q 295 -84.62 26.13 53.43
N PRO Q 296 -85.05 25.83 52.16
CA PRO Q 296 -86.46 25.80 51.76
C PRO Q 296 -87.23 24.80 52.59
N GLU Q 297 -88.55 24.97 52.68
CA GLU Q 297 -89.36 23.99 53.40
C GLU Q 297 -89.28 22.62 52.71
N LEU Q 298 -88.92 21.60 53.48
CA LEU Q 298 -88.79 20.25 52.98
C LEU Q 298 -90.16 19.57 53.11
N PRO Q 299 -90.32 18.37 52.54
CA PRO Q 299 -91.63 17.75 52.37
C PRO Q 299 -92.28 17.23 53.65
N ASP Q 300 -91.52 16.54 54.50
CA ASP Q 300 -92.07 15.99 55.73
C ASP Q 300 -92.58 17.13 56.61
N GLN Q 301 -91.83 18.23 56.63
CA GLN Q 301 -92.25 19.47 57.26
C GLN Q 301 -93.57 19.92 56.68
N ARG Q 302 -93.59 20.36 55.41
CA ARG Q 302 -94.84 20.81 54.78
C ARG Q 302 -96.01 19.94 55.20
N PHE Q 303 -95.82 18.62 55.15
CA PHE Q 303 -96.81 17.63 55.56
C PHE Q 303 -97.44 17.93 56.93
N GLU Q 304 -96.62 18.08 57.97
CA GLU Q 304 -97.15 18.37 59.31
C GLU Q 304 -97.74 19.78 59.40
N ARG Q 305 -97.15 20.74 58.68
CA ARG Q 305 -97.64 22.11 58.68
C ARG Q 305 -99.03 22.25 58.05
N LEU Q 306 -99.29 21.54 56.94
CA LEU Q 306 -100.59 21.60 56.26
C LEU Q 306 -101.72 21.12 57.19
N ILE Q 307 -101.56 19.93 57.74
CA ILE Q 307 -102.45 19.37 58.77
C ILE Q 307 -102.82 20.36 59.88
N LYS Q 308 -101.87 21.18 60.31
CA LYS Q 308 -102.13 22.21 61.31
C LYS Q 308 -102.67 23.50 60.68
N GLU Q 309 -101.85 24.16 59.86
CA GLU Q 309 -102.16 25.47 59.30
C GLU Q 309 -103.47 25.49 58.52
N TYR Q 310 -104.10 24.32 58.39
CA TYR Q 310 -105.24 24.11 57.49
C TYR Q 310 -106.21 23.01 57.94
N GLY Q 311 -105.72 22.03 58.68
CA GLY Q 311 -106.57 20.93 59.15
C GLY Q 311 -106.96 20.02 58.01
N LEU Q 312 -105.97 19.51 57.31
CA LEU Q 312 -106.20 18.50 56.30
C LEU Q 312 -106.00 17.15 56.95
N SER Q 313 -106.61 16.13 56.37
CA SER Q 313 -106.44 14.77 56.85
C SER Q 313 -105.11 14.29 56.33
N GLU Q 314 -104.69 13.10 56.74
CA GLU Q 314 -103.39 12.58 56.31
C GLU Q 314 -103.38 12.15 54.85
N TYR Q 315 -104.58 11.90 54.30
CA TYR Q 315 -104.71 11.54 52.90
C TYR Q 315 -104.57 12.80 52.03
N GLU Q 316 -105.17 13.88 52.50
CA GLU Q 316 -105.17 15.18 51.83
C GLU Q 316 -103.79 15.88 51.72
N ALA Q 317 -103.14 16.10 52.86
CA ALA Q 317 -101.81 16.69 52.86
C ALA Q 317 -100.88 15.90 51.96
N GLY Q 318 -100.78 14.59 52.21
CA GLY Q 318 -99.99 13.63 51.41
C GLY Q 318 -100.08 13.81 49.91
N ILE Q 319 -101.29 13.94 49.38
CA ILE Q 319 -101.50 14.24 47.98
C ILE Q 319 -100.86 15.57 47.56
N LEU Q 320 -101.03 16.58 48.41
CA LEU Q 320 -100.54 17.93 48.13
C LEU Q 320 -99.06 18.10 48.38
N VAL Q 321 -98.45 17.14 49.08
CA VAL Q 321 -97.02 17.18 49.42
C VAL Q 321 -96.18 16.35 48.44
N ASN Q 322 -96.67 15.15 48.08
CA ASN Q 322 -96.02 14.29 47.09
C ASN Q 322 -95.96 14.87 45.68
N HIS Q 323 -96.89 15.79 45.40
CA HIS Q 323 -96.83 16.58 44.19
C HIS Q 323 -96.82 18.04 44.63
N LYS Q 324 -95.62 18.63 44.74
CA LYS Q 324 -95.45 19.97 45.35
C LYS Q 324 -96.38 21.03 44.82
N GLU Q 325 -96.51 21.06 43.49
CA GLU Q 325 -97.22 22.12 42.77
C GLU Q 325 -98.72 22.13 43.07
N VAL Q 326 -99.24 20.99 43.52
CA VAL Q 326 -100.62 20.91 43.97
C VAL Q 326 -100.82 21.73 45.27
N GLY Q 327 -99.98 21.47 46.27
CA GLY Q 327 -99.93 22.28 47.50
C GLY Q 327 -99.67 23.75 47.23
N ASP Q 328 -98.78 24.04 46.28
CA ASP Q 328 -98.46 25.41 45.86
C ASP Q 328 -99.68 26.15 45.34
N PHE Q 329 -100.53 25.40 44.65
CA PHE Q 329 -101.79 25.85 44.06
C PHE Q 329 -102.84 25.98 45.16
N PHE Q 330 -102.99 24.93 45.94
CA PHE Q 330 -103.91 24.95 47.06
C PHE Q 330 -103.67 26.19 47.90
N GLU Q 331 -102.45 26.35 48.41
CA GLU Q 331 -102.14 27.45 49.32
C GLU Q 331 -102.34 28.84 48.71
N GLU Q 332 -102.07 28.98 47.41
CA GLU Q 332 -102.26 30.26 46.73
C GLU Q 332 -103.75 30.53 46.45
N ALA Q 333 -104.56 29.47 46.57
CA ALA Q 333 -106.00 29.59 46.42
C ALA Q 333 -106.64 29.88 47.77
N VAL Q 334 -106.28 29.11 48.79
CA VAL Q 334 -106.85 29.26 50.13
C VAL Q 334 -106.47 30.61 50.73
N ARG Q 335 -105.81 31.43 49.91
CA ARG Q 335 -105.44 32.75 50.30
C ARG Q 335 -106.52 33.71 49.79
N HIS Q 336 -106.84 33.57 48.51
CA HIS Q 336 -107.89 34.36 47.85
C HIS Q 336 -109.27 34.20 48.50
N PHE Q 337 -109.46 33.13 49.27
CA PHE Q 337 -110.69 32.94 50.02
C PHE Q 337 -110.53 31.85 51.07
N LYS Q 338 -110.59 32.25 52.34
CA LYS Q 338 -109.98 31.48 53.41
C LYS Q 338 -110.88 30.32 53.84
N GLU Q 339 -111.21 29.45 52.90
CA GLU Q 339 -111.92 28.22 53.20
C GLU Q 339 -111.16 26.99 52.71
N PRO Q 340 -110.25 26.49 53.53
CA PRO Q 340 -109.22 25.54 53.07
C PRO Q 340 -109.78 24.13 52.93
N LYS Q 341 -110.50 23.67 53.96
CA LYS Q 341 -111.08 22.34 53.95
C LYS Q 341 -111.97 22.13 52.73
N GLY Q 342 -112.76 23.14 52.39
CA GLY Q 342 -113.65 23.07 51.24
C GLY Q 342 -112.92 22.98 49.92
N ILE Q 343 -111.90 23.82 49.76
CA ILE Q 343 -111.13 23.85 48.53
C ILE Q 343 -110.41 22.53 48.26
N VAL Q 344 -109.80 21.95 49.24
CA VAL Q 344 -109.23 20.59 49.07
C VAL Q 344 -110.16 19.61 48.40
N ASN Q 345 -111.43 19.64 48.78
CA ASN Q 345 -112.45 18.77 48.19
C ASN Q 345 -112.56 19.00 46.69
N TRP Q 346 -112.64 20.26 46.30
CA TRP Q 346 -112.86 20.62 44.92
C TRP Q 346 -111.61 20.51 44.08
N LEU Q 347 -110.45 20.64 44.72
CA LEU Q 347 -109.18 20.40 44.06
C LEU Q 347 -108.93 18.92 43.81
N ILE Q 348 -109.03 18.08 44.83
CA ILE Q 348 -108.78 16.63 44.70
C ILE Q 348 -109.88 15.89 43.91
N ASN Q 349 -111.14 16.20 44.20
CA ASN Q 349 -112.26 15.42 43.67
C ASN Q 349 -112.76 15.92 42.31
N ASP Q 350 -112.38 17.13 41.92
CA ASP Q 350 -112.85 17.72 40.66
C ASP Q 350 -111.73 18.15 39.72
N LEU Q 351 -111.02 19.22 40.08
CA LEU Q 351 -110.03 19.85 39.21
C LEU Q 351 -108.95 18.92 38.69
N LEU Q 352 -108.26 18.26 39.61
CA LEU Q 352 -107.18 17.32 39.30
C LEU Q 352 -107.55 16.26 38.25
N GLY Q 353 -108.69 15.60 38.43
CA GLY Q 353 -109.13 14.55 37.50
C GLY Q 353 -109.51 15.08 36.14
N LEU Q 354 -110.07 16.29 36.11
CA LEU Q 354 -110.44 16.94 34.85
C LEU Q 354 -109.23 17.36 34.04
N LEU Q 355 -108.15 17.67 34.76
CA LEU Q 355 -106.87 18.04 34.15
C LEU Q 355 -106.07 16.82 33.72
N ARG Q 356 -106.17 15.75 34.49
CA ARG Q 356 -105.57 14.49 34.07
C ARG Q 356 -106.20 14.01 32.75
N ASP Q 357 -107.52 14.18 32.64
CA ASP Q 357 -108.27 13.80 31.42
C ASP Q 357 -107.85 14.62 30.19
N LYS Q 358 -107.81 15.95 30.34
CA LYS Q 358 -107.28 16.80 29.28
C LYS Q 358 -105.73 16.75 29.16
N GLY Q 359 -105.07 15.98 30.03
CA GLY Q 359 -103.62 15.76 29.96
C GLY Q 359 -102.82 17.03 30.16
N ILE Q 360 -103.20 17.80 31.17
CA ILE Q 360 -102.58 19.09 31.43
C ILE Q 360 -102.14 19.23 32.90
N SER Q 361 -100.85 19.48 33.11
CA SER Q 361 -100.28 19.60 34.44
C SER Q 361 -100.85 20.81 35.19
N ILE Q 362 -100.89 20.70 36.53
CA ILE Q 362 -101.47 21.73 37.40
C ILE Q 362 -100.78 23.10 37.34
N GLU Q 363 -99.53 23.12 36.86
CA GLU Q 363 -98.79 24.39 36.70
C GLU Q 363 -99.41 25.22 35.61
N GLU Q 364 -100.16 24.56 34.72
CA GLU Q 364 -100.67 25.17 33.49
C GLU Q 364 -102.19 25.18 33.34
N SER Q 365 -102.91 24.79 34.39
CA SER Q 365 -104.36 24.67 34.30
C SER Q 365 -104.97 26.02 33.97
N PRO Q 366 -105.99 26.02 33.08
CA PRO Q 366 -106.74 27.24 32.84
C PRO Q 366 -107.41 27.78 34.10
N VAL Q 367 -107.79 26.88 35.01
CA VAL Q 367 -108.31 27.28 36.31
C VAL Q 367 -107.13 27.64 37.19
N LYS Q 368 -106.97 28.92 37.48
CA LYS Q 368 -105.94 29.40 38.40
C LYS Q 368 -106.48 29.40 39.82
N PRO Q 369 -105.58 29.42 40.83
CA PRO Q 369 -106.03 29.36 42.22
C PRO Q 369 -107.13 30.36 42.59
N GLU Q 370 -107.06 31.57 42.01
CA GLU Q 370 -108.09 32.60 42.16
C GLU Q 370 -109.47 32.03 41.80
N HIS Q 371 -109.56 31.46 40.60
CA HIS Q 371 -110.81 30.93 40.04
C HIS Q 371 -111.42 29.88 40.94
N LEU Q 372 -110.60 29.00 41.51
CA LEU Q 372 -111.11 27.94 42.37
C LEU Q 372 -111.64 28.51 43.69
N ALA Q 373 -110.87 29.41 44.29
CA ALA Q 373 -111.25 30.11 45.52
C ALA Q 373 -112.53 30.95 45.34
N GLU Q 374 -112.63 31.63 44.20
CA GLU Q 374 -113.84 32.32 43.79
C GLU Q 374 -115.00 31.32 43.65
N LEU Q 375 -114.78 30.21 42.93
CA LEU Q 375 -115.83 29.19 42.74
C LEU Q 375 -116.34 28.62 44.06
N VAL Q 376 -115.42 28.32 44.98
CA VAL Q 376 -115.80 27.69 46.28
C VAL Q 376 -116.54 28.67 47.20
N LYS Q 377 -116.24 29.96 47.03
CA LYS Q 377 -117.03 31.06 47.62
C LYS Q 377 -118.53 30.94 47.26
N LEU Q 378 -118.80 30.92 45.96
CA LEU Q 378 -120.14 30.78 45.41
C LEU Q 378 -120.92 29.53 45.90
N ILE Q 379 -120.23 28.41 46.11
CA ILE Q 379 -120.87 27.20 46.67
C ILE Q 379 -121.21 27.36 48.16
N LYS Q 380 -120.31 28.00 48.89
CA LYS Q 380 -120.48 28.17 50.34
C LYS Q 380 -121.61 29.17 50.68
N GLU Q 381 -121.54 30.38 50.08
CA GLU Q 381 -122.53 31.44 50.30
C GLU Q 381 -123.92 31.02 49.83
N LYS Q 382 -123.94 30.01 48.97
CA LYS Q 382 -125.14 29.42 48.37
C LYS Q 382 -125.63 30.20 47.15
N VAL Q 383 -124.73 30.96 46.54
CA VAL Q 383 -125.05 31.65 45.29
C VAL Q 383 -125.36 30.63 44.18
N ILE Q 384 -124.75 29.44 44.27
CA ILE Q 384 -125.05 28.30 43.38
C ILE Q 384 -125.03 26.99 44.13
N SER Q 385 -125.54 25.94 43.49
CA SER Q 385 -125.59 24.63 44.09
C SER Q 385 -124.46 23.75 43.55
N THR Q 386 -124.12 22.73 44.33
CA THR Q 386 -123.11 21.75 43.96
C THR Q 386 -123.32 21.28 42.54
N LYS Q 387 -124.52 20.79 42.26
CA LYS Q 387 -124.86 20.34 40.93
C LYS Q 387 -124.44 21.35 39.86
N ILE Q 388 -124.75 22.62 40.12
CA ILE Q 388 -124.43 23.72 39.23
C ILE Q 388 -122.91 23.96 39.21
N GLY Q 389 -122.28 23.84 40.38
CA GLY Q 389 -120.83 24.00 40.53
C GLY Q 389 -120.02 22.97 39.78
N LYS Q 390 -120.57 21.78 39.59
CA LYS Q 390 -119.87 20.74 38.83
C LYS Q 390 -119.91 20.96 37.32
N GLU Q 391 -120.93 21.69 36.85
CA GLU Q 391 -121.09 21.97 35.42
C GLU Q 391 -120.17 23.10 34.97
N VAL Q 392 -120.01 24.09 35.85
CA VAL Q 392 -119.15 25.25 35.58
C VAL Q 392 -117.65 24.95 35.73
N ILE Q 393 -117.28 24.09 36.67
CA ILE Q 393 -115.87 23.70 36.83
C ILE Q 393 -115.33 23.00 35.56
N LYS Q 394 -116.21 22.19 34.94
CA LYS Q 394 -115.88 21.49 33.71
C LYS Q 394 -115.63 22.48 32.60
N GLU Q 395 -116.47 23.51 32.57
CA GLU Q 395 -116.38 24.55 31.56
C GLU Q 395 -115.19 25.47 31.82
N MET Q 396 -114.91 25.72 33.11
CA MET Q 396 -113.71 26.44 33.52
C MET Q 396 -112.45 25.81 32.92
N VAL Q 397 -112.30 24.50 33.06
CA VAL Q 397 -111.18 23.75 32.48
C VAL Q 397 -111.27 23.85 30.97
N GLU Q 398 -112.48 23.73 30.46
CA GLU Q 398 -112.75 23.75 29.02
C GLU Q 398 -112.36 25.06 28.35
N THR Q 399 -112.78 26.17 28.94
CA THR Q 399 -112.61 27.49 28.32
C THR Q 399 -111.41 28.25 28.90
N GLY Q 400 -111.37 28.39 30.21
CA GLY Q 400 -110.36 29.20 30.88
C GLY Q 400 -111.05 30.30 31.66
N LYS Q 401 -112.35 30.43 31.43
CA LYS Q 401 -113.13 31.56 31.97
C LYS Q 401 -113.26 31.48 33.47
N THR Q 402 -113.49 32.64 34.08
CA THR Q 402 -113.73 32.78 35.51
C THR Q 402 -115.02 32.03 35.90
N PRO Q 403 -115.20 31.68 37.20
CA PRO Q 403 -116.51 31.16 37.61
C PRO Q 403 -117.67 32.16 37.44
N SER Q 404 -117.46 33.41 37.85
CA SER Q 404 -118.50 34.47 37.73
C SER Q 404 -118.79 34.85 36.28
N GLN Q 405 -117.78 34.73 35.43
CA GLN Q 405 -117.92 34.95 33.98
C GLN Q 405 -118.88 33.98 33.29
N ILE Q 406 -118.96 32.75 33.79
CA ILE Q 406 -119.85 31.75 33.19
C ILE Q 406 -121.17 31.58 33.96
N VAL Q 407 -121.22 32.13 35.18
CA VAL Q 407 -122.48 32.20 35.95
C VAL Q 407 -123.46 33.16 35.26
N GLU Q 408 -122.97 34.35 34.88
CA GLU Q 408 -123.76 35.38 34.24
C GLU Q 408 -124.12 34.99 32.83
N GLU Q 409 -123.09 34.65 32.04
CA GLU Q 409 -123.26 34.13 30.68
C GLU Q 409 -124.25 32.95 30.56
N LYS Q 410 -124.57 32.29 31.66
CA LYS Q 410 -125.49 31.14 31.64
C LYS Q 410 -126.56 31.14 32.72
N GLY Q 411 -126.80 32.31 33.33
CA GLY Q 411 -127.93 32.51 34.21
C GLY Q 411 -127.75 31.83 35.55
N LEU Q 412 -128.10 32.55 36.62
CA LEU Q 412 -127.66 32.18 37.95
C LEU Q 412 -128.52 31.07 38.54
N VAL R 2 -38.69 -7.15 36.44
CA VAL R 2 -40.18 -7.04 36.48
C VAL R 2 -40.77 -7.66 35.20
N ASP R 3 -41.82 -8.45 35.38
CA ASP R 3 -42.36 -9.35 34.34
C ASP R 3 -42.69 -8.78 32.97
N ARG R 4 -42.74 -9.66 31.98
CA ARG R 4 -43.40 -9.37 30.73
C ARG R 4 -44.88 -9.24 31.04
N GLU R 5 -45.38 -10.16 31.85
CA GLU R 5 -46.76 -10.16 32.33
C GLU R 5 -47.14 -8.79 32.92
N TRP R 6 -46.22 -8.22 33.72
CA TRP R 6 -46.37 -6.91 34.34
C TRP R 6 -46.49 -5.81 33.29
N VAL R 7 -45.48 -5.70 32.43
CA VAL R 7 -45.44 -4.69 31.39
C VAL R 7 -46.71 -4.65 30.53
N LEU R 8 -47.20 -5.84 30.16
CA LEU R 8 -48.41 -5.97 29.35
C LEU R 8 -49.69 -5.54 30.08
N LYS R 9 -49.71 -5.76 31.39
CA LYS R 9 -50.84 -5.38 32.23
C LYS R 9 -50.90 -3.85 32.40
N ILE R 10 -49.74 -3.25 32.63
CA ILE R 10 -49.66 -1.80 32.80
C ILE R 10 -50.00 -1.06 31.52
N ALA R 11 -49.48 -1.56 30.40
CA ALA R 11 -49.63 -0.90 29.12
C ALA R 11 -51.08 -0.92 28.77
N LYS R 12 -51.72 -2.05 29.05
CA LYS R 12 -53.13 -2.18 28.76
C LYS R 12 -53.93 -1.11 29.50
N LEU R 13 -53.55 -0.86 30.75
CA LEU R 13 -54.26 0.14 31.57
C LEU R 13 -54.17 1.56 31.02
N ALA R 14 -53.02 1.85 30.41
CA ALA R 14 -52.67 3.15 29.88
C ALA R 14 -52.97 3.18 28.39
N ARG R 15 -53.44 2.03 27.88
CA ARG R 15 -53.82 1.90 26.49
C ARG R 15 -52.65 2.22 25.60
N LEU R 16 -51.56 1.51 25.82
CA LEU R 16 -50.50 1.49 24.87
C LEU R 16 -50.42 0.05 24.36
N GLU R 17 -50.62 -0.12 23.06
CA GLU R 17 -50.36 -1.37 22.39
C GLU R 17 -48.88 -1.37 22.03
N LEU R 18 -48.06 -1.89 22.93
CA LEU R 18 -46.60 -1.89 22.77
C LEU R 18 -46.19 -2.91 21.73
N LYS R 19 -45.21 -2.55 20.92
CA LYS R 19 -44.62 -3.50 20.00
C LYS R 19 -43.62 -4.35 20.76
N GLU R 20 -43.33 -5.54 20.22
CA GLU R 20 -42.48 -6.54 20.86
C GLU R 20 -41.09 -6.03 21.27
N GLU R 21 -40.60 -5.06 20.49
CA GLU R 21 -39.31 -4.40 20.73
C GLU R 21 -39.36 -3.54 22.01
N GLU R 22 -40.45 -2.78 22.14
CA GLU R 22 -40.69 -1.90 23.29
C GLU R 22 -40.83 -2.71 24.57
N ILE R 23 -41.48 -3.86 24.46
CA ILE R 23 -41.69 -4.76 25.61
C ILE R 23 -40.37 -5.16 26.27
N GLU R 24 -39.45 -5.76 25.52
CA GLU R 24 -38.15 -6.19 26.04
C GLU R 24 -37.38 -5.02 26.62
N VAL R 25 -37.40 -3.87 25.93
CA VAL R 25 -36.68 -2.67 26.40
C VAL R 25 -37.30 -2.04 27.64
N PHE R 26 -38.63 -1.92 27.66
CA PHE R 26 -39.29 -1.32 28.80
C PHE R 26 -39.26 -2.25 30.03
N GLN R 27 -39.02 -3.54 29.80
CA GLN R 27 -38.87 -4.50 30.90
C GLN R 27 -37.64 -4.13 31.69
N LYS R 28 -36.56 -3.86 30.97
CA LYS R 28 -35.27 -3.55 31.59
C LYS R 28 -35.28 -2.13 32.16
N GLN R 29 -35.65 -1.15 31.33
CA GLN R 29 -35.58 0.28 31.66
C GLN R 29 -36.41 0.63 32.89
N LEU R 30 -37.62 0.06 32.95
CA LEU R 30 -38.52 0.27 34.06
C LEU R 30 -38.12 -0.50 35.34
N SER R 31 -37.57 -1.71 35.18
CA SER R 31 -36.95 -2.41 36.31
C SER R 31 -35.88 -1.53 36.91
N ASP R 32 -35.05 -0.96 36.05
CA ASP R 32 -33.96 -0.08 36.45
C ASP R 32 -34.51 1.14 37.16
N ILE R 33 -35.44 1.87 36.51
CA ILE R 33 -36.02 3.10 37.08
C ILE R 33 -36.76 2.88 38.41
N LEU R 34 -37.38 1.71 38.56
CA LEU R 34 -37.97 1.33 39.82
C LEU R 34 -36.93 1.03 40.87
N ASP R 35 -35.77 0.53 40.46
CA ASP R 35 -34.65 0.37 41.36
C ASP R 35 -34.09 1.74 41.64
N PHE R 36 -34.17 2.62 40.65
CA PHE R 36 -33.63 3.97 40.79
C PHE R 36 -34.41 4.85 41.76
N ILE R 37 -35.73 4.79 41.74
CA ILE R 37 -36.56 5.68 42.57
C ILE R 37 -36.96 5.07 43.91
N ASP R 38 -36.56 3.83 44.17
CA ASP R 38 -36.89 3.09 45.39
C ASP R 38 -36.03 3.53 46.57
N GLN R 39 -36.07 4.82 46.90
CA GLN R 39 -35.25 5.39 47.95
C GLN R 39 -36.05 5.92 49.14
N LEU R 40 -37.36 6.06 48.99
CA LEU R 40 -38.15 6.80 49.99
C LEU R 40 -38.64 6.04 51.24
N LYS R 41 -38.59 4.69 51.22
CA LYS R 41 -39.03 3.88 52.36
C LYS R 41 -38.27 4.31 53.62
N GLU R 42 -37.00 4.68 53.45
CA GLU R 42 -36.11 5.07 54.55
C GLU R 42 -36.57 6.30 55.36
N LEU R 43 -37.57 7.03 54.89
CA LEU R 43 -37.98 8.22 55.59
C LEU R 43 -39.27 8.00 56.34
N ASP R 44 -39.48 8.78 57.40
CA ASP R 44 -40.67 8.65 58.21
C ASP R 44 -41.66 9.72 57.80
N THR R 45 -42.82 9.28 57.30
CA THR R 45 -43.85 10.21 56.82
C THR R 45 -45.21 9.88 57.44
N GLU R 46 -45.23 8.93 58.36
CA GLU R 46 -46.17 8.95 59.48
C GLU R 46 -46.15 10.30 60.19
N ASN R 47 -47.25 11.03 60.08
CA ASN R 47 -47.37 12.33 60.74
C ASN R 47 -46.84 13.46 59.86
N VAL R 48 -46.67 13.18 58.58
CA VAL R 48 -46.36 14.23 57.60
C VAL R 48 -47.56 14.45 56.66
N GLU R 49 -48.03 15.68 56.52
CA GLU R 49 -49.18 15.92 55.64
C GLU R 49 -48.74 16.05 54.19
N PRO R 50 -49.30 15.21 53.27
CA PRO R 50 -48.98 15.32 51.86
C PRO R 50 -49.02 16.77 51.41
N TYR R 51 -48.15 17.12 50.47
CA TYR R 51 -47.98 18.48 49.99
C TYR R 51 -49.21 19.11 49.29
N ILE R 52 -49.70 20.23 49.80
CA ILE R 52 -50.62 21.10 49.04
C ILE R 52 -50.10 22.50 49.12
N GLN R 53 -50.27 23.28 48.06
CA GLN R 53 -50.03 24.74 48.12
C GLN R 53 -51.04 25.30 49.09
N GLU R 54 -50.67 26.36 49.79
CA GLU R 54 -51.67 27.03 50.66
C GLU R 54 -52.53 28.08 49.94
N PHE R 55 -53.75 28.32 50.45
CA PHE R 55 -54.72 29.15 49.71
C PHE R 55 -55.76 29.99 50.49
N GLU R 56 -56.02 29.65 51.75
CA GLU R 56 -56.97 30.43 52.54
C GLU R 56 -58.41 30.05 52.20
N GLU R 57 -58.84 30.31 50.97
CA GLU R 57 -60.21 29.98 50.54
C GLU R 57 -60.24 29.28 49.19
N THR R 58 -61.12 28.30 49.04
CA THR R 58 -61.23 27.61 47.76
C THR R 58 -61.74 28.58 46.70
N PRO R 59 -61.05 28.67 45.55
CA PRO R 59 -61.42 29.34 44.30
C PRO R 59 -62.64 28.76 43.62
N MET R 60 -63.69 29.56 43.58
CA MET R 60 -64.95 29.16 42.95
C MET R 60 -65.36 30.34 42.12
N ARG R 61 -66.26 30.09 41.19
CA ARG R 61 -66.59 31.03 40.13
C ARG R 61 -68.11 31.16 40.19
N GLU R 62 -68.67 32.36 40.06
CA GLU R 62 -70.14 32.52 40.01
C GLU R 62 -70.78 31.67 38.90
N ASP R 63 -72.06 31.36 39.02
CA ASP R 63 -72.74 30.46 38.08
C ASP R 63 -73.37 31.23 36.89
N GLU R 64 -72.55 31.86 36.06
CA GLU R 64 -73.04 32.68 34.94
C GLU R 64 -72.42 32.19 33.68
N PRO R 65 -73.22 31.94 32.64
CA PRO R 65 -72.71 31.51 31.33
C PRO R 65 -71.52 32.32 30.78
N HIS R 66 -70.66 31.65 30.04
CA HIS R 66 -69.55 32.25 29.34
C HIS R 66 -69.60 31.67 27.95
N PRO R 67 -69.48 32.52 26.90
CA PRO R 67 -69.51 32.13 25.49
C PRO R 67 -68.77 30.85 25.18
N SER R 68 -69.49 29.83 24.74
CA SER R 68 -68.88 28.56 24.36
C SER R 68 -68.00 28.76 23.12
N LEU R 69 -67.13 27.78 22.88
CA LEU R 69 -66.23 27.80 21.73
C LEU R 69 -67.04 27.50 20.48
N ASP R 70 -66.87 28.31 19.43
CA ASP R 70 -67.63 28.14 18.19
C ASP R 70 -67.44 26.71 17.68
N ARG R 71 -68.53 26.06 17.30
CA ARG R 71 -68.52 24.60 17.04
C ARG R 71 -67.54 24.13 15.97
N GLU R 72 -67.36 24.91 14.91
CA GLU R 72 -66.33 24.62 13.90
C GLU R 72 -64.95 24.51 14.52
N LYS R 73 -64.67 25.32 15.54
CA LYS R 73 -63.38 25.31 16.24
C LYS R 73 -63.23 24.15 17.22
N ALA R 74 -64.35 23.68 17.76
CA ALA R 74 -64.34 22.54 18.63
C ALA R 74 -64.16 21.26 17.83
N LEU R 75 -64.65 21.24 16.60
CA LEU R 75 -64.55 20.04 15.77
C LEU R 75 -63.37 20.04 14.81
N MET R 76 -62.88 21.22 14.44
CA MET R 76 -61.86 21.34 13.37
C MET R 76 -60.71 20.34 13.37
N ASN R 77 -60.31 19.87 14.55
CA ASN R 77 -59.16 18.99 14.70
C ASN R 77 -59.48 17.52 14.70
N ALA R 78 -60.77 17.18 14.73
CA ALA R 78 -61.18 15.79 14.85
C ALA R 78 -60.71 14.93 13.69
N PRO R 79 -60.19 13.73 13.98
CA PRO R 79 -59.93 12.68 12.98
C PRO R 79 -61.12 12.39 12.03
N GLU R 80 -62.33 12.28 12.59
CA GLU R 80 -63.59 12.20 11.82
C GLU R 80 -64.73 12.97 12.49
N ARG R 81 -65.36 13.92 11.80
CA ARG R 81 -66.61 14.50 12.32
C ARG R 81 -67.84 14.18 11.44
N LYS R 82 -69.03 14.21 12.01
CA LYS R 82 -70.28 14.02 11.24
C LYS R 82 -71.45 14.65 11.96
N ASP R 83 -72.18 15.49 11.23
CA ASP R 83 -73.37 16.18 11.73
C ASP R 83 -73.20 16.96 13.08
N GLY R 84 -71.98 17.39 13.37
CA GLY R 84 -71.72 18.08 14.61
C GLY R 84 -71.31 17.13 15.70
N PHE R 85 -71.00 15.89 15.33
CA PHE R 85 -70.60 14.86 16.29
C PHE R 85 -69.16 14.48 16.07
N PHE R 86 -68.44 14.17 17.14
CA PHE R 86 -67.15 13.52 17.00
C PHE R 86 -67.44 12.08 16.56
N VAL R 87 -66.67 11.55 15.62
CA VAL R 87 -66.95 10.18 15.16
C VAL R 87 -65.87 9.17 15.51
N VAL R 88 -66.27 8.04 16.07
CA VAL R 88 -65.33 6.96 16.42
C VAL R 88 -65.90 5.56 16.10
N PRO R 89 -65.01 4.54 16.00
CA PRO R 89 -65.56 3.20 15.78
C PRO R 89 -66.56 2.82 16.86
N ARG R 90 -67.53 2.01 16.47
CA ARG R 90 -68.69 1.75 17.29
C ARG R 90 -68.31 1.18 18.66
N VAL R 91 -69.06 1.57 19.68
CA VAL R 91 -68.89 1.01 21.02
C VAL R 91 -70.07 0.12 21.40
N VAL R 92 -69.88 -0.69 22.44
CA VAL R 92 -71.01 -1.17 23.25
C VAL R 92 -70.74 -0.95 24.73
N MET S 1 1.28 -4.45 80.05
CA MET S 1 -0.05 -3.87 79.69
C MET S 1 -0.10 -3.47 78.20
N LEU S 2 0.80 -4.07 77.40
CA LEU S 2 0.84 -3.93 75.93
C LEU S 2 1.55 -2.67 75.46
N TRP S 3 1.00 -1.50 75.78
CA TRP S 3 1.68 -0.23 75.50
C TRP S 3 2.92 -0.09 76.38
N LYS S 4 2.96 -0.92 77.42
CA LYS S 4 4.09 -1.02 78.35
C LYS S 4 5.17 -1.94 77.82
N LYS S 5 4.92 -2.56 76.67
CA LYS S 5 5.85 -3.55 76.13
C LYS S 5 6.78 -2.99 75.04
N SER S 6 7.98 -3.57 74.95
CA SER S 6 8.99 -3.15 73.97
C SER S 6 8.65 -3.71 72.61
N LEU S 7 9.40 -3.27 71.59
CA LEU S 7 9.17 -3.73 70.22
C LEU S 7 9.54 -5.22 70.04
N SER S 8 10.45 -5.71 70.89
CA SER S 8 10.83 -7.13 70.87
C SER S 8 9.69 -7.96 71.44
N GLU S 9 9.13 -7.51 72.56
CA GLU S 9 7.96 -8.15 73.16
C GLU S 9 6.79 -8.08 72.21
N LEU S 10 6.56 -6.90 71.65
CA LEU S 10 5.47 -6.69 70.71
C LEU S 10 5.59 -7.56 69.45
N ARG S 11 6.78 -7.61 68.87
CA ARG S 11 7.01 -8.35 67.63
C ARG S 11 6.76 -9.84 67.80
N GLU S 12 7.32 -10.41 68.88
CA GLU S 12 7.15 -11.82 69.22
C GLU S 12 5.68 -12.16 69.30
N LEU S 13 4.91 -11.30 69.96
CA LEU S 13 3.47 -11.47 70.11
C LEU S 13 2.70 -11.37 68.77
N LEU S 14 3.21 -10.53 67.88
CA LEU S 14 2.55 -10.28 66.59
C LEU S 14 2.87 -11.39 65.62
N LYS S 15 4.10 -11.87 65.67
CA LYS S 15 4.56 -12.91 64.76
C LYS S 15 3.87 -14.25 65.01
N ARG S 16 3.59 -14.54 66.29
CA ARG S 16 2.90 -15.77 66.73
C ARG S 16 1.38 -15.55 66.88
N GLY S 17 0.86 -14.44 66.37
CA GLY S 17 -0.58 -14.19 66.31
C GLY S 17 -1.26 -13.96 67.63
N GLU S 18 -0.50 -14.04 68.72
CA GLU S 18 -1.02 -13.82 70.07
C GLU S 18 -1.73 -12.46 70.18
N VAL S 19 -1.25 -11.50 69.37
CA VAL S 19 -1.82 -10.17 69.30
C VAL S 19 -1.91 -9.68 67.83
N SER S 20 -2.84 -8.77 67.56
CA SER S 20 -3.04 -8.21 66.22
C SER S 20 -2.57 -6.75 66.19
N PRO S 21 -2.21 -6.25 64.99
CA PRO S 21 -1.78 -4.86 64.85
C PRO S 21 -2.81 -3.87 65.38
N LYS S 22 -4.09 -4.18 65.17
CA LYS S 22 -5.14 -3.30 65.64
C LYS S 22 -5.16 -3.19 67.18
N GLU S 23 -4.90 -4.31 67.86
CA GLU S 23 -4.86 -4.36 69.33
C GLU S 23 -3.76 -3.44 69.84
N VAL S 24 -2.57 -3.59 69.26
CA VAL S 24 -1.40 -2.78 69.61
C VAL S 24 -1.75 -1.29 69.50
N VAL S 25 -2.32 -0.90 68.37
CA VAL S 25 -2.75 0.48 68.14
C VAL S 25 -3.75 0.91 69.21
N GLU S 26 -4.73 0.05 69.49
CA GLU S 26 -5.78 0.33 70.49
C GLU S 26 -5.15 0.61 71.85
N SER S 27 -4.16 -0.22 72.19
CA SER S 27 -3.42 -0.10 73.44
C SER S 27 -2.80 1.29 73.64
N PHE S 28 -2.03 1.73 72.64
CA PHE S 28 -1.39 3.05 72.65
C PHE S 28 -2.42 4.18 72.55
N TYR S 29 -3.51 3.92 71.82
CA TYR S 29 -4.63 4.85 71.72
C TYR S 29 -5.20 5.16 73.12
N ASP S 30 -5.42 4.10 73.91
CA ASP S 30 -5.90 4.24 75.29
C ASP S 30 -4.98 5.13 76.09
N ARG S 31 -3.70 4.77 76.04
CA ARG S 31 -2.64 5.49 76.74
C ARG S 31 -2.57 6.95 76.30
N TYR S 32 -2.83 7.18 75.00
CA TYR S 32 -2.98 8.52 74.43
C TYR S 32 -4.12 9.23 75.13
N ASN S 33 -5.28 8.59 75.19
CA ASN S 33 -6.45 9.18 75.85
C ASN S 33 -6.19 9.44 77.32
N GLN S 34 -5.43 8.56 77.96
CA GLN S 34 -5.06 8.74 79.36
C GLN S 34 -4.33 10.07 79.58
N THR S 35 -3.42 10.39 78.67
CA THR S 35 -2.30 11.26 78.99
C THR S 35 -2.43 12.61 78.30
N GLU S 36 -3.16 12.63 77.19
CA GLU S 36 -2.93 13.61 76.13
C GLU S 36 -3.38 15.00 76.56
N GLU S 37 -4.43 15.04 77.38
CA GLU S 37 -4.95 16.31 77.90
C GLU S 37 -3.94 17.06 78.79
N LYS S 38 -3.12 16.31 79.51
CA LYS S 38 -2.04 16.86 80.32
C LYS S 38 -0.82 17.23 79.44
N VAL S 39 -0.37 16.25 78.63
CA VAL S 39 0.86 16.31 77.82
C VAL S 39 0.79 17.20 76.56
N LYS S 40 -0.17 16.93 75.67
CA LYS S 40 -0.39 17.66 74.40
C LYS S 40 0.77 17.40 73.45
N ALA S 41 1.07 16.13 73.22
CA ALA S 41 2.16 15.74 72.35
C ALA S 41 1.80 15.92 70.88
N TYR S 42 0.52 15.76 70.55
CA TYR S 42 0.10 15.71 69.15
C TYR S 42 -0.56 16.98 68.58
N ILE S 43 -0.26 17.29 67.32
CA ILE S 43 -1.02 18.27 66.57
C ILE S 43 -2.17 17.54 65.88
N THR S 44 -1.87 16.39 65.27
CA THR S 44 -2.83 15.64 64.49
C THR S 44 -2.69 14.18 64.88
N PRO S 45 -3.56 13.73 65.81
CA PRO S 45 -3.61 12.29 66.18
C PRO S 45 -4.12 11.50 65.00
N LEU S 46 -3.53 10.36 64.70
CA LEU S 46 -3.99 9.56 63.57
C LEU S 46 -4.30 8.11 63.97
N TYR S 47 -4.50 7.89 65.28
CA TYR S 47 -4.77 6.56 65.81
C TYR S 47 -6.00 5.97 65.13
N GLY S 48 -7.01 6.82 64.92
CA GLY S 48 -8.22 6.46 64.21
C GLY S 48 -7.90 5.87 62.84
N LYS S 49 -7.08 6.58 62.08
CA LYS S 49 -6.73 6.15 60.74
C LYS S 49 -5.82 4.90 60.78
N ALA S 50 -4.98 4.83 61.81
CA ALA S 50 -4.05 3.71 61.98
C ALA S 50 -4.83 2.44 62.30
N LEU S 51 -5.88 2.58 63.11
CA LEU S 51 -6.79 1.47 63.40
C LEU S 51 -7.28 0.81 62.11
N LYS S 52 -7.77 1.62 61.17
CA LYS S 52 -8.27 1.14 59.88
C LYS S 52 -7.16 0.53 59.02
N GLN S 53 -5.97 1.13 59.06
CA GLN S 53 -4.83 0.66 58.27
C GLN S 53 -4.31 -0.68 58.78
N ALA S 54 -4.54 -0.92 60.07
CA ALA S 54 -4.09 -2.13 60.74
C ALA S 54 -4.83 -3.37 60.23
N GLU S 55 -6.11 -3.18 59.89
CA GLU S 55 -6.99 -4.23 59.36
C GLU S 55 -6.36 -4.94 58.15
N SER S 56 -5.74 -4.16 57.26
CA SER S 56 -5.19 -4.70 56.02
C SER S 56 -3.73 -5.10 56.12
N LEU S 57 -3.15 -4.94 57.31
CA LEU S 57 -1.77 -5.34 57.54
C LEU S 57 -1.69 -6.85 57.83
N LYS S 58 -0.96 -7.58 56.97
CA LYS S 58 -0.95 -9.04 57.10
C LYS S 58 0.41 -9.67 57.23
N GLU S 59 1.36 -9.27 56.39
CA GLU S 59 2.68 -9.89 56.40
C GLU S 59 3.46 -9.62 57.70
N ARG S 60 3.54 -10.64 58.55
CA ARG S 60 4.09 -10.49 59.91
C ARG S 60 5.62 -10.34 59.94
N GLU S 61 6.29 -10.83 58.90
CA GLU S 61 7.76 -10.87 58.83
C GLU S 61 8.39 -9.50 58.53
N LEU S 62 7.54 -8.55 58.18
CA LEU S 62 7.95 -7.16 57.99
C LEU S 62 8.63 -6.61 59.24
N PRO S 63 9.80 -5.96 59.06
CA PRO S 63 10.68 -5.54 60.16
C PRO S 63 9.98 -4.76 61.29
N LEU S 64 8.99 -3.94 60.92
CA LEU S 64 8.24 -3.17 61.91
C LEU S 64 6.76 -3.54 61.90
N PHE S 65 6.49 -4.82 61.64
CA PHE S 65 5.15 -5.28 61.27
C PHE S 65 3.96 -4.53 61.86
N GLY S 66 3.84 -4.42 63.18
CA GLY S 66 2.63 -3.77 63.69
C GLY S 66 2.87 -2.57 64.56
N ILE S 67 4.03 -1.97 64.40
CA ILE S 67 4.51 -0.98 65.34
C ILE S 67 3.96 0.41 65.06
N PRO S 68 3.28 1.00 66.04
CA PRO S 68 2.90 2.41 65.94
C PRO S 68 4.13 3.30 66.03
N ILE S 69 4.10 4.41 65.31
CA ILE S 69 5.20 5.37 65.32
C ILE S 69 4.65 6.79 65.17
N ALA S 70 5.04 7.69 66.09
CA ALA S 70 4.63 9.08 65.98
C ALA S 70 5.63 9.78 65.10
N VAL S 71 5.27 10.93 64.55
CA VAL S 71 6.09 11.57 63.54
C VAL S 71 5.99 13.09 63.73
N LYS S 72 7.14 13.76 63.74
CA LYS S 72 7.18 15.21 63.92
C LYS S 72 6.43 15.87 62.79
N ASP S 73 5.70 16.94 63.10
CA ASP S 73 4.86 17.57 62.08
C ASP S 73 5.64 18.56 61.17
N ASN S 74 6.93 18.29 60.96
CA ASN S 74 7.63 18.87 59.82
C ASN S 74 8.15 17.76 58.88
N ILE S 75 7.72 16.53 59.12
CA ILE S 75 7.97 15.47 58.17
C ILE S 75 6.64 15.20 57.49
N LEU S 76 6.64 15.18 56.15
CA LEU S 76 5.41 15.06 55.35
C LEU S 76 4.85 13.63 55.30
N VAL S 77 3.59 13.52 55.75
CA VAL S 77 2.82 12.29 55.60
C VAL S 77 1.65 12.61 54.69
N GLU S 78 1.58 11.90 53.55
CA GLU S 78 0.66 12.16 52.46
C GLU S 78 -0.82 12.02 52.85
N GLY S 79 -1.62 12.99 52.43
CA GLY S 79 -3.05 12.96 52.73
C GLY S 79 -3.40 13.63 54.04
N GLU S 80 -2.42 13.78 54.92
CA GLU S 80 -2.63 14.44 56.23
C GLU S 80 -1.91 15.78 56.32
N LYS S 81 -2.43 16.65 57.18
CA LYS S 81 -1.86 17.98 57.37
C LYS S 81 -0.42 17.89 57.85
N THR S 82 0.44 18.75 57.27
CA THR S 82 1.79 18.97 57.76
C THR S 82 1.90 20.47 58.04
N THR S 83 1.82 20.82 59.31
CA THR S 83 1.72 22.22 59.74
C THR S 83 3.05 22.92 60.12
N CYS S 84 4.07 22.12 60.44
CA CYS S 84 5.29 22.62 61.07
C CYS S 84 4.94 23.49 62.24
N ALA S 85 3.80 23.20 62.86
CA ALA S 85 3.33 23.99 63.96
C ALA S 85 3.27 25.46 63.60
N SER S 86 2.90 25.74 62.35
CA SER S 86 2.81 27.12 61.85
C SER S 86 1.43 27.52 61.33
N LYS S 87 1.03 28.77 61.58
CA LYS S 87 -0.21 29.33 61.00
C LYS S 87 -0.13 29.31 59.50
N ILE S 88 1.08 29.50 58.98
CA ILE S 88 1.29 29.69 57.55
C ILE S 88 1.08 28.37 56.84
N LEU S 89 1.06 27.27 57.61
CA LEU S 89 0.89 25.94 57.04
C LEU S 89 -0.18 25.09 57.73
N GLU S 90 -1.01 25.69 58.58
CA GLU S 90 -2.18 24.93 59.04
C GLU S 90 -3.12 24.79 57.85
N ASN S 91 -3.73 23.62 57.72
CA ASN S 91 -4.57 23.37 56.55
C ASN S 91 -3.78 23.01 55.26
N PHE S 92 -2.45 22.95 55.35
CA PHE S 92 -1.65 22.39 54.27
C PHE S 92 -1.73 20.86 54.29
N VAL S 93 -2.33 20.28 53.26
CA VAL S 93 -2.36 18.83 53.14
C VAL S 93 -1.14 18.34 52.35
N ALA S 94 -0.43 17.36 52.88
CA ALA S 94 0.78 16.90 52.26
C ALA S 94 0.47 16.09 51.02
N PRO S 95 1.02 16.49 49.86
CA PRO S 95 0.87 15.84 48.55
C PRO S 95 1.76 14.65 48.30
N TYR S 96 2.69 14.37 49.20
CA TYR S 96 3.62 13.23 49.03
C TYR S 96 4.17 12.77 50.38
N ASP S 97 4.77 11.56 50.39
CA ASP S 97 5.43 11.02 51.58
C ASP S 97 6.90 11.42 51.61
N ALA S 98 7.36 11.92 52.75
CA ALA S 98 8.81 11.98 52.97
C ALA S 98 9.37 10.59 52.76
N THR S 99 10.62 10.50 52.32
CA THR S 99 11.23 9.22 52.03
C THR S 99 11.16 8.28 53.24
N VAL S 100 11.40 8.84 54.43
CA VAL S 100 11.42 8.07 55.65
C VAL S 100 10.05 7.42 55.90
N ILE S 101 8.99 8.18 55.63
CA ILE S 101 7.63 7.70 55.83
C ILE S 101 7.32 6.55 54.86
N GLU S 102 7.79 6.69 53.61
CA GLU S 102 7.67 5.63 52.62
C GLU S 102 8.36 4.33 53.12
N ARG S 103 9.53 4.48 53.70
CA ARG S 103 10.32 3.38 54.17
C ARG S 103 9.76 2.73 55.43
N LEU S 104 9.10 3.52 56.25
CA LEU S 104 8.45 3.01 57.44
C LEU S 104 7.18 2.23 57.07
N LYS S 105 6.42 2.79 56.11
CA LYS S 105 5.19 2.20 55.61
C LYS S 105 5.50 0.86 54.98
N LYS S 106 6.57 0.84 54.20
CA LYS S 106 7.00 -0.39 53.58
C LYS S 106 7.45 -1.45 54.62
N ALA S 107 7.84 -0.99 55.79
CA ALA S 107 8.35 -1.84 56.86
C ALA S 107 7.25 -2.38 57.75
N GLY S 108 6.02 -1.96 57.43
CA GLY S 108 4.82 -2.38 58.17
C GLY S 108 4.41 -1.47 59.32
N ALA S 109 5.19 -0.42 59.55
CA ALA S 109 4.90 0.50 60.63
C ALA S 109 3.57 1.22 60.44
N LEU S 110 3.02 1.78 61.50
CA LEU S 110 1.76 2.50 61.41
C LEU S 110 1.86 3.89 62.03
N ILE S 111 1.77 4.90 61.18
CA ILE S 111 1.88 6.29 61.63
C ILE S 111 0.69 6.64 62.50
N VAL S 112 0.92 6.89 63.78
CA VAL S 112 -0.21 7.12 64.66
C VAL S 112 -0.47 8.58 64.99
N GLY S 113 0.36 9.47 64.45
CA GLY S 113 0.08 10.89 64.62
C GLY S 113 1.19 11.86 64.28
N LYS S 114 0.83 13.13 64.19
CA LYS S 114 1.80 14.14 63.90
C LYS S 114 1.95 14.99 65.12
N THR S 115 3.21 15.15 65.51
CA THR S 115 3.57 15.56 66.88
C THR S 115 3.95 17.03 66.93
N ASN S 116 3.66 17.67 68.04
CA ASN S 116 3.89 19.10 68.20
C ASN S 116 5.38 19.45 68.15
N LEU S 117 5.67 20.69 67.79
CA LEU S 117 7.03 21.20 67.64
C LEU S 117 7.05 22.70 67.77
N ASP S 118 8.23 23.26 68.01
CA ASP S 118 8.43 24.69 67.84
C ASP S 118 8.15 24.98 66.36
N GLU S 119 7.56 26.15 66.10
CA GLU S 119 7.23 26.54 64.74
C GLU S 119 8.46 26.47 63.85
N PHE S 120 8.36 25.61 62.84
CA PHE S 120 9.37 25.42 61.81
C PHE S 120 10.65 24.92 62.41
N ALA S 121 10.49 24.19 63.52
CA ALA S 121 11.59 23.49 64.18
C ALA S 121 12.62 24.44 64.80
N MET S 122 12.20 25.67 65.07
CA MET S 122 13.09 26.69 65.59
C MET S 122 12.79 27.05 67.04
N GLY S 123 13.59 26.48 67.95
CA GLY S 123 13.46 26.69 69.39
C GLY S 123 13.91 25.47 70.18
N SER S 124 13.90 25.58 71.52
CA SER S 124 14.43 24.54 72.38
C SER S 124 13.49 24.15 73.53
N SER S 125 12.17 24.26 73.31
CA SER S 125 11.19 24.07 74.38
C SER S 125 9.80 23.72 73.88
N THR S 126 9.55 23.87 72.59
CA THR S 126 8.22 23.62 71.99
C THR S 126 7.19 24.71 72.30
N GLU S 127 7.56 25.65 73.19
CA GLU S 127 6.75 26.85 73.45
C GLU S 127 6.40 27.65 72.21
N TYR S 128 7.24 27.62 71.18
CA TYR S 128 6.99 28.37 69.94
C TYR S 128 6.11 27.65 68.90
N SER S 129 5.49 26.54 69.32
CA SER S 129 4.39 25.96 68.56
C SER S 129 3.36 27.05 68.40
N ALA S 130 2.89 27.27 67.18
CA ALA S 130 1.88 28.31 66.94
C ALA S 130 0.50 27.94 67.51
N PHE S 131 0.37 26.70 67.95
CA PHE S 131 -0.92 26.14 68.36
C PHE S 131 -1.08 26.05 69.88
N PHE S 132 -0.11 25.40 70.53
CA PHE S 132 -0.15 25.16 71.96
C PHE S 132 1.18 24.54 72.43
N PRO S 133 1.58 24.80 73.71
CA PRO S 133 2.76 24.13 74.25
C PRO S 133 2.54 22.66 74.56
N THR S 134 3.56 21.83 74.32
CA THR S 134 3.61 20.48 74.88
C THR S 134 4.22 20.60 76.28
N LYS S 135 3.79 19.72 77.18
CA LYS S 135 4.29 19.74 78.58
C LYS S 135 5.14 18.48 78.93
N ASN S 136 6.16 18.65 79.76
CA ASN S 136 7.01 17.56 80.23
C ASN S 136 6.21 16.62 81.13
N PRO S 137 6.06 15.36 80.71
CA PRO S 137 5.36 14.33 81.49
C PRO S 137 5.94 13.99 82.86
N TRP S 138 7.13 14.50 83.18
CA TRP S 138 7.70 14.31 84.52
C TRP S 138 7.45 15.53 85.41
N ASP S 139 6.97 16.60 84.81
CA ASP S 139 6.55 17.77 85.57
C ASP S 139 5.89 18.72 84.58
N LEU S 140 4.55 18.76 84.58
CA LEU S 140 3.85 19.56 83.58
C LEU S 140 3.98 21.08 83.79
N GLU S 141 4.72 21.48 84.84
CA GLU S 141 5.13 22.88 85.00
C GLU S 141 6.38 23.15 84.15
N ARG S 142 6.94 22.08 83.58
CA ARG S 142 8.21 22.12 82.85
C ARG S 142 8.12 21.76 81.35
N VAL S 143 9.08 22.28 80.60
CA VAL S 143 9.19 22.18 79.17
C VAL S 143 9.70 20.79 78.80
N PRO S 144 9.24 20.21 77.67
CA PRO S 144 9.78 18.89 77.27
C PRO S 144 11.04 19.02 76.42
N GLY S 145 11.46 20.26 76.19
CA GLY S 145 12.55 20.54 75.25
C GLY S 145 12.02 20.84 73.86
N GLY S 146 12.95 21.10 72.93
CA GLY S 146 12.55 21.40 71.56
C GLY S 146 13.68 21.31 70.59
N SER S 147 13.40 21.28 69.29
CA SER S 147 12.05 21.48 68.75
C SER S 147 11.13 20.25 68.70
N SER S 148 11.68 19.03 68.66
CA SER S 148 10.86 17.81 68.68
C SER S 148 10.18 17.50 70.05
N GLY S 149 9.58 18.50 70.68
CA GLY S 149 8.98 18.31 72.01
C GLY S 149 7.93 17.21 72.09
N GLY S 150 7.00 17.21 71.16
CA GLY S 150 5.93 16.22 71.15
C GLY S 150 6.42 14.81 70.86
N SER S 151 7.46 14.68 70.05
CA SER S 151 7.93 13.35 69.71
C SER S 151 8.62 12.68 70.88
N ALA S 152 9.29 13.51 71.68
CA ALA S 152 9.98 13.07 72.89
C ALA S 152 8.94 12.69 73.94
N ALA S 153 8.03 13.62 74.19
CA ALA S 153 7.00 13.48 75.22
C ALA S 153 6.15 12.23 75.03
N SER S 154 5.66 12.01 73.82
CA SER S 154 4.81 10.86 73.54
C SER S 154 5.56 9.55 73.71
N VAL S 155 6.86 9.55 73.48
CA VAL S 155 7.64 8.35 73.75
C VAL S 155 7.88 8.20 75.25
N ALA S 156 7.99 9.32 75.92
CA ALA S 156 8.15 9.33 77.37
C ALA S 156 6.92 8.70 78.08
N VAL S 157 5.73 9.20 77.75
CA VAL S 157 4.47 8.69 78.34
C VAL S 157 4.07 7.37 77.72
N LEU S 158 4.71 7.04 76.62
CA LEU S 158 4.41 5.81 75.89
C LEU S 158 3.03 5.79 75.23
N SER S 159 2.56 6.97 74.80
CA SER S 159 1.49 7.05 73.80
C SER S 159 1.96 6.52 72.44
N ALA S 160 3.27 6.44 72.26
CA ALA S 160 3.88 5.74 71.14
C ALA S 160 5.19 5.18 71.65
N PRO S 161 5.57 3.97 71.18
CA PRO S 161 6.78 3.32 71.70
C PRO S 161 8.04 3.97 71.16
N VAL S 162 7.93 4.45 69.92
CA VAL S 162 9.07 4.92 69.15
C VAL S 162 8.62 6.15 68.33
N SER S 163 9.55 7.01 67.94
CA SER S 163 9.18 8.33 67.43
C SER S 163 10.18 8.83 66.38
N LEU S 164 9.75 9.71 65.46
CA LEU S 164 10.68 10.41 64.57
C LEU S 164 10.68 11.88 64.92
N GLY S 165 11.87 12.46 65.03
CA GLY S 165 12.03 13.90 65.18
C GLY S 165 13.04 14.39 64.14
N SER S 166 13.44 15.66 64.24
CA SER S 166 14.57 16.16 63.45
C SER S 166 15.52 16.92 64.37
N ASP S 167 16.78 17.04 63.95
CA ASP S 167 17.82 17.66 64.77
C ASP S 167 18.63 18.58 63.87
N THR S 168 18.51 19.88 64.11
CA THR S 168 19.28 20.88 63.38
C THR S 168 20.45 21.42 64.23
N GLY S 169 20.22 21.50 65.53
CA GLY S 169 21.19 21.98 66.51
C GLY S 169 20.90 21.38 67.87
N GLY S 170 20.30 20.20 67.88
CA GLY S 170 20.05 19.45 69.11
C GLY S 170 18.59 19.05 69.29
N SER S 171 17.78 19.24 68.25
CA SER S 171 16.31 19.16 68.36
C SER S 171 15.74 17.74 68.59
N ILE S 172 16.59 16.71 68.52
CA ILE S 172 16.26 15.35 68.99
C ILE S 172 16.86 15.16 70.39
N ARG S 173 18.15 15.43 70.53
CA ARG S 173 18.89 15.13 71.76
C ARG S 173 18.38 15.86 73.03
N GLN S 174 18.16 17.17 72.95
CA GLN S 174 17.73 17.96 74.11
C GLN S 174 16.34 17.59 74.61
N PRO S 175 15.38 17.45 73.68
CA PRO S 175 14.11 16.82 74.09
C PRO S 175 14.26 15.39 74.67
N ALA S 176 15.13 14.56 74.10
CA ALA S 176 15.35 13.24 74.66
C ALA S 176 15.87 13.38 76.09
N SER S 177 16.76 14.35 76.30
CA SER S 177 17.36 14.54 77.62
C SER S 177 16.29 14.97 78.62
N PHE S 178 15.52 16.00 78.26
CA PHE S 178 14.49 16.54 79.14
C PHE S 178 13.35 15.55 79.45
N CYS S 179 13.07 14.64 78.51
CA CYS S 179 11.93 13.74 78.67
C CYS S 179 12.36 12.37 79.16
N GLY S 180 13.66 12.18 79.34
CA GLY S 180 14.17 10.94 79.91
C GLY S 180 14.02 9.76 78.99
N VAL S 181 14.42 9.99 77.75
CA VAL S 181 14.26 9.00 76.70
C VAL S 181 15.49 9.01 75.79
N ILE S 182 15.70 7.92 75.05
CA ILE S 182 16.80 7.82 74.09
C ILE S 182 16.48 8.57 72.82
N GLY S 183 17.43 9.32 72.31
CA GLY S 183 17.24 10.07 71.07
C GLY S 183 18.51 10.20 70.28
N ILE S 184 18.50 9.76 69.03
CA ILE S 184 19.69 9.80 68.21
C ILE S 184 19.51 10.70 66.98
N LYS S 185 20.49 11.55 66.71
CA LYS S 185 20.62 12.18 65.41
C LYS S 185 21.83 11.56 64.73
N PRO S 186 21.60 10.92 63.59
CA PRO S 186 22.65 10.18 62.89
C PRO S 186 23.59 11.11 62.12
N THR S 187 24.59 10.53 61.45
CA THR S 187 25.53 11.32 60.67
C THR S 187 24.78 12.12 59.64
N TYR S 188 25.24 13.33 59.35
CA TYR S 188 24.64 14.08 58.26
C TYR S 188 24.81 13.31 56.93
N GLY S 189 23.69 13.00 56.29
CA GLY S 189 23.73 12.28 55.03
C GLY S 189 23.24 10.86 55.22
N ARG S 190 23.14 10.41 56.47
CA ARG S 190 22.68 9.06 56.73
C ARG S 190 21.17 8.86 56.51
N VAL S 191 20.36 9.91 56.72
CA VAL S 191 18.93 9.76 56.51
C VAL S 191 18.47 10.86 55.54
N SER S 192 17.65 10.49 54.57
CA SER S 192 17.15 11.41 53.56
C SER S 192 16.46 12.64 54.14
N ARG S 193 16.62 13.79 53.49
CA ARG S 193 15.89 14.99 53.89
C ARG S 193 14.75 15.26 52.93
N TYR S 194 14.44 14.27 52.09
CA TYR S 194 13.32 14.42 51.16
C TYR S 194 12.01 14.28 51.90
N GLY S 195 11.26 15.39 51.96
CA GLY S 195 10.00 15.44 52.67
C GLY S 195 10.17 15.88 54.11
N LEU S 196 11.37 16.31 54.46
CA LEU S 196 11.57 17.05 55.69
C LEU S 196 11.51 18.55 55.38
N VAL S 197 10.59 19.25 56.00
CA VAL S 197 10.52 20.70 55.76
C VAL S 197 11.85 21.30 56.21
N ALA S 198 12.59 21.88 55.26
CA ALA S 198 13.94 22.42 55.54
C ALA S 198 13.94 23.65 56.43
N PHE S 199 14.77 23.56 57.46
CA PHE S 199 15.10 24.70 58.34
C PHE S 199 16.48 25.15 57.88
N ALA S 200 17.52 24.40 58.26
CA ALA S 200 18.88 24.61 57.75
C ALA S 200 19.35 23.36 57.03
N SER S 201 19.46 23.47 55.72
CA SER S 201 19.69 22.32 54.88
C SER S 201 21.01 21.60 55.19
N SER S 202 22.03 22.38 55.55
CA SER S 202 23.36 21.80 55.81
C SER S 202 23.50 21.19 57.24
N LEU S 203 22.46 21.40 58.07
CA LEU S 203 22.44 20.97 59.48
C LEU S 203 21.34 19.96 59.89
N ASP S 204 20.17 20.01 59.22
CA ASP S 204 19.03 19.09 59.41
C ASP S 204 19.37 17.56 59.26
N GLN S 205 18.86 16.78 60.20
CA GLN S 205 18.74 15.34 60.04
C GLN S 205 17.56 14.78 60.84
N ILE S 206 16.76 13.98 60.15
CA ILE S 206 15.78 13.18 60.83
C ILE S 206 16.52 12.18 61.71
N GLY S 207 15.91 11.89 62.86
CA GLY S 207 16.43 10.94 63.83
C GLY S 207 15.31 10.29 64.59
N VAL S 208 15.68 9.52 65.61
CA VAL S 208 14.78 8.59 66.26
C VAL S 208 14.75 8.68 67.79
N PHE S 209 13.55 8.72 68.37
CA PHE S 209 13.38 8.62 69.82
C PHE S 209 12.89 7.22 70.16
N GLY S 210 13.37 6.69 71.28
CA GLY S 210 12.95 5.37 71.81
C GLY S 210 13.29 5.22 73.30
N ARG S 211 12.89 4.08 73.87
CA ARG S 211 13.12 3.83 75.28
C ARG S 211 14.14 2.74 75.46
N ARG S 212 14.20 1.83 74.49
CA ARG S 212 15.20 0.80 74.49
C ARG S 212 16.11 0.99 73.26
N THR S 213 17.40 0.74 73.43
CA THR S 213 18.37 0.96 72.36
C THR S 213 18.06 0.13 71.12
N GLU S 214 17.47 -1.04 71.30
CA GLU S 214 17.13 -1.89 70.14
C GLU S 214 16.01 -1.31 69.29
N ASP S 215 15.01 -0.73 69.96
CA ASP S 215 13.93 -0.05 69.27
C ASP S 215 14.52 1.03 68.37
N VAL S 216 15.36 1.90 68.94
CA VAL S 216 15.97 3.02 68.21
C VAL S 216 16.86 2.54 67.06
N ALA S 217 17.69 1.53 67.29
CA ALA S 217 18.60 1.02 66.24
C ALA S 217 17.83 0.39 65.07
N LEU S 218 16.68 -0.19 65.36
CA LEU S 218 15.86 -0.80 64.32
C LEU S 218 15.18 0.27 63.46
N VAL S 219 14.50 1.23 64.10
CA VAL S 219 13.81 2.27 63.34
C VAL S 219 14.81 3.07 62.50
N LEU S 220 15.97 3.39 63.07
CA LEU S 220 17.04 4.02 62.30
C LEU S 220 17.54 3.18 61.13
N GLU S 221 17.70 1.87 61.30
CA GLU S 221 18.12 1.03 60.19
C GLU S 221 17.13 1.16 59.04
N VAL S 222 15.84 1.08 59.37
CA VAL S 222 14.79 1.06 58.37
C VAL S 222 14.93 2.23 57.40
N ILE S 223 15.26 3.40 57.94
CA ILE S 223 14.88 4.66 57.32
C ILE S 223 16.09 5.40 56.75
N SER S 224 17.27 4.86 57.01
CA SER S 224 18.52 5.49 56.59
C SER S 224 18.95 5.01 55.22
N GLY S 225 20.18 5.35 54.84
CA GLY S 225 20.73 4.91 53.57
C GLY S 225 20.06 5.58 52.38
N TRP S 226 20.61 5.35 51.19
CA TRP S 226 20.74 6.40 50.19
C TRP S 226 19.40 6.69 49.52
N ASP S 227 19.17 7.96 49.18
CA ASP S 227 17.94 8.36 48.53
C ASP S 227 18.29 9.16 47.31
N GLU S 228 17.83 8.70 46.15
CA GLU S 228 18.04 9.37 44.86
C GLU S 228 17.37 10.77 44.78
N LYS S 229 16.38 10.99 45.62
CA LYS S 229 15.65 12.24 45.64
C LYS S 229 16.35 13.27 46.54
N ASP S 230 17.50 12.90 47.10
CA ASP S 230 18.27 13.76 47.99
C ASP S 230 19.76 13.78 47.65
N SER S 231 20.22 14.90 47.09
CA SER S 231 21.62 15.07 46.68
C SER S 231 22.61 14.86 47.79
N THR S 232 22.21 15.21 49.01
CA THR S 232 23.12 15.24 50.13
C THR S 232 23.14 13.90 50.86
N SER S 233 22.25 12.99 50.47
CA SER S 233 22.19 11.66 51.10
C SER S 233 23.38 10.84 50.60
N ALA S 234 24.00 10.09 51.50
CA ALA S 234 25.24 9.40 51.21
C ALA S 234 25.04 8.03 50.56
N LYS S 235 25.90 7.70 49.59
CA LYS S 235 25.91 6.37 49.00
C LYS S 235 26.77 5.44 49.85
N VAL S 236 26.26 5.15 51.05
CA VAL S 236 26.97 4.39 52.05
C VAL S 236 26.00 3.31 52.51
N PRO S 237 26.43 2.04 52.54
CA PRO S 237 25.57 0.98 53.06
C PRO S 237 25.14 1.17 54.53
N VAL S 238 23.89 0.84 54.84
CA VAL S 238 23.37 0.92 56.20
C VAL S 238 23.84 -0.32 56.98
N PRO S 239 24.56 -0.10 58.08
CA PRO S 239 24.98 -1.21 58.93
C PRO S 239 23.78 -1.91 59.58
N GLU S 240 23.90 -3.21 59.81
CA GLU S 240 22.83 -3.99 60.43
C GLU S 240 22.80 -3.68 61.93
N TRP S 241 22.23 -2.53 62.27
CA TRP S 241 22.30 -2.01 63.63
C TRP S 241 21.62 -2.89 64.68
N SER S 242 20.48 -3.48 64.31
CA SER S 242 19.73 -4.34 65.25
C SER S 242 20.53 -5.59 65.64
N GLU S 243 21.45 -6.02 64.78
CA GLU S 243 22.35 -7.13 65.06
C GLU S 243 23.66 -6.67 65.67
N GLU S 244 23.85 -5.36 65.76
CA GLU S 244 25.15 -4.82 66.13
C GLU S 244 25.17 -4.16 67.51
N VAL S 245 24.01 -3.68 67.99
CA VAL S 245 23.93 -3.01 69.28
C VAL S 245 24.25 -3.89 70.48
N LYS S 246 23.93 -5.18 70.35
CA LYS S 246 24.08 -6.16 71.43
C LYS S 246 25.54 -6.64 71.56
N LYS S 247 26.33 -6.47 70.50
CA LYS S 247 27.77 -6.76 70.51
C LYS S 247 28.54 -5.83 71.47
N GLU S 248 29.73 -6.27 71.90
CA GLU S 248 30.58 -5.47 72.80
C GLU S 248 32.00 -5.39 72.27
N VAL S 249 32.51 -4.17 72.14
CA VAL S 249 33.84 -3.92 71.61
C VAL S 249 34.79 -3.51 72.75
N LYS S 250 35.91 -4.22 72.85
CA LYS S 250 36.86 -4.02 73.94
C LYS S 250 37.80 -2.82 73.74
N GLY S 251 38.10 -2.17 74.86
CA GLY S 251 39.10 -1.09 74.90
C GLY S 251 38.68 0.20 74.25
N LEU S 252 37.38 0.50 74.27
CA LEU S 252 36.91 1.78 73.72
C LEU S 252 37.33 2.95 74.59
N LYS S 253 37.39 4.14 73.99
CA LYS S 253 37.90 5.32 74.69
C LYS S 253 36.93 6.50 74.64
N ILE S 254 36.81 7.21 75.77
CA ILE S 254 35.90 8.36 75.84
C ILE S 254 36.64 9.63 76.14
N GLY S 255 36.42 10.63 75.31
CA GLY S 255 37.04 11.95 75.47
C GLY S 255 36.17 12.96 76.19
N LEU S 256 36.75 13.63 77.19
CA LEU S 256 36.06 14.72 77.89
C LEU S 256 36.72 16.03 77.52
N PRO S 257 36.06 16.82 76.65
CA PRO S 257 36.60 18.10 76.19
C PRO S 257 36.93 19.08 77.31
N LYS S 258 38.18 19.52 77.38
CA LYS S 258 38.67 20.42 78.43
C LYS S 258 37.91 21.72 78.41
N GLU S 259 37.48 22.14 77.21
CA GLU S 259 36.84 23.44 77.05
C GLU S 259 35.43 23.41 77.62
N PHE S 260 34.88 22.20 77.79
CA PHE S 260 33.54 22.01 78.36
C PHE S 260 33.54 22.16 79.88
N PHE S 261 34.71 22.09 80.50
CA PHE S 261 34.83 22.32 81.94
C PHE S 261 34.49 23.75 82.31
N GLU S 262 34.69 24.66 81.37
CA GLU S 262 34.43 26.03 81.64
C GLU S 262 32.99 26.41 81.40
N TYR S 263 32.19 25.43 80.96
CA TYR S 263 30.75 25.68 80.71
C TYR S 263 29.95 25.63 82.01
N GLU S 264 29.13 26.66 82.24
CA GLU S 264 28.24 26.72 83.40
C GLU S 264 27.25 25.53 83.39
N LEU S 265 27.44 24.58 84.32
CA LEU S 265 26.52 23.45 84.52
C LEU S 265 25.75 23.54 85.84
N GLN S 266 24.49 23.13 85.85
CA GLN S 266 23.79 22.88 87.11
C GLN S 266 24.48 21.76 87.87
N PRO S 267 24.64 21.95 89.19
CA PRO S 267 25.25 20.95 90.06
C PRO S 267 24.66 19.55 89.88
N GLN S 268 23.33 19.45 89.81
CA GLN S 268 22.67 18.16 89.59
C GLN S 268 23.19 17.46 88.34
N VAL S 269 23.30 18.23 87.24
CA VAL S 269 23.71 17.70 85.95
C VAL S 269 25.16 17.25 86.05
N LYS S 270 25.99 18.12 86.63
CA LYS S 270 27.40 17.84 86.81
C LYS S 270 27.57 16.49 87.52
N GLU S 271 26.84 16.33 88.63
CA GLU S 271 26.89 15.17 89.50
C GLU S 271 26.46 13.92 88.75
N ALA S 272 25.35 14.05 88.01
CA ALA S 272 24.82 12.97 87.19
C ALA S 272 25.83 12.50 86.17
N PHE S 273 26.50 13.46 85.53
CA PHE S 273 27.43 13.16 84.46
C PHE S 273 28.72 12.50 84.97
N GLU S 274 29.23 12.99 86.09
CA GLU S 274 30.40 12.41 86.75
C GLU S 274 30.17 10.94 87.09
N ASN S 275 29.00 10.66 87.67
CA ASN S 275 28.63 9.28 87.99
C ASN S 275 28.54 8.41 86.75
N PHE S 276 27.93 8.96 85.69
CA PHE S 276 27.79 8.27 84.41
C PHE S 276 29.16 7.81 83.91
N ILE S 277 30.14 8.69 84.00
CA ILE S 277 31.48 8.42 83.51
C ILE S 277 32.28 7.47 84.44
N LYS S 278 32.14 7.64 85.77
CA LYS S 278 32.76 6.73 86.75
C LYS S 278 32.24 5.32 86.54
N GLU S 279 30.96 5.20 86.32
CA GLU S 279 30.35 3.89 86.08
C GLU S 279 30.81 3.26 84.76
N LEU S 280 31.04 4.09 83.74
CA LEU S 280 31.57 3.58 82.48
C LEU S 280 33.02 3.17 82.66
N GLU S 281 33.77 3.96 83.42
CA GLU S 281 35.15 3.64 83.74
C GLU S 281 35.24 2.27 84.39
N LYS S 282 34.37 2.01 85.37
CA LYS S 282 34.29 0.72 86.05
C LYS S 282 34.06 -0.45 85.09
N GLU S 283 33.36 -0.19 83.99
CA GLU S 283 33.04 -1.21 82.99
C GLU S 283 34.15 -1.43 81.98
N GLY S 284 35.20 -0.61 82.07
CA GLY S 284 36.41 -0.85 81.28
C GLY S 284 36.72 0.19 80.21
N PHE S 285 35.89 1.22 80.13
CA PHE S 285 36.16 2.34 79.22
C PHE S 285 37.34 3.13 79.73
N GLU S 286 38.26 3.46 78.84
CA GLU S 286 39.33 4.39 79.17
C GLU S 286 38.86 5.83 78.99
N ILE S 287 39.09 6.66 80.00
CA ILE S 287 38.59 8.03 80.02
C ILE S 287 39.74 9.04 79.88
N LYS S 288 39.71 9.83 78.81
CA LYS S 288 40.78 10.79 78.47
C LYS S 288 40.29 12.22 78.32
N GLU S 289 41.06 13.19 78.80
CA GLU S 289 40.73 14.57 78.54
C GLU S 289 41.15 14.90 77.11
N VAL S 290 40.28 15.55 76.33
CA VAL S 290 40.69 16.02 74.99
C VAL S 290 40.52 17.53 74.86
N SER S 291 41.09 18.09 73.78
CA SER S 291 40.95 19.48 73.44
C SER S 291 40.08 19.66 72.19
N LEU S 292 39.21 20.66 72.24
CA LEU S 292 38.51 21.15 71.07
C LEU S 292 38.60 22.67 71.18
N PRO S 293 39.74 23.25 70.77
CA PRO S 293 40.03 24.67 71.02
C PRO S 293 38.99 25.65 70.48
N HIS S 294 38.16 25.21 69.53
CA HIS S 294 37.20 26.09 68.87
C HIS S 294 35.75 25.95 69.32
N VAL S 295 35.42 24.93 70.13
CA VAL S 295 34.00 24.61 70.37
C VAL S 295 33.24 25.74 70.98
N LYS S 296 33.91 26.56 71.77
CA LYS S 296 33.20 27.67 72.41
C LYS S 296 32.58 28.56 71.36
N TYR S 297 33.11 28.51 70.14
CA TYR S 297 32.53 29.27 69.03
C TYR S 297 31.34 28.61 68.34
N SER S 298 30.92 27.45 68.81
CA SER S 298 29.84 26.69 68.17
C SER S 298 28.52 27.44 68.13
N ILE S 299 28.15 28.05 69.24
CA ILE S 299 26.89 28.82 69.34
C ILE S 299 26.84 30.01 68.36
N PRO S 300 27.84 30.89 68.39
CA PRO S 300 27.73 32.02 67.48
C PRO S 300 27.80 31.58 66.00
N THR S 301 28.58 30.55 65.74
CA THR S 301 28.64 29.95 64.43
C THR S 301 27.27 29.45 63.94
N TYR S 302 26.64 28.63 64.77
CA TYR S 302 25.29 28.09 64.50
C TYR S 302 24.26 29.19 64.32
N TYR S 303 24.34 30.22 65.14
CA TYR S 303 23.29 31.22 65.11
C TYR S 303 23.53 32.30 64.08
N ILE S 304 24.47 32.01 63.18
CA ILE S 304 24.59 32.74 61.92
C ILE S 304 24.22 31.80 60.77
N ILE S 305 24.77 30.59 60.75
CA ILE S 305 24.46 29.62 59.70
C ILE S 305 22.98 29.20 59.65
N ALA S 306 22.43 28.76 60.77
CA ALA S 306 21.05 28.26 60.80
C ALA S 306 20.04 29.29 60.34
N PRO S 307 19.98 30.51 60.98
CA PRO S 307 19.12 31.59 60.51
C PRO S 307 19.34 31.98 59.06
N SER S 308 20.56 31.91 58.56
CA SER S 308 20.78 32.24 57.17
C SER S 308 20.08 31.26 56.27
N GLU S 309 20.37 29.98 56.45
CA GLU S 309 19.77 28.95 55.61
C GLU S 309 18.26 28.94 55.83
N ALA S 310 17.82 29.24 57.05
CA ALA S 310 16.40 29.39 57.40
C ALA S 310 15.70 30.43 56.55
N SER S 311 16.29 31.63 56.44
CA SER S 311 15.67 32.73 55.71
C SER S 311 15.54 32.39 54.23
N SER S 312 16.47 31.59 53.72
CA SER S 312 16.40 31.13 52.32
C SER S 312 15.33 30.07 52.18
N ASN S 313 15.39 29.09 53.09
CA ASN S 313 14.48 27.95 53.03
C ASN S 313 13.03 28.31 53.27
N LEU S 314 12.79 29.48 53.85
CA LEU S 314 11.44 29.90 54.15
C LEU S 314 10.90 31.00 53.23
N ALA S 315 11.69 31.37 52.21
CA ALA S 315 11.25 32.36 51.21
C ALA S 315 10.05 31.86 50.42
N ARG S 316 9.86 30.53 50.38
CA ARG S 316 8.81 29.88 49.61
C ARG S 316 7.39 29.94 50.19
N TYR S 317 7.28 30.30 51.46
CA TYR S 317 5.99 30.49 52.12
C TYR S 317 5.52 31.91 51.85
N ASP S 318 4.65 32.03 50.85
CA ASP S 318 4.34 33.28 50.17
C ASP S 318 2.86 33.47 49.76
N GLY S 319 1.99 32.50 50.04
CA GLY S 319 0.57 32.61 49.72
C GLY S 319 0.21 32.37 48.26
N VAL S 320 1.15 31.88 47.48
CA VAL S 320 0.88 31.69 46.07
C VAL S 320 0.45 30.28 45.73
N ARG S 321 1.19 29.27 46.16
CA ARG S 321 0.93 27.91 45.67
C ARG S 321 0.24 27.01 46.71
N TYR S 322 0.30 27.40 47.99
CA TYR S 322 -0.24 26.58 49.09
C TYR S 322 -0.24 27.36 50.39
N GLY S 323 -0.91 26.77 51.39
CA GLY S 323 -0.91 27.33 52.74
C GLY S 323 -1.63 28.66 52.89
N TYR S 324 -1.31 29.34 53.98
CA TYR S 324 -2.00 30.56 54.38
C TYR S 324 -1.79 31.72 53.41
N ARG S 325 -2.84 32.53 53.27
CA ARG S 325 -2.78 33.80 52.57
C ARG S 325 -3.59 34.86 53.30
N ALA S 326 -2.97 36.01 53.56
CA ALA S 326 -3.67 37.13 54.23
C ALA S 326 -4.96 37.50 53.49
N LYS S 327 -5.95 37.96 54.25
CA LYS S 327 -7.26 38.26 53.68
C LYS S 327 -7.34 39.62 53.00
N GLU S 328 -6.66 40.63 53.57
CA GLU S 328 -6.63 41.99 53.01
C GLU S 328 -5.29 42.34 52.38
N TYR S 329 -5.31 42.72 51.11
CA TYR S 329 -4.11 43.21 50.41
C TYR S 329 -4.41 44.05 49.15
N LYS S 330 -3.68 45.15 48.98
CA LYS S 330 -3.94 46.06 47.88
C LYS S 330 -3.08 45.71 46.66
N ASP S 331 -2.02 44.94 46.90
CA ASP S 331 -1.12 44.54 45.82
C ASP S 331 -0.38 43.26 46.18
N ILE S 332 0.45 42.79 45.26
CA ILE S 332 1.16 41.53 45.44
C ILE S 332 2.24 41.63 46.51
N PHE S 333 2.77 42.83 46.68
CA PHE S 333 3.73 43.11 47.75
C PHE S 333 3.06 42.95 49.11
N GLU S 334 1.92 43.62 49.29
CA GLU S 334 1.16 43.47 50.53
C GLU S 334 0.73 42.03 50.74
N MET S 335 0.32 41.35 49.68
CA MET S 335 -0.08 39.97 49.82
C MET S 335 1.04 39.12 50.40
N TYR S 336 2.24 39.25 49.82
CA TYR S 336 3.44 38.59 50.30
C TYR S 336 3.74 38.99 51.75
N ALA S 337 3.92 40.28 52.01
CA ALA S 337 4.42 40.77 53.30
C ALA S 337 3.47 40.56 54.47
N ARG S 338 2.17 40.57 54.18
CA ARG S 338 1.12 40.37 55.17
C ARG S 338 0.89 38.88 55.45
N THR S 339 0.82 38.07 54.39
CA THR S 339 0.75 36.62 54.57
C THR S 339 1.85 36.14 55.52
N ARG S 340 3.05 36.67 55.34
CA ARG S 340 4.23 36.24 56.06
C ARG S 340 4.28 36.78 57.47
N ASP S 341 3.99 38.08 57.64
CA ASP S 341 3.97 38.66 58.99
C ASP S 341 2.91 38.00 59.85
N GLU S 342 1.78 37.67 59.23
CA GLU S 342 0.67 37.04 59.93
C GLU S 342 0.85 35.54 60.13
N GLY S 343 1.49 34.89 59.16
CA GLY S 343 1.63 33.43 59.16
C GLY S 343 2.80 32.91 59.95
N PHE S 344 3.83 33.75 60.12
CA PHE S 344 5.06 33.35 60.82
C PHE S 344 5.03 33.78 62.27
N GLY S 345 5.50 32.90 63.14
CA GLY S 345 5.63 33.20 64.56
C GLY S 345 6.82 34.08 64.85
N PRO S 346 7.01 34.46 66.14
CA PRO S 346 8.02 35.48 66.46
C PRO S 346 9.46 34.98 66.29
N GLU S 347 9.72 33.73 66.68
CA GLU S 347 11.08 33.25 66.61
C GLU S 347 11.47 33.07 65.16
N VAL S 348 10.52 32.60 64.35
CA VAL S 348 10.75 32.42 62.93
C VAL S 348 11.05 33.76 62.29
N LYS S 349 10.27 34.77 62.62
CA LYS S 349 10.49 36.10 62.06
C LYS S 349 11.86 36.64 62.42
N ARG S 350 12.30 36.37 63.65
CA ARG S 350 13.60 36.84 64.14
C ARG S 350 14.75 36.27 63.31
N ARG S 351 14.65 34.98 63.02
CA ARG S 351 15.70 34.29 62.29
C ARG S 351 15.66 34.63 60.81
N ILE S 352 14.46 34.87 60.30
CA ILE S 352 14.32 35.36 58.93
C ILE S 352 15.03 36.72 58.77
N MET S 353 14.78 37.64 59.71
CA MET S 353 15.43 38.95 59.70
C MET S 353 16.96 38.81 59.77
N LEU S 354 17.43 38.07 60.76
CA LEU S 354 18.85 37.86 60.96
C LEU S 354 19.49 37.21 59.73
N GLY S 355 18.85 36.18 59.21
CA GLY S 355 19.30 35.48 58.02
C GLY S 355 19.43 36.35 56.78
N THR S 356 18.44 37.22 56.53
CA THR S 356 18.53 38.06 55.32
C THR S 356 19.65 39.10 55.47
N PHE S 357 19.95 39.48 56.71
CA PHE S 357 21.06 40.38 56.99
C PHE S 357 22.39 39.65 56.77
N ALA S 358 22.53 38.48 57.39
CA ALA S 358 23.72 37.61 57.27
C ALA S 358 24.10 37.25 55.83
N LEU S 359 23.13 37.24 54.93
CA LEU S 359 23.37 36.90 53.54
C LEU S 359 23.50 38.11 52.66
N SER S 360 23.14 39.28 53.19
CA SER S 360 23.20 40.51 52.41
C SER S 360 24.62 40.88 52.02
N ALA S 361 24.81 41.33 50.79
CA ALA S 361 26.13 41.73 50.30
C ALA S 361 26.64 42.83 51.20
N GLY S 362 27.92 42.78 51.50
CA GLY S 362 28.45 43.75 52.44
C GLY S 362 28.55 43.15 53.82
N TYR S 363 27.72 42.16 54.12
CA TYR S 363 27.82 41.48 55.40
C TYR S 363 28.02 39.99 55.28
N TYR S 364 27.85 39.46 54.07
CA TYR S 364 28.00 38.03 53.81
C TYR S 364 29.36 37.47 54.27
N ASP S 365 30.45 38.15 53.88
CA ASP S 365 31.83 37.74 54.15
C ASP S 365 32.13 37.65 55.63
N ALA S 366 31.67 38.63 56.38
CA ALA S 366 31.90 38.65 57.82
C ALA S 366 30.94 37.76 58.63
N TYR S 367 29.83 37.35 58.00
CA TYR S 367 28.83 36.55 58.66
C TYR S 367 28.80 35.12 58.16
N TYR S 368 27.94 34.82 57.17
CA TYR S 368 27.74 33.44 56.71
C TYR S 368 29.06 32.80 56.28
N LEU S 369 29.79 33.48 55.41
CA LEU S 369 31.08 32.95 54.92
C LEU S 369 31.99 32.65 56.09
N LYS S 370 32.22 33.68 56.90
CA LYS S 370 33.06 33.54 58.06
C LYS S 370 32.66 32.33 58.93
N ALA S 371 31.36 32.18 59.17
CA ALA S 371 30.83 31.10 60.01
C ALA S 371 31.09 29.73 59.39
N GLN S 372 31.00 29.67 58.07
CA GLN S 372 31.18 28.43 57.39
C GLN S 372 32.65 28.01 57.47
N LYS S 373 33.53 29.00 57.65
CA LYS S 373 34.94 28.72 57.87
C LYS S 373 35.23 28.27 59.30
N VAL S 374 34.69 29.01 60.29
CA VAL S 374 34.85 28.62 61.69
C VAL S 374 34.28 27.23 61.91
N ARG S 375 33.27 26.89 61.12
CA ARG S 375 32.66 25.57 61.15
C ARG S 375 33.63 24.48 60.79
N ARG S 376 34.50 24.76 59.83
CA ARG S 376 35.53 23.79 59.42
C ARG S 376 36.59 23.65 60.50
N LEU S 377 36.94 24.77 61.12
CA LEU S 377 37.82 24.74 62.27
C LEU S 377 37.26 23.77 63.34
N ILE S 378 35.99 23.99 63.71
CA ILE S 378 35.29 23.19 64.72
C ILE S 378 35.27 21.72 64.29
N THR S 379 34.96 21.46 63.03
CA THR S 379 34.92 20.10 62.54
C THR S 379 36.28 19.46 62.72
N ASN S 380 37.33 20.21 62.39
CA ASN S 380 38.70 19.70 62.46
C ASN S 380 39.16 19.40 63.90
N ASP S 381 38.73 20.19 64.87
CA ASP S 381 38.94 19.84 66.27
C ASP S 381 38.49 18.43 66.52
N PHE S 382 37.28 18.11 66.11
CA PHE S 382 36.68 16.80 66.33
C PHE S 382 37.48 15.68 65.66
N LEU S 383 37.84 15.89 64.40
CA LEU S 383 38.57 14.91 63.62
C LEU S 383 39.90 14.55 64.28
N LYS S 384 40.54 15.57 64.84
CA LYS S 384 41.81 15.42 65.53
C LYS S 384 41.62 14.72 66.89
N ALA S 385 40.63 15.15 67.67
CA ALA S 385 40.28 14.46 68.91
C ALA S 385 39.88 13.01 68.66
N PHE S 386 39.33 12.70 67.51
CA PHE S 386 38.92 11.34 67.22
C PHE S 386 40.08 10.46 66.87
N GLU S 387 41.26 11.07 66.74
CA GLU S 387 42.48 10.30 66.55
C GLU S 387 42.90 9.59 67.85
N GLU S 388 42.64 10.25 68.98
CA GLU S 388 42.99 9.73 70.31
C GLU S 388 41.86 8.92 70.98
N VAL S 389 40.63 9.23 70.61
CA VAL S 389 39.46 8.78 71.36
C VAL S 389 38.37 8.26 70.41
N ASP S 390 37.41 7.48 70.91
CA ASP S 390 36.40 6.91 70.00
C ASP S 390 35.05 7.60 70.06
N VAL S 391 34.71 8.14 71.22
CA VAL S 391 33.51 8.93 71.36
C VAL S 391 33.84 10.09 72.24
N ILE S 392 33.03 11.14 72.15
CA ILE S 392 33.18 12.31 73.00
C ILE S 392 31.92 12.43 73.87
N ALA S 393 32.08 12.59 75.19
CA ALA S 393 30.92 12.64 76.07
C ALA S 393 30.78 13.98 76.78
N SER S 394 29.54 14.34 77.06
CA SER S 394 29.23 15.53 77.80
C SER S 394 27.83 15.34 78.33
N PRO S 395 27.42 16.18 79.27
CA PRO S 395 26.00 16.52 79.43
C PRO S 395 25.37 16.94 78.11
N THR S 396 24.12 16.56 77.89
CA THR S 396 23.39 16.94 76.68
C THR S 396 22.85 18.36 76.80
N THR S 397 22.37 18.71 77.98
CA THR S 397 22.08 20.10 78.31
C THR S 397 22.78 20.50 79.60
N PRO S 398 23.02 21.81 79.76
CA PRO S 398 23.66 22.34 80.96
C PRO S 398 22.75 22.41 82.19
N THR S 399 21.43 22.26 81.99
CA THR S 399 20.46 22.36 83.09
C THR S 399 19.43 21.25 83.05
N LEU S 400 18.70 21.11 84.15
CA LEU S 400 17.49 20.30 84.19
C LEU S 400 16.39 21.04 83.40
N PRO S 401 15.34 20.30 82.95
CA PRO S 401 14.18 20.91 82.29
C PRO S 401 13.76 22.17 83.00
N PHE S 402 13.63 23.26 82.26
CA PHE S 402 13.26 24.56 82.85
C PHE S 402 11.76 24.81 82.74
N LYS S 403 11.28 25.90 83.33
CA LYS S 403 9.84 26.13 83.38
C LYS S 403 9.36 26.99 82.21
N PHE S 404 8.07 26.89 81.89
CA PHE S 404 7.48 27.74 80.87
C PHE S 404 7.70 29.21 81.19
N GLY S 405 7.88 30.01 80.14
CA GLY S 405 8.08 31.45 80.28
C GLY S 405 9.47 31.82 80.73
N GLU S 406 10.26 30.82 81.14
CA GLU S 406 11.61 31.07 81.69
C GLU S 406 12.60 31.63 80.69
N ARG S 407 12.46 31.21 79.43
CA ARG S 407 13.41 31.56 78.42
C ARG S 407 12.73 32.20 77.24
N LEU S 408 11.70 32.99 77.54
CA LEU S 408 10.93 33.68 76.50
C LEU S 408 11.15 35.17 76.56
N GLU S 409 11.64 35.66 77.71
CA GLU S 409 11.91 37.07 77.89
C GLU S 409 12.98 37.58 76.90
N ASN S 410 14.22 37.10 77.06
CA ASN S 410 15.32 37.31 76.09
C ASN S 410 15.46 36.08 75.19
N PRO S 411 15.29 36.25 73.85
CA PRO S 411 15.37 35.11 72.94
C PRO S 411 16.70 34.40 73.10
N ILE S 412 17.74 35.15 73.45
CA ILE S 412 19.09 34.63 73.66
C ILE S 412 19.10 33.54 74.71
N GLU S 413 18.31 33.72 75.77
CA GLU S 413 18.27 32.73 76.86
C GLU S 413 17.83 31.37 76.34
N MET S 414 17.00 31.36 75.30
CA MET S 414 16.59 30.09 74.69
C MET S 414 17.72 29.46 73.86
N TYR S 415 18.51 30.31 73.20
CA TYR S 415 19.62 29.82 72.38
C TYR S 415 20.65 29.09 73.22
N LEU S 416 20.88 29.59 74.43
CA LEU S 416 21.86 29.03 75.36
C LEU S 416 21.55 27.58 75.82
N SER S 417 20.35 27.10 75.51
CA SER S 417 19.98 25.70 75.78
C SER S 417 20.76 24.73 74.90
N ASP S 418 21.31 25.23 73.80
CA ASP S 418 21.87 24.40 72.74
C ASP S 418 23.38 24.25 72.80
N ILE S 419 24.01 24.88 73.81
CA ILE S 419 25.49 25.02 73.87
C ILE S 419 26.24 23.70 73.79
N LEU S 420 25.63 22.62 74.25
CA LEU S 420 26.33 21.35 74.23
C LEU S 420 25.93 20.47 73.04
N THR S 421 24.89 20.90 72.32
CA THR S 421 24.30 20.10 71.24
C THR S 421 24.64 20.54 69.82
N VAL S 422 24.76 21.85 69.61
CA VAL S 422 25.00 22.40 68.28
C VAL S 422 26.24 21.77 67.63
N PRO S 423 27.31 21.66 68.41
CA PRO S 423 28.63 21.32 67.86
C PRO S 423 28.56 20.09 66.97
N ALA S 424 27.71 19.13 67.33
CA ALA S 424 27.62 17.87 66.60
C ALA S 424 27.04 18.09 65.21
N ASN S 425 26.11 19.02 65.10
CA ASN S 425 25.50 19.37 63.81
C ASN S 425 26.45 20.17 62.92
N LEU S 426 27.22 21.06 63.55
CA LEU S 426 28.22 21.83 62.83
C LEU S 426 29.21 20.91 62.16
N ALA S 427 29.63 19.87 62.86
CA ALA S 427 30.62 18.95 62.34
C ALA S 427 30.02 17.80 61.53
N GLY S 428 28.69 17.74 61.49
CA GLY S 428 27.99 16.72 60.73
C GLY S 428 28.07 15.33 61.34
N LEU S 429 28.36 15.27 62.65
CA LEU S 429 28.63 14.03 63.37
C LEU S 429 27.37 13.39 63.94
N PRO S 430 27.35 12.05 64.08
CA PRO S 430 26.25 11.46 64.82
C PRO S 430 26.36 11.78 66.30
N ALA S 431 25.23 11.81 67.00
CA ALA S 431 25.22 12.12 68.43
C ALA S 431 23.97 11.52 69.07
N ILE S 432 24.11 11.06 70.30
CA ILE S 432 23.03 10.36 70.96
C ILE S 432 22.87 10.94 72.34
N SER S 433 21.61 11.12 72.77
CA SER S 433 21.33 11.50 74.15
C SER S 433 20.67 10.30 74.83
N ILE S 434 21.20 9.98 76.02
CA ILE S 434 20.88 8.75 76.71
C ILE S 434 20.56 9.17 78.15
N PRO S 435 19.48 8.61 78.76
CA PRO S 435 19.11 8.93 80.14
C PRO S 435 20.16 8.41 81.12
N ILE S 436 20.69 9.27 81.99
CA ILE S 436 21.77 8.85 82.90
C ILE S 436 21.43 8.97 84.41
N ALA S 437 20.40 9.75 84.73
CA ALA S 437 20.00 9.97 86.11
C ALA S 437 18.63 10.61 86.14
N TRP S 438 18.03 10.60 87.34
CA TRP S 438 16.86 11.42 87.65
C TRP S 438 17.23 12.25 88.87
N LYS S 439 17.18 13.56 88.70
CA LYS S 439 17.65 14.48 89.73
C LYS S 439 16.51 15.42 90.08
N ASP S 440 16.08 15.36 91.34
CA ASP S 440 14.94 16.15 91.83
C ASP S 440 13.70 15.89 91.00
N GLY S 441 13.60 14.63 90.58
CA GLY S 441 12.44 14.12 89.84
C GLY S 441 12.49 14.27 88.33
N LEU S 442 13.56 14.87 87.81
CA LEU S 442 13.63 15.21 86.38
C LEU S 442 14.78 14.49 85.69
N PRO S 443 14.56 14.06 84.42
CA PRO S 443 15.57 13.32 83.69
C PRO S 443 16.79 14.17 83.40
N VAL S 444 17.94 13.51 83.34
CA VAL S 444 19.20 14.10 82.93
C VAL S 444 19.75 13.19 81.82
N GLY S 445 20.14 13.81 80.70
CA GLY S 445 20.67 13.09 79.56
C GLY S 445 22.17 13.23 79.48
N GLY S 446 22.83 12.12 79.12
CA GLY S 446 24.24 12.09 78.79
C GLY S 446 24.38 11.99 77.29
N GLN S 447 25.31 12.79 76.74
CA GLN S 447 25.54 12.85 75.31
C GLN S 447 26.81 12.14 74.90
N LEU S 448 26.71 11.31 73.87
CA LEU S 448 27.91 10.76 73.23
C LEU S 448 27.96 11.18 71.77
N ILE S 449 29.07 11.80 71.36
CA ILE S 449 29.27 12.20 69.96
C ILE S 449 30.24 11.21 69.33
N GLY S 450 29.85 10.65 68.19
CA GLY S 450 30.65 9.65 67.49
C GLY S 450 31.29 10.18 66.22
N LYS S 451 32.15 9.36 65.62
CA LYS S 451 32.77 9.75 64.36
C LYS S 451 31.77 9.56 63.25
N HIS S 452 32.06 10.16 62.10
CA HIS S 452 31.19 10.05 60.94
C HIS S 452 30.91 8.60 60.63
N TRP S 453 29.64 8.27 60.51
CA TRP S 453 29.17 6.91 60.14
C TRP S 453 29.28 5.86 61.25
N ASP S 454 29.67 6.31 62.44
CA ASP S 454 29.82 5.42 63.58
C ASP S 454 28.66 5.47 64.56
N GLU S 455 27.44 5.37 64.04
CA GLU S 455 26.24 5.25 64.85
C GLU S 455 26.28 3.97 65.70
N THR S 456 26.85 2.90 65.14
CA THR S 456 27.01 1.62 65.83
C THR S 456 27.55 1.77 67.25
N THR S 457 28.75 2.34 67.35
CA THR S 457 29.39 2.57 68.63
C THR S 457 28.49 3.32 69.64
N LEU S 458 27.96 4.46 69.22
CA LEU S 458 26.99 5.20 70.00
C LEU S 458 25.84 4.33 70.48
N LEU S 459 25.39 3.43 69.61
CA LEU S 459 24.29 2.53 69.94
C LEU S 459 24.71 1.43 70.91
N GLN S 460 25.93 0.96 70.76
CA GLN S 460 26.39 -0.10 71.59
C GLN S 460 26.52 0.39 73.04
N ILE S 461 27.22 1.50 73.22
CA ILE S 461 27.34 2.14 74.53
C ILE S 461 25.97 2.40 75.15
N SER S 462 25.02 2.82 74.34
CA SER S 462 23.66 3.06 74.79
C SER S 462 23.06 1.77 75.33
N TYR S 463 23.31 0.67 74.63
CA TYR S 463 22.80 -0.66 75.00
C TYR S 463 23.44 -1.20 76.29
N LEU S 464 24.74 -0.98 76.43
CA LEU S 464 25.43 -1.37 77.65
C LEU S 464 24.95 -0.52 78.83
N TRP S 465 24.70 0.77 78.60
CA TRP S 465 24.30 1.63 79.70
C TRP S 465 22.91 1.33 80.22
N GLU S 466 22.00 0.90 79.33
CA GLU S 466 20.63 0.56 79.75
C GLU S 466 20.54 -0.71 80.63
N GLN S 467 21.46 -1.65 80.37
CA GLN S 467 21.65 -2.84 81.20
C GLN S 467 21.98 -2.44 82.63
N LYS S 468 22.91 -1.50 82.77
CA LYS S 468 23.33 -1.03 84.08
C LYS S 468 22.19 -0.23 84.68
N PHE S 469 21.60 0.58 83.84
CA PHE S 469 20.58 1.52 84.33
C PHE S 469 19.34 1.48 83.46
N LYS S 470 18.29 0.86 83.98
CA LYS S 470 17.10 0.57 83.21
C LYS S 470 16.11 1.74 83.25
N HIS S 471 16.41 2.78 82.47
CA HIS S 471 15.59 4.01 82.40
C HIS S 471 14.25 3.76 81.74
N TYR S 472 14.14 2.65 81.01
CA TYR S 472 12.92 2.35 80.27
C TYR S 472 11.82 1.88 81.18
N GLU S 473 12.15 1.66 82.45
CA GLU S 473 11.15 1.23 83.45
C GLU S 473 10.52 2.43 84.12
N LYS S 474 11.19 3.57 84.07
CA LYS S 474 10.63 4.77 84.66
C LYS S 474 9.58 5.37 83.73
N ILE S 475 8.31 5.22 84.11
CA ILE S 475 7.17 5.66 83.31
C ILE S 475 6.39 6.72 84.05
N PRO S 476 6.27 7.90 83.45
CA PRO S 476 5.56 9.03 84.09
C PRO S 476 4.05 8.89 83.96
N LEU S 477 3.32 9.78 84.61
CA LEU S 477 1.86 9.72 84.62
C LEU S 477 1.38 8.28 84.76
N THR S 478 1.81 7.62 85.83
CA THR S 478 1.13 6.42 86.31
C THR S 478 0.98 5.38 85.20
N GLU T 3 30.38 60.94 12.25
CA GLU T 3 29.83 60.86 13.64
C GLU T 3 30.93 60.87 14.75
N LYS T 4 30.64 61.59 15.84
CA LYS T 4 31.57 61.87 16.95
C LYS T 4 31.60 60.81 18.06
N TYR T 5 30.54 60.00 18.16
CA TYR T 5 30.41 58.99 19.22
C TYR T 5 30.75 57.56 18.83
N GLU T 6 30.41 56.64 19.75
CA GLU T 6 30.73 55.23 19.64
C GLU T 6 29.80 54.50 20.62
N ALA T 7 29.01 53.60 20.08
CA ALA T 7 28.07 52.84 20.90
C ALA T 7 28.76 51.59 21.44
N VAL T 8 28.59 51.40 22.76
CA VAL T 8 29.14 50.24 23.47
C VAL T 8 27.97 49.40 23.90
N ILE T 9 27.97 48.16 23.47
CA ILE T 9 26.82 47.30 23.63
C ILE T 9 27.25 45.97 24.19
N GLY T 10 26.58 45.54 25.27
CA GLY T 10 26.79 44.21 25.84
C GLY T 10 25.48 43.46 25.94
N LEU T 11 25.55 42.13 25.88
CA LEU T 11 24.34 41.31 25.87
C LEU T 11 24.32 40.20 26.92
N GLU T 12 23.14 39.99 27.54
CA GLU T 12 22.86 38.90 28.48
C GLU T 12 21.79 38.00 27.90
N ILE T 13 22.22 36.85 27.41
CA ILE T 13 21.36 35.96 26.68
C ILE T 13 21.08 34.75 27.59
N HIS T 14 19.82 34.32 27.68
CA HIS T 14 19.51 33.09 28.41
C HIS T 14 19.09 31.99 27.43
N VAL T 15 19.85 30.93 27.33
CA VAL T 15 19.53 29.91 26.33
C VAL T 15 18.88 28.73 26.98
N GLN T 16 17.71 28.36 26.47
CA GLN T 16 17.03 27.21 27.00
C GLN T 16 17.60 25.91 26.41
N MET T 17 17.83 24.94 27.28
CA MET T 17 18.51 23.71 26.93
C MET T 17 17.57 22.61 26.46
N ASP T 18 17.92 22.01 25.34
CA ASP T 18 17.09 21.01 24.69
C ASP T 18 17.22 19.61 25.33
N THR T 19 16.94 19.55 26.63
CA THR T 19 16.90 18.31 27.41
C THR T 19 15.46 17.76 27.43
N LYS T 20 15.31 16.48 27.75
CA LYS T 20 13.96 15.90 27.87
C LYS T 20 13.34 16.31 29.18
N THR T 21 14.20 16.58 30.16
CA THR T 21 13.86 16.76 31.60
C THR T 21 14.30 18.13 32.16
N LYS T 22 13.61 18.61 33.19
CA LYS T 22 13.96 19.89 33.83
C LYS T 22 15.35 19.88 34.50
N MET T 23 15.75 21.02 35.05
CA MET T 23 17.11 21.12 35.62
C MET T 23 17.31 20.33 36.92
N PHE T 24 16.31 20.39 37.81
CA PHE T 24 16.46 19.79 39.13
C PHE T 24 15.40 18.73 39.48
N CYS T 25 14.61 18.29 38.49
CA CYS T 25 13.60 17.21 38.66
C CYS T 25 13.31 16.52 37.31
N GLY T 26 12.76 15.32 37.37
CA GLY T 26 12.51 14.53 36.14
C GLY T 26 11.22 14.83 35.39
N CYS T 27 10.60 15.99 35.70
CA CYS T 27 9.47 16.52 34.95
C CYS T 27 9.89 16.90 33.55
N LYS T 28 8.97 16.75 32.60
CA LYS T 28 9.32 16.92 31.20
C LYS T 28 9.41 18.40 30.82
N VAL T 29 10.33 18.67 29.91
CA VAL T 29 10.41 19.94 29.21
C VAL T 29 9.68 19.80 27.88
N GLU T 30 8.61 20.56 27.70
CA GLU T 30 7.89 20.65 26.43
C GLU T 30 7.14 21.99 26.29
N PHE T 31 6.84 22.37 25.05
CA PHE T 31 6.17 23.63 24.80
C PHE T 31 4.66 23.45 24.69
N GLY T 32 3.93 24.22 25.49
CA GLY T 32 2.52 24.48 25.21
C GLY T 32 1.62 23.39 25.74
N ALA T 33 2.01 22.79 26.85
CA ALA T 33 1.13 21.88 27.59
C ALA T 33 -0.01 22.64 28.26
N GLU T 34 -1.02 21.91 28.72
CA GLU T 34 -2.00 22.45 29.65
C GLU T 34 -1.34 22.88 30.95
N PRO T 35 -1.74 24.05 31.46
CA PRO T 35 -0.98 24.73 32.51
C PRO T 35 -0.89 23.90 33.78
N ASN T 36 0.27 23.91 34.41
CA ASN T 36 0.50 23.13 35.63
C ASN T 36 0.18 21.65 35.42
N THR T 37 0.96 21.00 34.57
CA THR T 37 0.75 19.59 34.27
C THR T 37 2.06 18.80 34.34
N ASN T 38 3.08 19.31 33.66
CA ASN T 38 4.42 18.75 33.77
C ASN T 38 5.18 19.30 34.97
N VAL T 39 4.78 18.87 36.16
CA VAL T 39 5.13 19.58 37.39
C VAL T 39 5.14 18.64 38.58
N CYS T 40 5.91 19.01 39.61
CA CYS T 40 6.13 18.12 40.76
C CYS T 40 6.56 18.94 42.00
N PRO T 41 6.68 18.26 43.17
CA PRO T 41 6.99 18.94 44.43
C PRO T 41 8.26 19.79 44.32
N VAL T 42 9.26 19.20 43.67
CA VAL T 42 10.56 19.84 43.52
C VAL T 42 10.38 21.15 42.77
N CYS T 43 9.93 21.10 41.52
CA CYS T 43 9.81 22.35 40.76
C CYS T 43 8.69 23.31 41.23
N LEU T 44 7.71 22.78 41.96
CA LEU T 44 6.62 23.60 42.50
C LEU T 44 7.01 24.45 43.73
N GLY T 45 8.24 24.23 44.19
CA GLY T 45 8.76 24.90 45.38
C GLY T 45 7.96 24.45 46.59
N MET T 46 7.74 23.15 46.69
CA MET T 46 6.95 22.64 47.80
C MET T 46 7.83 22.34 49.01
N PRO T 47 7.24 22.41 50.25
CA PRO T 47 8.08 22.14 51.40
C PRO T 47 8.61 20.69 51.33
N GLY T 48 9.91 20.56 51.62
CA GLY T 48 10.57 19.29 51.83
C GLY T 48 11.13 18.71 50.55
N ALA T 49 10.94 19.44 49.45
CA ALA T 49 11.36 18.97 48.15
C ALA T 49 12.79 19.48 47.85
N LEU T 50 13.60 18.61 47.24
CA LEU T 50 15.04 18.82 47.11
C LEU T 50 15.49 18.76 45.65
N PRO T 51 16.40 19.68 45.25
CA PRO T 51 16.85 19.77 43.87
C PRO T 51 17.84 18.67 43.55
N ILE T 52 17.76 18.12 42.34
CA ILE T 52 18.73 17.15 41.82
C ILE T 52 19.24 17.52 40.40
N VAL T 53 20.56 17.68 40.27
CA VAL T 53 21.19 18.06 39.00
C VAL T 53 20.90 17.14 37.80
N ASN T 54 20.50 17.79 36.70
CA ASN T 54 20.37 17.11 35.41
C ASN T 54 21.73 16.84 34.72
N LYS T 55 22.10 15.56 34.59
CA LYS T 55 23.35 15.18 33.95
C LYS T 55 23.50 15.69 32.52
N ARG T 56 22.44 15.59 31.71
CA ARG T 56 22.52 16.02 30.30
C ARG T 56 22.62 17.54 30.22
N ALA T 57 21.87 18.21 31.07
CA ALA T 57 22.01 19.66 31.19
C ALA T 57 23.47 20.06 31.41
N VAL T 58 24.18 19.30 32.24
CA VAL T 58 25.57 19.61 32.54
C VAL T 58 26.42 19.33 31.31
N GLU T 59 26.09 18.23 30.63
CA GLU T 59 26.80 17.85 29.42
C GLU T 59 26.67 18.93 28.34
N TYR T 60 25.44 19.33 28.00
CA TYR T 60 25.19 20.41 27.02
C TYR T 60 25.78 21.77 27.40
N ALA T 61 25.77 22.13 28.68
CA ALA T 61 26.40 23.39 29.13
C ALA T 61 27.92 23.40 28.98
N ILE T 62 28.53 22.23 29.09
CA ILE T 62 29.95 22.12 28.84
C ILE T 62 30.21 22.16 27.34
N ARG T 63 29.41 21.46 26.56
CA ARG T 63 29.54 21.46 25.11
C ARG T 63 29.47 22.90 24.63
N ALA T 64 28.47 23.62 25.11
CA ALA T 64 28.27 25.00 24.67
C ALA T 64 29.41 25.92 25.05
N SER T 65 29.98 25.72 26.24
CA SER T 65 31.08 26.55 26.70
C SER T 65 32.35 26.37 25.88
N LEU T 66 32.52 25.17 25.34
CA LEU T 66 33.69 24.80 24.56
C LEU T 66 33.51 25.35 23.15
N ALA T 67 32.30 25.15 22.62
CA ALA T 67 31.87 25.83 21.42
C ALA T 67 32.04 27.36 21.47
N LEU T 68 31.94 27.99 22.65
CA LEU T 68 32.19 29.45 22.72
C LEU T 68 33.62 29.78 23.15
N ASN T 69 34.49 28.75 23.05
CA ASN T 69 35.92 28.80 23.44
C ASN T 69 36.20 29.33 24.84
N CYS T 70 35.35 28.98 25.81
CA CYS T 70 35.55 29.39 27.19
C CYS T 70 36.39 28.37 27.89
N GLU T 71 37.07 28.83 28.94
CA GLU T 71 37.68 27.91 29.90
C GLU T 71 36.56 27.31 30.75
N VAL T 72 36.50 25.99 30.83
CA VAL T 72 35.50 25.33 31.66
C VAL T 72 36.18 24.92 32.95
N HIS T 73 35.61 25.37 34.07
CA HIS T 73 36.16 25.10 35.40
C HIS T 73 35.74 23.77 35.96
N GLU T 74 36.75 22.99 36.34
CA GLU T 74 36.52 21.71 36.94
C GLU T 74 35.52 21.84 38.11
N GLU T 75 35.63 22.92 38.88
CA GLU T 75 34.66 23.14 39.96
C GLU T 75 33.87 24.42 39.82
N SER T 76 32.54 24.30 39.89
CA SER T 76 31.65 25.45 39.95
C SER T 76 30.54 25.16 40.95
N VAL T 77 29.93 26.21 41.49
CA VAL T 77 28.99 26.05 42.60
C VAL T 77 27.64 26.67 42.29
N PHE T 78 26.56 25.93 42.48
CA PHE T 78 25.23 26.48 42.32
C PHE T 78 24.89 27.40 43.47
N ALA T 79 24.53 28.65 43.19
CA ALA T 79 24.18 29.60 44.25
C ALA T 79 22.68 29.86 44.26
N ARG T 80 22.19 30.40 45.35
CA ARG T 80 20.79 30.77 45.42
C ARG T 80 20.60 32.26 45.22
N LYS T 81 19.84 32.61 44.19
CA LYS T 81 19.55 34.01 43.87
C LYS T 81 18.14 34.28 44.37
N HIS T 82 18.01 35.16 45.37
CA HIS T 82 16.74 35.37 46.06
C HIS T 82 15.95 36.56 45.50
N TYR T 83 14.66 36.35 45.20
CA TYR T 83 13.70 37.47 44.95
C TYR T 83 12.27 36.98 44.98
N PHE T 84 11.33 37.91 45.23
CA PHE T 84 9.93 37.54 45.45
C PHE T 84 9.08 37.82 44.21
N TYR T 85 8.58 36.77 43.56
CA TYR T 85 7.74 36.91 42.35
C TYR T 85 6.99 35.58 42.08
N PRO T 86 5.71 35.68 41.67
CA PRO T 86 4.76 34.57 41.47
C PRO T 86 5.24 33.48 40.53
N ASP T 87 6.06 33.86 39.56
CA ASP T 87 6.63 32.84 38.67
C ASP T 87 7.85 32.16 39.27
N LEU T 88 8.22 32.54 40.51
CA LEU T 88 9.37 31.97 41.21
C LEU T 88 8.99 31.20 42.48
N PRO T 89 8.81 29.86 42.32
CA PRO T 89 8.21 29.02 43.35
C PRO T 89 9.00 28.94 44.67
N LYS T 90 10.33 28.98 44.62
CA LYS T 90 11.10 28.79 45.84
C LYS T 90 11.33 30.07 46.62
N GLY T 91 11.10 31.20 45.96
CA GLY T 91 11.55 32.48 46.49
C GLY T 91 13.02 32.76 46.14
N TYR T 92 13.61 31.88 45.34
CA TYR T 92 14.95 32.10 44.84
C TYR T 92 15.15 31.27 43.57
N GLN T 93 16.19 31.60 42.78
CA GLN T 93 16.57 30.82 41.62
C GLN T 93 17.90 30.15 41.90
N ILE T 94 17.96 28.86 41.61
CA ILE T 94 19.24 28.15 41.62
C ILE T 94 19.98 28.42 40.32
N SER T 95 21.16 29.02 40.45
CA SER T 95 21.98 29.46 39.32
C SER T 95 23.43 29.37 39.74
N GLN T 96 24.30 30.21 39.18
CA GLN T 96 25.68 30.25 39.60
C GLN T 96 26.07 31.69 39.75
N TYR T 97 27.02 32.09 40.67
CA TYR T 97 27.42 33.43 41.00
C TYR T 97 28.95 33.62 40.92
N GLU T 98 29.68 33.73 42.04
CA GLU T 98 31.12 33.48 41.94
C GLU T 98 31.14 31.99 41.59
N LYS T 99 32.29 31.50 41.13
CA LYS T 99 32.39 30.13 40.65
C LYS T 99 31.25 29.79 39.70
N PRO T 100 31.35 30.27 38.47
CA PRO T 100 30.48 29.79 37.38
C PRO T 100 31.18 28.72 36.54
N LEU T 101 30.42 28.08 35.65
CA LEU T 101 30.91 26.91 34.94
C LEU T 101 32.08 27.27 34.03
N ALA T 102 31.92 28.35 33.27
CA ALA T 102 32.83 28.66 32.16
C ALA T 102 32.93 30.17 31.95
N THR T 103 34.00 30.58 31.26
CA THR T 103 34.60 31.89 31.49
C THR T 103 35.64 32.21 30.43
N ASN T 104 35.78 33.50 30.10
CA ASN T 104 36.79 33.95 29.16
C ASN T 104 36.69 33.23 27.82
N GLY T 105 35.52 33.29 27.20
CA GLY T 105 35.35 32.80 25.83
C GLY T 105 35.22 33.91 24.78
N TRP T 106 34.92 33.48 23.56
CA TRP T 106 34.72 34.40 22.45
C TRP T 106 33.91 33.82 21.28
N VAL T 107 33.27 34.73 20.56
CA VAL T 107 32.55 34.41 19.34
C VAL T 107 33.05 35.28 18.18
N GLU T 108 33.23 34.70 17.01
CA GLU T 108 33.73 35.45 15.84
C GLU T 108 32.62 35.92 14.89
N LEU T 109 32.74 37.18 14.48
CA LEU T 109 31.69 37.87 13.70
C LEU T 109 32.09 38.29 12.27
N ASN T 110 31.52 37.60 11.28
CA ASN T 110 31.73 37.98 9.90
C ASN T 110 30.78 39.11 9.54
N LEU T 111 31.34 40.26 9.19
CA LEU T 111 30.56 41.46 8.94
C LEU T 111 30.27 41.62 7.45
N PRO T 112 29.22 42.37 7.13
CA PRO T 112 28.90 42.69 5.74
C PRO T 112 30.08 43.31 5.00
N ASN T 113 30.85 44.13 5.70
CA ASN T 113 31.86 44.96 5.05
C ASN T 113 33.27 44.42 5.29
N GLY T 114 33.66 43.41 4.51
CA GLY T 114 34.89 42.70 4.74
C GLY T 114 34.70 41.44 5.56
N GLU T 115 35.53 41.27 6.59
CA GLU T 115 35.55 40.03 7.36
C GLU T 115 35.05 40.26 8.79
N LYS T 116 35.99 40.39 9.72
CA LYS T 116 36.02 39.52 10.89
C LYS T 116 36.26 40.31 12.17
N LYS T 117 35.47 40.03 13.19
CA LYS T 117 35.68 40.61 14.51
C LYS T 117 35.28 39.66 15.62
N LYS T 118 35.83 39.87 16.81
CA LYS T 118 35.52 39.01 17.96
C LYS T 118 34.70 39.71 19.02
N VAL T 119 33.76 38.97 19.61
CA VAL T 119 33.07 39.41 20.80
C VAL T 119 33.33 38.37 21.89
N ARG T 120 33.64 38.85 23.08
CA ARG T 120 33.99 37.97 24.17
C ARG T 120 32.76 37.46 24.92
N ILE T 121 32.82 36.21 25.33
CA ILE T 121 31.89 35.69 26.31
C ILE T 121 32.52 35.89 27.70
N ARG T 122 31.88 36.68 28.55
CA ARG T 122 32.38 36.94 29.92
C ARG T 122 32.17 35.72 30.85
N ARG T 123 31.10 34.98 30.61
CA ARG T 123 30.65 33.93 31.51
C ARG T 123 29.56 33.07 30.83
N LEU T 124 29.56 31.77 31.08
CA LEU T 124 28.38 30.96 30.80
C LEU T 124 28.08 30.17 32.07
N HIS T 125 26.97 30.43 32.73
CA HIS T 125 26.60 29.54 33.83
C HIS T 125 25.27 28.83 33.64
N ILE T 126 25.00 27.91 34.58
CA ILE T 126 23.87 27.02 34.48
C ILE T 126 22.80 27.47 35.44
N GLU T 127 21.55 27.38 35.00
CA GLU T 127 20.46 27.60 35.91
C GLU T 127 19.09 27.11 35.47
N GLU T 128 18.17 27.26 36.39
CA GLU T 128 16.80 26.93 36.14
C GLU T 128 16.05 28.24 35.78
N ASP T 129 14.98 28.05 35.00
CA ASP T 129 14.03 29.06 34.53
C ASP T 129 12.91 29.20 35.55
N ALA T 130 12.27 30.36 35.56
CA ALA T 130 11.01 30.56 36.27
C ALA T 130 9.83 30.05 35.38
N GLY T 131 8.59 30.04 35.91
CA GLY T 131 7.43 29.76 35.05
C GLY T 131 6.89 31.04 34.40
N LYS T 132 5.63 31.02 33.93
CA LYS T 132 5.05 32.17 33.19
C LYS T 132 3.70 32.68 33.67
N ASN T 133 3.58 34.00 33.71
CA ASN T 133 2.36 34.72 34.05
C ASN T 133 1.51 35.20 32.87
N ILE T 134 0.23 34.84 32.91
CA ILE T 134 -0.78 35.35 32.01
C ILE T 134 -1.56 36.37 32.86
N HIS T 135 -1.80 37.54 32.32
CA HIS T 135 -2.60 38.54 33.02
C HIS T 135 -3.99 38.49 32.43
N GLU T 136 -4.98 38.62 33.31
CA GLU T 136 -6.37 38.36 32.96
C GLU T 136 -7.23 39.08 33.98
N GLY T 137 -7.58 40.32 33.66
CA GLY T 137 -8.41 41.15 34.52
C GLY T 137 -7.55 41.69 35.61
N ASP T 138 -8.06 41.67 36.83
CA ASP T 138 -7.31 42.18 37.98
C ASP T 138 -6.53 41.07 38.69
N LYS T 139 -6.47 39.92 38.02
CA LYS T 139 -5.66 38.79 38.45
C LYS T 139 -4.46 38.46 37.51
N THR T 140 -3.44 37.79 38.05
CA THR T 140 -2.38 37.16 37.26
C THR T 140 -2.47 35.62 37.38
N LEU T 141 -2.43 34.91 36.25
CA LEU T 141 -2.48 33.43 36.26
C LEU T 141 -1.14 32.77 36.03
N VAL T 142 -0.69 31.98 37.00
CA VAL T 142 0.66 31.43 37.00
C VAL T 142 0.75 29.97 36.57
N ASP T 143 1.38 29.72 35.41
CA ASP T 143 1.71 28.35 35.01
C ASP T 143 3.18 28.06 35.29
N LEU T 144 3.41 27.14 36.22
CA LEU T 144 4.76 26.77 36.58
C LEU T 144 5.36 25.68 35.70
N ASN T 145 4.76 25.39 34.56
CA ASN T 145 5.31 24.33 33.67
C ASN T 145 6.77 24.58 33.32
N ARG T 146 7.10 25.83 33.08
CA ARG T 146 8.42 26.21 32.60
C ARG T 146 9.42 26.35 33.75
N ALA T 147 8.93 26.64 34.97
CA ALA T 147 9.80 26.68 36.16
C ALA T 147 10.72 25.46 36.22
N GLY T 148 12.02 25.72 36.44
CA GLY T 148 13.05 24.68 36.56
C GLY T 148 13.59 24.14 35.25
N THR T 149 13.24 24.78 34.14
CA THR T 149 13.72 24.34 32.83
C THR T 149 15.16 24.81 32.70
N PRO T 150 16.06 23.95 32.19
CA PRO T 150 17.48 24.35 32.25
C PRO T 150 17.80 25.47 31.28
N LEU T 151 18.48 26.50 31.79
CA LEU T 151 19.01 27.58 30.95
C LEU T 151 20.53 27.69 31.10
N MET T 152 21.18 28.25 30.08
CA MET T 152 22.55 28.68 30.20
C MET T 152 22.43 30.19 30.18
N GLU T 153 22.92 30.90 31.20
CA GLU T 153 22.97 32.35 31.12
C GLU T 153 24.29 32.73 30.53
N ILE T 154 24.25 33.38 29.36
CA ILE T 154 25.43 33.78 28.57
C ILE T 154 25.65 35.30 28.56
N VAL T 155 26.81 35.75 28.98
CA VAL T 155 27.01 37.16 29.19
C VAL T 155 28.19 37.63 28.36
N THR T 156 27.99 38.68 27.57
CA THR T 156 29.02 39.19 26.68
C THR T 156 29.76 40.31 27.37
N GLU T 157 31.01 40.52 27.00
CA GLU T 157 31.68 41.79 27.34
C GLU T 157 31.04 42.96 26.54
N PRO T 158 31.35 44.21 26.88
CA PRO T 158 30.81 45.24 25.99
C PRO T 158 31.67 45.48 24.72
N ASP T 159 31.86 44.41 23.95
CA ASP T 159 32.64 44.43 22.72
C ASP T 159 31.87 44.87 21.43
N ILE T 160 30.55 44.76 21.49
CA ILE T 160 29.65 45.02 20.37
C ILE T 160 29.52 46.51 20.16
N ARG T 161 29.64 46.92 18.89
CA ARG T 161 29.75 48.31 18.51
C ARG T 161 28.57 48.85 17.69
N THR T 162 27.68 47.99 17.24
CA THR T 162 26.72 48.41 16.25
C THR T 162 25.44 47.59 16.32
N PRO T 163 24.29 48.18 15.93
CA PRO T 163 23.04 47.43 16.02
C PRO T 163 23.10 46.17 15.18
N GLU T 164 23.77 46.24 14.04
CA GLU T 164 23.82 45.11 13.15
C GLU T 164 24.63 43.98 13.77
N GLU T 165 25.79 44.35 14.34
CA GLU T 165 26.66 43.41 15.04
C GLU T 165 25.90 42.73 16.13
N ALA T 166 25.14 43.52 16.89
CA ALA T 166 24.24 42.98 17.88
C ALA T 166 23.38 41.86 17.28
N ARG T 167 22.69 42.14 16.15
CA ARG T 167 21.88 41.11 15.48
C ARG T 167 22.74 39.94 14.94
N LEU T 168 23.86 40.28 14.31
CA LEU T 168 24.78 39.27 13.80
C LEU T 168 25.33 38.35 14.91
N PHE T 169 25.60 38.93 16.08
CA PHE T 169 26.08 38.16 17.23
C PHE T 169 25.04 37.13 17.62
N LEU T 170 23.83 37.64 17.83
CA LEU T 170 22.71 36.84 18.22
C LEU T 170 22.51 35.73 17.22
N GLU T 171 22.71 36.04 15.94
CA GLU T 171 22.52 35.06 14.86
C GLU T 171 23.55 33.94 14.91
N LYS T 172 24.82 34.32 15.12
CA LYS T 172 25.93 33.37 15.22
C LYS T 172 25.83 32.51 16.50
N LEU T 173 25.52 33.14 17.61
CA LEU T 173 25.20 32.41 18.83
C LEU T 173 24.11 31.39 18.58
N ARG T 174 23.03 31.81 17.96
CA ARG T 174 21.96 30.89 17.63
C ARG T 174 22.52 29.67 16.86
N ASN T 175 23.32 29.95 15.84
CA ASN T 175 23.71 28.92 14.90
C ASN T 175 24.65 27.89 15.52
N ILE T 176 25.49 28.35 16.45
CA ILE T 176 26.45 27.47 17.10
C ILE T 176 25.71 26.55 18.09
N MET T 177 24.79 27.13 18.85
CA MET T 177 23.97 26.38 19.77
C MET T 177 23.29 25.27 19.01
N ARG T 178 22.73 25.61 17.85
CA ARG T 178 22.07 24.63 17.01
C ARG T 178 23.01 23.57 16.47
N TYR T 179 24.19 24.00 16.00
CA TYR T 179 25.17 23.10 15.42
C TYR T 179 25.73 22.17 16.49
N ALA T 180 25.89 22.73 17.69
CA ALA T 180 26.33 21.97 18.87
C ALA T 180 25.27 21.01 19.31
N GLY T 181 24.02 21.36 19.02
CA GLY T 181 22.89 20.51 19.29
C GLY T 181 22.50 20.62 20.73
N VAL T 182 22.66 21.81 21.31
CA VAL T 182 22.36 22.03 22.72
C VAL T 182 20.98 22.65 22.95
N SER T 183 20.56 23.47 22.02
CA SER T 183 19.28 24.16 22.09
C SER T 183 18.74 24.28 20.66
N LYS T 184 17.43 24.42 20.51
CA LYS T 184 16.86 24.85 19.23
C LYS T 184 17.06 26.37 19.07
N ALA T 185 17.01 27.09 20.19
CA ALA T 185 17.45 28.48 20.27
C ALA T 185 16.66 29.48 19.43
N ASP T 186 15.42 29.11 19.10
CA ASP T 186 14.51 29.97 18.33
C ASP T 186 13.84 30.92 19.34
N MET T 187 14.05 32.24 19.17
CA MET T 187 13.41 33.24 20.05
C MET T 187 11.88 33.10 20.14
N GLU T 188 11.25 32.64 19.05
CA GLU T 188 9.77 32.46 18.97
C GLU T 188 9.16 31.58 20.09
N LYS T 189 9.76 30.42 20.33
CA LYS T 189 9.34 29.54 21.42
C LYS T 189 10.07 29.87 22.71
N GLY T 190 10.65 31.06 22.79
CA GLY T 190 11.25 31.56 24.01
C GLY T 190 12.44 30.74 24.44
N GLN T 191 13.09 30.10 23.48
CA GLN T 191 14.29 29.30 23.75
C GLN T 191 15.54 30.18 23.79
N LEU T 192 15.37 31.47 23.49
CA LEU T 192 16.44 32.43 23.58
C LEU T 192 15.89 33.75 23.93
N ARG T 193 16.36 34.28 25.05
CA ARG T 193 15.95 35.60 25.49
C ARG T 193 17.17 36.50 25.40
N CYS T 194 16.96 37.82 25.40
CA CYS T 194 18.11 38.71 25.30
C CYS T 194 17.90 40.05 25.95
N ASP T 195 18.61 40.28 27.05
CA ASP T 195 18.64 41.60 27.71
C ASP T 195 19.72 42.46 27.06
N ILE T 196 19.36 43.67 26.67
CA ILE T 196 20.31 44.57 26.01
C ILE T 196 20.84 45.62 26.97
N ASN T 197 22.14 45.92 26.87
CA ASN T 197 22.83 46.89 27.71
C ASN T 197 23.62 47.80 26.81
N VAL T 198 23.42 49.10 26.92
CA VAL T 198 23.99 50.02 25.93
C VAL T 198 24.34 51.40 26.45
N SER T 199 25.54 51.83 26.08
CA SER T 199 26.08 53.12 26.43
C SER T 199 26.81 53.76 25.24
N ILE T 200 26.86 55.09 25.23
CA ILE T 200 27.63 55.85 24.23
C ILE T 200 28.87 56.54 24.84
N ARG T 201 29.79 56.94 23.97
CA ARG T 201 31.15 57.26 24.37
C ARG T 201 31.75 58.13 23.27
N PRO T 202 32.40 59.28 23.63
CA PRO T 202 33.17 60.03 22.62
C PRO T 202 34.22 59.14 21.94
N LYS T 203 34.14 59.05 20.61
CA LYS T 203 34.95 58.11 19.82
C LYS T 203 36.42 58.07 20.24
N GLY T 204 36.99 56.86 20.28
CA GLY T 204 38.38 56.67 20.69
C GLY T 204 38.54 56.54 22.20
N SER T 205 37.94 57.47 22.94
CA SER T 205 38.09 57.51 24.39
C SER T 205 37.81 56.14 25.01
N LYS T 206 38.57 55.80 26.04
CA LYS T 206 38.63 54.43 26.53
C LYS T 206 37.69 54.23 27.71
N GLU T 207 37.11 55.32 28.20
CA GLU T 207 36.29 55.29 29.40
C GLU T 207 34.82 55.09 29.08
N PHE T 208 34.02 54.84 30.10
CA PHE T 208 32.75 54.14 29.94
C PHE T 208 31.57 55.06 30.22
N GLY T 209 30.73 55.26 29.21
CA GLY T 209 29.49 56.01 29.38
C GLY T 209 28.43 55.21 30.10
N THR T 210 27.45 55.91 30.66
CA THR T 210 26.53 55.31 31.62
C THR T 210 25.55 54.36 30.92
N ARG T 211 25.02 53.41 31.68
CA ARG T 211 24.43 52.20 31.09
C ARG T 211 22.90 52.07 31.21
N VAL T 212 22.24 51.86 30.06
CA VAL T 212 20.80 51.60 30.00
C VAL T 212 20.54 50.14 29.61
N GLU T 213 19.57 49.53 30.28
CA GLU T 213 19.16 48.21 29.90
C GLU T 213 17.81 48.27 29.21
N ILE T 214 17.69 47.56 28.09
CA ILE T 214 16.41 47.43 27.42
C ILE T 214 15.97 45.97 27.48
N LYS T 215 14.90 45.71 28.23
CA LYS T 215 14.48 44.34 28.50
C LYS T 215 13.31 43.93 27.61
N ASN T 216 13.22 42.63 27.33
CA ASN T 216 11.98 42.04 26.85
C ASN T 216 11.81 42.18 25.34
N VAL T 217 12.92 42.05 24.62
CA VAL T 217 12.92 42.27 23.17
C VAL T 217 12.97 40.94 22.42
N ASN T 218 11.99 40.73 21.55
CA ASN T 218 11.55 39.36 21.19
C ASN T 218 12.01 38.73 19.87
N SER T 219 12.67 39.51 19.02
CA SER T 219 13.15 39.02 17.71
C SER T 219 14.51 39.62 17.45
N PHE T 220 15.34 38.90 16.69
CA PHE T 220 16.64 39.44 16.38
C PHE T 220 16.46 40.82 15.76
N ARG T 221 15.52 40.92 14.82
CA ARG T 221 15.23 42.18 14.11
C ARG T 221 14.89 43.29 15.10
N PHE T 222 14.08 42.93 16.10
CA PHE T 222 13.67 43.90 17.09
C PHE T 222 14.82 44.40 18.00
N VAL T 223 15.88 43.60 18.17
CA VAL T 223 17.05 44.07 18.94
C VAL T 223 17.80 45.15 18.16
N GLN T 224 17.89 44.96 16.85
CA GLN T 224 18.52 45.92 15.97
C GLN T 224 17.76 47.26 15.99
N LYS T 225 16.43 47.18 15.80
CA LYS T 225 15.60 48.38 15.86
C LYS T 225 15.74 49.10 17.21
N ALA T 226 15.54 48.33 18.30
CA ALA T 226 15.61 48.88 19.65
C ALA T 226 16.88 49.67 19.83
N LEU T 227 18.00 49.01 19.50
CA LEU T 227 19.32 49.62 19.61
C LEU T 227 19.47 50.88 18.77
N GLU T 228 19.14 50.78 17.47
CA GLU T 228 19.21 51.92 16.54
C GLU T 228 18.60 53.17 17.16
N TYR T 229 17.43 52.98 17.77
CA TYR T 229 16.74 54.07 18.42
C TYR T 229 17.44 54.54 19.70
N GLU T 230 17.85 53.59 20.55
CA GLU T 230 18.43 53.91 21.85
C GLU T 230 19.73 54.70 21.71
N ILE T 231 20.59 54.28 20.77
CA ILE T 231 21.75 55.09 20.36
C ILE T 231 21.29 56.48 19.92
N GLU T 232 20.29 56.53 19.01
CA GLU T 232 19.68 57.78 18.53
C GLU T 232 19.23 58.65 19.71
N ARG T 233 18.51 58.04 20.64
CA ARG T 233 18.03 58.72 21.82
C ARG T 233 19.19 59.29 22.66
N GLN T 234 20.20 58.46 22.88
CA GLN T 234 21.31 58.81 23.78
C GLN T 234 22.13 59.98 23.25
N ILE T 235 22.60 59.86 22.02
CA ILE T 235 23.35 60.93 21.37
C ILE T 235 22.58 62.27 21.45
N ASN T 236 21.26 62.22 21.20
CA ASN T 236 20.42 63.41 21.35
C ASN T 236 20.66 64.06 22.70
N VAL T 237 20.22 63.38 23.77
CA VAL T 237 20.36 63.89 25.14
C VAL T 237 21.72 64.55 25.36
N VAL T 238 22.80 63.81 25.09
CA VAL T 238 24.16 64.23 25.38
C VAL T 238 24.57 65.52 24.64
N GLU T 239 24.28 65.59 23.34
CA GLU T 239 24.66 66.78 22.56
C GLU T 239 23.71 67.96 22.78
N GLU T 240 22.55 67.68 23.41
CA GLU T 240 21.63 68.70 23.90
C GLU T 240 22.04 69.21 25.28
N GLY T 241 23.32 69.00 25.63
CA GLY T 241 23.93 69.52 26.87
C GLY T 241 23.49 68.89 28.19
N GLY T 242 22.82 67.74 28.11
CA GLY T 242 22.36 67.02 29.31
C GLY T 242 22.99 65.64 29.55
N GLU T 243 22.65 65.06 30.69
CA GLU T 243 23.20 63.76 31.09
C GLU T 243 22.29 62.61 30.66
N VAL T 244 22.87 61.53 30.16
CA VAL T 244 22.12 60.29 29.94
C VAL T 244 21.95 59.59 31.31
N VAL T 245 20.73 59.14 31.59
CA VAL T 245 20.39 58.57 32.90
C VAL T 245 20.37 57.02 32.89
N GLN T 246 20.71 56.42 34.03
CA GLN T 246 20.77 54.96 34.13
C GLN T 246 19.44 54.33 34.59
N GLU T 247 18.89 53.46 33.73
CA GLU T 247 17.56 52.89 33.92
C GLU T 247 17.41 51.58 33.15
N THR T 248 16.36 50.83 33.46
CA THR T 248 15.86 49.82 32.54
C THR T 248 14.78 50.49 31.67
N ARG T 249 14.72 50.11 30.39
CA ARG T 249 13.69 50.61 29.47
C ARG T 249 13.00 49.44 28.77
N THR T 250 12.05 49.77 27.89
CA THR T 250 11.30 48.74 27.16
C THR T 250 11.22 49.10 25.69
N PHE T 251 10.84 48.13 24.86
CA PHE T 251 10.72 48.35 23.43
C PHE T 251 9.37 47.90 22.87
N ASP T 252 8.66 48.80 22.20
CA ASP T 252 7.41 48.46 21.49
C ASP T 252 7.62 48.19 20.00
N PRO T 253 7.52 46.90 19.58
CA PRO T 253 7.60 46.53 18.18
C PRO T 253 6.92 47.56 17.28
N GLN T 254 5.61 47.80 17.51
CA GLN T 254 4.77 48.67 16.63
C GLN T 254 5.41 50.01 16.27
N THR T 255 5.79 50.78 17.29
CA THR T 255 6.35 52.10 17.10
C THR T 255 7.86 52.12 16.86
N GLY T 256 8.52 51.00 17.16
CA GLY T 256 9.99 50.92 17.07
C GLY T 256 10.76 51.83 18.02
N LYS T 257 10.19 52.15 19.18
CA LYS T 257 10.80 53.08 20.13
C LYS T 257 11.00 52.46 21.51
N THR T 258 11.97 53.01 22.25
CA THR T 258 12.17 52.62 23.67
C THR T 258 11.59 53.65 24.63
N TYR T 259 11.10 53.13 25.78
CA TYR T 259 10.45 53.94 26.81
C TYR T 259 10.91 53.56 28.23
N PRO T 260 11.24 54.57 29.05
CA PRO T 260 11.48 54.34 30.46
C PRO T 260 10.21 53.83 31.10
N MET T 261 10.31 53.29 32.32
CA MET T 261 9.14 52.77 33.03
C MET T 261 8.55 53.78 34.03
N ARG T 262 7.27 53.60 34.34
CA ARG T 262 6.55 54.46 35.29
C ARG T 262 6.81 54.07 36.75
N THR T 263 7.70 53.10 36.95
CA THR T 263 8.02 52.60 38.29
C THR T 263 9.50 52.80 38.67
N LYS T 264 9.74 53.72 39.61
CA LYS T 264 11.05 53.94 40.24
C LYS T 264 11.41 52.80 41.22
N GLU T 265 10.99 51.59 40.84
CA GLU T 265 11.26 50.33 41.56
C GLU T 265 12.66 49.80 41.23
N GLU T 266 13.56 49.92 42.21
CA GLU T 266 14.95 49.50 42.09
C GLU T 266 15.08 47.97 42.10
N ALA T 267 16.32 47.47 42.12
CA ALA T 267 16.56 46.05 42.41
C ALA T 267 16.80 45.85 43.91
N GLU T 268 16.89 44.58 44.32
CA GLU T 268 17.11 44.23 45.71
C GLU T 268 18.19 43.19 45.78
N ASP T 269 19.07 43.37 46.77
CA ASP T 269 20.16 42.46 47.08
C ASP T 269 19.74 40.98 46.84
N TYR T 270 20.45 40.27 45.96
CA TYR T 270 20.05 38.88 45.70
C TYR T 270 20.46 37.89 46.79
N ARG T 271 21.10 38.41 47.84
CA ARG T 271 21.51 37.61 48.98
C ARG T 271 22.01 36.24 48.52
N TYR T 272 22.98 36.29 47.62
CA TYR T 272 23.59 35.11 47.01
C TYR T 272 24.33 34.24 48.03
N PHE T 273 24.28 32.93 47.85
CA PHE T 273 25.10 32.00 48.63
C PHE T 273 24.97 30.59 48.10
N PRO T 274 25.97 29.73 48.34
CA PRO T 274 25.85 28.35 47.83
C PRO T 274 24.57 27.65 48.29
N ASP T 275 23.97 26.84 47.41
CA ASP T 275 22.76 26.13 47.77
C ASP T 275 23.15 25.01 48.67
N PRO T 276 22.64 25.01 49.91
CA PRO T 276 23.07 23.94 50.80
C PRO T 276 22.38 22.63 50.51
N ASP T 277 21.43 22.61 49.57
CA ASP T 277 20.89 21.31 49.13
C ASP T 277 21.76 20.64 48.07
N LEU T 278 22.83 21.31 47.65
CA LEU T 278 23.63 20.84 46.52
C LEU T 278 25.14 20.92 46.80
N VAL T 279 25.84 19.82 46.53
CA VAL T 279 27.30 19.82 46.59
C VAL T 279 27.78 20.49 45.33
N PRO T 280 29.04 21.05 45.33
CA PRO T 280 29.49 21.75 44.12
C PRO T 280 29.61 20.82 42.92
N LEU T 281 29.56 21.45 41.74
CA LEU T 281 29.64 20.74 40.50
C LEU T 281 31.10 20.48 40.17
N LYS T 282 31.53 19.27 40.47
CA LYS T 282 32.85 18.84 40.10
C LYS T 282 32.78 18.18 38.73
N VAL T 283 33.50 18.78 37.79
CA VAL T 283 33.55 18.33 36.42
C VAL T 283 34.91 17.71 36.13
N LYS T 284 34.94 16.39 35.96
CA LYS T 284 36.16 15.66 35.61
C LYS T 284 36.79 16.22 34.33
N LYS T 285 38.12 16.31 34.32
CA LYS T 285 38.87 16.74 33.13
C LYS T 285 38.60 15.81 31.98
N GLU T 286 38.43 14.53 32.31
CA GLU T 286 38.32 13.46 31.34
C GLU T 286 37.02 13.51 30.58
N TRP T 287 36.02 14.13 31.21
CA TRP T 287 34.71 14.34 30.61
C TRP T 287 34.78 15.52 29.63
N ILE T 288 35.44 16.59 30.04
CA ILE T 288 35.75 17.69 29.13
C ILE T 288 36.48 17.20 27.85
N GLU T 289 37.51 16.36 28.02
CA GLU T 289 38.25 15.73 26.91
C GLU T 289 37.33 14.89 26.04
N GLU T 290 36.41 14.18 26.67
CA GLU T 290 35.46 13.33 25.96
C GLU T 290 34.46 14.12 25.12
N ILE T 291 33.99 15.25 25.66
CA ILE T 291 33.06 16.13 24.95
C ILE T 291 33.80 16.83 23.82
N LYS T 292 35.00 17.31 24.12
CA LYS T 292 35.84 18.04 23.16
C LYS T 292 36.11 17.19 21.94
N LYS T 293 36.56 15.96 22.18
CA LYS T 293 36.86 14.98 21.15
C LYS T 293 35.62 14.64 20.32
N ASN T 294 34.46 14.50 20.97
CA ASN T 294 33.24 14.10 20.25
C ASN T 294 32.36 15.25 19.80
N MET T 295 32.87 16.47 19.89
CA MET T 295 32.12 17.66 19.55
C MET T 295 31.71 17.60 18.09
N PRO T 296 30.40 17.73 17.79
CA PRO T 296 29.85 17.87 16.43
C PRO T 296 30.51 19.02 15.69
N GLU T 297 30.45 19.00 14.36
CA GLU T 297 30.97 20.14 13.59
C GLU T 297 30.25 21.48 13.82
N LEU T 298 31.05 22.53 13.91
CA LEU T 298 30.56 23.88 14.16
C LEU T 298 30.57 24.64 12.85
N PRO T 299 29.80 25.75 12.77
CA PRO T 299 29.65 26.57 11.58
C PRO T 299 30.98 26.97 10.91
N ASP T 300 31.91 27.53 11.69
CA ASP T 300 33.19 28.01 11.14
C ASP T 300 34.02 26.88 10.57
N GLN T 301 33.97 25.70 11.20
CA GLN T 301 34.61 24.50 10.67
C GLN T 301 33.94 24.02 9.40
N ARG T 302 32.62 23.84 9.43
CA ARG T 302 31.90 23.38 8.24
C ARG T 302 32.23 24.31 7.07
N PHE T 303 32.09 25.62 7.29
CA PHE T 303 32.34 26.64 6.27
C PHE T 303 33.59 26.42 5.42
N GLU T 304 34.75 26.32 6.07
CA GLU T 304 35.99 26.00 5.36
C GLU T 304 35.94 24.60 4.70
N ARG T 305 35.31 23.61 5.36
CA ARG T 305 35.24 22.26 4.79
C ARG T 305 34.41 22.18 3.51
N LEU T 306 33.32 22.94 3.44
CA LEU T 306 32.51 22.95 2.25
C LEU T 306 33.29 23.52 1.05
N ILE T 307 33.94 24.68 1.26
CA ILE T 307 34.80 25.35 0.27
C ILE T 307 35.86 24.41 -0.31
N LYS T 308 36.64 23.76 0.55
CA LYS T 308 37.61 22.78 0.08
C LYS T 308 36.94 21.57 -0.53
N GLU T 309 36.33 20.73 0.30
CA GLU T 309 35.76 19.45 -0.17
C GLU T 309 34.89 19.54 -1.45
N TYR T 310 34.18 20.64 -1.64
CA TYR T 310 33.17 20.77 -2.70
C TYR T 310 33.39 21.92 -3.69
N GLY T 311 34.45 22.70 -3.50
CA GLY T 311 34.78 23.80 -4.40
C GLY T 311 33.84 25.00 -4.29
N LEU T 312 32.82 24.89 -3.42
CA LEU T 312 31.84 25.95 -3.22
C LEU T 312 32.45 27.32 -3.03
N SER T 313 31.72 28.34 -3.45
CA SER T 313 32.14 29.73 -3.27
C SER T 313 31.82 30.16 -1.85
N GLU T 314 32.40 31.26 -1.43
CA GLU T 314 32.09 31.90 -0.13
C GLU T 314 30.63 32.39 0.00
N TYR T 315 30.04 32.80 -1.12
CA TYR T 315 28.60 33.12 -1.22
C TYR T 315 27.73 31.88 -0.97
N GLU T 316 28.11 30.78 -1.62
CA GLU T 316 27.36 29.53 -1.56
C GLU T 316 27.38 28.82 -0.20
N ALA T 317 28.57 28.50 0.29
CA ALA T 317 28.73 27.86 1.61
C ALA T 317 28.18 28.71 2.78
N GLY T 318 28.31 30.04 2.68
CA GLY T 318 27.66 30.96 3.62
C GLY T 318 26.17 30.70 3.70
N ILE T 319 25.54 30.44 2.56
CA ILE T 319 24.13 30.10 2.53
C ILE T 319 23.86 28.78 3.21
N LEU T 320 24.65 27.76 2.85
CA LEU T 320 24.42 26.38 3.33
C LEU T 320 24.68 26.19 4.81
N VAL T 321 25.44 27.15 5.39
CA VAL T 321 25.95 27.04 6.75
C VAL T 321 25.11 27.83 7.73
N ASN T 322 24.70 29.02 7.31
CA ASN T 322 23.80 29.83 8.14
C ASN T 322 22.39 29.24 8.34
N HIS T 323 22.16 28.12 7.64
CA HIS T 323 20.93 27.36 7.76
C HIS T 323 21.33 25.88 7.70
N LYS T 324 21.60 25.30 8.87
CA LYS T 324 22.20 23.94 8.89
C LYS T 324 21.49 23.03 7.92
N GLU T 325 20.17 23.10 7.89
CA GLU T 325 19.34 22.08 7.26
C GLU T 325 19.41 22.13 5.74
N VAL T 326 19.80 23.28 5.23
CA VAL T 326 20.04 23.42 3.82
C VAL T 326 21.29 22.62 3.48
N GLY T 327 22.35 22.88 4.23
CA GLY T 327 23.63 22.22 4.02
C GLY T 327 23.60 20.71 4.19
N ASP T 328 22.79 20.23 5.12
CA ASP T 328 22.67 18.78 5.37
C ASP T 328 22.03 18.11 4.15
N PHE T 329 20.97 18.76 3.65
CA PHE T 329 20.31 18.41 2.40
C PHE T 329 21.37 18.34 1.29
N PHE T 330 22.05 19.46 1.04
CA PHE T 330 23.09 19.50 0.02
C PHE T 330 24.05 18.29 0.07
N GLU T 331 24.56 17.98 1.26
CA GLU T 331 25.52 16.90 1.39
C GLU T 331 24.90 15.51 1.25
N GLU T 332 23.63 15.38 1.62
CA GLU T 332 22.93 14.14 1.36
C GLU T 332 22.70 13.99 -0.15
N ALA T 333 22.41 15.12 -0.79
CA ALA T 333 22.20 15.14 -2.24
C ALA T 333 23.49 14.79 -3.00
N VAL T 334 24.58 15.50 -2.73
CA VAL T 334 25.85 15.25 -3.42
C VAL T 334 26.28 13.80 -3.28
N ARG T 335 25.75 13.12 -2.27
CA ARG T 335 26.09 11.74 -1.99
C ARG T 335 25.51 10.84 -3.09
N HIS T 336 24.27 11.13 -3.49
CA HIS T 336 23.57 10.38 -4.55
C HIS T 336 24.03 10.68 -6.00
N PHE T 337 24.75 11.78 -6.21
CA PHE T 337 25.39 12.10 -7.51
C PHE T 337 26.49 13.15 -7.31
N LYS T 338 27.75 12.75 -7.50
CA LYS T 338 28.93 13.55 -7.08
C LYS T 338 29.19 14.81 -7.94
N GLU T 339 28.11 15.49 -8.31
CA GLU T 339 28.18 16.77 -9.00
C GLU T 339 27.78 17.85 -7.98
N PRO T 340 28.78 18.36 -7.23
CA PRO T 340 28.49 19.35 -6.21
C PRO T 340 28.07 20.70 -6.81
N LYS T 341 28.83 21.17 -7.80
CA LYS T 341 28.66 22.53 -8.35
C LYS T 341 27.32 22.72 -9.11
N GLY T 342 26.80 21.64 -9.67
CA GLY T 342 25.47 21.65 -10.27
C GLY T 342 24.38 21.70 -9.21
N ILE T 343 24.48 20.84 -8.21
CA ILE T 343 23.45 20.75 -7.18
C ILE T 343 23.26 22.04 -6.40
N VAL T 344 24.34 22.68 -5.93
CA VAL T 344 24.23 24.00 -5.26
C VAL T 344 23.45 25.03 -6.09
N ASN T 345 23.75 25.04 -7.38
CA ASN T 345 23.04 25.88 -8.30
C ASN T 345 21.54 25.64 -8.17
N TRP T 346 21.13 24.40 -8.40
CA TRP T 346 19.71 24.02 -8.47
C TRP T 346 19.02 24.08 -7.12
N LEU T 347 19.76 23.73 -6.07
CA LEU T 347 19.34 23.97 -4.68
C LEU T 347 19.05 25.46 -4.37
N ILE T 348 20.07 26.32 -4.50
CA ILE T 348 19.95 27.75 -4.19
C ILE T 348 18.96 28.52 -5.08
N ASN T 349 19.01 28.22 -6.38
CA ASN T 349 18.38 29.06 -7.41
C ASN T 349 16.97 28.66 -7.81
N ASP T 350 16.64 27.41 -7.52
CA ASP T 350 15.32 26.90 -7.87
C ASP T 350 14.55 26.44 -6.65
N LEU T 351 15.10 25.42 -5.98
CA LEU T 351 14.47 24.72 -4.84
C LEU T 351 14.07 25.59 -3.63
N LEU T 352 15.03 26.31 -3.10
CA LEU T 352 14.79 27.23 -1.98
C LEU T 352 13.68 28.25 -2.24
N GLY T 353 13.72 28.88 -3.42
CA GLY T 353 12.80 29.99 -3.73
C GLY T 353 11.38 29.47 -3.81
N LEU T 354 11.24 28.27 -4.39
CA LEU T 354 9.96 27.60 -4.56
C LEU T 354 9.30 27.30 -3.21
N LEU T 355 10.05 26.61 -2.35
CA LEU T 355 9.61 26.25 -1.00
C LEU T 355 9.31 27.48 -0.13
N ARG T 356 10.08 28.55 -0.29
CA ARG T 356 9.76 29.81 0.38
C ARG T 356 8.34 30.26 0.03
N ASP T 357 7.96 30.09 -1.24
CA ASP T 357 6.67 30.56 -1.76
C ASP T 357 5.48 29.76 -1.23
N LYS T 358 5.68 28.45 -1.07
CA LYS T 358 4.68 27.58 -0.44
C LYS T 358 4.64 27.81 1.07
N GLY T 359 5.78 28.23 1.63
CA GLY T 359 5.91 28.42 3.08
C GLY T 359 6.38 27.14 3.73
N ILE T 360 7.02 26.29 2.94
CA ILE T 360 7.53 24.99 3.40
C ILE T 360 9.04 25.05 3.66
N SER T 361 9.47 24.47 4.77
CA SER T 361 10.87 24.43 5.14
C SER T 361 11.57 23.24 4.45
N ILE T 362 12.89 23.35 4.34
CA ILE T 362 13.73 22.37 3.64
C ILE T 362 13.75 20.97 4.28
N GLU T 363 13.40 20.91 5.57
CA GLU T 363 13.21 19.65 6.26
C GLU T 363 12.00 18.96 5.64
N GLU T 364 10.93 19.73 5.44
CA GLU T 364 9.63 19.21 5.03
C GLU T 364 9.46 18.96 3.52
N SER T 365 10.45 19.37 2.72
CA SER T 365 10.31 19.44 1.25
C SER T 365 9.98 18.09 0.59
N PRO T 366 9.02 18.12 -0.36
CA PRO T 366 8.72 16.92 -1.14
C PRO T 366 9.93 16.44 -1.93
N VAL T 367 10.72 17.38 -2.47
CA VAL T 367 11.94 17.00 -3.19
C VAL T 367 12.94 16.61 -2.13
N LYS T 368 13.27 15.32 -2.10
CA LYS T 368 14.28 14.82 -1.17
C LYS T 368 15.64 14.87 -1.86
N PRO T 369 16.74 14.99 -1.08
CA PRO T 369 18.09 15.09 -1.65
C PRO T 369 18.42 14.11 -2.81
N GLU T 370 17.77 12.94 -2.83
CA GLU T 370 17.90 11.94 -3.92
C GLU T 370 17.36 12.48 -5.23
N HIS T 371 16.22 13.17 -5.12
CA HIS T 371 15.51 13.72 -6.27
C HIS T 371 16.28 14.82 -6.95
N LEU T 372 16.81 15.77 -6.16
CA LEU T 372 17.61 16.84 -6.72
C LEU T 372 18.84 16.25 -7.38
N ALA T 373 19.45 15.27 -6.72
CA ALA T 373 20.56 14.50 -7.29
C ALA T 373 20.15 13.76 -8.57
N GLU T 374 18.92 13.27 -8.60
CA GLU T 374 18.42 12.62 -9.80
C GLU T 374 18.18 13.62 -10.93
N LEU T 375 17.51 14.74 -10.60
CA LEU T 375 17.22 15.80 -11.57
C LEU T 375 18.48 16.46 -12.13
N VAL T 376 19.44 16.77 -11.26
CA VAL T 376 20.71 17.35 -11.71
C VAL T 376 21.53 16.34 -12.58
N LYS T 377 21.28 15.05 -12.38
CA LYS T 377 21.86 14.00 -13.23
C LYS T 377 21.33 14.02 -14.69
N LEU T 378 20.01 14.12 -14.84
CA LEU T 378 19.32 14.28 -16.13
C LEU T 378 19.76 15.53 -16.94
N ILE T 379 19.99 16.64 -16.24
CA ILE T 379 20.50 17.87 -16.87
C ILE T 379 21.93 17.70 -17.39
N LYS T 380 22.79 17.10 -16.56
CA LYS T 380 24.20 16.88 -16.87
C LYS T 380 24.37 15.90 -18.04
N GLU T 381 23.64 14.78 -17.98
CA GLU T 381 23.75 13.74 -19.00
C GLU T 381 22.95 14.07 -20.25
N LYS T 382 22.50 15.32 -20.32
CA LYS T 382 21.77 15.89 -21.46
C LYS T 382 20.46 15.15 -21.78
N VAL T 383 19.82 14.60 -20.75
CA VAL T 383 18.62 13.78 -20.92
C VAL T 383 17.35 14.63 -21.00
N ILE T 384 17.35 15.75 -20.27
CA ILE T 384 16.37 16.84 -20.44
C ILE T 384 17.09 18.19 -20.47
N SER T 385 16.34 19.22 -20.83
CA SER T 385 16.91 20.56 -20.97
C SER T 385 16.68 21.40 -19.73
N THR T 386 17.58 22.36 -19.52
CA THR T 386 17.45 23.38 -18.49
C THR T 386 16.05 24.00 -18.50
N LYS T 387 15.55 24.37 -19.68
CA LYS T 387 14.15 24.79 -19.83
C LYS T 387 13.14 23.79 -19.24
N ILE T 388 13.31 22.49 -19.55
CA ILE T 388 12.39 21.42 -19.17
C ILE T 388 12.59 21.06 -17.70
N GLY T 389 13.84 21.09 -17.28
CA GLY T 389 14.19 20.86 -15.89
C GLY T 389 13.46 21.80 -14.96
N LYS T 390 13.40 23.08 -15.33
CA LYS T 390 12.79 24.12 -14.49
C LYS T 390 11.30 23.97 -14.38
N GLU T 391 10.72 23.28 -15.37
CA GLU T 391 9.30 22.88 -15.38
C GLU T 391 9.03 21.61 -14.52
N VAL T 392 9.94 20.63 -14.59
CA VAL T 392 9.80 19.43 -13.77
C VAL T 392 10.10 19.65 -12.27
N ILE T 393 11.11 20.46 -11.96
CA ILE T 393 11.38 20.82 -10.57
C ILE T 393 10.17 21.54 -9.95
N LYS T 394 9.49 22.37 -10.75
CA LYS T 394 8.26 23.05 -10.31
C LYS T 394 7.17 22.08 -9.91
N GLU T 395 7.04 21.00 -10.68
CA GLU T 395 6.02 20.02 -10.39
C GLU T 395 6.52 18.96 -9.41
N MET T 396 7.84 18.86 -9.27
CA MET T 396 8.41 18.05 -8.18
C MET T 396 7.89 18.60 -6.86
N VAL T 397 8.09 19.91 -6.67
CA VAL T 397 7.53 20.65 -5.52
C VAL T 397 6.00 20.55 -5.46
N GLU T 398 5.33 20.76 -6.59
CA GLU T 398 3.86 20.74 -6.65
C GLU T 398 3.23 19.42 -6.17
N THR T 399 3.87 18.30 -6.50
CA THR T 399 3.35 16.98 -6.20
C THR T 399 4.19 16.22 -5.17
N GLY T 400 5.42 15.91 -5.56
CA GLY T 400 6.26 15.03 -4.78
C GLY T 400 6.76 13.84 -5.59
N LYS T 401 6.41 13.82 -6.87
CA LYS T 401 6.86 12.76 -7.75
C LYS T 401 8.33 12.98 -8.11
N THR T 402 9.05 11.88 -8.29
CA THR T 402 10.48 11.86 -8.69
C THR T 402 10.74 12.60 -10.02
N PRO T 403 11.98 13.10 -10.25
CA PRO T 403 12.38 13.53 -11.58
C PRO T 403 11.93 12.58 -12.71
N SER T 404 12.36 11.31 -12.65
CA SER T 404 12.05 10.32 -13.70
C SER T 404 10.55 9.97 -13.81
N GLN T 405 9.82 10.13 -12.71
CA GLN T 405 8.38 9.97 -12.72
C GLN T 405 7.64 10.98 -13.63
N ILE T 406 7.95 12.28 -13.53
CA ILE T 406 7.34 13.30 -14.42
C ILE T 406 7.87 13.29 -15.87
N VAL T 407 9.15 12.93 -16.00
CA VAL T 407 9.80 12.73 -17.31
C VAL T 407 8.98 11.79 -18.21
N GLU T 408 8.74 10.56 -17.75
CA GLU T 408 7.96 9.60 -18.55
C GLU T 408 6.47 9.98 -18.65
N GLU T 409 5.86 10.30 -17.51
CA GLU T 409 4.44 10.67 -17.45
C GLU T 409 4.03 11.69 -18.52
N LYS T 410 4.91 12.63 -18.83
CA LYS T 410 4.63 13.65 -19.83
C LYS T 410 5.57 13.53 -21.03
N GLY T 411 6.25 12.39 -21.13
CA GLY T 411 6.98 12.04 -22.33
C GLY T 411 8.39 12.57 -22.34
N LEU T 412 9.36 11.68 -22.12
CA LEU T 412 10.61 11.71 -22.86
C LEU T 412 11.39 10.42 -22.68
N VAL U 2 20.41 48.91 67.05
CA VAL U 2 20.30 49.14 65.58
C VAL U 2 18.99 49.90 65.24
N ASP U 3 18.99 50.59 64.10
CA ASP U 3 17.94 51.56 63.73
C ASP U 3 16.53 51.01 63.49
N ARG U 4 15.54 51.90 63.61
CA ARG U 4 14.18 51.60 63.18
C ARG U 4 14.25 51.31 61.69
N GLU U 5 14.83 52.30 61.00
CA GLU U 5 15.04 52.32 59.58
C GLU U 5 15.60 50.99 59.06
N TRP U 6 16.66 50.51 59.73
CA TRP U 6 17.34 49.24 59.44
C TRP U 6 16.35 48.07 59.39
N VAL U 7 15.62 47.92 60.50
CA VAL U 7 14.61 46.88 60.67
C VAL U 7 13.57 46.84 59.54
N LEU U 8 13.09 48.02 59.13
CA LEU U 8 12.14 48.15 58.01
C LEU U 8 12.73 47.64 56.68
N LYS U 9 14.01 47.96 56.47
CA LYS U 9 14.71 47.69 55.22
C LYS U 9 14.86 46.17 55.02
N ILE U 10 15.31 45.52 56.09
CA ILE U 10 15.53 44.08 56.14
C ILE U 10 14.19 43.38 55.97
N ALA U 11 13.20 43.84 56.73
CA ALA U 11 11.84 43.32 56.64
C ALA U 11 11.29 43.43 55.22
N LYS U 12 11.62 44.53 54.54
CA LYS U 12 11.14 44.72 53.18
C LYS U 12 11.74 43.66 52.27
N LEU U 13 13.05 43.45 52.43
CA LEU U 13 13.80 42.42 51.74
C LEU U 13 13.22 41.05 52.01
N ALA U 14 12.77 40.88 53.26
CA ALA U 14 12.29 39.61 53.72
C ALA U 14 10.80 39.42 53.45
N ARG U 15 10.13 40.50 53.06
CA ARG U 15 8.69 40.46 52.83
C ARG U 15 7.97 40.10 54.11
N LEU U 16 8.18 40.94 55.12
CA LEU U 16 7.41 40.92 56.34
C LEU U 16 6.93 42.34 56.52
N GLU U 17 5.62 42.54 56.48
CA GLU U 17 5.04 43.83 56.83
C GLU U 17 4.83 43.86 58.33
N LEU U 18 5.84 44.35 59.04
CA LEU U 18 5.82 44.32 60.50
C LEU U 18 4.75 45.21 61.09
N LYS U 19 4.05 44.69 62.10
CA LYS U 19 3.19 45.52 62.91
C LYS U 19 4.07 46.33 63.87
N GLU U 20 3.58 47.51 64.25
CA GLU U 20 4.36 48.49 65.00
C GLU U 20 5.00 47.96 66.32
N GLU U 21 4.34 47.04 67.00
CA GLU U 21 4.88 46.43 68.24
C GLU U 21 6.22 45.77 67.93
N GLU U 22 6.17 44.90 66.91
CA GLU U 22 7.28 44.09 66.42
C GLU U 22 8.49 44.95 66.08
N ILE U 23 8.27 46.04 65.35
CA ILE U 23 9.34 47.00 65.03
C ILE U 23 10.13 47.46 66.27
N GLU U 24 9.43 47.78 67.37
CA GLU U 24 10.09 48.26 68.59
C GLU U 24 10.78 47.12 69.33
N VAL U 25 10.14 45.94 69.33
CA VAL U 25 10.68 44.70 69.95
C VAL U 25 11.93 44.16 69.21
N PHE U 26 11.78 43.90 67.91
CA PHE U 26 12.85 43.34 67.08
C PHE U 26 14.03 44.27 66.93
N GLN U 27 13.89 45.53 67.34
CA GLN U 27 15.04 46.39 67.45
C GLN U 27 15.95 45.92 68.56
N LYS U 28 15.40 45.79 69.77
CA LYS U 28 16.20 45.43 70.92
C LYS U 28 16.73 44.03 70.73
N GLN U 29 15.83 43.12 70.38
CA GLN U 29 16.13 41.68 70.27
C GLN U 29 17.22 41.41 69.27
N LEU U 30 17.07 41.93 68.07
CA LEU U 30 18.10 41.76 67.06
C LEU U 30 19.44 42.40 67.45
N SER U 31 19.42 43.63 67.93
CA SER U 31 20.64 44.27 68.45
C SER U 31 21.33 43.39 69.47
N ASP U 32 20.55 42.85 70.41
CA ASP U 32 21.05 41.91 71.42
C ASP U 32 21.72 40.74 70.73
N ILE U 33 20.97 40.07 69.85
CA ILE U 33 21.44 38.88 69.14
C ILE U 33 22.68 39.14 68.28
N LEU U 34 22.73 40.31 67.62
CA LEU U 34 23.92 40.71 66.87
C LEU U 34 25.15 40.88 67.73
N ASP U 35 24.95 41.31 68.98
CA ASP U 35 26.04 41.50 69.93
C ASP U 35 26.35 40.13 70.43
N PHE U 36 25.30 39.33 70.54
CA PHE U 36 25.44 37.97 71.01
C PHE U 36 26.28 37.12 70.05
N ILE U 37 26.02 37.19 68.75
CA ILE U 37 26.69 36.29 67.83
C ILE U 37 28.02 36.84 67.35
N ASP U 38 28.39 38.01 67.85
CA ASP U 38 29.56 38.72 67.35
C ASP U 38 30.92 38.24 67.90
N GLN U 39 31.05 36.96 68.20
CA GLN U 39 32.32 36.46 68.78
C GLN U 39 33.41 36.07 67.78
N LEU U 40 33.09 35.99 66.48
CA LEU U 40 33.98 35.30 65.49
C LEU U 40 35.20 36.09 64.94
N LYS U 41 35.18 37.42 65.03
CA LYS U 41 36.26 38.24 64.52
C LYS U 41 37.63 37.82 65.05
N GLU U 42 37.66 37.34 66.29
CA GLU U 42 38.91 37.06 66.99
C GLU U 42 39.68 35.94 66.33
N LEU U 43 38.95 35.10 65.59
CA LEU U 43 39.51 33.94 64.93
C LEU U 43 40.01 34.28 63.55
N ASP U 44 41.17 33.73 63.18
CA ASP U 44 41.77 33.94 61.86
C ASP U 44 41.30 32.84 60.89
N THR U 45 40.62 33.24 59.81
CA THR U 45 40.07 32.28 58.83
C THR U 45 40.54 32.46 57.39
N GLU U 46 41.39 33.46 57.13
CA GLU U 46 42.17 33.48 55.90
C GLU U 46 42.87 32.16 55.91
N ASN U 47 42.96 31.51 54.78
CA ASN U 47 43.56 30.17 54.77
C ASN U 47 42.77 29.05 55.44
N VAL U 48 41.46 29.22 55.57
CA VAL U 48 40.54 28.15 55.98
C VAL U 48 39.44 28.03 54.92
N GLU U 49 39.15 26.83 54.42
CA GLU U 49 38.11 26.71 53.38
C GLU U 49 36.72 26.70 54.01
N PRO U 50 35.73 27.38 53.41
CA PRO U 50 34.38 27.20 53.96
C PRO U 50 33.99 25.72 54.01
N TYR U 51 33.24 25.36 55.05
CA TYR U 51 32.82 23.98 55.25
C TYR U 51 31.96 23.47 54.12
N ILE U 52 32.33 22.34 53.55
CA ILE U 52 31.38 21.59 52.74
C ILE U 52 31.44 20.18 53.26
N GLN U 53 30.36 19.42 53.11
CA GLN U 53 30.39 17.99 53.38
C GLN U 53 31.29 17.30 52.37
N GLU U 54 31.91 16.20 52.76
CA GLU U 54 32.72 15.39 51.83
C GLU U 54 31.86 14.68 50.79
N PHE U 55 32.43 14.41 49.62
CA PHE U 55 31.73 13.70 48.53
C PHE U 55 32.76 13.44 47.45
N GLU U 56 32.75 12.26 46.84
CA GLU U 56 33.78 11.98 45.84
C GLU U 56 33.42 12.59 44.48
N GLU U 57 32.13 12.51 44.14
CA GLU U 57 31.66 12.88 42.82
C GLU U 57 30.31 13.61 42.93
N THR U 58 30.11 14.64 42.11
CA THR U 58 28.84 15.37 42.11
C THR U 58 27.69 14.41 41.74
N PRO U 59 26.66 14.30 42.61
CA PRO U 59 25.48 13.49 42.33
C PRO U 59 24.58 14.09 41.26
N MET U 60 24.54 13.40 40.12
CA MET U 60 23.73 13.81 38.99
C MET U 60 22.81 12.64 38.67
N ARG U 61 21.80 12.94 37.87
CA ARG U 61 20.67 12.09 37.63
C ARG U 61 20.51 12.01 36.11
N GLU U 62 20.00 10.91 35.57
CA GLU U 62 19.85 10.81 34.10
C GLU U 62 18.72 11.73 33.57
N ASP U 63 18.80 12.09 32.30
CA ASP U 63 17.73 12.90 31.69
C ASP U 63 16.51 12.07 31.23
N GLU U 64 15.83 11.42 32.17
CA GLU U 64 14.66 10.55 31.89
C GLU U 64 13.48 11.03 32.68
N PRO U 65 12.35 11.31 32.00
CA PRO U 65 11.15 11.82 32.66
C PRO U 65 10.66 10.93 33.83
N HIS U 66 10.37 11.55 34.98
CA HIS U 66 9.67 10.87 36.07
C HIS U 66 8.25 11.39 36.05
N PRO U 67 7.26 10.51 36.26
CA PRO U 67 5.85 10.93 36.17
C PRO U 67 5.59 12.11 37.08
N SER U 68 5.14 13.23 36.51
CA SER U 68 4.79 14.39 37.29
C SER U 68 3.67 14.10 38.29
N LEU U 69 3.46 15.07 39.16
CA LEU U 69 2.37 15.06 40.10
C LEU U 69 1.08 15.31 39.33
N ASP U 70 -0.01 14.71 39.78
CA ASP U 70 -1.34 14.93 39.25
C ASP U 70 -1.70 16.39 39.55
N ARG U 71 -2.17 17.11 38.52
CA ARG U 71 -2.50 18.53 38.66
C ARG U 71 -3.46 18.83 39.82
N GLU U 72 -4.33 17.89 40.14
CA GLU U 72 -5.27 18.06 41.24
C GLU U 72 -4.57 18.19 42.63
N LYS U 73 -3.59 17.32 42.87
CA LYS U 73 -2.79 17.34 44.11
C LYS U 73 -1.84 18.52 44.13
N ALA U 74 -1.38 18.92 42.94
CA ALA U 74 -0.53 20.07 42.78
C ALA U 74 -1.29 21.39 42.94
N LEU U 75 -2.61 21.35 42.82
CA LEU U 75 -3.38 22.56 43.00
C LEU U 75 -4.20 22.58 44.29
N MET U 76 -4.55 21.41 44.83
CA MET U 76 -5.46 21.32 45.96
C MET U 76 -5.20 22.32 47.08
N ASN U 77 -3.94 22.61 47.36
CA ASN U 77 -3.59 23.49 48.47
C ASN U 77 -3.67 24.98 48.16
N ALA U 78 -3.91 25.30 46.89
CA ALA U 78 -3.83 26.67 46.42
C ALA U 78 -4.92 27.60 46.96
N PRO U 79 -4.52 28.75 47.54
CA PRO U 79 -5.45 29.77 48.03
C PRO U 79 -6.50 30.18 46.98
N GLU U 80 -6.08 30.43 45.73
CA GLU U 80 -7.01 30.66 44.61
C GLU U 80 -6.54 30.01 43.32
N ARG U 81 -7.40 29.23 42.67
CA ARG U 81 -6.99 28.54 41.44
C ARG U 81 -8.00 28.70 40.28
N LYS U 82 -7.52 28.79 39.04
CA LYS U 82 -8.40 29.01 37.87
C LYS U 82 -7.89 28.34 36.62
N ASP U 83 -8.72 27.47 36.07
CA ASP U 83 -8.43 26.75 34.81
C ASP U 83 -7.13 25.95 34.77
N GLY U 84 -6.66 25.47 35.94
CA GLY U 84 -5.35 24.83 36.07
C GLY U 84 -4.19 25.78 36.41
N PHE U 85 -4.50 27.07 36.63
CA PHE U 85 -3.51 28.11 36.97
C PHE U 85 -3.61 28.50 38.44
N PHE U 86 -2.47 28.84 39.05
CA PHE U 86 -2.44 29.50 40.36
C PHE U 86 -2.89 30.92 40.15
N VAL U 87 -3.53 31.52 41.14
CA VAL U 87 -4.06 32.84 40.87
C VAL U 87 -3.62 33.88 41.90
N VAL U 88 -3.12 34.99 41.41
CA VAL U 88 -2.67 36.04 42.32
C VAL U 88 -3.09 37.43 41.87
N PRO U 89 -3.10 38.41 42.79
CA PRO U 89 -3.40 39.75 42.27
C PRO U 89 -2.46 40.08 41.14
N ARG U 90 -2.99 40.74 40.12
CA ARG U 90 -2.23 41.09 38.94
C ARG U 90 -0.86 41.69 39.32
N VAL U 91 0.12 41.53 38.44
CA VAL U 91 1.44 42.11 38.65
C VAL U 91 1.83 43.02 37.48
N VAL U 92 2.37 44.17 37.79
CA VAL U 92 2.58 45.19 36.79
C VAL U 92 1.26 45.45 36.10
N MET V 1 6.60 56.82 0.29
CA MET V 1 7.38 56.05 1.32
C MET V 1 8.91 56.20 1.10
N LEU V 2 9.28 57.31 0.45
CA LEU V 2 10.68 57.75 0.28
C LEU V 2 11.43 57.06 -0.85
N TRP V 3 11.62 55.75 -0.75
CA TRP V 3 12.19 55.00 -1.87
C TRP V 3 11.20 54.97 -3.03
N LYS V 4 9.95 55.31 -2.73
CA LYS V 4 8.87 55.40 -3.71
C LYS V 4 8.85 56.77 -4.37
N LYS V 5 9.74 57.66 -3.95
CA LYS V 5 9.75 59.02 -4.50
C LYS V 5 10.76 59.22 -5.64
N SER V 6 10.44 60.14 -6.55
CA SER V 6 11.33 60.47 -7.66
C SER V 6 12.44 61.38 -7.18
N LEU V 7 13.41 61.65 -8.07
CA LEU V 7 14.56 62.50 -7.72
C LEU V 7 14.17 63.98 -7.53
N SER V 8 13.07 64.39 -8.16
CA SER V 8 12.53 65.74 -7.99
C SER V 8 11.93 65.87 -6.61
N GLU V 9 11.17 64.85 -6.21
CA GLU V 9 10.56 64.76 -4.90
C GLU V 9 11.67 64.69 -3.84
N LEU V 10 12.64 63.83 -4.07
CA LEU V 10 13.75 63.66 -3.12
C LEU V 10 14.61 64.90 -3.00
N ARG V 11 14.91 65.54 -4.12
CA ARG V 11 15.76 66.74 -4.10
C ARG V 11 15.14 67.90 -3.35
N GLU V 12 13.85 68.16 -3.56
CA GLU V 12 13.15 69.24 -2.85
C GLU V 12 13.16 69.03 -1.32
N LEU V 13 12.94 67.77 -0.92
CA LEU V 13 13.04 67.34 0.48
C LEU V 13 14.45 67.51 1.06
N LEU V 14 15.46 67.29 0.24
CA LEU V 14 16.85 67.35 0.69
C LEU V 14 17.35 68.78 0.77
N LYS V 15 16.90 69.59 -0.18
CA LYS V 15 17.31 70.98 -0.29
C LYS V 15 16.77 71.81 0.89
N ARG V 16 15.55 71.49 1.33
CA ARG V 16 14.92 72.20 2.45
C ARG V 16 15.06 71.44 3.77
N GLY V 17 15.99 70.49 3.81
CA GLY V 17 16.38 69.81 5.04
C GLY V 17 15.34 68.87 5.63
N GLU V 18 14.18 68.76 4.99
CA GLU V 18 13.10 67.89 5.48
C GLU V 18 13.59 66.43 5.58
N VAL V 19 14.56 66.07 4.75
CA VAL V 19 15.20 64.77 4.86
C VAL V 19 16.72 64.92 4.66
N SER V 20 17.47 63.94 5.18
CA SER V 20 18.92 63.89 5.04
C SER V 20 19.35 62.78 4.06
N PRO V 21 20.56 62.91 3.49
CA PRO V 21 21.08 61.88 2.59
C PRO V 21 21.08 60.47 3.21
N LYS V 22 21.40 60.41 4.49
CA LYS V 22 21.43 59.16 5.25
C LYS V 22 20.07 58.45 5.26
N GLU V 23 19.00 59.23 5.45
CA GLU V 23 17.64 58.70 5.49
C GLU V 23 17.29 58.09 4.14
N VAL V 24 17.58 58.85 3.09
CA VAL V 24 17.35 58.44 1.71
C VAL V 24 17.97 57.07 1.47
N VAL V 25 19.27 56.95 1.77
CA VAL V 25 19.99 55.69 1.63
C VAL V 25 19.35 54.55 2.43
N GLU V 26 19.02 54.86 3.71
CA GLU V 26 18.38 53.89 4.61
C GLU V 26 17.06 53.38 4.01
N SER V 27 16.30 54.29 3.42
CA SER V 27 15.04 53.98 2.72
C SER V 27 15.24 52.88 1.68
N PHE V 28 16.16 53.14 0.75
CA PHE V 28 16.43 52.23 -0.35
C PHE V 28 17.08 50.94 0.15
N TYR V 29 17.88 51.07 1.21
CA TYR V 29 18.48 49.94 1.88
C TYR V 29 17.43 48.94 2.36
N ASP V 30 16.39 49.46 3.02
CA ASP V 30 15.34 48.58 3.51
C ASP V 30 14.63 47.90 2.34
N ARG V 31 14.33 48.69 1.31
CA ARG V 31 13.72 48.15 0.08
C ARG V 31 14.61 47.07 -0.54
N TYR V 32 15.93 47.31 -0.48
CA TYR V 32 16.94 46.35 -0.86
C TYR V 32 16.71 45.06 -0.05
N ASN V 33 16.61 45.22 1.28
CA ASN V 33 16.42 44.10 2.22
C ASN V 33 15.13 43.34 1.97
N GLN V 34 14.10 44.08 1.53
CA GLN V 34 12.80 43.51 1.17
C GLN V 34 12.90 42.58 -0.05
N THR V 35 13.73 42.98 -1.03
CA THR V 35 13.61 42.45 -2.38
C THR V 35 14.81 41.56 -2.74
N GLU V 36 15.96 41.84 -2.26
CA GLU V 36 17.18 41.23 -2.81
C GLU V 36 17.22 39.71 -2.85
N GLU V 37 16.69 39.03 -1.84
CA GLU V 37 16.76 37.56 -1.81
C GLU V 37 15.99 36.94 -2.98
N LYS V 38 14.97 37.64 -3.45
CA LYS V 38 14.21 37.17 -4.59
C LYS V 38 14.90 37.60 -5.90
N VAL V 39 15.25 38.87 -5.95
CA VAL V 39 15.78 39.56 -7.15
C VAL V 39 17.25 39.23 -7.46
N LYS V 40 18.15 39.43 -6.49
CA LYS V 40 19.60 39.26 -6.66
C LYS V 40 20.18 40.24 -7.68
N ALA V 41 19.85 41.52 -7.52
CA ALA V 41 20.40 42.58 -8.37
C ALA V 41 21.91 42.77 -8.20
N TYR V 42 22.39 42.72 -6.96
CA TYR V 42 23.76 43.12 -6.68
C TYR V 42 24.81 42.01 -6.54
N ILE V 43 26.01 42.35 -6.96
CA ILE V 43 27.18 41.52 -6.66
C ILE V 43 27.75 42.04 -5.34
N THR V 44 27.86 43.36 -5.22
CA THR V 44 28.50 43.93 -4.07
C THR V 44 27.64 45.10 -3.62
N PRO V 45 26.80 44.87 -2.60
CA PRO V 45 25.97 45.96 -2.05
C PRO V 45 26.85 46.91 -1.28
N LEU V 46 26.62 48.20 -1.40
CA LEU V 46 27.50 49.16 -0.77
C LEU V 46 26.69 50.17 0.05
N TYR V 47 25.44 49.79 0.37
CA TYR V 47 24.56 50.65 1.15
C TYR V 47 25.23 51.03 2.47
N GLY V 48 25.91 50.04 3.08
CA GLY V 48 26.64 50.24 4.32
C GLY V 48 27.64 51.36 4.19
N LYS V 49 28.45 51.30 3.15
CA LYS V 49 29.49 52.31 2.94
C LYS V 49 28.87 53.67 2.56
N ALA V 50 27.73 53.63 1.86
CA ALA V 50 27.02 54.81 1.42
C ALA V 50 26.42 55.55 2.62
N LEU V 51 25.93 54.76 3.60
CA LEU V 51 25.47 55.26 4.90
C LEU V 51 26.50 56.20 5.50
N LYS V 52 27.73 55.69 5.59
CA LYS V 52 28.84 56.44 6.18
C LYS V 52 29.22 57.68 5.36
N GLN V 53 29.20 57.53 4.02
CA GLN V 53 29.54 58.61 3.09
C GLN V 53 28.54 59.76 3.16
N ALA V 54 27.30 59.39 3.47
CA ALA V 54 26.20 60.33 3.56
C ALA V 54 26.38 61.34 4.70
N GLU V 55 26.99 60.89 5.80
CA GLU V 55 27.22 61.75 6.97
C GLU V 55 28.04 62.99 6.61
N SER V 56 29.03 62.82 5.73
CA SER V 56 29.94 63.91 5.34
C SER V 56 29.39 64.78 4.18
N LEU V 57 28.24 64.38 3.66
CA LEU V 57 27.64 65.05 2.50
C LEU V 57 26.89 66.27 3.00
N LYS V 58 27.30 67.46 2.57
CA LYS V 58 26.68 68.67 3.10
C LYS V 58 26.13 69.65 2.07
N GLU V 59 26.88 69.94 0.99
CA GLU V 59 26.41 70.95 0.03
C GLU V 59 25.17 70.49 -0.76
N ARG V 60 24.02 71.05 -0.42
CA ARG V 60 22.76 70.54 -0.93
C ARG V 60 22.47 70.93 -2.38
N GLU V 61 23.15 71.98 -2.87
CA GLU V 61 22.88 72.48 -4.21
C GLU V 61 23.58 71.68 -5.33
N LEU V 62 24.36 70.66 -4.93
CA LEU V 62 24.95 69.68 -5.86
C LEU V 62 23.86 68.93 -6.61
N PRO V 63 23.98 68.86 -7.95
CA PRO V 63 22.92 68.37 -8.84
C PRO V 63 22.32 67.02 -8.46
N LEU V 64 23.11 66.12 -7.90
CA LEU V 64 22.56 64.86 -7.42
C LEU V 64 22.74 64.69 -5.92
N PHE V 65 22.61 65.81 -5.18
CA PHE V 65 23.07 65.90 -3.78
C PHE V 65 22.99 64.62 -2.93
N GLY V 66 21.83 63.98 -2.81
CA GLY V 66 21.76 62.84 -1.91
C GLY V 66 21.29 61.56 -2.57
N ILE V 67 21.45 61.50 -3.88
CA ILE V 67 20.83 60.44 -4.65
C ILE V 67 21.65 59.17 -4.64
N PRO V 68 21.04 58.07 -4.20
CA PRO V 68 21.65 56.74 -4.36
C PRO V 68 21.68 56.34 -5.83
N ILE V 69 22.73 55.64 -6.24
CA ILE V 69 22.82 55.15 -7.61
C ILE V 69 23.57 53.80 -7.68
N ALA V 70 22.93 52.82 -8.33
CA ALA V 70 23.57 51.52 -8.53
C ALA V 70 24.45 51.61 -9.75
N VAL V 71 25.46 50.74 -9.81
CA VAL V 71 26.44 50.77 -10.88
C VAL V 71 26.77 49.34 -11.32
N LYS V 72 26.73 49.12 -12.63
CA LYS V 72 27.11 47.85 -13.21
C LYS V 72 28.54 47.46 -12.82
N ASP V 73 28.74 46.17 -12.54
CA ASP V 73 30.04 45.75 -12.03
C ASP V 73 31.09 45.49 -13.12
N ASN V 74 30.98 46.25 -14.21
CA ASN V 74 32.08 46.37 -15.15
C ASN V 74 32.52 47.84 -15.27
N ILE V 75 31.96 48.68 -14.41
CA ILE V 75 32.39 50.07 -14.28
C ILE V 75 33.17 50.13 -12.98
N LEU V 76 34.40 50.62 -13.03
CA LEU V 76 35.27 50.63 -11.86
C LEU V 76 34.93 51.69 -10.81
N VAL V 77 34.77 51.24 -9.56
CA VAL V 77 34.60 52.11 -8.39
C VAL V 77 35.78 51.82 -7.49
N GLU V 78 36.59 52.82 -7.21
CA GLU V 78 37.85 52.52 -6.51
C GLU V 78 37.70 52.12 -5.05
N GLY V 79 38.54 51.18 -4.64
CA GLY V 79 38.50 50.68 -3.29
C GLY V 79 37.57 49.50 -3.18
N GLU V 80 36.67 49.33 -4.16
CA GLU V 80 35.72 48.19 -4.16
C GLU V 80 35.95 47.24 -5.32
N LYS V 81 35.60 45.96 -5.10
CA LYS V 81 35.72 44.93 -6.13
C LYS V 81 35.00 45.32 -7.41
N THR V 82 35.67 45.11 -8.54
CA THR V 82 35.02 45.14 -9.83
C THR V 82 35.26 43.81 -10.50
N THR V 83 34.22 42.99 -10.55
CA THR V 83 34.32 41.59 -10.91
C THR V 83 33.98 41.27 -12.37
N CYS V 84 33.25 42.20 -13.02
CA CYS V 84 32.63 41.94 -14.32
C CYS V 84 31.90 40.61 -14.29
N ALA V 85 31.45 40.23 -13.10
CA ALA V 85 30.76 38.98 -12.88
C ALA V 85 31.59 37.81 -13.41
N SER V 86 32.91 37.92 -13.24
CA SER V 86 33.84 36.89 -13.68
C SER V 86 34.69 36.29 -12.55
N LYS V 87 34.91 34.98 -12.62
CA LYS V 87 35.86 34.30 -11.72
C LYS V 87 37.27 34.86 -11.86
N ILE V 88 37.63 35.28 -13.08
CA ILE V 88 38.96 35.77 -13.35
C ILE V 88 39.19 37.16 -12.73
N LEU V 89 38.10 37.80 -12.32
CA LEU V 89 38.16 39.11 -11.65
C LEU V 89 37.48 39.21 -10.29
N GLU V 90 37.07 38.08 -9.71
CA GLU V 90 36.60 38.18 -8.33
C GLU V 90 37.81 38.45 -7.48
N ASN V 91 37.64 39.33 -6.49
CA ASN V 91 38.77 39.72 -5.63
C ASN V 91 39.71 40.77 -6.27
N PHE V 92 39.40 41.21 -7.48
CA PHE V 92 40.09 42.37 -8.03
C PHE V 92 39.54 43.65 -7.47
N VAL V 93 40.37 44.37 -6.73
CA VAL V 93 40.01 45.65 -6.14
C VAL V 93 40.36 46.77 -7.11
N ALA V 94 39.40 47.63 -7.39
CA ALA V 94 39.60 48.68 -8.39
C ALA V 94 40.51 49.76 -7.84
N PRO V 95 41.64 49.99 -8.52
CA PRO V 95 42.67 50.98 -8.20
C PRO V 95 42.35 52.44 -8.62
N TYR V 96 41.23 52.66 -9.30
CA TYR V 96 40.89 54.01 -9.76
C TYR V 96 39.39 54.07 -10.10
N ASP V 97 38.85 55.30 -10.18
CA ASP V 97 37.46 55.54 -10.54
C ASP V 97 37.30 55.64 -12.06
N ALA V 98 36.33 54.94 -12.59
CA ALA V 98 35.83 55.31 -13.92
C ALA V 98 35.50 56.82 -13.92
N THR V 99 35.69 57.47 -15.07
CA THR V 99 35.40 58.91 -15.19
C THR V 99 33.94 59.23 -14.79
N VAL V 100 33.01 58.37 -15.17
CA VAL V 100 31.61 58.56 -14.82
C VAL V 100 31.38 58.56 -13.30
N ILE V 101 32.07 57.66 -12.59
CA ILE V 101 31.97 57.55 -11.15
C ILE V 101 32.55 58.80 -10.47
N GLU V 102 33.65 59.31 -11.03
CA GLU V 102 34.26 60.56 -10.64
C GLU V 102 33.23 61.69 -10.73
N ARG V 103 32.52 61.72 -11.85
CA ARG V 103 31.61 62.82 -12.12
C ARG V 103 30.34 62.71 -11.29
N LEU V 104 29.95 61.49 -10.95
CA LEU V 104 28.77 61.30 -10.09
C LEU V 104 29.07 61.70 -8.65
N LYS V 105 30.27 61.31 -8.19
CA LYS V 105 30.73 61.61 -6.85
C LYS V 105 30.80 63.09 -6.67
N LYS V 106 31.34 63.77 -7.67
CA LYS V 106 31.46 65.22 -7.61
C LYS V 106 30.07 65.86 -7.61
N ALA V 107 29.07 65.14 -8.10
CA ALA V 107 27.71 65.68 -8.22
C ALA V 107 26.87 65.39 -6.97
N GLY V 108 27.54 64.76 -6.00
CA GLY V 108 26.95 64.44 -4.70
C GLY V 108 26.25 63.10 -4.62
N ALA V 109 26.27 62.34 -5.71
CA ALA V 109 25.60 61.04 -5.74
C ALA V 109 26.24 60.03 -4.79
N LEU V 110 25.52 58.98 -4.45
CA LEU V 110 26.09 58.00 -3.54
C LEU V 110 25.98 56.60 -4.13
N ILE V 111 27.13 56.02 -4.44
CA ILE V 111 27.13 54.69 -5.04
C ILE V 111 26.66 53.69 -4.01
N VAL V 112 25.53 53.03 -4.27
CA VAL V 112 25.01 52.09 -3.28
C VAL V 112 25.26 50.61 -3.59
N GLY V 113 25.90 50.32 -4.72
CA GLY V 113 26.24 48.94 -5.00
C GLY V 113 26.68 48.59 -6.40
N LYS V 114 27.30 47.41 -6.51
CA LYS V 114 27.79 46.88 -7.77
C LYS V 114 26.86 45.81 -8.22
N THR V 115 26.38 45.99 -9.44
CA THR V 115 25.19 45.38 -9.98
C THR V 115 25.56 44.10 -10.76
N ASN V 116 24.78 43.02 -10.66
CA ASN V 116 25.09 41.79 -11.40
C ASN V 116 24.99 42.00 -12.92
N LEU V 117 25.70 41.15 -13.68
CA LEU V 117 25.70 41.21 -15.14
C LEU V 117 26.09 39.88 -15.71
N ASP V 118 25.88 39.69 -17.01
CA ASP V 118 26.49 38.58 -17.70
C ASP V 118 28.00 38.81 -17.64
N GLU V 119 28.76 37.70 -17.56
CA GLU V 119 30.21 37.78 -17.43
C GLU V 119 30.81 38.57 -18.59
N PHE V 120 31.49 39.67 -18.25
CA PHE V 120 32.07 40.54 -19.26
C PHE V 120 31.02 41.03 -20.25
N ALA V 121 29.85 41.39 -19.74
CA ALA V 121 28.85 42.12 -20.51
C ALA V 121 28.40 41.29 -21.72
N MET V 122 28.56 39.98 -21.62
CA MET V 122 28.44 39.11 -22.78
C MET V 122 27.22 38.19 -22.66
N GLY V 123 26.09 38.66 -23.18
CA GLY V 123 24.82 37.93 -23.05
C GLY V 123 23.60 38.85 -22.99
N SER V 124 22.41 38.25 -22.99
CA SER V 124 21.16 38.99 -23.03
C SER V 124 20.15 38.55 -21.96
N SER V 125 20.66 38.09 -20.82
CA SER V 125 19.82 37.45 -19.82
C SER V 125 20.46 37.51 -18.44
N THR V 126 21.76 37.72 -18.41
CA THR V 126 22.49 37.79 -17.15
C THR V 126 22.70 36.41 -16.54
N GLU V 127 22.12 35.39 -17.18
CA GLU V 127 22.33 34.02 -16.77
C GLU V 127 23.82 33.67 -16.74
N TYR V 128 24.59 34.36 -17.56
CA TYR V 128 26.03 34.10 -17.67
C TYR V 128 26.88 34.86 -16.64
N SER V 129 26.23 35.46 -15.64
CA SER V 129 26.96 35.87 -14.44
C SER V 129 27.64 34.63 -13.89
N ALA V 130 28.93 34.73 -13.59
CA ALA V 130 29.65 33.57 -13.09
C ALA V 130 29.28 33.24 -11.63
N PHE V 131 28.49 34.12 -11.02
CA PHE V 131 28.16 34.02 -9.61
C PHE V 131 26.75 33.49 -9.32
N PHE V 132 25.74 34.10 -9.98
CA PHE V 132 24.34 33.77 -9.79
C PHE V 132 23.48 34.56 -10.76
N PRO V 133 22.32 33.99 -11.17
CA PRO V 133 21.37 34.75 -11.99
C PRO V 133 20.64 35.86 -11.22
N THR V 134 20.39 36.98 -11.88
CA THR V 134 19.43 37.96 -11.38
C THR V 134 18.07 37.55 -11.96
N LYS V 135 16.99 37.85 -11.24
CA LYS V 135 15.65 37.44 -11.66
C LYS V 135 14.72 38.66 -11.89
N ASN V 136 13.82 38.51 -12.87
CA ASN V 136 12.88 39.55 -13.25
C ASN V 136 11.88 39.75 -12.11
N PRO V 137 11.88 40.95 -11.49
CA PRO V 137 10.93 41.26 -10.42
C PRO V 137 9.44 41.27 -10.82
N TRP V 138 9.13 41.12 -12.10
CA TRP V 138 7.74 41.01 -12.50
C TRP V 138 7.34 39.55 -12.69
N ASP V 139 8.33 38.66 -12.73
CA ASP V 139 8.09 37.23 -12.72
C ASP V 139 9.45 36.58 -12.50
N LEU V 140 9.67 36.10 -11.27
CA LEU V 140 10.95 35.52 -10.90
C LEU V 140 11.27 34.19 -11.60
N GLU V 141 10.34 33.69 -12.39
CA GLU V 141 10.62 32.56 -13.29
C GLU V 141 11.29 33.07 -14.56
N ARG V 142 11.34 34.39 -14.70
CA ARG V 142 11.77 35.01 -15.94
C ARG V 142 13.04 35.89 -15.81
N VAL V 143 13.78 35.95 -16.93
CA VAL V 143 15.03 36.65 -17.05
C VAL V 143 14.82 38.17 -17.04
N PRO V 144 15.74 38.94 -16.44
CA PRO V 144 15.59 40.42 -16.41
C PRO V 144 16.17 41.07 -17.67
N GLY V 145 16.74 40.25 -18.54
CA GLY V 145 17.50 40.72 -19.69
C GLY V 145 18.98 40.82 -19.40
N GLY V 146 19.75 41.26 -20.38
CA GLY V 146 21.19 41.41 -20.20
C GLY V 146 21.86 42.22 -21.29
N SER V 147 23.10 42.65 -21.04
CA SER V 147 23.90 42.23 -19.88
C SER V 147 23.70 43.02 -18.58
N SER V 148 23.18 44.26 -18.64
CA SER V 148 22.91 45.03 -17.41
C SER V 148 21.67 44.57 -16.61
N GLY V 149 21.56 43.25 -16.36
CA GLY V 149 20.39 42.69 -15.70
C GLY V 149 20.11 43.25 -14.33
N GLY V 150 21.12 43.30 -13.48
CA GLY V 150 20.97 43.81 -12.12
C GLY V 150 20.69 45.29 -12.06
N SER V 151 21.19 46.05 -13.02
CA SER V 151 21.01 47.49 -12.96
C SER V 151 19.59 47.86 -13.33
N ALA V 152 19.02 47.06 -14.23
CA ALA V 152 17.64 47.23 -14.61
C ALA V 152 16.76 46.81 -13.46
N ALA V 153 16.97 45.59 -12.97
CA ALA V 153 16.13 44.99 -11.92
C ALA V 153 16.03 45.86 -10.69
N SER V 154 17.16 46.37 -10.21
CA SER V 154 17.16 47.13 -8.98
C SER V 154 16.44 48.45 -9.16
N VAL V 155 16.43 48.97 -10.37
CA VAL V 155 15.68 50.19 -10.62
C VAL V 155 14.19 49.85 -10.72
N ALA V 156 13.90 48.64 -11.18
CA ALA V 156 12.53 48.16 -11.32
C ALA V 156 11.88 48.01 -9.95
N VAL V 157 12.56 47.30 -9.04
CA VAL V 157 12.06 47.09 -7.67
C VAL V 157 12.25 48.35 -6.83
N LEU V 158 13.04 49.28 -7.34
CA LEU V 158 13.33 50.53 -6.63
C LEU V 158 14.19 50.36 -5.37
N SER V 159 15.04 49.33 -5.36
CA SER V 159 16.17 49.29 -4.43
C SER V 159 17.22 50.38 -4.74
N ALA V 160 17.11 50.96 -5.92
CA ALA V 160 17.78 52.24 -6.26
C ALA V 160 16.90 52.94 -7.26
N PRO V 161 16.90 54.29 -7.22
CA PRO V 161 16.02 55.06 -8.10
C PRO V 161 16.53 55.11 -9.52
N VAL V 162 17.85 55.10 -9.66
CA VAL V 162 18.53 55.42 -10.90
C VAL V 162 19.77 54.51 -10.99
N SER V 163 20.28 54.27 -12.19
CA SER V 163 21.21 53.18 -12.37
C SER V 163 22.14 53.44 -13.54
N LEU V 164 23.36 52.90 -13.48
CA LEU V 164 24.29 52.90 -14.61
C LEU V 164 24.43 51.48 -15.17
N GLY V 165 24.31 51.35 -16.49
CA GLY V 165 24.66 50.11 -17.18
C GLY V 165 25.62 50.41 -18.33
N SER V 166 25.93 49.40 -19.15
CA SER V 166 26.57 49.66 -20.43
C SER V 166 25.85 48.92 -21.54
N ASP V 167 26.03 49.39 -22.77
CA ASP V 167 25.29 48.92 -23.94
C ASP V 167 26.30 48.72 -25.08
N THR V 168 26.56 47.45 -25.43
CA THR V 168 27.43 47.15 -26.57
C THR V 168 26.59 46.76 -27.79
N GLY V 169 25.43 46.15 -27.53
CA GLY V 169 24.54 45.63 -28.57
C GLY V 169 23.12 45.55 -28.02
N GLY V 170 22.84 46.41 -27.03
CA GLY V 170 21.49 46.57 -26.46
C GLY V 170 21.42 46.31 -24.98
N SER V 171 22.60 46.30 -24.36
CA SER V 171 22.73 45.79 -22.99
C SER V 171 22.12 46.68 -21.90
N ILE V 172 21.73 47.91 -22.26
CA ILE V 172 20.88 48.75 -21.42
C ILE V 172 19.44 48.63 -21.87
N ARG V 173 19.20 48.85 -23.16
CA ARG V 173 17.83 48.86 -23.66
C ARG V 173 17.04 47.56 -23.45
N GLN V 174 17.57 46.39 -23.79
CA GLN V 174 16.77 45.19 -23.62
C GLN V 174 16.45 44.84 -22.16
N PRO V 175 17.43 44.98 -21.24
CA PRO V 175 17.03 44.87 -19.82
C PRO V 175 15.96 45.91 -19.39
N ALA V 176 16.05 47.15 -19.91
CA ALA V 176 15.04 48.16 -19.59
C ALA V 176 13.68 47.71 -20.09
N SER V 177 13.64 47.11 -21.27
CA SER V 177 12.38 46.62 -21.82
C SER V 177 11.81 45.52 -20.93
N PHE V 178 12.60 44.46 -20.68
CA PHE V 178 12.19 43.34 -19.84
C PHE V 178 11.82 43.70 -18.39
N CYS V 179 12.42 44.76 -17.84
CA CYS V 179 12.15 45.12 -16.45
C CYS V 179 11.17 46.28 -16.31
N GLY V 180 10.65 46.77 -17.43
CA GLY V 180 9.63 47.81 -17.36
C GLY V 180 10.14 49.15 -16.84
N VAL V 181 11.31 49.54 -17.35
CA VAL V 181 12.03 50.73 -16.89
C VAL V 181 12.61 51.47 -18.12
N ILE V 182 12.89 52.77 -17.94
CA ILE V 182 13.56 53.58 -18.97
C ILE V 182 15.03 53.28 -18.99
N GLY V 183 15.59 53.11 -20.18
CA GLY V 183 17.02 52.84 -20.34
C GLY V 183 17.57 53.43 -21.62
N ILE V 184 18.57 54.30 -21.48
CA ILE V 184 19.11 54.96 -22.64
C ILE V 184 20.58 54.58 -22.85
N LYS V 185 20.96 54.30 -24.10
CA LYS V 185 22.37 54.33 -24.47
C LYS V 185 22.57 55.53 -25.38
N PRO V 186 23.39 56.50 -24.96
CA PRO V 186 23.63 57.71 -25.73
C PRO V 186 24.51 57.48 -26.96
N THR V 187 24.76 58.56 -27.72
CA THR V 187 25.60 58.49 -28.91
C THR V 187 26.96 57.95 -28.57
N TYR V 188 27.53 57.17 -29.47
CA TYR V 188 28.89 56.72 -29.25
C TYR V 188 29.84 57.92 -29.14
N GLY V 189 30.52 58.03 -28.01
CA GLY V 189 31.44 59.14 -27.74
C GLY V 189 30.86 60.14 -26.76
N ARG V 190 29.56 60.04 -26.48
CA ARG V 190 28.97 60.97 -25.54
C ARG V 190 29.38 60.73 -24.09
N VAL V 191 29.69 59.51 -23.73
CA VAL V 191 30.10 59.25 -22.35
C VAL V 191 31.43 58.49 -22.37
N SER V 192 32.37 58.89 -21.53
CA SER V 192 33.71 58.29 -21.49
C SER V 192 33.71 56.79 -21.25
N ARG V 193 34.66 56.08 -21.86
CA ARG V 193 34.77 54.65 -21.59
C ARG V 193 35.97 54.40 -20.69
N TYR V 194 36.49 55.48 -20.08
CA TYR V 194 37.58 55.35 -19.10
C TYR V 194 37.07 54.77 -17.81
N GLY V 195 37.49 53.53 -17.56
CA GLY V 195 37.12 52.83 -16.35
C GLY V 195 35.96 51.93 -16.60
N LEU V 196 35.58 51.81 -17.87
CA LEU V 196 34.60 50.82 -18.29
C LEU V 196 35.35 49.62 -18.82
N VAL V 197 35.17 48.45 -18.21
CA VAL V 197 35.90 47.28 -18.66
C VAL V 197 35.48 47.02 -20.08
N ALA V 198 36.44 47.12 -21.00
CA ALA V 198 36.17 47.01 -22.44
C ALA V 198 35.73 45.61 -22.90
N PHE V 199 34.60 45.60 -23.60
CA PHE V 199 34.09 44.42 -24.28
C PHE V 199 34.45 44.64 -25.77
N ALA V 200 33.65 45.43 -26.48
CA ALA V 200 34.01 45.88 -27.81
C ALA V 200 34.11 47.42 -27.80
N SER V 201 35.35 47.89 -27.94
CA SER V 201 35.70 49.28 -27.79
C SER V 201 34.92 50.23 -28.72
N SER V 202 34.64 49.74 -29.93
CA SER V 202 33.99 50.60 -30.92
C SER V 202 32.44 50.60 -30.81
N LEU V 203 31.90 49.73 -29.94
CA LEU V 203 30.45 49.60 -29.66
C LEU V 203 29.99 50.02 -28.24
N ASP V 204 30.83 49.80 -27.23
CA ASP V 204 30.49 50.08 -25.84
C ASP V 204 30.04 51.55 -25.60
N GLN V 205 29.02 51.70 -24.77
CA GLN V 205 28.77 52.97 -24.10
C GLN V 205 28.08 52.77 -22.77
N ILE V 206 28.59 53.47 -21.75
CA ILE V 206 27.83 53.67 -20.51
C ILE V 206 26.52 54.38 -20.81
N GLY V 207 25.46 53.98 -20.11
CA GLY V 207 24.14 54.59 -20.20
C GLY V 207 23.40 54.51 -18.88
N VAL V 208 22.14 54.96 -18.89
CA VAL V 208 21.39 55.19 -17.66
C VAL V 208 20.03 54.51 -17.63
N PHE V 209 19.69 53.90 -16.48
CA PHE V 209 18.36 53.37 -16.22
C PHE V 209 17.66 54.28 -15.25
N GLY V 210 16.37 54.51 -15.47
CA GLY V 210 15.49 55.24 -14.55
C GLY V 210 14.01 54.90 -14.74
N ARG V 211 13.15 55.52 -13.92
CA ARG V 211 11.71 55.31 -14.04
C ARG V 211 11.00 56.58 -14.53
N ARG V 212 11.61 57.73 -14.29
CA ARG V 212 11.10 58.97 -14.84
C ARG V 212 12.15 59.55 -15.79
N THR V 213 11.68 60.15 -16.89
CA THR V 213 12.60 60.64 -17.92
C THR V 213 13.50 61.76 -17.40
N GLU V 214 13.01 62.52 -16.42
CA GLU V 214 13.81 63.60 -15.82
C GLU V 214 15.00 63.04 -15.03
N ASP V 215 14.75 61.93 -14.32
CA ASP V 215 15.80 61.20 -13.60
C ASP V 215 16.92 60.80 -14.58
N VAL V 216 16.54 60.16 -15.68
CA VAL V 216 17.49 59.68 -16.67
C VAL V 216 18.24 60.81 -17.34
N ALA V 217 17.52 61.88 -17.70
CA ALA V 217 18.11 63.04 -18.37
C ALA V 217 19.15 63.75 -17.50
N LEU V 218 18.91 63.76 -16.19
CA LEU V 218 19.81 64.43 -15.26
C LEU V 218 21.09 63.63 -15.06
N VAL V 219 20.93 62.34 -14.77
CA VAL V 219 22.07 61.46 -14.56
C VAL V 219 22.96 61.40 -15.82
N LEU V 220 22.34 61.31 -16.99
CA LEU V 220 23.07 61.38 -18.23
C LEU V 220 23.83 62.70 -18.41
N GLU V 221 23.20 63.82 -18.04
CA GLU V 221 23.86 65.13 -18.19
C GLU V 221 25.12 65.21 -17.38
N VAL V 222 25.06 64.69 -16.16
CA VAL V 222 26.20 64.74 -15.25
C VAL V 222 27.44 64.14 -15.88
N ILE V 223 27.26 63.01 -16.57
CA ILE V 223 28.32 62.00 -16.68
C ILE V 223 28.87 61.94 -18.09
N SER V 224 28.11 62.47 -19.05
CA SER V 224 28.59 62.64 -20.41
C SER V 224 29.43 63.91 -20.53
N GLY V 225 29.89 64.19 -21.75
CA GLY V 225 30.85 65.26 -21.97
C GLY V 225 32.27 64.76 -22.04
N TRP V 226 33.17 65.60 -22.56
CA TRP V 226 34.44 65.13 -23.08
C TRP V 226 35.36 64.68 -21.96
N ASP V 227 36.16 63.65 -22.23
CA ASP V 227 37.15 63.16 -21.26
C ASP V 227 38.49 63.02 -21.93
N GLU V 228 39.50 63.70 -21.39
CA GLU V 228 40.86 63.69 -21.94
C GLU V 228 41.51 62.32 -21.80
N LYS V 229 40.98 61.49 -20.89
CA LYS V 229 41.48 60.13 -20.68
C LYS V 229 40.89 59.12 -21.69
N ASP V 230 40.00 59.59 -22.58
CA ASP V 230 39.35 58.77 -23.60
C ASP V 230 39.45 59.40 -24.99
N SER V 231 40.28 58.80 -25.85
CA SER V 231 40.49 59.29 -27.21
C SER V 231 39.20 59.32 -28.04
N THR V 232 38.28 58.42 -27.73
CA THR V 232 37.09 58.28 -28.55
C THR V 232 35.94 59.14 -28.05
N SER V 233 36.13 59.79 -26.90
CA SER V 233 35.11 60.69 -26.35
C SER V 233 35.09 62.01 -27.12
N ALA V 234 33.90 62.53 -27.41
CA ALA V 234 33.77 63.66 -28.31
C ALA V 234 33.93 65.02 -27.64
N LYS V 235 34.57 65.95 -28.34
CA LYS V 235 34.66 67.33 -27.90
C LYS V 235 33.40 68.10 -28.31
N VAL V 236 32.28 67.73 -27.69
CA VAL V 236 30.94 68.24 -28.01
C VAL V 236 30.32 68.68 -26.69
N PRO V 237 29.77 69.92 -26.65
CA PRO V 237 29.09 70.37 -25.43
C PRO V 237 27.90 69.47 -25.02
N VAL V 238 27.74 69.23 -23.72
CA VAL V 238 26.60 68.45 -23.25
C VAL V 238 25.38 69.39 -23.15
N PRO V 239 24.30 69.06 -23.86
CA PRO V 239 23.06 69.82 -23.80
C PRO V 239 22.44 69.78 -22.39
N GLU V 240 21.76 70.85 -22.02
CA GLU V 240 21.12 70.92 -20.72
C GLU V 240 19.84 70.09 -20.75
N TRP V 241 19.99 68.77 -20.63
CA TRP V 241 18.87 67.83 -20.83
C TRP V 241 17.74 67.96 -19.80
N SER V 242 18.11 68.24 -18.55
CA SER V 242 17.16 68.46 -17.46
C SER V 242 16.19 69.59 -17.77
N GLU V 243 16.67 70.62 -18.46
CA GLU V 243 15.84 71.74 -18.88
C GLU V 243 15.21 71.55 -20.24
N GLU V 244 15.55 70.45 -20.90
CA GLU V 244 15.16 70.27 -22.29
C GLU V 244 14.09 69.19 -22.49
N VAL V 245 14.03 68.22 -21.58
CA VAL V 245 13.07 67.11 -21.70
C VAL V 245 11.62 67.57 -21.65
N LYS V 246 11.37 68.61 -20.85
CA LYS V 246 10.01 69.10 -20.61
C LYS V 246 9.45 69.92 -21.78
N LYS V 247 10.34 70.44 -22.62
CA LYS V 247 9.98 71.14 -23.86
C LYS V 247 9.29 70.23 -24.87
N GLU V 248 8.55 70.86 -25.80
CA GLU V 248 7.80 70.13 -26.80
C GLU V 248 8.11 70.70 -28.19
N VAL V 249 8.54 69.83 -29.10
CA VAL V 249 8.87 70.27 -30.47
C VAL V 249 7.79 69.80 -31.46
N LYS V 250 7.24 70.75 -32.23
CA LYS V 250 6.14 70.46 -33.16
C LYS V 250 6.57 69.80 -34.46
N GLY V 251 5.70 68.92 -34.95
CA GLY V 251 5.86 68.32 -36.27
C GLY V 251 6.99 67.34 -36.40
N LEU V 252 7.30 66.64 -35.30
CA LEU V 252 8.30 65.57 -35.33
C LEU V 252 7.81 64.37 -36.15
N LYS V 253 8.75 63.60 -36.72
CA LYS V 253 8.40 62.47 -37.60
C LYS V 253 9.02 61.15 -37.14
N ILE V 254 8.26 60.06 -37.24
CA ILE V 254 8.73 58.76 -36.79
C ILE V 254 8.73 57.77 -37.93
N GLY V 255 9.88 57.15 -38.15
CA GLY V 255 10.04 56.16 -39.20
C GLY V 255 9.85 54.74 -38.72
N LEU V 256 9.12 53.95 -39.50
CA LEU V 256 8.99 52.53 -39.24
C LEU V 256 9.68 51.76 -40.35
N PRO V 257 10.81 51.12 -40.04
CA PRO V 257 11.56 50.40 -41.06
C PRO V 257 10.78 49.25 -41.68
N LYS V 258 10.63 49.28 -43.00
CA LYS V 258 9.90 48.24 -43.75
C LYS V 258 10.50 46.87 -43.53
N GLU V 259 11.80 46.83 -43.33
CA GLU V 259 12.50 45.57 -43.24
C GLU V 259 12.21 44.92 -41.88
N PHE V 260 11.78 45.72 -40.91
CA PHE V 260 11.42 45.17 -39.59
C PHE V 260 10.05 44.46 -39.59
N PHE V 261 9.25 44.68 -40.65
CA PHE V 261 7.96 44.00 -40.78
C PHE V 261 8.20 42.51 -40.96
N GLU V 262 9.34 42.16 -41.53
CA GLU V 262 9.62 40.77 -41.80
C GLU V 262 10.21 40.07 -40.59
N TYR V 263 10.41 40.81 -39.52
CA TYR V 263 11.01 40.28 -38.29
C TYR V 263 9.96 39.54 -37.49
N GLU V 264 10.23 38.29 -37.08
CA GLU V 264 9.25 37.55 -36.27
C GLU V 264 9.05 38.20 -34.87
N LEU V 265 7.86 38.76 -34.63
CA LEU V 265 7.52 39.32 -33.31
C LEU V 265 6.46 38.49 -32.61
N GLN V 266 6.51 38.46 -31.28
CA GLN V 266 5.38 37.94 -30.51
C GLN V 266 4.16 38.84 -30.66
N PRO V 267 2.96 38.23 -30.82
CA PRO V 267 1.74 39.00 -31.05
C PRO V 267 1.51 40.06 -29.98
N GLN V 268 1.81 39.75 -28.72
CA GLN V 268 1.65 40.72 -27.62
C GLN V 268 2.53 41.96 -27.84
N VAL V 269 3.77 41.73 -28.26
CA VAL V 269 4.72 42.81 -28.55
C VAL V 269 4.20 43.65 -29.73
N LYS V 270 3.80 42.95 -30.80
CA LYS V 270 3.23 43.54 -32.00
C LYS V 270 2.11 44.52 -31.62
N GLU V 271 1.13 43.97 -30.88
CA GLU V 271 -0.04 44.69 -30.37
C GLU V 271 0.33 45.92 -29.56
N ALA V 272 1.25 45.74 -28.61
CA ALA V 272 1.76 46.83 -27.77
C ALA V 272 2.38 47.95 -28.58
N PHE V 273 3.15 47.55 -29.60
CA PHE V 273 3.88 48.52 -30.40
C PHE V 273 2.94 49.32 -31.29
N GLU V 274 2.01 48.62 -31.96
CA GLU V 274 0.98 49.27 -32.79
C GLU V 274 0.20 50.33 -31.99
N ASN V 275 -0.16 49.97 -30.76
CA ASN V 275 -0.89 50.88 -29.90
C ASN V 275 -0.06 52.10 -29.52
N PHE V 276 1.22 51.87 -29.21
CA PHE V 276 2.20 52.90 -28.89
C PHE V 276 2.27 53.94 -30.01
N ILE V 277 2.30 53.44 -31.24
CA ILE V 277 2.38 54.27 -32.45
C ILE V 277 1.07 55.04 -32.74
N LYS V 278 -0.07 54.35 -32.62
CA LYS V 278 -1.38 54.97 -32.82
C LYS V 278 -1.53 56.12 -31.86
N GLU V 279 -1.13 55.88 -30.62
CA GLU V 279 -1.30 56.85 -29.56
C GLU V 279 -0.37 58.06 -29.76
N LEU V 280 0.80 57.82 -30.33
CA LEU V 280 1.71 58.93 -30.70
C LEU V 280 1.18 59.69 -31.92
N GLU V 281 0.62 58.95 -32.87
CA GLU V 281 -0.07 59.54 -34.00
C GLU V 281 -1.12 60.56 -33.53
N LYS V 282 -1.96 60.13 -32.58
CA LYS V 282 -3.01 60.99 -32.02
C LYS V 282 -2.47 62.29 -31.41
N GLU V 283 -1.22 62.24 -30.90
CA GLU V 283 -0.59 63.43 -30.28
C GLU V 283 0.04 64.35 -31.31
N GLY V 284 0.01 63.93 -32.57
CA GLY V 284 0.49 64.81 -33.64
C GLY V 284 1.79 64.43 -34.32
N PHE V 285 2.34 63.27 -33.97
CA PHE V 285 3.53 62.75 -34.65
C PHE V 285 3.13 62.23 -36.01
N GLU V 286 3.91 62.58 -37.03
CA GLU V 286 3.71 62.01 -38.35
C GLU V 286 4.46 60.69 -38.44
N ILE V 287 3.77 59.65 -38.92
CA ILE V 287 4.30 58.30 -38.96
C ILE V 287 4.55 57.89 -40.41
N LYS V 288 5.81 57.57 -40.73
CA LYS V 288 6.26 57.24 -42.10
C LYS V 288 6.97 55.91 -42.18
N GLU V 289 6.75 55.17 -43.26
CA GLU V 289 7.52 53.95 -43.47
C GLU V 289 8.86 54.35 -44.03
N VAL V 290 9.95 53.77 -43.50
CA VAL V 290 11.28 54.04 -44.03
C VAL V 290 11.96 52.75 -44.44
N SER V 291 13.04 52.88 -45.21
CA SER V 291 13.81 51.77 -45.70
C SER V 291 15.19 51.76 -45.04
N LEU V 292 15.61 50.57 -44.61
CA LEU V 292 16.98 50.33 -44.16
C LEU V 292 17.38 49.02 -44.81
N PRO V 293 17.76 49.06 -46.10
CA PRO V 293 17.96 47.82 -46.88
C PRO V 293 18.98 46.85 -46.30
N HIS V 294 19.86 47.33 -45.42
CA HIS V 294 20.93 46.51 -44.87
C HIS V 294 20.73 45.99 -43.45
N VAL V 295 19.72 46.50 -42.72
CA VAL V 295 19.61 46.13 -41.28
C VAL V 295 19.56 44.67 -40.99
N LYS V 296 18.96 43.88 -41.87
CA LYS V 296 18.87 42.45 -41.57
C LYS V 296 20.27 41.87 -41.37
N TYR V 297 21.28 42.56 -41.89
CA TYR V 297 22.65 42.14 -41.72
C TYR V 297 23.29 42.57 -40.40
N SER V 298 22.54 43.26 -39.54
CA SER V 298 23.07 43.80 -38.29
C SER V 298 23.59 42.73 -37.34
N ILE V 299 22.82 41.67 -37.17
CA ILE V 299 23.23 40.53 -36.32
C ILE V 299 24.54 39.83 -36.75
N PRO V 300 24.66 39.42 -38.02
CA PRO V 300 25.92 38.74 -38.35
C PRO V 300 27.09 39.68 -38.29
N THR V 301 26.84 40.94 -38.63
CA THR V 301 27.85 42.00 -38.56
C THR V 301 28.35 42.18 -37.13
N TYR V 302 27.41 42.30 -36.18
CA TYR V 302 27.73 42.46 -34.74
C TYR V 302 28.45 41.24 -34.21
N TYR V 303 28.06 40.07 -34.65
CA TYR V 303 28.60 38.89 -34.05
C TYR V 303 29.86 38.42 -34.74
N ILE V 304 30.44 39.36 -35.48
CA ILE V 304 31.83 39.27 -35.99
C ILE V 304 32.64 40.35 -35.27
N ILE V 305 32.16 41.58 -35.35
CA ILE V 305 32.83 42.71 -34.73
C ILE V 305 33.02 42.59 -33.21
N ALA V 306 31.94 42.33 -32.48
CA ALA V 306 31.97 42.30 -31.02
C ALA V 306 32.92 41.24 -30.47
N PRO V 307 32.75 39.93 -30.86
CA PRO V 307 33.70 38.91 -30.49
C PRO V 307 35.13 39.19 -30.91
N SER V 308 35.34 39.81 -32.06
CA SER V 308 36.72 40.16 -32.45
C SER V 308 37.35 41.12 -31.48
N GLU V 309 36.72 42.28 -31.25
CA GLU V 309 37.25 43.27 -30.32
C GLU V 309 37.31 42.66 -28.92
N ALA V 310 36.37 41.80 -28.62
CA ALA V 310 36.37 41.12 -27.33
C ALA V 310 37.58 40.21 -27.13
N SER V 311 37.98 39.42 -28.15
CA SER V 311 39.16 38.60 -28.01
C SER V 311 40.41 39.44 -27.73
N SER V 312 40.48 40.61 -28.35
CA SER V 312 41.62 41.50 -28.16
C SER V 312 41.56 42.16 -26.79
N ASN V 313 40.39 42.69 -26.43
CA ASN V 313 40.28 43.33 -25.12
C ASN V 313 40.39 42.44 -23.90
N LEU V 314 40.31 41.14 -24.13
CA LEU V 314 40.40 40.22 -23.02
C LEU V 314 41.71 39.43 -22.97
N ALA V 315 42.62 39.76 -23.88
CA ALA V 315 43.98 39.17 -23.88
C ALA V 315 44.76 39.51 -22.59
N ARG V 316 44.37 40.59 -21.92
CA ARG V 316 45.07 41.10 -20.74
C ARG V 316 44.83 40.32 -19.44
N TYR V 317 43.77 39.54 -19.41
CA TYR V 317 43.45 38.70 -18.25
C TYR V 317 44.24 37.38 -18.37
N ASP V 318 45.32 37.33 -17.59
CA ASP V 318 46.44 36.45 -17.83
C ASP V 318 47.15 35.95 -16.58
N GLY V 319 46.71 36.42 -15.40
CA GLY V 319 47.32 35.99 -14.13
C GLY V 319 48.67 36.61 -13.77
N VAL V 320 49.07 37.62 -14.51
CA VAL V 320 50.33 38.29 -14.26
C VAL V 320 50.20 39.50 -13.32
N ARG V 321 49.34 40.45 -13.62
CA ARG V 321 49.37 41.73 -12.89
C ARG V 321 48.25 41.90 -11.84
N TYR V 322 47.18 41.10 -11.99
CA TYR V 322 45.96 41.24 -11.18
C TYR V 322 45.05 40.04 -11.39
N GLY V 323 44.04 39.91 -10.51
CA GLY V 323 43.00 38.91 -10.68
C GLY V 323 43.41 37.47 -10.53
N TYR V 324 42.57 36.57 -11.01
CA TYR V 324 42.75 35.13 -10.79
C TYR V 324 43.99 34.56 -11.45
N ARG V 325 44.59 33.59 -10.77
CA ARG V 325 45.64 32.79 -11.34
C ARG V 325 45.46 31.32 -10.94
N ALA V 326 45.50 30.42 -11.91
CA ALA V 326 45.35 28.99 -11.64
C ALA V 326 46.39 28.52 -10.65
N LYS V 327 46.06 27.47 -9.91
CA LYS V 327 46.93 26.99 -8.85
C LYS V 327 48.04 26.10 -9.36
N GLU V 328 47.73 25.27 -10.35
CA GLU V 328 48.67 24.26 -10.86
C GLU V 328 49.16 24.61 -12.26
N TYR V 329 50.47 24.71 -12.42
CA TYR V 329 51.06 24.97 -13.74
C TYR V 329 52.55 24.64 -13.81
N LYS V 330 52.96 24.02 -14.91
CA LYS V 330 54.34 23.57 -15.06
C LYS V 330 55.19 24.63 -15.76
N ASP V 331 54.53 25.55 -16.45
CA ASP V 331 55.22 26.53 -17.29
C ASP V 331 54.31 27.69 -17.65
N ILE V 332 54.91 28.82 -18.01
CA ILE V 332 54.16 30.06 -18.19
C ILE V 332 52.98 29.85 -19.15
N PHE V 333 53.17 28.99 -20.14
CA PHE V 333 52.12 28.66 -21.08
C PHE V 333 50.94 28.09 -20.33
N GLU V 334 51.19 27.12 -19.46
CA GLU V 334 50.11 26.50 -18.69
C GLU V 334 49.52 27.47 -17.73
N MET V 335 50.34 28.33 -17.14
CA MET V 335 49.81 29.36 -16.25
C MET V 335 48.77 30.20 -16.97
N TYR V 336 49.16 30.70 -18.13
CA TYR V 336 48.31 31.47 -19.00
C TYR V 336 47.03 30.71 -19.33
N ALA V 337 47.17 29.56 -20.00
CA ALA V 337 46.03 28.90 -20.61
C ALA V 337 45.08 28.33 -19.58
N ARG V 338 45.58 28.02 -18.39
CA ARG V 338 44.75 27.43 -17.33
C ARG V 338 44.04 28.53 -16.55
N THR V 339 44.75 29.60 -16.25
CA THR V 339 44.12 30.74 -15.62
C THR V 339 42.91 31.19 -16.43
N ARG V 340 43.05 31.17 -17.75
CA ARG V 340 42.03 31.66 -18.66
C ARG V 340 40.90 30.65 -18.82
N ASP V 341 41.22 29.38 -19.01
CA ASP V 341 40.17 28.38 -19.15
C ASP V 341 39.35 28.28 -17.89
N GLU V 342 39.99 28.42 -16.75
CA GLU V 342 39.31 28.30 -15.47
C GLU V 342 38.60 29.58 -15.04
N GLY V 343 39.13 30.72 -15.47
CA GLY V 343 38.63 32.02 -15.02
C GLY V 343 37.55 32.59 -15.89
N PHE V 344 37.53 32.14 -17.15
CA PHE V 344 36.55 32.60 -18.11
C PHE V 344 35.32 31.70 -18.18
N GLY V 345 34.14 32.30 -18.21
CA GLY V 345 32.89 31.57 -18.45
C GLY V 345 32.73 31.09 -19.89
N PRO V 346 31.67 30.32 -20.16
CA PRO V 346 31.57 29.64 -21.45
C PRO V 346 31.24 30.59 -22.60
N GLU V 347 30.42 31.62 -22.35
CA GLU V 347 30.04 32.57 -23.42
C GLU V 347 31.24 33.41 -23.79
N VAL V 348 31.97 33.86 -22.77
CA VAL V 348 33.21 34.59 -22.97
C VAL V 348 34.21 33.74 -23.76
N LYS V 349 34.40 32.47 -23.39
CA LYS V 349 35.32 31.59 -24.13
C LYS V 349 34.93 31.40 -25.59
N ARG V 350 33.62 31.29 -25.84
CA ARG V 350 33.08 31.17 -27.21
C ARG V 350 33.43 32.37 -28.10
N ARG V 351 33.29 33.57 -27.56
CA ARG V 351 33.54 34.78 -28.29
C ARG V 351 35.03 35.05 -28.45
N ILE V 352 35.81 34.64 -27.45
CA ILE V 352 37.26 34.70 -27.58
C ILE V 352 37.77 33.80 -28.72
N MET V 353 37.27 32.56 -28.82
CA MET V 353 37.65 31.65 -29.90
C MET V 353 37.26 32.25 -31.24
N LEU V 354 36.01 32.67 -31.32
CA LEU V 354 35.47 33.23 -32.54
C LEU V 354 36.26 34.46 -32.97
N GLY V 355 36.49 35.38 -32.01
CA GLY V 355 37.30 36.57 -32.22
C GLY V 355 38.72 36.35 -32.73
N THR V 356 39.43 35.37 -32.17
CA THR V 356 40.81 35.12 -32.63
C THR V 356 40.82 34.52 -34.03
N PHE V 357 39.73 33.84 -34.37
CA PHE V 357 39.59 33.29 -35.72
C PHE V 357 39.31 34.45 -36.72
N ALA V 358 38.29 35.26 -36.43
CA ALA V 358 37.94 36.41 -37.25
C ALA V 358 39.09 37.43 -37.48
N LEU V 359 40.07 37.48 -36.59
CA LEU V 359 41.19 38.40 -36.75
C LEU V 359 42.41 37.70 -37.33
N SER V 360 42.32 36.39 -37.46
CA SER V 360 43.45 35.63 -37.97
C SER V 360 43.67 35.96 -39.44
N ALA V 361 44.93 36.11 -39.82
CA ALA V 361 45.30 36.38 -41.21
C ALA V 361 44.78 35.25 -42.07
N GLY V 362 44.26 35.61 -43.23
CA GLY V 362 43.62 34.61 -44.07
C GLY V 362 42.11 34.60 -43.87
N TYR V 363 41.65 35.00 -42.69
CA TYR V 363 40.21 35.14 -42.46
C TYR V 363 39.80 36.57 -42.11
N TYR V 364 40.78 37.43 -41.84
CA TYR V 364 40.52 38.79 -41.41
C TYR V 364 39.69 39.59 -42.44
N ASP V 365 40.07 39.51 -43.72
CA ASP V 365 39.42 40.25 -44.82
C ASP V 365 37.96 39.86 -45.02
N ALA V 366 37.68 38.58 -44.91
CA ALA V 366 36.35 38.03 -45.07
C ALA V 366 35.46 38.19 -43.82
N TYR V 367 36.08 38.38 -42.66
CA TYR V 367 35.37 38.48 -41.41
C TYR V 367 35.34 39.88 -40.86
N TYR V 368 36.34 40.27 -40.05
CA TYR V 368 36.32 41.60 -39.39
C TYR V 368 36.26 42.77 -40.37
N LEU V 369 37.19 42.78 -41.32
CA LEU V 369 37.23 43.84 -42.29
C LEU V 369 35.90 43.93 -43.02
N LYS V 370 35.45 42.80 -43.57
CA LYS V 370 34.15 42.73 -44.23
C LYS V 370 33.03 43.35 -43.37
N ALA V 371 32.96 42.95 -42.10
CA ALA V 371 31.90 43.39 -41.22
C ALA V 371 31.98 44.92 -40.98
N GLN V 372 33.21 45.42 -40.88
CA GLN V 372 33.37 46.82 -40.63
C GLN V 372 32.89 47.62 -41.83
N LYS V 373 32.93 46.99 -43.01
CA LYS V 373 32.39 47.58 -44.24
C LYS V 373 30.85 47.56 -44.27
N VAL V 374 30.28 46.39 -44.01
CA VAL V 374 28.83 46.22 -43.93
C VAL V 374 28.26 47.12 -42.86
N ARG V 375 29.05 47.39 -41.83
CA ARG V 375 28.70 48.35 -40.76
C ARG V 375 28.49 49.78 -41.27
N ARG V 376 29.35 50.19 -42.20
CA ARG V 376 29.20 51.49 -42.83
C ARG V 376 27.97 51.54 -43.73
N LEU V 377 27.70 50.47 -44.48
CA LEU V 377 26.48 50.40 -45.25
C LEU V 377 25.26 50.59 -44.35
N ILE V 378 25.21 49.84 -43.25
CA ILE V 378 24.17 49.92 -42.23
C ILE V 378 24.02 51.34 -41.68
N THR V 379 25.14 51.98 -41.36
CA THR V 379 25.15 53.32 -40.80
C THR V 379 24.52 54.29 -41.80
N ASN V 380 24.88 54.09 -43.07
CA ASN V 380 24.41 54.92 -44.17
C ASN V 380 22.91 54.81 -44.39
N ASP V 381 22.36 53.60 -44.28
CA ASP V 381 20.91 53.43 -44.25
C ASP V 381 20.31 54.44 -43.31
N PHE V 382 20.81 54.46 -42.09
CA PHE V 382 20.25 55.32 -41.05
C PHE V 382 20.35 56.79 -41.41
N LEU V 383 21.54 57.25 -41.79
CA LEU V 383 21.76 58.65 -42.14
C LEU V 383 20.79 59.10 -43.22
N LYS V 384 20.54 58.20 -44.18
CA LYS V 384 19.62 58.49 -45.28
C LYS V 384 18.15 58.55 -44.80
N ALA V 385 17.73 57.55 -44.04
CA ALA V 385 16.44 57.55 -43.38
C ALA V 385 16.23 58.77 -42.50
N PHE V 386 17.30 59.28 -41.88
CA PHE V 386 17.16 60.44 -41.01
C PHE V 386 16.96 61.74 -41.79
N GLU V 387 17.07 61.63 -43.12
CA GLU V 387 16.79 62.75 -44.00
C GLU V 387 15.29 63.00 -44.06
N GLU V 388 14.52 61.93 -43.94
CA GLU V 388 13.07 61.98 -44.08
C GLU V 388 12.34 62.02 -42.71
N VAL V 389 12.97 61.44 -41.69
CA VAL V 389 12.33 61.31 -40.35
C VAL V 389 13.25 61.80 -39.21
N ASP V 390 12.69 61.94 -38.02
CA ASP V 390 13.47 62.45 -36.89
C ASP V 390 13.94 61.38 -35.92
N VAL V 391 13.11 60.34 -35.72
CA VAL V 391 13.52 59.20 -34.91
C VAL V 391 13.00 57.96 -35.60
N ILE V 392 13.57 56.82 -35.23
CA ILE V 392 13.15 55.55 -35.79
C ILE V 392 12.62 54.69 -34.65
N ALA V 393 11.45 54.10 -34.81
CA ALA V 393 10.87 53.33 -33.74
C ALA V 393 10.66 51.86 -34.10
N SER V 394 10.74 51.03 -33.08
CA SER V 394 10.44 49.62 -33.21
C SER V 394 10.23 49.08 -31.80
N PRO V 395 9.71 47.84 -31.69
CA PRO V 395 9.83 47.21 -30.38
C PRO V 395 11.29 47.10 -29.98
N THR V 396 11.55 47.13 -28.67
CA THR V 396 12.94 46.97 -28.19
C THR V 396 13.36 45.52 -28.34
N THR V 397 12.39 44.62 -28.23
CA THR V 397 12.66 43.18 -28.21
C THR V 397 11.57 42.48 -29.00
N PRO V 398 11.88 41.34 -29.66
CA PRO V 398 10.86 40.64 -30.42
C PRO V 398 9.92 39.78 -29.57
N THR V 399 10.28 39.60 -28.31
CA THR V 399 9.49 38.78 -27.39
C THR V 399 9.36 39.43 -26.02
N LEU V 400 8.41 38.91 -25.26
CA LEU V 400 8.30 39.16 -23.84
C LEU V 400 9.46 38.46 -23.10
N PRO V 401 9.86 38.98 -21.91
CA PRO V 401 10.84 38.31 -21.05
C PRO V 401 10.69 36.83 -21.09
N PHE V 402 11.75 36.12 -21.45
CA PHE V 402 11.72 34.65 -21.52
C PHE V 402 12.18 33.96 -20.20
N LYS V 403 12.05 32.62 -20.17
CA LYS V 403 12.37 31.89 -18.94
C LYS V 403 13.85 31.48 -18.87
N PHE V 404 14.34 31.29 -17.66
CA PHE V 404 15.68 30.75 -17.46
C PHE V 404 15.83 29.41 -18.17
N GLY V 405 17.03 29.18 -18.70
CA GLY V 405 17.35 27.95 -19.42
C GLY V 405 16.80 27.90 -20.83
N GLU V 406 15.97 28.89 -21.19
CA GLU V 406 15.27 28.86 -22.46
C GLU V 406 16.18 29.11 -23.67
N ARG V 407 17.22 29.92 -23.44
CA ARG V 407 18.15 30.29 -24.51
C ARG V 407 19.59 29.95 -24.16
N LEU V 408 19.78 28.83 -23.43
CA LEU V 408 21.12 28.34 -23.05
C LEU V 408 21.49 27.10 -23.82
N GLU V 409 20.49 26.42 -24.40
CA GLU V 409 20.79 25.20 -25.15
C GLU V 409 21.69 25.51 -26.36
N ASN V 410 21.17 26.28 -27.33
CA ASN V 410 21.99 26.82 -28.43
C ASN V 410 22.33 28.29 -28.14
N PRO V 411 23.66 28.60 -28.04
CA PRO V 411 24.08 29.99 -27.80
C PRO V 411 23.46 30.95 -28.80
N ILE V 412 23.22 30.49 -30.01
CA ILE V 412 22.60 31.28 -31.07
C ILE V 412 21.23 31.82 -30.66
N GLU V 413 20.46 31.00 -29.96
CA GLU V 413 19.15 31.44 -29.47
C GLU V 413 19.27 32.69 -28.58
N MET V 414 20.40 32.81 -27.87
CA MET V 414 20.62 33.97 -27.02
C MET V 414 20.90 35.23 -27.86
N TYR V 415 21.64 35.03 -28.96
CA TYR V 415 22.03 36.15 -29.82
C TYR V 415 20.81 36.80 -30.45
N LEU V 416 19.83 35.97 -30.80
CA LEU V 416 18.62 36.42 -31.46
C LEU V 416 17.75 37.39 -30.63
N SER V 417 18.09 37.55 -29.34
CA SER V 417 17.43 38.54 -28.49
C SER V 417 17.77 39.97 -28.91
N ASP V 418 18.86 40.13 -29.66
CA ASP V 418 19.46 41.42 -29.92
C ASP V 418 19.11 42.00 -31.30
N ILE V 419 18.29 41.27 -32.05
CA ILE V 419 18.02 41.63 -33.43
C ILE V 419 17.55 43.07 -33.63
N LEU V 420 16.89 43.66 -32.64
CA LEU V 420 16.35 45.00 -32.83
C LEU V 420 17.19 46.03 -32.12
N THR V 421 18.18 45.56 -31.37
CA THR V 421 19.01 46.44 -30.55
C THR V 421 20.39 46.74 -31.10
N VAL V 422 20.97 45.79 -31.78
CA VAL V 422 22.34 45.92 -32.29
C VAL V 422 22.45 47.03 -33.32
N PRO V 423 21.48 47.23 -34.20
CA PRO V 423 21.69 48.22 -35.25
C PRO V 423 22.15 49.58 -34.72
N ALA V 424 21.60 50.04 -33.60
CA ALA V 424 21.96 51.33 -33.01
C ALA V 424 23.44 51.47 -32.64
N ASN V 425 23.99 50.40 -32.05
CA ASN V 425 25.40 50.36 -31.70
C ASN V 425 26.31 50.33 -32.94
N LEU V 426 25.91 49.57 -33.95
CA LEU V 426 26.67 49.49 -35.18
C LEU V 426 26.76 50.86 -35.80
N ALA V 427 25.68 51.62 -35.78
CA ALA V 427 25.64 52.95 -36.38
C ALA V 427 26.16 54.06 -35.45
N GLY V 428 26.42 53.72 -34.20
CA GLY V 428 26.92 54.67 -33.22
C GLY V 428 25.86 55.61 -32.68
N LEU V 429 24.60 55.25 -32.91
CA LEU V 429 23.45 56.11 -32.66
C LEU V 429 22.93 56.03 -31.23
N PRO V 430 22.35 57.13 -30.70
CA PRO V 430 21.72 56.97 -29.42
C PRO V 430 20.41 56.22 -29.59
N ALA V 431 19.99 55.47 -28.57
CA ALA V 431 18.74 54.72 -28.61
C ALA V 431 18.18 54.54 -27.18
N ILE V 432 16.86 54.59 -27.08
CA ILE V 432 16.23 54.54 -25.77
C ILE V 432 15.17 53.46 -25.78
N SER V 433 15.04 52.75 -24.66
CA SER V 433 13.94 51.81 -24.48
C SER V 433 12.99 52.40 -23.45
N ILE V 434 11.70 52.39 -23.76
CA ILE V 434 10.70 53.09 -22.98
C ILE V 434 9.57 52.07 -22.77
N PRO V 435 9.02 51.98 -21.54
CA PRO V 435 7.90 51.06 -21.25
C PRO V 435 6.63 51.49 -21.97
N ILE V 436 6.04 50.60 -22.75
CA ILE V 436 4.87 50.98 -23.57
C ILE V 436 3.56 50.21 -23.24
N ALA V 437 3.71 49.06 -22.59
CA ALA V 437 2.59 48.22 -22.19
C ALA V 437 3.00 47.18 -21.15
N TRP V 438 1.99 46.52 -20.58
CA TRP V 438 2.17 45.30 -19.80
C TRP V 438 1.29 44.25 -20.40
N LYS V 439 1.91 43.16 -20.82
CA LYS V 439 1.20 42.14 -21.58
C LYS V 439 1.38 40.82 -20.88
N ASP V 440 0.26 40.26 -20.41
CA ASP V 440 0.27 39.01 -19.64
C ASP V 440 1.15 39.14 -18.39
N GLY V 441 1.14 40.36 -17.82
CA GLY V 441 1.85 40.70 -16.58
C GLY V 441 3.29 41.17 -16.75
N LEU V 442 3.72 41.25 -18.01
CA LEU V 442 5.12 41.42 -18.38
C LEU V 442 5.35 42.72 -19.14
N PRO V 443 6.42 43.46 -18.78
CA PRO V 443 6.81 44.71 -19.43
C PRO V 443 7.03 44.51 -20.93
N VAL V 444 6.68 45.54 -21.71
CA VAL V 444 7.06 45.61 -23.12
C VAL V 444 7.68 47.00 -23.34
N GLY V 445 8.84 46.99 -23.98
CA GLY V 445 9.56 48.22 -24.30
C GLY V 445 9.41 48.63 -25.76
N GLY V 446 9.21 49.93 -25.95
CA GLY V 446 9.29 50.57 -27.25
C GLY V 446 10.65 51.23 -27.40
N GLN V 447 11.26 51.06 -28.57
CA GLN V 447 12.58 51.64 -28.86
C GLN V 447 12.50 52.81 -29.82
N LEU V 448 13.20 53.89 -29.48
CA LEU V 448 13.40 54.99 -30.41
C LEU V 448 14.89 55.19 -30.65
N ILE V 449 15.26 55.19 -31.92
CA ILE V 449 16.64 55.44 -32.32
C ILE V 449 16.71 56.84 -32.87
N GLY V 450 17.65 57.63 -32.35
CA GLY V 450 17.82 59.02 -32.76
C GLY V 450 19.06 59.27 -33.59
N LYS V 451 19.19 60.50 -34.10
CA LYS V 451 20.34 60.96 -34.86
C LYS V 451 21.52 61.14 -33.91
N HIS V 452 22.71 61.12 -34.47
CA HIS V 452 23.91 61.35 -33.69
C HIS V 452 23.77 62.64 -32.92
N TRP V 453 23.95 62.54 -31.60
CA TRP V 453 23.95 63.68 -30.68
C TRP V 453 22.55 64.21 -30.32
N ASP V 454 21.53 63.50 -30.75
CA ASP V 454 20.15 63.96 -30.55
C ASP V 454 19.44 63.15 -29.45
N GLU V 455 20.11 63.04 -28.32
CA GLU V 455 19.52 62.43 -27.14
C GLU V 455 18.29 63.23 -26.64
N THR V 456 18.34 64.54 -26.84
CA THR V 456 17.26 65.45 -26.46
C THR V 456 15.91 64.95 -26.98
N THR V 457 15.83 64.75 -28.28
CA THR V 457 14.57 64.33 -28.89
C THR V 457 14.08 63.01 -28.32
N LEU V 458 14.98 62.04 -28.23
CA LEU V 458 14.72 60.77 -27.59
C LEU V 458 14.16 60.93 -26.17
N LEU V 459 14.71 61.88 -25.43
CA LEU V 459 14.23 62.12 -24.07
C LEU V 459 12.88 62.84 -24.05
N GLN V 460 12.71 63.77 -24.97
CA GLN V 460 11.49 64.55 -25.06
C GLN V 460 10.29 63.65 -25.28
N ILE V 461 10.41 62.75 -26.27
CA ILE V 461 9.35 61.81 -26.59
C ILE V 461 9.08 60.88 -25.42
N SER V 462 10.15 60.55 -24.68
CA SER V 462 10.02 59.66 -23.54
C SER V 462 9.24 60.35 -22.44
N TYR V 463 9.50 61.66 -22.25
CA TYR V 463 8.77 62.48 -21.30
C TYR V 463 7.29 62.70 -21.66
N LEU V 464 7.01 62.94 -22.94
CA LEU V 464 5.63 63.02 -23.38
C LEU V 464 4.91 61.69 -23.19
N TRP V 465 5.57 60.56 -23.46
CA TRP V 465 4.91 59.28 -23.37
C TRP V 465 4.59 58.90 -21.94
N GLU V 466 5.41 59.31 -20.98
CA GLU V 466 5.15 58.96 -19.58
C GLU V 466 3.94 59.73 -19.00
N GLN V 467 3.68 60.91 -19.54
CA GLN V 467 2.52 61.71 -19.16
C GLN V 467 1.28 60.94 -19.57
N LYS V 468 1.28 60.38 -20.78
CA LYS V 468 0.14 59.62 -21.26
C LYS V 468 0.08 58.30 -20.54
N PHE V 469 1.25 57.73 -20.29
CA PHE V 469 1.32 56.37 -19.75
C PHE V 469 2.33 56.30 -18.59
N LYS V 470 1.78 56.27 -17.38
CA LYS V 470 2.57 56.45 -16.17
C LYS V 470 3.15 55.14 -15.65
N HIS V 471 4.16 54.63 -16.36
CA HIS V 471 4.79 53.33 -16.08
C HIS V 471 5.54 53.36 -14.77
N TYR V 472 5.85 54.55 -14.28
CA TYR V 472 6.65 54.70 -13.09
C TYR V 472 5.84 54.35 -11.84
N GLU V 473 4.53 54.18 -12.01
CA GLU V 473 3.64 53.83 -10.91
C GLU V 473 3.54 52.33 -10.71
N LYS V 474 3.81 51.57 -11.78
CA LYS V 474 3.81 50.12 -11.67
C LYS V 474 5.09 49.64 -10.95
N ILE V 475 4.90 49.22 -9.70
CA ILE V 475 5.97 48.78 -8.83
C ILE V 475 5.79 47.29 -8.49
N PRO V 476 6.78 46.48 -8.88
CA PRO V 476 6.76 45.04 -8.57
C PRO V 476 7.13 44.77 -7.12
N LEU V 477 7.09 43.49 -6.73
CA LEU V 477 7.38 43.12 -5.35
C LEU V 477 6.64 44.00 -4.36
N THR V 478 5.32 44.03 -4.47
CA THR V 478 4.49 44.79 -3.55
C THR V 478 5.21 46.05 -3.07
N GLU W 3 85.51 36.41 -53.64
CA GLU W 3 84.61 35.32 -53.18
C GLU W 3 83.60 34.92 -54.29
N LYS W 4 83.04 33.71 -54.19
CA LYS W 4 82.00 33.23 -55.12
C LYS W 4 80.62 33.82 -54.81
N TYR W 5 80.38 34.17 -53.54
CA TYR W 5 79.06 34.58 -53.08
C TYR W 5 78.88 36.07 -52.77
N GLU W 6 77.79 36.36 -52.06
CA GLU W 6 77.37 37.72 -51.72
C GLU W 6 76.58 37.66 -50.42
N ALA W 7 76.78 38.64 -49.55
CA ALA W 7 76.04 38.70 -48.30
C ALA W 7 74.90 39.65 -48.52
N VAL W 8 73.69 39.23 -48.17
CA VAL W 8 72.52 40.10 -48.31
C VAL W 8 71.95 40.40 -46.94
N ILE W 9 72.21 41.60 -46.46
CA ILE W 9 71.83 41.95 -45.10
C ILE W 9 70.70 42.99 -45.07
N GLY W 10 69.71 42.71 -44.22
CA GLY W 10 68.62 43.64 -43.91
C GLY W 10 68.46 43.71 -42.40
N LEU W 11 68.12 44.89 -41.85
CA LEU W 11 68.14 45.09 -40.40
C LEU W 11 66.85 45.70 -39.92
N GLU W 12 66.54 45.48 -38.65
CA GLU W 12 65.33 46.01 -38.02
C GLU W 12 65.69 46.63 -36.70
N ILE W 13 65.58 47.95 -36.67
CA ILE W 13 66.05 48.74 -35.56
C ILE W 13 64.83 49.25 -34.82
N HIS W 14 64.86 49.19 -33.49
CA HIS W 14 63.84 49.81 -32.67
C HIS W 14 64.50 50.98 -31.91
N VAL W 15 64.15 52.22 -32.22
CA VAL W 15 64.78 53.37 -31.59
C VAL W 15 63.89 53.96 -30.53
N GLN W 16 64.43 54.21 -29.35
CA GLN W 16 63.61 54.76 -28.28
C GLN W 16 63.58 56.29 -28.30
N MET W 17 62.38 56.85 -28.38
CA MET W 17 62.20 58.30 -28.51
C MET W 17 62.41 59.05 -27.21
N ASP W 18 63.28 60.05 -27.26
CA ASP W 18 63.66 60.82 -26.09
C ASP W 18 62.59 61.88 -25.76
N THR W 19 61.41 61.41 -25.37
CA THR W 19 60.33 62.25 -24.86
C THR W 19 60.32 62.20 -23.31
N LYS W 20 59.61 63.13 -22.67
CA LYS W 20 59.50 63.18 -21.21
C LYS W 20 58.49 62.15 -20.71
N THR W 21 57.55 61.82 -21.57
CA THR W 21 56.31 61.09 -21.23
C THR W 21 56.17 59.80 -22.09
N LYS W 22 55.45 58.78 -21.61
CA LYS W 22 55.26 57.57 -22.44
C LYS W 22 54.38 57.79 -23.68
N MET W 23 54.23 56.76 -24.51
CA MET W 23 53.48 56.87 -25.78
C MET W 23 51.97 57.08 -25.59
N PHE W 24 51.39 56.37 -24.61
CA PHE W 24 49.94 56.33 -24.48
C PHE W 24 49.40 56.74 -23.12
N CYS W 25 50.29 57.30 -22.29
CA CYS W 25 49.93 57.84 -20.97
C CYS W 25 51.00 58.79 -20.48
N GLY W 26 50.74 59.41 -19.33
CA GLY W 26 51.58 60.49 -18.82
C GLY W 26 52.71 60.10 -17.88
N CYS W 27 52.90 58.79 -17.70
CA CYS W 27 54.03 58.25 -16.97
C CYS W 27 55.36 58.64 -17.60
N LYS W 28 56.32 58.95 -16.74
CA LYS W 28 57.60 59.44 -17.15
C LYS W 28 58.40 58.35 -17.84
N VAL W 29 59.11 58.77 -18.89
CA VAL W 29 60.12 57.93 -19.49
C VAL W 29 61.45 58.27 -18.81
N GLU W 30 62.11 57.27 -18.20
CA GLU W 30 63.43 57.49 -17.60
C GLU W 30 64.13 56.21 -17.14
N PHE W 31 65.46 56.19 -17.34
CA PHE W 31 66.27 55.01 -17.06
C PHE W 31 66.68 54.90 -15.60
N GLY W 32 66.60 53.69 -15.05
CA GLY W 32 67.19 53.39 -13.75
C GLY W 32 66.31 53.81 -12.59
N ALA W 33 65.03 53.46 -12.67
CA ALA W 33 64.11 53.68 -11.56
C ALA W 33 63.86 52.39 -10.78
N GLU W 34 63.53 52.53 -9.51
CA GLU W 34 62.80 51.49 -8.79
C GLU W 34 61.75 50.84 -9.68
N PRO W 35 61.65 49.52 -9.61
CA PRO W 35 60.73 48.76 -10.48
C PRO W 35 59.29 49.14 -10.24
N ASN W 36 58.59 49.47 -11.33
CA ASN W 36 57.16 49.68 -11.29
C ASN W 36 56.78 50.94 -10.59
N THR W 37 57.68 51.91 -10.64
CA THR W 37 57.39 53.22 -10.08
C THR W 37 56.66 54.13 -11.10
N ASN W 38 57.22 54.24 -12.30
CA ASN W 38 56.66 55.08 -13.37
C ASN W 38 55.55 54.43 -14.18
N VAL W 39 54.39 54.30 -13.55
CA VAL W 39 53.41 53.33 -14.02
C VAL W 39 51.99 53.82 -13.71
N CYS W 40 51.01 53.37 -14.48
CA CYS W 40 49.62 53.81 -14.34
C CYS W 40 48.70 52.79 -14.98
N PRO W 41 47.38 52.89 -14.73
CA PRO W 41 46.41 51.94 -15.27
C PRO W 41 46.57 51.65 -16.77
N VAL W 42 47.08 52.63 -17.52
CA VAL W 42 47.10 52.50 -18.98
C VAL W 42 48.25 51.62 -19.37
N CYS W 43 49.45 52.03 -18.99
CA CYS W 43 50.65 51.30 -19.38
C CYS W 43 50.77 49.91 -18.70
N LEU W 44 49.98 49.73 -17.64
CA LEU W 44 49.89 48.49 -16.91
C LEU W 44 48.85 47.56 -17.50
N GLY W 45 48.16 48.00 -18.55
CA GLY W 45 47.14 47.16 -19.18
C GLY W 45 46.19 46.64 -18.11
N MET W 46 45.62 47.57 -17.37
CA MET W 46 44.58 47.31 -16.39
C MET W 46 43.24 47.30 -17.13
N PRO W 47 42.21 46.67 -16.54
CA PRO W 47 40.90 46.79 -17.15
C PRO W 47 40.38 48.25 -17.17
N GLY W 48 39.88 48.67 -18.33
CA GLY W 48 39.19 49.94 -18.47
C GLY W 48 40.09 51.10 -18.80
N ALA W 49 41.35 50.79 -19.05
CA ALA W 49 42.36 51.82 -19.26
C ALA W 49 42.52 52.13 -20.76
N LEU W 50 42.59 53.43 -21.10
CA LEU W 50 42.55 53.90 -22.48
C LEU W 50 43.81 54.64 -22.96
N PRO W 51 44.39 54.25 -24.13
CA PRO W 51 45.49 55.02 -24.71
C PRO W 51 45.14 56.42 -25.16
N ILE W 52 46.03 57.37 -24.82
CA ILE W 52 46.08 58.71 -25.43
C ILE W 52 47.45 59.00 -26.08
N VAL W 53 47.42 59.27 -27.39
CA VAL W 53 48.64 59.56 -28.18
C VAL W 53 49.43 60.80 -27.71
N ASN W 54 50.72 60.57 -27.47
CA ASN W 54 51.72 61.61 -27.17
C ASN W 54 52.07 62.47 -28.40
N LYS W 55 51.71 63.76 -28.36
CA LYS W 55 52.01 64.67 -29.47
C LYS W 55 53.48 64.71 -29.85
N ARG W 56 54.38 64.84 -28.87
CA ARG W 56 55.80 64.92 -29.16
C ARG W 56 56.29 63.64 -29.80
N ALA W 57 55.80 62.49 -29.36
CA ALA W 57 56.22 61.22 -29.95
C ALA W 57 55.96 61.28 -31.43
N VAL W 58 54.79 61.77 -31.79
CA VAL W 58 54.42 61.90 -33.18
C VAL W 58 55.34 62.89 -33.91
N GLU W 59 55.50 64.08 -33.36
CA GLU W 59 56.38 65.10 -33.89
C GLU W 59 57.79 64.60 -34.06
N TYR W 60 58.32 63.89 -33.07
CA TYR W 60 59.66 63.29 -33.21
C TYR W 60 59.73 62.17 -34.27
N ALA W 61 58.63 61.46 -34.47
CA ALA W 61 58.59 60.36 -35.42
C ALA W 61 58.48 60.89 -36.83
N ILE W 62 57.84 62.02 -36.99
CA ILE W 62 57.80 62.70 -38.26
C ILE W 62 59.19 63.26 -38.59
N ARG W 63 59.74 64.09 -37.69
CA ARG W 63 61.13 64.53 -37.81
C ARG W 63 62.08 63.39 -38.26
N ALA W 64 62.08 62.25 -37.57
CA ALA W 64 62.98 61.15 -37.96
C ALA W 64 62.74 60.63 -39.38
N SER W 65 61.48 60.42 -39.74
CA SER W 65 61.09 59.98 -41.07
C SER W 65 61.64 60.89 -42.16
N LEU W 66 61.42 62.19 -42.01
CA LEU W 66 62.00 63.21 -42.89
C LEU W 66 63.52 63.18 -42.88
N ALA W 67 64.11 63.37 -41.69
CA ALA W 67 65.52 63.15 -41.50
C ALA W 67 66.01 61.90 -42.21
N LEU W 68 65.16 60.89 -42.43
CA LEU W 68 65.56 59.69 -43.23
C LEU W 68 65.00 59.61 -44.66
N ASN W 69 64.58 60.74 -45.21
CA ASN W 69 64.13 60.88 -46.62
C ASN W 69 62.93 60.02 -47.02
N CYS W 70 62.09 59.71 -46.02
CA CYS W 70 60.88 58.94 -46.22
C CYS W 70 59.73 59.82 -46.64
N GLU W 71 58.84 59.24 -47.42
CA GLU W 71 57.55 59.86 -47.65
C GLU W 71 56.74 59.67 -46.35
N VAL W 72 56.33 60.78 -45.73
CA VAL W 72 55.51 60.72 -44.53
C VAL W 72 54.05 60.68 -44.92
N HIS W 73 53.34 59.62 -44.54
CA HIS W 73 51.92 59.50 -44.87
C HIS W 73 50.96 60.29 -43.96
N GLU W 74 50.14 61.10 -44.61
CA GLU W 74 49.24 62.00 -43.92
C GLU W 74 48.18 61.23 -43.12
N GLU W 75 47.85 60.01 -43.52
CA GLU W 75 47.03 59.16 -42.67
C GLU W 75 47.71 57.84 -42.37
N SER W 76 47.82 57.52 -41.09
CA SER W 76 48.39 56.26 -40.68
C SER W 76 47.61 55.79 -39.46
N VAL W 77 47.56 54.47 -39.27
CA VAL W 77 46.69 53.88 -38.26
C VAL W 77 47.47 53.04 -37.25
N PHE W 78 47.09 53.13 -35.98
CA PHE W 78 47.61 52.20 -34.96
C PHE W 78 46.90 50.85 -35.01
N ALA W 79 47.67 49.77 -35.03
CA ALA W 79 47.12 48.42 -35.01
C ALA W 79 47.49 47.71 -33.71
N ARG W 80 46.73 46.67 -33.39
CA ARG W 80 47.08 45.83 -32.27
C ARG W 80 47.84 44.61 -32.71
N LYS W 81 48.98 44.38 -32.10
CA LYS W 81 49.82 43.23 -32.37
C LYS W 81 49.79 42.27 -31.16
N HIS W 82 49.12 41.14 -31.35
CA HIS W 82 48.77 40.26 -30.23
C HIS W 82 49.80 39.17 -29.93
N TYR W 83 50.26 39.11 -28.69
CA TYR W 83 51.02 37.95 -28.23
C TYR W 83 51.00 37.86 -26.73
N PHE W 84 51.18 36.64 -26.23
CA PHE W 84 51.15 36.43 -24.79
C PHE W 84 52.57 36.33 -24.26
N TYR W 85 52.94 37.29 -23.41
CA TYR W 85 54.29 37.35 -22.82
C TYR W 85 54.34 38.40 -21.70
N PRO W 86 54.82 37.99 -20.49
CA PRO W 86 54.78 38.66 -19.20
C PRO W 86 55.19 40.10 -19.17
N ASP W 87 56.04 40.54 -20.09
CA ASP W 87 56.42 41.97 -20.15
C ASP W 87 55.52 42.84 -21.06
N LEU W 88 54.43 42.25 -21.57
CA LEU W 88 53.41 42.91 -22.42
C LEU W 88 52.06 42.87 -21.75
N PRO W 89 51.77 43.90 -20.94
CA PRO W 89 50.61 44.03 -20.05
C PRO W 89 49.21 43.85 -20.71
N LYS W 90 49.00 44.43 -21.89
CA LYS W 90 47.72 44.34 -22.63
C LYS W 90 47.44 42.99 -23.34
N GLY W 91 48.48 42.25 -23.68
CA GLY W 91 48.30 41.03 -24.45
C GLY W 91 48.49 41.39 -25.89
N TYR W 92 48.72 42.68 -26.12
CA TYR W 92 49.02 43.17 -27.44
C TYR W 92 49.86 44.42 -27.33
N GLN W 93 50.62 44.67 -28.39
CA GLN W 93 51.42 45.86 -28.50
C GLN W 93 50.74 46.72 -29.53
N ILE W 94 50.63 48.00 -29.22
CA ILE W 94 50.06 48.98 -30.16
C ILE W 94 51.15 49.45 -31.08
N SER W 95 51.10 49.07 -32.35
CA SER W 95 52.05 49.57 -33.36
C SER W 95 51.36 50.06 -34.61
N GLN W 96 52.01 49.85 -35.75
CA GLN W 96 51.44 50.19 -37.02
C GLN W 96 51.76 49.02 -37.96
N TYR W 97 50.90 48.81 -38.94
CA TYR W 97 50.99 47.63 -39.78
C TYR W 97 50.85 47.97 -41.29
N GLU W 98 49.76 47.61 -41.94
CA GLU W 98 49.46 48.29 -43.20
C GLU W 98 49.28 49.74 -42.72
N LYS W 99 49.52 50.73 -43.56
CA LYS W 99 49.38 52.16 -43.12
C LYS W 99 50.29 52.64 -41.95
N PRO W 100 51.63 52.51 -42.10
CA PRO W 100 52.63 53.10 -41.19
C PRO W 100 52.87 54.59 -41.47
N LEU W 101 53.56 55.27 -40.56
CA LEU W 101 53.77 56.69 -40.72
C LEU W 101 54.62 57.05 -41.96
N ALA W 102 55.66 56.26 -42.24
CA ALA W 102 56.65 56.65 -43.22
C ALA W 102 57.28 55.48 -43.97
N THR W 103 57.69 55.76 -45.19
CA THR W 103 58.01 54.73 -46.12
C THR W 103 58.88 55.31 -47.21
N ASN W 104 59.55 54.44 -47.96
CA ASN W 104 60.34 54.85 -49.10
C ASN W 104 61.38 55.91 -48.74
N GLY W 105 62.28 55.58 -47.84
CA GLY W 105 63.34 56.52 -47.42
C GLY W 105 64.70 55.98 -47.80
N TRP W 106 65.75 56.68 -47.37
CA TRP W 106 67.10 56.20 -47.62
C TRP W 106 68.15 56.84 -46.73
N VAL W 107 69.19 56.09 -46.42
CA VAL W 107 70.37 56.59 -45.73
C VAL W 107 71.61 56.32 -46.60
N GLU W 108 72.49 57.31 -46.69
CA GLU W 108 73.70 57.24 -47.50
C GLU W 108 74.91 56.92 -46.61
N LEU W 109 75.69 55.95 -47.05
CA LEU W 109 76.86 55.52 -46.33
C LEU W 109 78.16 56.00 -47.00
N ASN W 110 79.13 56.39 -46.17
CA ASN W 110 80.49 56.60 -46.67
C ASN W 110 81.38 55.43 -46.29
N LEU W 111 81.82 54.69 -47.31
CA LEU W 111 82.63 53.48 -47.14
C LEU W 111 84.14 53.82 -47.05
N PRO W 112 84.90 52.99 -46.34
CA PRO W 112 86.36 53.12 -46.33
C PRO W 112 86.92 53.29 -47.74
N ASN W 113 86.51 52.43 -48.67
CA ASN W 113 86.23 52.84 -50.03
C ASN W 113 85.67 51.70 -50.87
N GLY W 114 84.36 51.76 -51.14
CA GLY W 114 83.87 51.97 -52.48
C GLY W 114 83.26 53.34 -52.67
N GLU W 115 83.73 54.30 -51.88
CA GLU W 115 83.01 55.56 -51.71
C GLU W 115 81.61 55.33 -51.16
N LYS W 116 80.60 55.78 -51.90
CA LYS W 116 79.30 56.11 -51.32
C LYS W 116 78.20 55.13 -51.73
N LYS W 117 77.44 54.65 -50.74
CA LYS W 117 76.40 53.62 -50.93
C LYS W 117 75.03 54.08 -50.41
N LYS W 118 73.94 53.46 -50.86
CA LYS W 118 72.63 53.74 -50.24
C LYS W 118 71.97 52.53 -49.67
N VAL W 119 71.42 52.72 -48.48
CA VAL W 119 70.59 51.73 -47.81
C VAL W 119 69.19 52.32 -47.65
N ARG W 120 68.22 51.61 -48.22
CA ARG W 120 66.84 52.04 -48.17
C ARG W 120 66.17 51.72 -46.86
N ILE W 121 65.50 52.75 -46.31
CA ILE W 121 64.54 52.58 -45.24
C ILE W 121 63.20 52.10 -45.83
N ARG W 122 62.81 50.88 -45.48
CA ARG W 122 61.57 50.26 -45.99
C ARG W 122 60.36 50.93 -45.35
N ARG W 123 60.43 51.18 -44.03
CA ARG W 123 59.33 51.77 -43.27
C ARG W 123 59.82 52.39 -41.97
N LEU W 124 59.06 53.33 -41.46
CA LEU W 124 59.23 53.79 -40.11
C LEU W 124 57.84 53.87 -39.50
N HIS W 125 57.55 52.97 -38.55
CA HIS W 125 56.32 53.12 -37.77
C HIS W 125 56.50 53.48 -36.28
N ILE W 126 55.48 54.08 -35.68
CA ILE W 126 55.44 54.41 -34.26
C ILE W 126 54.89 53.26 -33.44
N GLU W 127 55.54 52.91 -32.34
CA GLU W 127 54.95 51.91 -31.48
C GLU W 127 55.40 52.01 -30.05
N GLU W 128 54.72 51.28 -29.19
CA GLU W 128 55.05 51.27 -27.78
C GLU W 128 55.94 50.07 -27.46
N ASP W 129 56.73 50.25 -26.41
CA ASP W 129 57.68 49.27 -25.93
C ASP W 129 57.07 48.32 -24.89
N ALA W 130 57.58 47.10 -24.86
CA ALA W 130 57.25 46.16 -23.78
C ALA W 130 58.02 46.55 -22.50
N GLY W 131 57.77 45.85 -21.38
CA GLY W 131 58.59 46.01 -20.17
C GLY W 131 59.85 45.16 -20.20
N LYS W 132 60.52 44.99 -19.07
CA LYS W 132 61.66 44.07 -19.01
C LYS W 132 61.49 43.00 -17.94
N ASN W 133 62.03 41.82 -18.23
CA ASN W 133 62.06 40.72 -17.27
C ASN W 133 63.46 40.49 -16.70
N ILE W 134 63.50 40.11 -15.42
CA ILE W 134 64.71 39.62 -14.76
C ILE W 134 64.45 38.18 -14.31
N HIS W 135 65.41 37.30 -14.55
CA HIS W 135 65.25 35.94 -14.09
C HIS W 135 65.98 35.78 -12.79
N GLU W 136 65.34 35.07 -11.85
CA GLU W 136 65.86 34.91 -10.51
C GLU W 136 65.39 33.56 -9.99
N GLY W 137 66.07 32.49 -10.40
CA GLY W 137 65.71 31.16 -9.93
C GLY W 137 64.57 30.55 -10.72
N ASP W 138 63.56 30.02 -10.04
CA ASP W 138 62.48 29.32 -10.74
C ASP W 138 61.41 30.31 -11.23
N LYS W 139 61.67 31.59 -11.00
CA LYS W 139 60.74 32.66 -11.31
C LYS W 139 61.34 33.72 -12.25
N THR W 140 60.49 34.49 -12.93
CA THR W 140 60.91 35.71 -13.67
C THR W 140 60.27 36.92 -13.03
N LEU W 141 61.03 37.99 -12.82
CA LEU W 141 60.47 39.25 -12.25
C LEU W 141 60.22 40.33 -13.30
N VAL W 142 59.05 40.96 -13.23
CA VAL W 142 58.63 41.86 -14.29
C VAL W 142 58.57 43.33 -13.87
N ASP W 143 59.41 44.16 -14.50
CA ASP W 143 59.31 45.60 -14.34
C ASP W 143 58.64 46.26 -15.59
N LEU W 144 57.48 46.89 -15.38
CA LEU W 144 56.80 47.57 -16.47
C LEU W 144 57.02 49.07 -16.45
N ASN W 145 58.19 49.49 -15.98
CA ASN W 145 58.58 50.88 -16.13
C ASN W 145 58.78 51.24 -17.60
N ARG W 146 59.34 50.30 -18.36
CA ARG W 146 59.64 50.57 -19.74
C ARG W 146 58.42 50.36 -20.61
N ALA W 147 57.51 49.48 -20.20
CA ALA W 147 56.34 49.19 -21.01
C ALA W 147 55.63 50.49 -21.30
N GLY W 148 55.23 50.68 -22.56
CA GLY W 148 54.57 51.90 -22.98
C GLY W 148 55.48 52.93 -23.62
N THR W 149 56.79 52.72 -23.53
CA THR W 149 57.76 53.73 -23.97
C THR W 149 57.67 53.89 -25.50
N PRO W 150 57.78 55.14 -26.01
CA PRO W 150 57.65 55.25 -27.45
C PRO W 150 58.87 54.74 -28.20
N LEU W 151 58.62 53.99 -29.27
CA LEU W 151 59.68 53.57 -30.16
C LEU W 151 59.32 53.86 -31.60
N MET W 152 60.33 54.12 -32.43
CA MET W 152 60.17 54.06 -33.86
C MET W 152 60.73 52.70 -34.28
N GLU W 153 59.94 51.86 -34.91
CA GLU W 153 60.53 50.70 -35.52
C GLU W 153 60.98 51.10 -36.92
N ILE W 154 62.26 50.91 -37.21
CA ILE W 154 62.85 51.24 -38.51
C ILE W 154 63.31 49.96 -39.23
N VAL W 155 62.82 49.76 -40.45
CA VAL W 155 63.16 48.57 -41.18
C VAL W 155 63.86 48.92 -42.48
N THR W 156 64.87 48.13 -42.81
CA THR W 156 65.79 48.37 -43.90
C THR W 156 65.45 47.45 -45.04
N GLU W 157 65.76 47.83 -46.27
CA GLU W 157 65.71 46.81 -47.34
C GLU W 157 66.97 45.93 -47.28
N PRO W 158 66.92 44.72 -47.87
CA PRO W 158 68.13 43.89 -47.90
C PRO W 158 69.20 44.50 -48.78
N ASP W 159 69.61 45.72 -48.44
CA ASP W 159 70.51 46.51 -49.25
C ASP W 159 71.96 46.41 -48.79
N ILE W 160 72.16 46.07 -47.52
CA ILE W 160 73.49 45.97 -46.91
C ILE W 160 74.21 44.71 -47.42
N ARG W 161 75.54 44.78 -47.52
CA ARG W 161 76.36 43.72 -48.15
C ARG W 161 77.59 43.24 -47.36
N THR W 162 77.93 43.92 -46.29
CA THR W 162 79.21 43.70 -45.61
C THR W 162 79.03 43.87 -44.10
N PRO W 163 79.62 42.96 -43.31
CA PRO W 163 79.51 43.11 -41.87
C PRO W 163 79.82 44.53 -41.48
N GLU W 164 80.85 45.11 -42.09
CA GLU W 164 81.26 46.47 -41.79
C GLU W 164 80.18 47.50 -42.16
N GLU W 165 79.66 47.39 -43.38
CA GLU W 165 78.56 48.23 -43.85
C GLU W 165 77.37 48.20 -42.91
N ALA W 166 77.15 47.06 -42.29
CA ALA W 166 76.06 46.93 -41.34
C ALA W 166 76.33 47.85 -40.15
N ARG W 167 77.60 47.90 -39.70
CA ARG W 167 77.99 48.76 -38.58
C ARG W 167 77.97 50.23 -39.00
N LEU W 168 78.58 50.50 -40.13
CA LEU W 168 78.54 51.83 -40.70
C LEU W 168 77.11 52.39 -40.79
N PHE W 169 76.14 51.54 -41.12
CA PHE W 169 74.75 51.97 -41.20
C PHE W 169 74.20 52.35 -39.83
N LEU W 170 74.40 51.47 -38.86
CA LEU W 170 73.84 51.70 -37.56
C LEU W 170 74.41 52.98 -36.95
N GLU W 171 75.70 53.20 -37.18
CA GLU W 171 76.44 54.37 -36.70
C GLU W 171 75.91 55.68 -37.29
N LYS W 172 75.59 55.65 -38.58
CA LYS W 172 75.05 56.82 -39.28
C LYS W 172 73.60 57.09 -38.84
N LEU W 173 72.79 56.04 -38.83
CA LEU W 173 71.45 56.13 -38.30
C LEU W 173 71.48 56.72 -36.90
N ARG W 174 72.38 56.24 -36.06
CA ARG W 174 72.48 56.76 -34.72
C ARG W 174 72.73 58.28 -34.77
N ASN W 175 73.65 58.70 -35.64
CA ASN W 175 74.08 60.08 -35.71
C ASN W 175 72.98 60.99 -36.24
N ILE W 176 72.21 60.49 -37.21
CA ILE W 176 71.06 61.24 -37.67
C ILE W 176 70.09 61.49 -36.51
N MET W 177 69.76 60.42 -35.79
CA MET W 177 68.83 60.49 -34.67
C MET W 177 69.26 61.46 -33.61
N ARG W 178 70.54 61.39 -33.26
CA ARG W 178 71.12 62.30 -32.28
C ARG W 178 71.09 63.73 -32.79
N TYR W 179 71.40 63.92 -34.09
CA TYR W 179 71.43 65.24 -34.71
C TYR W 179 70.06 65.88 -34.82
N ALA W 180 69.07 65.07 -35.19
CA ALA W 180 67.68 65.53 -35.24
C ALA W 180 67.18 65.83 -33.85
N GLY W 181 67.82 65.24 -32.85
CA GLY W 181 67.49 65.47 -31.45
C GLY W 181 66.27 64.70 -31.03
N VAL W 182 66.09 63.52 -31.61
CA VAL W 182 64.88 62.72 -31.37
C VAL W 182 65.15 61.56 -30.43
N SER W 183 66.41 61.19 -30.27
CA SER W 183 66.76 60.05 -29.42
C SER W 183 68.21 60.21 -28.98
N LYS W 184 68.64 59.38 -28.04
CA LYS W 184 70.05 59.32 -27.66
C LYS W 184 70.68 58.15 -28.40
N ALA W 185 69.85 57.15 -28.71
CA ALA W 185 70.21 55.98 -29.53
C ALA W 185 71.51 55.24 -29.19
N ASP W 186 71.86 55.21 -27.90
CA ASP W 186 73.02 54.44 -27.44
C ASP W 186 72.52 53.05 -27.05
N MET W 187 72.99 52.01 -27.76
CA MET W 187 72.67 50.59 -27.45
C MET W 187 72.95 50.26 -26.00
N GLU W 188 73.95 50.91 -25.41
CA GLU W 188 74.32 50.67 -24.02
C GLU W 188 73.12 50.87 -23.10
N LYS W 189 72.34 51.91 -23.37
CA LYS W 189 71.20 52.25 -22.53
C LYS W 189 69.91 51.65 -23.09
N GLY W 190 70.05 50.81 -24.11
CA GLY W 190 68.92 50.09 -24.67
C GLY W 190 67.97 51.00 -25.44
N GLN W 191 68.48 52.17 -25.83
CA GLN W 191 67.68 53.12 -26.60
C GLN W 191 67.74 52.79 -28.09
N LEU W 192 68.50 51.77 -28.44
CA LEU W 192 68.51 51.26 -29.80
C LEU W 192 68.74 49.77 -29.72
N ARG W 193 67.85 49.03 -30.35
CA ARG W 193 67.92 47.60 -30.45
C ARG W 193 68.16 47.33 -31.92
N CYS W 194 68.63 46.14 -32.28
CA CYS W 194 68.80 45.82 -33.69
C CYS W 194 68.76 44.34 -33.93
N ASP W 195 67.84 43.92 -34.81
CA ASP W 195 67.73 42.51 -35.17
C ASP W 195 68.23 42.34 -36.56
N ILE W 196 69.11 41.38 -36.76
CA ILE W 196 69.79 41.22 -38.02
C ILE W 196 69.20 40.07 -38.82
N ASN W 197 68.99 40.29 -40.13
CA ASN W 197 68.53 39.27 -41.07
C ASN W 197 69.59 39.10 -42.14
N VAL W 198 69.95 37.86 -42.42
CA VAL W 198 71.07 37.58 -43.32
C VAL W 198 70.81 36.33 -44.16
N SER W 199 71.05 36.44 -45.46
CA SER W 199 71.27 35.27 -46.31
C SER W 199 72.50 35.46 -47.20
N ILE W 200 72.73 34.50 -48.08
CA ILE W 200 73.75 34.64 -49.12
C ILE W 200 73.20 34.25 -50.48
N ARG W 201 73.72 34.90 -51.53
CA ARG W 201 73.63 34.36 -52.87
C ARG W 201 75.01 33.97 -53.41
N PRO W 202 75.04 33.46 -54.64
CA PRO W 202 76.23 33.57 -55.48
C PRO W 202 76.24 34.86 -56.30
N LYS W 203 77.42 35.34 -56.65
CA LYS W 203 77.61 36.73 -57.02
C LYS W 203 76.83 37.08 -58.29
N GLY W 204 76.12 38.20 -58.25
CA GLY W 204 75.56 38.78 -59.44
C GLY W 204 74.21 38.18 -59.81
N SER W 205 73.71 37.30 -58.95
CA SER W 205 72.40 36.70 -59.16
C SER W 205 71.32 37.50 -58.44
N LYS W 206 70.13 37.55 -59.05
CA LYS W 206 69.06 38.41 -58.56
C LYS W 206 68.09 37.63 -57.68
N GLU W 207 68.43 36.39 -57.39
CA GLU W 207 67.65 35.57 -56.47
C GLU W 207 68.10 35.80 -55.03
N PHE W 208 67.18 35.61 -54.09
CA PHE W 208 67.49 35.76 -52.67
C PHE W 208 67.74 34.40 -52.02
N GLY W 209 68.91 34.24 -51.41
CA GLY W 209 69.17 33.11 -50.54
C GLY W 209 68.27 33.10 -49.32
N THR W 210 68.26 31.97 -48.62
CA THR W 210 67.31 31.75 -47.53
C THR W 210 67.77 32.47 -46.26
N ARG W 211 66.81 32.99 -45.50
CA ARG W 211 67.09 34.03 -44.51
C ARG W 211 67.30 33.49 -43.11
N VAL W 212 68.31 34.00 -42.41
CA VAL W 212 68.50 33.73 -40.98
C VAL W 212 68.42 35.04 -40.21
N GLU W 213 67.71 35.01 -39.09
CA GLU W 213 67.60 36.15 -38.20
C GLU W 213 68.50 35.95 -36.98
N ILE W 214 69.25 36.98 -36.61
CA ILE W 214 70.07 36.90 -35.42
C ILE W 214 69.60 37.97 -34.45
N LYS W 215 69.00 37.55 -33.33
CA LYS W 215 68.49 38.47 -32.34
C LYS W 215 69.47 38.60 -31.17
N ASN W 216 68.99 39.16 -30.06
CA ASN W 216 69.64 40.30 -29.42
C ASN W 216 71.16 40.26 -29.60
N VAL W 217 71.68 41.10 -30.49
CA VAL W 217 73.05 41.56 -30.40
C VAL W 217 73.12 43.01 -29.95
N ASN W 218 74.07 43.31 -29.06
CA ASN W 218 73.92 44.43 -28.11
C ASN W 218 74.87 45.63 -28.27
N SER W 219 75.76 45.56 -29.26
CA SER W 219 76.73 46.61 -29.58
C SER W 219 76.92 46.60 -31.07
N PHE W 220 77.27 47.76 -31.63
CA PHE W 220 77.56 47.88 -33.05
C PHE W 220 78.67 46.93 -33.45
N ARG W 221 79.67 46.84 -32.58
CA ARG W 221 80.81 45.94 -32.78
C ARG W 221 80.35 44.48 -32.86
N PHE W 222 79.39 44.13 -32.03
CA PHE W 222 78.90 42.77 -31.99
C PHE W 222 78.10 42.42 -33.25
N VAL W 223 77.34 43.38 -33.78
CA VAL W 223 76.61 43.08 -35.01
C VAL W 223 77.59 42.72 -36.12
N GLN W 224 78.68 43.49 -36.23
CA GLN W 224 79.69 43.21 -37.22
C GLN W 224 80.23 41.79 -37.02
N LYS W 225 80.54 41.44 -35.77
CA LYS W 225 81.09 40.14 -35.44
C LYS W 225 80.10 39.02 -35.78
N ALA W 226 78.84 39.20 -35.35
CA ALA W 226 77.81 38.21 -35.56
C ALA W 226 77.69 37.91 -37.03
N LEU W 227 77.64 38.97 -37.82
CA LEU W 227 77.51 38.89 -39.27
C LEU W 227 78.73 38.25 -39.91
N GLU W 228 79.91 38.69 -39.49
CA GLU W 228 81.18 38.14 -39.96
C GLU W 228 81.18 36.62 -39.88
N TYR W 229 80.90 36.11 -38.68
CA TYR W 229 80.84 34.68 -38.48
C TYR W 229 79.79 34.03 -39.37
N GLU W 230 78.56 34.50 -39.21
CA GLU W 230 77.39 33.91 -39.83
C GLU W 230 77.52 33.75 -41.34
N ILE W 231 78.16 34.71 -41.98
CA ILE W 231 78.36 34.70 -43.43
C ILE W 231 79.25 33.53 -43.83
N GLU W 232 80.36 33.34 -43.13
CA GLU W 232 81.17 32.14 -43.30
C GLU W 232 80.37 30.89 -42.96
N ARG W 233 79.61 30.95 -41.87
CA ARG W 233 78.82 29.80 -41.47
C ARG W 233 77.98 29.31 -42.64
N GLN W 234 77.24 30.22 -43.26
CA GLN W 234 76.36 29.88 -44.38
C GLN W 234 77.14 29.43 -45.61
N ILE W 235 78.25 30.11 -45.89
CA ILE W 235 79.11 29.75 -47.01
C ILE W 235 79.63 28.31 -46.89
N ASN W 236 80.13 27.95 -45.71
CA ASN W 236 80.51 26.57 -45.41
C ASN W 236 79.38 25.66 -45.86
N VAL W 237 78.22 25.84 -45.23
CA VAL W 237 77.04 24.99 -45.41
C VAL W 237 76.67 24.74 -46.87
N VAL W 238 76.67 25.79 -47.69
CA VAL W 238 76.29 25.67 -49.10
C VAL W 238 77.33 24.96 -49.96
N GLU W 239 78.60 25.18 -49.63
CA GLU W 239 79.73 24.53 -50.34
C GLU W 239 79.98 23.07 -49.93
N GLU W 240 79.57 22.71 -48.71
CA GLU W 240 79.64 21.32 -48.24
C GLU W 240 78.62 20.41 -48.94
N GLY W 241 77.75 21.02 -49.74
CA GLY W 241 76.70 20.33 -50.48
C GLY W 241 75.32 20.44 -49.85
N GLY W 242 75.25 21.08 -48.67
CA GLY W 242 74.01 21.19 -47.89
C GLY W 242 73.16 22.44 -48.11
N GLU W 243 71.99 22.46 -47.48
CA GLU W 243 71.03 23.56 -47.58
C GLU W 243 71.00 24.36 -46.29
N VAL W 244 71.00 25.68 -46.43
CA VAL W 244 70.88 26.58 -45.30
C VAL W 244 69.42 26.69 -44.83
N VAL W 245 69.22 26.42 -43.54
CA VAL W 245 67.89 26.32 -42.94
C VAL W 245 67.47 27.65 -42.30
N GLN W 246 66.25 28.08 -42.61
CA GLN W 246 65.73 29.33 -42.14
C GLN W 246 65.31 29.27 -40.66
N GLU W 247 66.02 30.02 -39.81
CA GLU W 247 65.70 30.10 -38.38
C GLU W 247 66.13 31.40 -37.74
N THR W 248 65.73 31.62 -36.49
CA THR W 248 66.32 32.67 -35.68
C THR W 248 67.51 32.08 -34.94
N ARG W 249 68.51 32.91 -34.63
CA ARG W 249 69.67 32.46 -33.89
C ARG W 249 70.08 33.48 -32.85
N THR W 250 71.14 33.14 -32.11
CA THR W 250 71.69 34.01 -31.07
C THR W 250 73.19 34.13 -31.24
N PHE W 251 73.75 35.15 -30.59
CA PHE W 251 75.17 35.45 -30.70
C PHE W 251 75.77 35.59 -29.32
N ASP W 252 76.81 34.79 -29.06
CA ASP W 252 77.52 34.91 -27.79
C ASP W 252 78.77 35.73 -28.00
N PRO W 253 78.83 36.92 -27.35
CA PRO W 253 79.97 37.82 -27.38
C PRO W 253 81.24 37.03 -27.14
N GLN W 254 81.26 36.29 -26.02
CA GLN W 254 82.40 35.49 -25.54
C GLN W 254 82.94 34.49 -26.56
N THR W 255 82.06 33.79 -27.29
CA THR W 255 82.50 32.84 -28.33
C THR W 255 82.57 33.43 -29.74
N GLY W 256 81.96 34.60 -29.91
CA GLY W 256 81.82 35.25 -31.21
C GLY W 256 81.22 34.31 -32.25
N LYS W 257 80.34 33.42 -31.80
CA LYS W 257 79.69 32.47 -32.70
C LYS W 257 78.21 32.68 -32.63
N THR W 258 77.50 32.19 -33.65
CA THR W 258 76.03 32.27 -33.68
C THR W 258 75.47 30.87 -33.48
N TYR W 259 74.37 30.77 -32.72
CA TYR W 259 73.85 29.47 -32.30
C TYR W 259 72.35 29.28 -32.56
N PRO W 260 71.98 28.10 -33.11
CA PRO W 260 70.58 27.75 -33.31
C PRO W 260 69.91 27.60 -31.94
N MET W 261 68.60 27.33 -31.91
CA MET W 261 67.89 27.30 -30.64
C MET W 261 67.29 25.95 -30.33
N ARG W 262 67.38 25.57 -29.05
CA ARG W 262 66.88 24.28 -28.56
C ARG W 262 65.35 24.23 -28.63
N THR W 263 64.71 25.33 -28.22
CA THR W 263 63.26 25.50 -28.30
C THR W 263 62.81 25.62 -29.76
N LYS W 264 62.01 24.64 -30.19
CA LYS W 264 61.49 24.57 -31.56
C LYS W 264 60.15 25.32 -31.64
N GLU W 265 60.20 26.62 -31.30
CA GLU W 265 58.99 27.44 -31.17
C GLU W 265 58.76 28.39 -32.34
N GLU W 266 57.68 28.09 -33.10
CA GLU W 266 57.24 28.88 -34.26
C GLU W 266 56.50 30.15 -33.82
N ALA W 267 56.55 31.17 -34.69
CA ALA W 267 55.79 32.39 -34.47
C ALA W 267 54.30 32.09 -34.52
N GLU W 268 53.50 32.98 -33.97
CA GLU W 268 52.07 32.82 -34.00
C GLU W 268 51.47 34.07 -34.59
N ASP W 269 50.47 33.89 -35.44
CA ASP W 269 49.73 34.96 -36.10
C ASP W 269 49.40 36.11 -35.17
N TYR W 270 49.81 37.31 -35.51
CA TYR W 270 49.60 38.47 -34.64
C TYR W 270 48.19 39.05 -34.63
N ARG W 271 47.29 38.51 -35.44
CA ARG W 271 45.89 38.93 -35.41
C ARG W 271 45.82 40.44 -35.42
N TYR W 272 46.56 41.05 -36.34
CA TYR W 272 46.54 42.50 -36.53
C TYR W 272 45.16 43.04 -36.90
N PHE W 273 44.76 44.13 -36.28
CA PHE W 273 43.63 44.92 -36.72
C PHE W 273 43.71 46.29 -36.10
N PRO W 274 43.13 47.34 -36.72
CA PRO W 274 43.27 48.69 -36.11
C PRO W 274 42.77 48.75 -34.69
N ASP W 275 43.50 49.46 -33.84
CA ASP W 275 43.09 49.68 -32.46
C ASP W 275 41.86 50.56 -32.40
N PRO W 276 40.74 50.00 -31.89
CA PRO W 276 39.51 50.73 -31.82
C PRO W 276 39.47 51.74 -30.68
N ASP W 277 40.47 51.74 -29.78
CA ASP W 277 40.53 52.80 -28.78
C ASP W 277 41.12 54.04 -29.43
N LEU W 278 41.66 53.90 -30.64
CA LEU W 278 42.33 55.03 -31.27
C LEU W 278 41.83 55.34 -32.69
N VAL W 279 41.60 56.62 -32.98
CA VAL W 279 41.31 57.05 -34.36
C VAL W 279 42.61 57.09 -35.17
N PRO W 280 42.49 57.08 -36.52
CA PRO W 280 43.74 57.18 -37.27
C PRO W 280 44.44 58.52 -37.03
N LEU W 281 45.75 58.47 -37.23
CA LEU W 281 46.62 59.59 -37.00
C LEU W 281 46.61 60.40 -38.28
N LYS W 282 45.82 61.45 -38.28
CA LYS W 282 45.84 62.43 -39.36
C LYS W 282 46.97 63.43 -39.11
N VAL W 283 47.95 63.42 -40.01
CA VAL W 283 49.09 64.31 -39.95
C VAL W 283 48.87 65.35 -41.03
N LYS W 284 48.59 66.60 -40.61
CA LYS W 284 48.47 67.74 -41.53
C LYS W 284 49.79 68.02 -42.30
N LYS W 285 49.66 68.30 -43.60
CA LYS W 285 50.82 68.67 -44.42
C LYS W 285 51.55 69.87 -43.83
N GLU W 286 50.79 70.80 -43.25
CA GLU W 286 51.31 72.04 -42.66
C GLU W 286 52.27 71.75 -41.52
N TRP W 287 51.95 70.74 -40.72
CA TRP W 287 52.81 70.28 -39.65
C TRP W 287 54.08 69.58 -40.15
N ILE W 288 53.97 68.81 -41.23
CA ILE W 288 55.15 68.21 -41.90
C ILE W 288 56.09 69.30 -42.43
N GLU W 289 55.53 70.23 -43.21
CA GLU W 289 56.19 71.45 -43.69
C GLU W 289 56.88 72.21 -42.55
N GLU W 290 56.18 72.40 -41.44
CA GLU W 290 56.73 73.12 -40.30
C GLU W 290 57.95 72.45 -39.66
N ILE W 291 57.91 71.11 -39.61
CA ILE W 291 59.04 70.31 -39.08
C ILE W 291 60.18 70.21 -40.09
N LYS W 292 59.82 70.18 -41.38
CA LYS W 292 60.78 70.22 -42.47
C LYS W 292 61.54 71.54 -42.52
N LYS W 293 60.81 72.64 -42.37
CA LYS W 293 61.36 74.01 -42.35
C LYS W 293 62.28 74.26 -41.15
N ASN W 294 61.83 73.82 -39.96
CA ASN W 294 62.57 73.98 -38.71
C ASN W 294 63.42 72.78 -38.32
N MET W 295 63.86 72.01 -39.32
CA MET W 295 64.64 70.83 -39.10
C MET W 295 66.05 71.22 -38.63
N PRO W 296 66.56 70.62 -37.52
CA PRO W 296 67.96 70.73 -37.08
C PRO W 296 68.97 70.34 -38.18
N GLU W 297 70.21 70.81 -38.06
CA GLU W 297 71.23 70.44 -39.03
C GLU W 297 71.61 68.97 -38.89
N LEU W 298 71.66 68.30 -40.03
CA LEU W 298 71.98 66.87 -40.12
C LEU W 298 73.46 66.68 -40.48
N PRO W 299 74.03 65.50 -40.18
CA PRO W 299 75.47 65.31 -40.26
C PRO W 299 76.06 65.47 -41.65
N ASP W 300 75.30 65.13 -42.69
CA ASP W 300 75.83 65.17 -44.04
C ASP W 300 75.91 66.57 -44.55
N GLN W 301 75.01 67.39 -44.03
CA GLN W 301 74.98 68.82 -44.26
C GLN W 301 76.09 69.49 -43.45
N ARG W 302 76.21 69.17 -42.16
CA ARG W 302 77.27 69.74 -41.34
C ARG W 302 78.65 69.51 -41.98
N PHE W 303 78.89 68.29 -42.44
CA PHE W 303 80.16 67.89 -43.07
C PHE W 303 80.63 68.81 -44.17
N GLU W 304 79.73 69.21 -45.07
CA GLU W 304 80.07 70.14 -46.14
C GLU W 304 80.27 71.53 -45.62
N ARG W 305 79.39 71.97 -44.71
CA ARG W 305 79.41 73.33 -44.18
C ARG W 305 80.72 73.67 -43.48
N LEU W 306 81.27 72.74 -42.70
CA LEU W 306 82.56 72.99 -42.04
C LEU W 306 83.69 73.11 -43.06
N ILE W 307 83.74 72.17 -44.00
CA ILE W 307 84.72 72.21 -45.08
C ILE W 307 84.74 73.55 -45.79
N LYS W 308 83.57 74.10 -46.08
CA LYS W 308 83.46 75.42 -46.65
C LYS W 308 83.75 76.56 -45.64
N GLU W 309 83.02 76.59 -44.53
CA GLU W 309 83.02 77.73 -43.61
C GLU W 309 84.30 77.91 -42.77
N TYR W 310 85.07 76.84 -42.61
CA TYR W 310 86.27 76.82 -41.77
C TYR W 310 87.43 76.19 -42.49
N GLY W 311 87.20 75.74 -43.72
CA GLY W 311 88.25 75.14 -44.55
C GLY W 311 88.92 73.95 -43.93
N LEU W 312 88.14 73.10 -43.25
CA LEU W 312 88.68 71.86 -42.69
C LEU W 312 88.85 70.83 -43.78
N SER W 313 89.67 69.83 -43.49
CA SER W 313 89.90 68.73 -44.39
C SER W 313 88.82 67.72 -44.14
N GLU W 314 88.58 66.84 -45.10
CA GLU W 314 87.56 65.80 -44.93
C GLU W 314 87.85 64.92 -43.72
N TYR W 315 89.13 64.80 -43.37
CA TYR W 315 89.51 63.98 -42.24
C TYR W 315 89.07 64.65 -40.94
N GLU W 316 89.30 65.97 -40.88
CA GLU W 316 88.99 66.80 -39.72
C GLU W 316 87.51 66.97 -39.52
N ALA W 317 86.80 67.27 -40.59
CA ALA W 317 85.35 67.40 -40.52
C ALA W 317 84.63 66.09 -40.19
N GLY W 318 85.22 64.94 -40.56
CA GLY W 318 84.65 63.62 -40.26
C GLY W 318 84.62 63.36 -38.76
N ILE W 319 85.79 63.54 -38.15
CA ILE W 319 85.95 63.52 -36.70
C ILE W 319 84.89 64.36 -35.97
N LEU W 320 84.76 65.64 -36.35
CA LEU W 320 83.89 66.60 -35.68
C LEU W 320 82.42 66.39 -35.91
N VAL W 321 82.07 65.75 -37.02
CA VAL W 321 80.67 65.45 -37.36
C VAL W 321 80.23 64.07 -36.84
N ASN W 322 81.14 63.09 -36.89
CA ASN W 322 80.85 61.78 -36.31
C ASN W 322 80.68 61.78 -34.80
N HIS W 323 81.40 62.66 -34.11
CA HIS W 323 81.12 62.96 -32.70
C HIS W 323 80.60 64.42 -32.57
N LYS W 324 79.27 64.57 -32.63
CA LYS W 324 78.66 65.88 -32.69
C LYS W 324 79.28 66.83 -31.68
N GLU W 325 79.38 66.40 -30.43
CA GLU W 325 79.78 67.27 -29.31
C GLU W 325 81.14 67.90 -29.49
N VAL W 326 81.98 67.26 -30.31
CA VAL W 326 83.28 67.82 -30.65
C VAL W 326 83.08 68.95 -31.63
N GLY W 327 82.28 68.73 -32.66
CA GLY W 327 81.93 69.79 -33.57
C GLY W 327 81.37 71.00 -32.83
N ASP W 328 80.39 70.75 -31.97
CA ASP W 328 79.73 71.81 -31.20
C ASP W 328 80.74 72.62 -30.40
N PHE W 329 81.73 71.91 -29.86
CA PHE W 329 82.84 72.49 -29.11
C PHE W 329 83.67 73.37 -30.03
N PHE W 330 84.13 72.76 -31.12
CA PHE W 330 84.93 73.43 -32.11
C PHE W 330 84.34 74.74 -32.57
N GLU W 331 83.03 74.77 -32.73
CA GLU W 331 82.38 75.95 -33.24
C GLU W 331 82.27 77.03 -32.19
N GLU W 332 82.09 76.64 -30.93
CA GLU W 332 81.98 77.63 -29.85
C GLU W 332 83.33 78.27 -29.59
N ALA W 333 84.39 77.49 -29.79
CA ALA W 333 85.76 77.96 -29.64
C ALA W 333 86.10 78.96 -30.74
N VAL W 334 85.85 78.59 -31.98
CA VAL W 334 86.09 79.48 -33.12
C VAL W 334 85.40 80.82 -32.91
N ARG W 335 84.27 80.82 -32.21
CA ARG W 335 83.53 82.06 -32.01
C ARG W 335 84.34 83.02 -31.12
N HIS W 336 85.08 82.46 -30.16
CA HIS W 336 85.96 83.25 -29.28
C HIS W 336 87.28 83.71 -29.91
N PHE W 337 87.85 82.90 -30.80
CA PHE W 337 89.01 83.31 -31.60
C PHE W 337 88.95 82.66 -32.99
N LYS W 338 88.74 83.50 -34.02
CA LYS W 338 88.53 83.04 -35.39
C LYS W 338 89.82 82.54 -36.04
N GLU W 339 90.52 81.67 -35.32
CA GLU W 339 91.66 80.94 -35.86
C GLU W 339 91.23 79.46 -36.00
N PRO W 340 90.58 79.12 -37.13
CA PRO W 340 89.98 77.79 -37.29
C PRO W 340 91.02 76.69 -37.41
N LYS W 341 91.99 76.86 -38.30
CA LYS W 341 93.01 75.84 -38.53
C LYS W 341 93.79 75.53 -37.26
N GLY W 342 94.02 76.56 -36.45
CA GLY W 342 94.72 76.40 -35.19
C GLY W 342 93.92 75.63 -34.16
N ILE W 343 92.63 75.93 -34.05
CA ILE W 343 91.80 75.28 -33.03
C ILE W 343 91.59 73.80 -33.28
N VAL W 344 91.30 73.41 -34.52
CA VAL W 344 91.16 72.00 -34.82
C VAL W 344 92.41 71.21 -34.52
N ASN W 345 93.58 71.82 -34.75
CA ASN W 345 94.81 71.10 -34.47
C ASN W 345 94.91 70.78 -32.98
N TRP W 346 94.74 71.80 -32.14
CA TRP W 346 94.93 71.66 -30.68
C TRP W 346 93.82 70.87 -30.02
N LEU W 347 92.64 70.90 -30.65
CA LEU W 347 91.51 70.05 -30.32
C LEU W 347 91.75 68.57 -30.64
N ILE W 348 92.01 68.27 -31.92
CA ILE W 348 92.19 66.87 -32.37
C ILE W 348 93.49 66.21 -31.91
N ASN W 349 94.60 66.91 -32.13
CA ASN W 349 95.92 66.39 -31.85
C ASN W 349 96.24 66.41 -30.38
N ASP W 350 95.66 67.36 -29.66
CA ASP W 350 96.03 67.56 -28.26
C ASP W 350 94.96 67.30 -27.20
N LEU W 351 93.84 68.03 -27.24
CA LEU W 351 92.85 67.98 -26.16
C LEU W 351 92.09 66.65 -26.07
N LEU W 352 91.56 66.21 -27.20
CA LEU W 352 90.89 64.92 -27.31
C LEU W 352 91.67 63.75 -26.70
N GLY W 353 92.96 63.63 -27.02
CA GLY W 353 93.79 62.60 -26.45
C GLY W 353 93.88 62.69 -24.93
N LEU W 354 93.98 63.91 -24.43
CA LEU W 354 94.14 64.14 -22.99
C LEU W 354 92.88 63.81 -22.20
N LEU W 355 91.71 64.01 -22.81
CA LEU W 355 90.45 63.67 -22.16
C LEU W 355 90.20 62.18 -22.13
N ARG W 356 90.54 61.51 -23.24
CA ARG W 356 90.40 60.06 -23.37
C ARG W 356 91.12 59.36 -22.24
N ASP W 357 92.41 59.66 -22.12
CA ASP W 357 93.34 59.07 -21.14
C ASP W 357 92.80 59.06 -19.70
N LYS W 358 92.10 60.13 -19.34
CA LYS W 358 91.45 60.21 -18.03
C LYS W 358 90.13 59.43 -18.03
N GLY W 359 89.33 59.64 -19.07
CA GLY W 359 88.04 58.98 -19.18
C GLY W 359 86.89 59.97 -19.22
N ILE W 360 87.19 61.22 -19.51
CA ILE W 360 86.21 62.29 -19.46
C ILE W 360 85.71 62.65 -20.86
N SER W 361 84.40 62.65 -21.05
CA SER W 361 83.80 63.02 -22.31
C SER W 361 83.99 64.50 -22.60
N ILE W 362 83.82 64.88 -23.88
CA ILE W 362 84.16 66.23 -24.32
C ILE W 362 83.11 67.24 -23.86
N GLU W 363 81.92 66.74 -23.54
CA GLU W 363 80.88 67.58 -22.92
C GLU W 363 81.35 67.99 -21.54
N GLU W 364 82.01 67.05 -20.85
CA GLU W 364 82.45 67.20 -19.45
C GLU W 364 83.82 67.84 -19.21
N SER W 365 84.58 68.08 -20.28
CA SER W 365 85.98 68.56 -20.16
C SER W 365 86.07 69.85 -19.33
N PRO W 366 87.12 69.97 -18.52
CA PRO W 366 87.42 71.18 -17.77
C PRO W 366 87.77 72.35 -18.68
N VAL W 367 88.42 72.06 -19.81
CA VAL W 367 88.78 73.09 -20.77
C VAL W 367 87.53 73.47 -21.54
N LYS W 368 87.00 74.66 -21.29
CA LYS W 368 85.85 75.17 -22.04
C LYS W 368 86.31 75.67 -23.40
N PRO W 369 85.40 75.69 -24.38
CA PRO W 369 85.76 76.26 -25.68
C PRO W 369 86.51 77.59 -25.60
N GLU W 370 86.23 78.40 -24.57
CA GLU W 370 86.89 79.71 -24.37
C GLU W 370 88.37 79.56 -24.03
N HIS W 371 88.69 78.48 -23.32
CA HIS W 371 90.03 78.27 -22.83
C HIS W 371 90.96 77.74 -23.90
N LEU W 372 90.42 76.96 -24.83
CA LEU W 372 91.21 76.49 -25.96
C LEU W 372 91.48 77.65 -26.94
N ALA W 373 90.45 78.44 -27.22
CA ALA W 373 90.56 79.63 -28.05
C ALA W 373 91.58 80.60 -27.49
N GLU W 374 91.56 80.79 -26.17
CA GLU W 374 92.53 81.65 -25.51
C GLU W 374 93.93 81.07 -25.60
N LEU W 375 94.05 79.76 -25.43
CA LEU W 375 95.33 79.10 -25.52
C LEU W 375 95.91 79.26 -26.92
N VAL W 376 95.09 78.97 -27.94
CA VAL W 376 95.56 79.08 -29.33
C VAL W 376 95.94 80.51 -29.67
N LYS W 377 95.28 81.48 -29.02
CA LYS W 377 95.57 82.91 -29.19
C LYS W 377 96.98 83.28 -28.75
N LEU W 378 97.41 82.78 -27.59
CA LEU W 378 98.77 82.95 -27.11
C LEU W 378 99.86 82.30 -28.00
N ILE W 379 99.53 81.21 -28.69
CA ILE W 379 100.44 80.58 -29.65
C ILE W 379 100.56 81.37 -30.96
N LYS W 380 99.44 81.91 -31.44
CA LYS W 380 99.44 82.72 -32.65
C LYS W 380 100.12 84.06 -32.42
N GLU W 381 99.80 84.74 -31.31
CA GLU W 381 100.37 86.04 -30.94
C GLU W 381 101.75 85.93 -30.28
N LYS W 382 102.28 84.71 -30.28
CA LYS W 382 103.65 84.37 -29.88
C LYS W 382 104.01 84.70 -28.43
N VAL W 383 103.00 84.71 -27.58
CA VAL W 383 103.16 84.93 -26.13
C VAL W 383 103.82 83.72 -25.41
N ILE W 384 103.42 82.51 -25.76
CA ILE W 384 104.16 81.28 -25.39
C ILE W 384 104.51 80.43 -26.62
N SER W 385 105.31 79.39 -26.39
CA SER W 385 105.76 78.52 -27.47
C SER W 385 104.94 77.23 -27.51
N THR W 386 104.89 76.61 -28.69
CA THR W 386 104.30 75.29 -28.86
C THR W 386 104.72 74.34 -27.72
N LYS W 387 105.99 74.38 -27.33
CA LYS W 387 106.47 73.52 -26.25
C LYS W 387 105.81 73.80 -24.89
N ILE W 388 105.71 75.09 -24.55
CA ILE W 388 105.07 75.55 -23.31
C ILE W 388 103.55 75.50 -23.44
N GLY W 389 103.05 75.63 -24.66
CA GLY W 389 101.66 75.38 -24.96
C GLY W 389 101.24 73.94 -24.67
N LYS W 390 102.12 72.98 -24.98
CA LYS W 390 101.80 71.59 -24.76
C LYS W 390 101.86 71.19 -23.30
N GLU W 391 102.60 72.00 -22.54
CA GLU W 391 102.75 71.79 -21.09
C GLU W 391 101.54 72.35 -20.35
N VAL W 392 101.06 73.51 -20.77
CA VAL W 392 99.91 74.16 -20.10
C VAL W 392 98.54 73.50 -20.42
N ILE W 393 98.47 72.80 -21.54
CA ILE W 393 97.26 72.06 -21.93
C ILE W 393 97.09 70.83 -21.05
N LYS W 394 98.20 70.17 -20.72
CA LYS W 394 98.17 69.02 -19.82
C LYS W 394 97.70 69.42 -18.45
N GLU W 395 97.98 70.66 -18.08
CA GLU W 395 97.61 71.16 -16.76
C GLU W 395 96.21 71.79 -16.78
N MET W 396 95.85 72.44 -17.89
CA MET W 396 94.49 72.91 -18.07
C MET W 396 93.50 71.77 -17.79
N VAL W 397 93.69 70.64 -18.45
CA VAL W 397 92.92 69.41 -18.19
C VAL W 397 93.00 69.02 -16.72
N GLU W 398 94.24 68.98 -16.20
CA GLU W 398 94.52 68.57 -14.84
C GLU W 398 93.81 69.41 -13.79
N THR W 399 93.77 70.73 -14.00
CA THR W 399 93.25 71.65 -13.00
C THR W 399 91.87 72.17 -13.37
N GLY W 400 91.84 72.99 -14.42
CA GLY W 400 90.60 73.61 -14.87
C GLY W 400 90.80 75.09 -15.00
N LYS W 401 92.04 75.55 -14.87
CA LYS W 401 92.32 76.98 -14.89
C LYS W 401 92.52 77.46 -16.33
N THR W 402 92.22 78.73 -16.61
CA THR W 402 92.44 79.34 -17.92
C THR W 402 93.92 79.24 -18.31
N PRO W 403 94.25 79.14 -19.62
CA PRO W 403 95.66 79.18 -20.01
C PRO W 403 96.42 80.39 -19.46
N SER W 404 95.79 81.58 -19.40
CA SER W 404 96.48 82.78 -18.91
C SER W 404 96.51 82.88 -17.37
N GLN W 405 95.76 82.02 -16.69
CA GLN W 405 95.96 81.83 -15.26
C GLN W 405 97.31 81.13 -15.03
N ILE W 406 97.47 79.91 -15.55
CA ILE W 406 98.69 79.12 -15.35
C ILE W 406 99.96 79.71 -15.98
N VAL W 407 99.80 80.58 -16.97
CA VAL W 407 100.94 81.30 -17.52
C VAL W 407 101.50 82.26 -16.48
N GLU W 408 100.60 83.00 -15.82
CA GLU W 408 100.95 83.92 -14.76
C GLU W 408 101.51 83.17 -13.58
N GLU W 409 100.78 82.16 -13.12
CA GLU W 409 101.18 81.36 -11.96
C GLU W 409 102.56 80.68 -12.09
N LYS W 410 103.11 80.65 -13.31
CA LYS W 410 104.39 79.97 -13.55
C LYS W 410 105.43 80.83 -14.32
N GLY W 411 104.98 81.96 -14.84
CA GLY W 411 105.90 82.94 -15.42
C GLY W 411 105.94 82.87 -16.93
N LEU W 412 105.67 84.02 -17.54
CA LEU W 412 105.91 84.19 -18.94
C LEU W 412 104.81 85.12 -19.42
N VAL X 2 33.65 21.39 -38.07
CA VAL X 2 35.07 21.82 -38.00
C VAL X 2 35.88 20.97 -36.99
N ASP X 3 37.10 20.62 -37.39
CA ASP X 3 37.86 19.55 -36.73
C ASP X 3 38.25 19.88 -35.31
N ARG X 4 38.59 18.82 -34.59
CA ARG X 4 39.15 18.94 -33.26
C ARG X 4 40.41 19.80 -33.34
N GLU X 5 41.22 19.49 -34.35
CA GLU X 5 42.47 20.20 -34.63
C GLU X 5 42.26 21.70 -34.71
N TRP X 6 41.13 22.13 -35.27
CA TRP X 6 40.80 23.55 -35.39
C TRP X 6 40.59 24.19 -34.02
N VAL X 7 39.79 23.52 -33.19
CA VAL X 7 39.46 23.99 -31.85
C VAL X 7 40.68 24.21 -30.98
N LEU X 8 41.52 23.17 -30.92
CA LEU X 8 42.80 23.23 -30.22
C LEU X 8 43.70 24.39 -30.73
N LYS X 9 43.91 24.47 -32.05
CA LYS X 9 44.77 25.48 -32.70
C LYS X 9 44.39 26.94 -32.38
N ILE X 10 43.09 27.20 -32.29
CA ILE X 10 42.57 28.52 -31.98
C ILE X 10 42.69 28.76 -30.49
N ALA X 11 42.48 27.71 -29.70
CA ALA X 11 42.63 27.79 -28.24
C ALA X 11 44.08 28.10 -27.85
N LYS X 12 45.01 27.38 -28.48
CA LYS X 12 46.44 27.59 -28.30
C LYS X 12 46.76 29.07 -28.50
N LEU X 13 46.28 29.65 -29.60
CA LEU X 13 46.46 31.07 -29.93
C LEU X 13 45.98 32.03 -28.86
N ALA X 14 44.84 31.68 -28.25
CA ALA X 14 44.11 32.52 -27.32
C ALA X 14 44.43 32.21 -25.85
N ARG X 15 45.37 31.27 -25.66
CA ARG X 15 45.75 30.79 -24.33
C ARG X 15 44.55 30.31 -23.51
N LEU X 16 43.95 29.22 -24.01
CA LEU X 16 42.92 28.52 -23.31
C LEU X 16 43.28 27.05 -23.31
N GLU X 17 43.46 26.48 -22.11
CA GLU X 17 43.67 25.04 -22.00
C GLU X 17 42.29 24.38 -21.92
N LEU X 18 41.77 23.96 -23.07
CA LEU X 18 40.42 23.42 -23.11
C LEU X 18 40.35 22.06 -22.40
N LYS X 19 39.21 21.81 -21.74
CA LYS X 19 38.96 20.51 -21.13
C LYS X 19 38.20 19.68 -22.16
N GLU X 20 38.39 18.36 -22.13
CA GLU X 20 37.86 17.48 -23.18
C GLU X 20 36.34 17.60 -23.44
N GLU X 21 35.62 18.04 -22.40
CA GLU X 21 34.19 18.37 -22.49
C GLU X 21 33.98 19.62 -23.35
N GLU X 22 34.78 20.65 -23.10
CA GLU X 22 34.75 21.92 -23.87
C GLU X 22 35.13 21.77 -25.35
N ILE X 23 35.94 20.77 -25.67
CA ILE X 23 36.38 20.54 -27.06
C ILE X 23 35.24 19.90 -27.87
N GLU X 24 34.46 19.05 -27.21
CA GLU X 24 33.27 18.48 -27.86
C GLU X 24 32.22 19.54 -28.13
N VAL X 25 31.79 20.26 -27.08
CA VAL X 25 30.76 21.33 -27.19
C VAL X 25 31.12 22.46 -28.15
N PHE X 26 32.36 22.95 -28.08
CA PHE X 26 32.79 24.06 -28.93
C PHE X 26 32.99 23.67 -30.37
N GLN X 27 33.15 22.37 -30.64
CA GLN X 27 33.20 21.88 -32.02
C GLN X 27 31.86 22.12 -32.71
N LYS X 28 30.77 21.82 -31.99
CA LYS X 28 29.43 21.99 -32.52
C LYS X 28 29.02 23.47 -32.51
N GLN X 29 28.97 24.08 -31.33
CA GLN X 29 28.58 25.50 -31.16
C GLN X 29 29.21 26.47 -32.16
N LEU X 30 30.54 26.45 -32.23
CA LEU X 30 31.31 27.28 -33.14
C LEU X 30 31.03 26.97 -34.60
N SER X 31 30.79 25.71 -34.95
CA SER X 31 30.41 25.35 -36.32
C SER X 31 29.05 25.94 -36.69
N ASP X 32 28.12 25.92 -35.73
CA ASP X 32 26.81 26.54 -35.91
C ASP X 32 26.96 28.06 -36.01
N ILE X 33 27.64 28.65 -35.01
CA ILE X 33 27.90 30.10 -34.97
C ILE X 33 28.57 30.59 -36.27
N LEU X 34 29.47 29.80 -36.84
CA LEU X 34 30.06 30.21 -38.11
C LEU X 34 29.09 30.22 -39.27
N ASP X 35 28.15 29.28 -39.28
CA ASP X 35 27.08 29.26 -40.29
C ASP X 35 26.10 30.38 -40.02
N PHE X 36 25.79 30.57 -38.75
CA PHE X 36 24.91 31.63 -38.35
C PHE X 36 25.34 32.98 -38.91
N ILE X 37 26.63 33.29 -38.85
CA ILE X 37 27.10 34.63 -39.22
C ILE X 37 27.49 34.77 -40.67
N ASP X 38 27.54 33.67 -41.41
CA ASP X 38 27.96 33.70 -42.81
C ASP X 38 26.88 34.25 -43.74
N GLN X 39 26.42 35.47 -43.46
CA GLN X 39 25.39 36.10 -44.28
C GLN X 39 25.97 37.22 -45.14
N LEU X 40 27.22 37.59 -44.93
CA LEU X 40 27.74 38.81 -45.53
C LEU X 40 28.35 38.70 -46.95
N LYS X 41 28.64 37.49 -47.45
CA LYS X 41 29.19 37.35 -48.82
C LYS X 41 28.31 38.02 -49.86
N GLU X 42 27.01 37.79 -49.74
CA GLU X 42 26.02 38.33 -50.63
C GLU X 42 26.26 39.80 -50.93
N LEU X 43 26.63 40.54 -49.90
CA LEU X 43 26.80 41.97 -50.01
C LEU X 43 28.10 42.36 -50.68
N ASP X 44 28.02 43.36 -51.55
CA ASP X 44 29.20 43.90 -52.22
C ASP X 44 29.80 44.99 -51.35
N THR X 45 31.09 44.85 -51.01
CA THR X 45 31.82 45.81 -50.15
C THR X 45 33.16 46.31 -50.74
N GLU X 46 33.49 45.91 -51.95
CA GLU X 46 34.46 46.69 -52.69
C GLU X 46 33.88 48.07 -52.79
N ASN X 47 34.72 49.08 -52.77
CA ASN X 47 34.18 50.42 -52.85
C ASN X 47 33.32 50.86 -51.66
N VAL X 48 33.46 50.16 -50.54
CA VAL X 48 32.94 50.61 -49.25
C VAL X 48 34.10 50.73 -48.26
N GLU X 49 34.26 51.91 -47.65
CA GLU X 49 35.30 52.11 -46.65
C GLU X 49 34.87 51.51 -45.31
N PRO X 50 35.75 50.75 -44.63
CA PRO X 50 35.42 50.30 -43.29
C PRO X 50 34.97 51.45 -42.38
N TYR X 51 34.14 51.11 -41.39
CA TYR X 51 33.62 52.06 -40.40
C TYR X 51 34.64 52.70 -39.45
N ILE X 52 34.61 54.01 -39.33
CA ILE X 52 35.29 54.72 -38.25
C ILE X 52 34.38 55.83 -37.83
N GLN X 53 34.43 56.21 -36.56
CA GLN X 53 33.75 57.42 -36.13
C GLN X 53 34.38 58.68 -36.75
N GLU X 54 33.56 59.71 -36.98
CA GLU X 54 34.06 61.00 -37.41
C GLU X 54 34.76 61.73 -36.27
N PHE X 55 35.85 62.41 -36.59
CA PHE X 55 36.76 62.93 -35.58
C PHE X 55 37.48 64.19 -36.08
N GLU X 56 37.88 64.17 -37.35
CA GLU X 56 38.34 65.38 -38.03
C GLU X 56 39.82 65.63 -37.77
N GLU X 57 40.18 65.77 -36.49
CA GLU X 57 41.58 65.77 -36.09
C GLU X 57 41.87 64.64 -35.10
N THR X 58 43.08 64.12 -35.16
CA THR X 58 43.52 63.11 -34.21
C THR X 58 43.75 63.78 -32.85
N PRO X 59 43.01 63.31 -31.82
CA PRO X 59 43.18 63.68 -30.41
C PRO X 59 44.55 63.31 -29.85
N MET X 60 45.33 64.33 -29.51
CA MET X 60 46.66 64.11 -28.97
C MET X 60 46.80 64.81 -27.64
N ARG X 61 47.98 64.71 -27.06
CA ARG X 61 48.20 64.97 -25.65
C ARG X 61 49.58 65.58 -25.53
N GLU X 62 49.72 66.64 -24.74
CA GLU X 62 51.04 67.26 -24.56
C GLU X 62 52.00 66.26 -23.90
N ASP X 63 53.31 66.42 -24.15
CA ASP X 63 54.36 65.62 -23.50
C ASP X 63 54.69 66.16 -22.10
N GLU X 64 53.76 65.99 -21.15
CA GLU X 64 53.90 66.50 -19.79
C GLU X 64 53.56 65.41 -18.79
N PRO X 65 54.46 65.12 -17.84
CA PRO X 65 54.26 64.06 -16.85
C PRO X 65 52.98 64.15 -16.02
N HIS X 66 52.27 63.01 -15.86
CA HIS X 66 51.11 62.90 -14.96
C HIS X 66 51.49 62.03 -13.76
N PRO X 67 51.06 62.42 -12.53
CA PRO X 67 51.34 61.56 -11.39
C PRO X 67 51.07 60.08 -11.71
N SER X 68 52.10 59.25 -11.65
CA SER X 68 51.94 57.79 -11.80
C SER X 68 51.02 57.23 -10.71
N LEU X 69 50.77 55.93 -10.79
CA LEU X 69 49.96 55.28 -9.79
C LEU X 69 50.89 54.93 -8.65
N ASP X 70 50.49 55.30 -7.44
CA ASP X 70 51.11 54.75 -6.25
C ASP X 70 51.42 53.23 -6.42
N ARG X 71 52.69 52.84 -6.18
CA ARG X 71 53.18 51.50 -6.47
C ARG X 71 52.49 50.39 -5.68
N GLU X 72 52.04 50.72 -4.48
CA GLU X 72 51.35 49.76 -3.63
C GLU X 72 50.00 49.35 -4.26
N LYS X 73 49.27 50.35 -4.80
CA LYS X 73 48.01 50.12 -5.54
C LYS X 73 48.28 49.33 -6.80
N ALA X 74 49.38 49.69 -7.47
CA ALA X 74 49.77 49.08 -8.72
C ALA X 74 50.00 47.58 -8.56
N LEU X 75 50.48 47.16 -7.40
CA LEU X 75 50.82 45.74 -7.22
C LEU X 75 49.77 45.01 -6.40
N MET X 76 48.95 45.75 -5.64
CA MET X 76 48.06 45.15 -4.64
C MET X 76 47.27 43.90 -5.09
N ASN X 77 46.93 43.83 -6.38
CA ASN X 77 46.17 42.73 -6.94
C ASN X 77 47.03 41.60 -7.48
N ALA X 78 48.34 41.80 -7.48
CA ALA X 78 49.23 40.83 -8.07
C ALA X 78 49.08 39.50 -7.36
N PRO X 79 48.91 38.39 -8.12
CA PRO X 79 48.96 37.05 -7.52
C PRO X 79 50.28 36.77 -6.77
N GLU X 80 51.38 37.38 -7.20
CA GLU X 80 52.66 37.23 -6.52
C GLU X 80 53.60 38.37 -6.86
N ARG X 81 54.04 39.09 -5.84
CA ARG X 81 54.96 40.21 -6.04
C ARG X 81 56.25 40.01 -5.25
N LYS X 82 57.24 40.84 -5.55
CA LYS X 82 58.54 40.73 -4.89
C LYS X 82 59.43 41.93 -5.21
N ASP X 83 59.72 42.74 -4.19
CA ASP X 83 60.77 43.73 -4.28
C ASP X 83 60.45 44.86 -5.27
N GLY X 84 59.15 45.09 -5.47
CA GLY X 84 58.64 46.02 -6.51
C GLY X 84 58.26 45.37 -7.84
N PHE X 85 58.44 44.05 -7.97
CA PHE X 85 58.30 43.36 -9.25
C PHE X 85 57.14 42.39 -9.28
N PHE X 86 56.48 42.30 -10.42
CA PHE X 86 55.52 41.23 -10.65
C PHE X 86 56.26 39.91 -10.78
N VAL X 87 55.78 38.90 -10.11
CA VAL X 87 56.45 37.63 -10.24
C VAL X 87 55.63 36.61 -11.04
N VAL X 88 56.31 35.89 -11.91
CA VAL X 88 55.69 34.82 -12.68
C VAL X 88 56.69 33.68 -12.76
N PRO X 89 56.23 32.47 -13.10
CA PRO X 89 57.22 31.42 -13.37
C PRO X 89 58.24 31.85 -14.41
N ARG X 90 59.49 31.41 -14.22
CA ARG X 90 60.56 31.74 -15.17
C ARG X 90 60.12 31.47 -16.61
N VAL X 91 60.44 32.41 -17.49
CA VAL X 91 60.40 32.14 -18.93
C VAL X 91 61.81 31.94 -19.49
N VAL X 92 61.99 32.24 -20.77
CA VAL X 92 63.21 31.89 -21.48
C VAL X 92 63.11 32.26 -22.95
N ASN Y . 49.38 -35.57 39.82
CA ASN Y . 47.90 -35.61 39.79
C ASN Y . 47.44 -37.01 39.46
O ASN Y . 46.30 -37.34 39.11
CB ASN Y . 47.38 -34.65 38.75
CG ASN Y . 47.57 -33.20 39.14
OD1 ASN Y . 47.69 -32.92 40.34
OXT ASN Y . 48.24 -37.92 39.56
ZN ZN Z . 18.38 -29.66 35.58
PB ADP AA . 17.63 -54.85 51.09
O1B ADP AA . 17.62 -55.35 49.65
O2B ADP AA . 17.02 -55.80 52.12
O3B ADP AA . 18.91 -54.16 51.49
PA ADP AA . 15.99 -53.12 52.52
O1A ADP AA . 16.87 -53.68 53.62
O2A ADP AA . 15.81 -51.64 52.33
O3A ADP AA . 16.59 -53.63 51.10
O5' ADP AA . 14.56 -53.88 52.66
C5' ADP AA . 13.46 -53.45 51.88
C4' ADP AA . 12.14 -54.03 52.35
O4' ADP AA . 12.22 -55.44 52.45
C3' ADP AA . 11.71 -53.56 53.70
O3' ADP AA . 10.35 -53.23 53.54
C2' ADP AA . 11.73 -54.77 54.57
O2' ADP AA . 10.64 -54.71 55.49
C1' ADP AA . 11.43 -55.82 53.55
N9 ADP AA . 11.82 -57.16 54.00
C8 ADP AA . 13.02 -57.53 54.42
N7 ADP AA . 13.01 -58.84 54.75
C5 ADP AA . 11.78 -59.32 54.54
C6 ADP AA . 11.11 -60.62 54.67
N6 ADP AA . 11.74 -61.72 55.13
N1 ADP AA . 9.80 -60.67 54.34
C2 ADP AA . 9.14 -59.59 53.90
N3 ADP AA . 9.70 -58.38 53.75
C4 ADP AA . 10.99 -58.20 54.04
MN MN BA . 15.50 -46.14 45.52
MN MN CA . 13.64 -54.56 48.00
N ASN DA . 54.27 -11.43 -53.18
CA ASN DA . 54.41 -11.77 -51.74
C ASN DA . 54.19 -10.42 -51.04
O ASN DA . 53.18 -10.13 -50.39
CB ASN DA . 55.79 -12.47 -51.48
CG ASN DA . 55.92 -13.82 -52.14
OD1 ASN DA . 55.16 -14.69 -51.78
OXT ASN DA . 54.98 -9.49 -51.19
ZN ZN EA . 65.84 -24.98 -27.57
PG ATP FA . 44.09 -8.76 -16.75
O1G ATP FA . 44.53 -7.91 -15.60
O2G ATP FA . 45.25 -9.19 -17.62
O3G ATP FA . 42.87 -8.25 -17.49
PB ATP FA . 43.01 -11.39 -16.90
O1B ATP FA . 43.08 -11.08 -18.37
O2B ATP FA . 43.70 -12.62 -16.38
O3B ATP FA . 43.58 -10.13 -16.07
PA ATP FA . 40.67 -10.67 -15.33
O1A ATP FA . 41.23 -9.28 -15.18
O2A ATP FA . 39.18 -10.78 -15.57
O3A ATP FA . 41.44 -11.49 -16.50
O5' ATP FA . 41.03 -11.51 -14.00
C5' ATP FA . 42.37 -11.84 -13.64
C4' ATP FA . 42.52 -12.18 -12.15
O4' ATP FA . 42.18 -11.05 -11.35
C3' ATP FA . 41.61 -13.30 -11.73
O3' ATP FA . 42.35 -14.21 -10.92
C2' ATP FA . 40.54 -12.62 -10.90
O2' ATP FA . 40.06 -13.49 -9.87
C1' ATP FA . 41.26 -11.42 -10.33
N9 ATP FA . 40.33 -10.31 -10.08
C8 ATP FA . 39.61 -9.69 -11.03
N7 ATP FA . 38.85 -8.71 -10.49
C5 ATP FA . 39.06 -8.69 -9.17
C6 ATP FA . 38.57 -7.88 -8.04
N6 ATP FA . 37.66 -6.90 -8.19
N1 ATP FA . 39.05 -8.19 -6.82
C2 ATP FA . 39.94 -9.16 -6.65
N3 ATP FA . 40.42 -9.91 -7.64
C4 ATP FA . 40.04 -9.74 -8.91
MN MN GA . 51.42 -15.92 -18.06
MN MN HA . 47.52 -9.72 -14.43
N ASN IA . 7.37 -29.03 -9.02
CA ASN IA . 7.54 -28.37 -10.35
C ASN IA . 7.30 -26.87 -10.38
O ASN IA . 7.52 -26.17 -11.36
CB ASN IA . 6.65 -29.06 -11.36
CG ASN IA . 6.92 -30.55 -11.46
OD1 ASN IA . 8.09 -30.97 -11.47
OXT ASN IA . 6.88 -26.29 -9.40
ZN ZN JA . -0.38 -34.13 -39.16
PG ATP KA . 14.16 -11.02 -42.73
O1G ATP KA . 13.86 -9.77 -43.50
O2G ATP KA . 12.89 -11.83 -42.50
O3G ATP KA . 15.42 -11.71 -43.17
PB ATP KA . 14.74 -9.07 -40.88
O1B ATP KA . 13.32 -8.54 -40.75
O2B ATP KA . 15.74 -8.92 -39.76
O3B ATP KA . 14.60 -10.63 -41.24
PA ATP KA . 16.97 -8.96 -42.66
O1A ATP KA . 17.69 -7.62 -42.85
O2A ATP KA . 17.53 -10.05 -41.74
O3A ATP KA . 15.46 -8.50 -42.22
O5' ATP KA . 16.78 -9.69 -44.10
C5' ATP KA . 16.60 -8.84 -45.23
C4' ATP KA . 16.29 -9.56 -46.51
O4' ATP KA . 16.12 -8.58 -47.52
C3' ATP KA . 17.46 -10.33 -47.01
O3' ATP KA . 16.93 -11.27 -47.95
C2' ATP KA . 18.31 -9.28 -47.70
O2' ATP KA . 19.06 -9.78 -48.81
C1' ATP KA . 17.34 -8.25 -48.19
N9 ATP KA . 17.75 -6.86 -47.83
C8 ATP KA . 18.13 -6.40 -46.62
N7 ATP KA . 18.44 -5.08 -46.62
C5 ATP KA . 18.26 -4.66 -47.88
C6 ATP KA . 18.40 -3.37 -48.57
N6 ATP KA . 18.80 -2.27 -47.92
N1 ATP KA . 18.12 -3.35 -49.89
C2 ATP KA . 17.71 -4.45 -50.55
N3 ATP KA . 17.55 -5.65 -49.96
C4 ATP KA . 17.81 -5.82 -48.66
MN MN LA . 9.94 -18.27 -43.41
MN MN MA . 10.26 -11.10 -44.36
N ASP NA . 12.20 -15.59 -42.17
CA ASP NA . 10.82 -15.02 -42.04
C ASP NA . 9.74 -15.67 -42.93
O ASP NA . 9.31 -15.15 -43.96
CB ASP NA . 10.87 -13.49 -42.25
CG ASP NA . 9.58 -12.79 -41.80
OD1 ASP NA . 9.56 -12.34 -40.64
OD2 ASP NA . 8.59 -12.71 -42.59
OXT ASP NA . 9.21 -16.73 -42.61
N ASN OA . -84.98 -52.30 7.54
CA ASN OA . -83.61 -52.10 6.97
C ASN OA . -82.89 -53.37 6.43
O ASN OA . -81.82 -53.33 5.82
CB ASN OA . -82.74 -51.43 8.00
CG ASN OA . -83.19 -50.02 8.34
OD1 ASN OA . -83.18 -49.13 7.47
OXT ASN OA . -83.36 -54.52 6.57
ZN ZN PA . -57.34 -39.06 15.24
PG ATP QA . -49.16 -52.88 -6.72
O1G ATP QA . -47.87 -52.30 -7.25
O2G ATP QA . -49.23 -54.39 -6.77
O3G ATP QA . -49.55 -52.26 -5.40
PB ATP QA . -50.10 -52.66 -9.38
O1B ATP QA . -49.79 -54.13 -9.63
O2B ATP QA . -51.18 -51.97 -10.18
O3B ATP QA . -50.28 -52.39 -7.79
PA ATP QA . -48.23 -51.84 -11.18
O1A ATP QA . -48.31 -53.24 -11.76
O2A ATP QA . -48.90 -50.70 -11.92
O3A ATP QA . -48.77 -51.85 -9.67
O5' ATP QA . -46.69 -51.49 -10.90
C5' ATP QA . -46.26 -50.77 -9.74
C4' ATP QA . -44.81 -50.47 -10.02
O4' ATP QA . -44.30 -51.63 -10.64
C3' ATP QA . -44.61 -49.38 -11.04
O3' ATP QA . -43.60 -48.50 -10.60
C2' ATP QA . -44.08 -50.04 -12.29
O2' ATP QA . -43.10 -49.20 -12.92
C1' ATP QA . -43.46 -51.29 -11.73
N9 ATP QA . -43.37 -52.41 -12.67
C8 ATP QA . -44.39 -53.11 -13.20
N7 ATP QA . -43.94 -54.12 -14.02
C5 ATP QA . -42.62 -54.05 -14.00
C6 ATP QA . -41.52 -54.80 -14.63
N6 ATP QA . -41.77 -55.82 -15.46
N1 ATP QA . -40.28 -54.40 -14.36
C2 ATP QA . -40.01 -53.39 -13.53
N3 ATP QA . -40.96 -52.68 -12.92
C4 ATP QA . -42.25 -52.94 -13.11
MN MN RA . -50.18 -47.18 -0.45
MN MN SA . -45.63 -52.89 -4.31
N ASN TA . -30.67 43.11 -60.14
CA ASN TA . -31.13 42.95 -58.73
C ASN TA . -31.71 44.17 -58.04
O ASN TA . -32.17 44.08 -56.90
CB ASN TA . -29.99 42.41 -57.91
CG ASN TA . -29.61 41.03 -58.33
OD1 ASN TA . -30.44 40.12 -58.19
OXT ASN TA . -31.75 45.26 -58.57
PG ATP UA . -41.44 45.88 -23.87
O1G ATP UA . -42.75 46.61 -24.11
O2G ATP UA . -40.87 45.11 -25.03
O3G ATP UA . -40.37 46.67 -23.16
PB ATP UA . -42.02 43.19 -23.14
O1B ATP UA . -40.83 42.55 -22.47
O2B ATP UA . -42.22 43.03 -24.63
O3B ATP UA . -41.87 44.76 -22.79
PA ATP UA . -43.84 43.16 -20.98
O1A ATP UA . -45.04 42.34 -20.56
O2A ATP UA . -43.90 44.64 -20.78
O3A ATP UA . -43.44 42.78 -22.49
O5' ATP UA . -42.56 42.62 -20.19
C5' ATP UA . -42.47 41.26 -19.77
C4' ATP UA . -42.68 41.24 -18.28
O4' ATP UA . -43.24 42.46 -17.82
C3' ATP UA . -43.70 40.18 -17.95
O3' ATP UA . -43.21 39.62 -16.75
C2' ATP UA . -44.94 40.94 -17.58
O2' ATP UA . -45.70 40.17 -16.65
C1' ATP UA . -44.31 42.15 -16.93
N9 ATP UA . -45.20 43.31 -16.69
C8 ATP UA . -45.92 44.02 -17.58
N7 ATP UA . -46.60 45.03 -16.97
C5 ATP UA . -46.30 44.97 -15.67
C6 ATP UA . -46.65 45.72 -14.47
N6 ATP UA . -47.50 46.76 -14.53
N1 ATP UA . -46.13 45.34 -13.28
C2 ATP UA . -45.29 44.28 -13.21
N3 ATP UA . -44.91 43.53 -14.26
C4 ATP UA . -45.38 43.83 -15.50
ZN ZN VA . -19.91 29.16 -34.01
MN MN WA . -34.37 37.99 -24.64
MN MN XA . -37.20 43.58 -20.96
N ASP YA . -37.48 40.17 -25.27
CA ASP YA . -36.81 41.46 -24.85
C ASP YA . -35.62 41.12 -23.94
O ASP YA . -34.54 41.73 -24.00
CB ASP YA . -37.82 42.37 -24.12
CG ASP YA . -37.44 43.89 -24.16
OD1 ASP YA . -36.38 44.30 -24.69
OD2 ASP YA . -38.25 44.67 -23.64
OXT ASP YA . -35.73 40.22 -23.13
N ASN ZA . -36.41 18.33 33.30
CA ASN ZA . -37.85 18.00 33.45
C ASN ZA . -38.12 16.54 33.19
O ASN ZA . -39.07 15.97 33.68
CB ASN ZA . -38.68 18.84 32.52
CG ASN ZA . -38.70 20.28 32.93
OD1 ASN ZA . -38.48 20.61 34.10
OXT ASN ZA . -37.39 15.88 32.45
PG ATP AB . -68.60 0.18 43.70
O1G ATP AB . -69.68 -0.56 44.48
O2G ATP AB . -68.03 -0.60 42.54
O3G ATP AB . -68.96 1.60 43.34
PB ATP AB . -67.38 -0.37 46.22
O1B ATP AB . -66.18 0.12 47.00
O2B ATP AB . -67.55 -1.87 46.04
O3B ATP AB . -67.39 0.33 44.77
PA ATP AB . -69.50 -0.77 47.94
O1A ATP AB . -69.32 -2.20 47.48
O2A ATP AB . -69.12 -0.45 49.36
O3A ATP AB . -68.69 0.21 46.96
O5' ATP AB . -71.05 -0.33 47.70
C5' ATP AB . -71.54 0.42 46.58
C4' ATP AB . -73.04 0.19 46.38
O4' ATP AB . -73.30 -1.18 46.25
C3' ATP AB . -73.88 0.58 47.58
O3' ATP AB . -75.15 0.96 47.09
C2' ATP AB . -74.09 -0.68 48.35
O2' ATP AB . -75.33 -0.66 49.01
C1' ATP AB . -74.23 -1.66 47.23
N9 ATP AB . -73.99 -3.02 47.78
C8 ATP AB . -72.81 -3.55 48.13
N7 ATP AB . -72.95 -4.81 48.61
C5 ATP AB . -74.26 -5.08 48.56
C6 ATP AB . -75.10 -6.23 48.91
N6 ATP AB . -74.54 -7.33 49.40
N1 ATP AB . -76.43 -6.11 48.71
C2 ATP AB . -76.99 -5.00 48.21
N3 ATP AB . -76.26 -3.95 47.88
C4 ATP AB . -74.93 -3.91 48.03
MN MN BB . -70.21 8.50 39.48
ZN ZN CB . -67.14 24.13 28.94
MN MN DB . -72.33 1.21 39.80
N ASN EB . 17.36 25.18 69.28
CA ASN EB . 17.22 24.67 67.89
C ASN EB . 16.83 25.84 67.00
O ASN EB . 17.55 26.31 66.11
CB ASN EB . 16.15 23.54 67.88
CG ASN EB . 16.59 22.31 67.11
OD1 ASN EB . 17.12 22.43 66.01
OXT ASN EB . 15.77 26.39 67.18
PB ADP FB . 26.12 41.80 35.32
O1B ADP FB . 25.17 42.67 34.52
O2B ADP FB . 25.74 41.71 36.78
O3B ADP FB . 26.45 40.48 34.65
PA ADP FB . 27.62 44.21 35.25
O1A ADP FB . 26.50 44.76 36.08
O2A ADP FB . 29.04 44.65 35.56
O3A ADP FB . 27.54 42.60 35.34
O5' ADP FB . 27.31 44.43 33.69
C5' ADP FB . 27.44 43.32 32.80
C4' ADP FB . 26.66 43.42 31.49
O4' ADP FB . 26.37 44.77 31.14
C3' ADP FB . 27.57 42.93 30.40
O3' ADP FB . 26.80 42.38 29.35
C2' ADP FB . 28.27 44.18 29.93
O2' ADP FB . 28.77 44.01 28.61
C1' ADP FB . 27.17 45.21 30.04
N9 ADP FB . 27.73 46.54 30.30
C8 ADP FB . 28.32 46.92 31.44
N7 ADP FB . 28.74 48.21 31.37
C5 ADP FB . 28.41 48.68 30.18
C6 ADP FB . 28.56 49.96 29.46
N6 ADP FB . 29.16 51.04 30.02
N1 ADP FB . 28.08 50.02 28.21
C2 ADP FB . 27.49 48.98 27.63
N3 ADP FB . 27.32 47.79 28.23
C4 ADP FB . 27.74 47.58 29.47
MN MN GB . 19.77 34.27 34.61
MN MN HB . 22.70 42.11 35.15
ZN ZN IB . 9.04 19.08 38.48
N ASN JB . 23.63 40.67 -25.71
CA ASN JB . 24.87 41.42 -25.93
C ASN JB . 25.97 40.50 -26.41
O ASN JB . 26.38 40.46 -27.57
CB ASN JB . 25.30 42.08 -24.63
CG ASN JB . 24.92 43.51 -24.57
OD1 ASN JB . 25.21 44.20 -25.55
OXT ASN JB . 26.50 39.74 -25.64
PG ATP KB . 58.80 42.01 -40.74
O1G ATP KB . 59.37 42.09 -39.33
O2G ATP KB . 57.33 41.63 -40.70
O3G ATP KB . 59.21 43.02 -41.79
PB ATP KB . 59.17 39.29 -41.79
O1B ATP KB . 59.59 38.47 -40.57
O2B ATP KB . 57.74 39.33 -42.32
O3B ATP KB . 59.60 40.82 -41.47
PA ATP KB . 59.92 39.93 -44.37
O1A ATP KB . 60.14 38.98 -45.56
O2A ATP KB . 58.53 40.55 -44.22
O3A ATP KB . 60.25 39.19 -42.97
O5' ATP KB . 61.08 41.05 -44.48
C5' ATP KB . 61.24 42.05 -43.46
C4' ATP KB . 62.63 42.07 -42.80
O4' ATP KB . 63.42 40.93 -43.14
C3' ATP KB . 63.48 43.19 -43.30
O3' ATP KB . 64.39 43.24 -42.24
C2' ATP KB . 64.34 42.66 -44.39
O2' ATP KB . 65.58 43.25 -44.22
C1' ATP KB . 64.61 41.30 -43.88
N9 ATP KB . 64.94 40.34 -44.96
C8 ATP KB . 64.03 39.74 -45.74
N7 ATP KB . 64.63 38.92 -46.62
C5 ATP KB . 65.95 38.96 -46.39
C6 ATP KB . 67.14 38.30 -46.98
N6 ATP KB . 67.02 37.43 -47.99
N1 ATP KB . 68.34 38.62 -46.48
C2 ATP KB . 68.45 39.50 -45.47
N3 ATP KB . 67.40 40.13 -44.90
C4 ATP KB . 66.14 39.90 -45.30
MN MN LB . 58.36 46.04 -33.15
MN MN MB . 63.16 40.64 -38.23
ZN ZN NB . 51.31 55.08 -17.70
#